data_5ES4
#
_entry.id   5ES4
#
_cell.length_a   132.030
_cell.length_b   163.480
_cell.length_c   536.650
_cell.angle_alpha   90.00
_cell.angle_beta   90.00
_cell.angle_gamma   90.00
#
_symmetry.space_group_name_H-M   'P 21 21 21'
#
loop_
_entity.id
_entity.type
_entity.pdbx_description
1 polymer 'Integrin alpha-X'
2 polymer 'Integrin beta-2'
3 branched alpha-D-mannopyranose-(1-6)-alpha-D-mannopyranose-(1-6)-beta-D-mannopyranose-(1-4)-2-acetamido-2-deoxy-beta-D-glucopyranose-(1-4)-2-acetamido-2-deoxy-beta-D-glucopyranose
4 branched alpha-D-mannopyranose-(1-6)-alpha-D-mannopyranose-(1-2)-alpha-D-mannopyranose-(1-3)-[alpha-D-mannopyranose-(1-2)-alpha-D-mannopyranose-(1-6)-[alpha-D-mannopyranose-(1-3)]alpha-D-mannopyranose-(1-6)]beta-D-mannopyranose-(1-4)-2-acetamido-2-deoxy-beta-D-glucopyranose-(1-4)-2-acetamido-2-deoxy-beta-D-glucopyranose
5 branched alpha-D-mannopyranose-(1-6)-beta-D-mannopyranose-(1-4)-2-acetamido-2-deoxy-beta-D-glucopyranose-(1-4)-2-acetamido-2-deoxy-beta-D-glucopyranose
6 branched beta-D-mannopyranose-(1-4)-2-acetamido-2-deoxy-beta-D-glucopyranose-(1-4)-2-acetamido-2-deoxy-beta-D-glucopyranose
7 branched 2-acetamido-2-deoxy-beta-D-glucopyranose-(1-4)-2-acetamido-2-deoxy-beta-D-glucopyranose
8 branched alpha-D-mannopyranose-(1-3)-beta-D-mannopyranose-(1-4)-2-acetamido-2-deoxy-beta-D-glucopyranose-(1-4)-2-acetamido-2-deoxy-beta-D-glucopyranose
9 branched alpha-D-mannopyranose-(1-2)-alpha-D-mannopyranose-(1-6)-alpha-D-mannopyranose-(1-6)-[alpha-D-mannopyranose-(1-3)]beta-D-mannopyranose-(1-4)-2-acetamido-2-deoxy-beta-D-glucopyranose-(1-4)-2-acetamido-2-deoxy-beta-D-glucopyranose
10 branched alpha-D-mannopyranose-(1-3)-alpha-D-mannopyranose-(1-6)-beta-D-mannopyranose-(1-4)-2-acetamido-2-deoxy-beta-D-glucopyranose-(1-4)-2-acetamido-2-deoxy-beta-D-glucopyranose
11 branched alpha-D-mannopyranose-(1-3)-[alpha-D-mannopyranose-(1-6)]beta-D-mannopyranose-(1-4)-2-acetamido-2-deoxy-beta-D-glucopyranose-(1-4)-2-acetamido-2-deoxy-beta-D-glucopyranose
12 branched alpha-D-mannopyranose-(1-6)-alpha-D-mannopyranose-(1-6)-[alpha-D-mannopyranose-(1-3)]beta-D-mannopyranose-(1-4)-2-acetamido-2-deoxy-beta-D-glucopyranose-(1-4)-2-acetamido-2-deoxy-beta-D-glucopyranose
13 branched alpha-D-mannopyranose-(1-2)-alpha-D-mannopyranose-(1-3)-[alpha-D-mannopyranose-(1-6)-alpha-D-mannopyranose-(1-6)]beta-D-mannopyranose-(1-4)-2-acetamido-2-deoxy-beta-D-glucopyranose-(1-4)-2-acetamido-2-deoxy-beta-D-glucopyranose
14 branched alpha-D-mannopyranose-(1-2)-alpha-D-mannopyranose-(1-3)-beta-D-mannopyranose-(1-4)-2-acetamido-2-deoxy-beta-D-glucopyranose-(1-4)-2-acetamido-2-deoxy-beta-D-glucopyranose
15 non-polymer 'CALCIUM ION'
16 non-polymer 'MAGNESIUM ION'
17 non-polymer 2-acetamido-2-deoxy-beta-D-glucopyranose
18 water water
#
loop_
_entity_poly.entity_id
_entity_poly.type
_entity_poly.pdbx_seq_one_letter_code
_entity_poly.pdbx_strand_id
1 'polypeptide(L)'
;FNLDTEELTAFRVDSAGFGDSVVQYANSWVVVGAPQKITAANQTGGLYQCGYSTGACEPIGLQVPPEAVNMSLGLSLAST
TSPSQLLACGPTVHHECGRNMYLTGLCFLLGPTQLTQRLPVSRQECPRQEQDIVFLIDGSGSISSRNFATMMNFVRAVIS
QFQRPSTQFSLMQFSNKFQTHFTFEEFRRSSNPLSLLASVHQLQGFTYTATAIQNVVHRLFHASYGARRDAAKILIVITD
GKKEGDSLDYKDVIPMADAAGIIRYAIGVGLAFQNRNSWKELNDIASKPSQEHIFKVEDFDALKDIQNQLKEKIFAIEGT
ETTSSSSFELEMAQEGFSAVFTPDGPVLGAVGSFTWSGGAFLYPPNMSPTFINMSQENVDMRDSYLGYSTELALWKGVQS
LVLGAPRYQHTGKAVIFTQVSRQWRMKAEVTGTQIGSYFGASLCSVDVDSDGSTDLVLIGAPHYYEQTRGGQVSVCPLPR
GWRRWWCDAVLYGEQGHPWGRFGAALTVLGDVNGDKLTDVVIGAPGEEENRGAVYLFHGVLGPSISPSHSQRIAGSQLSS
RLQYFGQALSGGQDLTQDGLVDLAVGARGQVLLLRTRPVLWVGVSMQFIPAEIPRSAFECREQVVSEQTLVQSNICLYID
KRSKNLLGSRDLQSSVTLDLALDPGRLSPRATFQETKNRSLSRVRVLGLKAHCENFNLLLPSCVEDSVTPITLRLNFTLV
GKPLLAFRNLRPMLAADAQRYFTASLPFEKNCGADHICQDNLGISFSFPGLKSLLVGSNLELNAEVMVWNDGEDSYGTTI
TFSHPAGLSYRYVAEGQKQGQLRSLHLTCDSAPVGSQGTWSTSCRINHLIFRGGAQITFLATFDVSPKAVLGDRLLLTAN
VSSENNTPRTSKTTFQLELPVKYAVYTVVSSHEQFTKYLNFSESEEKESHVAMHRYQVNNLGQRDLPVSINFWVPVELNQ
EAVWMDVEVSHPQNPSLRCSSEKIAPPASDFLAHIQKNPVLDCSIAGCLRFRCDVPSFSVQEELDFTLKGNLSFGWVRQI
LQKKVSVVSVAEITFDTSVYSQLPGQEAFMRAQTTTVLEKYKVHGCGGLENLYFQGGENAQCEKELQALEKENAQLEWEL
QALEKELAQWSHPQFEK
;
A,C,E,G
2 'polypeptide(L)'
;QECTKFKVSSCRECIESGPGCTWCQKLNFTGPGDPDSIRCDTRPQLLMRGCAADDIMDPTSLAETQEDHNGGQKQLSPQK
VTLYLRPGQAAAFNVTFRRAKGYPIDLYYLMDLSYSMLDDLRNVKKLGGDLLRALNEITESGRIGFGSFVDKTVLPFVNT
HPDKLRNPCPNKEKECQPPFAFRHVLKLTNNSNQFQTEVGKQLISGNLDAPEGGLDAMMQVAACPEEIGWRNVTRLLVFA
TDDGFHFAGDGKLGAILTPNDGRCHLEDNLYKRSNEFDYPSVGQLAHKLAENNIQPIFAVTSRMVKTYEKLTEIIPKSAV
GELSEDSSNVVQLIKNAYNKLSSRVFLDHNALPDTLKVTYDSFCSNGVTHRNQPRGDCDGVQINVPITFQVKVTATECIQ
EQSFVIRALGFTDIVTVQVLPQCECRCRDQSRDRSLCHGKGFLECGICRCDTGYIGKNCECQTQGRSSQELEGSCRKDNN
SIICSGLGDCVCGQCLCHTSDVPGKLIYGQYCECDTINCERYNGQVCGGPGRGLCFCGKCRCHPGFEGSACQCERTTEGC
LNPRRVECSGRGRCRCNVCECHSGYQLPLCQECPGCPSPCGKYISCAECLKFEKGPFGKNCSAACPGLQLSNNPVKGRTC
KERDSEGCWVAYTLEQQDGMDRYLIYVDESRECVDGCGLENLYFQGGKNAQCKKKLQALKKKNAQLKWKLQALKKKLAQG
GHHHHHH
;
B,D,F,H
#
loop_
_chem_comp.id
_chem_comp.type
_chem_comp.name
_chem_comp.formula
BMA D-saccharide, beta linking beta-D-mannopyranose 'C6 H12 O6'
CA non-polymer 'CALCIUM ION' 'Ca 2'
MAN D-saccharide, alpha linking alpha-D-mannopyranose 'C6 H12 O6'
MG non-polymer 'MAGNESIUM ION' 'Mg 2'
NAG D-saccharide, beta linking 2-acetamido-2-deoxy-beta-D-glucopyranose 'C8 H15 N O6'
#
# COMPACT_ATOMS: atom_id res chain seq x y z
N PHE A 1 -14.57 10.74 -39.94
CA PHE A 1 -15.99 10.89 -40.24
C PHE A 1 -16.46 12.34 -40.05
N ASN A 2 -15.65 13.16 -39.37
CA ASN A 2 -16.08 14.49 -38.99
C ASN A 2 -15.72 15.57 -40.01
N LEU A 3 -15.16 15.21 -41.16
CA LEU A 3 -14.92 16.19 -42.21
C LEU A 3 -16.25 16.74 -42.72
N ASP A 4 -16.38 18.06 -42.70
CA ASP A 4 -17.65 18.74 -42.91
C ASP A 4 -17.79 19.12 -44.39
N THR A 5 -18.74 18.48 -45.07
CA THR A 5 -19.01 18.74 -46.48
C THR A 5 -20.13 19.76 -46.68
N GLU A 6 -20.62 20.38 -45.60
CA GLU A 6 -21.67 21.39 -45.70
C GLU A 6 -21.11 22.81 -45.74
N GLU A 7 -20.25 23.16 -44.79
CA GLU A 7 -19.75 24.52 -44.64
C GLU A 7 -18.25 24.52 -44.93
N LEU A 8 -17.93 24.60 -46.21
CA LEU A 8 -16.58 24.63 -46.74
C LEU A 8 -16.25 26.04 -47.21
N THR A 9 -15.02 26.21 -47.67
CA THR A 9 -14.64 27.36 -48.48
C THR A 9 -13.96 26.84 -49.73
N ALA A 10 -14.32 27.41 -50.88
CA ALA A 10 -13.78 26.99 -52.17
C ALA A 10 -13.17 28.21 -52.85
N PHE A 11 -11.88 28.11 -53.16
CA PHE A 11 -11.16 29.15 -53.92
C PHE A 11 -11.07 28.68 -55.36
N ARG A 12 -11.90 29.23 -56.24
CA ARG A 12 -11.74 28.97 -57.67
C ARG A 12 -11.11 30.18 -58.33
N VAL A 13 -9.98 29.96 -58.99
CA VAL A 13 -9.18 31.02 -59.61
C VAL A 13 -8.74 30.52 -60.97
N ASP A 14 -9.11 31.24 -62.03
CA ASP A 14 -8.77 30.82 -63.39
C ASP A 14 -7.41 31.40 -63.80
N SER A 15 -6.39 30.89 -63.13
CA SER A 15 -5.03 30.90 -63.65
C SER A 15 -4.72 29.48 -64.10
N ALA A 16 -3.93 29.35 -65.16
CA ALA A 16 -3.68 28.04 -65.75
C ALA A 16 -2.97 27.14 -64.75
N GLY A 17 -3.59 26.00 -64.44
CA GLY A 17 -3.02 25.04 -63.51
C GLY A 17 -3.26 25.35 -62.05
N PHE A 18 -4.05 26.38 -61.74
CA PHE A 18 -4.35 26.75 -60.36
C PHE A 18 -4.88 25.56 -59.59
N GLY A 19 -4.18 25.19 -58.53
CA GLY A 19 -4.60 24.09 -57.71
C GLY A 19 -3.97 22.76 -58.04
N ASP A 20 -3.14 22.68 -59.08
CA ASP A 20 -2.41 21.44 -59.34
C ASP A 20 -1.47 21.09 -58.19
N SER A 21 -1.13 22.07 -57.36
CA SER A 21 -0.36 21.84 -56.15
C SER A 21 -0.73 22.91 -55.14
N VAL A 22 -0.66 22.56 -53.86
CA VAL A 22 -1.14 23.44 -52.79
C VAL A 22 -0.59 22.93 -51.47
N VAL A 23 -0.25 23.86 -50.57
CA VAL A 23 0.20 23.54 -49.22
C VAL A 23 -0.34 24.57 -48.24
N GLN A 24 -0.45 24.14 -46.98
CA GLN A 24 -0.82 25.03 -45.89
C GLN A 24 0.40 25.76 -45.37
N TYR A 25 0.27 27.06 -45.15
CA TYR A 25 1.41 27.92 -44.83
C TYR A 25 1.06 28.83 -43.66
N ALA A 26 1.84 28.71 -42.59
CA ALA A 26 1.91 29.70 -41.51
C ALA A 26 0.61 29.85 -40.73
N ASN A 27 -0.16 28.77 -40.62
CA ASN A 27 -1.42 28.77 -39.89
C ASN A 27 -2.36 29.91 -40.33
N SER A 28 -2.20 30.42 -41.55
CA SER A 28 -2.87 31.64 -41.95
C SER A 28 -3.32 31.56 -43.40
N TRP A 29 -2.49 30.93 -44.24
CA TRP A 29 -2.72 30.94 -45.67
C TRP A 29 -2.67 29.53 -46.24
N VAL A 30 -3.44 29.33 -47.29
CA VAL A 30 -3.30 28.18 -48.17
C VAL A 30 -2.62 28.67 -49.45
N VAL A 31 -1.45 28.12 -49.75
CA VAL A 31 -0.62 28.61 -50.85
C VAL A 31 -0.79 27.68 -52.04
N VAL A 32 -1.24 28.24 -53.16
CA VAL A 32 -1.64 27.48 -54.32
C VAL A 32 -0.66 27.74 -55.45
N GLY A 33 -0.13 26.66 -56.03
CA GLY A 33 0.67 26.77 -57.23
C GLY A 33 -0.19 26.72 -58.49
N ALA A 34 0.32 27.37 -59.53
CA ALA A 34 -0.31 27.37 -60.85
C ALA A 34 0.80 27.27 -61.87
N PRO A 35 1.31 26.05 -62.10
CA PRO A 35 2.56 25.90 -62.87
C PRO A 35 2.51 26.46 -64.29
N GLN A 36 1.33 26.56 -64.89
CA GLN A 36 1.22 26.90 -66.30
C GLN A 36 0.76 28.33 -66.55
N LYS A 37 0.74 29.18 -65.51
CA LYS A 37 0.30 30.56 -65.67
C LYS A 37 1.36 31.39 -66.39
N ILE A 38 0.93 32.21 -67.34
CA ILE A 38 1.83 33.03 -68.16
C ILE A 38 1.95 34.39 -67.49
N THR A 39 3.01 34.58 -66.71
CA THR A 39 3.23 35.82 -65.98
C THR A 39 3.97 36.86 -66.79
N ALA A 40 4.83 36.43 -67.72
CA ALA A 40 5.57 37.34 -68.58
C ALA A 40 5.95 36.58 -69.85
N ALA A 41 6.61 37.29 -70.76
CA ALA A 41 7.13 36.66 -71.96
C ALA A 41 8.03 35.49 -71.60
N ASN A 42 7.77 34.35 -72.25
CA ASN A 42 8.38 33.05 -72.00
C ASN A 42 8.65 32.74 -70.53
N GLN A 43 7.67 33.04 -69.66
CA GLN A 43 7.74 32.77 -68.22
C GLN A 43 6.44 32.15 -67.75
N THR A 44 6.52 30.96 -67.16
CA THR A 44 5.34 30.29 -66.63
C THR A 44 5.50 30.00 -65.15
N GLY A 45 4.36 29.94 -64.46
CA GLY A 45 4.33 29.66 -63.04
C GLY A 45 3.72 30.78 -62.22
N GLY A 46 2.65 30.50 -61.50
CA GLY A 46 2.01 31.50 -60.66
C GLY A 46 1.72 30.97 -59.27
N LEU A 47 1.91 31.84 -58.28
CA LEU A 47 1.73 31.50 -56.87
C LEU A 47 0.66 32.38 -56.26
N TYR A 48 -0.24 31.77 -55.48
CA TYR A 48 -1.37 32.46 -54.89
C TYR A 48 -1.42 32.25 -53.40
N GLN A 49 -1.88 33.29 -52.70
CA GLN A 49 -1.91 33.38 -51.25
C GLN A 49 -3.36 33.65 -50.82
N CYS A 50 -4.06 32.61 -50.40
CA CYS A 50 -5.46 32.71 -50.00
C CYS A 50 -5.57 32.70 -48.48
N GLY A 51 -6.57 33.41 -47.97
CA GLY A 51 -6.85 33.39 -46.55
C GLY A 51 -8.32 33.11 -46.28
N TYR A 52 -8.58 32.54 -45.09
CA TYR A 52 -9.94 32.09 -44.79
C TYR A 52 -10.85 33.27 -44.47
N SER A 53 -10.37 34.24 -43.69
CA SER A 53 -11.21 35.37 -43.34
C SER A 53 -11.73 36.07 -44.58
N THR A 54 -10.87 36.20 -45.60
CA THR A 54 -11.22 36.94 -46.79
C THR A 54 -12.04 36.09 -47.75
N GLY A 55 -11.66 34.83 -47.93
CA GLY A 55 -12.30 33.98 -48.90
C GLY A 55 -11.91 34.24 -50.33
N ALA A 56 -10.89 35.07 -50.57
CA ALA A 56 -10.37 35.37 -51.90
C ALA A 56 -8.85 35.21 -51.90
N CYS A 57 -8.26 35.12 -53.09
CA CYS A 57 -6.85 34.77 -53.27
C CYS A 57 -6.10 35.88 -53.98
N GLU A 58 -4.87 36.13 -53.53
CA GLU A 58 -4.00 37.13 -54.12
C GLU A 58 -2.75 36.47 -54.71
N PRO A 59 -2.32 36.92 -55.88
CA PRO A 59 -1.06 36.42 -56.44
C PRO A 59 0.13 36.96 -55.66
N ILE A 60 1.18 36.16 -55.59
CA ILE A 60 2.37 36.49 -54.81
C ILE A 60 3.34 37.26 -55.70
N GLY A 61 3.69 38.46 -55.26
CA GLY A 61 4.58 39.32 -56.04
C GLY A 61 6.05 39.01 -55.85
N LEU A 62 6.55 38.00 -56.56
CA LEU A 62 7.96 37.67 -56.53
C LEU A 62 8.71 38.42 -57.62
N GLN A 63 9.92 38.87 -57.29
CA GLN A 63 10.87 39.31 -58.31
C GLN A 63 11.54 38.07 -58.88
N VAL A 64 11.16 37.69 -60.09
CA VAL A 64 11.48 36.39 -60.65
C VAL A 64 12.65 36.53 -61.62
N PRO A 65 13.74 35.79 -61.44
CA PRO A 65 14.98 36.06 -62.19
C PRO A 65 14.87 35.64 -63.65
N PRO A 66 15.47 36.42 -64.56
CA PRO A 66 15.47 36.05 -65.99
C PRO A 66 16.32 34.84 -66.33
N GLU A 67 17.37 34.54 -65.55
CA GLU A 67 18.24 33.42 -65.91
C GLU A 67 17.47 32.10 -65.98
N ALA A 68 16.38 31.97 -65.22
CA ALA A 68 15.53 30.80 -65.25
C ALA A 68 14.33 31.06 -66.16
N VAL A 69 14.14 30.20 -67.17
CA VAL A 69 13.15 30.39 -68.22
C VAL A 69 12.17 29.22 -68.23
N ASN A 70 10.87 29.54 -68.39
CA ASN A 70 9.70 28.72 -68.02
C ASN A 70 9.99 27.60 -67.04
N MET A 71 10.46 27.94 -65.83
CA MET A 71 10.51 26.96 -64.75
C MET A 71 9.18 26.28 -64.53
N SER A 72 8.08 26.99 -64.79
CA SER A 72 6.73 26.58 -64.42
C SER A 72 6.61 26.40 -62.91
N LEU A 73 6.72 27.53 -62.21
CA LEU A 73 6.73 27.46 -60.75
C LEU A 73 5.32 27.25 -60.22
N GLY A 74 5.25 26.70 -59.01
CA GLY A 74 4.04 26.17 -58.45
C GLY A 74 3.94 24.67 -58.60
N LEU A 75 4.66 24.09 -59.56
CA LEU A 75 4.61 22.65 -59.78
C LEU A 75 4.99 21.88 -58.52
N SER A 76 5.90 22.42 -57.74
CA SER A 76 6.34 21.76 -56.52
C SER A 76 6.26 22.74 -55.36
N LEU A 77 5.75 22.26 -54.22
CA LEU A 77 5.51 23.12 -53.08
C LEU A 77 5.85 22.38 -51.79
N ALA A 78 6.22 23.15 -50.77
CA ALA A 78 6.53 22.64 -49.45
C ALA A 78 6.45 23.79 -48.46
N SER A 79 6.28 23.45 -47.19
CA SER A 79 6.08 24.44 -46.13
C SER A 79 6.50 23.82 -44.81
N THR A 80 6.89 24.68 -43.86
CA THR A 80 7.26 24.19 -42.54
C THR A 80 6.84 25.21 -41.49
N THR A 81 7.19 24.90 -40.23
CA THR A 81 6.49 25.50 -39.09
C THR A 81 7.39 26.09 -38.02
N SER A 82 8.62 25.57 -37.85
CA SER A 82 9.50 25.93 -36.73
C SER A 82 9.48 27.46 -36.54
N PRO A 83 10.00 28.25 -37.48
CA PRO A 83 9.26 29.46 -37.85
C PRO A 83 8.59 29.22 -39.19
N SER A 84 7.77 30.15 -39.66
CA SER A 84 6.99 29.91 -40.87
C SER A 84 7.87 30.10 -42.11
N GLN A 85 7.79 29.14 -43.03
CA GLN A 85 8.61 29.16 -44.23
C GLN A 85 7.87 28.49 -45.38
N LEU A 86 7.91 29.12 -46.56
CA LEU A 86 7.35 28.56 -47.78
C LEU A 86 8.47 28.33 -48.78
N LEU A 87 8.42 27.20 -49.48
CA LEU A 87 9.44 26.81 -50.44
C LEU A 87 8.73 26.48 -51.75
N ALA A 88 8.94 27.32 -52.76
CA ALA A 88 8.27 27.20 -54.05
C ALA A 88 9.27 26.83 -55.13
N CYS A 89 8.82 26.06 -56.11
CA CYS A 89 9.73 25.53 -57.11
C CYS A 89 9.06 25.45 -58.47
N GLY A 90 9.85 25.72 -59.49
CA GLY A 90 9.54 25.36 -60.86
C GLY A 90 10.75 24.64 -61.42
N PRO A 91 10.70 23.32 -61.42
CA PRO A 91 11.89 22.54 -61.77
C PRO A 91 11.98 22.20 -63.25
N THR A 92 11.33 22.99 -64.10
CA THR A 92 11.51 22.85 -65.54
C THR A 92 12.18 24.11 -66.09
N VAL A 93 13.24 24.58 -65.41
CA VAL A 93 13.95 25.78 -65.82
C VAL A 93 14.69 25.45 -67.12
N HIS A 94 14.28 26.07 -68.22
CA HIS A 94 14.97 25.87 -69.49
C HIS A 94 16.29 26.63 -69.51
N HIS A 95 17.33 25.99 -70.05
CA HIS A 95 18.69 26.51 -69.98
C HIS A 95 19.41 26.16 -71.28
N GLU A 96 19.77 27.19 -72.05
CA GLU A 96 20.37 27.01 -73.37
C GLU A 96 21.89 27.09 -73.26
N CYS A 97 22.56 26.00 -73.64
CA CYS A 97 24.02 26.00 -73.77
C CYS A 97 24.40 26.00 -75.25
N GLY A 98 23.99 27.07 -75.94
CA GLY A 98 24.20 27.18 -77.36
C GLY A 98 23.32 26.24 -78.15
N ARG A 99 23.85 25.07 -78.48
CA ARG A 99 23.12 24.10 -79.28
C ARG A 99 22.15 23.27 -78.45
N ASN A 100 22.45 23.07 -77.17
CA ASN A 100 21.65 22.18 -76.33
C ASN A 100 20.87 22.97 -75.30
N MET A 101 19.78 22.34 -74.84
CA MET A 101 18.82 22.90 -73.91
C MET A 101 18.73 21.96 -72.72
N TYR A 102 18.57 22.51 -71.52
CA TYR A 102 18.52 21.68 -70.33
C TYR A 102 17.46 22.20 -69.37
N LEU A 103 17.07 21.33 -68.43
CA LEU A 103 16.17 21.69 -67.36
C LEU A 103 16.92 21.59 -66.03
N THR A 104 17.47 22.72 -65.59
CA THR A 104 17.90 22.86 -64.21
C THR A 104 16.69 23.27 -63.37
N GLY A 105 16.85 23.27 -62.05
CA GLY A 105 15.75 23.57 -61.15
C GLY A 105 16.04 24.81 -60.33
N LEU A 106 15.03 25.66 -60.14
CA LEU A 106 15.12 26.83 -59.28
C LEU A 106 13.98 26.84 -58.29
N CYS A 107 14.32 26.97 -57.00
CA CYS A 107 13.34 27.10 -55.93
C CYS A 107 13.51 28.42 -55.21
N PHE A 108 12.40 28.95 -54.69
CA PHE A 108 12.39 30.14 -53.86
C PHE A 108 12.08 29.74 -52.43
N LEU A 109 12.68 30.45 -51.46
CA LEU A 109 12.50 30.14 -50.04
C LEU A 109 12.07 31.41 -49.31
N LEU A 110 10.77 31.51 -49.02
CA LEU A 110 10.15 32.72 -48.51
C LEU A 110 9.83 32.59 -47.04
N GLY A 111 9.73 33.73 -46.37
CA GLY A 111 9.31 33.77 -44.99
C GLY A 111 8.88 35.14 -44.53
N PRO A 112 8.01 35.18 -43.52
CA PRO A 112 7.50 36.47 -43.03
C PRO A 112 8.48 37.20 -42.14
N THR A 113 9.48 36.51 -41.59
CA THR A 113 10.54 37.13 -40.81
C THR A 113 11.84 37.23 -41.59
N GLN A 114 11.80 37.04 -42.91
CA GLN A 114 13.03 36.98 -43.70
C GLN A 114 12.76 37.54 -45.08
N LEU A 115 13.81 37.57 -45.90
CA LEU A 115 13.72 37.95 -47.30
C LEU A 115 13.98 36.72 -48.17
N THR A 116 13.42 36.74 -49.37
CA THR A 116 13.36 35.55 -50.20
C THR A 116 14.75 35.09 -50.63
N GLN A 117 15.06 33.82 -50.37
CA GLN A 117 16.24 33.17 -50.88
C GLN A 117 15.92 32.36 -52.13
N ARG A 118 16.96 31.82 -52.75
CA ARG A 118 16.82 31.06 -53.98
C ARG A 118 17.75 29.86 -53.94
N LEU A 119 17.19 28.67 -54.14
CA LEU A 119 18.00 27.46 -54.20
C LEU A 119 17.97 26.80 -55.58
N PRO A 120 19.12 26.29 -56.04
CA PRO A 120 20.43 26.49 -55.41
C PRO A 120 20.86 27.93 -55.56
N VAL A 121 21.76 28.43 -54.69
CA VAL A 121 22.15 29.83 -54.79
C VAL A 121 22.70 30.12 -56.18
N SER A 122 23.60 29.27 -56.65
CA SER A 122 24.16 29.43 -57.98
C SER A 122 23.14 29.04 -59.05
N ARG A 123 23.07 29.84 -60.10
CA ARG A 123 22.45 29.38 -61.33
C ARG A 123 23.38 28.37 -62.00
N GLN A 124 22.81 27.42 -62.74
CA GLN A 124 23.59 26.30 -63.23
C GLN A 124 24.41 26.70 -64.45
N GLU A 125 25.72 26.59 -64.34
CA GLU A 125 26.63 26.94 -65.43
C GLU A 125 26.72 25.81 -66.45
N CYS A 126 26.90 26.20 -67.71
CA CYS A 126 26.85 25.26 -68.82
C CYS A 126 27.99 24.24 -68.71
N PRO A 127 27.80 23.04 -69.28
CA PRO A 127 28.76 21.95 -69.02
C PRO A 127 30.18 22.24 -69.49
N ARG A 128 30.34 22.67 -70.74
CA ARG A 128 31.63 22.81 -71.42
C ARG A 128 32.29 21.44 -71.60
N GLN A 129 33.38 21.39 -72.37
CA GLN A 129 34.05 20.12 -72.64
C GLN A 129 35.50 20.42 -72.94
N GLU A 130 36.40 19.94 -72.09
CA GLU A 130 37.82 20.15 -72.32
C GLU A 130 38.30 19.25 -73.45
N GLN A 131 38.90 19.86 -74.48
CA GLN A 131 39.43 19.15 -75.64
C GLN A 131 40.90 19.52 -75.82
N ASP A 132 41.71 18.54 -76.18
CA ASP A 132 43.13 18.75 -76.48
C ASP A 132 43.38 18.29 -77.91
N ILE A 133 43.81 19.22 -78.77
CA ILE A 133 43.89 18.96 -80.21
C ILE A 133 45.30 19.22 -80.70
N VAL A 134 45.91 18.20 -81.29
CA VAL A 134 47.21 18.34 -81.94
C VAL A 134 47.00 18.34 -83.44
N PHE A 135 47.56 19.34 -84.12
CA PHE A 135 47.78 19.26 -85.55
C PHE A 135 49.14 18.62 -85.80
N LEU A 136 49.20 17.70 -86.75
CA LEU A 136 50.46 17.10 -87.18
C LEU A 136 50.72 17.54 -88.61
N ILE A 137 51.85 18.20 -88.83
CA ILE A 137 52.10 18.97 -90.05
C ILE A 137 53.13 18.25 -90.90
N ASP A 138 52.70 17.73 -92.04
CA ASP A 138 53.62 17.26 -93.07
C ASP A 138 54.40 18.45 -93.62
N GLY A 139 55.70 18.49 -93.34
CA GLY A 139 56.49 19.60 -93.82
C GLY A 139 57.42 19.21 -94.95
N SER A 140 57.18 18.07 -95.58
CA SER A 140 58.11 17.53 -96.56
C SER A 140 58.27 18.47 -97.75
N GLY A 141 59.39 18.30 -98.45
CA GLY A 141 59.79 19.21 -99.52
C GLY A 141 58.90 19.17 -100.74
N SER A 142 58.03 18.18 -100.86
CA SER A 142 57.12 18.10 -102.01
C SER A 142 56.04 19.17 -101.99
N ILE A 143 55.94 19.93 -100.90
CA ILE A 143 54.88 20.93 -100.74
C ILE A 143 55.48 22.30 -101.02
N SER A 144 54.91 23.00 -102.01
CA SER A 144 55.35 24.36 -102.31
C SER A 144 55.15 25.27 -101.11
N SER A 145 56.06 26.24 -100.96
CA SER A 145 55.96 27.17 -99.84
C SER A 145 54.79 28.13 -99.99
N ARG A 146 54.22 28.25 -101.20
CA ARG A 146 52.95 28.97 -101.33
C ARG A 146 51.79 28.10 -100.88
N ASN A 147 51.91 26.77 -101.01
CA ASN A 147 50.92 25.85 -100.48
C ASN A 147 51.06 25.69 -98.97
N PHE A 148 52.32 25.59 -98.49
CA PHE A 148 52.57 25.49 -97.06
C PHE A 148 51.94 26.66 -96.30
N ALA A 149 52.03 27.87 -96.87
CA ALA A 149 51.45 29.03 -96.21
C ALA A 149 49.93 28.97 -96.22
N THR A 150 49.34 28.41 -97.28
CA THR A 150 47.89 28.22 -97.31
C THR A 150 47.44 27.27 -96.22
N MET A 151 48.19 26.17 -96.04
CA MET A 151 47.86 25.19 -95.02
C MET A 151 47.98 25.77 -93.62
N MET A 152 49.03 26.54 -93.35
CA MET A 152 49.21 27.12 -92.03
C MET A 152 48.15 28.17 -91.73
N ASN A 153 47.70 28.91 -92.75
CA ASN A 153 46.56 29.80 -92.56
C ASN A 153 45.26 29.02 -92.42
N PHE A 154 45.20 27.80 -92.94
CA PHE A 154 44.09 26.92 -92.60
C PHE A 154 44.16 26.48 -91.14
N VAL A 155 45.37 26.35 -90.60
CA VAL A 155 45.52 25.96 -89.21
C VAL A 155 45.04 27.09 -88.29
N ARG A 156 45.45 28.33 -88.58
CA ARG A 156 44.90 29.45 -87.81
C ARG A 156 43.41 29.61 -88.07
N ALA A 157 42.97 29.25 -89.28
CA ALA A 157 41.55 29.29 -89.58
C ALA A 157 40.76 28.37 -88.67
N VAL A 158 41.28 27.18 -88.41
CA VAL A 158 40.56 26.20 -87.62
C VAL A 158 40.62 26.57 -86.14
N ILE A 159 41.81 26.93 -85.66
CA ILE A 159 41.98 27.26 -84.25
C ILE A 159 41.09 28.43 -83.85
N SER A 160 40.85 29.36 -84.77
CA SER A 160 40.04 30.52 -84.46
C SER A 160 38.60 30.16 -84.10
N GLN A 161 38.14 28.99 -84.49
CA GLN A 161 36.76 28.57 -84.24
C GLN A 161 36.60 27.86 -82.89
N PHE A 162 37.69 27.52 -82.23
CA PHE A 162 37.65 26.74 -81.00
C PHE A 162 37.96 27.65 -79.82
N GLN A 163 36.92 28.11 -79.14
CA GLN A 163 37.13 29.02 -78.02
C GLN A 163 37.78 28.27 -76.87
N ARG A 164 38.97 28.73 -76.49
CA ARG A 164 39.61 28.32 -75.25
C ARG A 164 38.85 29.04 -74.15
N PRO A 165 39.05 28.66 -72.88
CA PRO A 165 39.93 27.63 -72.30
C PRO A 165 39.38 26.21 -72.36
N SER A 166 38.21 26.00 -72.97
CA SER A 166 37.74 24.63 -73.12
C SER A 166 38.53 23.89 -74.18
N THR A 167 39.03 24.59 -75.20
CA THR A 167 39.85 23.98 -76.23
C THR A 167 41.29 24.46 -76.11
N GLN A 168 42.22 23.51 -76.16
CA GLN A 168 43.64 23.80 -76.23
C GLN A 168 44.23 23.08 -77.45
N PHE A 169 45.29 23.66 -78.00
CA PHE A 169 45.95 23.10 -79.17
C PHE A 169 47.43 22.86 -78.88
N SER A 170 48.03 22.03 -79.73
CA SER A 170 49.46 21.83 -79.79
C SER A 170 49.82 21.54 -81.23
N LEU A 171 51.03 21.93 -81.64
CA LEU A 171 51.42 21.86 -83.04
C LEU A 171 52.77 21.17 -83.20
N MET A 172 52.85 20.25 -84.15
CA MET A 172 54.10 19.62 -84.53
C MET A 172 54.17 19.52 -86.04
N GLN A 173 55.36 19.78 -86.59
CA GLN A 173 55.65 19.60 -88.00
C GLN A 173 56.62 18.43 -88.18
N PHE A 174 56.42 17.66 -89.24
CA PHE A 174 57.20 16.45 -89.42
C PHE A 174 57.56 16.24 -90.88
N SER A 175 58.66 15.50 -91.07
CA SER A 175 59.12 15.05 -92.37
C SER A 175 60.20 14.00 -92.18
N ASN A 176 61.46 14.36 -92.43
CA ASN A 176 62.59 13.56 -91.99
C ASN A 176 63.04 13.92 -90.59
N LYS A 177 62.38 14.91 -89.97
CA LYS A 177 62.59 15.25 -88.58
C LYS A 177 61.29 15.81 -88.05
N PHE A 178 61.29 16.16 -86.76
CA PHE A 178 60.05 16.47 -86.06
C PHE A 178 60.24 17.76 -85.27
N GLN A 179 59.23 18.63 -85.33
CA GLN A 179 59.37 20.00 -84.84
C GLN A 179 58.11 20.38 -84.04
N THR A 180 58.17 20.17 -82.73
CA THR A 180 57.22 20.76 -81.81
C THR A 180 57.31 22.28 -81.87
N HIS A 181 56.32 22.93 -82.48
CA HIS A 181 56.35 24.39 -82.53
C HIS A 181 55.72 25.02 -81.30
N PHE A 182 54.72 24.38 -80.70
CA PHE A 182 54.28 24.79 -79.37
C PHE A 182 53.55 23.63 -78.69
N THR A 183 53.70 23.58 -77.38
CA THR A 183 53.03 22.61 -76.52
C THR A 183 51.66 23.13 -76.13
N PHE A 184 50.82 22.21 -75.61
CA PHE A 184 49.56 22.63 -75.01
C PHE A 184 49.82 23.68 -73.92
N GLU A 185 50.78 23.40 -73.04
CA GLU A 185 51.15 24.33 -71.98
C GLU A 185 51.39 25.73 -72.53
N GLU A 186 52.11 25.83 -73.65
CA GLU A 186 52.41 27.13 -74.23
C GLU A 186 51.18 27.76 -74.85
N PHE A 187 50.33 26.96 -75.51
CA PHE A 187 49.10 27.49 -76.12
C PHE A 187 48.22 28.18 -75.07
N ARG A 188 48.10 27.57 -73.90
CA ARG A 188 47.23 28.08 -72.85
C ARG A 188 47.71 29.42 -72.33
N ARG A 189 49.00 29.54 -72.05
CA ARG A 189 49.54 30.71 -71.36
C ARG A 189 49.58 31.96 -72.25
N SER A 190 49.63 31.80 -73.57
CA SER A 190 49.80 32.94 -74.45
C SER A 190 48.56 33.82 -74.45
N SER A 191 48.77 35.13 -74.52
CA SER A 191 47.65 36.05 -74.68
C SER A 191 47.23 36.22 -76.14
N ASN A 192 48.02 35.72 -77.09
CA ASN A 192 47.67 35.71 -78.51
C ASN A 192 48.16 34.43 -79.17
N PRO A 193 47.69 33.25 -78.69
CA PRO A 193 48.25 31.97 -79.14
C PRO A 193 48.68 31.91 -80.61
N LEU A 194 47.84 32.50 -81.47
CA LEU A 194 48.10 32.52 -82.91
C LEU A 194 49.49 33.02 -83.28
N SER A 195 50.07 33.91 -82.46
CA SER A 195 51.41 34.43 -82.74
C SER A 195 52.43 33.31 -82.88
N LEU A 196 52.24 32.21 -82.17
CA LEU A 196 53.14 31.08 -82.30
C LEU A 196 53.04 30.40 -83.66
N LEU A 197 51.85 30.40 -84.27
CA LEU A 197 51.72 29.87 -85.62
C LEU A 197 52.57 30.65 -86.61
N ALA A 198 52.68 31.96 -86.41
CA ALA A 198 53.49 32.78 -87.32
C ALA A 198 54.96 32.40 -87.25
N SER A 199 55.48 32.18 -86.04
CA SER A 199 56.92 31.99 -85.84
C SER A 199 57.41 30.62 -86.25
N VAL A 200 56.94 30.10 -87.37
CA VAL A 200 57.16 28.73 -87.82
C VAL A 200 57.58 28.76 -89.28
N HIS A 201 58.50 27.86 -89.66
CA HIS A 201 58.96 27.81 -91.04
C HIS A 201 59.19 26.36 -91.47
N GLN A 202 58.94 26.10 -92.75
CA GLN A 202 58.83 24.75 -93.29
C GLN A 202 60.15 23.99 -93.22
N LEU A 203 60.05 22.68 -92.97
CA LEU A 203 61.20 21.80 -92.78
C LEU A 203 61.72 21.17 -94.08
N GLN A 204 60.85 20.98 -95.08
CA GLN A 204 61.18 20.13 -96.22
C GLN A 204 61.52 18.71 -95.73
N GLY A 205 62.17 17.90 -96.56
CA GLY A 205 62.65 16.60 -96.14
C GLY A 205 61.75 15.47 -96.59
N PHE A 206 62.03 14.26 -96.07
CA PHE A 206 61.30 13.05 -96.42
C PHE A 206 59.93 13.01 -95.75
N THR A 207 59.40 11.81 -95.50
CA THR A 207 58.10 11.65 -94.84
C THR A 207 58.16 10.44 -93.90
N TYR A 208 58.27 10.70 -92.60
CA TYR A 208 58.23 9.67 -91.58
C TYR A 208 56.95 9.86 -90.75
N THR A 209 55.82 9.58 -91.38
CA THR A 209 54.52 9.87 -90.76
C THR A 209 54.33 9.08 -89.47
N ALA A 210 54.59 7.78 -89.51
CA ALA A 210 54.33 6.93 -88.34
C ALA A 210 55.17 7.35 -87.14
N THR A 211 56.46 7.66 -87.36
CA THR A 211 57.31 8.10 -86.27
C THR A 211 56.78 9.38 -85.64
N ALA A 212 56.38 10.33 -86.49
CA ALA A 212 55.80 11.59 -85.99
C ALA A 212 54.59 11.32 -85.11
N ILE A 213 53.75 10.37 -85.49
CA ILE A 213 52.55 10.07 -84.72
C ILE A 213 52.93 9.47 -83.37
N GLN A 214 53.77 8.43 -83.39
CA GLN A 214 54.32 7.88 -82.15
C GLN A 214 54.93 8.98 -81.30
N ASN A 215 55.60 9.94 -81.95
CA ASN A 215 56.18 11.07 -81.24
C ASN A 215 55.11 11.92 -80.56
N VAL A 216 54.01 12.17 -81.27
CA VAL A 216 52.92 12.96 -80.68
C VAL A 216 52.31 12.25 -79.49
N VAL A 217 51.96 10.98 -79.66
CA VAL A 217 51.18 10.25 -78.66
C VAL A 217 51.91 10.21 -77.32
N HIS A 218 53.21 9.89 -77.35
CA HIS A 218 53.97 9.75 -76.12
C HIS A 218 54.53 11.07 -75.60
N ARG A 219 54.37 12.17 -76.34
CA ARG A 219 54.88 13.46 -75.88
C ARG A 219 53.79 14.51 -75.78
N LEU A 220 53.14 14.90 -76.90
CA LEU A 220 52.22 16.02 -76.86
C LEU A 220 51.00 15.74 -76.00
N PHE A 221 50.52 14.49 -75.96
CA PHE A 221 49.37 14.15 -75.15
C PHE A 221 49.73 13.76 -73.72
N HIS A 222 50.99 13.97 -73.34
CA HIS A 222 51.38 13.81 -71.94
C HIS A 222 51.13 15.11 -71.19
N ALA A 223 50.77 14.96 -69.90
CA ALA A 223 50.47 16.13 -69.08
C ALA A 223 51.67 17.06 -68.93
N SER A 224 52.88 16.54 -69.13
CA SER A 224 54.08 17.37 -69.03
C SER A 224 54.05 18.50 -70.04
N TYR A 225 53.54 18.23 -71.25
CA TYR A 225 53.43 19.23 -72.30
C TYR A 225 52.15 20.06 -72.19
N GLY A 226 51.41 19.93 -71.10
CA GLY A 226 50.20 20.69 -70.90
C GLY A 226 48.92 19.98 -71.26
N ALA A 227 48.99 18.74 -71.75
CA ALA A 227 47.78 17.99 -72.04
C ALA A 227 46.98 17.78 -70.76
N ARG A 228 45.67 17.96 -70.85
CA ARG A 228 44.81 17.91 -69.67
C ARG A 228 44.38 16.48 -69.39
N ARG A 229 44.39 16.13 -68.11
CA ARG A 229 44.07 14.81 -67.59
C ARG A 229 42.82 14.22 -68.23
N ASP A 230 41.65 14.68 -67.79
CA ASP A 230 40.39 14.25 -68.38
C ASP A 230 40.01 15.26 -69.45
N ALA A 231 40.34 14.94 -70.70
CA ALA A 231 40.05 15.82 -71.83
C ALA A 231 39.98 14.97 -73.08
N ALA A 232 39.13 15.39 -74.02
CA ALA A 232 38.99 14.67 -75.28
C ALA A 232 40.22 14.89 -76.15
N LYS A 233 40.86 13.80 -76.57
CA LYS A 233 42.14 13.85 -77.26
C LYS A 233 41.94 13.61 -78.74
N ILE A 234 42.41 14.57 -79.57
CA ILE A 234 42.21 14.56 -81.01
C ILE A 234 43.52 14.88 -81.69
N LEU A 235 43.84 14.14 -82.76
CA LEU A 235 45.01 14.39 -83.58
C LEU A 235 44.60 14.60 -85.03
N ILE A 236 45.02 15.71 -85.62
CA ILE A 236 44.67 16.08 -86.98
C ILE A 236 45.95 16.02 -87.80
N VAL A 237 46.05 15.02 -88.67
CA VAL A 237 47.21 14.84 -89.54
C VAL A 237 46.88 15.40 -90.91
N ILE A 238 47.76 16.24 -91.43
CA ILE A 238 47.60 16.86 -92.74
C ILE A 238 48.82 16.49 -93.58
N THR A 239 48.60 15.90 -94.75
CA THR A 239 49.71 15.41 -95.56
C THR A 239 49.34 15.44 -97.03
N ASP A 240 50.38 15.50 -97.88
CA ASP A 240 50.21 15.54 -99.33
C ASP A 240 50.65 14.25 -100.01
N GLY A 241 50.99 13.21 -99.25
CA GLY A 241 51.44 11.99 -99.87
C GLY A 241 51.73 10.91 -98.85
N LYS A 242 52.06 9.74 -99.37
CA LYS A 242 52.27 8.55 -98.57
C LYS A 242 53.51 8.69 -97.69
N LYS A 243 53.57 7.89 -96.63
CA LYS A 243 54.82 7.73 -95.91
C LYS A 243 55.80 6.99 -96.81
N GLU A 244 57.06 7.45 -96.78
CA GLU A 244 58.05 6.91 -97.70
C GLU A 244 59.43 7.08 -97.08
N GLY A 245 60.13 5.97 -96.87
CA GLY A 245 61.32 5.96 -96.05
C GLY A 245 61.04 5.81 -94.57
N ASP A 246 59.77 5.83 -94.17
CA ASP A 246 59.35 5.66 -92.79
C ASP A 246 59.79 4.32 -92.24
N SER A 247 60.70 4.34 -91.26
CA SER A 247 61.24 3.12 -90.68
C SER A 247 60.23 2.39 -89.79
N LEU A 248 59.06 2.97 -89.56
CA LEU A 248 58.04 2.38 -88.72
C LEU A 248 56.77 2.18 -89.52
N ASP A 249 56.04 1.12 -89.20
CA ASP A 249 54.75 0.88 -89.83
C ASP A 249 53.66 1.48 -88.96
N TYR A 250 52.55 1.86 -89.62
CA TYR A 250 51.38 2.27 -88.87
C TYR A 250 50.91 1.15 -87.94
N LYS A 251 51.01 -0.10 -88.41
CA LYS A 251 50.66 -1.26 -87.59
C LYS A 251 51.46 -1.27 -86.29
N ASP A 252 52.72 -0.78 -86.34
CA ASP A 252 53.58 -0.81 -85.17
C ASP A 252 53.14 0.22 -84.13
N VAL A 253 52.68 1.39 -84.58
CA VAL A 253 52.54 2.56 -83.73
C VAL A 253 51.11 2.78 -83.28
N ILE A 254 50.13 2.62 -84.18
CA ILE A 254 48.72 2.90 -83.94
C ILE A 254 48.22 2.43 -82.57
N PRO A 255 48.53 1.22 -82.11
CA PRO A 255 47.99 0.75 -80.82
C PRO A 255 48.13 1.72 -79.66
N MET A 256 49.20 2.50 -79.57
CA MET A 256 49.32 3.42 -78.45
C MET A 256 48.35 4.59 -78.55
N ALA A 257 48.04 5.03 -79.76
CA ALA A 257 47.05 6.09 -79.94
C ALA A 257 45.67 5.62 -79.50
N ASP A 258 45.30 4.39 -79.89
CA ASP A 258 44.03 3.84 -79.44
C ASP A 258 44.08 3.47 -77.96
N ALA A 259 45.22 2.94 -77.49
CA ALA A 259 45.31 2.56 -76.08
C ALA A 259 45.09 3.75 -75.17
N ALA A 260 45.48 4.96 -75.59
CA ALA A 260 45.32 6.15 -74.78
C ALA A 260 43.98 6.84 -74.99
N GLY A 261 43.31 6.58 -76.12
CA GLY A 261 42.06 7.25 -76.43
C GLY A 261 42.28 8.55 -77.17
N ILE A 262 42.78 8.45 -78.39
CA ILE A 262 43.09 9.61 -79.22
C ILE A 262 42.38 9.45 -80.56
N ILE A 263 41.59 10.44 -80.93
CA ILE A 263 40.86 10.42 -82.20
C ILE A 263 41.84 10.75 -83.33
N ARG A 264 41.78 9.97 -84.41
CA ARG A 264 42.71 10.12 -85.52
C ARG A 264 41.95 10.61 -86.75
N TYR A 265 42.23 11.86 -87.15
CA TYR A 265 41.72 12.43 -88.38
C TYR A 265 42.81 12.47 -89.43
N ALA A 266 42.43 12.19 -90.68
CA ALA A 266 43.36 12.20 -91.80
C ALA A 266 42.89 13.22 -92.83
N ILE A 267 43.80 14.10 -93.23
CA ILE A 267 43.57 15.04 -94.32
C ILE A 267 44.60 14.74 -95.41
N GLY A 268 44.13 14.22 -96.54
CA GLY A 268 44.99 13.88 -97.67
C GLY A 268 44.78 14.84 -98.81
N VAL A 269 45.89 15.34 -99.36
CA VAL A 269 45.88 16.42 -100.33
C VAL A 269 46.39 15.90 -101.68
N GLY A 270 45.65 16.17 -102.73
CA GLY A 270 46.09 15.86 -104.07
C GLY A 270 45.41 14.61 -104.64
N LEU A 271 45.50 14.47 -105.96
CA LEU A 271 44.98 13.28 -106.62
C LEU A 271 45.80 12.04 -106.31
N ALA A 272 46.93 12.17 -105.61
CA ALA A 272 47.67 11.01 -105.13
C ALA A 272 46.82 10.12 -104.24
N PHE A 273 45.72 10.65 -103.70
CA PHE A 273 44.84 9.90 -102.81
C PHE A 273 43.56 9.43 -103.49
N GLN A 274 43.50 9.49 -104.81
CA GLN A 274 42.31 9.07 -105.53
C GLN A 274 42.21 7.55 -105.67
N ASN A 275 43.31 6.83 -105.48
CA ASN A 275 43.33 5.42 -105.84
C ASN A 275 43.23 4.51 -104.61
N ARG A 276 43.28 3.20 -104.90
CA ARG A 276 42.96 2.17 -103.90
C ARG A 276 43.95 2.19 -102.74
N ASN A 277 45.25 2.12 -103.04
CA ASN A 277 46.25 1.95 -101.99
C ASN A 277 46.37 3.18 -101.12
N SER A 278 46.23 4.37 -101.70
CA SER A 278 46.31 5.59 -100.91
C SER A 278 45.10 5.75 -100.00
N TRP A 279 43.92 5.32 -100.45
CA TRP A 279 42.76 5.26 -99.57
C TRP A 279 43.06 4.41 -98.35
N LYS A 280 43.67 3.24 -98.55
CA LYS A 280 43.96 2.35 -97.43
C LYS A 280 44.98 2.95 -96.47
N GLU A 281 45.94 3.74 -96.96
CA GLU A 281 46.88 4.37 -96.04
C GLU A 281 46.19 5.42 -95.20
N LEU A 282 45.29 6.21 -95.80
CA LEU A 282 44.49 7.15 -95.02
C LEU A 282 43.71 6.42 -93.93
N ASN A 283 43.26 5.19 -94.22
CA ASN A 283 42.55 4.40 -93.21
C ASN A 283 43.46 4.12 -92.01
N ASP A 284 44.74 3.79 -92.27
CA ASP A 284 45.63 3.51 -91.15
C ASP A 284 45.97 4.77 -90.38
N ILE A 285 46.05 5.92 -91.07
CA ILE A 285 46.27 7.17 -90.35
C ILE A 285 45.07 7.50 -89.46
N ALA A 286 43.88 7.39 -90.03
CA ALA A 286 42.67 7.81 -89.32
C ALA A 286 42.11 6.67 -88.46
N SER A 287 41.13 7.03 -87.64
CA SER A 287 40.40 6.07 -86.82
C SER A 287 39.14 5.63 -87.53
N LYS A 288 38.73 4.39 -87.25
CA LYS A 288 37.48 3.86 -87.77
C LYS A 288 36.32 4.41 -86.95
N PRO A 289 35.23 4.83 -87.60
CA PRO A 289 34.90 4.81 -89.04
C PRO A 289 35.71 5.80 -89.88
N SER A 290 36.19 5.31 -91.03
CA SER A 290 37.13 6.05 -91.85
C SER A 290 36.47 7.18 -92.65
N GLN A 291 35.19 7.06 -93.01
CA GLN A 291 34.50 8.20 -93.60
C GLN A 291 34.50 9.39 -92.65
N GLU A 292 34.09 9.17 -91.41
CA GLU A 292 34.04 10.23 -90.41
C GLU A 292 35.39 10.92 -90.25
N HIS A 293 36.48 10.20 -90.45
CA HIS A 293 37.79 10.67 -90.04
C HIS A 293 38.77 10.92 -91.19
N ILE A 294 38.35 10.80 -92.45
CA ILE A 294 39.23 11.04 -93.58
C ILE A 294 38.57 12.04 -94.52
N PHE A 295 39.36 12.99 -95.02
CA PHE A 295 38.83 13.99 -95.93
C PHE A 295 39.84 14.25 -97.04
N LYS A 296 39.44 13.91 -98.26
CA LYS A 296 40.25 14.01 -99.45
C LYS A 296 40.19 15.43 -99.99
N VAL A 297 41.35 16.05 -100.21
CA VAL A 297 41.43 17.45 -100.59
C VAL A 297 42.17 17.56 -101.91
N GLU A 298 41.62 18.39 -102.81
CA GLU A 298 42.04 18.48 -104.20
C GLU A 298 43.45 19.03 -104.34
N ASP A 299 43.62 20.33 -104.12
CA ASP A 299 44.94 20.92 -104.00
C ASP A 299 45.07 21.31 -102.54
N PHE A 300 45.63 22.48 -102.28
CA PHE A 300 45.51 23.08 -100.96
C PHE A 300 44.43 24.14 -100.91
N ASP A 301 43.48 24.07 -101.84
CA ASP A 301 42.40 25.04 -102.00
C ASP A 301 41.08 24.54 -101.41
N ALA A 302 40.66 23.32 -101.77
CA ALA A 302 39.43 22.78 -101.21
C ALA A 302 39.51 22.66 -99.70
N LEU A 303 40.73 22.64 -99.16
CA LEU A 303 41.00 22.62 -97.72
C LEU A 303 40.09 23.58 -96.95
N LYS A 304 39.95 24.81 -97.45
CA LYS A 304 39.15 25.82 -96.79
C LYS A 304 37.65 25.59 -96.92
N ASP A 305 37.23 24.76 -97.88
CA ASP A 305 35.80 24.46 -98.00
C ASP A 305 35.33 23.53 -96.88
N ILE A 306 36.10 22.48 -96.60
CA ILE A 306 35.69 21.51 -95.57
C ILE A 306 35.77 22.15 -94.18
N GLN A 307 36.56 23.21 -94.03
CA GLN A 307 36.81 23.91 -92.77
C GLN A 307 35.62 23.89 -91.82
N ASN A 308 34.53 24.56 -92.20
CA ASN A 308 33.37 24.67 -91.31
C ASN A 308 32.77 23.32 -90.99
N GLN A 309 32.66 22.43 -91.97
CA GLN A 309 32.08 21.13 -91.70
C GLN A 309 33.03 20.24 -90.93
N LEU A 310 34.35 20.42 -91.11
CA LEU A 310 35.29 19.74 -90.23
C LEU A 310 35.21 20.30 -88.82
N LYS A 311 35.07 21.63 -88.70
CA LYS A 311 34.67 22.20 -87.43
C LYS A 311 33.52 21.37 -86.84
N GLU A 312 32.36 21.41 -87.50
CA GLU A 312 31.17 20.70 -87.06
C GLU A 312 31.44 19.27 -86.61
N LYS A 313 32.26 18.54 -87.36
CA LYS A 313 32.52 17.14 -87.05
C LYS A 313 33.24 16.99 -85.72
N ILE A 314 34.24 17.84 -85.46
CA ILE A 314 34.99 17.73 -84.21
C ILE A 314 34.16 18.21 -83.03
N PHE A 315 33.30 19.22 -83.23
CA PHE A 315 32.37 19.62 -82.17
C PHE A 315 31.47 18.46 -81.77
N ALA A 316 31.09 17.61 -82.72
CA ALA A 316 30.31 16.42 -82.43
C ALA A 316 31.15 15.42 -81.66
N ILE A 317 31.52 15.79 -80.44
CA ILE A 317 32.38 14.98 -79.58
C ILE A 317 31.51 14.17 -78.65
N GLU A 318 31.93 12.93 -78.38
CA GLU A 318 31.19 12.02 -77.53
C GLU A 318 32.05 10.80 -77.28
N GLY A 319 31.82 10.14 -76.14
CA GLY A 319 32.46 8.87 -75.90
C GLY A 319 31.95 7.80 -76.85
N THR A 320 32.88 7.00 -77.38
CA THR A 320 32.54 6.01 -78.39
C THR A 320 32.87 4.58 -77.97
N GLU A 321 33.61 4.38 -76.87
CA GLU A 321 34.09 3.05 -76.52
C GLU A 321 32.96 2.12 -76.09
N THR A 322 31.94 2.65 -75.40
CA THR A 322 30.79 1.86 -74.97
C THR A 322 29.55 2.40 -75.70
N THR A 323 29.36 1.92 -76.92
CA THR A 323 28.30 2.29 -77.89
C THR A 323 27.65 3.64 -77.63
N SER A 324 28.42 4.72 -77.85
CA SER A 324 27.98 6.11 -77.81
C SER A 324 26.72 6.36 -77.00
N SER A 325 26.68 5.87 -75.76
CA SER A 325 25.47 5.89 -74.96
C SER A 325 25.15 7.31 -74.48
N SER A 326 23.98 7.43 -73.85
CA SER A 326 23.48 8.72 -73.36
C SER A 326 23.62 8.81 -71.83
N SER A 327 24.88 8.81 -71.39
CA SER A 327 25.21 8.79 -69.97
C SER A 327 25.51 10.21 -69.49
N PHE A 328 24.78 10.66 -68.46
CA PHE A 328 24.77 12.04 -67.99
C PHE A 328 25.26 12.14 -66.55
N GLU A 329 25.18 13.38 -66.03
CA GLU A 329 25.28 13.66 -64.60
C GLU A 329 24.25 14.72 -64.21
N LEU A 330 24.69 15.81 -63.57
CA LEU A 330 23.76 16.77 -62.97
C LEU A 330 23.19 17.80 -63.93
N GLU A 331 23.05 17.47 -65.21
CA GLU A 331 22.63 18.46 -66.18
C GLU A 331 21.12 18.73 -66.11
N MET A 332 20.32 17.67 -65.96
CA MET A 332 18.87 17.78 -66.01
C MET A 332 18.23 17.17 -64.77
N ALA A 333 18.82 17.42 -63.60
CA ALA A 333 18.26 16.88 -62.37
C ALA A 333 16.86 17.40 -62.12
N GLN A 334 16.53 18.59 -62.63
CA GLN A 334 15.30 19.28 -62.26
C GLN A 334 15.23 19.42 -60.73
N GLU A 335 16.37 19.79 -60.17
CA GLU A 335 16.56 20.01 -58.74
C GLU A 335 15.40 20.79 -58.13
N GLY A 336 14.84 20.26 -57.05
CA GLY A 336 13.64 20.85 -56.47
C GLY A 336 12.35 20.34 -57.06
N PHE A 337 12.39 19.24 -57.81
CA PHE A 337 11.17 18.61 -58.31
C PHE A 337 10.27 18.15 -57.15
N SER A 338 10.88 17.51 -56.15
CA SER A 338 10.19 17.10 -54.94
C SER A 338 10.85 17.80 -53.76
N ALA A 339 10.07 18.58 -53.01
CA ALA A 339 10.57 19.43 -51.95
C ALA A 339 10.07 18.94 -50.59
N VAL A 340 10.96 18.98 -49.59
CA VAL A 340 10.61 18.49 -48.25
C VAL A 340 11.57 19.04 -47.18
N PHE A 341 11.08 19.93 -46.34
CA PHE A 341 11.91 20.52 -45.28
C PHE A 341 12.42 19.44 -44.33
N THR A 342 13.50 19.77 -43.60
CA THR A 342 13.97 18.97 -42.47
C THR A 342 14.50 19.91 -41.38
N PRO A 343 14.84 19.40 -40.19
CA PRO A 343 15.56 20.21 -39.21
C PRO A 343 16.99 20.56 -39.63
N ASP A 344 17.61 19.78 -40.52
CA ASP A 344 18.93 20.15 -41.04
C ASP A 344 18.82 21.32 -42.00
N GLY A 345 17.76 21.35 -42.80
CA GLY A 345 17.57 22.35 -43.83
C GLY A 345 16.76 21.75 -44.97
N PRO A 346 16.39 22.57 -45.95
CA PRO A 346 15.54 22.09 -47.03
C PRO A 346 16.19 20.95 -47.81
N VAL A 347 15.35 20.17 -48.47
CA VAL A 347 15.80 19.06 -49.32
C VAL A 347 15.07 19.15 -50.64
N LEU A 348 15.83 19.21 -51.74
CA LEU A 348 15.29 19.35 -53.07
C LEU A 348 15.52 18.07 -53.88
N GLY A 349 14.55 17.72 -54.72
CA GLY A 349 14.57 16.45 -55.41
C GLY A 349 15.24 16.47 -56.77
N ALA A 350 16.33 15.70 -56.89
CA ALA A 350 17.05 15.53 -58.14
C ALA A 350 16.54 14.28 -58.83
N VAL A 351 15.98 14.45 -60.02
CA VAL A 351 15.30 13.37 -60.71
C VAL A 351 16.14 12.88 -61.90
N GLY A 352 16.29 13.73 -62.91
CA GLY A 352 17.06 13.36 -64.09
C GLY A 352 18.56 13.31 -63.88
N SER A 353 19.02 13.63 -62.68
CA SER A 353 20.45 13.60 -62.41
C SER A 353 21.01 12.20 -62.64
N PHE A 354 22.19 12.17 -63.26
CA PHE A 354 22.96 10.96 -63.49
C PHE A 354 22.12 9.94 -64.24
N THR A 355 21.81 10.32 -65.48
CA THR A 355 20.94 9.61 -66.42
C THR A 355 19.67 9.10 -65.73
N TRP A 356 18.95 10.06 -65.12
CA TRP A 356 17.63 9.82 -64.52
C TRP A 356 17.69 8.75 -63.43
N SER A 357 18.85 8.63 -62.79
CA SER A 357 18.90 7.81 -61.58
C SER A 357 18.32 8.57 -60.39
N GLY A 358 18.83 9.76 -60.11
CA GLY A 358 18.22 10.65 -59.15
C GLY A 358 18.97 10.73 -57.83
N GLY A 359 18.36 11.52 -56.95
CA GLY A 359 18.91 11.80 -55.63
C GLY A 359 18.24 13.04 -55.07
N ALA A 360 18.92 13.67 -54.11
CA ALA A 360 18.38 14.90 -53.51
C ALA A 360 19.49 15.66 -52.81
N PHE A 361 19.26 16.95 -52.64
CA PHE A 361 20.22 17.89 -52.07
C PHE A 361 19.75 18.36 -50.70
N LEU A 362 20.62 18.22 -49.70
CA LEU A 362 20.40 18.87 -48.42
C LEU A 362 21.10 20.23 -48.43
N TYR A 363 20.43 21.24 -47.89
CA TYR A 363 20.97 22.59 -47.83
C TYR A 363 21.14 23.01 -46.38
N PRO A 364 22.24 22.62 -45.75
CA PRO A 364 22.47 22.95 -44.34
C PRO A 364 22.49 24.45 -44.12
N PRO A 365 22.35 24.91 -42.86
CA PRO A 365 22.15 26.35 -42.62
C PRO A 365 23.28 27.22 -43.13
N ASN A 366 23.11 27.74 -44.34
CA ASN A 366 24.00 28.73 -44.94
C ASN A 366 25.40 28.15 -45.19
N MET A 367 25.47 26.92 -45.68
CA MET A 367 26.76 26.30 -46.00
C MET A 367 26.57 25.29 -47.12
N SER A 368 27.65 24.54 -47.40
CA SER A 368 27.83 23.64 -48.54
C SER A 368 26.74 22.58 -48.68
N PRO A 369 25.95 22.65 -49.75
CA PRO A 369 24.96 21.59 -50.00
C PRO A 369 25.61 20.23 -50.18
N THR A 370 24.85 19.18 -49.83
CA THR A 370 25.29 17.80 -49.97
C THR A 370 24.25 17.01 -50.74
N PHE A 371 24.73 16.00 -51.46
CA PHE A 371 23.95 15.29 -52.46
C PHE A 371 23.72 13.84 -52.01
N ILE A 372 22.46 13.51 -51.69
CA ILE A 372 22.08 12.17 -51.27
C ILE A 372 21.64 11.38 -52.50
N ASN A 373 22.18 10.18 -52.64
CA ASN A 373 21.80 9.22 -53.68
C ASN A 373 22.55 7.93 -53.35
N MET A 374 22.23 6.86 -54.08
CA MET A 374 23.03 5.66 -53.98
C MET A 374 24.35 5.86 -54.73
N SER A 375 25.35 5.03 -54.42
CA SER A 375 26.67 5.22 -55.01
C SER A 375 26.66 4.82 -56.49
N GLN A 376 27.80 5.03 -57.17
CA GLN A 376 27.84 4.51 -58.53
C GLN A 376 27.92 2.98 -58.55
N GLU A 377 28.02 2.35 -57.38
CA GLU A 377 28.04 0.90 -57.38
C GLU A 377 26.75 0.32 -57.91
N ASN A 378 25.61 0.98 -57.66
CA ASN A 378 24.31 0.37 -57.94
C ASN A 378 23.87 0.73 -59.36
N VAL A 379 24.34 -0.10 -60.30
CA VAL A 379 24.10 0.08 -61.72
C VAL A 379 22.61 0.20 -62.04
N ASP A 380 21.79 -0.61 -61.37
CA ASP A 380 20.38 -0.79 -61.73
C ASP A 380 19.52 0.44 -61.48
N MET A 381 20.05 1.48 -60.86
CA MET A 381 19.23 2.63 -60.49
C MET A 381 19.08 3.65 -61.60
N ARG A 382 19.65 3.40 -62.79
CA ARG A 382 19.43 4.28 -63.92
C ARG A 382 17.94 4.34 -64.26
N ASP A 383 17.48 5.53 -64.68
CA ASP A 383 16.11 5.71 -65.17
C ASP A 383 15.06 5.33 -64.12
N SER A 384 15.35 5.55 -62.84
CA SER A 384 14.43 5.17 -61.79
C SER A 384 13.53 6.31 -61.31
N TYR A 385 14.10 7.52 -61.16
CA TYR A 385 13.48 8.74 -60.64
C TYR A 385 13.66 8.89 -59.14
N LEU A 386 14.60 8.16 -58.54
CA LEU A 386 14.85 8.25 -57.10
C LEU A 386 14.99 9.70 -56.64
N GLY A 387 13.97 10.19 -55.94
CA GLY A 387 13.82 11.61 -55.63
C GLY A 387 12.59 12.26 -56.23
N TYR A 388 11.91 11.60 -57.17
CA TYR A 388 10.58 12.02 -57.61
C TYR A 388 9.69 12.36 -56.42
N SER A 389 9.74 11.52 -55.38
CA SER A 389 9.03 11.75 -54.13
C SER A 389 10.05 11.79 -53.00
N THR A 390 9.89 12.76 -52.10
CA THR A 390 10.78 12.90 -50.96
C THR A 390 9.97 13.26 -49.72
N GLU A 391 10.29 12.61 -48.61
CA GLU A 391 9.61 12.86 -47.35
C GLU A 391 10.55 12.56 -46.20
N LEU A 392 10.28 13.18 -45.06
CA LEU A 392 11.12 13.09 -43.88
C LEU A 392 10.56 12.09 -42.89
N ALA A 393 11.40 11.15 -42.47
CA ALA A 393 11.12 10.26 -41.35
C ALA A 393 11.93 10.70 -40.16
N LEU A 394 11.30 10.71 -38.99
CA LEU A 394 11.90 11.25 -37.78
C LEU A 394 11.57 10.33 -36.63
N TRP A 395 12.60 9.69 -36.06
CA TRP A 395 12.44 8.99 -34.79
C TRP A 395 12.86 9.94 -33.67
N LYS A 396 13.44 9.43 -32.59
CA LYS A 396 13.66 10.26 -31.40
C LYS A 396 14.66 11.36 -31.68
N GLY A 397 15.58 11.15 -32.62
CA GLY A 397 16.55 12.18 -32.90
C GLY A 397 17.02 12.27 -34.34
N VAL A 398 17.61 11.20 -34.85
CA VAL A 398 18.29 11.24 -36.14
C VAL A 398 17.28 11.33 -37.26
N GLN A 399 17.50 12.28 -38.18
CA GLN A 399 16.63 12.45 -39.33
C GLN A 399 16.85 11.34 -40.35
N SER A 400 15.88 11.19 -41.25
CA SER A 400 16.00 10.22 -42.32
C SER A 400 15.14 10.67 -43.49
N LEU A 401 15.63 10.44 -44.70
CA LEU A 401 14.92 10.81 -45.91
C LEU A 401 14.44 9.56 -46.61
N VAL A 402 13.17 9.56 -47.01
CA VAL A 402 12.61 8.53 -47.87
C VAL A 402 12.38 9.15 -49.23
N LEU A 403 12.81 8.45 -50.28
CA LEU A 403 12.72 8.97 -51.63
C LEU A 403 12.09 7.91 -52.53
N GLY A 404 11.21 8.35 -53.43
CA GLY A 404 10.40 7.46 -54.24
C GLY A 404 10.78 7.49 -55.71
N ALA A 405 10.88 6.30 -56.31
CA ALA A 405 11.31 6.09 -57.69
C ALA A 405 10.20 5.43 -58.49
N PRO A 406 9.29 6.19 -59.03
CA PRO A 406 8.24 5.65 -59.91
C PRO A 406 8.62 4.57 -60.90
N ARG A 407 9.85 4.61 -61.42
CA ARG A 407 10.24 3.83 -62.58
C ARG A 407 11.30 2.78 -62.28
N TYR A 408 11.65 2.54 -61.01
CA TYR A 408 12.73 1.59 -60.76
C TYR A 408 12.45 0.26 -61.44
N GLN A 409 13.18 -0.03 -62.51
CA GLN A 409 12.94 -1.20 -63.33
C GLN A 409 11.46 -1.31 -63.71
N HIS A 410 10.87 -0.16 -64.06
CA HIS A 410 9.50 0.00 -64.55
C HIS A 410 8.45 -0.32 -63.50
N THR A 411 8.84 -0.76 -62.31
CA THR A 411 7.86 -1.04 -61.27
C THR A 411 7.74 0.16 -60.34
N GLY A 412 8.74 0.32 -59.50
CA GLY A 412 8.78 1.35 -58.48
C GLY A 412 9.63 0.89 -57.32
N LYS A 413 10.06 1.85 -56.51
CA LYS A 413 10.89 1.59 -55.33
C LYS A 413 10.96 2.86 -54.50
N ALA A 414 11.13 2.70 -53.20
CA ALA A 414 11.36 3.80 -52.28
C ALA A 414 12.47 3.41 -51.31
N VAL A 415 13.33 4.38 -50.97
CA VAL A 415 14.57 4.06 -50.26
C VAL A 415 14.78 5.02 -49.09
N ILE A 416 15.11 4.45 -47.94
CA ILE A 416 15.40 5.21 -46.72
C ILE A 416 16.90 5.46 -46.67
N PHE A 417 17.29 6.74 -46.61
CA PHE A 417 18.66 7.09 -46.31
C PHE A 417 18.74 7.75 -44.94
N THR A 418 19.84 7.48 -44.24
CA THR A 418 20.14 8.15 -42.99
C THR A 418 21.60 8.60 -43.07
N GLN A 419 22.20 8.88 -41.92
CA GLN A 419 23.55 9.46 -41.90
C GLN A 419 24.48 8.58 -41.08
N VAL A 420 25.39 7.89 -41.77
CA VAL A 420 26.43 7.09 -41.12
C VAL A 420 27.67 7.94 -40.95
N SER A 421 28.25 7.96 -39.74
CA SER A 421 29.22 8.98 -39.38
C SER A 421 28.65 10.35 -39.72
N ARG A 422 29.30 11.08 -40.63
CA ARG A 422 28.72 12.29 -41.17
C ARG A 422 28.23 12.10 -42.59
N GLN A 423 28.20 10.87 -43.09
CA GLN A 423 28.00 10.58 -44.51
C GLN A 423 26.69 9.84 -44.71
N TRP A 424 25.90 10.30 -45.68
CA TRP A 424 24.62 9.69 -45.98
C TRP A 424 24.80 8.32 -46.62
N ARG A 425 23.98 7.36 -46.22
CA ARG A 425 24.00 6.01 -46.75
C ARG A 425 22.58 5.45 -46.74
N MET A 426 22.38 4.37 -47.49
CA MET A 426 21.06 3.72 -47.49
C MET A 426 20.85 2.95 -46.20
N LYS A 427 19.81 3.34 -45.45
CA LYS A 427 19.40 2.59 -44.28
C LYS A 427 18.68 1.31 -44.66
N ALA A 428 17.69 1.41 -45.55
CA ALA A 428 17.00 0.24 -46.08
C ALA A 428 16.20 0.66 -47.30
N GLU A 429 15.63 -0.33 -47.98
CA GLU A 429 14.92 -0.12 -49.23
C GLU A 429 13.78 -1.12 -49.34
N VAL A 430 12.79 -0.76 -50.14
CA VAL A 430 11.66 -1.65 -50.42
C VAL A 430 11.11 -1.29 -51.80
N THR A 431 10.62 -2.30 -52.50
CA THR A 431 10.30 -2.20 -53.92
C THR A 431 8.80 -2.15 -54.14
N GLY A 432 8.43 -1.88 -55.40
CA GLY A 432 7.10 -2.14 -55.88
C GLY A 432 6.92 -3.60 -56.25
N THR A 433 5.74 -3.90 -56.78
CA THR A 433 5.42 -5.28 -57.10
C THR A 433 4.88 -5.41 -58.52
N GLN A 434 3.76 -4.75 -58.79
CA GLN A 434 3.24 -4.69 -60.14
C GLN A 434 4.15 -3.83 -60.99
N ILE A 435 4.50 -4.32 -62.18
CA ILE A 435 5.33 -3.51 -63.06
C ILE A 435 4.48 -2.38 -63.63
N GLY A 436 5.03 -1.17 -63.62
CA GLY A 436 4.22 -0.02 -63.93
C GLY A 436 3.26 0.38 -62.85
N SER A 437 3.38 -0.21 -61.65
CA SER A 437 2.55 0.22 -60.53
C SER A 437 2.90 1.63 -60.10
N TYR A 438 4.15 2.05 -60.33
CA TYR A 438 4.59 3.41 -60.02
C TYR A 438 4.65 3.61 -58.51
N PHE A 439 5.07 2.54 -57.82
CA PHE A 439 5.38 2.60 -56.39
C PHE A 439 6.44 3.65 -56.13
N GLY A 440 6.22 4.44 -55.08
CA GLY A 440 7.07 5.58 -54.80
C GLY A 440 6.56 6.89 -55.34
N ALA A 441 5.42 6.89 -56.03
CA ALA A 441 4.85 8.13 -56.55
C ALA A 441 4.53 9.10 -55.42
N SER A 442 4.14 8.58 -54.26
CA SER A 442 3.70 9.39 -53.12
C SER A 442 4.49 9.00 -51.89
N LEU A 443 4.67 9.96 -51.00
CA LEU A 443 5.30 9.71 -49.71
C LEU A 443 4.63 10.52 -48.63
N CYS A 444 4.35 9.88 -47.50
CA CYS A 444 3.84 10.56 -46.31
C CYS A 444 4.25 9.78 -45.07
N SER A 445 4.93 10.45 -44.15
CA SER A 445 5.30 9.87 -42.87
C SER A 445 4.17 10.06 -41.89
N VAL A 446 3.82 9.01 -41.15
CA VAL A 446 2.72 9.04 -40.22
C VAL A 446 3.25 8.74 -38.83
N ASP A 447 2.97 9.65 -37.89
CA ASP A 447 3.19 9.45 -36.46
C ASP A 447 1.83 9.08 -35.87
N VAL A 448 1.57 7.78 -35.73
CA VAL A 448 0.22 7.32 -35.44
C VAL A 448 -0.21 7.73 -34.04
N ASP A 449 0.70 7.65 -33.07
CA ASP A 449 0.36 7.96 -31.68
C ASP A 449 0.76 9.37 -31.26
N SER A 450 1.39 10.15 -32.15
CA SER A 450 1.83 11.51 -31.87
C SER A 450 2.81 11.56 -30.70
N ASP A 451 3.71 10.57 -30.64
CA ASP A 451 4.82 10.63 -29.69
C ASP A 451 5.98 11.47 -30.21
N GLY A 452 5.85 12.07 -31.40
CA GLY A 452 6.89 12.85 -32.00
C GLY A 452 7.77 12.09 -32.96
N SER A 453 7.59 10.78 -33.08
CA SER A 453 8.43 9.94 -33.92
C SER A 453 7.59 9.25 -34.97
N THR A 454 8.04 9.32 -36.23
CA THR A 454 7.39 8.62 -37.33
C THR A 454 7.27 7.14 -37.00
N ASP A 455 6.05 6.63 -37.05
CA ASP A 455 5.84 5.20 -36.81
C ASP A 455 5.90 4.41 -38.12
N LEU A 456 5.33 4.96 -39.19
CA LEU A 456 5.35 4.27 -40.47
C LEU A 456 5.21 5.31 -41.57
N VAL A 457 5.45 4.86 -42.80
CA VAL A 457 5.40 5.70 -43.98
C VAL A 457 4.42 5.11 -44.98
N LEU A 458 3.62 5.96 -45.59
CA LEU A 458 2.70 5.58 -46.65
C LEU A 458 3.35 5.85 -48.00
N ILE A 459 3.23 4.89 -48.92
CA ILE A 459 3.85 4.95 -50.24
C ILE A 459 2.77 4.68 -51.28
N GLY A 460 2.54 5.65 -52.17
CA GLY A 460 1.51 5.53 -53.17
C GLY A 460 1.94 4.72 -54.38
N ALA A 461 0.97 4.48 -55.27
CA ALA A 461 1.15 3.82 -56.56
C ALA A 461 -0.08 4.06 -57.43
N PRO A 462 -0.43 5.32 -57.71
CA PRO A 462 -1.79 5.65 -58.16
C PRO A 462 -2.27 5.09 -59.51
N HIS A 463 -1.46 4.38 -60.30
CA HIS A 463 -2.02 3.71 -61.48
C HIS A 463 -1.99 2.19 -61.36
N TYR A 464 -1.84 1.67 -60.14
CA TYR A 464 -1.89 0.23 -59.94
C TYR A 464 -3.17 -0.33 -60.53
N TYR A 465 -3.06 -1.48 -61.20
CA TYR A 465 -4.16 -2.02 -61.98
C TYR A 465 -4.72 -3.28 -61.35
N GLU A 466 -6.01 -3.23 -61.01
CA GLU A 466 -6.86 -4.39 -60.77
C GLU A 466 -8.19 -4.10 -61.45
N GLN A 467 -8.85 -5.17 -61.91
CA GLN A 467 -9.94 -5.02 -62.87
C GLN A 467 -11.00 -4.02 -62.42
N THR A 468 -11.17 -3.82 -61.11
CA THR A 468 -12.22 -2.93 -60.63
C THR A 468 -11.75 -1.62 -60.01
N ARG A 469 -10.50 -1.52 -59.53
CA ARG A 469 -10.09 -0.37 -58.74
C ARG A 469 -8.63 0.00 -59.01
N GLY A 470 -8.34 1.29 -58.98
CA GLY A 470 -7.09 1.83 -59.48
C GLY A 470 -6.37 2.58 -58.37
N GLY A 471 -5.14 2.13 -58.10
CA GLY A 471 -4.26 2.71 -57.10
C GLY A 471 -4.03 1.76 -55.93
N GLN A 472 -3.28 2.26 -54.95
CA GLN A 472 -3.08 1.60 -53.66
C GLN A 472 -2.05 2.41 -52.88
N VAL A 473 -1.99 2.14 -51.58
CA VAL A 473 -1.00 2.73 -50.69
C VAL A 473 -0.40 1.63 -49.83
N SER A 474 0.93 1.63 -49.71
CA SER A 474 1.64 0.65 -48.91
C SER A 474 1.87 1.23 -47.52
N VAL A 475 1.38 0.53 -46.49
CA VAL A 475 1.55 0.95 -45.11
C VAL A 475 2.83 0.28 -44.60
N CYS A 476 3.91 1.05 -44.51
CA CYS A 476 5.21 0.43 -44.29
C CYS A 476 5.76 0.84 -42.93
N PRO A 477 5.88 -0.09 -41.98
CA PRO A 477 6.51 0.24 -40.70
C PRO A 477 7.96 0.64 -40.90
N LEU A 478 8.40 1.63 -40.13
CA LEU A 478 9.81 1.98 -40.13
C LEU A 478 10.62 0.82 -39.57
N PRO A 479 11.59 0.29 -40.29
CA PRO A 479 12.60 -0.53 -39.64
C PRO A 479 13.54 0.39 -38.87
N ARG A 480 14.08 -0.13 -37.79
CA ARG A 480 15.06 0.62 -37.02
C ARG A 480 16.08 -0.36 -36.49
N GLY A 481 17.33 0.05 -36.56
CA GLY A 481 18.38 -0.91 -36.79
C GLY A 481 18.55 -1.22 -38.26
N TRP A 482 19.77 -1.50 -38.65
CA TRP A 482 20.02 -1.80 -40.06
C TRP A 482 19.41 -3.16 -40.41
N ARG A 483 18.12 -3.17 -40.72
CA ARG A 483 17.37 -4.39 -40.96
C ARG A 483 16.46 -4.20 -42.16
N ARG A 484 15.92 -5.31 -42.66
CA ARG A 484 15.06 -5.26 -43.83
C ARG A 484 13.80 -4.46 -43.53
N TRP A 485 13.57 -3.43 -44.33
CA TRP A 485 12.32 -2.69 -44.33
C TRP A 485 11.26 -3.53 -45.03
N TRP A 486 10.10 -3.66 -44.41
CA TRP A 486 8.97 -4.32 -45.05
C TRP A 486 7.73 -3.47 -44.88
N CYS A 487 6.69 -3.87 -45.59
CA CYS A 487 5.39 -3.20 -45.55
C CYS A 487 4.34 -4.19 -45.11
N ASP A 488 3.39 -3.72 -44.30
CA ASP A 488 2.40 -4.58 -43.66
C ASP A 488 1.09 -4.63 -44.41
N ALA A 489 0.51 -3.48 -44.75
CA ALA A 489 -0.87 -3.43 -45.22
C ALA A 489 -0.99 -2.66 -46.52
N VAL A 490 -1.84 -3.16 -47.39
CA VAL A 490 -2.20 -2.50 -48.65
C VAL A 490 -3.57 -1.85 -48.46
N LEU A 491 -3.70 -0.60 -48.90
CA LEU A 491 -4.98 0.07 -48.91
C LEU A 491 -5.52 0.11 -50.34
N TYR A 492 -6.82 0.34 -50.46
CA TYR A 492 -7.47 0.43 -51.77
C TYR A 492 -8.62 1.42 -51.67
N GLY A 493 -9.19 1.75 -52.83
CA GLY A 493 -10.28 2.69 -52.91
C GLY A 493 -11.61 2.00 -53.16
N GLU A 494 -12.67 2.81 -53.15
CA GLU A 494 -13.99 2.27 -53.48
C GLU A 494 -13.99 1.83 -54.93
N GLN A 495 -14.10 0.52 -55.14
CA GLN A 495 -13.86 -0.01 -56.48
C GLN A 495 -15.00 0.37 -57.41
N GLY A 496 -14.89 -0.07 -58.67
CA GLY A 496 -15.61 0.54 -59.75
C GLY A 496 -14.88 1.70 -60.38
N HIS A 497 -13.59 1.86 -60.08
CA HIS A 497 -12.78 2.95 -60.61
C HIS A 497 -11.39 2.41 -60.90
N PRO A 498 -11.22 1.75 -62.04
CA PRO A 498 -9.91 1.14 -62.35
C PRO A 498 -8.78 2.13 -62.50
N TRP A 499 -9.07 3.41 -62.76
CA TRP A 499 -8.05 4.45 -62.85
C TRP A 499 -8.54 5.66 -62.07
N GLY A 500 -8.77 5.44 -60.79
CA GLY A 500 -9.27 6.48 -59.92
C GLY A 500 -8.16 7.31 -59.31
N ARG A 501 -6.93 6.80 -59.41
CA ARG A 501 -5.72 7.47 -58.89
C ARG A 501 -5.72 7.52 -57.36
N PHE A 502 -6.07 6.38 -56.73
CA PHE A 502 -6.02 6.22 -55.29
C PHE A 502 -4.57 6.02 -54.87
N GLY A 503 -4.08 6.84 -53.94
CA GLY A 503 -2.68 6.85 -53.61
C GLY A 503 -1.91 7.94 -54.30
N ALA A 504 -2.58 8.79 -55.08
CA ALA A 504 -1.97 9.96 -55.67
C ALA A 504 -1.46 10.88 -54.56
N ALA A 505 -2.37 11.58 -53.90
CA ALA A 505 -1.98 12.49 -52.84
C ALA A 505 -2.10 11.81 -51.48
N LEU A 506 -1.28 12.27 -50.54
CA LEU A 506 -1.36 11.87 -49.15
C LEU A 506 -1.22 13.12 -48.30
N THR A 507 -1.58 12.99 -47.01
CA THR A 507 -1.27 13.97 -45.98
C THR A 507 -1.73 13.48 -44.63
N VAL A 508 -1.00 13.84 -43.58
CA VAL A 508 -1.40 13.54 -42.22
C VAL A 508 -2.33 14.64 -41.75
N LEU A 509 -3.60 14.30 -41.51
CA LEU A 509 -4.54 15.26 -40.96
C LEU A 509 -4.35 15.42 -39.46
N GLY A 510 -3.78 14.42 -38.79
CA GLY A 510 -3.46 14.48 -37.38
C GLY A 510 -4.43 13.68 -36.53
N ASP A 511 -4.61 14.08 -35.29
CA ASP A 511 -5.67 13.53 -34.45
C ASP A 511 -6.93 14.33 -34.70
N VAL A 512 -7.98 13.64 -35.14
CA VAL A 512 -9.16 14.28 -35.67
C VAL A 512 -10.40 14.00 -34.82
N ASN A 513 -10.51 12.81 -34.22
CA ASN A 513 -11.66 12.46 -33.42
C ASN A 513 -11.43 12.56 -31.92
N GLY A 514 -10.19 12.86 -31.50
CA GLY A 514 -9.86 12.99 -30.11
C GLY A 514 -9.28 11.76 -29.45
N ASP A 515 -9.05 10.68 -30.20
CA ASP A 515 -8.67 9.39 -29.64
C ASP A 515 -7.15 9.22 -29.47
N LYS A 516 -6.37 10.29 -29.60
CA LYS A 516 -4.91 10.24 -29.50
C LYS A 516 -4.26 9.42 -30.62
N LEU A 517 -5.00 9.14 -31.69
CA LEU A 517 -4.45 8.40 -32.82
C LEU A 517 -4.61 9.24 -34.08
N THR A 518 -3.69 9.02 -35.02
CA THR A 518 -3.54 9.88 -36.19
C THR A 518 -4.49 9.48 -37.31
N ASP A 519 -4.98 10.48 -38.02
CA ASP A 519 -5.90 10.31 -39.15
C ASP A 519 -5.27 10.92 -40.39
N VAL A 520 -5.42 10.24 -41.53
CA VAL A 520 -4.72 10.60 -42.75
C VAL A 520 -5.73 10.73 -43.89
N VAL A 521 -5.31 11.44 -44.93
CA VAL A 521 -6.14 11.72 -46.08
C VAL A 521 -5.48 11.16 -47.33
N ILE A 522 -6.27 10.62 -48.25
CA ILE A 522 -5.76 10.01 -49.46
C ILE A 522 -6.52 10.59 -50.65
N GLY A 523 -5.78 10.97 -51.69
CA GLY A 523 -6.38 11.51 -52.89
C GLY A 523 -6.64 10.43 -53.92
N ALA A 524 -7.80 10.53 -54.57
CA ALA A 524 -8.14 9.71 -55.74
C ALA A 524 -8.83 10.60 -56.74
N PRO A 525 -8.08 11.51 -57.38
CA PRO A 525 -8.70 12.52 -58.24
C PRO A 525 -9.21 11.98 -59.56
N GLY A 526 -8.82 10.76 -59.94
CA GLY A 526 -9.27 10.17 -61.18
C GLY A 526 -10.59 9.47 -61.10
N GLU A 527 -11.21 9.42 -59.92
CA GLU A 527 -12.44 8.65 -59.77
C GLU A 527 -13.61 9.36 -60.41
N GLU A 528 -14.53 8.56 -60.98
CA GLU A 528 -15.77 9.03 -61.58
C GLU A 528 -15.50 9.92 -62.79
N GLU A 529 -14.69 9.42 -63.73
CA GLU A 529 -14.29 10.16 -64.94
C GLU A 529 -13.41 11.36 -64.58
N ASN A 530 -12.48 11.15 -63.64
CA ASN A 530 -11.60 12.21 -63.13
C ASN A 530 -12.40 13.35 -62.50
N ARG A 531 -13.56 13.06 -61.91
CA ARG A 531 -14.21 14.06 -61.06
C ARG A 531 -13.43 14.21 -59.75
N GLY A 532 -13.06 13.10 -59.13
CA GLY A 532 -12.17 13.16 -58.00
C GLY A 532 -12.88 12.81 -56.70
N ALA A 533 -12.10 12.29 -55.74
CA ALA A 533 -12.62 11.94 -54.43
C ALA A 533 -11.50 11.93 -53.42
N VAL A 534 -11.85 12.16 -52.16
CA VAL A 534 -10.93 12.17 -51.04
C VAL A 534 -11.38 11.12 -50.04
N TYR A 535 -10.42 10.38 -49.48
CA TYR A 535 -10.70 9.39 -48.45
C TYR A 535 -10.14 9.85 -47.12
N LEU A 536 -10.82 9.47 -46.04
CA LEU A 536 -10.33 9.70 -44.68
C LEU A 536 -10.13 8.35 -44.01
N PHE A 537 -8.94 8.16 -43.44
CA PHE A 537 -8.55 6.90 -42.82
C PHE A 537 -8.11 7.15 -41.38
N HIS A 538 -8.24 6.13 -40.55
CA HIS A 538 -7.87 6.21 -39.15
C HIS A 538 -6.69 5.30 -38.86
N GLY A 539 -5.79 5.75 -37.98
CA GLY A 539 -4.66 4.94 -37.57
C GLY A 539 -5.03 3.97 -36.47
N VAL A 540 -4.74 2.68 -36.70
CA VAL A 540 -5.04 1.65 -35.72
C VAL A 540 -4.12 1.81 -34.50
N LEU A 541 -4.59 1.32 -33.36
CA LEU A 541 -3.71 1.11 -32.22
C LEU A 541 -2.49 0.30 -32.66
N GLY A 542 -1.31 0.76 -32.27
CA GLY A 542 -0.07 0.17 -32.72
C GLY A 542 0.29 0.65 -34.11
N PRO A 543 1.42 0.10 -34.70
CA PRO A 543 1.94 0.62 -35.98
C PRO A 543 1.27 0.05 -37.24
N SER A 544 0.07 0.55 -37.55
CA SER A 544 -0.62 0.17 -38.78
C SER A 544 -1.79 1.13 -39.01
N ILE A 545 -2.48 0.95 -40.14
CA ILE A 545 -3.59 1.80 -40.55
C ILE A 545 -4.75 0.95 -41.04
N SER A 546 -5.97 1.38 -40.72
CA SER A 546 -7.26 0.77 -41.01
C SER A 546 -7.41 0.23 -42.44
N PRO A 547 -7.79 -1.03 -42.59
CA PRO A 547 -8.10 -1.56 -43.93
C PRO A 547 -9.33 -0.96 -44.61
N SER A 548 -9.97 0.05 -44.03
CA SER A 548 -11.16 0.62 -44.65
C SER A 548 -11.24 2.11 -44.37
N HIS A 549 -11.90 2.83 -45.29
CA HIS A 549 -12.13 4.25 -45.09
C HIS A 549 -13.33 4.48 -44.18
N SER A 550 -13.37 5.67 -43.57
CA SER A 550 -14.47 6.05 -42.69
C SER A 550 -15.26 7.23 -43.24
N GLN A 551 -14.91 7.72 -44.42
CA GLN A 551 -15.57 8.81 -45.11
C GLN A 551 -14.96 8.88 -46.50
N ARG A 552 -15.80 9.02 -47.52
CA ARG A 552 -15.32 9.23 -48.88
C ARG A 552 -16.11 10.38 -49.48
N ILE A 553 -15.44 11.50 -49.71
CA ILE A 553 -16.05 12.69 -50.27
C ILE A 553 -15.61 12.76 -51.73
N ALA A 554 -16.51 12.38 -52.63
CA ALA A 554 -16.29 12.64 -54.04
C ALA A 554 -16.60 14.11 -54.31
N GLY A 555 -15.70 14.79 -55.03
CA GLY A 555 -16.01 16.14 -55.44
C GLY A 555 -17.31 16.24 -56.21
N SER A 556 -17.66 15.17 -56.94
CA SER A 556 -18.95 15.12 -57.62
C SER A 556 -20.11 15.35 -56.67
N GLN A 557 -20.04 14.78 -55.47
CA GLN A 557 -21.03 15.09 -54.44
C GLN A 557 -20.97 16.56 -54.03
N LEU A 558 -19.78 17.14 -54.01
CA LEU A 558 -19.62 18.51 -53.55
C LEU A 558 -20.12 19.54 -54.56
N SER A 559 -19.86 19.33 -55.85
CA SER A 559 -20.27 20.33 -56.83
C SER A 559 -20.33 19.74 -58.24
N SER A 560 -21.17 20.37 -59.06
CA SER A 560 -21.39 20.01 -60.46
C SER A 560 -20.24 20.47 -61.37
N ARG A 561 -19.27 21.20 -60.83
CA ARG A 561 -18.19 21.77 -61.64
C ARG A 561 -16.81 21.28 -61.23
N LEU A 562 -16.72 20.21 -60.44
CA LEU A 562 -15.44 19.79 -59.89
C LEU A 562 -14.81 18.71 -60.77
N GLN A 563 -13.59 18.97 -61.22
CA GLN A 563 -12.74 17.99 -61.89
C GLN A 563 -11.44 17.83 -61.11
N TYR A 564 -10.90 16.60 -61.12
CA TYR A 564 -9.61 16.31 -60.50
C TYR A 564 -9.59 16.64 -59.02
N PHE A 565 -10.73 16.51 -58.34
CA PHE A 565 -10.78 16.79 -56.93
C PHE A 565 -9.94 15.80 -56.15
N GLY A 566 -9.03 16.31 -55.32
CA GLY A 566 -8.08 15.49 -54.62
C GLY A 566 -6.75 15.32 -55.33
N GLN A 567 -6.51 16.07 -56.40
CA GLN A 567 -5.19 16.05 -57.04
C GLN A 567 -4.08 16.41 -56.06
N ALA A 568 -4.39 17.23 -55.05
CA ALA A 568 -3.39 17.69 -54.09
C ALA A 568 -4.03 17.82 -52.71
N LEU A 569 -3.25 17.51 -51.68
CA LEU A 569 -3.70 17.52 -50.30
C LEU A 569 -2.62 18.10 -49.40
N SER A 570 -3.02 19.01 -48.52
CA SER A 570 -2.17 19.42 -47.40
C SER A 570 -3.07 19.60 -46.20
N GLY A 571 -2.91 18.73 -45.21
CA GLY A 571 -3.67 18.85 -43.99
C GLY A 571 -2.78 19.11 -42.80
N GLY A 572 -3.36 19.64 -41.73
CA GLY A 572 -2.65 19.75 -40.47
C GLY A 572 -2.76 21.06 -39.72
N GLN A 573 -3.39 22.09 -40.29
CA GLN A 573 -3.26 23.43 -39.74
C GLN A 573 -4.62 24.07 -39.52
N ASP A 574 -4.63 25.03 -38.60
CA ASP A 574 -5.83 25.81 -38.26
C ASP A 574 -5.86 27.07 -39.12
N LEU A 575 -6.16 26.86 -40.40
CA LEU A 575 -6.18 27.97 -41.34
C LEU A 575 -7.35 28.91 -41.06
N THR A 576 -8.47 28.38 -40.59
CA THR A 576 -9.65 29.18 -40.30
C THR A 576 -9.63 29.81 -38.92
N GLN A 577 -8.64 29.47 -38.09
CA GLN A 577 -8.51 30.01 -36.73
C GLN A 577 -9.75 29.70 -35.89
N ASP A 578 -10.25 28.46 -35.99
CA ASP A 578 -11.41 28.04 -35.22
C ASP A 578 -11.11 26.86 -34.31
N GLY A 579 -9.85 26.64 -33.95
CA GLY A 579 -9.49 25.62 -33.00
C GLY A 579 -9.15 24.26 -33.59
N LEU A 580 -9.63 23.95 -34.77
CA LEU A 580 -9.51 22.60 -35.33
C LEU A 580 -8.63 22.62 -36.57
N VAL A 581 -8.11 21.43 -36.90
CA VAL A 581 -7.35 21.26 -38.14
C VAL A 581 -8.27 21.48 -39.33
N ASP A 582 -7.69 21.97 -40.41
CA ASP A 582 -8.37 22.14 -41.69
C ASP A 582 -7.65 21.30 -42.74
N LEU A 583 -8.38 20.94 -43.79
CA LEU A 583 -7.84 20.16 -44.90
C LEU A 583 -7.89 21.00 -46.17
N ALA A 584 -6.74 21.15 -46.81
CA ALA A 584 -6.63 21.89 -48.07
C ALA A 584 -6.55 20.91 -49.22
N VAL A 585 -7.50 21.00 -50.15
CA VAL A 585 -7.60 20.09 -51.28
C VAL A 585 -7.60 20.90 -52.57
N GLY A 586 -6.69 20.56 -53.48
CA GLY A 586 -6.69 21.16 -54.80
C GLY A 586 -7.52 20.37 -55.80
N ALA A 587 -8.08 21.11 -56.76
CA ALA A 587 -8.81 20.52 -57.88
C ALA A 587 -8.52 21.36 -59.11
N ARG A 588 -8.95 20.86 -60.27
CA ARG A 588 -8.67 21.53 -61.53
C ARG A 588 -9.37 22.88 -61.56
N GLY A 589 -8.69 23.91 -61.07
CA GLY A 589 -9.23 25.27 -61.09
C GLY A 589 -9.65 25.80 -59.74
N GLN A 590 -9.70 24.96 -58.70
CA GLN A 590 -10.04 25.49 -57.39
C GLN A 590 -9.40 24.67 -56.28
N VAL A 591 -9.25 25.33 -55.13
CA VAL A 591 -8.70 24.75 -53.91
C VAL A 591 -9.72 24.95 -52.79
N LEU A 592 -9.94 23.91 -52.00
CA LEU A 592 -10.99 23.89 -51.01
C LEU A 592 -10.42 23.72 -49.61
N LEU A 593 -11.08 24.33 -48.63
CA LEU A 593 -10.82 24.08 -47.23
C LEU A 593 -11.96 23.25 -46.68
N LEU A 594 -11.63 22.08 -46.14
CA LEU A 594 -12.57 21.27 -45.39
C LEU A 594 -12.21 21.37 -43.92
N ARG A 595 -13.22 21.28 -43.06
CA ARG A 595 -13.01 21.41 -41.63
C ARG A 595 -13.43 20.14 -40.91
N THR A 596 -12.73 19.85 -39.83
CA THR A 596 -13.14 18.82 -38.91
C THR A 596 -14.19 19.38 -37.96
N ARG A 597 -15.11 18.58 -37.60
CA ARG A 597 -16.06 19.02 -36.59
C ARG A 597 -15.65 18.50 -35.22
N PRO A 598 -16.03 19.16 -34.12
CA PRO A 598 -15.69 18.64 -32.80
C PRO A 598 -16.40 17.30 -32.55
N VAL A 599 -15.71 16.40 -31.86
CA VAL A 599 -16.22 15.08 -31.57
C VAL A 599 -16.33 14.96 -30.05
N LEU A 600 -17.54 15.05 -29.54
CA LEU A 600 -17.82 15.01 -28.11
C LEU A 600 -18.07 13.58 -27.66
N TRP A 601 -17.64 13.28 -26.44
CA TRP A 601 -17.76 11.93 -25.87
C TRP A 601 -18.61 11.99 -24.61
N VAL A 602 -19.76 11.32 -24.65
CA VAL A 602 -20.80 11.46 -23.64
C VAL A 602 -20.79 10.26 -22.71
N GLY A 603 -20.88 10.53 -21.40
CA GLY A 603 -20.94 9.48 -20.39
C GLY A 603 -22.36 9.29 -19.88
N VAL A 604 -22.72 8.05 -19.64
CA VAL A 604 -24.10 7.63 -19.38
C VAL A 604 -24.13 6.80 -18.11
N SER A 605 -24.91 7.23 -17.13
CA SER A 605 -25.04 6.56 -15.84
C SER A 605 -26.51 6.25 -15.59
N MET A 606 -26.83 4.98 -15.34
CA MET A 606 -28.22 4.57 -15.23
C MET A 606 -28.43 3.69 -13.99
N GLN A 607 -29.50 3.96 -13.25
CA GLN A 607 -29.75 3.35 -11.95
C GLN A 607 -31.22 3.54 -11.59
N PHE A 608 -31.75 2.62 -10.78
CA PHE A 608 -33.16 2.64 -10.37
C PHE A 608 -33.26 2.73 -8.85
N ILE A 609 -34.26 3.47 -8.37
CA ILE A 609 -34.57 3.45 -6.95
C ILE A 609 -35.99 2.93 -6.72
N PRO A 610 -36.11 1.71 -6.16
CA PRO A 610 -35.03 0.85 -5.68
C PRO A 610 -34.44 -0.10 -6.72
N ALA A 611 -33.61 -1.02 -6.22
CA ALA A 611 -32.98 -2.02 -7.07
C ALA A 611 -34.02 -2.88 -7.79
N GLU A 612 -34.88 -3.55 -7.04
CA GLU A 612 -35.82 -4.48 -7.63
C GLU A 612 -37.24 -4.14 -7.21
N ILE A 613 -38.18 -4.72 -7.93
CA ILE A 613 -39.60 -4.60 -7.63
C ILE A 613 -39.95 -5.65 -6.57
N PRO A 614 -40.26 -5.24 -5.34
CA PRO A 614 -40.69 -6.21 -4.34
C PRO A 614 -42.08 -6.74 -4.68
N ARG A 615 -42.36 -7.95 -4.21
CA ARG A 615 -43.69 -8.51 -4.44
C ARG A 615 -44.77 -7.62 -3.82
N SER A 616 -44.47 -7.03 -2.65
CA SER A 616 -45.26 -5.99 -2.01
C SER A 616 -45.95 -5.05 -2.99
N ALA A 617 -45.22 -4.67 -4.05
CA ALA A 617 -45.75 -3.83 -5.12
C ALA A 617 -46.35 -4.67 -6.24
N PHE A 618 -45.62 -5.70 -6.68
CA PHE A 618 -46.03 -6.48 -7.84
C PHE A 618 -47.32 -7.26 -7.58
N GLU A 619 -47.58 -7.64 -6.34
CA GLU A 619 -48.73 -8.48 -6.04
C GLU A 619 -50.04 -7.76 -6.36
N CYS A 620 -51.03 -8.54 -6.79
CA CYS A 620 -52.37 -8.02 -7.02
C CYS A 620 -53.15 -7.93 -5.70
N ARG A 621 -54.15 -7.06 -5.69
CA ARG A 621 -55.05 -6.91 -4.54
C ARG A 621 -56.51 -6.91 -5.01
N GLU A 622 -56.81 -7.70 -6.04
CA GLU A 622 -58.14 -7.98 -6.57
C GLU A 622 -58.75 -6.83 -7.36
N GLN A 623 -58.53 -5.59 -6.92
CA GLN A 623 -58.87 -4.43 -7.75
C GLN A 623 -57.73 -4.21 -8.73
N VAL A 624 -58.05 -4.21 -10.03
CA VAL A 624 -57.00 -4.07 -11.04
C VAL A 624 -56.45 -2.65 -11.00
N VAL A 625 -55.11 -2.55 -11.03
CA VAL A 625 -54.30 -1.31 -11.15
C VAL A 625 -54.42 -0.39 -9.94
N SER A 626 -54.89 -0.91 -8.80
CA SER A 626 -55.03 -0.08 -7.61
C SER A 626 -53.69 0.10 -6.90
N GLU A 627 -53.53 1.27 -6.27
CA GLU A 627 -52.33 1.64 -5.50
C GLU A 627 -51.05 1.34 -6.27
N GLN A 628 -50.93 1.97 -7.43
CA GLN A 628 -49.73 1.81 -8.25
C GLN A 628 -48.50 2.24 -7.47
N THR A 629 -47.39 1.53 -7.69
CA THR A 629 -46.19 1.71 -6.89
C THR A 629 -45.24 2.68 -7.59
N LEU A 630 -44.55 3.48 -6.81
CA LEU A 630 -43.66 4.51 -7.35
C LEU A 630 -42.20 4.07 -7.29
N VAL A 631 -41.51 4.16 -8.42
CA VAL A 631 -40.11 3.78 -8.53
C VAL A 631 -39.38 4.89 -9.29
N GLN A 632 -38.14 5.15 -8.87
CA GLN A 632 -37.36 6.22 -9.46
C GLN A 632 -36.28 5.65 -10.37
N SER A 633 -36.14 6.27 -11.54
CA SER A 633 -34.96 6.07 -12.38
C SER A 633 -34.11 7.31 -12.24
N ASN A 634 -32.81 7.12 -12.04
CA ASN A 634 -31.87 8.23 -11.92
C ASN A 634 -30.80 8.03 -12.99
N ILE A 635 -30.76 8.95 -13.95
CA ILE A 635 -29.76 8.92 -15.00
C ILE A 635 -28.87 10.13 -14.86
N CYS A 636 -27.56 9.92 -14.99
CA CYS A 636 -26.62 11.01 -15.16
C CYS A 636 -26.07 10.98 -16.58
N LEU A 637 -25.94 12.16 -17.17
CA LEU A 637 -25.20 12.33 -18.41
C LEU A 637 -24.05 13.28 -18.11
N TYR A 638 -22.87 12.91 -18.57
CA TYR A 638 -21.71 13.78 -18.50
C TYR A 638 -21.02 13.75 -19.85
N ILE A 639 -20.05 14.63 -20.03
CA ILE A 639 -19.40 14.77 -21.32
C ILE A 639 -17.90 14.93 -21.06
N ASP A 640 -17.16 13.82 -21.15
CA ASP A 640 -15.86 13.85 -20.51
C ASP A 640 -15.03 12.65 -20.92
N LYS A 641 -13.74 12.71 -20.53
CA LYS A 641 -12.68 11.73 -20.72
C LYS A 641 -12.00 11.95 -22.07
N ARG A 642 -12.72 12.53 -23.02
CA ARG A 642 -12.14 12.92 -24.30
C ARG A 642 -12.65 14.33 -24.62
N SER A 643 -12.20 15.29 -23.82
CA SER A 643 -12.27 16.70 -24.21
C SER A 643 -11.12 16.99 -25.15
N LYS A 644 -9.89 16.85 -24.64
CA LYS A 644 -8.66 16.69 -25.41
C LYS A 644 -8.38 17.84 -26.37
N ASN A 645 -9.07 17.86 -27.50
CA ASN A 645 -8.89 18.93 -28.46
C ASN A 645 -9.38 20.27 -27.91
N LEU A 646 -10.37 20.23 -27.03
CA LEU A 646 -11.12 21.42 -26.63
C LEU A 646 -10.97 21.68 -25.15
N LEU A 647 -11.28 22.92 -24.76
CA LEU A 647 -11.34 23.32 -23.36
C LEU A 647 -12.20 24.56 -23.25
N GLY A 648 -12.65 24.85 -22.03
CA GLY A 648 -13.42 26.06 -21.77
C GLY A 648 -14.74 26.08 -22.51
N SER A 649 -15.20 27.30 -22.82
CA SER A 649 -16.46 27.49 -23.53
C SER A 649 -16.47 26.66 -24.82
N ARG A 650 -17.68 26.20 -25.19
CA ARG A 650 -17.96 25.28 -26.29
C ARG A 650 -17.69 23.84 -25.89
N ASP A 651 -16.61 23.60 -25.13
CA ASP A 651 -16.45 22.28 -24.53
C ASP A 651 -17.51 22.07 -23.46
N LEU A 652 -17.85 23.14 -22.75
CA LEU A 652 -18.94 23.14 -21.78
C LEU A 652 -20.27 22.98 -22.48
N GLN A 653 -21.06 24.05 -22.48
CA GLN A 653 -22.48 23.97 -22.82
C GLN A 653 -22.71 23.23 -24.12
N SER A 654 -23.63 22.29 -24.07
CA SER A 654 -24.13 21.60 -25.26
C SER A 654 -25.46 21.00 -24.88
N SER A 655 -26.53 21.43 -25.55
CA SER A 655 -27.84 20.89 -25.25
C SER A 655 -28.05 19.55 -25.95
N VAL A 656 -28.85 18.70 -25.31
CA VAL A 656 -29.08 17.34 -25.78
C VAL A 656 -30.55 16.98 -25.56
N THR A 657 -31.11 16.23 -26.50
CA THR A 657 -32.48 15.76 -26.43
C THR A 657 -32.49 14.30 -25.97
N LEU A 658 -33.32 14.02 -24.97
CA LEU A 658 -33.40 12.71 -24.33
C LEU A 658 -34.66 12.00 -24.76
N ASP A 659 -34.56 10.68 -24.95
CA ASP A 659 -35.74 9.84 -25.12
C ASP A 659 -35.62 8.62 -24.25
N LEU A 660 -36.47 8.55 -23.22
CA LEU A 660 -36.59 7.37 -22.39
C LEU A 660 -37.70 6.50 -22.95
N ALA A 661 -37.56 5.19 -22.77
CA ALA A 661 -38.52 4.24 -23.34
C ALA A 661 -38.61 3.04 -22.41
N LEU A 662 -39.76 2.93 -21.74
CA LEU A 662 -39.99 1.82 -20.82
C LEU A 662 -40.42 0.60 -21.62
N ASP A 663 -39.83 -0.55 -21.31
CA ASP A 663 -40.11 -1.84 -21.94
C ASP A 663 -40.22 -1.79 -23.47
N PRO A 664 -39.18 -1.37 -24.16
CA PRO A 664 -39.26 -0.95 -25.55
C PRO A 664 -39.26 -2.19 -26.45
N GLY A 665 -39.92 -2.05 -27.59
CA GLY A 665 -39.97 -3.05 -28.60
C GLY A 665 -40.71 -4.30 -28.18
N ARG A 666 -41.67 -4.17 -27.27
CA ARG A 666 -42.45 -5.26 -26.70
C ARG A 666 -43.89 -4.78 -26.66
N LEU A 667 -44.83 -5.71 -26.61
CA LEU A 667 -46.22 -5.29 -26.76
C LEU A 667 -46.80 -4.75 -25.46
N SER A 668 -46.33 -5.23 -24.31
CA SER A 668 -46.96 -4.95 -23.02
C SER A 668 -46.07 -4.07 -22.15
N PRO A 669 -46.11 -2.74 -22.31
CA PRO A 669 -45.27 -1.87 -21.47
C PRO A 669 -45.68 -1.93 -20.01
N ARG A 670 -44.84 -2.55 -19.19
CA ARG A 670 -45.18 -2.87 -17.81
C ARG A 670 -44.89 -1.73 -16.83
N ALA A 671 -44.40 -0.60 -17.32
CA ALA A 671 -44.30 0.60 -16.50
C ALA A 671 -44.72 1.78 -17.37
N THR A 672 -44.86 2.92 -16.72
CA THR A 672 -45.17 4.15 -17.43
C THR A 672 -44.51 5.29 -16.68
N PHE A 673 -44.52 6.46 -17.28
CA PHE A 673 -43.82 7.59 -16.68
C PHE A 673 -44.80 8.44 -15.89
N GLN A 674 -44.41 8.78 -14.66
CA GLN A 674 -45.28 9.62 -13.86
C GLN A 674 -45.46 10.99 -14.49
N GLU A 675 -44.39 11.57 -15.04
CA GLU A 675 -44.49 12.90 -15.62
C GLU A 675 -45.46 12.92 -16.79
N THR A 676 -45.49 11.85 -17.57
CA THR A 676 -46.45 11.77 -18.66
C THR A 676 -47.01 10.36 -18.75
N LYS A 677 -48.34 10.26 -18.75
CA LYS A 677 -48.96 9.05 -19.28
C LYS A 677 -48.24 8.71 -20.56
N ASN A 678 -47.62 7.52 -20.58
CA ASN A 678 -46.90 6.88 -21.69
C ASN A 678 -45.67 6.14 -21.22
N ARG A 679 -45.29 5.11 -21.99
CA ARG A 679 -44.05 4.40 -21.75
C ARG A 679 -42.81 5.26 -21.99
N SER A 680 -42.96 6.37 -22.71
CA SER A 680 -41.84 7.16 -23.20
C SER A 680 -41.86 8.55 -22.58
N LEU A 681 -40.65 9.10 -22.39
CA LEU A 681 -40.48 10.46 -21.89
C LEU A 681 -39.34 11.10 -22.65
N SER A 682 -39.50 12.39 -22.97
CA SER A 682 -38.49 13.17 -23.67
C SER A 682 -38.33 14.52 -23.00
N ARG A 683 -37.09 14.99 -22.88
CA ARG A 683 -36.80 16.30 -22.31
C ARG A 683 -35.47 16.80 -22.84
N VAL A 684 -35.25 18.10 -22.68
CA VAL A 684 -34.09 18.80 -23.23
C VAL A 684 -33.29 19.40 -22.07
N ARG A 685 -32.03 18.98 -21.93
CA ARG A 685 -31.24 19.31 -20.76
C ARG A 685 -29.82 19.69 -21.18
N VAL A 686 -29.09 20.28 -20.24
CA VAL A 686 -27.82 20.97 -20.50
C VAL A 686 -26.68 20.18 -19.89
N LEU A 687 -25.69 19.86 -20.72
CA LEU A 687 -24.46 19.24 -20.28
C LEU A 687 -23.34 20.25 -20.22
N GLY A 688 -22.50 20.10 -19.21
CA GLY A 688 -21.18 20.61 -19.15
C GLY A 688 -20.28 19.52 -18.65
N LEU A 689 -19.17 19.89 -18.01
CA LEU A 689 -18.19 18.88 -17.62
C LEU A 689 -18.74 17.88 -16.61
N LYS A 690 -18.92 18.28 -15.35
CA LYS A 690 -19.47 17.37 -14.36
C LYS A 690 -20.96 17.16 -14.63
N ALA A 691 -21.43 15.94 -14.33
CA ALA A 691 -22.63 15.38 -14.91
C ALA A 691 -23.88 16.18 -14.57
N HIS A 692 -24.94 15.88 -15.33
CA HIS A 692 -26.30 16.31 -15.06
C HIS A 692 -27.12 15.06 -14.75
N CYS A 693 -27.67 15.01 -13.54
CA CYS A 693 -28.33 13.83 -13.00
C CYS A 693 -29.79 14.15 -12.71
N GLU A 694 -30.68 13.22 -13.02
CA GLU A 694 -32.10 13.53 -12.92
C GLU A 694 -32.91 12.31 -12.50
N ASN A 695 -33.88 12.53 -11.63
CA ASN A 695 -34.80 11.51 -11.17
C ASN A 695 -36.04 11.52 -12.05
N PHE A 696 -36.43 10.33 -12.53
CA PHE A 696 -37.64 10.15 -13.30
C PHE A 696 -38.48 9.09 -12.64
N ASN A 697 -39.77 9.34 -12.52
CA ASN A 697 -40.63 8.50 -11.70
C ASN A 697 -41.42 7.53 -12.57
N LEU A 698 -41.37 6.27 -12.17
CA LEU A 698 -42.05 5.20 -12.88
C LEU A 698 -43.28 4.78 -12.10
N LEU A 699 -44.41 4.70 -12.79
CA LEU A 699 -45.65 4.19 -12.21
C LEU A 699 -45.86 2.79 -12.76
N LEU A 700 -45.78 1.82 -11.89
CA LEU A 700 -45.97 0.48 -12.37
C LEU A 700 -47.29 -0.08 -11.83
N PRO A 701 -48.08 -0.72 -12.68
CA PRO A 701 -49.41 -1.17 -12.28
C PRO A 701 -49.36 -2.24 -11.19
N SER A 702 -50.49 -2.38 -10.50
CA SER A 702 -50.60 -3.37 -9.43
C SER A 702 -50.54 -4.79 -9.99
N CYS A 703 -51.37 -5.10 -10.98
CA CYS A 703 -51.39 -6.42 -11.61
C CYS A 703 -50.52 -6.38 -12.87
N VAL A 704 -49.51 -7.25 -12.90
CA VAL A 704 -48.51 -7.25 -13.97
C VAL A 704 -48.20 -8.70 -14.34
N GLU A 705 -48.48 -9.07 -15.59
CA GLU A 705 -48.38 -10.46 -16.02
C GLU A 705 -46.97 -11.01 -15.82
N ASP A 706 -45.97 -10.32 -16.33
CA ASP A 706 -44.58 -10.80 -16.30
C ASP A 706 -43.87 -10.15 -15.12
N SER A 707 -43.53 -10.97 -14.12
CA SER A 707 -42.67 -10.56 -13.02
C SER A 707 -41.30 -11.22 -13.08
N VAL A 708 -40.91 -11.71 -14.25
CA VAL A 708 -39.64 -12.41 -14.43
C VAL A 708 -38.66 -11.56 -15.24
N THR A 709 -39.00 -11.24 -16.48
CA THR A 709 -38.15 -10.38 -17.28
C THR A 709 -38.07 -9.00 -16.63
N PRO A 710 -36.87 -8.53 -16.29
CA PRO A 710 -36.75 -7.21 -15.65
C PRO A 710 -37.30 -6.12 -16.56
N ILE A 711 -37.84 -5.08 -15.95
CA ILE A 711 -38.29 -3.93 -16.71
C ILE A 711 -37.07 -3.15 -17.16
N THR A 712 -37.04 -2.81 -18.45
CA THR A 712 -35.86 -2.21 -19.06
C THR A 712 -36.18 -0.80 -19.53
N LEU A 713 -35.25 0.12 -19.27
CA LEU A 713 -35.37 1.52 -19.66
C LEU A 713 -34.24 1.86 -20.61
N ARG A 714 -34.57 2.40 -21.77
CA ARG A 714 -33.62 2.61 -22.85
C ARG A 714 -33.41 4.09 -23.11
N LEU A 715 -32.26 4.42 -23.72
CA LEU A 715 -31.78 5.80 -23.83
C LEU A 715 -31.28 6.10 -25.26
N ASN A 716 -32.19 6.61 -26.08
CA ASN A 716 -31.93 7.31 -27.33
C ASN A 716 -31.57 8.75 -26.99
N PHE A 717 -30.52 9.29 -27.62
CA PHE A 717 -30.23 10.69 -27.35
C PHE A 717 -29.41 11.29 -28.48
N THR A 718 -29.61 12.60 -28.68
CA THR A 718 -29.00 13.31 -29.80
C THR A 718 -28.68 14.74 -29.39
N LEU A 719 -27.57 15.25 -29.91
CA LEU A 719 -27.16 16.63 -29.64
C LEU A 719 -28.05 17.59 -30.39
N VAL A 720 -28.62 18.56 -29.66
CA VAL A 720 -29.29 19.70 -30.27
C VAL A 720 -28.78 20.96 -29.58
N GLY A 721 -27.50 21.24 -29.75
CA GLY A 721 -26.88 22.44 -29.20
C GLY A 721 -26.46 23.37 -30.33
N LYS A 722 -27.43 23.74 -31.16
CA LYS A 722 -27.12 24.47 -32.38
C LYS A 722 -26.35 25.78 -32.15
N PRO A 723 -26.69 26.63 -31.15
CA PRO A 723 -25.94 27.88 -30.99
C PRO A 723 -24.93 27.87 -29.86
N LEU A 724 -23.67 27.54 -30.16
CA LEU A 724 -22.62 27.55 -29.16
C LEU A 724 -21.71 28.75 -29.40
N LEU A 725 -21.24 29.35 -28.31
CA LEU A 725 -20.92 30.77 -28.19
C LEU A 725 -19.75 31.27 -29.03
N ALA A 726 -18.87 30.41 -29.58
CA ALA A 726 -17.60 30.91 -30.10
C ALA A 726 -17.34 30.44 -31.52
N PHE A 727 -16.60 31.27 -32.25
CA PHE A 727 -16.04 31.00 -33.58
C PHE A 727 -17.09 30.83 -34.68
N ARG A 728 -18.36 31.09 -34.41
CA ARG A 728 -19.45 30.70 -35.32
C ARG A 728 -19.30 29.23 -35.70
N ASN A 729 -18.99 28.41 -34.70
CA ASN A 729 -18.35 27.12 -34.91
C ASN A 729 -19.31 26.10 -35.51
N LEU A 730 -18.73 25.02 -36.03
CA LEU A 730 -19.47 24.00 -36.74
C LEU A 730 -20.32 23.16 -35.79
N ARG A 731 -21.29 22.46 -36.38
CA ARG A 731 -22.12 21.47 -35.69
C ARG A 731 -21.24 20.46 -34.97
N PRO A 732 -21.18 20.47 -33.65
CA PRO A 732 -20.49 19.40 -32.93
C PRO A 732 -21.22 18.09 -33.15
N MET A 733 -20.50 16.98 -33.07
CA MET A 733 -21.13 15.70 -33.34
C MET A 733 -20.59 14.64 -32.39
N LEU A 734 -21.15 13.44 -32.51
CA LEU A 734 -20.84 12.31 -31.65
C LEU A 734 -20.04 11.28 -32.44
N ALA A 735 -19.12 10.62 -31.75
CA ALA A 735 -18.31 9.57 -32.37
C ALA A 735 -19.22 8.53 -33.02
N ALA A 736 -19.09 8.37 -34.34
CA ALA A 736 -19.94 7.44 -35.06
C ALA A 736 -19.58 5.99 -34.83
N ASP A 737 -18.42 5.72 -34.22
CA ASP A 737 -18.13 4.38 -33.71
C ASP A 737 -18.64 4.19 -32.30
N ALA A 738 -19.12 5.24 -31.65
CA ALA A 738 -19.67 5.16 -30.31
C ALA A 738 -21.13 4.76 -30.36
N GLN A 739 -21.66 4.43 -29.19
CA GLN A 739 -23.02 3.93 -29.04
C GLN A 739 -23.95 5.04 -28.58
N ARG A 740 -25.22 4.96 -29.00
CA ARG A 740 -26.21 5.95 -28.63
C ARG A 740 -27.46 5.33 -28.00
N TYR A 741 -27.46 4.02 -27.73
CA TYR A 741 -28.61 3.33 -27.14
C TYR A 741 -28.16 2.64 -25.87
N PHE A 742 -28.71 3.05 -24.73
CA PHE A 742 -28.24 2.60 -23.43
C PHE A 742 -29.40 2.14 -22.56
N THR A 743 -29.20 1.03 -21.86
CA THR A 743 -30.26 0.37 -21.14
C THR A 743 -29.93 0.23 -19.66
N ALA A 744 -30.97 -0.02 -18.86
CA ALA A 744 -30.84 -0.31 -17.45
C ALA A 744 -31.96 -1.26 -17.07
N SER A 745 -31.71 -2.09 -16.06
CA SER A 745 -32.61 -3.18 -15.72
C SER A 745 -33.23 -2.96 -14.35
N LEU A 746 -34.55 -3.18 -14.27
CA LEU A 746 -35.33 -3.14 -13.03
C LEU A 746 -35.90 -4.54 -12.87
N PRO A 747 -35.23 -5.41 -12.14
CA PRO A 747 -35.72 -6.77 -11.97
C PRO A 747 -36.83 -6.82 -10.92
N PHE A 748 -37.54 -7.94 -10.90
CA PHE A 748 -38.54 -8.20 -9.88
C PHE A 748 -37.97 -9.16 -8.85
N GLU A 749 -38.49 -9.07 -7.62
CA GLU A 749 -38.33 -10.15 -6.67
C GLU A 749 -39.11 -11.36 -7.18
N LYS A 750 -38.68 -12.56 -6.78
CA LYS A 750 -39.25 -13.78 -7.33
C LYS A 750 -39.71 -14.72 -6.24
N ASN A 751 -40.87 -15.33 -6.42
CA ASN A 751 -41.38 -16.26 -5.42
C ASN A 751 -40.62 -17.57 -5.53
N CYS A 752 -39.82 -17.83 -4.51
CA CYS A 752 -39.16 -19.11 -4.34
C CYS A 752 -40.06 -20.12 -3.64
N GLY A 753 -41.29 -19.72 -3.33
CA GLY A 753 -42.22 -20.53 -2.58
C GLY A 753 -43.05 -19.65 -1.69
N ALA A 754 -44.33 -20.00 -1.52
CA ALA A 754 -45.21 -19.20 -0.68
C ALA A 754 -44.75 -19.21 0.78
N ASP A 755 -44.13 -20.29 1.23
CA ASP A 755 -43.63 -20.39 2.59
C ASP A 755 -42.11 -20.56 2.64
N HIS A 756 -41.40 -19.97 1.68
CA HIS A 756 -39.95 -20.00 1.66
C HIS A 756 -39.40 -18.59 1.55
N ILE A 757 -38.23 -18.39 2.17
CA ILE A 757 -37.76 -17.04 2.48
C ILE A 757 -37.04 -16.40 1.28
N CYS A 758 -36.38 -17.22 0.44
CA CYS A 758 -35.50 -16.79 -0.66
C CYS A 758 -34.15 -16.27 -0.20
N GLN A 759 -33.15 -17.14 -0.15
CA GLN A 759 -31.74 -16.75 -0.08
C GLN A 759 -31.02 -17.42 -1.24
N ASP A 760 -30.43 -16.63 -2.13
CA ASP A 760 -29.65 -17.18 -3.24
C ASP A 760 -28.20 -17.41 -2.80
N ASN A 761 -27.65 -18.55 -3.21
CA ASN A 761 -26.28 -18.91 -2.85
C ASN A 761 -25.57 -19.41 -4.10
N LEU A 762 -24.65 -18.59 -4.61
CA LEU A 762 -23.87 -18.91 -5.80
C LEU A 762 -22.39 -18.87 -5.45
N GLY A 763 -21.62 -19.76 -6.06
CA GLY A 763 -20.17 -19.71 -5.95
C GLY A 763 -19.53 -19.84 -7.31
N ILE A 764 -18.36 -19.23 -7.45
CA ILE A 764 -17.66 -19.15 -8.73
C ILE A 764 -16.17 -19.43 -8.53
N SER A 765 -15.54 -19.98 -9.57
CA SER A 765 -14.12 -20.29 -9.54
C SER A 765 -13.63 -20.63 -10.93
N PHE A 766 -12.55 -19.99 -11.38
CA PHE A 766 -12.04 -20.10 -12.75
C PHE A 766 -10.57 -20.52 -12.75
N SER A 767 -10.07 -20.91 -13.92
CA SER A 767 -8.68 -21.32 -14.09
C SER A 767 -8.20 -20.97 -15.49
N PHE A 768 -6.91 -21.16 -15.72
CA PHE A 768 -6.30 -20.97 -17.03
C PHE A 768 -5.70 -22.30 -17.48
N PRO A 769 -6.39 -23.04 -18.34
CA PRO A 769 -5.92 -24.39 -18.69
C PRO A 769 -4.68 -24.34 -19.57
N GLY A 770 -3.72 -25.19 -19.25
CA GLY A 770 -2.54 -25.37 -20.09
C GLY A 770 -1.49 -24.28 -19.98
N LEU A 771 -1.87 -23.13 -19.44
CA LEU A 771 -0.96 -21.99 -19.42
C LEU A 771 0.25 -22.26 -18.54
N LYS A 772 1.41 -21.92 -19.06
CA LYS A 772 2.65 -21.85 -18.33
C LYS A 772 2.91 -20.37 -17.96
N SER A 773 4.12 -19.83 -18.10
CA SER A 773 4.36 -18.40 -17.81
C SER A 773 3.63 -17.50 -18.80
N LEU A 774 3.33 -16.29 -18.33
CA LEU A 774 2.60 -15.31 -19.12
C LEU A 774 3.59 -14.35 -19.76
N LEU A 775 3.54 -14.21 -21.08
CA LEU A 775 4.46 -13.37 -21.84
C LEU A 775 3.64 -12.34 -22.60
N VAL A 776 3.82 -11.06 -22.23
CA VAL A 776 3.13 -9.99 -22.94
C VAL A 776 3.69 -9.89 -24.35
N GLY A 777 2.80 -9.84 -25.34
CA GLY A 777 3.19 -9.75 -26.73
C GLY A 777 3.36 -11.08 -27.42
N SER A 778 3.74 -12.13 -26.67
CA SER A 778 3.67 -13.47 -27.23
C SER A 778 2.28 -14.05 -27.06
N ASN A 779 1.75 -13.98 -25.84
CA ASN A 779 0.39 -14.42 -25.54
C ASN A 779 -0.54 -13.24 -25.73
N LEU A 780 -1.40 -13.32 -26.75
CA LEU A 780 -2.31 -12.23 -27.08
C LEU A 780 -3.73 -12.46 -26.58
N GLU A 781 -4.09 -13.71 -26.30
CA GLU A 781 -5.39 -14.03 -25.74
C GLU A 781 -5.19 -14.83 -24.48
N LEU A 782 -6.06 -14.59 -23.51
CA LEU A 782 -6.05 -15.30 -22.24
C LEU A 782 -7.34 -16.10 -22.15
N ASN A 783 -7.21 -17.39 -21.89
CA ASN A 783 -8.36 -18.30 -21.95
C ASN A 783 -8.77 -18.71 -20.54
N ALA A 784 -9.83 -18.08 -20.05
CA ALA A 784 -10.35 -18.32 -18.71
C ALA A 784 -11.47 -19.36 -18.77
N GLU A 785 -11.30 -20.43 -18.01
CA GLU A 785 -12.33 -21.46 -17.84
C GLU A 785 -13.03 -21.21 -16.52
N VAL A 786 -14.24 -20.68 -16.58
CA VAL A 786 -14.98 -20.27 -15.39
C VAL A 786 -15.99 -21.33 -15.04
N MET A 787 -15.84 -21.91 -13.85
CA MET A 787 -16.84 -22.79 -13.27
C MET A 787 -17.65 -21.98 -12.28
N VAL A 788 -18.97 -22.07 -12.37
CA VAL A 788 -19.87 -21.43 -11.41
C VAL A 788 -21.00 -22.40 -11.08
N TRP A 789 -21.42 -22.41 -9.83
CA TRP A 789 -22.32 -23.44 -9.31
C TRP A 789 -23.36 -22.80 -8.40
N ASN A 790 -24.53 -23.43 -8.34
CA ASN A 790 -25.64 -22.93 -7.53
C ASN A 790 -25.87 -23.86 -6.35
N ASP A 791 -25.70 -23.31 -5.15
CA ASP A 791 -26.03 -24.00 -3.90
C ASP A 791 -27.12 -23.24 -3.14
N GLY A 792 -28.10 -22.71 -3.87
CA GLY A 792 -29.17 -21.94 -3.26
C GLY A 792 -30.34 -21.72 -4.18
N GLU A 793 -30.92 -20.51 -4.15
CA GLU A 793 -32.07 -20.18 -4.97
C GLU A 793 -31.79 -20.40 -6.46
N ASP A 794 -32.85 -20.59 -7.25
CA ASP A 794 -32.72 -20.50 -8.69
C ASP A 794 -32.31 -19.08 -9.07
N SER A 795 -31.33 -18.97 -9.95
CA SER A 795 -30.74 -17.68 -10.30
C SER A 795 -31.28 -17.20 -11.63
N TYR A 796 -31.80 -15.98 -11.64
CA TYR A 796 -32.30 -15.37 -12.84
C TYR A 796 -31.38 -14.23 -13.23
N GLY A 797 -31.07 -14.15 -14.52
CA GLY A 797 -30.13 -13.17 -15.03
C GLY A 797 -28.75 -13.30 -14.44
N THR A 798 -28.26 -14.53 -14.30
CA THR A 798 -26.98 -14.79 -13.64
C THR A 798 -25.87 -13.93 -14.23
N THR A 799 -25.24 -13.12 -13.39
CA THR A 799 -24.31 -12.10 -13.84
C THR A 799 -22.94 -12.34 -13.22
N ILE A 800 -21.95 -12.61 -14.05
CA ILE A 800 -20.56 -12.75 -13.63
C ILE A 800 -19.80 -11.50 -14.07
N THR A 801 -19.09 -10.87 -13.15
CA THR A 801 -18.24 -9.74 -13.47
C THR A 801 -16.80 -10.04 -13.11
N PHE A 802 -15.89 -9.49 -13.91
CA PHE A 802 -14.45 -9.67 -13.77
C PHE A 802 -13.80 -8.34 -13.41
N SER A 803 -12.76 -8.40 -12.60
CA SER A 803 -11.87 -7.27 -12.40
C SER A 803 -10.55 -7.57 -13.08
N HIS A 804 -10.10 -6.66 -13.93
CA HIS A 804 -8.90 -6.84 -14.71
C HIS A 804 -8.33 -5.47 -15.05
N PRO A 805 -7.03 -5.34 -15.19
CA PRO A 805 -6.44 -4.04 -15.55
C PRO A 805 -6.66 -3.70 -17.01
N ALA A 806 -6.48 -2.42 -17.32
CA ALA A 806 -6.89 -1.88 -18.61
C ALA A 806 -6.31 -2.67 -19.78
N GLY A 807 -5.17 -3.33 -19.57
CA GLY A 807 -4.44 -3.88 -20.69
C GLY A 807 -5.12 -5.04 -21.40
N LEU A 808 -6.13 -5.64 -20.79
CA LEU A 808 -6.86 -6.72 -21.43
C LEU A 808 -8.36 -6.47 -21.31
N SER A 809 -9.12 -7.11 -22.20
CA SER A 809 -10.58 -7.01 -22.18
C SER A 809 -11.14 -8.16 -23.01
N TYR A 810 -12.42 -8.44 -22.77
CA TYR A 810 -13.06 -9.65 -23.27
C TYR A 810 -13.40 -9.54 -24.76
N ARG A 811 -13.11 -10.60 -25.49
CA ARG A 811 -13.47 -10.76 -26.89
C ARG A 811 -14.44 -11.92 -27.01
N TYR A 812 -15.58 -11.69 -27.65
CA TYR A 812 -16.52 -12.77 -27.88
C TYR A 812 -15.86 -13.84 -28.74
N VAL A 813 -15.98 -15.09 -28.30
CA VAL A 813 -15.51 -16.24 -29.06
C VAL A 813 -16.72 -17.09 -29.42
N ALA A 814 -16.70 -17.66 -30.61
CA ALA A 814 -17.68 -18.67 -31.01
C ALA A 814 -16.98 -20.00 -31.16
N GLU A 815 -17.68 -21.07 -30.76
CA GLU A 815 -17.24 -22.43 -31.01
C GLU A 815 -18.36 -23.16 -31.73
N GLY A 816 -17.99 -24.21 -32.46
CA GLY A 816 -19.01 -24.91 -33.23
C GLY A 816 -18.46 -26.16 -33.89
N GLN A 817 -19.33 -26.77 -34.69
CA GLN A 817 -19.10 -28.02 -35.41
C GLN A 817 -19.11 -29.23 -34.46
N LYS A 818 -20.17 -29.30 -33.63
CA LYS A 818 -20.48 -30.42 -32.75
C LYS A 818 -19.50 -30.58 -31.59
N GLN A 819 -18.36 -29.89 -31.67
CA GLN A 819 -17.23 -30.16 -30.79
C GLN A 819 -17.51 -29.77 -29.33
N GLY A 820 -17.35 -30.74 -28.43
CA GLY A 820 -17.13 -30.48 -27.02
C GLY A 820 -18.39 -30.53 -26.17
N GLN A 821 -18.15 -30.69 -24.85
CA GLN A 821 -19.12 -30.36 -23.81
C GLN A 821 -19.00 -28.91 -23.36
N LEU A 822 -18.49 -28.06 -24.24
CA LEU A 822 -17.88 -26.80 -23.87
C LEU A 822 -18.89 -25.66 -23.91
N ARG A 823 -18.37 -24.44 -23.93
CA ARG A 823 -19.21 -23.24 -23.95
C ARG A 823 -19.93 -23.12 -25.28
N SER A 824 -21.14 -23.68 -25.35
CA SER A 824 -22.07 -23.43 -26.42
C SER A 824 -23.05 -22.32 -26.07
N LEU A 825 -22.80 -21.65 -24.96
CA LEU A 825 -23.77 -20.81 -24.27
C LEU A 825 -23.83 -19.42 -24.88
N HIS A 826 -25.03 -18.85 -24.95
CA HIS A 826 -25.21 -17.45 -25.35
C HIS A 826 -25.11 -16.55 -24.13
N LEU A 827 -24.48 -15.39 -24.31
CA LEU A 827 -24.39 -14.44 -23.21
C LEU A 827 -23.96 -13.08 -23.74
N THR A 828 -23.96 -12.10 -22.84
CA THR A 828 -23.77 -10.69 -23.12
C THR A 828 -22.75 -10.14 -22.13
N CYS A 829 -21.73 -9.45 -22.62
CA CYS A 829 -20.74 -8.85 -21.74
C CYS A 829 -20.60 -7.36 -22.05
N ASP A 830 -20.03 -6.64 -21.07
CA ASP A 830 -19.70 -5.23 -21.19
C ASP A 830 -18.42 -4.98 -20.42
N SER A 831 -17.43 -4.39 -21.06
CA SER A 831 -16.25 -3.88 -20.37
C SER A 831 -16.47 -2.41 -20.04
N ALA A 832 -15.89 -1.96 -18.93
CA ALA A 832 -16.02 -0.56 -18.55
C ALA A 832 -14.92 -0.18 -17.58
N PRO A 833 -14.16 0.88 -17.86
CA PRO A 833 -13.16 1.34 -16.89
C PRO A 833 -13.83 1.78 -15.60
N VAL A 834 -13.19 1.46 -14.48
CA VAL A 834 -13.76 1.67 -13.16
C VAL A 834 -12.64 2.03 -12.18
N GLY A 835 -12.97 2.86 -11.21
CA GLY A 835 -12.10 3.06 -10.07
C GLY A 835 -11.17 4.24 -10.24
N SER A 836 -9.96 4.13 -9.70
CA SER A 836 -9.04 5.24 -9.61
C SER A 836 -7.88 5.15 -10.60
N GLN A 837 -7.17 4.00 -10.69
CA GLN A 837 -5.91 3.95 -11.43
C GLN A 837 -5.73 2.62 -12.18
N GLY A 838 -6.46 2.46 -13.28
CA GLY A 838 -6.06 1.54 -14.33
C GLY A 838 -6.81 0.24 -14.47
N THR A 839 -7.84 -0.03 -13.66
CA THR A 839 -8.54 -1.30 -13.74
C THR A 839 -9.86 -1.15 -14.47
N TRP A 840 -10.36 -2.29 -14.98
CA TRP A 840 -11.64 -2.36 -15.67
C TRP A 840 -12.47 -3.47 -15.06
N SER A 841 -13.78 -3.42 -15.31
CA SER A 841 -14.69 -4.49 -14.93
C SER A 841 -15.46 -4.94 -16.16
N THR A 842 -15.32 -6.21 -16.52
CA THR A 842 -16.09 -6.82 -17.59
C THR A 842 -17.19 -7.67 -16.96
N SER A 843 -18.44 -7.34 -17.28
CA SER A 843 -19.63 -7.85 -16.62
C SER A 843 -20.49 -8.63 -17.60
N CYS A 844 -20.81 -9.89 -17.27
CA CYS A 844 -21.41 -10.81 -18.23
C CYS A 844 -22.68 -11.45 -17.68
N ARG A 845 -23.76 -11.39 -18.45
CA ARG A 845 -25.05 -11.98 -18.10
C ARG A 845 -25.28 -13.26 -18.88
N ILE A 846 -25.47 -14.38 -18.18
CA ILE A 846 -26.07 -15.53 -18.82
C ILE A 846 -27.53 -15.21 -19.07
N ASN A 847 -27.92 -15.16 -20.33
CA ASN A 847 -29.30 -14.88 -20.69
C ASN A 847 -29.96 -16.17 -21.13
N HIS A 848 -31.28 -16.09 -21.32
CA HIS A 848 -32.12 -17.18 -21.82
C HIS A 848 -32.32 -18.28 -20.79
N LEU A 849 -31.49 -18.36 -19.76
CA LEU A 849 -31.46 -19.54 -18.92
C LEU A 849 -31.64 -19.17 -17.45
N ILE A 850 -32.29 -20.09 -16.74
CA ILE A 850 -32.43 -20.02 -15.29
C ILE A 850 -31.41 -20.98 -14.69
N PHE A 851 -30.48 -20.43 -13.92
CA PHE A 851 -29.40 -21.22 -13.34
C PHE A 851 -29.93 -21.90 -12.08
N ARG A 852 -30.30 -23.18 -12.24
CA ARG A 852 -31.08 -23.90 -11.25
C ARG A 852 -30.28 -24.24 -10.00
N GLY A 853 -30.95 -24.16 -8.86
CA GLY A 853 -30.33 -24.15 -7.54
C GLY A 853 -29.50 -25.36 -7.11
N GLY A 854 -29.33 -26.34 -8.01
CA GLY A 854 -28.57 -27.53 -7.68
C GLY A 854 -27.64 -27.95 -8.79
N ALA A 855 -27.65 -27.19 -9.87
CA ALA A 855 -26.79 -27.45 -11.02
C ALA A 855 -25.59 -26.52 -11.01
N GLN A 856 -24.63 -26.83 -11.87
CA GLN A 856 -23.48 -25.98 -12.10
C GLN A 856 -23.36 -25.75 -13.60
N ILE A 857 -22.59 -24.73 -13.97
CA ILE A 857 -22.30 -24.47 -15.37
C ILE A 857 -20.86 -23.97 -15.47
N THR A 858 -20.13 -24.50 -16.44
CA THR A 858 -18.77 -24.08 -16.74
C THR A 858 -18.72 -23.58 -18.16
N PHE A 859 -18.05 -22.45 -18.36
CA PHE A 859 -18.05 -21.77 -19.65
C PHE A 859 -16.75 -21.01 -19.81
N LEU A 860 -16.47 -20.61 -21.05
CA LEU A 860 -15.17 -20.04 -21.42
C LEU A 860 -15.27 -18.54 -21.64
N ALA A 861 -14.23 -17.82 -21.21
CA ALA A 861 -14.16 -16.37 -21.33
C ALA A 861 -12.74 -15.98 -21.74
N THR A 862 -12.60 -15.36 -22.91
CA THR A 862 -11.29 -15.07 -23.48
C THR A 862 -11.02 -13.58 -23.49
N PHE A 863 -9.84 -13.19 -23.01
CA PHE A 863 -9.46 -11.80 -22.85
C PHE A 863 -8.31 -11.49 -23.80
N ASP A 864 -8.52 -10.51 -24.67
CA ASP A 864 -7.46 -10.06 -25.54
C ASP A 864 -6.44 -9.25 -24.74
N VAL A 865 -5.19 -9.67 -24.79
CA VAL A 865 -4.11 -9.05 -24.05
C VAL A 865 -3.35 -8.15 -25.02
N SER A 866 -3.33 -6.85 -24.74
CA SER A 866 -2.55 -5.94 -25.55
C SER A 866 -1.09 -6.37 -25.55
N PRO A 867 -0.44 -6.45 -26.71
CA PRO A 867 1.01 -6.76 -26.72
C PRO A 867 1.83 -5.70 -26.01
N LYS A 868 1.29 -4.51 -25.84
CA LYS A 868 1.92 -3.44 -25.07
C LYS A 868 1.23 -3.22 -23.73
N ALA A 869 0.53 -4.24 -23.23
CA ALA A 869 -0.17 -4.12 -21.97
C ALA A 869 0.81 -3.92 -20.83
N VAL A 870 0.60 -2.85 -20.06
CA VAL A 870 1.41 -2.56 -18.88
C VAL A 870 0.70 -3.22 -17.70
N LEU A 871 1.24 -4.34 -17.22
CA LEU A 871 0.60 -5.12 -16.19
C LEU A 871 1.32 -5.07 -14.85
N GLY A 872 2.54 -4.56 -14.81
CA GLY A 872 3.41 -4.81 -13.67
C GLY A 872 3.92 -6.24 -13.77
N ASP A 873 4.70 -6.65 -12.77
CA ASP A 873 5.24 -7.99 -12.84
C ASP A 873 4.28 -9.04 -12.30
N ARG A 874 3.06 -8.65 -11.93
CA ARG A 874 2.04 -9.57 -11.44
C ARG A 874 0.69 -9.16 -12.00
N LEU A 875 -0.06 -10.13 -12.52
CA LEU A 875 -1.41 -9.90 -13.03
C LEU A 875 -2.41 -10.57 -12.11
N LEU A 876 -3.36 -9.80 -11.58
CA LEU A 876 -4.42 -10.30 -10.73
C LEU A 876 -5.77 -9.97 -11.35
N LEU A 877 -6.61 -10.98 -11.51
CA LEU A 877 -7.99 -10.78 -11.93
C LEU A 877 -8.92 -11.54 -10.99
N THR A 878 -10.15 -11.03 -10.85
CA THR A 878 -11.12 -11.52 -9.88
C THR A 878 -12.44 -11.81 -10.58
N ALA A 879 -13.35 -12.46 -9.85
CA ALA A 879 -14.65 -12.85 -10.39
C ALA A 879 -15.73 -12.74 -9.33
N ASN A 880 -16.82 -12.05 -9.68
CA ASN A 880 -18.02 -11.98 -8.85
C ASN A 880 -19.15 -12.70 -9.57
N VAL A 881 -19.97 -13.42 -8.82
CA VAL A 881 -21.18 -14.02 -9.37
C VAL A 881 -22.37 -13.61 -8.53
N SER A 882 -23.50 -13.39 -9.19
CA SER A 882 -24.73 -12.95 -8.55
C SER A 882 -25.86 -13.20 -9.52
N SER A 883 -27.08 -12.94 -9.07
CA SER A 883 -28.26 -13.01 -9.92
C SER A 883 -28.72 -11.59 -10.23
N GLU A 884 -29.77 -11.49 -11.07
CA GLU A 884 -30.35 -10.18 -11.33
C GLU A 884 -30.98 -9.58 -10.09
N ASN A 885 -31.11 -10.35 -9.02
CA ASN A 885 -31.75 -9.91 -7.79
C ASN A 885 -30.74 -9.42 -6.74
N ASN A 886 -29.51 -9.14 -7.16
CA ASN A 886 -28.69 -8.07 -6.61
C ASN A 886 -27.97 -8.39 -5.30
N THR A 887 -27.71 -9.66 -4.98
CA THR A 887 -26.82 -10.00 -3.86
C THR A 887 -27.24 -9.34 -2.54
N PRO A 888 -28.30 -9.83 -1.90
CA PRO A 888 -28.76 -9.17 -0.66
C PRO A 888 -27.94 -9.47 0.60
N ARG A 889 -26.66 -9.84 0.51
CA ARG A 889 -25.92 -10.27 1.71
C ARG A 889 -24.47 -9.84 1.69
N THR A 890 -23.72 -10.33 2.68
CA THR A 890 -22.50 -9.65 3.17
C THR A 890 -21.23 -10.20 2.53
N SER A 891 -20.88 -11.43 2.86
CA SER A 891 -19.61 -11.99 2.43
C SER A 891 -19.65 -12.21 0.92
N LYS A 892 -18.65 -11.70 0.23
CA LYS A 892 -18.68 -11.65 -1.22
C LYS A 892 -18.19 -12.95 -1.83
N THR A 893 -18.81 -13.33 -2.95
CA THR A 893 -18.49 -14.55 -3.67
C THR A 893 -17.13 -14.52 -4.35
N THR A 894 -16.41 -13.39 -4.22
CA THR A 894 -15.26 -13.11 -5.06
C THR A 894 -14.21 -14.21 -5.03
N PHE A 895 -13.82 -14.66 -6.22
CA PHE A 895 -12.71 -15.57 -6.43
C PHE A 895 -11.64 -14.81 -7.21
N GLN A 896 -10.37 -14.92 -6.79
CA GLN A 896 -9.35 -14.16 -7.48
C GLN A 896 -8.07 -14.97 -7.63
N LEU A 897 -7.31 -14.59 -8.65
CA LEU A 897 -6.19 -15.38 -9.16
C LEU A 897 -5.13 -14.41 -9.64
N GLU A 898 -3.90 -14.56 -9.13
CA GLU A 898 -2.83 -13.62 -9.44
C GLU A 898 -1.60 -14.37 -9.94
N LEU A 899 -1.02 -13.87 -11.02
CA LEU A 899 0.05 -14.51 -11.78
C LEU A 899 1.32 -13.68 -11.79
N PRO A 900 2.46 -14.30 -12.10
CA PRO A 900 3.65 -13.53 -12.46
C PRO A 900 3.65 -13.15 -13.92
N VAL A 901 4.19 -11.96 -14.21
CA VAL A 901 4.09 -11.37 -15.54
C VAL A 901 5.49 -11.23 -16.13
N LYS A 902 5.66 -11.74 -17.33
CA LYS A 902 6.89 -11.60 -18.10
C LYS A 902 6.60 -10.84 -19.39
N TYR A 903 7.62 -10.17 -19.91
CA TYR A 903 7.46 -9.31 -21.08
C TYR A 903 8.39 -9.75 -22.20
N ALA A 904 7.91 -9.61 -23.44
CA ALA A 904 8.62 -10.13 -24.59
C ALA A 904 9.76 -9.20 -25.00
N VAL A 905 10.87 -9.80 -25.45
CA VAL A 905 11.97 -9.07 -26.05
C VAL A 905 12.42 -9.81 -27.29
N TYR A 906 13.20 -9.12 -28.11
CA TYR A 906 13.81 -9.71 -29.31
C TYR A 906 15.25 -9.23 -29.34
N THR A 907 16.17 -10.09 -28.92
CA THR A 907 17.60 -9.77 -28.95
C THR A 907 18.32 -10.75 -29.85
N VAL A 908 19.24 -10.22 -30.65
CA VAL A 908 20.02 -11.01 -31.58
C VAL A 908 21.48 -10.59 -31.49
N VAL A 909 22.38 -11.55 -31.64
CA VAL A 909 23.80 -11.30 -31.80
C VAL A 909 24.30 -12.15 -32.96
N SER A 910 25.25 -11.62 -33.72
CA SER A 910 25.70 -12.31 -34.91
C SER A 910 27.21 -12.16 -35.07
N SER A 911 27.80 -13.16 -35.74
CA SER A 911 29.20 -13.10 -36.08
C SER A 911 29.43 -12.07 -37.19
N HIS A 912 30.33 -11.13 -36.94
CA HIS A 912 30.63 -10.13 -37.95
C HIS A 912 31.61 -10.69 -38.99
N GLU A 913 31.57 -10.09 -40.18
CA GLU A 913 32.35 -10.62 -41.30
C GLU A 913 33.83 -10.28 -41.21
N GLN A 914 34.20 -9.21 -40.51
CA GLN A 914 35.60 -8.75 -40.45
C GLN A 914 36.37 -9.52 -39.39
N PHE A 915 36.64 -10.80 -39.67
CA PHE A 915 37.40 -11.62 -38.73
C PHE A 915 38.55 -12.31 -39.43
N THR A 916 39.68 -12.41 -38.71
CA THR A 916 40.90 -13.08 -39.17
C THR A 916 40.65 -14.57 -39.17
N LYS A 917 40.05 -15.03 -40.24
CA LYS A 917 39.85 -16.46 -40.47
C LYS A 917 41.06 -17.00 -41.23
N TYR A 918 41.58 -18.13 -40.76
CA TYR A 918 42.82 -18.71 -41.28
C TYR A 918 43.98 -17.77 -40.97
N LEU A 919 44.81 -18.14 -39.99
CA LEU A 919 45.91 -17.27 -39.59
C LEU A 919 47.17 -17.62 -40.35
N ASN A 920 47.66 -18.84 -40.14
CA ASN A 920 48.79 -19.52 -40.78
C ASN A 920 49.95 -19.69 -39.81
N PHE A 921 50.98 -20.33 -40.32
CA PHE A 921 52.35 -20.31 -39.85
C PHE A 921 52.98 -21.22 -40.88
N SER A 922 53.77 -22.18 -40.43
CA SER A 922 54.33 -23.25 -41.25
C SER A 922 55.27 -23.95 -40.31
N GLU A 923 56.31 -24.60 -40.82
CA GLU A 923 57.14 -25.40 -39.92
C GLU A 923 57.85 -24.55 -38.86
N SER A 924 58.27 -23.33 -39.19
CA SER A 924 59.44 -22.77 -38.51
C SER A 924 59.10 -21.93 -37.26
N GLU A 925 58.17 -20.97 -37.35
CA GLU A 925 58.06 -19.98 -36.26
C GLU A 925 56.86 -20.31 -35.36
N GLU A 926 57.11 -21.19 -34.41
CA GLU A 926 56.10 -21.54 -33.42
C GLU A 926 56.09 -20.60 -32.22
N LYS A 927 57.24 -20.06 -31.82
CA LYS A 927 57.26 -19.10 -30.74
C LYS A 927 56.45 -17.86 -31.09
N GLU A 928 56.38 -17.52 -32.37
CA GLU A 928 55.66 -16.32 -32.79
C GLU A 928 54.17 -16.44 -32.49
N SER A 929 53.59 -15.33 -32.04
CA SER A 929 52.16 -15.21 -31.83
C SER A 929 51.63 -14.12 -32.77
N HIS A 930 50.35 -14.20 -33.12
CA HIS A 930 49.84 -13.29 -34.13
C HIS A 930 48.51 -12.68 -33.75
N VAL A 931 48.39 -11.38 -34.00
CA VAL A 931 47.21 -10.59 -33.66
C VAL A 931 45.97 -11.18 -34.33
N ALA A 932 45.03 -11.63 -33.51
CA ALA A 932 43.80 -12.24 -33.99
C ALA A 932 42.60 -11.48 -33.43
N MET A 933 41.58 -11.29 -34.27
CA MET A 933 40.41 -10.48 -33.93
C MET A 933 39.15 -11.21 -34.35
N HIS A 934 38.25 -11.46 -33.38
CA HIS A 934 36.89 -11.87 -33.65
C HIS A 934 35.94 -10.74 -33.28
N ARG A 935 34.84 -10.64 -34.02
CA ARG A 935 33.91 -9.51 -33.85
C ARG A 935 32.49 -10.00 -33.89
N TYR A 936 31.68 -9.49 -32.96
CA TYR A 936 30.29 -9.90 -32.80
C TYR A 936 29.40 -8.66 -32.78
N GLN A 937 28.15 -8.83 -33.20
CA GLN A 937 27.25 -7.73 -33.54
C GLN A 937 25.88 -8.01 -32.93
N VAL A 938 25.42 -7.13 -32.02
CA VAL A 938 24.22 -7.37 -31.23
C VAL A 938 23.23 -6.23 -31.44
N ASN A 939 21.94 -6.58 -31.51
CA ASN A 939 20.90 -5.61 -31.87
C ASN A 939 19.60 -5.89 -31.14
N ASN A 940 19.03 -4.84 -30.54
CA ASN A 940 17.76 -4.90 -29.81
C ASN A 940 16.63 -4.68 -30.82
N LEU A 941 16.09 -5.78 -31.34
CA LEU A 941 15.03 -5.73 -32.34
C LEU A 941 13.63 -5.71 -31.73
N GLY A 942 13.51 -5.82 -30.42
CA GLY A 942 12.22 -5.95 -29.77
C GLY A 942 11.48 -4.64 -29.60
N GLN A 943 10.77 -4.53 -28.49
CA GLN A 943 9.98 -3.36 -28.18
C GLN A 943 10.36 -2.69 -26.86
N ARG A 944 11.36 -3.21 -26.15
CA ARG A 944 11.56 -2.82 -24.76
C ARG A 944 13.02 -2.57 -24.44
N ASP A 945 13.29 -1.45 -23.75
CA ASP A 945 14.64 -1.09 -23.31
C ASP A 945 15.08 -2.02 -22.18
N LEU A 946 15.51 -3.19 -22.56
CA LEU A 946 15.85 -4.05 -21.42
C LEU A 946 17.36 -4.08 -21.20
N PRO A 947 17.81 -4.19 -19.94
CA PRO A 947 19.22 -4.48 -19.71
C PRO A 947 19.57 -5.89 -20.18
N VAL A 948 20.83 -6.07 -20.58
CA VAL A 948 21.35 -7.37 -20.99
C VAL A 948 22.76 -7.53 -20.46
N SER A 949 23.30 -8.72 -20.70
CA SER A 949 24.67 -9.04 -20.35
C SER A 949 25.22 -9.86 -21.51
N ILE A 950 26.36 -9.43 -22.06
CA ILE A 950 26.94 -10.08 -23.22
C ILE A 950 28.09 -10.96 -22.76
N ASN A 951 28.13 -12.19 -23.23
CA ASN A 951 29.07 -13.17 -22.73
C ASN A 951 29.87 -13.79 -23.86
N PHE A 952 31.17 -14.00 -23.61
CA PHE A 952 32.12 -14.47 -24.60
C PHE A 952 32.97 -15.59 -24.00
N TRP A 953 33.32 -16.58 -24.82
CA TRP A 953 34.18 -17.69 -24.38
C TRP A 953 35.35 -17.83 -25.33
N VAL A 954 36.57 -17.75 -24.79
CA VAL A 954 37.78 -17.66 -25.60
C VAL A 954 38.84 -18.64 -25.12
N PRO A 955 39.19 -19.66 -25.92
CA PRO A 955 40.29 -20.56 -25.54
C PRO A 955 41.58 -19.79 -25.33
N VAL A 956 42.13 -19.89 -24.12
CA VAL A 956 43.34 -19.19 -23.74
C VAL A 956 44.48 -20.15 -23.43
N GLU A 957 44.17 -21.29 -22.82
CA GLU A 957 45.19 -22.28 -22.47
C GLU A 957 44.67 -23.66 -22.81
N LEU A 958 45.44 -24.40 -23.59
CA LEU A 958 45.18 -25.82 -23.84
C LEU A 958 46.39 -26.59 -23.32
N ASN A 959 46.14 -27.62 -22.51
CA ASN A 959 47.16 -28.45 -21.84
C ASN A 959 48.45 -27.71 -21.57
N GLN A 960 48.36 -26.61 -20.83
CA GLN A 960 49.43 -25.71 -20.37
C GLN A 960 49.92 -24.72 -21.42
N GLU A 961 49.66 -24.93 -22.69
CA GLU A 961 50.20 -24.07 -23.73
C GLU A 961 49.26 -22.90 -23.99
N ALA A 962 49.83 -21.69 -24.05
CA ALA A 962 49.07 -20.53 -24.45
C ALA A 962 48.46 -20.77 -25.83
N VAL A 963 47.19 -20.41 -25.96
CA VAL A 963 46.53 -20.44 -27.26
C VAL A 963 46.34 -18.97 -27.64
N TRP A 964 45.21 -18.39 -27.24
CA TRP A 964 45.13 -16.95 -27.26
C TRP A 964 45.95 -16.38 -26.12
N MET A 965 46.33 -15.11 -26.25
CA MET A 965 47.12 -14.46 -25.22
C MET A 965 46.63 -13.04 -25.09
N ASP A 966 46.72 -12.52 -23.86
CA ASP A 966 46.41 -11.12 -23.54
C ASP A 966 45.14 -10.65 -24.24
N VAL A 967 44.13 -11.52 -24.26
CA VAL A 967 42.85 -11.15 -24.83
C VAL A 967 42.26 -10.01 -24.02
N GLU A 968 41.70 -9.04 -24.73
CA GLU A 968 40.87 -8.02 -24.12
C GLU A 968 39.63 -7.86 -24.97
N VAL A 969 38.60 -7.28 -24.37
CA VAL A 969 37.38 -6.93 -25.09
C VAL A 969 37.45 -5.45 -25.41
N SER A 970 37.53 -5.14 -26.69
CA SER A 970 37.44 -3.77 -27.16
C SER A 970 35.97 -3.48 -27.44
N HIS A 971 35.40 -2.54 -26.68
CA HIS A 971 34.07 -2.03 -26.95
C HIS A 971 34.19 -0.56 -27.31
N PRO A 972 34.36 -0.25 -28.58
CA PRO A 972 34.66 1.13 -28.99
C PRO A 972 33.55 2.14 -28.72
N GLN A 973 32.46 2.03 -29.47
CA GLN A 973 31.39 3.02 -29.40
C GLN A 973 30.52 2.78 -28.18
N ASN A 974 30.28 3.85 -27.42
CA ASN A 974 29.64 3.81 -26.10
C ASN A 974 30.50 3.01 -25.14
N PRO A 975 31.78 3.46 -24.89
CA PRO A 975 32.79 2.65 -24.18
C PRO A 975 32.58 2.65 -22.68
N SER A 976 31.50 2.02 -22.27
CA SER A 976 31.29 1.73 -20.86
C SER A 976 32.21 0.57 -20.51
N LEU A 977 33.41 0.90 -20.03
CA LEU A 977 34.54 -0.02 -19.95
C LEU A 977 34.25 -1.30 -19.18
N ARG A 978 33.04 -1.44 -18.63
CA ARG A 978 32.76 -2.67 -17.90
C ARG A 978 32.78 -3.89 -18.80
N CYS A 979 33.78 -4.72 -18.60
CA CYS A 979 33.73 -6.13 -18.92
C CYS A 979 34.39 -6.86 -17.77
N SER A 980 34.12 -8.16 -17.68
CA SER A 980 34.60 -8.96 -16.56
C SER A 980 35.14 -10.26 -17.11
N SER A 981 36.22 -10.76 -16.52
CA SER A 981 36.88 -11.95 -17.02
C SER A 981 37.08 -12.96 -15.89
N GLU A 982 36.87 -14.23 -16.22
CA GLU A 982 37.05 -15.33 -15.26
C GLU A 982 37.65 -16.52 -15.97
N LYS A 983 38.82 -16.97 -15.50
CA LYS A 983 39.43 -18.18 -16.04
C LYS A 983 38.65 -19.41 -15.61
N ILE A 984 38.63 -20.43 -16.49
CA ILE A 984 37.76 -21.59 -16.32
C ILE A 984 38.52 -22.84 -16.72
N ALA A 985 38.70 -23.76 -15.78
CA ALA A 985 39.34 -25.03 -16.09
C ALA A 985 38.43 -25.87 -16.99
N PRO A 986 39.01 -26.65 -17.90
CA PRO A 986 38.22 -27.23 -19.00
C PRO A 986 37.72 -28.62 -18.67
N PRO A 987 36.63 -29.06 -19.33
CA PRO A 987 36.13 -30.42 -19.14
C PRO A 987 37.16 -31.50 -19.47
N ALA A 988 37.73 -32.13 -18.44
CA ALA A 988 38.75 -33.16 -18.59
C ALA A 988 38.33 -34.22 -19.61
N SER A 989 39.06 -34.31 -20.72
CA SER A 989 38.73 -35.26 -21.77
C SER A 989 40.01 -35.78 -22.42
N ASP A 990 39.82 -36.77 -23.30
CA ASP A 990 40.90 -37.39 -24.06
C ASP A 990 41.10 -36.55 -25.32
N PHE A 991 41.86 -35.46 -25.17
CA PHE A 991 41.85 -34.40 -26.17
C PHE A 991 42.51 -34.82 -27.48
N LEU A 992 43.42 -35.79 -27.48
CA LEU A 992 43.91 -36.32 -28.74
C LEU A 992 42.75 -36.88 -29.56
N ALA A 993 41.99 -37.79 -28.95
CA ALA A 993 40.82 -38.35 -29.62
C ALA A 993 39.77 -37.28 -29.88
N HIS A 994 39.55 -36.39 -28.92
CA HIS A 994 38.51 -35.38 -29.10
C HIS A 994 38.83 -34.44 -30.26
N ILE A 995 40.10 -34.04 -30.38
CA ILE A 995 40.47 -33.19 -31.51
C ILE A 995 40.54 -34.03 -32.78
N GLN A 996 40.83 -35.33 -32.65
CA GLN A 996 40.97 -36.18 -33.83
C GLN A 996 39.69 -36.19 -34.64
N LYS A 997 38.56 -36.44 -34.00
CA LYS A 997 37.26 -36.30 -34.64
C LYS A 997 36.75 -34.90 -34.38
N ASN A 998 36.64 -34.09 -35.44
CA ASN A 998 36.26 -32.68 -35.42
C ASN A 998 37.39 -31.84 -34.83
N PRO A 999 38.44 -31.57 -35.62
CA PRO A 999 39.59 -30.82 -35.10
C PRO A 999 39.31 -29.34 -34.92
N VAL A 1000 38.53 -29.03 -33.90
CA VAL A 1000 38.17 -27.67 -33.54
C VAL A 1000 38.56 -27.44 -32.09
N LEU A 1001 39.17 -26.29 -31.81
CA LEU A 1001 39.51 -25.92 -30.44
C LEU A 1001 38.46 -24.95 -29.91
N ASP A 1002 37.72 -25.40 -28.90
CA ASP A 1002 36.76 -24.54 -28.22
C ASP A 1002 36.87 -24.84 -26.73
N CYS A 1003 35.96 -24.27 -25.95
CA CYS A 1003 36.03 -24.34 -24.51
C CYS A 1003 35.80 -25.73 -23.94
N SER A 1004 35.42 -26.71 -24.77
CA SER A 1004 35.24 -28.07 -24.28
C SER A 1004 36.57 -28.69 -23.85
N ILE A 1005 37.67 -28.30 -24.48
CA ILE A 1005 38.99 -28.80 -24.12
C ILE A 1005 39.89 -27.71 -23.57
N ALA A 1006 39.67 -26.46 -23.95
CA ALA A 1006 40.59 -25.39 -23.63
C ALA A 1006 40.22 -24.73 -22.30
N GLY A 1007 41.22 -24.50 -21.46
CA GLY A 1007 41.04 -23.57 -20.36
C GLY A 1007 40.58 -22.26 -20.97
N CYS A 1008 39.45 -21.75 -20.53
CA CYS A 1008 38.85 -20.64 -21.24
C CYS A 1008 38.87 -19.36 -20.41
N LEU A 1009 38.67 -18.26 -21.12
CA LEU A 1009 38.36 -16.99 -20.51
C LEU A 1009 36.90 -16.73 -20.81
N ARG A 1010 36.15 -16.35 -19.78
CA ARG A 1010 34.76 -15.98 -19.94
C ARG A 1010 34.66 -14.48 -19.72
N PHE A 1011 34.05 -13.79 -20.67
CA PHE A 1011 33.89 -12.34 -20.57
C PHE A 1011 32.42 -12.03 -20.34
N ARG A 1012 32.14 -11.19 -19.36
CA ARG A 1012 30.80 -10.70 -19.10
C ARG A 1012 30.83 -9.18 -19.19
N CYS A 1013 30.17 -8.63 -20.21
CA CYS A 1013 30.05 -7.18 -20.37
C CYS A 1013 28.58 -6.83 -20.16
N ASP A 1014 28.29 -6.14 -19.07
CA ASP A 1014 26.92 -5.84 -18.69
C ASP A 1014 26.47 -4.52 -19.32
N VAL A 1015 25.37 -4.58 -20.07
CA VAL A 1015 24.77 -3.41 -20.69
C VAL A 1015 23.69 -2.86 -19.77
N PRO A 1016 23.92 -1.70 -19.15
CA PRO A 1016 22.96 -1.22 -18.13
C PRO A 1016 21.60 -0.79 -18.68
N SER A 1017 21.49 -0.53 -19.98
CA SER A 1017 20.21 -0.15 -20.55
C SER A 1017 20.23 -0.31 -22.07
N PHE A 1018 20.12 -1.55 -22.55
CA PHE A 1018 20.21 -1.85 -23.98
C PHE A 1018 18.90 -1.45 -24.66
N SER A 1019 18.69 -0.14 -24.77
CA SER A 1019 17.47 0.41 -25.35
C SER A 1019 17.19 -0.20 -26.72
N VAL A 1020 15.93 -0.19 -27.17
CA VAL A 1020 15.61 -0.78 -28.45
C VAL A 1020 16.46 -0.23 -29.59
N GLN A 1021 16.52 -0.98 -30.69
CA GLN A 1021 17.11 -0.56 -31.96
C GLN A 1021 18.58 -0.17 -31.84
N GLU A 1022 19.09 -0.07 -30.62
CA GLU A 1022 20.50 0.20 -30.38
C GLU A 1022 21.34 -0.96 -30.92
N GLU A 1023 22.44 -0.63 -31.59
CA GLU A 1023 23.43 -1.62 -32.01
C GLU A 1023 24.66 -1.49 -31.14
N LEU A 1024 25.30 -2.61 -30.83
CA LEU A 1024 26.56 -2.59 -30.12
C LEU A 1024 27.55 -3.49 -30.85
N ASP A 1025 28.81 -3.09 -30.87
CA ASP A 1025 29.87 -3.84 -31.54
C ASP A 1025 30.93 -4.20 -30.52
N PHE A 1026 31.17 -5.50 -30.36
CA PHE A 1026 32.17 -6.00 -29.44
C PHE A 1026 33.21 -6.80 -30.21
N THR A 1027 34.47 -6.67 -29.82
CA THR A 1027 35.56 -7.35 -30.50
C THR A 1027 36.49 -8.01 -29.49
N LEU A 1028 36.96 -9.20 -29.83
CA LEU A 1028 37.93 -9.95 -29.04
C LEU A 1028 39.28 -9.90 -29.77
N LYS A 1029 40.32 -9.47 -29.06
CA LYS A 1029 41.59 -9.18 -29.72
C LYS A 1029 42.77 -9.69 -28.91
N GLY A 1030 43.70 -10.39 -29.57
CA GLY A 1030 44.89 -10.86 -28.91
C GLY A 1030 45.73 -11.78 -29.77
N ASN A 1031 47.04 -11.82 -29.51
CA ASN A 1031 47.95 -12.63 -30.30
C ASN A 1031 47.66 -14.11 -30.11
N LEU A 1032 47.27 -14.78 -31.18
CA LEU A 1032 47.06 -16.24 -31.16
C LEU A 1032 48.42 -16.92 -31.29
N SER A 1033 48.81 -17.64 -30.25
CA SER A 1033 50.06 -18.39 -30.28
C SER A 1033 49.95 -19.57 -31.23
N PHE A 1034 51.10 -19.96 -31.77
CA PHE A 1034 51.18 -21.12 -32.66
C PHE A 1034 51.70 -22.36 -31.95
N GLY A 1035 52.28 -22.21 -30.76
CA GLY A 1035 53.07 -23.29 -30.18
C GLY A 1035 52.26 -24.51 -29.75
N TRP A 1036 51.00 -24.30 -29.39
CA TRP A 1036 50.19 -25.39 -28.88
C TRP A 1036 49.82 -26.42 -29.95
N VAL A 1037 49.96 -26.07 -31.23
CA VAL A 1037 49.43 -26.92 -32.30
C VAL A 1037 50.17 -28.25 -32.35
N ARG A 1038 51.48 -28.24 -32.08
CA ARG A 1038 52.23 -29.49 -32.11
C ARG A 1038 51.68 -30.50 -31.11
N GLN A 1039 51.07 -30.01 -30.02
CA GLN A 1039 50.51 -30.91 -29.01
C GLN A 1039 49.46 -31.84 -29.61
N ILE A 1040 48.65 -31.34 -30.54
CA ILE A 1040 47.48 -32.07 -31.01
C ILE A 1040 47.75 -32.91 -32.24
N LEU A 1041 48.92 -32.76 -32.87
CA LEU A 1041 49.40 -33.69 -33.90
C LEU A 1041 48.48 -33.70 -35.13
N GLN A 1042 47.94 -32.53 -35.49
CA GLN A 1042 47.21 -32.41 -36.74
C GLN A 1042 47.64 -31.12 -37.43
N LYS A 1043 47.33 -31.03 -38.72
CA LYS A 1043 47.76 -29.94 -39.57
C LYS A 1043 46.71 -28.84 -39.70
N LYS A 1044 45.44 -29.16 -39.42
CA LYS A 1044 44.31 -28.36 -39.90
C LYS A 1044 43.39 -27.86 -38.79
N VAL A 1045 43.92 -27.55 -37.60
CA VAL A 1045 43.06 -27.21 -36.47
C VAL A 1045 42.42 -25.84 -36.66
N SER A 1046 41.17 -25.69 -36.22
CA SER A 1046 40.49 -24.41 -36.16
C SER A 1046 40.23 -24.01 -34.71
N VAL A 1047 39.93 -22.73 -34.50
CA VAL A 1047 39.81 -22.15 -33.16
C VAL A 1047 38.56 -21.27 -33.13
N VAL A 1048 37.71 -21.48 -32.11
CA VAL A 1048 36.37 -20.90 -32.08
C VAL A 1048 36.10 -20.19 -30.77
N SER A 1049 35.49 -19.02 -30.85
CA SER A 1049 34.89 -18.34 -29.71
C SER A 1049 33.38 -18.31 -29.86
N VAL A 1050 32.68 -18.14 -28.74
CA VAL A 1050 31.22 -18.12 -28.71
C VAL A 1050 30.76 -16.83 -28.04
N ALA A 1051 29.58 -16.35 -28.44
CA ALA A 1051 28.92 -15.22 -27.79
C ALA A 1051 27.50 -15.61 -27.42
N GLU A 1052 27.01 -15.08 -26.30
CA GLU A 1052 25.66 -15.36 -25.82
C GLU A 1052 25.11 -14.12 -25.13
N ILE A 1053 23.88 -13.73 -25.50
CA ILE A 1053 23.17 -12.66 -24.83
C ILE A 1053 22.42 -13.23 -23.64
N THR A 1054 22.55 -12.61 -22.47
CA THR A 1054 21.75 -12.96 -21.32
C THR A 1054 21.04 -11.72 -20.78
N PHE A 1055 19.90 -11.96 -20.14
CA PHE A 1055 19.17 -10.92 -19.43
C PHE A 1055 18.43 -11.59 -18.28
N ASP A 1056 17.78 -10.78 -17.45
CA ASP A 1056 16.98 -11.30 -16.35
C ASP A 1056 15.81 -12.11 -16.89
N THR A 1057 15.93 -13.44 -16.87
CA THR A 1057 14.92 -14.31 -17.45
C THR A 1057 13.62 -14.33 -16.66
N SER A 1058 13.61 -13.82 -15.43
CA SER A 1058 12.39 -13.76 -14.64
C SER A 1058 11.47 -12.64 -15.10
N VAL A 1059 12.03 -11.54 -15.60
CA VAL A 1059 11.27 -10.37 -15.99
C VAL A 1059 10.96 -10.37 -17.48
N TYR A 1060 11.96 -10.66 -18.30
CA TYR A 1060 11.85 -10.68 -19.74
C TYR A 1060 12.04 -12.09 -20.26
N SER A 1061 11.37 -12.40 -21.35
CA SER A 1061 11.60 -13.62 -22.11
C SER A 1061 11.60 -13.26 -23.58
N GLN A 1062 12.54 -13.84 -24.33
CA GLN A 1062 12.62 -13.53 -25.75
C GLN A 1062 11.53 -14.26 -26.51
N LEU A 1063 10.99 -13.58 -27.53
CA LEU A 1063 9.97 -14.10 -28.44
C LEU A 1063 10.22 -15.56 -28.77
N PRO A 1064 9.17 -16.38 -28.87
CA PRO A 1064 9.37 -17.81 -29.04
C PRO A 1064 9.99 -18.15 -30.39
N GLY A 1065 10.73 -19.25 -30.42
CA GLY A 1065 11.35 -19.70 -31.65
C GLY A 1065 12.63 -18.96 -31.97
N GLN A 1066 12.50 -17.66 -32.25
CA GLN A 1066 13.65 -16.83 -32.57
C GLN A 1066 14.48 -16.59 -31.32
N GLU A 1067 14.95 -17.67 -30.70
CA GLU A 1067 15.71 -17.61 -29.46
C GLU A 1067 17.12 -18.18 -29.60
N ALA A 1068 17.39 -18.91 -30.69
CA ALA A 1068 18.76 -19.32 -30.98
C ALA A 1068 19.64 -18.12 -31.29
N PHE A 1069 19.04 -17.06 -31.83
CA PHE A 1069 19.69 -15.86 -32.36
C PHE A 1069 20.35 -15.03 -31.30
N MET A 1070 20.43 -15.44 -30.04
CA MET A 1070 21.20 -14.73 -29.03
C MET A 1070 22.45 -15.50 -28.61
N ARG A 1071 22.88 -16.44 -29.42
CA ARG A 1071 24.13 -17.16 -29.19
C ARG A 1071 24.81 -17.37 -30.55
N ALA A 1072 26.04 -16.88 -30.70
CA ALA A 1072 26.72 -16.78 -31.98
C ALA A 1072 28.16 -17.33 -31.88
N GLN A 1073 28.85 -17.36 -33.02
CA GLN A 1073 30.05 -18.18 -33.18
C GLN A 1073 30.92 -17.60 -34.29
N THR A 1074 32.24 -17.54 -34.06
CA THR A 1074 33.21 -17.06 -35.03
C THR A 1074 34.46 -17.92 -34.97
N THR A 1075 35.07 -18.19 -36.14
CA THR A 1075 36.13 -19.18 -36.25
C THR A 1075 37.35 -18.62 -36.97
N THR A 1076 38.53 -18.97 -36.46
CA THR A 1076 39.81 -18.74 -37.10
C THR A 1076 40.49 -20.09 -37.31
N VAL A 1077 41.24 -20.21 -38.40
CA VAL A 1077 41.83 -21.49 -38.81
C VAL A 1077 43.35 -21.41 -38.70
N LEU A 1078 43.97 -22.43 -38.12
CA LEU A 1078 45.41 -22.55 -38.09
C LEU A 1078 45.86 -23.65 -39.04
N GLU A 1079 46.95 -23.41 -39.77
CA GLU A 1079 47.47 -24.44 -40.66
C GLU A 1079 48.99 -24.48 -40.62
N LYS A 1080 49.50 -25.63 -40.18
CA LYS A 1080 50.90 -25.98 -40.25
C LYS A 1080 51.39 -26.10 -41.68
N GLN B 1 -28.37 -31.69 -45.68
CA GLN B 1 -26.98 -31.69 -45.26
C GLN B 1 -26.73 -30.65 -44.18
N GLU B 2 -27.13 -29.41 -44.46
CA GLU B 2 -26.98 -28.33 -43.49
C GLU B 2 -28.12 -27.35 -43.68
N CYS B 3 -28.75 -26.95 -42.57
CA CYS B 3 -29.81 -25.95 -42.61
C CYS B 3 -29.85 -25.24 -41.26
N THR B 4 -29.49 -23.96 -41.25
CA THR B 4 -29.66 -23.08 -40.12
C THR B 4 -30.80 -22.12 -40.43
N LYS B 5 -31.69 -21.92 -39.47
CA LYS B 5 -32.87 -21.11 -39.69
C LYS B 5 -32.54 -19.64 -39.49
N PHE B 6 -32.76 -18.84 -40.53
CA PHE B 6 -33.07 -17.42 -40.38
C PHE B 6 -34.58 -17.33 -40.15
N LYS B 7 -35.15 -16.12 -40.11
CA LYS B 7 -36.58 -16.01 -39.88
C LYS B 7 -37.36 -16.82 -40.91
N VAL B 8 -38.11 -17.81 -40.45
CA VAL B 8 -38.87 -18.71 -41.33
C VAL B 8 -40.37 -18.49 -41.15
N SER B 9 -40.95 -17.58 -41.94
CA SER B 9 -42.39 -17.40 -41.92
C SER B 9 -43.06 -17.87 -43.22
N SER B 10 -42.31 -18.50 -44.14
CA SER B 10 -42.89 -19.00 -45.37
C SER B 10 -41.89 -19.95 -46.04
N CYS B 11 -42.30 -20.47 -47.20
CA CYS B 11 -41.40 -21.26 -48.04
C CYS B 11 -40.20 -20.44 -48.48
N ARG B 12 -40.45 -19.22 -48.95
CA ARG B 12 -39.37 -18.38 -49.44
C ARG B 12 -38.34 -18.10 -48.36
N GLU B 13 -38.79 -17.73 -47.16
CA GLU B 13 -37.86 -17.41 -46.09
C GLU B 13 -37.10 -18.66 -45.62
N CYS B 14 -37.71 -19.83 -45.75
CA CYS B 14 -36.96 -21.07 -45.54
C CYS B 14 -35.86 -21.20 -46.57
N ILE B 15 -36.18 -20.91 -47.84
CA ILE B 15 -35.19 -21.03 -48.92
C ILE B 15 -34.05 -20.05 -48.72
N GLU B 16 -34.37 -18.80 -48.34
CA GLU B 16 -33.34 -17.79 -48.13
C GLU B 16 -32.45 -18.10 -46.92
N SER B 17 -32.78 -19.11 -46.13
CA SER B 17 -31.93 -19.53 -45.02
C SER B 17 -30.75 -20.38 -45.46
N GLY B 18 -30.75 -20.88 -46.70
CA GLY B 18 -29.60 -21.59 -47.20
C GLY B 18 -29.89 -22.67 -48.22
N PRO B 19 -28.82 -23.16 -48.86
CA PRO B 19 -28.98 -24.17 -49.92
C PRO B 19 -29.63 -25.47 -49.45
N GLY B 20 -29.26 -25.94 -48.27
CA GLY B 20 -29.79 -27.18 -47.74
C GLY B 20 -31.09 -27.07 -46.99
N CYS B 21 -31.75 -25.92 -47.02
CA CYS B 21 -32.99 -25.73 -46.29
C CYS B 21 -34.18 -26.02 -47.20
N THR B 22 -35.04 -26.93 -46.77
CA THR B 22 -36.18 -27.39 -47.55
C THR B 22 -37.46 -27.20 -46.73
N TRP B 23 -38.59 -27.18 -47.43
CA TRP B 23 -39.86 -26.76 -46.84
C TRP B 23 -40.92 -27.81 -47.11
N CYS B 24 -41.55 -28.32 -46.04
CA CYS B 24 -42.62 -29.31 -46.15
C CYS B 24 -43.97 -28.62 -46.21
N GLN B 25 -44.79 -28.98 -47.21
CA GLN B 25 -46.09 -28.38 -47.40
C GLN B 25 -47.24 -29.24 -46.88
N LYS B 26 -46.96 -30.44 -46.38
CA LYS B 26 -48.02 -31.34 -45.92
C LYS B 26 -48.87 -30.66 -44.84
N LEU B 27 -50.18 -30.67 -45.05
CA LEU B 27 -51.08 -29.99 -44.12
C LEU B 27 -51.15 -30.74 -42.80
N ASN B 28 -51.15 -29.99 -41.70
CA ASN B 28 -51.13 -30.54 -40.35
C ASN B 28 -49.97 -31.51 -40.15
N PHE B 29 -48.87 -31.25 -40.87
CA PHE B 29 -47.56 -31.78 -40.49
C PHE B 29 -47.10 -31.14 -39.20
N THR B 30 -47.37 -29.85 -39.04
CA THR B 30 -47.28 -29.13 -37.77
C THR B 30 -47.99 -29.89 -36.66
N GLY B 31 -47.24 -30.40 -35.69
CA GLY B 31 -47.84 -30.96 -34.51
C GLY B 31 -48.45 -29.84 -33.69
N PRO B 32 -49.56 -30.10 -33.02
CA PRO B 32 -50.17 -29.07 -32.17
C PRO B 32 -49.20 -28.47 -31.16
N GLY B 33 -48.18 -29.22 -30.74
CA GLY B 33 -47.10 -28.72 -29.92
C GLY B 33 -45.79 -28.49 -30.65
N ASP B 34 -45.76 -28.67 -31.97
CA ASP B 34 -44.57 -28.52 -32.79
C ASP B 34 -44.81 -27.42 -33.83
N PRO B 35 -44.48 -26.17 -33.50
CA PRO B 35 -44.87 -25.05 -34.35
C PRO B 35 -44.05 -24.93 -35.63
N ASP B 36 -44.53 -24.03 -36.48
CA ASP B 36 -44.24 -23.89 -37.92
C ASP B 36 -42.77 -23.99 -38.33
N SER B 37 -41.85 -23.53 -37.49
CA SER B 37 -40.44 -23.53 -37.87
C SER B 37 -39.96 -24.92 -38.25
N ILE B 38 -40.57 -25.96 -37.67
CA ILE B 38 -40.13 -27.34 -37.88
C ILE B 38 -40.30 -27.78 -39.34
N ARG B 39 -41.09 -27.06 -40.12
CA ARG B 39 -41.27 -27.41 -41.52
C ARG B 39 -40.05 -27.08 -42.38
N CYS B 40 -39.05 -26.40 -41.83
CA CYS B 40 -37.88 -25.96 -42.58
C CYS B 40 -36.65 -26.65 -42.01
N ASP B 41 -36.10 -27.60 -42.77
CA ASP B 41 -34.97 -28.40 -42.32
C ASP B 41 -34.31 -29.02 -43.54
N THR B 42 -33.43 -29.99 -43.32
CA THR B 42 -32.90 -30.76 -44.44
C THR B 42 -33.98 -31.69 -44.97
N ARG B 43 -33.85 -32.04 -46.25
CA ARG B 43 -34.79 -33.00 -46.84
C ARG B 43 -34.78 -34.33 -46.11
N PRO B 44 -33.63 -34.92 -45.73
CA PRO B 44 -33.70 -36.15 -44.93
C PRO B 44 -34.46 -35.99 -43.63
N GLN B 45 -34.37 -34.83 -42.97
CA GLN B 45 -35.07 -34.64 -41.71
C GLN B 45 -36.57 -34.58 -41.91
N LEU B 46 -37.03 -33.84 -42.92
CA LEU B 46 -38.46 -33.77 -43.20
C LEU B 46 -39.01 -35.15 -43.54
N LEU B 47 -38.24 -35.96 -44.27
CA LEU B 47 -38.67 -37.32 -44.60
C LEU B 47 -38.76 -38.19 -43.36
N MET B 48 -37.73 -38.14 -42.49
CA MET B 48 -37.77 -38.89 -41.25
C MET B 48 -38.95 -38.48 -40.37
N ARG B 49 -39.33 -37.21 -40.41
CA ARG B 49 -40.47 -36.69 -39.65
C ARG B 49 -41.81 -37.00 -40.30
N GLY B 50 -41.83 -37.75 -41.40
CA GLY B 50 -43.07 -38.15 -42.02
C GLY B 50 -43.59 -37.25 -43.11
N CYS B 51 -42.82 -36.25 -43.53
CA CYS B 51 -43.25 -35.41 -44.63
C CYS B 51 -43.20 -36.19 -45.94
N ALA B 52 -44.30 -36.18 -46.68
CA ALA B 52 -44.31 -36.81 -47.99
C ALA B 52 -43.24 -36.18 -48.87
N ALA B 53 -42.50 -37.03 -49.60
CA ALA B 53 -41.38 -36.55 -50.40
C ALA B 53 -41.81 -35.52 -51.42
N ASP B 54 -42.96 -35.73 -52.06
CA ASP B 54 -43.50 -34.83 -53.06
C ASP B 54 -43.98 -33.51 -52.46
N ASP B 55 -44.11 -33.44 -51.14
CA ASP B 55 -44.50 -32.19 -50.48
C ASP B 55 -43.31 -31.39 -50.00
N ILE B 56 -42.09 -31.83 -50.28
CA ILE B 56 -40.88 -31.12 -49.89
C ILE B 56 -40.44 -30.24 -51.05
N MET B 57 -40.63 -28.93 -50.91
CA MET B 57 -40.21 -27.99 -51.93
C MET B 57 -38.72 -27.78 -51.85
N ASP B 58 -38.04 -27.85 -53.00
CA ASP B 58 -36.59 -27.71 -53.07
C ASP B 58 -36.23 -27.13 -54.42
N PRO B 59 -36.28 -25.81 -54.56
CA PRO B 59 -35.78 -25.19 -55.78
C PRO B 59 -34.29 -25.49 -55.92
N THR B 60 -33.91 -26.05 -57.07
CA THR B 60 -32.53 -26.40 -57.33
C THR B 60 -31.97 -25.56 -58.46
N SER B 61 -30.70 -25.21 -58.36
CA SER B 61 -30.05 -24.39 -59.37
C SER B 61 -29.78 -25.22 -60.62
N LEU B 62 -30.02 -24.64 -61.79
CA LEU B 62 -29.81 -25.34 -63.04
C LEU B 62 -29.46 -24.34 -64.13
N ALA B 63 -28.85 -24.87 -65.20
CA ALA B 63 -28.43 -24.09 -66.35
C ALA B 63 -29.08 -24.66 -67.61
N GLU B 64 -29.54 -23.76 -68.48
CA GLU B 64 -30.27 -24.12 -69.69
C GLU B 64 -29.44 -23.71 -70.91
N THR B 65 -29.13 -24.67 -71.77
CA THR B 65 -28.21 -24.48 -72.88
C THR B 65 -29.00 -24.32 -74.18
N GLN B 66 -29.20 -23.07 -74.59
CA GLN B 66 -29.93 -22.73 -75.82
C GLN B 66 -28.91 -22.33 -76.88
N GLU B 67 -28.53 -23.28 -77.72
CA GLU B 67 -27.49 -23.04 -78.71
C GLU B 67 -28.06 -22.30 -79.92
N ASP B 68 -27.22 -21.45 -80.51
CA ASP B 68 -27.66 -20.36 -81.40
C ASP B 68 -27.82 -20.86 -82.82
N HIS B 69 -29.03 -21.27 -83.16
CA HIS B 69 -29.42 -21.61 -84.53
C HIS B 69 -28.49 -22.62 -85.20
N ASN B 70 -27.92 -22.21 -86.33
CA ASN B 70 -27.13 -23.09 -87.17
C ASN B 70 -26.27 -22.24 -88.09
N GLY B 71 -25.20 -22.85 -88.61
CA GLY B 71 -24.32 -22.18 -89.55
C GLY B 71 -23.18 -21.43 -88.91
N GLY B 72 -21.96 -21.61 -89.44
CA GLY B 72 -20.82 -20.87 -88.94
C GLY B 72 -19.65 -21.73 -88.55
N GLN B 73 -19.39 -21.85 -87.26
CA GLN B 73 -18.25 -22.59 -86.76
C GLN B 73 -18.68 -23.47 -85.59
N LYS B 74 -17.81 -24.43 -85.27
CA LYS B 74 -17.97 -25.29 -84.10
C LYS B 74 -16.84 -25.01 -83.12
N GLN B 75 -16.61 -23.74 -82.82
CA GLN B 75 -15.45 -23.28 -82.07
C GLN B 75 -15.76 -22.94 -80.62
N LEU B 76 -16.87 -22.26 -80.35
CA LEU B 76 -17.22 -21.88 -78.99
C LEU B 76 -18.70 -22.11 -78.75
N SER B 77 -19.02 -22.97 -77.78
CA SER B 77 -20.39 -23.31 -77.44
C SER B 77 -20.51 -23.65 -75.95
N PRO B 78 -21.71 -23.53 -75.36
CA PRO B 78 -22.98 -23.03 -75.92
C PRO B 78 -23.02 -21.51 -76.01
N GLN B 79 -23.92 -20.98 -76.84
CA GLN B 79 -23.95 -19.55 -77.12
C GLN B 79 -24.93 -18.78 -76.24
N LYS B 80 -25.85 -19.48 -75.57
CA LYS B 80 -26.80 -18.83 -74.67
C LYS B 80 -27.08 -19.76 -73.51
N VAL B 81 -26.72 -19.34 -72.30
CA VAL B 81 -26.96 -20.12 -71.10
C VAL B 81 -27.84 -19.30 -70.17
N THR B 82 -29.04 -19.80 -69.88
CA THR B 82 -29.96 -19.17 -68.95
C THR B 82 -29.84 -19.86 -67.60
N LEU B 83 -29.65 -19.07 -66.54
CA LEU B 83 -29.43 -19.61 -65.20
C LEU B 83 -30.68 -19.41 -64.35
N TYR B 84 -31.06 -20.48 -63.63
CA TYR B 84 -32.08 -20.43 -62.59
C TYR B 84 -31.30 -20.67 -61.30
N LEU B 85 -30.85 -19.58 -60.68
CA LEU B 85 -29.81 -19.61 -59.65
C LEU B 85 -30.43 -19.38 -58.27
N ARG B 86 -30.25 -20.36 -57.36
CA ARG B 86 -30.71 -20.26 -55.97
C ARG B 86 -29.55 -19.86 -55.08
N PRO B 87 -29.76 -18.90 -54.16
CA PRO B 87 -28.67 -18.42 -53.32
C PRO B 87 -27.92 -19.54 -52.63
N GLY B 88 -26.59 -19.51 -52.77
CA GLY B 88 -25.72 -20.49 -52.17
C GLY B 88 -25.64 -21.82 -52.87
N GLN B 89 -26.49 -22.06 -53.87
CA GLN B 89 -26.47 -23.28 -54.66
C GLN B 89 -25.80 -22.98 -55.99
N ALA B 90 -24.66 -23.62 -56.24
CA ALA B 90 -23.85 -23.32 -57.42
C ALA B 90 -24.58 -23.79 -58.68
N ALA B 91 -24.65 -22.90 -59.67
CA ALA B 91 -25.19 -23.23 -60.99
C ALA B 91 -24.01 -23.42 -61.93
N ALA B 92 -23.67 -24.67 -62.22
CA ALA B 92 -22.50 -25.00 -63.03
C ALA B 92 -22.95 -25.46 -64.41
N PHE B 93 -22.42 -24.80 -65.44
CA PHE B 93 -22.60 -25.24 -66.82
C PHE B 93 -21.25 -25.33 -67.51
N ASN B 94 -21.23 -26.01 -68.65
CA ASN B 94 -20.01 -26.43 -69.32
C ASN B 94 -19.85 -25.78 -70.68
N VAL B 95 -18.71 -25.13 -70.90
CA VAL B 95 -18.41 -24.43 -72.14
C VAL B 95 -17.37 -25.23 -72.91
N THR B 96 -17.66 -25.51 -74.18
CA THR B 96 -16.77 -26.25 -75.07
C THR B 96 -16.06 -25.27 -75.99
N PHE B 97 -14.72 -25.38 -76.06
CA PHE B 97 -13.95 -24.53 -76.96
C PHE B 97 -13.07 -25.41 -77.85
N ARG B 98 -13.19 -25.23 -79.16
CA ARG B 98 -12.46 -26.02 -80.13
C ARG B 98 -12.16 -25.14 -81.34
N ARG B 99 -11.17 -24.26 -81.21
CA ARG B 99 -10.73 -23.46 -82.35
C ARG B 99 -9.99 -24.37 -83.33
N ALA B 100 -10.47 -24.40 -84.57
CA ALA B 100 -9.85 -25.16 -85.64
C ALA B 100 -9.67 -24.26 -86.84
N LYS B 101 -10.81 -23.73 -87.31
CA LYS B 101 -10.88 -22.84 -88.46
C LYS B 101 -9.88 -21.70 -88.34
N GLY B 102 -8.99 -21.61 -89.32
CA GLY B 102 -8.18 -20.42 -89.46
C GLY B 102 -9.00 -19.24 -89.89
N TYR B 103 -8.57 -18.06 -89.49
CA TYR B 103 -9.24 -16.81 -89.81
C TYR B 103 -8.21 -15.82 -90.33
N PRO B 104 -8.66 -14.78 -91.04
CA PRO B 104 -7.71 -13.77 -91.53
C PRO B 104 -6.98 -13.08 -90.39
N ILE B 105 -5.93 -12.33 -90.75
CA ILE B 105 -5.02 -11.78 -89.75
C ILE B 105 -4.46 -10.44 -90.24
N ASP B 106 -4.51 -9.43 -89.38
CA ASP B 106 -3.89 -8.14 -89.62
C ASP B 106 -2.65 -8.00 -88.75
N LEU B 107 -1.53 -7.58 -89.33
CA LEU B 107 -0.30 -7.35 -88.59
C LEU B 107 0.14 -5.91 -88.80
N TYR B 108 0.39 -5.20 -87.71
CA TYR B 108 0.80 -3.80 -87.71
C TYR B 108 2.10 -3.68 -86.94
N TYR B 109 3.15 -3.22 -87.63
CA TYR B 109 4.50 -3.17 -87.08
C TYR B 109 4.75 -1.81 -86.43
N LEU B 110 5.25 -1.82 -85.19
CA LEU B 110 5.56 -0.60 -84.45
C LEU B 110 7.07 -0.48 -84.30
N MET B 111 7.64 0.56 -84.90
CA MET B 111 9.08 0.68 -85.08
C MET B 111 9.65 1.79 -84.20
N ASP B 112 10.57 1.42 -83.31
CA ASP B 112 11.41 2.40 -82.63
C ASP B 112 12.33 3.02 -83.69
N LEU B 113 12.20 4.34 -83.88
CA LEU B 113 13.01 5.01 -84.89
C LEU B 113 14.03 5.96 -84.26
N SER B 114 14.76 5.48 -83.28
CA SER B 114 15.82 6.27 -82.67
C SER B 114 17.16 5.95 -83.32
N TYR B 115 18.17 6.73 -82.93
CA TYR B 115 19.52 6.57 -83.45
C TYR B 115 20.08 5.17 -83.23
N SER B 116 19.54 4.42 -82.27
CA SER B 116 20.03 3.08 -81.97
C SER B 116 19.48 2.01 -82.91
N MET B 117 18.53 2.35 -83.78
CA MET B 117 17.77 1.36 -84.52
C MET B 117 18.05 1.36 -86.02
N LEU B 118 19.10 2.05 -86.46
CA LEU B 118 19.38 2.10 -87.90
C LEU B 118 19.71 0.71 -88.45
N ASP B 119 20.47 -0.09 -87.69
CA ASP B 119 20.77 -1.45 -88.11
C ASP B 119 19.52 -2.32 -88.21
N ASP B 120 18.45 -1.94 -87.51
CA ASP B 120 17.17 -2.62 -87.65
C ASP B 120 16.33 -2.02 -88.77
N LEU B 121 16.45 -0.70 -89.00
CA LEU B 121 15.59 -0.01 -89.95
C LEU B 121 15.90 -0.43 -91.38
N ARG B 122 17.18 -0.39 -91.77
CA ARG B 122 17.56 -0.80 -93.12
C ARG B 122 17.13 -2.23 -93.40
N ASN B 123 17.23 -3.11 -92.40
CA ASN B 123 16.91 -4.52 -92.60
C ASN B 123 15.43 -4.73 -92.85
N VAL B 124 14.57 -4.20 -91.96
CA VAL B 124 13.15 -4.46 -92.07
C VAL B 124 12.51 -3.72 -93.24
N LYS B 125 13.17 -2.69 -93.77
CA LYS B 125 12.65 -2.00 -94.95
C LYS B 125 12.49 -2.96 -96.13
N LYS B 126 13.25 -4.05 -96.16
CA LYS B 126 13.33 -4.93 -97.32
C LYS B 126 12.70 -6.30 -97.10
N LEU B 127 11.92 -6.49 -96.04
CA LEU B 127 11.45 -7.82 -95.66
C LEU B 127 9.97 -8.07 -95.98
N GLY B 128 9.28 -7.15 -96.65
CA GLY B 128 7.84 -7.27 -96.78
C GLY B 128 7.40 -8.52 -97.52
N GLY B 129 8.27 -9.09 -98.32
CA GLY B 129 7.95 -10.31 -99.03
C GLY B 129 7.89 -11.53 -98.12
N ASP B 130 8.99 -11.77 -97.39
CA ASP B 130 9.03 -12.87 -96.42
C ASP B 130 7.89 -12.78 -95.42
N LEU B 131 7.45 -11.56 -95.09
CA LEU B 131 6.41 -11.39 -94.08
C LEU B 131 5.08 -11.93 -94.57
N LEU B 132 4.67 -11.54 -95.79
CA LEU B 132 3.43 -12.09 -96.35
C LEU B 132 3.57 -13.58 -96.61
N ARG B 133 4.78 -14.03 -97.00
CA ARG B 133 5.00 -15.44 -97.28
C ARG B 133 4.75 -16.30 -96.04
N ALA B 134 5.22 -15.84 -94.88
CA ALA B 134 5.07 -16.63 -93.67
C ALA B 134 3.64 -16.57 -93.13
N LEU B 135 3.01 -15.39 -93.21
CA LEU B 135 1.64 -15.26 -92.72
C LEU B 135 0.69 -16.22 -93.43
N ASN B 136 0.83 -16.34 -94.75
CA ASN B 136 -0.11 -17.11 -95.56
C ASN B 136 0.22 -18.59 -95.59
N GLU B 137 1.17 -19.04 -94.76
CA GLU B 137 1.32 -20.47 -94.54
C GLU B 137 0.20 -21.03 -93.68
N ILE B 138 -0.40 -20.19 -92.85
CA ILE B 138 -1.40 -20.60 -91.86
C ILE B 138 -2.75 -19.94 -92.15
N THR B 139 -2.77 -18.62 -92.27
CA THR B 139 -3.96 -17.87 -92.62
C THR B 139 -3.98 -17.61 -94.11
N GLU B 140 -5.10 -17.12 -94.62
CA GLU B 140 -5.20 -16.78 -96.03
C GLU B 140 -5.20 -15.27 -96.19
N SER B 141 -4.18 -14.75 -96.90
CA SER B 141 -4.06 -13.36 -97.30
C SER B 141 -3.98 -12.45 -96.06
N GLY B 142 -2.80 -12.53 -95.45
CA GLY B 142 -2.44 -11.64 -94.37
C GLY B 142 -2.31 -10.22 -94.85
N ARG B 143 -2.28 -9.28 -93.90
CA ARG B 143 -2.15 -7.86 -94.23
C ARG B 143 -1.11 -7.20 -93.34
N ILE B 144 -0.51 -6.13 -93.87
CA ILE B 144 0.64 -5.48 -93.25
C ILE B 144 0.36 -3.98 -93.15
N GLY B 145 0.54 -3.42 -91.96
CA GLY B 145 0.55 -1.98 -91.77
C GLY B 145 1.78 -1.56 -91.00
N PHE B 146 1.89 -0.24 -90.81
CA PHE B 146 3.11 0.26 -90.19
C PHE B 146 2.87 1.57 -89.46
N GLY B 147 3.43 1.66 -88.26
CA GLY B 147 3.59 2.94 -87.60
C GLY B 147 4.89 2.94 -86.83
N SER B 148 5.28 4.12 -86.36
CA SER B 148 6.58 4.23 -85.73
C SER B 148 6.52 5.22 -84.57
N PHE B 149 7.51 5.11 -83.68
CA PHE B 149 7.48 5.90 -82.46
C PHE B 149 8.90 6.24 -82.02
N VAL B 150 9.03 7.40 -81.36
CA VAL B 150 10.25 7.78 -80.66
C VAL B 150 9.90 8.15 -79.24
N ASP B 151 9.28 9.32 -79.04
CA ASP B 151 8.97 9.82 -77.71
C ASP B 151 8.14 11.10 -77.83
N LYS B 152 7.63 11.56 -76.68
CA LYS B 152 7.10 12.92 -76.62
C LYS B 152 8.18 13.91 -76.99
N THR B 153 7.81 14.95 -77.72
CA THR B 153 8.80 15.83 -78.33
C THR B 153 9.24 16.98 -77.44
N VAL B 154 8.57 17.23 -76.32
CA VAL B 154 9.02 18.31 -75.45
C VAL B 154 10.10 17.79 -74.50
N LEU B 155 10.97 18.71 -74.10
CA LEU B 155 11.91 18.51 -73.02
C LEU B 155 11.11 18.04 -71.81
N PRO B 156 11.65 17.10 -71.02
CA PRO B 156 12.98 16.45 -71.01
C PRO B 156 13.09 15.17 -71.82
N PHE B 157 12.22 14.98 -72.82
CA PHE B 157 12.21 13.68 -73.48
C PHE B 157 13.04 13.66 -74.74
N VAL B 158 13.01 14.74 -75.51
CA VAL B 158 13.92 14.97 -76.61
C VAL B 158 14.25 16.46 -76.61
N ASN B 159 15.43 16.81 -77.13
CA ASN B 159 15.88 18.19 -77.05
C ASN B 159 15.07 19.09 -77.98
N THR B 160 14.72 20.27 -77.48
CA THR B 160 13.85 21.19 -78.21
C THR B 160 14.56 22.45 -78.68
N HIS B 161 15.89 22.51 -78.62
CA HIS B 161 16.57 23.66 -79.20
C HIS B 161 16.46 23.57 -80.72
N PRO B 162 16.15 24.68 -81.39
CA PRO B 162 15.83 24.61 -82.83
C PRO B 162 16.84 23.84 -83.68
N ASP B 163 18.15 24.05 -83.48
CA ASP B 163 19.15 23.32 -84.26
C ASP B 163 19.02 21.81 -84.03
N LYS B 164 18.72 21.39 -82.80
CA LYS B 164 18.61 19.97 -82.51
C LYS B 164 17.25 19.42 -82.93
N LEU B 165 16.19 20.19 -82.74
CA LEU B 165 14.88 19.78 -83.25
C LEU B 165 14.91 19.63 -84.77
N ARG B 166 15.85 20.32 -85.44
CA ARG B 166 16.00 20.23 -86.88
C ARG B 166 16.72 18.94 -87.29
N ASN B 167 17.93 18.74 -86.76
CA ASN B 167 18.66 17.50 -86.95
C ASN B 167 18.76 16.79 -85.60
N PRO B 168 17.75 16.03 -85.19
CA PRO B 168 17.79 15.41 -83.86
C PRO B 168 18.81 14.29 -83.74
N CYS B 169 19.07 13.56 -84.81
CA CYS B 169 20.10 12.54 -84.82
C CYS B 169 21.46 13.19 -84.59
N PRO B 170 22.51 12.42 -84.33
CA PRO B 170 23.82 13.04 -84.09
C PRO B 170 24.22 13.97 -85.23
N ASN B 171 24.91 15.06 -84.86
CA ASN B 171 25.40 16.08 -85.77
C ASN B 171 26.16 15.45 -86.92
N LYS B 172 26.63 14.22 -86.70
CA LYS B 172 27.34 13.48 -87.73
C LYS B 172 26.57 13.30 -89.04
N GLU B 173 25.28 13.68 -89.12
CA GLU B 173 24.46 13.24 -90.26
C GLU B 173 23.33 14.23 -90.56
N LYS B 174 22.86 14.15 -91.81
CA LYS B 174 21.48 14.33 -92.24
C LYS B 174 20.93 12.92 -92.51
N GLU B 175 19.76 12.82 -93.15
CA GLU B 175 18.98 11.61 -93.36
C GLU B 175 18.24 11.28 -92.07
N CYS B 176 17.84 12.33 -91.36
CA CYS B 176 17.03 12.20 -90.16
C CYS B 176 15.93 13.24 -90.17
N GLN B 177 14.82 12.90 -89.49
CA GLN B 177 13.67 13.77 -89.44
C GLN B 177 13.46 14.30 -88.02
N PRO B 178 12.80 15.45 -87.87
CA PRO B 178 12.56 16.00 -86.52
C PRO B 178 11.85 14.98 -85.64
N PRO B 179 12.07 15.04 -84.32
CA PRO B 179 11.49 14.03 -83.43
C PRO B 179 9.97 14.04 -83.46
N PHE B 180 9.40 12.87 -83.17
CA PHE B 180 7.97 12.64 -83.28
C PHE B 180 7.57 11.60 -82.25
N ALA B 181 6.30 11.65 -81.85
CA ALA B 181 5.78 10.62 -80.95
C ALA B 181 5.37 9.39 -81.74
N PHE B 182 4.28 9.49 -82.52
CA PHE B 182 3.80 8.34 -83.30
C PHE B 182 3.34 8.80 -84.67
N ARG B 183 4.10 8.45 -85.70
CA ARG B 183 3.70 8.71 -87.08
C ARG B 183 3.01 7.48 -87.66
N HIS B 184 2.00 7.73 -88.48
CA HIS B 184 1.11 6.71 -89.01
C HIS B 184 1.44 6.50 -90.49
N VAL B 185 1.95 5.31 -90.82
CA VAL B 185 2.26 4.97 -92.21
C VAL B 185 1.05 4.26 -92.83
N LEU B 186 -0.02 5.01 -93.03
CA LEU B 186 -1.21 4.64 -93.85
C LEU B 186 -1.82 3.33 -93.32
N LYS B 187 -2.26 2.43 -94.19
CA LYS B 187 -3.21 1.40 -93.79
C LYS B 187 -2.65 0.00 -93.99
N LEU B 188 -3.22 -0.94 -93.23
CA LEU B 188 -3.00 -2.36 -93.47
C LEU B 188 -3.48 -2.72 -94.87
N THR B 189 -2.65 -3.44 -95.64
CA THR B 189 -3.03 -3.64 -97.04
C THR B 189 -2.53 -4.96 -97.59
N ASN B 190 -2.88 -5.19 -98.85
CA ASN B 190 -2.73 -6.45 -99.57
C ASN B 190 -1.57 -6.34 -100.57
N ASN B 191 -0.58 -5.51 -100.26
CA ASN B 191 0.54 -5.24 -101.17
C ASN B 191 1.83 -5.00 -100.40
N SER B 192 2.85 -5.85 -100.61
CA SER B 192 4.18 -5.52 -100.09
C SER B 192 4.91 -4.51 -100.94
N ASN B 193 4.45 -4.24 -102.16
CA ASN B 193 4.91 -3.08 -102.92
C ASN B 193 4.49 -1.78 -102.22
N GLN B 194 3.22 -1.68 -101.82
CA GLN B 194 2.77 -0.56 -101.02
C GLN B 194 3.54 -0.45 -99.71
N PHE B 195 3.90 -1.58 -99.11
CA PHE B 195 4.77 -1.58 -97.95
C PHE B 195 6.08 -0.88 -98.26
N GLN B 196 6.78 -1.32 -99.31
CA GLN B 196 8.02 -0.65 -99.71
C GLN B 196 7.79 0.82 -100.00
N THR B 197 6.70 1.14 -100.70
CA THR B 197 6.47 2.49 -101.18
C THR B 197 6.53 3.51 -100.04
N GLU B 198 5.96 3.17 -98.88
CA GLU B 198 5.89 4.12 -97.79
C GLU B 198 6.78 3.79 -96.60
N VAL B 199 7.25 2.54 -96.46
CA VAL B 199 8.06 2.19 -95.31
C VAL B 199 9.52 2.54 -95.55
N GLY B 200 10.05 2.24 -96.74
CA GLY B 200 11.38 2.69 -97.09
C GLY B 200 11.50 4.19 -97.16
N LYS B 201 10.36 4.89 -97.22
CA LYS B 201 10.31 6.30 -97.59
C LYS B 201 10.77 7.24 -96.47
N GLN B 202 10.42 6.95 -95.23
CA GLN B 202 10.60 7.93 -94.16
C GLN B 202 11.88 7.67 -93.35
N LEU B 203 12.32 8.71 -92.65
CA LEU B 203 13.65 8.77 -92.06
C LEU B 203 13.65 8.37 -90.60
N ILE B 204 14.82 7.89 -90.15
CA ILE B 204 15.06 7.68 -88.73
C ILE B 204 15.09 9.02 -87.99
N SER B 205 14.89 8.97 -86.68
CA SER B 205 14.91 10.18 -85.86
C SER B 205 15.67 9.93 -84.56
N GLY B 206 15.33 10.64 -83.48
CA GLY B 206 16.14 10.52 -82.29
C GLY B 206 15.48 11.06 -81.03
N ASN B 207 16.11 10.74 -79.90
CA ASN B 207 15.54 11.01 -78.58
C ASN B 207 16.61 11.56 -77.64
N LEU B 208 16.15 12.02 -76.47
CA LEU B 208 17.02 12.43 -75.38
C LEU B 208 16.79 11.52 -74.17
N ASP B 209 15.60 11.53 -73.58
CA ASP B 209 15.27 10.62 -72.49
C ASP B 209 15.18 9.19 -73.03
N ALA B 210 16.02 8.30 -72.50
CA ALA B 210 16.21 6.97 -73.07
C ALA B 210 14.92 6.16 -73.28
N PRO B 211 13.95 6.14 -72.35
CA PRO B 211 12.75 5.33 -72.58
C PRO B 211 11.92 5.84 -73.76
N GLU B 212 11.17 4.94 -74.38
CA GLU B 212 10.43 5.25 -75.60
C GLU B 212 8.97 5.56 -75.26
N GLY B 213 8.43 6.59 -75.89
CA GLY B 213 7.06 6.97 -75.67
C GLY B 213 6.06 6.15 -76.47
N GLY B 214 6.37 4.87 -76.67
CA GLY B 214 5.58 3.99 -77.51
C GLY B 214 4.20 3.66 -76.99
N LEU B 215 3.87 4.05 -75.77
CA LEU B 215 2.53 3.78 -75.25
C LEU B 215 1.52 4.83 -75.73
N ASP B 216 1.98 6.06 -76.02
CA ASP B 216 1.15 6.99 -76.76
C ASP B 216 0.76 6.41 -78.12
N ALA B 217 1.71 5.72 -78.76
CA ALA B 217 1.45 5.09 -80.06
C ALA B 217 0.29 4.10 -79.96
N MET B 218 0.44 3.09 -79.09
CA MET B 218 -0.53 2.01 -79.03
C MET B 218 -1.90 2.50 -78.59
N MET B 219 -1.95 3.55 -77.77
CA MET B 219 -3.24 4.16 -77.45
C MET B 219 -3.86 4.81 -78.68
N GLN B 220 -3.05 5.48 -79.48
CA GLN B 220 -3.56 6.05 -80.73
C GLN B 220 -3.87 4.95 -81.75
N VAL B 221 -3.09 3.88 -81.76
CA VAL B 221 -3.40 2.75 -82.63
C VAL B 221 -4.81 2.25 -82.36
N ALA B 222 -5.08 1.88 -81.11
CA ALA B 222 -6.39 1.34 -80.73
C ALA B 222 -7.49 2.38 -80.75
N ALA B 223 -7.19 3.62 -81.12
CA ALA B 223 -8.19 4.67 -81.16
C ALA B 223 -8.51 5.20 -82.55
N CYS B 224 -7.88 4.68 -83.61
CA CYS B 224 -8.05 5.23 -84.96
C CYS B 224 -8.18 4.10 -85.99
N PRO B 225 -9.28 3.35 -85.94
CA PRO B 225 -9.70 2.58 -87.14
C PRO B 225 -10.30 3.44 -88.24
N GLU B 226 -10.76 4.66 -87.92
CA GLU B 226 -11.19 5.56 -89.00
C GLU B 226 -10.01 5.98 -89.86
N GLU B 227 -8.86 6.25 -89.21
CA GLU B 227 -7.68 6.70 -89.92
C GLU B 227 -6.74 5.56 -90.31
N ILE B 228 -6.72 4.47 -89.55
CA ILE B 228 -5.99 3.27 -89.95
C ILE B 228 -6.99 2.27 -90.50
N GLY B 229 -7.81 1.73 -89.61
CA GLY B 229 -8.69 0.64 -89.99
C GLY B 229 -8.09 -0.70 -89.64
N TRP B 230 -8.86 -1.51 -88.92
CA TRP B 230 -8.54 -2.91 -88.74
C TRP B 230 -9.72 -3.73 -89.22
N ARG B 231 -9.41 -4.93 -89.69
CA ARG B 231 -10.44 -5.94 -89.80
C ARG B 231 -10.45 -6.67 -88.49
N ASN B 232 -11.55 -6.54 -87.79
CA ASN B 232 -12.19 -7.63 -87.11
C ASN B 232 -11.78 -8.91 -87.81
N VAL B 233 -10.97 -9.70 -87.12
CA VAL B 233 -10.18 -10.87 -87.50
C VAL B 233 -9.01 -10.69 -86.55
N THR B 234 -7.94 -11.44 -86.73
CA THR B 234 -6.83 -11.34 -85.79
C THR B 234 -6.14 -9.99 -85.93
N ARG B 235 -5.88 -9.33 -84.81
CA ARG B 235 -5.28 -8.00 -84.76
C ARG B 235 -4.00 -8.08 -83.93
N LEU B 236 -2.85 -8.04 -84.60
CA LEU B 236 -1.56 -8.17 -83.94
C LEU B 236 -0.76 -6.86 -84.01
N LEU B 237 0.07 -6.64 -82.99
CA LEU B 237 0.98 -5.50 -82.95
C LEU B 237 2.37 -5.98 -82.57
N VAL B 238 3.39 -5.41 -83.19
CA VAL B 238 4.79 -5.73 -82.90
C VAL B 238 5.45 -4.48 -82.31
N PHE B 239 5.71 -4.50 -81.01
CA PHE B 239 6.48 -3.46 -80.34
C PHE B 239 7.96 -3.85 -80.41
N ALA B 240 8.76 -3.04 -81.11
CA ALA B 240 10.14 -3.43 -81.43
C ALA B 240 11.10 -2.33 -81.00
N THR B 241 12.11 -2.69 -80.20
CA THR B 241 13.04 -1.67 -79.73
C THR B 241 14.27 -2.27 -79.06
N ASP B 242 15.29 -1.42 -78.92
CA ASP B 242 16.46 -1.65 -78.08
C ASP B 242 16.31 -1.08 -76.67
N ASP B 243 15.26 -0.32 -76.40
CA ASP B 243 15.14 0.49 -75.19
C ASP B 243 13.90 0.09 -74.38
N GLY B 244 13.62 0.86 -73.32
CA GLY B 244 12.45 0.66 -72.51
C GLY B 244 11.32 1.59 -72.94
N PHE B 245 10.43 1.90 -72.01
CA PHE B 245 9.21 2.62 -72.36
C PHE B 245 8.76 3.53 -71.22
N HIS B 246 8.15 4.65 -71.60
CA HIS B 246 7.50 5.56 -70.65
C HIS B 246 6.10 5.08 -70.31
N PHE B 247 5.62 5.49 -69.14
CA PHE B 247 4.23 5.25 -68.75
C PHE B 247 3.73 6.42 -67.90
N ALA B 248 2.51 6.27 -67.39
CA ALA B 248 1.82 7.34 -66.69
C ALA B 248 2.62 7.81 -65.48
N GLY B 249 2.48 9.10 -65.17
CA GLY B 249 3.25 9.72 -64.12
C GLY B 249 4.57 10.29 -64.56
N ASP B 250 5.07 9.92 -65.74
CA ASP B 250 6.32 10.48 -66.25
C ASP B 250 6.13 11.87 -66.83
N GLY B 251 4.97 12.13 -67.44
CA GLY B 251 4.68 13.42 -68.04
C GLY B 251 4.76 14.60 -67.08
N LYS B 252 4.70 14.35 -65.77
CA LYS B 252 4.87 15.42 -64.80
C LYS B 252 6.23 16.10 -64.96
N LEU B 253 7.22 15.36 -65.45
CA LEU B 253 8.55 15.93 -65.63
C LEU B 253 8.55 17.07 -66.65
N GLY B 254 7.59 17.06 -67.57
CA GLY B 254 7.47 18.12 -68.55
C GLY B 254 6.31 19.05 -68.27
N ALA B 255 5.87 19.09 -67.01
CA ALA B 255 4.82 19.99 -66.56
C ALA B 255 3.53 19.78 -67.34
N ILE B 256 3.22 18.54 -67.66
CA ILE B 256 1.96 18.16 -68.28
C ILE B 256 1.36 17.05 -67.43
N LEU B 257 0.36 17.41 -66.60
CA LEU B 257 -0.19 16.49 -65.63
C LEU B 257 -1.39 15.71 -66.15
N THR B 258 -2.19 16.30 -67.04
CA THR B 258 -3.43 15.69 -67.50
C THR B 258 -3.17 14.28 -68.02
N PRO B 259 -3.80 13.25 -67.45
CA PRO B 259 -3.61 11.89 -67.95
C PRO B 259 -4.27 11.70 -69.30
N ASN B 260 -4.00 10.54 -69.90
CA ASN B 260 -4.33 10.34 -71.30
C ASN B 260 -5.84 10.30 -71.53
N ASP B 261 -6.27 11.02 -72.57
CA ASP B 261 -7.68 11.04 -72.95
C ASP B 261 -8.14 9.69 -73.48
N GLY B 262 -7.35 9.08 -74.37
CA GLY B 262 -7.77 7.90 -75.08
C GLY B 262 -8.48 8.18 -76.39
N ARG B 263 -8.66 9.45 -76.74
CA ARG B 263 -9.31 9.83 -77.98
C ARG B 263 -8.25 10.07 -79.05
N CYS B 264 -8.40 9.39 -80.17
CA CYS B 264 -7.72 9.78 -81.40
C CYS B 264 -7.87 11.28 -81.60
N HIS B 265 -6.79 12.02 -81.36
CA HIS B 265 -6.77 13.43 -81.73
C HIS B 265 -5.75 13.63 -82.84
N LEU B 266 -5.95 12.91 -83.92
CA LEU B 266 -4.93 12.74 -84.94
C LEU B 266 -5.13 13.71 -86.08
N GLU B 267 -4.00 14.23 -86.59
CA GLU B 267 -4.02 15.22 -87.64
C GLU B 267 -2.91 14.85 -88.61
N ASP B 268 -3.30 14.50 -89.84
CA ASP B 268 -2.36 14.20 -90.92
C ASP B 268 -1.48 13.01 -90.60
N ASN B 269 -2.04 12.09 -89.79
CA ASN B 269 -1.44 10.81 -89.44
C ASN B 269 -0.24 10.94 -88.50
N LEU B 270 -0.31 11.85 -87.52
CA LEU B 270 0.74 12.02 -86.53
C LEU B 270 0.11 12.42 -85.21
N TYR B 271 0.65 11.88 -84.11
CA TYR B 271 0.12 12.17 -82.78
C TYR B 271 0.57 13.58 -82.38
N LYS B 272 -0.30 14.54 -82.65
CA LYS B 272 0.07 15.95 -82.50
C LYS B 272 -0.17 16.44 -81.08
N ARG B 273 -1.17 15.88 -80.40
CA ARG B 273 -1.52 16.37 -79.08
C ARG B 273 -0.69 15.73 -77.98
N SER B 274 0.31 14.93 -78.34
CA SER B 274 0.98 14.04 -77.39
C SER B 274 1.71 14.81 -76.28
N ASN B 275 2.11 16.06 -76.53
CA ASN B 275 2.78 16.84 -75.51
C ASN B 275 1.78 17.57 -74.59
N GLU B 276 0.49 17.22 -74.69
CA GLU B 276 -0.54 17.78 -73.83
C GLU B 276 -1.24 16.71 -73.01
N PHE B 277 -0.76 15.47 -73.07
CA PHE B 277 -1.34 14.37 -72.32
C PHE B 277 -0.21 13.51 -71.76
N ASP B 278 -0.41 13.01 -70.55
CA ASP B 278 0.54 12.09 -69.95
C ASP B 278 0.53 10.77 -70.72
N TYR B 279 1.50 9.91 -70.42
CA TYR B 279 1.45 8.57 -70.97
C TYR B 279 0.32 7.79 -70.30
N PRO B 280 -0.35 6.91 -71.03
CA PRO B 280 -1.36 6.04 -70.41
C PRO B 280 -0.72 5.12 -69.38
N SER B 281 -1.54 4.64 -68.45
CA SER B 281 -1.03 3.70 -67.46
C SER B 281 -0.89 2.32 -68.08
N VAL B 282 -0.02 1.51 -67.49
CA VAL B 282 0.20 0.14 -67.98
C VAL B 282 -1.14 -0.58 -68.16
N GLY B 283 -1.95 -0.62 -67.11
CA GLY B 283 -3.24 -1.29 -67.21
C GLY B 283 -4.21 -0.59 -68.14
N GLN B 284 -4.03 0.72 -68.33
CA GLN B 284 -4.95 1.46 -69.19
C GLN B 284 -4.95 0.90 -70.61
N LEU B 285 -3.81 0.41 -71.08
CA LEU B 285 -3.72 -0.18 -72.41
C LEU B 285 -3.95 -1.68 -72.42
N ALA B 286 -3.61 -2.39 -71.33
CA ALA B 286 -4.02 -3.78 -71.21
C ALA B 286 -5.53 -3.91 -71.38
N HIS B 287 -6.27 -2.92 -70.87
CA HIS B 287 -7.72 -2.90 -71.00
C HIS B 287 -8.17 -2.46 -72.38
N LYS B 288 -7.59 -1.35 -72.88
CA LYS B 288 -7.99 -0.82 -74.18
C LYS B 288 -7.61 -1.76 -75.32
N LEU B 289 -6.51 -2.49 -75.18
CA LEU B 289 -6.16 -3.46 -76.21
C LEU B 289 -7.05 -4.70 -76.11
N ALA B 290 -7.56 -4.99 -74.91
CA ALA B 290 -8.53 -6.07 -74.77
C ALA B 290 -9.88 -5.67 -75.35
N GLU B 291 -10.29 -4.42 -75.14
CA GLU B 291 -11.53 -3.92 -75.73
C GLU B 291 -11.55 -4.14 -77.24
N ASN B 292 -10.50 -3.71 -77.92
CA ASN B 292 -10.41 -3.82 -79.37
C ASN B 292 -9.65 -5.06 -79.82
N ASN B 293 -9.36 -5.97 -78.89
CA ASN B 293 -8.96 -7.34 -79.21
C ASN B 293 -7.61 -7.41 -79.95
N ILE B 294 -6.59 -6.79 -79.35
CA ILE B 294 -5.26 -6.70 -79.94
C ILE B 294 -4.28 -7.51 -79.08
N GLN B 295 -3.45 -8.31 -79.73
CA GLN B 295 -2.40 -9.08 -79.05
C GLN B 295 -1.04 -8.46 -79.36
N PRO B 296 -0.45 -7.70 -78.44
CA PRO B 296 0.89 -7.15 -78.71
C PRO B 296 1.97 -8.23 -78.64
N ILE B 297 2.98 -8.06 -79.49
CA ILE B 297 4.16 -8.92 -79.52
C ILE B 297 5.36 -8.06 -79.17
N PHE B 298 6.23 -8.57 -78.30
CA PHE B 298 7.32 -7.76 -77.77
C PHE B 298 8.63 -8.22 -78.40
N ALA B 299 9.04 -7.45 -79.41
CA ALA B 299 10.22 -7.71 -80.23
C ALA B 299 11.35 -6.81 -79.73
N VAL B 300 11.98 -7.22 -78.64
CA VAL B 300 12.90 -6.35 -77.93
C VAL B 300 14.26 -7.03 -77.77
N THR B 301 15.26 -6.18 -77.54
CA THR B 301 16.60 -6.64 -77.24
C THR B 301 16.59 -7.60 -76.05
N SER B 302 17.58 -8.49 -76.02
CA SER B 302 17.71 -9.45 -74.94
C SER B 302 17.79 -8.80 -73.57
N ARG B 303 18.22 -7.53 -73.50
CA ARG B 303 18.38 -6.83 -72.22
C ARG B 303 17.11 -6.15 -71.77
N MET B 304 16.03 -6.22 -72.56
CA MET B 304 14.72 -5.73 -72.14
C MET B 304 13.72 -6.86 -71.94
N VAL B 305 14.08 -8.09 -72.27
CA VAL B 305 13.11 -9.20 -72.31
C VAL B 305 12.51 -9.45 -70.93
N LYS B 306 13.35 -9.47 -69.89
CA LYS B 306 12.83 -9.73 -68.54
C LYS B 306 11.75 -8.74 -68.16
N THR B 307 11.91 -7.47 -68.55
CA THR B 307 10.92 -6.46 -68.22
C THR B 307 9.71 -6.50 -69.13
N TYR B 308 9.88 -6.95 -70.38
CA TYR B 308 8.73 -7.17 -71.25
C TYR B 308 8.05 -8.48 -70.94
N GLU B 309 8.82 -9.47 -70.47
CA GLU B 309 8.24 -10.71 -69.97
C GLU B 309 7.17 -10.44 -68.93
N LYS B 310 7.42 -9.45 -68.06
CA LYS B 310 6.51 -9.11 -66.98
C LYS B 310 5.20 -8.50 -67.47
N LEU B 311 5.09 -8.19 -68.75
CA LEU B 311 3.90 -7.55 -69.29
C LEU B 311 2.88 -8.55 -69.83
N THR B 312 3.17 -9.84 -69.76
CA THR B 312 2.21 -10.86 -70.18
C THR B 312 1.24 -11.25 -69.07
N GLU B 313 1.53 -10.89 -67.82
CA GLU B 313 0.61 -11.15 -66.72
C GLU B 313 -0.38 -10.02 -66.51
N ILE B 314 -0.06 -8.81 -66.96
CA ILE B 314 -1.04 -7.73 -66.94
C ILE B 314 -1.93 -7.75 -68.17
N ILE B 315 -1.41 -8.13 -69.34
CA ILE B 315 -2.24 -8.42 -70.49
C ILE B 315 -1.93 -9.85 -70.94
N PRO B 316 -2.79 -10.81 -70.57
CA PRO B 316 -2.55 -12.20 -70.98
C PRO B 316 -2.43 -12.39 -72.48
N LYS B 317 -3.09 -11.55 -73.28
CA LYS B 317 -3.04 -11.68 -74.73
C LYS B 317 -1.85 -10.86 -75.25
N SER B 318 -0.66 -11.41 -75.04
CA SER B 318 0.58 -10.81 -75.50
C SER B 318 1.66 -11.88 -75.48
N ALA B 319 2.74 -11.63 -76.23
CA ALA B 319 3.83 -12.59 -76.36
C ALA B 319 5.17 -11.87 -76.34
N VAL B 320 6.19 -12.58 -75.85
CA VAL B 320 7.50 -11.99 -75.56
C VAL B 320 8.60 -12.88 -76.12
N GLY B 321 9.56 -12.28 -76.81
CA GLY B 321 10.66 -13.05 -77.38
C GLY B 321 11.93 -12.23 -77.51
N GLU B 322 13.06 -12.90 -77.40
CA GLU B 322 14.38 -12.30 -77.52
C GLU B 322 14.86 -12.33 -78.96
N LEU B 323 15.49 -11.24 -79.40
CA LEU B 323 15.98 -11.22 -80.77
C LEU B 323 17.15 -10.25 -80.90
N SER B 324 17.83 -10.36 -82.04
CA SER B 324 19.15 -9.77 -82.26
C SER B 324 19.05 -8.25 -82.46
N GLU B 325 20.20 -7.60 -82.26
CA GLU B 325 20.36 -6.18 -82.59
C GLU B 325 20.10 -5.92 -84.06
N ASP B 326 20.09 -6.97 -84.89
CA ASP B 326 19.85 -6.84 -86.32
C ASP B 326 18.37 -6.77 -86.69
N SER B 327 17.48 -7.29 -85.85
CA SER B 327 16.13 -7.70 -86.26
C SER B 327 16.18 -8.84 -87.27
N SER B 328 17.22 -9.67 -87.16
CA SER B 328 17.49 -10.73 -88.13
C SER B 328 16.63 -11.97 -87.90
N ASN B 329 15.73 -11.95 -86.92
CA ASN B 329 14.88 -13.12 -86.67
C ASN B 329 13.45 -12.70 -86.36
N VAL B 330 13.02 -11.51 -86.80
CA VAL B 330 11.66 -11.06 -86.57
C VAL B 330 10.65 -12.00 -87.22
N VAL B 331 11.07 -12.72 -88.26
CA VAL B 331 10.22 -13.78 -88.83
C VAL B 331 10.07 -14.92 -87.85
N GLN B 332 11.20 -15.54 -87.47
CA GLN B 332 11.17 -16.63 -86.49
C GLN B 332 10.49 -16.20 -85.20
N LEU B 333 10.67 -14.94 -84.82
CA LEU B 333 10.03 -14.42 -83.62
C LEU B 333 8.51 -14.46 -83.74
N ILE B 334 7.97 -13.92 -84.84
CA ILE B 334 6.52 -13.86 -85.00
C ILE B 334 5.94 -15.24 -85.25
N LYS B 335 6.72 -16.14 -85.86
CA LYS B 335 6.30 -17.54 -85.93
C LYS B 335 6.11 -18.12 -84.53
N ASN B 336 7.06 -17.83 -83.64
CA ASN B 336 6.93 -18.30 -82.25
C ASN B 336 5.81 -17.58 -81.53
N ALA B 337 5.61 -16.29 -81.83
CA ALA B 337 4.54 -15.54 -81.19
C ALA B 337 3.19 -16.21 -81.42
N TYR B 338 2.78 -16.32 -82.69
CA TYR B 338 1.50 -16.95 -83.03
C TYR B 338 1.44 -18.38 -82.52
N ASN B 339 2.56 -19.10 -82.55
CA ASN B 339 2.56 -20.52 -82.19
C ASN B 339 2.11 -20.72 -80.75
N LYS B 340 2.66 -19.94 -79.82
CA LYS B 340 2.29 -20.07 -78.41
C LYS B 340 1.25 -19.05 -77.98
N LEU B 341 1.00 -18.01 -78.76
CA LEU B 341 -0.15 -17.14 -78.51
C LEU B 341 -1.45 -17.90 -78.75
N SER B 342 -1.54 -18.62 -79.87
CA SER B 342 -2.69 -19.46 -80.16
C SER B 342 -2.69 -20.75 -79.34
N SER B 343 -1.59 -21.08 -78.65
CA SER B 343 -1.58 -22.23 -77.77
C SER B 343 -2.20 -21.95 -76.41
N ARG B 344 -2.51 -20.69 -76.11
CA ARG B 344 -3.17 -20.32 -74.88
C ARG B 344 -4.66 -20.08 -75.14
N VAL B 345 -5.49 -20.56 -74.23
CA VAL B 345 -6.92 -20.28 -74.25
C VAL B 345 -7.29 -19.66 -72.91
N PHE B 346 -7.76 -18.41 -72.97
CA PHE B 346 -8.15 -17.68 -71.77
C PHE B 346 -9.65 -17.44 -71.81
N LEU B 347 -10.29 -17.60 -70.65
CA LEU B 347 -11.73 -17.34 -70.53
C LEU B 347 -11.97 -16.44 -69.32
N ASP B 348 -12.48 -15.24 -69.58
CA ASP B 348 -12.77 -14.26 -68.55
C ASP B 348 -14.19 -13.73 -68.74
N HIS B 349 -14.60 -12.70 -67.99
CA HIS B 349 -15.99 -12.27 -68.04
C HIS B 349 -16.09 -10.76 -67.88
N ASN B 350 -17.30 -10.26 -68.13
CA ASN B 350 -17.65 -8.85 -67.95
C ASN B 350 -17.69 -8.51 -66.46
N ALA B 351 -18.00 -7.25 -66.17
CA ALA B 351 -17.98 -6.70 -64.80
C ALA B 351 -19.17 -7.28 -64.04
N LEU B 352 -18.92 -8.36 -63.31
CA LEU B 352 -19.94 -8.91 -62.42
C LEU B 352 -20.22 -7.91 -61.31
N PRO B 353 -21.48 -7.61 -61.02
CA PRO B 353 -21.80 -6.86 -59.80
C PRO B 353 -21.49 -7.66 -58.54
N ASP B 354 -21.35 -6.91 -57.43
CA ASP B 354 -20.88 -7.49 -56.18
C ASP B 354 -21.74 -8.66 -55.71
N THR B 355 -22.98 -8.73 -56.19
CA THR B 355 -23.92 -9.75 -55.77
C THR B 355 -23.59 -11.16 -56.29
N LEU B 356 -22.67 -11.28 -57.25
CA LEU B 356 -22.45 -12.52 -58.00
C LEU B 356 -20.98 -12.90 -58.02
N LYS B 357 -20.73 -14.20 -58.17
CA LYS B 357 -19.37 -14.71 -58.32
C LYS B 357 -19.35 -15.79 -59.40
N VAL B 358 -18.28 -15.80 -60.19
CA VAL B 358 -18.05 -16.80 -61.24
C VAL B 358 -16.67 -17.40 -61.04
N THR B 359 -16.58 -18.73 -61.03
CA THR B 359 -15.30 -19.42 -60.96
C THR B 359 -15.23 -20.48 -62.05
N TYR B 360 -14.02 -20.98 -62.31
CA TYR B 360 -13.77 -21.80 -63.48
C TYR B 360 -12.98 -23.05 -63.12
N ASP B 361 -13.34 -24.14 -63.78
CA ASP B 361 -12.46 -25.28 -63.96
C ASP B 361 -11.80 -25.16 -65.34
N SER B 362 -10.68 -25.86 -65.51
CA SER B 362 -9.93 -25.72 -66.75
C SER B 362 -9.21 -27.04 -67.03
N PHE B 363 -9.77 -27.85 -67.92
CA PHE B 363 -9.19 -29.14 -68.25
C PHE B 363 -8.38 -29.00 -69.52
N CYS B 364 -7.06 -29.10 -69.39
CA CYS B 364 -6.18 -29.01 -70.54
C CYS B 364 -6.11 -30.38 -71.23
N SER B 365 -6.33 -30.38 -72.54
CA SER B 365 -6.42 -31.64 -73.30
C SER B 365 -5.18 -32.51 -73.16
N ASN B 366 -4.05 -31.95 -72.70
CA ASN B 366 -2.83 -32.72 -72.50
C ASN B 366 -2.73 -33.30 -71.09
N GLY B 367 -3.86 -33.54 -70.44
CA GLY B 367 -3.84 -34.26 -69.19
C GLY B 367 -3.67 -33.44 -67.93
N VAL B 368 -3.84 -32.13 -68.00
CA VAL B 368 -3.67 -31.31 -66.81
C VAL B 368 -4.93 -31.33 -65.95
N THR B 369 -4.95 -32.20 -64.94
CA THR B 369 -5.97 -32.14 -63.89
C THR B 369 -5.99 -30.75 -63.28
N HIS B 370 -7.11 -30.04 -63.43
CA HIS B 370 -7.18 -28.68 -62.90
C HIS B 370 -8.63 -28.29 -62.68
N ARG B 371 -8.93 -27.79 -61.49
CA ARG B 371 -10.26 -27.35 -61.10
C ARG B 371 -10.12 -26.18 -60.13
N ASN B 372 -11.17 -25.37 -60.05
CA ASN B 372 -11.35 -24.35 -59.01
C ASN B 372 -10.31 -23.24 -59.08
N GLN B 373 -10.33 -22.46 -60.17
CA GLN B 373 -9.49 -21.27 -60.27
C GLN B 373 -10.23 -20.16 -61.00
N PRO B 374 -10.21 -18.93 -60.51
CA PRO B 374 -11.05 -17.90 -61.14
C PRO B 374 -10.53 -17.41 -62.48
N ARG B 375 -10.18 -18.35 -63.37
CA ARG B 375 -9.59 -18.01 -64.66
C ARG B 375 -9.61 -19.26 -65.52
N GLY B 376 -10.25 -19.17 -66.69
CA GLY B 376 -10.11 -20.20 -67.69
C GLY B 376 -8.76 -20.08 -68.35
N ASP B 377 -7.92 -21.10 -68.21
CA ASP B 377 -6.51 -20.96 -68.61
C ASP B 377 -5.93 -22.35 -68.84
N CYS B 378 -5.69 -22.69 -70.10
CA CYS B 378 -4.93 -23.90 -70.42
C CYS B 378 -3.99 -23.61 -71.59
N ASP B 379 -2.89 -24.36 -71.63
CA ASP B 379 -1.76 -24.07 -72.50
C ASP B 379 -1.44 -25.29 -73.37
N GLY B 380 -0.72 -25.05 -74.47
CA GLY B 380 -0.30 -26.14 -75.33
C GLY B 380 -1.41 -26.84 -76.08
N VAL B 381 -2.58 -26.21 -76.15
CA VAL B 381 -3.76 -26.84 -76.75
C VAL B 381 -3.71 -26.57 -78.24
N GLN B 382 -3.60 -27.65 -79.01
CA GLN B 382 -3.22 -27.69 -80.41
C GLN B 382 -4.20 -27.02 -81.36
N ILE B 383 -4.63 -27.78 -82.36
CA ILE B 383 -5.52 -27.31 -83.43
C ILE B 383 -6.72 -28.24 -83.47
N ASN B 384 -7.93 -27.67 -83.47
CA ASN B 384 -9.16 -28.45 -83.47
C ASN B 384 -9.20 -29.40 -82.29
N VAL B 385 -8.76 -28.90 -81.13
CA VAL B 385 -8.69 -29.72 -79.94
C VAL B 385 -9.61 -29.14 -78.87
N PRO B 386 -10.68 -29.84 -78.50
CA PRO B 386 -11.63 -29.29 -77.54
C PRO B 386 -11.07 -29.34 -76.13
N ILE B 387 -11.30 -28.25 -75.39
CA ILE B 387 -10.98 -28.18 -73.97
C ILE B 387 -12.24 -27.74 -73.23
N THR B 388 -12.16 -27.77 -71.90
CA THR B 388 -13.34 -27.65 -71.06
C THR B 388 -13.19 -26.50 -70.07
N PHE B 389 -14.18 -25.61 -70.06
CA PHE B 389 -14.29 -24.55 -69.07
C PHE B 389 -15.62 -24.73 -68.34
N GLN B 390 -15.62 -25.40 -67.20
CA GLN B 390 -16.82 -25.45 -66.39
C GLN B 390 -17.00 -24.10 -65.70
N VAL B 391 -18.15 -23.49 -65.93
CA VAL B 391 -18.46 -22.17 -65.37
C VAL B 391 -19.40 -22.39 -64.20
N LYS B 392 -18.90 -22.12 -62.98
CA LYS B 392 -19.69 -22.26 -61.78
C LYS B 392 -20.13 -20.87 -61.32
N VAL B 393 -21.43 -20.65 -61.23
CA VAL B 393 -22.00 -19.37 -60.82
C VAL B 393 -22.69 -19.56 -59.48
N THR B 394 -22.30 -18.74 -58.51
CA THR B 394 -22.90 -18.76 -57.18
C THR B 394 -23.23 -17.34 -56.77
N ALA B 395 -24.46 -17.13 -56.29
CA ALA B 395 -24.94 -15.81 -55.91
C ALA B 395 -25.17 -15.73 -54.40
N THR B 396 -25.07 -14.51 -53.88
CA THR B 396 -25.40 -14.27 -52.47
C THR B 396 -26.89 -14.04 -52.28
N GLU B 397 -27.39 -12.95 -52.86
CA GLU B 397 -28.75 -12.46 -52.59
C GLU B 397 -29.78 -13.21 -53.42
N CYS B 398 -31.02 -12.77 -53.27
CA CYS B 398 -32.12 -13.14 -54.16
C CYS B 398 -32.17 -12.07 -55.25
N ILE B 399 -31.32 -12.28 -56.25
CA ILE B 399 -30.82 -11.18 -57.07
C ILE B 399 -31.88 -10.73 -58.08
N GLN B 400 -31.72 -9.51 -58.58
CA GLN B 400 -32.52 -9.06 -59.70
C GLN B 400 -32.06 -9.77 -60.97
N GLU B 401 -32.96 -9.81 -61.96
CA GLU B 401 -32.64 -10.45 -63.23
C GLU B 401 -31.67 -9.57 -64.01
N GLN B 402 -30.75 -10.20 -64.73
CA GLN B 402 -29.48 -9.57 -65.02
C GLN B 402 -28.75 -10.42 -66.05
N SER B 403 -28.05 -9.77 -66.98
CA SER B 403 -27.31 -10.48 -68.01
C SER B 403 -25.91 -9.90 -68.14
N PHE B 404 -24.98 -10.78 -68.49
CA PHE B 404 -23.56 -10.44 -68.62
C PHE B 404 -22.97 -11.39 -69.65
N VAL B 405 -21.74 -11.11 -70.07
CA VAL B 405 -21.09 -11.91 -71.09
C VAL B 405 -19.84 -12.56 -70.52
N ILE B 406 -19.65 -13.84 -70.83
CA ILE B 406 -18.39 -14.53 -70.67
C ILE B 406 -17.73 -14.58 -72.05
N ARG B 407 -16.47 -14.18 -72.12
CA ARG B 407 -15.80 -14.06 -73.42
C ARG B 407 -14.43 -14.71 -73.38
N ALA B 408 -14.06 -15.32 -74.51
CA ALA B 408 -12.71 -15.81 -74.70
C ALA B 408 -11.79 -14.63 -75.01
N LEU B 409 -10.68 -14.54 -74.28
CA LEU B 409 -9.71 -13.49 -74.54
C LEU B 409 -9.03 -13.76 -75.87
N GLY B 410 -8.94 -12.72 -76.71
CA GLY B 410 -8.40 -12.88 -78.04
C GLY B 410 -9.44 -12.98 -79.14
N PHE B 411 -10.72 -13.03 -78.80
CA PHE B 411 -11.77 -13.24 -79.80
C PHE B 411 -12.97 -12.37 -79.47
N THR B 412 -13.85 -12.24 -80.46
CA THR B 412 -15.12 -11.55 -80.31
C THR B 412 -16.29 -12.52 -80.13
N ASP B 413 -16.00 -13.81 -79.91
CA ASP B 413 -17.04 -14.77 -79.56
C ASP B 413 -17.64 -14.41 -78.21
N ILE B 414 -18.95 -14.61 -78.06
CA ILE B 414 -19.67 -14.20 -76.87
C ILE B 414 -20.62 -15.31 -76.44
N VAL B 415 -20.56 -15.69 -75.17
CA VAL B 415 -21.58 -16.52 -74.53
C VAL B 415 -22.37 -15.60 -73.60
N THR B 416 -23.61 -15.31 -73.96
CA THR B 416 -24.46 -14.48 -73.11
C THR B 416 -25.08 -15.35 -72.03
N VAL B 417 -24.88 -14.97 -70.77
CA VAL B 417 -25.39 -15.72 -69.63
C VAL B 417 -26.40 -14.84 -68.89
N GLN B 418 -27.55 -15.44 -68.57
CA GLN B 418 -28.69 -14.75 -67.97
C GLN B 418 -28.96 -15.36 -66.61
N VAL B 419 -29.19 -14.50 -65.61
CA VAL B 419 -29.32 -14.95 -64.23
C VAL B 419 -30.72 -14.62 -63.73
N LEU B 420 -31.48 -15.66 -63.38
CA LEU B 420 -32.77 -15.64 -62.73
C LEU B 420 -32.64 -16.04 -61.27
N PRO B 421 -33.31 -15.36 -60.35
CA PRO B 421 -33.31 -15.81 -58.95
C PRO B 421 -34.30 -16.93 -58.73
N GLN B 422 -33.89 -17.89 -57.90
CA GLN B 422 -34.77 -18.97 -57.43
C GLN B 422 -35.03 -18.72 -55.95
N CYS B 423 -36.10 -17.99 -55.66
CA CYS B 423 -36.45 -17.62 -54.28
C CYS B 423 -37.87 -18.05 -53.96
N GLU B 424 -38.85 -17.65 -54.76
CA GLU B 424 -40.23 -17.99 -54.45
C GLU B 424 -40.57 -19.36 -55.04
N CYS B 425 -40.70 -20.36 -54.17
CA CYS B 425 -41.20 -21.66 -54.61
C CYS B 425 -42.68 -21.52 -54.99
N ARG B 426 -43.21 -22.54 -55.64
CA ARG B 426 -44.54 -22.46 -56.24
C ARG B 426 -45.58 -23.13 -55.35
N CYS B 427 -46.70 -22.44 -55.12
CA CYS B 427 -47.73 -22.85 -54.18
C CYS B 427 -49.09 -22.43 -54.73
N ARG B 428 -50.14 -22.66 -53.93
CA ARG B 428 -51.48 -22.17 -54.20
C ARG B 428 -51.58 -20.75 -53.65
N ASP B 429 -52.79 -20.21 -53.49
CA ASP B 429 -52.90 -18.80 -53.15
C ASP B 429 -54.16 -18.56 -52.33
N GLN B 430 -54.50 -17.28 -52.19
CA GLN B 430 -55.62 -16.82 -51.37
C GLN B 430 -56.98 -17.18 -51.94
N SER B 431 -57.04 -17.63 -53.20
CA SER B 431 -58.31 -18.09 -53.75
C SER B 431 -58.68 -19.48 -53.25
N ARG B 432 -57.73 -20.21 -52.67
CA ARG B 432 -57.98 -21.55 -52.15
C ARG B 432 -58.08 -21.52 -50.63
N ASP B 433 -59.25 -21.91 -50.11
CA ASP B 433 -59.49 -22.05 -48.68
C ASP B 433 -59.24 -20.75 -47.90
N ARG B 434 -60.16 -19.79 -47.98
CA ARG B 434 -60.13 -18.61 -47.12
C ARG B 434 -60.71 -18.87 -45.73
N SER B 435 -61.07 -20.12 -45.41
CA SER B 435 -61.60 -20.47 -44.09
C SER B 435 -60.48 -20.73 -43.09
N LEU B 436 -59.51 -21.56 -43.45
CA LEU B 436 -58.29 -21.61 -42.65
C LEU B 436 -57.61 -20.25 -42.72
N CYS B 437 -56.96 -19.87 -41.64
CA CYS B 437 -56.52 -18.51 -41.35
C CYS B 437 -57.70 -17.59 -41.06
N HIS B 438 -58.93 -18.12 -41.06
CA HIS B 438 -60.13 -17.45 -40.54
C HIS B 438 -60.43 -16.13 -41.27
N GLY B 439 -60.15 -16.10 -42.57
CA GLY B 439 -60.40 -14.90 -43.35
C GLY B 439 -59.57 -13.70 -42.96
N LYS B 440 -58.52 -13.91 -42.17
CA LYS B 440 -57.59 -12.86 -41.76
C LYS B 440 -56.19 -13.18 -42.27
N GLY B 441 -56.11 -13.60 -43.53
CA GLY B 441 -54.87 -14.03 -44.14
C GLY B 441 -55.16 -14.89 -45.37
N PHE B 442 -54.27 -15.83 -45.61
CA PHE B 442 -54.32 -16.71 -46.78
C PHE B 442 -53.34 -17.85 -46.54
N LEU B 443 -53.18 -18.73 -47.53
CA LEU B 443 -52.37 -19.94 -47.39
C LEU B 443 -51.35 -20.03 -48.51
N GLU B 444 -50.15 -20.50 -48.15
CA GLU B 444 -49.09 -20.78 -49.13
C GLU B 444 -48.32 -22.01 -48.68
N CYS B 445 -48.36 -23.06 -49.52
CA CYS B 445 -47.62 -24.30 -49.27
C CYS B 445 -47.71 -24.73 -47.81
N GLY B 446 -48.89 -25.16 -47.39
CA GLY B 446 -49.08 -25.47 -45.99
C GLY B 446 -49.50 -24.29 -45.15
N ILE B 447 -48.52 -23.66 -44.48
CA ILE B 447 -48.79 -22.79 -43.35
C ILE B 447 -49.52 -21.53 -43.78
N CYS B 448 -50.51 -21.14 -42.97
CA CYS B 448 -51.21 -19.88 -43.14
C CYS B 448 -50.23 -18.71 -43.08
N ARG B 449 -50.41 -17.73 -43.95
CA ARG B 449 -49.72 -16.45 -43.86
C ARG B 449 -50.73 -15.39 -43.44
N CYS B 450 -50.44 -14.69 -42.36
CA CYS B 450 -51.43 -13.89 -41.65
C CYS B 450 -51.34 -12.41 -42.02
N ASP B 451 -52.47 -11.73 -41.91
CA ASP B 451 -52.51 -10.29 -42.03
C ASP B 451 -51.74 -9.63 -40.87
N THR B 452 -51.52 -8.32 -41.00
CA THR B 452 -50.60 -7.62 -40.11
C THR B 452 -50.99 -7.73 -38.64
N GLY B 453 -52.29 -7.86 -38.34
CA GLY B 453 -52.74 -7.92 -36.97
C GLY B 453 -53.08 -9.29 -36.43
N TYR B 454 -52.74 -10.36 -37.14
CA TYR B 454 -53.18 -11.70 -36.77
C TYR B 454 -51.98 -12.65 -36.74
N ILE B 455 -52.06 -13.63 -35.84
CA ILE B 455 -50.96 -14.55 -35.54
C ILE B 455 -51.56 -15.89 -35.12
N GLY B 456 -50.72 -16.91 -35.09
CA GLY B 456 -51.14 -18.25 -34.76
C GLY B 456 -51.06 -19.18 -35.97
N LYS B 457 -50.89 -20.48 -35.67
CA LYS B 457 -50.77 -21.49 -36.73
C LYS B 457 -51.91 -21.42 -37.74
N ASN B 458 -53.07 -20.90 -37.35
CA ASN B 458 -54.25 -20.77 -38.20
C ASN B 458 -54.77 -19.34 -38.19
N CYS B 459 -53.87 -18.38 -37.91
CA CYS B 459 -54.20 -16.97 -37.74
C CYS B 459 -55.41 -16.74 -36.82
N GLU B 460 -55.68 -17.68 -35.90
CA GLU B 460 -56.84 -17.51 -35.03
C GLU B 460 -56.64 -16.35 -34.07
N CYS B 461 -55.48 -16.28 -33.43
CA CYS B 461 -55.18 -15.25 -32.44
C CYS B 461 -55.06 -13.88 -33.12
N GLN B 462 -54.93 -12.84 -32.28
CA GLN B 462 -54.70 -11.49 -32.77
C GLN B 462 -53.63 -10.84 -31.92
N THR B 463 -52.97 -9.82 -32.48
CA THR B 463 -51.80 -9.23 -31.85
C THR B 463 -52.13 -8.41 -30.62
N GLN B 464 -53.39 -8.05 -30.42
CA GLN B 464 -53.82 -7.33 -29.22
C GLN B 464 -54.68 -8.29 -28.39
N GLY B 465 -54.00 -9.16 -27.66
CA GLY B 465 -54.70 -10.21 -26.94
C GLY B 465 -53.80 -10.95 -25.97
N ARG B 466 -54.25 -12.14 -25.60
CA ARG B 466 -53.75 -12.90 -24.47
C ARG B 466 -52.68 -13.92 -24.87
N SER B 467 -52.37 -14.81 -23.92
CA SER B 467 -51.56 -16.01 -24.14
C SER B 467 -52.20 -17.13 -23.34
N SER B 468 -51.48 -18.25 -23.16
CA SER B 468 -52.06 -19.40 -22.48
C SER B 468 -50.99 -20.18 -21.73
N GLN B 469 -51.28 -20.50 -20.47
CA GLN B 469 -50.28 -21.01 -19.54
C GLN B 469 -49.76 -22.39 -19.93
N GLU B 470 -50.66 -23.34 -20.26
CA GLU B 470 -50.20 -24.66 -20.66
C GLU B 470 -49.54 -24.63 -22.03
N LEU B 471 -49.99 -23.73 -22.91
CA LEU B 471 -49.28 -23.48 -24.16
C LEU B 471 -47.92 -22.82 -23.93
N GLU B 472 -47.75 -22.11 -22.81
CA GLU B 472 -46.46 -21.56 -22.42
C GLU B 472 -45.51 -22.61 -21.88
N GLY B 473 -45.94 -23.88 -21.80
CA GLY B 473 -45.01 -24.97 -21.63
C GLY B 473 -44.36 -25.43 -22.92
N SER B 474 -44.92 -24.99 -24.05
CA SER B 474 -44.29 -25.13 -25.37
C SER B 474 -43.67 -23.81 -25.84
N CYS B 475 -44.19 -22.69 -25.36
CA CYS B 475 -43.71 -21.36 -25.76
C CYS B 475 -42.38 -21.06 -25.08
N ARG B 476 -41.73 -22.10 -24.55
CA ARG B 476 -40.40 -21.96 -24.01
C ARG B 476 -39.61 -23.23 -24.32
N LYS B 477 -38.30 -23.09 -24.46
CA LYS B 477 -37.48 -24.18 -24.97
C LYS B 477 -37.52 -25.40 -24.05
N ASP B 478 -37.45 -25.19 -22.74
CA ASP B 478 -37.37 -26.32 -21.82
C ASP B 478 -37.67 -25.85 -20.40
N ASN B 479 -37.58 -26.78 -19.45
CA ASN B 479 -37.89 -26.49 -18.05
C ASN B 479 -37.00 -25.38 -17.49
N ASN B 480 -35.72 -25.39 -17.85
CA ASN B 480 -34.75 -24.49 -17.24
C ASN B 480 -34.52 -23.22 -18.03
N SER B 481 -35.29 -22.99 -19.08
CA SER B 481 -35.19 -21.77 -19.87
C SER B 481 -36.26 -20.77 -19.44
N ILE B 482 -36.15 -19.57 -19.98
CA ILE B 482 -37.13 -18.52 -19.78
C ILE B 482 -38.07 -18.52 -20.98
N ILE B 483 -39.34 -18.22 -20.72
CA ILE B 483 -40.33 -18.18 -21.79
C ILE B 483 -39.95 -17.12 -22.80
N CYS B 484 -39.90 -17.52 -24.07
CA CYS B 484 -39.36 -16.77 -25.21
C CYS B 484 -37.90 -16.37 -25.04
N SER B 485 -37.23 -16.79 -23.97
CA SER B 485 -35.83 -16.45 -23.65
C SER B 485 -35.68 -14.99 -23.21
N GLY B 486 -36.72 -14.39 -22.66
CA GLY B 486 -36.81 -12.94 -22.72
C GLY B 486 -37.02 -12.55 -24.17
N LEU B 487 -36.85 -11.26 -24.45
CA LEU B 487 -36.84 -10.79 -25.83
C LEU B 487 -38.11 -11.16 -26.61
N GLY B 488 -39.15 -11.64 -25.95
CA GLY B 488 -40.39 -11.98 -26.64
C GLY B 488 -41.62 -11.96 -25.74
N ASP B 489 -42.66 -11.22 -26.15
CA ASP B 489 -43.95 -11.27 -25.46
C ASP B 489 -44.77 -12.40 -26.09
N CYS B 490 -44.95 -13.49 -25.34
CA CYS B 490 -45.42 -14.74 -25.93
C CYS B 490 -46.92 -14.70 -26.22
N VAL B 491 -47.32 -15.41 -27.27
CA VAL B 491 -48.71 -15.46 -27.72
C VAL B 491 -48.96 -16.84 -28.31
N CYS B 492 -49.97 -17.53 -27.78
CA CYS B 492 -50.57 -18.69 -28.44
C CYS B 492 -49.56 -19.81 -28.69
N GLY B 493 -48.68 -20.04 -27.72
CA GLY B 493 -47.71 -21.12 -27.79
C GLY B 493 -46.51 -20.84 -28.67
N GLN B 494 -46.53 -19.77 -29.46
CA GLN B 494 -45.38 -19.30 -30.23
C GLN B 494 -44.88 -17.99 -29.64
N CYS B 495 -43.63 -17.65 -29.97
CA CYS B 495 -43.05 -16.42 -29.48
C CYS B 495 -43.11 -15.34 -30.56
N LEU B 496 -43.23 -14.09 -30.12
CA LEU B 496 -43.17 -12.93 -31.00
C LEU B 496 -42.02 -12.06 -30.50
N CYS B 497 -40.86 -12.22 -31.13
CA CYS B 497 -39.65 -11.62 -30.62
C CYS B 497 -39.72 -10.09 -30.66
N HIS B 498 -38.96 -9.47 -29.77
CA HIS B 498 -39.07 -8.03 -29.51
C HIS B 498 -38.37 -7.22 -30.60
N THR B 499 -38.66 -5.92 -30.59
CA THR B 499 -38.06 -4.97 -31.52
C THR B 499 -36.95 -4.20 -30.80
N SER B 500 -35.74 -4.31 -31.33
CA SER B 500 -34.65 -3.42 -30.95
C SER B 500 -34.34 -2.58 -32.18
N ASP B 501 -34.71 -1.29 -32.12
CA ASP B 501 -34.52 -0.40 -33.27
C ASP B 501 -33.11 0.20 -33.21
N VAL B 502 -32.13 -0.67 -33.39
CA VAL B 502 -30.72 -0.29 -33.48
C VAL B 502 -30.16 -0.93 -34.74
N PRO B 503 -28.99 -0.51 -35.23
CA PRO B 503 -28.50 -1.02 -36.52
C PRO B 503 -28.34 -2.53 -36.52
N GLY B 504 -28.94 -3.17 -37.54
CA GLY B 504 -28.77 -4.59 -37.80
C GLY B 504 -29.07 -5.50 -36.63
N LYS B 505 -29.99 -5.07 -35.76
CA LYS B 505 -30.42 -5.89 -34.63
C LYS B 505 -31.78 -6.49 -34.94
N LEU B 506 -31.79 -7.77 -35.22
CA LEU B 506 -33.01 -8.56 -35.24
C LEU B 506 -32.86 -9.66 -34.21
N ILE B 507 -33.94 -9.92 -33.48
CA ILE B 507 -34.06 -11.10 -32.65
C ILE B 507 -34.96 -12.06 -33.38
N TYR B 508 -34.55 -13.33 -33.45
CA TYR B 508 -35.28 -14.30 -34.23
C TYR B 508 -35.04 -15.69 -33.67
N GLY B 509 -35.88 -16.63 -34.09
CA GLY B 509 -35.81 -17.98 -33.60
C GLY B 509 -37.10 -18.46 -32.99
N GLN B 510 -37.25 -19.79 -32.90
CA GLN B 510 -38.46 -20.38 -32.33
C GLN B 510 -38.71 -19.89 -30.92
N TYR B 511 -37.65 -19.59 -30.17
CA TYR B 511 -37.75 -19.07 -28.81
C TYR B 511 -36.94 -17.78 -28.66
N CYS B 512 -36.86 -16.99 -29.72
CA CYS B 512 -36.09 -15.74 -29.74
C CYS B 512 -34.66 -15.94 -29.24
N GLU B 513 -34.10 -17.12 -29.50
CA GLU B 513 -32.80 -17.47 -28.93
C GLU B 513 -31.62 -16.90 -29.73
N CYS B 514 -31.87 -16.34 -30.91
CA CYS B 514 -30.79 -15.90 -31.79
C CYS B 514 -30.93 -14.42 -32.10
N ASP B 515 -29.89 -13.88 -32.74
CA ASP B 515 -29.84 -12.47 -33.14
C ASP B 515 -28.89 -12.34 -34.33
N THR B 516 -28.80 -11.11 -34.85
CA THR B 516 -27.91 -10.77 -35.96
C THR B 516 -26.76 -9.89 -35.53
N ILE B 517 -26.37 -9.96 -34.26
CA ILE B 517 -25.38 -9.04 -33.70
C ILE B 517 -24.28 -9.81 -32.99
N ASN B 518 -24.68 -10.68 -32.06
CA ASN B 518 -23.78 -11.26 -31.07
C ASN B 518 -22.91 -12.37 -31.68
N CYS B 519 -22.18 -12.01 -32.73
CA CYS B 519 -21.16 -12.89 -33.32
C CYS B 519 -19.77 -12.35 -33.03
N GLU B 520 -18.76 -13.00 -33.60
CA GLU B 520 -17.39 -12.51 -33.45
C GLU B 520 -17.16 -11.25 -34.28
N ARG B 521 -16.23 -10.43 -33.84
CA ARG B 521 -15.96 -9.15 -34.46
C ARG B 521 -14.54 -9.12 -35.03
N TYR B 522 -14.42 -8.46 -36.17
CA TYR B 522 -13.16 -8.30 -36.90
C TYR B 522 -13.08 -6.86 -37.34
N ASN B 523 -11.85 -6.35 -37.46
CA ASN B 523 -11.63 -4.92 -37.56
C ASN B 523 -12.33 -4.27 -36.37
N GLY B 524 -13.39 -3.50 -36.61
CA GLY B 524 -14.21 -3.01 -35.51
C GLY B 524 -15.68 -3.28 -35.76
N GLN B 525 -15.98 -4.37 -36.47
CA GLN B 525 -17.30 -4.56 -37.03
C GLN B 525 -17.83 -5.97 -36.78
N VAL B 526 -19.16 -6.06 -36.80
CA VAL B 526 -19.91 -7.31 -36.75
C VAL B 526 -19.48 -8.19 -37.91
N CYS B 527 -18.83 -9.32 -37.60
CA CYS B 527 -18.35 -10.27 -38.61
C CYS B 527 -17.43 -9.61 -39.64
N GLY B 528 -16.64 -8.63 -39.20
CA GLY B 528 -15.80 -7.91 -40.13
C GLY B 528 -16.52 -6.92 -41.00
N GLY B 529 -17.80 -6.67 -40.73
CA GLY B 529 -18.57 -5.73 -41.50
C GLY B 529 -19.43 -6.41 -42.55
N PRO B 530 -20.40 -5.66 -43.08
CA PRO B 530 -21.34 -6.25 -44.04
C PRO B 530 -20.68 -6.74 -45.31
N GLY B 531 -19.59 -6.10 -45.73
CA GLY B 531 -18.89 -6.57 -46.90
C GLY B 531 -18.27 -7.93 -46.69
N ARG B 532 -17.67 -8.16 -45.52
CA ARG B 532 -16.90 -9.38 -45.32
C ARG B 532 -17.78 -10.56 -44.91
N GLY B 533 -18.88 -10.33 -44.20
CA GLY B 533 -19.72 -11.46 -43.84
C GLY B 533 -20.93 -11.02 -43.04
N LEU B 534 -21.70 -12.02 -42.60
CA LEU B 534 -22.95 -11.80 -41.92
C LEU B 534 -22.98 -12.59 -40.61
N CYS B 535 -23.86 -12.14 -39.69
CA CYS B 535 -23.93 -12.66 -38.33
C CYS B 535 -25.28 -13.31 -38.08
N PHE B 536 -25.26 -14.60 -37.72
CA PHE B 536 -26.48 -15.37 -37.50
C PHE B 536 -26.31 -16.25 -36.26
N CYS B 537 -27.02 -15.91 -35.19
CA CYS B 537 -27.15 -16.75 -34.01
C CYS B 537 -25.78 -17.12 -33.44
N GLY B 538 -24.97 -16.09 -33.19
CA GLY B 538 -23.68 -16.24 -32.57
C GLY B 538 -22.54 -16.64 -33.48
N LYS B 539 -22.80 -16.83 -34.77
CA LYS B 539 -21.80 -17.33 -35.71
C LYS B 539 -21.80 -16.46 -36.96
N CYS B 540 -20.62 -16.29 -37.55
CA CYS B 540 -20.47 -15.57 -38.80
C CYS B 540 -20.58 -16.52 -39.98
N ARG B 541 -21.40 -16.14 -40.98
CA ARG B 541 -21.42 -16.80 -42.28
C ARG B 541 -20.82 -15.82 -43.28
N CYS B 542 -19.58 -16.09 -43.68
CA CYS B 542 -18.78 -15.13 -44.41
C CYS B 542 -19.13 -15.12 -45.88
N HIS B 543 -18.91 -13.97 -46.50
CA HIS B 543 -19.21 -13.75 -47.90
C HIS B 543 -18.16 -14.39 -48.80
N PRO B 544 -18.45 -14.56 -50.08
CA PRO B 544 -17.44 -15.09 -51.01
C PRO B 544 -16.18 -14.24 -51.00
N GLY B 545 -15.04 -14.92 -50.96
CA GLY B 545 -13.76 -14.27 -50.84
C GLY B 545 -13.25 -14.11 -49.43
N PHE B 546 -14.04 -14.49 -48.43
CA PHE B 546 -13.67 -14.33 -47.03
C PHE B 546 -13.98 -15.60 -46.27
N GLU B 547 -13.25 -15.81 -45.18
CA GLU B 547 -13.46 -16.94 -44.30
C GLU B 547 -12.95 -16.57 -42.91
N GLY B 548 -13.28 -17.40 -41.93
CA GLY B 548 -12.81 -17.16 -40.58
C GLY B 548 -13.94 -17.00 -39.58
N SER B 549 -13.59 -17.15 -38.30
CA SER B 549 -14.60 -17.05 -37.24
C SER B 549 -15.34 -15.72 -37.28
N ALA B 550 -14.65 -14.65 -37.69
CA ALA B 550 -15.26 -13.33 -37.82
C ALA B 550 -15.06 -12.78 -39.23
N CYS B 551 -14.92 -13.67 -40.22
CA CYS B 551 -14.46 -13.30 -41.55
C CYS B 551 -13.12 -12.59 -41.46
N GLN B 552 -12.24 -13.18 -40.64
CA GLN B 552 -10.96 -12.55 -40.30
C GLN B 552 -10.03 -12.48 -41.50
N CYS B 553 -10.17 -13.40 -42.43
CA CYS B 553 -9.16 -13.62 -43.45
C CYS B 553 -9.79 -13.62 -44.84
N GLU B 554 -8.92 -13.56 -45.84
CA GLU B 554 -9.34 -13.65 -47.24
C GLU B 554 -9.00 -15.03 -47.75
N ARG B 555 -9.91 -15.60 -48.56
CA ARG B 555 -9.65 -16.91 -49.16
C ARG B 555 -8.38 -16.88 -50.01
N THR B 556 -8.02 -15.69 -50.51
CA THR B 556 -6.89 -15.52 -51.39
C THR B 556 -5.57 -15.88 -50.70
N THR B 557 -4.75 -16.68 -51.38
CA THR B 557 -3.36 -16.86 -50.96
C THR B 557 -2.42 -15.92 -51.69
N GLU B 558 -2.85 -15.32 -52.79
CA GLU B 558 -2.04 -14.33 -53.50
C GLU B 558 -1.76 -13.15 -52.58
N GLY B 559 -0.68 -13.27 -51.82
CA GLY B 559 -0.27 -12.32 -50.81
C GLY B 559 0.82 -13.03 -50.02
N CYS B 560 0.69 -14.35 -49.97
CA CYS B 560 1.73 -15.25 -49.50
C CYS B 560 2.67 -15.69 -50.61
N LEU B 561 2.32 -15.47 -51.87
CA LEU B 561 3.09 -15.95 -53.00
C LEU B 561 4.01 -14.86 -53.53
N ASN B 562 5.19 -15.29 -53.99
CA ASN B 562 6.20 -14.40 -54.52
C ASN B 562 6.04 -14.32 -56.04
N PRO B 563 6.83 -13.51 -56.75
CA PRO B 563 6.76 -13.53 -58.22
C PRO B 563 6.92 -14.91 -58.83
N ARG B 564 7.76 -15.78 -58.24
CA ARG B 564 7.87 -17.16 -58.69
C ARG B 564 6.58 -17.95 -58.49
N ARG B 565 5.62 -17.40 -57.72
CA ARG B 565 4.34 -18.05 -57.40
C ARG B 565 4.54 -19.31 -56.56
N VAL B 566 5.28 -19.16 -55.47
CA VAL B 566 5.37 -20.20 -54.45
C VAL B 566 5.06 -19.56 -53.10
N GLU B 567 4.32 -20.27 -52.27
CA GLU B 567 3.84 -19.73 -51.01
C GLU B 567 5.00 -19.59 -50.02
N CYS B 568 5.30 -18.34 -49.66
CA CYS B 568 6.18 -18.05 -48.53
C CYS B 568 7.61 -18.57 -48.77
N SER B 569 8.16 -18.19 -49.92
CA SER B 569 9.40 -18.76 -50.42
C SER B 569 9.29 -20.28 -50.37
N GLY B 570 10.25 -20.94 -49.73
CA GLY B 570 10.07 -22.32 -49.34
C GLY B 570 10.34 -22.45 -47.86
N ARG B 571 10.00 -21.42 -47.10
CA ARG B 571 10.46 -21.25 -45.74
C ARG B 571 9.38 -20.60 -44.88
N GLY B 572 8.27 -21.31 -44.71
CA GLY B 572 7.11 -20.83 -43.99
C GLY B 572 5.88 -21.39 -44.66
N ARG B 573 4.72 -21.01 -44.14
CA ARG B 573 3.52 -21.29 -44.91
C ARG B 573 2.43 -20.28 -44.58
N CYS B 574 1.39 -20.36 -45.39
CA CYS B 574 0.48 -19.24 -45.67
C CYS B 574 -0.78 -19.30 -44.81
N ARG B 575 -1.14 -18.14 -44.25
CA ARG B 575 -2.27 -18.02 -43.32
C ARG B 575 -2.82 -16.59 -43.46
N CYS B 576 -3.88 -16.46 -44.27
CA CYS B 576 -4.63 -15.21 -44.38
C CYS B 576 -3.86 -14.11 -45.11
N ASN B 577 -3.33 -14.40 -46.30
CA ASN B 577 -2.46 -13.46 -47.04
C ASN B 577 -1.21 -13.10 -46.25
N VAL B 578 -0.77 -14.00 -45.37
CA VAL B 578 0.40 -13.73 -44.54
C VAL B 578 1.25 -14.98 -44.47
N CYS B 579 2.56 -14.79 -44.47
CA CYS B 579 3.50 -15.88 -44.28
C CYS B 579 3.89 -15.99 -42.81
N GLU B 580 4.11 -17.21 -42.36
CA GLU B 580 4.66 -17.47 -41.04
C GLU B 580 6.03 -18.10 -41.26
N CYS B 581 7.07 -17.25 -41.23
CA CYS B 581 8.41 -17.61 -41.68
C CYS B 581 9.24 -18.16 -40.53
N HIS B 582 9.56 -19.45 -40.63
CA HIS B 582 10.46 -20.22 -39.80
CA HIS B 582 10.31 -20.03 -39.54
C HIS B 582 11.75 -19.49 -39.50
N SER B 583 12.43 -19.83 -38.41
CA SER B 583 13.69 -19.22 -38.01
C SER B 583 13.61 -17.70 -38.15
N GLY B 584 14.70 -17.08 -38.54
CA GLY B 584 14.73 -15.64 -38.67
C GLY B 584 14.25 -15.09 -40.00
N TYR B 585 13.68 -15.92 -40.87
CA TYR B 585 13.23 -15.42 -42.15
C TYR B 585 12.09 -14.43 -41.96
N GLN B 586 12.09 -13.38 -42.77
CA GLN B 586 11.32 -12.19 -42.46
C GLN B 586 10.24 -11.93 -43.49
N LEU B 587 9.28 -11.12 -43.05
CA LEU B 587 8.15 -10.69 -43.85
C LEU B 587 8.60 -9.81 -45.00
N PRO B 588 7.79 -9.71 -46.06
CA PRO B 588 6.61 -10.56 -46.28
C PRO B 588 6.91 -12.00 -46.69
N LEU B 589 7.50 -12.18 -47.86
CA LEU B 589 7.45 -13.46 -48.55
C LEU B 589 8.49 -14.50 -48.05
N CYS B 590 9.07 -14.35 -46.86
CA CYS B 590 9.99 -15.32 -46.26
C CYS B 590 11.26 -15.51 -47.06
N GLN B 591 11.58 -14.59 -47.97
CA GLN B 591 12.78 -14.78 -48.79
C GLN B 591 14.03 -14.71 -47.93
N GLU B 592 14.16 -13.65 -47.14
CA GLU B 592 15.41 -13.26 -46.51
C GLU B 592 15.37 -13.48 -45.00
N CYS B 593 16.48 -14.01 -44.46
CA CYS B 593 16.73 -14.17 -43.03
C CYS B 593 17.85 -13.22 -42.61
N PRO B 594 17.63 -11.92 -42.65
CA PRO B 594 18.76 -11.00 -42.36
C PRO B 594 19.29 -11.14 -40.95
N GLY B 595 20.00 -12.23 -40.66
CA GLY B 595 20.47 -12.49 -39.32
C GLY B 595 21.09 -13.86 -39.15
N CYS B 596 20.57 -14.86 -39.87
CA CYS B 596 21.15 -16.20 -39.93
C CYS B 596 22.67 -16.15 -40.07
N PRO B 597 23.41 -17.15 -39.59
CA PRO B 597 24.85 -17.20 -39.89
C PRO B 597 25.04 -17.28 -41.39
N SER B 598 25.68 -16.27 -41.95
CA SER B 598 25.86 -16.22 -43.38
C SER B 598 26.76 -17.37 -43.83
N PRO B 599 26.35 -18.16 -44.81
CA PRO B 599 26.92 -19.50 -44.99
C PRO B 599 28.16 -19.58 -45.86
N CYS B 600 28.90 -18.48 -46.04
CA CYS B 600 30.05 -18.48 -46.94
C CYS B 600 30.99 -19.64 -46.67
N GLY B 601 31.58 -19.69 -45.48
CA GLY B 601 32.64 -20.61 -45.13
C GLY B 601 32.45 -22.09 -45.46
N LYS B 602 31.20 -22.55 -45.53
CA LYS B 602 30.93 -23.94 -45.87
C LYS B 602 30.71 -24.15 -47.36
N TYR B 603 30.84 -23.10 -48.16
CA TYR B 603 30.70 -23.19 -49.61
C TYR B 603 32.00 -22.79 -50.32
N ILE B 604 33.11 -22.77 -49.58
CA ILE B 604 34.43 -22.65 -50.19
C ILE B 604 34.60 -23.72 -51.26
N SER B 605 34.58 -24.99 -50.82
CA SER B 605 34.81 -26.12 -51.71
C SER B 605 33.86 -26.08 -52.92
N CYS B 606 32.63 -25.62 -52.70
CA CYS B 606 31.64 -25.63 -53.77
C CYS B 606 31.92 -24.56 -54.80
N ALA B 607 32.35 -23.37 -54.37
CA ALA B 607 32.62 -22.31 -55.32
C ALA B 607 33.78 -22.68 -56.24
N GLU B 608 34.90 -23.14 -55.68
CA GLU B 608 36.05 -23.49 -56.51
C GLU B 608 35.83 -24.79 -57.27
N CYS B 609 34.93 -25.63 -56.78
CA CYS B 609 34.36 -26.73 -57.55
C CYS B 609 33.88 -26.29 -58.93
N LEU B 610 33.02 -25.27 -58.96
CA LEU B 610 32.13 -25.05 -60.08
C LEU B 610 32.65 -24.07 -61.12
N LYS B 611 33.43 -23.07 -60.71
CA LYS B 611 34.08 -22.17 -61.66
C LYS B 611 35.47 -22.64 -62.01
N PHE B 612 36.29 -22.89 -60.99
CA PHE B 612 37.70 -23.21 -61.16
C PHE B 612 37.99 -24.69 -61.21
N GLU B 613 36.97 -25.54 -61.11
CA GLU B 613 37.07 -26.99 -61.30
C GLU B 613 38.18 -27.63 -60.47
N LYS B 614 38.52 -27.02 -59.34
CA LYS B 614 39.56 -27.52 -58.44
C LYS B 614 38.98 -27.72 -57.04
N GLY B 615 39.88 -27.88 -56.08
CA GLY B 615 39.47 -28.04 -54.70
C GLY B 615 39.12 -29.47 -54.35
N PRO B 616 38.68 -29.68 -53.11
CA PRO B 616 38.37 -31.04 -52.65
C PRO B 616 37.25 -31.69 -53.43
N PHE B 617 36.39 -30.89 -54.08
CA PHE B 617 35.21 -31.44 -54.71
C PHE B 617 35.39 -31.69 -56.20
N GLY B 618 36.63 -31.81 -56.67
CA GLY B 618 36.90 -32.38 -57.98
C GLY B 618 36.37 -33.80 -58.07
N LYS B 619 35.68 -34.14 -59.17
CA LYS B 619 34.98 -35.41 -59.33
C LYS B 619 33.82 -35.56 -58.35
N ASN B 620 33.83 -34.75 -57.30
CA ASN B 620 32.87 -34.75 -56.20
C ASN B 620 31.74 -33.76 -56.43
N CYS B 621 31.96 -32.81 -57.32
CA CYS B 621 31.23 -31.56 -57.44
C CYS B 621 29.73 -31.67 -57.29
N SER B 622 29.04 -31.95 -58.40
CA SER B 622 27.59 -31.89 -58.50
C SER B 622 26.90 -32.42 -57.25
N ALA B 623 27.22 -33.66 -56.87
CA ALA B 623 26.59 -34.26 -55.70
C ALA B 623 26.96 -33.54 -54.42
N ALA B 624 28.18 -33.01 -54.33
CA ALA B 624 28.63 -32.35 -53.12
C ALA B 624 28.18 -30.89 -53.03
N CYS B 625 27.47 -30.38 -54.04
CA CYS B 625 26.95 -29.01 -54.03
C CYS B 625 25.56 -28.99 -54.66
N PRO B 626 24.62 -29.77 -54.12
CA PRO B 626 23.38 -30.03 -54.86
C PRO B 626 22.39 -28.88 -54.88
N GLY B 627 22.41 -28.02 -53.87
CA GLY B 627 21.51 -26.89 -53.87
C GLY B 627 21.97 -25.71 -54.68
N LEU B 628 23.17 -25.79 -55.26
CA LEU B 628 23.83 -24.63 -55.85
C LEU B 628 23.79 -24.74 -57.38
N GLN B 629 23.28 -23.70 -58.02
CA GLN B 629 23.48 -23.50 -59.45
C GLN B 629 24.48 -22.37 -59.64
N LEU B 630 25.28 -22.48 -60.70
CA LEU B 630 26.27 -21.44 -61.01
C LEU B 630 25.72 -20.53 -62.10
N SER B 631 25.95 -19.24 -61.94
CA SER B 631 25.41 -18.23 -62.84
C SER B 631 26.50 -17.67 -63.73
N ASN B 632 26.17 -17.52 -65.02
CA ASN B 632 27.08 -16.79 -65.93
C ASN B 632 27.28 -15.36 -65.46
N ASN B 633 26.25 -14.74 -64.88
CA ASN B 633 26.22 -13.33 -64.58
C ASN B 633 26.33 -13.09 -63.07
N PRO B 634 26.68 -11.87 -62.68
CA PRO B 634 26.62 -11.51 -61.25
C PRO B 634 25.22 -11.72 -60.69
N VAL B 635 25.16 -12.12 -59.42
CA VAL B 635 23.87 -12.29 -58.75
C VAL B 635 23.75 -11.27 -57.62
N LYS B 636 22.60 -11.25 -56.94
CA LYS B 636 22.17 -10.11 -56.13
C LYS B 636 22.56 -10.23 -54.66
N GLY B 637 22.76 -11.45 -54.15
CA GLY B 637 22.79 -11.69 -52.72
C GLY B 637 24.02 -11.33 -51.91
N ARG B 638 24.63 -12.36 -51.32
CA ARG B 638 25.52 -12.23 -50.16
C ARG B 638 26.98 -12.29 -50.56
N THR B 639 27.72 -11.23 -50.28
CA THR B 639 29.14 -11.17 -50.62
C THR B 639 29.94 -12.14 -49.75
N CYS B 640 30.65 -13.05 -50.40
CA CYS B 640 31.57 -13.96 -49.74
C CYS B 640 32.97 -13.73 -50.26
N LYS B 641 33.96 -13.99 -49.41
CA LYS B 641 35.36 -13.82 -49.77
C LYS B 641 36.17 -14.68 -48.82
N GLU B 642 36.89 -15.68 -49.35
CA GLU B 642 37.56 -16.62 -48.47
C GLU B 642 38.57 -17.46 -49.26
N ARG B 643 39.42 -18.14 -48.50
CA ARG B 643 40.60 -18.83 -49.04
C ARG B 643 40.28 -20.26 -49.44
N ASP B 644 40.71 -20.63 -50.63
CA ASP B 644 40.36 -21.91 -51.23
C ASP B 644 41.42 -22.95 -50.86
N SER B 645 41.48 -24.04 -51.62
CA SER B 645 42.41 -25.14 -51.35
C SER B 645 43.88 -24.73 -51.47
N GLU B 646 44.17 -23.61 -52.12
CA GLU B 646 45.54 -23.19 -52.36
C GLU B 646 45.91 -21.87 -51.70
N GLY B 647 44.92 -21.10 -51.24
CA GLY B 647 45.20 -19.89 -50.48
C GLY B 647 44.79 -18.61 -51.17
N CYS B 648 43.99 -18.73 -52.23
CA CYS B 648 43.61 -17.60 -53.06
C CYS B 648 42.23 -17.10 -52.64
N TRP B 649 42.12 -15.78 -52.44
CA TRP B 649 40.87 -15.16 -52.03
C TRP B 649 39.85 -15.20 -53.17
N VAL B 650 39.00 -16.23 -53.18
CA VAL B 650 37.92 -16.31 -54.15
C VAL B 650 36.77 -15.42 -53.68
N ALA B 651 36.35 -14.51 -54.54
CA ALA B 651 35.24 -13.62 -54.25
C ALA B 651 34.02 -14.06 -55.04
N TYR B 652 32.88 -14.18 -54.37
CA TYR B 652 31.67 -14.63 -55.05
C TYR B 652 30.44 -14.08 -54.35
N THR B 653 29.33 -14.05 -55.08
CA THR B 653 28.05 -13.61 -54.57
C THR B 653 27.11 -14.80 -54.48
N LEU B 654 26.48 -14.97 -53.33
CA LEU B 654 25.67 -16.13 -52.99
C LEU B 654 24.25 -15.65 -52.74
N GLU B 655 23.32 -16.10 -53.58
CA GLU B 655 21.94 -15.61 -53.57
C GLU B 655 20.99 -16.77 -53.33
N GLN B 656 20.34 -16.78 -52.16
CA GLN B 656 19.38 -17.82 -51.85
C GLN B 656 18.06 -17.54 -52.55
N GLN B 657 17.57 -18.54 -53.28
CA GLN B 657 16.22 -18.53 -53.80
C GLN B 657 15.41 -19.61 -53.08
N ASP B 658 14.20 -19.87 -53.57
CA ASP B 658 13.17 -20.60 -52.83
C ASP B 658 13.58 -21.99 -52.36
N GLY B 659 13.75 -22.16 -51.04
CA GLY B 659 14.00 -23.46 -50.45
C GLY B 659 14.99 -23.47 -49.29
N MET B 660 15.16 -24.62 -48.65
CA MET B 660 16.11 -24.77 -47.55
C MET B 660 17.46 -25.19 -48.12
N ASP B 661 18.46 -24.33 -47.99
CA ASP B 661 19.81 -24.53 -48.47
C ASP B 661 19.85 -24.64 -49.99
N ARG B 662 19.47 -23.57 -50.69
CA ARG B 662 19.34 -23.58 -52.15
C ARG B 662 19.77 -22.21 -52.67
N TYR B 663 20.74 -22.17 -53.58
CA TYR B 663 21.44 -20.94 -53.90
C TYR B 663 21.79 -20.82 -55.38
N LEU B 664 22.06 -19.58 -55.80
CA LEU B 664 22.78 -19.26 -57.02
C LEU B 664 24.13 -18.65 -56.65
N ILE B 665 25.17 -18.97 -57.42
CA ILE B 665 26.48 -18.38 -57.21
C ILE B 665 26.93 -17.67 -58.48
N TYR B 666 27.42 -16.45 -58.32
CA TYR B 666 28.33 -15.85 -59.29
C TYR B 666 29.74 -15.90 -58.69
N VAL B 667 30.67 -16.52 -59.41
CA VAL B 667 32.06 -16.55 -59.00
C VAL B 667 32.86 -15.62 -59.90
N ASP B 668 33.61 -14.70 -59.29
CA ASP B 668 34.56 -13.89 -60.02
C ASP B 668 35.65 -14.79 -60.61
N GLU B 669 35.79 -14.75 -61.94
CA GLU B 669 36.81 -15.57 -62.59
C GLU B 669 38.20 -15.26 -62.06
N SER B 670 38.40 -14.07 -61.50
CA SER B 670 39.68 -13.70 -60.92
C SER B 670 39.87 -14.35 -59.55
N ARG B 671 40.96 -15.09 -59.40
CA ARG B 671 41.46 -15.42 -58.08
C ARG B 671 42.30 -14.26 -57.57
N GLU B 672 42.98 -14.46 -56.45
CA GLU B 672 43.73 -13.40 -55.80
C GLU B 672 44.67 -14.03 -54.79
N CYS B 673 45.94 -14.15 -55.14
CA CYS B 673 46.88 -14.96 -54.36
C CYS B 673 48.11 -14.14 -54.02
N VAL B 674 49.00 -14.75 -53.23
CA VAL B 674 50.28 -14.15 -52.85
C VAL B 674 51.08 -15.15 -52.04
N PHE C 1 4.08 -36.66 28.71
CA PHE C 1 5.35 -37.32 28.45
C PHE C 1 6.33 -37.01 29.56
N ASN C 2 5.94 -36.11 30.45
CA ASN C 2 6.84 -35.48 31.40
C ASN C 2 6.36 -35.78 32.83
N LEU C 3 6.54 -37.02 33.28
CA LEU C 3 6.24 -37.38 34.66
C LEU C 3 7.36 -38.28 35.15
N ASP C 4 8.08 -37.81 36.16
CA ASP C 4 9.34 -38.33 36.68
C ASP C 4 9.28 -39.78 37.14
N THR C 5 9.61 -40.74 36.26
CA THR C 5 9.69 -42.15 36.64
C THR C 5 11.02 -42.53 37.29
N GLU C 6 11.89 -41.58 37.58
CA GLU C 6 13.24 -41.92 38.02
C GLU C 6 13.59 -41.46 39.43
N GLU C 7 13.07 -40.33 39.90
CA GLU C 7 13.28 -39.92 41.29
C GLU C 7 11.99 -39.34 41.85
N LEU C 8 11.50 -39.92 42.95
CA LEU C 8 10.21 -39.58 43.51
C LEU C 8 10.32 -39.53 45.02
N THR C 9 9.29 -38.98 45.66
CA THR C 9 9.16 -38.99 47.11
C THR C 9 8.06 -39.96 47.49
N ALA C 10 8.38 -40.90 48.37
CA ALA C 10 7.48 -42.00 48.72
C ALA C 10 7.08 -41.90 50.18
N PHE C 11 5.82 -42.20 50.48
CA PHE C 11 5.29 -42.16 51.84
C PHE C 11 4.62 -43.50 52.15
N ARG C 12 5.36 -44.38 52.80
CA ARG C 12 4.83 -45.67 53.25
C ARG C 12 4.54 -45.58 54.74
N VAL C 13 3.26 -45.69 55.09
CA VAL C 13 2.82 -45.82 56.47
C VAL C 13 1.87 -47.01 56.51
N ASP C 14 2.19 -48.01 57.34
CA ASP C 14 1.37 -49.21 57.40
C ASP C 14 0.28 -48.98 58.44
N SER C 15 -0.82 -48.38 58.00
CA SER C 15 -1.96 -48.09 58.86
C SER C 15 -3.25 -48.52 58.17
N ALA C 16 -3.36 -49.83 57.93
CA ALA C 16 -4.59 -50.49 57.47
C ALA C 16 -5.41 -49.66 56.49
N GLY C 17 -5.09 -49.71 55.20
CA GLY C 17 -5.80 -48.88 54.26
C GLY C 17 -5.17 -47.54 53.99
N PHE C 18 -3.97 -47.31 54.50
CA PHE C 18 -3.25 -46.07 54.21
C PHE C 18 -3.00 -45.95 52.72
N GLY C 19 -3.44 -44.84 52.16
CA GLY C 19 -3.28 -44.59 50.74
C GLY C 19 -4.48 -44.93 49.89
N ASP C 20 -5.57 -45.41 50.49
CA ASP C 20 -6.78 -45.64 49.72
C ASP C 20 -7.38 -44.33 49.22
N SER C 21 -7.13 -43.22 49.92
CA SER C 21 -7.66 -41.92 49.53
C SER C 21 -6.70 -40.82 49.97
N VAL C 22 -6.50 -39.83 49.09
CA VAL C 22 -5.46 -38.83 49.28
C VAL C 22 -5.82 -37.56 48.51
N VAL C 23 -5.46 -36.40 49.08
CA VAL C 23 -5.50 -35.11 48.39
C VAL C 23 -4.30 -34.27 48.85
N GLN C 24 -4.17 -33.08 48.27
CA GLN C 24 -3.08 -32.15 48.54
C GLN C 24 -3.61 -30.90 49.25
N TYR C 25 -2.75 -30.28 50.08
CA TYR C 25 -3.20 -29.27 51.03
C TYR C 25 -2.16 -28.15 51.15
N ALA C 26 -2.60 -26.92 50.87
CA ALA C 26 -1.86 -25.68 51.18
C ALA C 26 -0.53 -25.56 50.46
N ASN C 27 -0.33 -26.33 49.40
CA ASN C 27 0.96 -26.36 48.67
C ASN C 27 2.12 -26.67 49.61
N SER C 28 1.84 -27.36 50.71
CA SER C 28 2.82 -27.72 51.73
C SER C 28 2.80 -29.20 52.07
N TRP C 29 1.62 -29.80 52.19
CA TRP C 29 1.48 -31.14 52.73
C TRP C 29 0.68 -32.00 51.76
N VAL C 30 0.89 -33.31 51.87
CA VAL C 30 -0.03 -34.30 51.31
C VAL C 30 -0.76 -34.96 52.48
N VAL C 31 -2.07 -34.99 52.39
CA VAL C 31 -2.91 -35.55 53.45
C VAL C 31 -3.49 -36.85 52.94
N VAL C 32 -3.13 -37.94 53.62
CA VAL C 32 -3.48 -39.29 53.20
C VAL C 32 -4.48 -39.87 54.19
N GLY C 33 -5.56 -40.43 53.66
CA GLY C 33 -6.53 -41.13 54.48
C GLY C 33 -6.12 -42.58 54.70
N ALA C 34 -6.34 -43.04 55.93
CA ALA C 34 -6.19 -44.43 56.34
C ALA C 34 -7.54 -44.88 56.89
N PRO C 35 -8.50 -45.17 56.02
CA PRO C 35 -9.90 -45.34 56.45
C PRO C 35 -10.09 -46.46 57.47
N GLN C 36 -9.24 -47.47 57.48
CA GLN C 36 -9.44 -48.62 58.35
C GLN C 36 -8.52 -48.59 59.57
N LYS C 37 -7.74 -47.52 59.76
CA LYS C 37 -6.87 -47.43 60.92
C LYS C 37 -7.69 -47.33 62.21
N ILE C 38 -7.11 -47.85 63.29
CA ILE C 38 -7.76 -47.97 64.58
C ILE C 38 -6.98 -47.12 65.57
N THR C 39 -7.51 -45.96 65.93
CA THR C 39 -6.85 -45.09 66.90
C THR C 39 -7.47 -45.15 68.29
N ALA C 40 -8.68 -45.70 68.43
CA ALA C 40 -9.38 -45.63 69.70
C ALA C 40 -10.47 -46.69 69.75
N ALA C 41 -11.09 -46.79 70.92
CA ALA C 41 -12.13 -47.78 71.14
C ALA C 41 -13.40 -47.46 70.36
N ASN C 42 -14.06 -48.52 69.92
CA ASN C 42 -14.95 -48.56 68.76
C ASN C 42 -14.84 -47.30 67.88
N GLN C 43 -13.79 -47.25 67.04
CA GLN C 43 -13.41 -46.11 66.19
C GLN C 43 -12.56 -46.54 65.00
N THR C 44 -12.88 -46.07 63.78
CA THR C 44 -11.99 -46.35 62.64
C THR C 44 -11.66 -45.08 61.87
N GLY C 45 -10.57 -45.15 61.12
CA GLY C 45 -10.07 -44.04 60.32
C GLY C 45 -8.72 -43.55 60.80
N GLY C 46 -8.10 -42.72 59.97
CA GLY C 46 -6.80 -42.18 60.31
C GLY C 46 -6.23 -41.19 59.30
N LEU C 47 -5.63 -40.11 59.78
CA LEU C 47 -5.10 -39.06 58.93
C LEU C 47 -3.63 -38.81 59.23
N TYR C 48 -2.86 -38.59 58.16
CA TYR C 48 -1.47 -38.16 58.26
C TYR C 48 -1.25 -37.00 57.30
N GLN C 49 -0.46 -36.03 57.74
CA GLN C 49 0.10 -35.00 56.88
C GLN C 49 1.55 -35.34 56.62
N CYS C 50 1.94 -35.35 55.36
CA CYS C 50 3.32 -35.65 54.98
C CYS C 50 3.92 -34.42 54.32
N GLY C 51 5.09 -34.04 54.77
CA GLY C 51 5.81 -32.94 54.15
C GLY C 51 6.75 -33.42 53.08
N TYR C 52 7.18 -32.48 52.25
CA TYR C 52 8.28 -32.78 51.35
C TYR C 52 9.64 -32.58 52.00
N SER C 53 9.74 -31.66 52.96
CA SER C 53 11.02 -31.30 53.55
C SER C 53 11.73 -32.49 54.20
N THR C 54 10.97 -33.49 54.63
CA THR C 54 11.50 -34.54 55.50
C THR C 54 11.53 -35.92 54.86
N GLY C 55 10.50 -36.30 54.13
CA GLY C 55 10.40 -37.69 53.71
C GLY C 55 9.72 -38.54 54.75
N ALA C 56 8.90 -37.94 55.60
CA ALA C 56 8.16 -38.65 56.63
C ALA C 56 6.85 -37.91 56.88
N CYS C 57 5.99 -38.50 57.71
CA CYS C 57 4.68 -37.97 57.98
C CYS C 57 4.45 -37.81 59.47
N GLU C 58 3.56 -36.88 59.82
CA GLU C 58 3.02 -36.76 61.15
C GLU C 58 1.52 -37.02 61.15
N PRO C 59 0.98 -37.69 62.16
CA PRO C 59 -0.47 -37.87 62.22
C PRO C 59 -1.16 -36.55 62.52
N ILE C 60 -2.37 -36.42 62.01
CA ILE C 60 -3.16 -35.20 62.19
C ILE C 60 -3.92 -35.32 63.51
N GLY C 61 -3.51 -34.55 64.51
CA GLY C 61 -4.25 -34.52 65.76
C GLY C 61 -5.69 -34.12 65.52
N LEU C 62 -6.60 -34.82 66.19
CA LEU C 62 -8.01 -34.68 65.83
C LEU C 62 -8.85 -35.18 66.99
N GLN C 63 -9.64 -34.28 67.58
CA GLN C 63 -10.55 -34.56 68.69
C GLN C 63 -11.83 -35.19 68.13
N VAL C 64 -11.81 -36.51 67.95
CA VAL C 64 -12.94 -37.22 67.35
C VAL C 64 -14.01 -37.43 68.42
N PRO C 65 -15.26 -37.02 68.17
CA PRO C 65 -16.26 -37.09 69.22
C PRO C 65 -16.59 -38.53 69.58
N PRO C 66 -16.94 -38.80 70.84
CA PRO C 66 -17.36 -40.15 71.21
C PRO C 66 -18.59 -40.64 70.47
N GLU C 67 -19.46 -39.74 70.02
CA GLU C 67 -20.67 -40.14 69.31
C GLU C 67 -20.39 -40.68 67.92
N ALA C 68 -19.26 -40.33 67.32
CA ALA C 68 -18.84 -40.89 66.05
C ALA C 68 -18.09 -42.20 66.31
N VAL C 69 -18.63 -43.31 65.82
CA VAL C 69 -18.17 -44.65 66.19
C VAL C 69 -17.92 -45.45 64.92
N ASN C 70 -16.72 -46.02 64.80
CA ASN C 70 -16.44 -47.05 63.81
C ASN C 70 -16.69 -46.50 62.40
N MET C 71 -16.21 -45.27 62.17
CA MET C 71 -16.64 -44.40 61.07
C MET C 71 -15.79 -44.50 59.81
N SER C 72 -14.52 -44.91 59.92
CA SER C 72 -13.61 -45.02 58.78
C SER C 72 -13.32 -43.66 58.15
N LEU C 73 -12.84 -42.71 58.95
CA LEU C 73 -12.54 -41.40 58.42
C LEU C 73 -11.31 -41.44 57.52
N GLY C 74 -11.28 -40.52 56.55
CA GLY C 74 -10.27 -40.55 55.52
C GLY C 74 -10.69 -41.26 54.25
N LEU C 75 -11.75 -42.07 54.31
CA LEU C 75 -12.25 -42.72 53.10
C LEU C 75 -12.65 -41.70 52.04
N SER C 76 -13.11 -40.53 52.48
CA SER C 76 -13.52 -39.46 51.58
C SER C 76 -12.80 -38.19 51.98
N LEU C 77 -12.23 -37.49 50.99
CA LEU C 77 -11.43 -36.31 51.25
C LEU C 77 -11.75 -35.22 50.23
N ALA C 78 -11.44 -33.98 50.62
CA ALA C 78 -11.63 -32.82 49.77
C ALA C 78 -10.69 -31.71 50.23
N SER C 79 -10.30 -30.84 49.30
CA SER C 79 -9.33 -29.80 49.60
C SER C 79 -9.53 -28.62 48.65
N THR C 80 -9.21 -27.42 49.14
CA THR C 80 -9.25 -26.23 48.30
C THR C 80 -8.04 -25.35 48.62
N THR C 81 -7.84 -24.34 47.76
CA THR C 81 -6.69 -23.46 47.83
C THR C 81 -7.05 -21.98 47.92
N SER C 82 -8.28 -21.59 47.57
CA SER C 82 -8.71 -20.19 47.46
C SER C 82 -8.30 -19.42 48.72
N PRO C 83 -9.03 -19.51 49.84
CA PRO C 83 -8.33 -19.71 51.11
C PRO C 83 -8.20 -21.19 51.36
N SER C 84 -7.07 -21.61 51.92
CA SER C 84 -6.72 -23.02 51.95
C SER C 84 -7.49 -23.77 53.04
N GLN C 85 -8.14 -24.88 52.67
CA GLN C 85 -8.89 -25.69 53.59
C GLN C 85 -8.91 -27.14 53.11
N LEU C 86 -9.23 -28.05 54.02
CA LEU C 86 -9.46 -29.44 53.68
C LEU C 86 -10.67 -29.95 54.43
N LEU C 87 -11.23 -31.06 53.93
CA LEU C 87 -12.43 -31.67 54.49
C LEU C 87 -12.20 -33.17 54.52
N ALA C 88 -12.25 -33.77 55.71
CA ALA C 88 -11.96 -35.18 55.90
C ALA C 88 -13.17 -35.89 56.48
N CYS C 89 -13.58 -37.00 55.85
CA CYS C 89 -14.87 -37.61 56.10
C CYS C 89 -14.75 -39.07 56.52
N GLY C 90 -15.52 -39.44 57.53
CA GLY C 90 -15.83 -40.82 57.83
C GLY C 90 -17.32 -41.04 57.67
N PRO C 91 -17.72 -41.47 56.48
CA PRO C 91 -19.14 -41.53 56.14
C PRO C 91 -19.85 -42.78 56.63
N THR C 92 -19.22 -43.60 57.45
CA THR C 92 -19.83 -44.82 57.96
C THR C 92 -20.01 -44.74 59.48
N VAL C 93 -20.37 -43.56 59.99
CA VAL C 93 -20.57 -43.38 61.42
C VAL C 93 -21.79 -44.18 61.84
N HIS C 94 -21.62 -45.08 62.81
CA HIS C 94 -22.72 -45.84 63.38
C HIS C 94 -23.32 -45.08 64.55
N HIS C 95 -24.64 -45.16 64.70
CA HIS C 95 -25.32 -44.51 65.81
C HIS C 95 -26.61 -45.27 66.10
N GLU C 96 -26.95 -45.38 67.39
CA GLU C 96 -27.94 -46.35 67.88
C GLU C 96 -29.29 -45.68 68.16
N CYS C 97 -30.37 -46.33 67.72
CA CYS C 97 -31.71 -45.98 68.13
C CYS C 97 -32.45 -47.22 68.64
N GLY C 98 -31.83 -47.93 69.57
CA GLY C 98 -32.43 -49.09 70.19
C GLY C 98 -32.55 -50.27 69.25
N ARG C 99 -33.65 -50.32 68.49
CA ARG C 99 -33.92 -51.44 67.60
C ARG C 99 -32.81 -51.65 66.58
N ASN C 100 -32.09 -50.61 66.21
CA ASN C 100 -31.22 -50.65 65.05
C ASN C 100 -30.29 -49.44 65.10
N MET C 101 -29.16 -49.56 64.41
CA MET C 101 -28.21 -48.46 64.29
C MET C 101 -28.33 -47.83 62.90
N TYR C 102 -27.70 -46.67 62.74
CA TYR C 102 -27.81 -45.87 61.53
C TYR C 102 -26.45 -45.62 60.91
N LEU C 103 -26.45 -44.81 59.85
CA LEU C 103 -25.24 -44.32 59.21
C LEU C 103 -25.39 -42.84 58.93
N THR C 104 -25.09 -42.01 59.93
CA THR C 104 -24.70 -40.65 59.61
C THR C 104 -23.22 -40.66 59.22
N GLY C 105 -22.75 -39.53 58.69
CA GLY C 105 -21.35 -39.34 58.42
C GLY C 105 -20.85 -38.11 59.15
N LEU C 106 -19.57 -38.09 59.45
CA LEU C 106 -18.94 -36.97 60.15
C LEU C 106 -17.69 -36.54 59.40
N CYS C 107 -17.59 -35.25 59.11
CA CYS C 107 -16.46 -34.69 58.40
C CYS C 107 -15.86 -33.53 59.20
N PHE C 108 -14.55 -33.39 59.10
CA PHE C 108 -13.81 -32.34 59.78
C PHE C 108 -13.26 -31.33 58.77
N LEU C 109 -13.40 -30.05 59.09
CA LEU C 109 -12.95 -28.96 58.22
C LEU C 109 -11.86 -28.18 58.94
N LEU C 110 -10.71 -28.00 58.28
CA LEU C 110 -9.55 -27.39 58.92
C LEU C 110 -8.92 -26.37 57.98
N GLY C 111 -8.31 -25.34 58.60
CA GLY C 111 -7.60 -24.34 57.84
C GLY C 111 -6.47 -23.74 58.65
N PRO C 112 -5.47 -23.19 57.96
CA PRO C 112 -4.33 -22.62 58.68
C PRO C 112 -4.72 -21.47 59.57
N THR C 113 -5.66 -20.64 59.13
CA THR C 113 -6.15 -19.51 59.91
C THR C 113 -7.41 -19.83 60.69
N GLN C 114 -7.78 -21.09 60.83
CA GLN C 114 -9.11 -21.35 61.37
C GLN C 114 -9.13 -22.55 62.30
N LEU C 115 -10.09 -22.49 63.21
CA LEU C 115 -10.43 -23.56 64.14
C LEU C 115 -10.98 -24.75 63.38
N THR C 116 -10.79 -25.94 63.95
CA THR C 116 -11.36 -27.15 63.36
C THR C 116 -12.87 -27.13 63.52
N GLN C 117 -13.58 -27.64 62.51
CA GLN C 117 -15.03 -27.65 62.50
C GLN C 117 -15.53 -29.07 62.22
N ARG C 118 -16.81 -29.31 62.53
CA ARG C 118 -17.43 -30.61 62.36
C ARG C 118 -18.71 -30.48 61.55
N LEU C 119 -18.85 -31.32 60.53
CA LEU C 119 -20.06 -31.34 59.70
C LEU C 119 -20.59 -32.77 59.54
N PRO C 120 -21.92 -32.95 59.66
CA PRO C 120 -22.94 -31.96 60.00
C PRO C 120 -22.76 -31.44 61.42
N VAL C 121 -23.19 -30.20 61.67
CA VAL C 121 -22.85 -29.52 62.92
C VAL C 121 -23.38 -30.28 64.11
N SER C 122 -24.64 -30.74 64.04
CA SER C 122 -25.24 -31.50 65.12
C SER C 122 -25.15 -32.99 64.84
N ARG C 123 -24.90 -33.78 65.88
CA ARG C 123 -25.00 -35.22 65.76
C ARG C 123 -26.43 -35.60 65.40
N GLN C 124 -26.57 -36.68 64.64
CA GLN C 124 -27.89 -37.08 64.16
C GLN C 124 -28.61 -37.88 65.25
N GLU C 125 -29.70 -37.31 65.78
CA GLU C 125 -30.45 -37.94 66.85
C GLU C 125 -31.51 -38.89 66.30
N CYS C 126 -32.23 -39.57 67.20
CA CYS C 126 -33.16 -40.64 66.82
C CYS C 126 -34.49 -40.06 66.37
N PRO C 127 -35.07 -40.55 65.27
CA PRO C 127 -36.31 -39.96 64.76
C PRO C 127 -37.48 -40.01 65.75
N ARG C 128 -37.74 -41.19 66.33
CA ARG C 128 -38.89 -41.50 67.19
C ARG C 128 -40.15 -41.76 66.38
N GLN C 129 -40.88 -42.82 66.72
CA GLN C 129 -42.11 -43.22 66.03
C GLN C 129 -43.32 -42.66 66.76
N SER C 326 -40.68 -50.98 53.86
CA SER C 326 -39.98 -50.01 54.69
C SER C 326 -39.09 -49.09 53.85
N SER C 327 -39.60 -47.89 53.58
CA SER C 327 -38.87 -46.84 52.88
C SER C 327 -38.18 -45.92 53.88
N PHE C 328 -37.12 -45.26 53.43
CA PHE C 328 -36.17 -44.63 54.33
C PHE C 328 -36.19 -43.11 54.22
N GLU C 329 -35.59 -42.47 55.22
CA GLU C 329 -35.50 -41.01 55.30
C GLU C 329 -34.04 -40.58 55.19
N LEU C 330 -33.47 -40.03 56.26
CA LEU C 330 -32.06 -39.63 56.29
C LEU C 330 -31.23 -40.53 57.20
N GLU C 331 -31.60 -41.81 57.25
CA GLU C 331 -31.07 -42.71 58.29
C GLU C 331 -29.68 -43.23 57.94
N MET C 332 -29.49 -43.72 56.73
CA MET C 332 -28.15 -44.12 56.29
C MET C 332 -27.75 -43.27 55.10
N ALA C 333 -27.90 -41.95 55.24
CA ALA C 333 -27.50 -41.03 54.19
C ALA C 333 -26.01 -41.11 53.91
N GLN C 334 -25.21 -41.33 54.96
CA GLN C 334 -23.75 -41.33 54.88
C GLN C 334 -23.26 -39.99 54.33
N GLU C 335 -23.66 -38.93 55.03
CA GLU C 335 -23.28 -37.57 54.66
C GLU C 335 -21.77 -37.42 54.67
N GLY C 336 -21.23 -36.92 53.57
CA GLY C 336 -19.79 -36.82 53.39
C GLY C 336 -19.16 -38.01 52.73
N PHE C 337 -19.94 -38.91 52.13
CA PHE C 337 -19.34 -40.04 51.41
C PHE C 337 -18.49 -39.56 50.25
N SER C 338 -18.80 -38.40 49.70
CA SER C 338 -17.97 -37.71 48.73
C SER C 338 -18.11 -36.22 48.97
N ALA C 339 -17.00 -35.48 48.83
CA ALA C 339 -17.00 -34.07 49.20
C ALA C 339 -16.22 -33.24 48.19
N VAL C 340 -16.70 -32.02 47.97
CA VAL C 340 -16.00 -31.01 47.17
C VAL C 340 -16.40 -29.64 47.70
N PHE C 341 -15.44 -28.72 47.74
CA PHE C 341 -15.74 -27.36 48.17
C PHE C 341 -16.52 -26.61 47.09
N THR C 342 -17.15 -25.50 47.51
CA THR C 342 -17.70 -24.51 46.58
C THR C 342 -17.36 -23.11 47.06
N PRO C 343 -17.57 -22.07 46.24
CA PRO C 343 -17.32 -20.69 46.71
C PRO C 343 -18.21 -20.22 47.87
N ASP C 344 -19.29 -20.93 48.21
CA ASP C 344 -20.16 -20.49 49.30
C ASP C 344 -20.53 -21.64 50.22
N GLY C 345 -19.55 -22.49 50.55
CA GLY C 345 -19.74 -23.56 51.49
C GLY C 345 -19.37 -24.91 50.92
N PRO C 346 -18.89 -25.82 51.77
CA PRO C 346 -18.57 -27.17 51.31
C PRO C 346 -19.81 -27.98 50.99
N VAL C 347 -19.62 -28.96 50.10
CA VAL C 347 -20.71 -29.80 49.62
C VAL C 347 -20.38 -31.25 49.96
N LEU C 348 -21.23 -31.85 50.80
CA LEU C 348 -21.05 -33.23 51.25
C LEU C 348 -22.12 -34.10 50.58
N GLY C 349 -21.67 -35.07 49.80
CA GLY C 349 -22.58 -35.94 49.10
C GLY C 349 -23.04 -37.10 49.99
N ALA C 350 -24.33 -37.38 49.93
CA ALA C 350 -24.94 -38.51 50.59
C ALA C 350 -25.48 -39.48 49.55
N VAL C 351 -25.54 -40.76 49.92
CA VAL C 351 -25.94 -41.79 48.99
C VAL C 351 -27.24 -42.46 49.42
N GLY C 352 -27.51 -42.51 50.72
CA GLY C 352 -28.68 -43.20 51.22
C GLY C 352 -29.94 -42.37 51.33
N SER C 353 -29.84 -41.07 51.05
CA SER C 353 -30.96 -40.17 51.27
C SER C 353 -32.18 -40.62 50.48
N PHE C 354 -33.25 -40.94 51.20
CA PHE C 354 -34.57 -41.22 50.63
C PHE C 354 -34.53 -42.49 49.78
N THR C 355 -34.26 -43.60 50.46
CA THR C 355 -34.14 -44.93 49.87
C THR C 355 -33.05 -44.94 48.78
N TRP C 356 -31.84 -44.55 49.20
CA TRP C 356 -30.66 -44.54 48.34
C TRP C 356 -30.92 -43.78 47.04
N SER C 357 -31.70 -42.71 47.14
CA SER C 357 -31.92 -41.85 45.98
C SER C 357 -30.77 -40.87 45.80
N GLY C 358 -30.52 -40.03 46.79
CA GLY C 358 -29.31 -39.25 46.83
C GLY C 358 -29.58 -37.78 47.11
N GLY C 359 -28.52 -36.99 46.94
CA GLY C 359 -28.50 -35.57 47.18
C GLY C 359 -27.15 -35.14 47.75
N ALA C 360 -27.09 -33.91 48.24
CA ALA C 360 -25.85 -33.39 48.82
C ALA C 360 -26.16 -32.18 49.69
N PHE C 361 -25.28 -31.95 50.67
CA PHE C 361 -25.46 -30.93 51.70
C PHE C 361 -24.52 -29.75 51.46
N LEU C 362 -25.06 -28.54 51.47
CA LEU C 362 -24.30 -27.29 51.31
C LEU C 362 -24.25 -26.55 52.64
N TYR C 363 -23.06 -26.07 53.02
CA TYR C 363 -22.82 -25.52 54.36
C TYR C 363 -22.26 -24.10 54.28
N PRO C 364 -23.13 -23.11 54.06
CA PRO C 364 -22.69 -21.72 53.89
C PRO C 364 -22.12 -21.15 55.18
N PRO C 365 -21.37 -20.02 55.09
CA PRO C 365 -20.70 -19.46 56.28
C PRO C 365 -21.65 -18.95 57.34
N ASN C 366 -21.95 -19.80 58.32
CA ASN C 366 -22.75 -19.45 59.50
C ASN C 366 -24.23 -19.23 59.15
N MET C 367 -24.68 -19.83 58.06
CA MET C 367 -26.10 -19.87 57.74
C MET C 367 -26.53 -21.31 57.85
N SER C 368 -27.77 -21.53 58.31
CA SER C 368 -28.34 -22.86 58.30
C SER C 368 -28.14 -23.50 56.92
N PRO C 369 -27.64 -24.72 56.85
CA PRO C 369 -27.32 -25.32 55.55
C PRO C 369 -28.56 -25.58 54.71
N THR C 370 -28.36 -26.19 53.53
CA THR C 370 -29.47 -26.62 52.71
C THR C 370 -29.13 -27.98 52.12
N PHE C 371 -30.01 -28.47 51.24
CA PHE C 371 -29.91 -29.81 50.68
C PHE C 371 -30.24 -29.73 49.20
N ILE C 372 -29.41 -30.36 48.39
CA ILE C 372 -29.61 -30.42 46.95
C ILE C 372 -29.96 -31.84 46.58
N ASN C 373 -30.99 -32.00 45.75
CA ASN C 373 -31.29 -33.28 45.13
C ASN C 373 -32.29 -33.05 44.01
N MET C 374 -32.43 -34.06 43.16
CA MET C 374 -33.60 -34.08 42.30
C MET C 374 -34.86 -34.12 43.17
N SER C 375 -35.87 -33.33 42.80
CA SER C 375 -37.07 -33.24 43.62
C SER C 375 -37.81 -34.57 43.67
N GLN C 376 -38.89 -34.63 44.44
CA GLN C 376 -39.54 -35.90 44.76
C GLN C 376 -40.37 -36.46 43.62
N GLU C 377 -40.68 -35.67 42.58
CA GLU C 377 -41.47 -36.25 41.50
C GLU C 377 -40.70 -37.25 40.68
N ASN C 378 -39.45 -37.57 41.04
CA ASN C 378 -38.67 -38.54 40.29
C ASN C 378 -39.05 -39.94 40.73
N VAL C 379 -39.92 -40.56 39.93
CA VAL C 379 -40.34 -41.94 40.15
C VAL C 379 -39.12 -42.85 40.17
N ASP C 380 -38.20 -42.63 39.25
CA ASP C 380 -36.93 -43.35 39.22
C ASP C 380 -35.99 -42.79 40.27
N MET C 381 -34.68 -42.91 40.03
CA MET C 381 -33.64 -42.43 40.92
C MET C 381 -33.70 -43.07 42.31
N ARG C 382 -34.38 -44.20 42.43
CA ARG C 382 -34.33 -44.99 43.65
C ARG C 382 -33.15 -45.97 43.53
N ASP C 383 -32.34 -46.04 44.58
CA ASP C 383 -31.17 -46.93 44.62
C ASP C 383 -30.18 -46.58 43.51
N SER C 384 -29.82 -45.30 43.43
CA SER C 384 -28.84 -44.83 42.45
C SER C 384 -27.60 -44.20 43.06
N TYR C 385 -27.70 -43.62 44.26
CA TYR C 385 -26.63 -42.88 44.93
C TYR C 385 -26.30 -41.57 44.22
N LEU C 386 -27.32 -40.74 43.99
CA LEU C 386 -27.02 -39.40 43.49
C LEU C 386 -26.19 -38.66 44.55
N GLY C 387 -24.93 -38.43 44.24
CA GLY C 387 -23.99 -37.90 45.22
C GLY C 387 -22.93 -38.87 45.65
N TYR C 388 -22.95 -40.10 45.15
CA TYR C 388 -21.83 -41.01 45.33
C TYR C 388 -20.50 -40.32 44.99
N SER C 389 -20.51 -39.50 43.94
CA SER C 389 -19.33 -38.79 43.47
C SER C 389 -19.74 -37.33 43.29
N THR C 390 -19.00 -36.42 43.90
CA THR C 390 -19.36 -35.01 43.83
C THR C 390 -18.17 -34.20 43.36
N GLU C 391 -18.45 -33.20 42.52
CA GLU C 391 -17.43 -32.40 41.89
C GLU C 391 -18.02 -31.03 41.55
N LEU C 392 -17.19 -30.00 41.67
CA LEU C 392 -17.58 -28.64 41.33
C LEU C 392 -17.19 -28.34 39.89
N ALA C 393 -18.16 -27.93 39.08
CA ALA C 393 -17.93 -27.49 37.71
C ALA C 393 -18.21 -26.00 37.65
N LEU C 394 -17.26 -25.24 37.11
CA LEU C 394 -17.34 -23.79 37.19
C LEU C 394 -17.68 -23.17 35.85
N TRP C 395 -18.26 -21.97 35.94
CA TRP C 395 -18.59 -21.14 34.80
C TRP C 395 -18.26 -19.70 35.17
N LYS C 396 -18.30 -18.83 34.17
CA LYS C 396 -18.05 -17.41 34.37
C LYS C 396 -18.92 -16.83 35.50
N GLY C 397 -20.12 -17.36 35.67
CA GLY C 397 -21.03 -16.85 36.68
C GLY C 397 -21.40 -17.81 37.78
N VAL C 398 -22.42 -18.65 37.55
CA VAL C 398 -22.99 -19.50 38.59
C VAL C 398 -22.20 -20.79 38.68
N GLN C 399 -21.68 -21.09 39.86
CA GLN C 399 -21.07 -22.39 40.09
C GLN C 399 -22.15 -23.47 40.07
N SER C 400 -21.85 -24.57 39.40
CA SER C 400 -22.77 -25.68 39.26
C SER C 400 -22.16 -26.92 39.90
N LEU C 401 -23.02 -27.87 40.28
CA LEU C 401 -22.60 -29.03 41.06
C LEU C 401 -22.99 -30.31 40.35
N VAL C 402 -22.01 -31.18 40.13
CA VAL C 402 -22.21 -32.45 39.43
C VAL C 402 -22.21 -33.57 40.46
N LEU C 403 -23.19 -34.46 40.37
CA LEU C 403 -23.33 -35.59 41.25
C LEU C 403 -23.35 -36.88 40.43
N GLY C 404 -22.51 -37.84 40.82
CA GLY C 404 -22.45 -39.12 40.14
C GLY C 404 -23.27 -40.17 40.87
N ALA C 405 -23.84 -41.09 40.09
CA ALA C 405 -24.71 -42.14 40.61
C ALA C 405 -24.44 -43.44 39.87
N PRO C 406 -23.55 -44.29 40.40
CA PRO C 406 -23.15 -45.51 39.69
C PRO C 406 -24.28 -46.49 39.41
N ARG C 407 -25.41 -46.37 40.10
CA ARG C 407 -26.44 -47.42 40.09
C ARG C 407 -27.76 -47.00 39.45
N TYR C 408 -27.85 -45.83 38.83
CA TYR C 408 -29.12 -45.42 38.25
C TYR C 408 -29.61 -46.45 37.23
N GLN C 409 -30.73 -47.11 37.52
CA GLN C 409 -31.25 -48.18 36.69
C GLN C 409 -30.19 -49.25 36.45
N HIS C 410 -29.34 -49.46 37.45
CA HIS C 410 -28.26 -50.45 37.45
C HIS C 410 -27.23 -50.19 36.35
N THR C 411 -27.25 -49.00 35.77
CA THR C 411 -26.24 -48.56 34.80
C THR C 411 -25.35 -47.49 35.43
N GLY C 412 -25.90 -46.34 35.75
CA GLY C 412 -25.14 -45.20 36.25
C GLY C 412 -25.57 -43.94 35.55
N LYS C 413 -25.43 -42.81 36.24
CA LYS C 413 -25.85 -41.52 35.70
C LYS C 413 -25.13 -40.42 36.46
N ALA C 414 -25.13 -39.22 35.88
CA ALA C 414 -24.64 -38.02 36.53
C ALA C 414 -25.54 -36.84 36.19
N VAL C 415 -25.72 -35.95 37.17
CA VAL C 415 -26.64 -34.82 37.05
C VAL C 415 -25.91 -33.57 37.52
N ILE C 416 -26.17 -32.45 36.85
CA ILE C 416 -25.58 -31.17 37.23
C ILE C 416 -26.69 -30.22 37.67
N PHE C 417 -26.44 -29.50 38.77
CA PHE C 417 -27.41 -28.60 39.37
C PHE C 417 -26.95 -27.16 39.26
N THR C 418 -27.89 -26.26 39.05
CA THR C 418 -27.67 -24.83 39.09
C THR C 418 -28.57 -24.22 40.15
N GLN C 419 -28.42 -22.91 40.39
CA GLN C 419 -29.20 -22.24 41.44
C GLN C 419 -30.22 -21.32 40.78
N VAL C 420 -31.46 -21.79 40.67
CA VAL C 420 -32.56 -20.98 40.18
C VAL C 420 -33.05 -20.12 41.34
N SER C 421 -33.00 -18.80 41.16
CA SER C 421 -33.16 -17.87 42.27
C SER C 421 -32.16 -18.23 43.36
N ARG C 422 -32.63 -18.74 44.49
CA ARG C 422 -31.76 -19.30 45.51
C ARG C 422 -31.94 -20.80 45.69
N GLN C 423 -32.77 -21.43 44.88
CA GLN C 423 -33.02 -22.87 44.95
C GLN C 423 -32.16 -23.59 43.93
N TRP C 424 -31.57 -24.71 44.35
CA TRP C 424 -30.82 -25.54 43.42
C TRP C 424 -31.77 -26.46 42.66
N ARG C 425 -31.67 -26.43 41.34
CA ARG C 425 -32.54 -27.18 40.46
C ARG C 425 -31.71 -27.93 39.43
N MET C 426 -32.26 -29.02 38.90
CA MET C 426 -31.55 -29.78 37.89
C MET C 426 -31.32 -28.93 36.65
N LYS C 427 -30.05 -28.74 36.29
CA LYS C 427 -29.73 -28.04 35.06
C LYS C 427 -29.69 -28.98 33.86
N ALA C 428 -29.00 -30.12 33.97
CA ALA C 428 -28.89 -31.06 32.88
C ALA C 428 -28.39 -32.39 33.43
N GLU C 429 -28.48 -33.43 32.60
CA GLU C 429 -28.13 -34.78 33.03
C GLU C 429 -27.61 -35.60 31.86
N VAL C 430 -26.71 -36.54 32.16
CA VAL C 430 -26.17 -37.47 31.19
C VAL C 430 -26.37 -38.89 31.70
N THR C 431 -26.82 -39.78 30.81
CA THR C 431 -27.11 -41.16 31.19
C THR C 431 -25.91 -42.07 30.91
N GLY C 432 -25.99 -43.31 31.43
CA GLY C 432 -24.99 -44.31 31.16
C GLY C 432 -25.25 -45.05 29.85
N THR C 433 -24.28 -45.90 29.46
CA THR C 433 -24.33 -46.57 28.17
C THR C 433 -24.21 -48.08 28.26
N GLN C 434 -24.15 -48.65 29.46
CA GLN C 434 -24.08 -50.08 29.66
C GLN C 434 -24.68 -50.39 31.02
N ILE C 435 -25.51 -51.43 31.10
CA ILE C 435 -25.97 -51.82 32.42
C ILE C 435 -24.80 -52.43 33.16
N GLY C 436 -24.49 -51.87 34.33
CA GLY C 436 -23.20 -52.11 34.93
C GLY C 436 -22.11 -51.40 34.14
N SER C 437 -22.33 -50.13 33.82
CA SER C 437 -21.29 -49.34 33.17
C SER C 437 -20.34 -48.73 34.18
N TYR C 438 -20.81 -48.48 35.40
CA TYR C 438 -20.11 -47.85 36.51
C TYR C 438 -20.00 -46.34 36.26
N PHE C 439 -20.77 -45.84 35.30
CA PHE C 439 -20.84 -44.43 34.95
C PHE C 439 -21.35 -43.61 36.14
N GLY C 440 -20.57 -42.62 36.56
CA GLY C 440 -20.88 -41.80 37.72
C GLY C 440 -19.90 -42.00 38.85
N ALA C 441 -19.08 -43.04 38.80
CA ALA C 441 -18.18 -43.37 39.90
C ALA C 441 -17.19 -42.23 40.15
N SER C 442 -16.59 -41.69 39.09
CA SER C 442 -15.56 -40.67 39.22
C SER C 442 -15.97 -39.40 38.48
N LEU C 443 -15.52 -38.26 39.00
CA LEU C 443 -15.80 -36.97 38.39
C LEU C 443 -14.54 -36.11 38.42
N CYS C 444 -14.32 -35.35 37.35
CA CYS C 444 -13.20 -34.41 37.31
C CYS C 444 -13.52 -33.31 36.30
N SER C 445 -13.70 -32.09 36.79
CA SER C 445 -13.95 -30.95 35.92
C SER C 445 -12.63 -30.46 35.30
N VAL C 446 -12.69 -30.06 34.03
CA VAL C 446 -11.49 -29.73 33.27
C VAL C 446 -11.61 -28.33 32.71
N ASP C 447 -10.67 -27.46 33.07
CA ASP C 447 -10.47 -26.16 32.43
C ASP C 447 -9.44 -26.38 31.32
N VAL C 448 -9.92 -26.58 30.09
CA VAL C 448 -9.01 -26.97 29.01
C VAL C 448 -8.04 -25.83 28.69
N ASP C 449 -8.57 -24.62 28.48
CA ASP C 449 -7.67 -23.47 28.33
C ASP C 449 -7.17 -23.06 29.72
N SER C 450 -7.27 -21.77 30.05
CA SER C 450 -6.78 -21.34 31.35
C SER C 450 -7.59 -20.19 31.95
N ASP C 451 -8.82 -19.95 31.48
CA ASP C 451 -9.58 -18.77 31.88
C ASP C 451 -10.23 -18.89 33.26
N GLY C 452 -10.13 -20.04 33.92
CA GLY C 452 -10.67 -20.21 35.24
C GLY C 452 -12.05 -20.83 35.30
N SER C 453 -12.73 -20.99 34.17
CA SER C 453 -14.02 -21.66 34.11
C SER C 453 -13.85 -23.07 33.53
N THR C 454 -14.79 -23.93 33.88
CA THR C 454 -14.75 -25.32 33.42
C THR C 454 -15.31 -25.43 32.02
N ASP C 455 -14.57 -26.13 31.15
CA ASP C 455 -15.00 -26.36 29.77
C ASP C 455 -15.65 -27.73 29.59
N LEU C 456 -15.16 -28.75 30.29
CA LEU C 456 -15.76 -30.09 30.24
C LEU C 456 -15.51 -30.80 31.56
N VAL C 457 -16.24 -31.88 31.77
CA VAL C 457 -16.09 -32.71 32.96
C VAL C 457 -15.92 -34.16 32.54
N LEU C 458 -15.01 -34.87 33.21
CA LEU C 458 -14.80 -36.29 32.99
C LEU C 458 -15.63 -37.10 33.98
N ILE C 459 -16.26 -38.16 33.46
CA ILE C 459 -17.06 -39.08 34.27
C ILE C 459 -16.46 -40.47 34.11
N GLY C 460 -15.87 -40.98 35.19
CA GLY C 460 -15.16 -42.25 35.13
C GLY C 460 -16.09 -43.45 35.36
N ALA C 461 -15.81 -44.54 34.66
CA ALA C 461 -16.61 -45.76 34.72
C ALA C 461 -15.66 -46.94 34.80
N PRO C 462 -15.15 -47.24 36.00
CA PRO C 462 -13.95 -48.09 36.11
C PRO C 462 -14.14 -49.54 35.68
N HIS C 463 -15.31 -50.15 35.89
CA HIS C 463 -15.48 -51.55 35.48
C HIS C 463 -16.32 -51.67 34.21
N TYR C 464 -16.35 -50.64 33.39
CA TYR C 464 -16.93 -50.75 32.05
C TYR C 464 -16.24 -51.86 31.29
N TYR C 465 -17.04 -52.77 30.74
CA TYR C 465 -16.51 -54.04 30.26
C TYR C 465 -16.51 -54.11 28.74
N GLU C 466 -15.31 -54.23 28.17
CA GLU C 466 -15.09 -54.79 26.85
C GLU C 466 -14.27 -56.07 27.01
N GLN C 467 -14.36 -56.95 26.01
CA GLN C 467 -13.77 -58.27 26.17
C GLN C 467 -12.26 -58.24 26.26
N THR C 468 -11.62 -57.12 25.91
CA THR C 468 -10.17 -57.05 25.94
C THR C 468 -9.58 -55.95 26.83
N ARG C 469 -10.40 -55.16 27.51
CA ARG C 469 -9.86 -54.15 28.44
C ARG C 469 -11.01 -53.55 29.20
N GLY C 470 -10.73 -53.15 30.45
CA GLY C 470 -11.74 -52.72 31.39
C GLY C 470 -11.59 -51.29 31.85
N GLY C 471 -12.68 -50.53 31.74
CA GLY C 471 -12.75 -49.17 32.20
C GLY C 471 -12.86 -48.17 31.05
N GLN C 472 -13.49 -47.03 31.34
CA GLN C 472 -13.60 -45.96 30.36
C GLN C 472 -13.82 -44.66 31.11
N VAL C 473 -13.54 -43.55 30.44
CA VAL C 473 -13.84 -42.23 30.95
C VAL C 473 -14.56 -41.45 29.86
N SER C 474 -15.66 -40.78 30.22
CA SER C 474 -16.41 -39.98 29.28
C SER C 474 -15.95 -38.53 29.34
N VAL C 475 -15.68 -37.95 28.18
CA VAL C 475 -15.40 -36.53 28.06
C VAL C 475 -16.72 -35.82 27.75
N CYS C 476 -17.18 -34.98 28.67
CA CYS C 476 -18.54 -34.44 28.62
C CYS C 476 -18.50 -32.93 28.77
N PRO C 477 -18.41 -32.21 27.65
CA PRO C 477 -18.37 -30.73 27.71
C PRO C 477 -19.67 -30.11 28.21
N LEU C 478 -19.53 -29.03 28.97
CA LEU C 478 -20.66 -28.40 29.64
C LEU C 478 -21.55 -27.64 28.66
N PRO C 479 -22.83 -27.47 29.00
CA PRO C 479 -23.70 -26.64 28.18
C PRO C 479 -24.03 -25.31 28.82
N ARG C 480 -24.10 -24.24 28.02
CA ARG C 480 -24.92 -23.09 28.42
C ARG C 480 -25.76 -22.70 27.21
N GLY C 481 -26.91 -23.34 27.18
CA GLY C 481 -28.16 -22.98 26.55
C GLY C 481 -29.13 -23.84 27.33
N TRP C 482 -30.42 -23.61 27.14
CA TRP C 482 -31.38 -24.39 27.91
C TRP C 482 -31.61 -25.75 27.24
N ARG C 483 -30.58 -26.60 27.29
CA ARG C 483 -30.75 -28.01 26.93
C ARG C 483 -29.58 -28.90 27.30
N ARG C 484 -29.31 -29.86 26.41
CA ARG C 484 -28.60 -31.09 26.76
C ARG C 484 -27.12 -30.85 27.06
N TRP C 485 -26.67 -31.46 28.15
CA TRP C 485 -25.27 -31.72 28.42
C TRP C 485 -24.95 -33.11 27.89
N TRP C 486 -23.93 -33.21 27.02
CA TRP C 486 -23.70 -34.43 26.27
C TRP C 486 -22.24 -34.83 26.31
N CYS C 487 -21.99 -36.13 26.44
CA CYS C 487 -20.63 -36.66 26.51
C CYS C 487 -20.08 -36.88 25.12
N ASP C 488 -18.87 -36.37 24.88
CA ASP C 488 -18.33 -36.23 23.54
C ASP C 488 -17.34 -37.32 23.14
N ALA C 489 -16.59 -37.90 24.08
CA ALA C 489 -15.50 -38.79 23.70
C ALA C 489 -15.34 -39.91 24.71
N VAL C 490 -14.79 -41.03 24.22
CA VAL C 490 -14.60 -42.23 25.03
C VAL C 490 -13.10 -42.48 25.17
N LEU C 491 -12.61 -42.45 26.41
CA LEU C 491 -11.22 -42.73 26.72
C LEU C 491 -11.06 -44.13 27.30
N TYR C 492 -9.93 -44.77 27.00
CA TYR C 492 -9.63 -46.09 27.52
C TYR C 492 -8.16 -46.17 27.92
N GLY C 493 -7.77 -47.30 28.51
CA GLY C 493 -6.37 -47.63 28.70
C GLY C 493 -5.92 -48.75 27.77
N GLU C 494 -4.80 -49.36 28.16
CA GLU C 494 -4.17 -50.38 27.34
C GLU C 494 -5.00 -51.65 27.28
N GLN C 495 -5.01 -52.29 26.11
CA GLN C 495 -5.68 -53.57 25.94
C GLN C 495 -4.90 -54.69 26.63
N GLY C 496 -5.62 -55.76 26.97
CA GLY C 496 -5.06 -56.89 27.69
C GLY C 496 -5.37 -56.91 29.16
N HIS C 497 -6.21 -55.98 29.64
CA HIS C 497 -6.57 -55.87 31.05
C HIS C 497 -8.06 -55.63 31.16
N PRO C 498 -8.87 -56.68 30.93
CA PRO C 498 -10.33 -56.53 30.96
C PRO C 498 -10.90 -55.99 32.27
N TRP C 499 -10.13 -55.96 33.35
CA TRP C 499 -10.51 -55.24 34.56
C TRP C 499 -9.32 -54.40 35.00
N GLY C 500 -8.90 -53.51 34.11
CA GLY C 500 -7.90 -52.52 34.45
C GLY C 500 -8.40 -51.43 35.37
N ARG C 501 -9.73 -51.34 35.56
CA ARG C 501 -10.34 -50.35 36.45
C ARG C 501 -10.03 -48.92 35.99
N PHE C 502 -9.93 -48.73 34.67
CA PHE C 502 -9.63 -47.45 34.07
C PHE C 502 -10.79 -46.49 34.29
N GLY C 503 -10.57 -45.47 35.12
CA GLY C 503 -11.63 -44.54 35.47
C GLY C 503 -11.71 -44.39 36.98
N ALA C 504 -10.85 -45.14 37.67
CA ALA C 504 -10.90 -45.18 39.13
C ALA C 504 -10.76 -43.80 39.76
N ALA C 505 -9.79 -43.01 39.28
CA ALA C 505 -9.55 -41.71 39.86
C ALA C 505 -9.12 -40.74 38.78
N LEU C 506 -9.35 -39.45 39.02
CA LEU C 506 -9.09 -38.41 38.04
C LEU C 506 -8.62 -37.16 38.76
N THR C 507 -7.63 -36.48 38.20
CA THR C 507 -7.21 -35.19 38.72
C THR C 507 -6.60 -34.35 37.60
N VAL C 508 -6.68 -33.04 37.77
CA VAL C 508 -6.11 -32.09 36.82
C VAL C 508 -4.72 -31.69 37.30
N LEU C 509 -3.74 -31.82 36.42
CA LEU C 509 -2.40 -31.32 36.70
C LEU C 509 -2.29 -29.82 36.45
N GLY C 510 -2.89 -29.34 35.36
CA GLY C 510 -2.69 -28.00 34.89
C GLY C 510 -2.12 -28.04 33.48
N ASP C 511 -0.97 -27.41 33.27
CA ASP C 511 -0.28 -27.45 31.98
C ASP C 511 1.14 -27.98 32.23
N VAL C 512 1.42 -29.17 31.71
CA VAL C 512 2.68 -29.85 31.96
C VAL C 512 3.72 -29.48 30.92
N ASN C 513 3.34 -29.49 29.65
CA ASN C 513 4.28 -29.28 28.57
C ASN C 513 4.38 -27.83 28.11
N GLY C 514 3.60 -26.92 28.69
CA GLY C 514 3.67 -25.53 28.33
C GLY C 514 2.89 -25.14 27.09
N ASP C 515 2.08 -26.04 26.53
CA ASP C 515 1.36 -25.75 25.30
C ASP C 515 0.02 -25.05 25.53
N LYS C 516 -0.15 -24.42 26.69
CA LYS C 516 -1.35 -23.66 27.08
C LYS C 516 -2.60 -24.54 27.17
N LEU C 517 -2.45 -25.83 26.89
CA LEU C 517 -3.56 -26.77 27.03
C LEU C 517 -3.39 -27.58 28.31
N THR C 518 -4.52 -28.03 28.86
CA THR C 518 -4.54 -28.63 30.18
C THR C 518 -4.24 -30.11 30.10
N ASP C 519 -3.54 -30.62 31.12
CA ASP C 519 -3.09 -32.00 31.19
C ASP C 519 -3.70 -32.68 32.41
N VAL C 520 -4.16 -33.92 32.22
CA VAL C 520 -4.90 -34.65 33.24
C VAL C 520 -4.33 -36.05 33.39
N VAL C 521 -4.53 -36.61 34.57
CA VAL C 521 -3.99 -37.91 34.95
C VAL C 521 -5.14 -38.85 35.29
N ILE C 522 -5.06 -40.09 34.82
CA ILE C 522 -6.10 -41.09 35.01
C ILE C 522 -5.51 -42.30 35.73
N GLY C 523 -6.25 -42.81 36.71
CA GLY C 523 -5.85 -43.99 37.46
C GLY C 523 -6.53 -45.24 36.93
N ALA C 524 -5.76 -46.32 36.84
CA ALA C 524 -6.28 -47.63 36.44
C ALA C 524 -5.56 -48.68 37.28
N PRO C 525 -5.93 -48.82 38.55
CA PRO C 525 -5.20 -49.71 39.47
C PRO C 525 -5.42 -51.18 39.22
N GLY C 526 -6.30 -51.56 38.29
CA GLY C 526 -6.57 -52.96 38.03
C GLY C 526 -5.68 -53.64 37.02
N GLU C 527 -4.85 -52.91 36.30
CA GLU C 527 -4.05 -53.50 35.23
C GLU C 527 -2.88 -54.29 35.80
N GLU C 528 -2.49 -55.34 35.07
CA GLU C 528 -1.45 -56.28 35.50
C GLU C 528 -1.81 -56.93 36.83
N GLU C 529 -3.01 -57.52 36.88
CA GLU C 529 -3.51 -58.21 38.06
C GLU C 529 -3.50 -57.30 39.28
N ASN C 530 -4.15 -56.14 39.14
CA ASN C 530 -4.35 -55.14 40.19
C ASN C 530 -3.06 -54.50 40.68
N ARG C 531 -1.93 -54.67 39.98
CA ARG C 531 -0.74 -53.94 40.38
C ARG C 531 -0.88 -52.45 40.08
N GLY C 532 -1.44 -52.11 38.94
CA GLY C 532 -1.94 -50.77 38.72
C GLY C 532 -1.02 -49.93 37.84
N ALA C 533 -1.61 -48.88 37.27
CA ALA C 533 -0.88 -47.96 36.41
C ALA C 533 -1.64 -46.63 36.36
N VAL C 534 -0.98 -45.63 35.79
CA VAL C 534 -1.49 -44.28 35.67
C VAL C 534 -1.23 -43.81 34.24
N TYR C 535 -2.07 -42.90 33.74
CA TYR C 535 -2.01 -42.43 32.37
C TYR C 535 -2.02 -40.92 32.31
N LEU C 536 -1.24 -40.33 31.40
CA LEU C 536 -1.29 -38.89 31.15
C LEU C 536 -2.00 -38.61 29.84
N PHE C 537 -2.95 -37.68 29.88
CA PHE C 537 -3.69 -37.24 28.71
C PHE C 537 -3.62 -35.73 28.60
N HIS C 538 -3.63 -35.24 27.36
CA HIS C 538 -3.49 -33.83 27.06
C HIS C 538 -4.78 -33.28 26.47
N GLY C 539 -5.11 -32.05 26.83
CA GLY C 539 -6.29 -31.40 26.28
C GLY C 539 -6.08 -31.04 24.82
N VAL C 540 -7.15 -31.19 24.05
CA VAL C 540 -7.18 -30.81 22.64
C VAL C 540 -7.92 -29.49 22.52
N LEU C 541 -7.56 -28.71 21.49
CA LEU C 541 -8.19 -27.43 21.21
C LEU C 541 -9.71 -27.52 21.25
N GLY C 542 -10.31 -27.01 22.33
CA GLY C 542 -11.75 -26.99 22.45
C GLY C 542 -12.30 -28.03 23.39
N PRO C 543 -13.45 -28.59 23.05
CA PRO C 543 -14.20 -29.45 23.98
C PRO C 543 -13.88 -30.93 23.82
N SER C 544 -12.59 -31.29 23.94
CA SER C 544 -12.22 -32.69 23.81
C SER C 544 -10.86 -32.95 24.44
N ILE C 545 -10.50 -34.24 24.48
CA ILE C 545 -9.25 -34.71 25.06
C ILE C 545 -8.73 -35.86 24.21
N SER C 546 -7.40 -35.95 24.09
CA SER C 546 -6.63 -36.93 23.33
C SER C 546 -7.09 -38.38 23.51
N PRO C 547 -7.42 -39.08 22.43
CA PRO C 547 -7.64 -40.53 22.54
C PRO C 547 -6.41 -41.30 22.94
N SER C 548 -5.23 -40.89 22.48
CA SER C 548 -3.99 -41.54 22.86
C SER C 548 -3.43 -40.88 24.11
N HIS C 549 -2.33 -41.44 24.62
CA HIS C 549 -1.72 -40.96 25.84
C HIS C 549 -0.21 -40.92 25.66
N SER C 550 0.44 -40.14 26.51
CA SER C 550 1.89 -40.01 26.47
C SER C 550 2.56 -41.03 27.38
N GLN C 551 2.07 -41.17 28.61
CA GLN C 551 2.72 -42.02 29.59
C GLN C 551 1.71 -42.97 30.22
N ARG C 552 2.11 -44.23 30.32
CA ARG C 552 1.47 -45.23 31.17
C ARG C 552 2.55 -45.65 32.15
N ILE C 553 2.60 -44.98 33.30
CA ILE C 553 3.59 -45.28 34.32
C ILE C 553 3.00 -46.37 35.20
N ALA C 554 3.49 -47.59 35.02
CA ALA C 554 3.00 -48.71 35.80
C ALA C 554 3.63 -48.70 37.19
N GLY C 555 2.84 -49.03 38.21
CA GLY C 555 3.40 -49.30 39.50
C GLY C 555 4.38 -50.46 39.48
N SER C 556 4.16 -51.41 38.56
CA SER C 556 5.09 -52.52 38.42
C SER C 556 6.46 -52.04 37.96
N GLN C 557 6.51 -51.00 37.13
CA GLN C 557 7.78 -50.43 36.72
C GLN C 557 8.43 -49.66 37.86
N LEU C 558 7.63 -48.91 38.62
CA LEU C 558 8.15 -48.16 39.76
C LEU C 558 8.69 -49.09 40.83
N SER C 559 7.90 -50.10 41.22
CA SER C 559 8.33 -51.02 42.27
C SER C 559 7.48 -52.27 42.36
N SER C 560 8.16 -53.42 42.27
CA SER C 560 7.65 -54.74 42.62
C SER C 560 6.79 -54.79 43.89
N ARG C 561 6.97 -53.83 44.79
CA ARG C 561 6.17 -53.80 46.01
C ARG C 561 4.84 -53.08 45.82
N LEU C 562 4.64 -52.40 44.69
CA LEU C 562 3.43 -51.61 44.50
C LEU C 562 2.28 -52.47 43.99
N GLN C 563 1.09 -52.17 44.48
CA GLN C 563 -0.14 -52.81 44.05
C GLN C 563 -1.26 -51.80 44.26
N TYR C 564 -2.26 -51.86 43.37
CA TYR C 564 -3.36 -50.89 43.37
C TYR C 564 -2.87 -49.47 43.09
N PHE C 565 -1.77 -49.36 42.35
CA PHE C 565 -1.23 -48.06 42.01
C PHE C 565 -2.20 -47.32 41.09
N GLY C 566 -2.61 -46.13 41.51
CA GLY C 566 -3.63 -45.38 40.81
C GLY C 566 -5.02 -45.53 41.38
N GLN C 567 -5.16 -46.00 42.62
CA GLN C 567 -6.47 -46.11 43.23
C GLN C 567 -7.01 -44.76 43.65
N ALA C 568 -6.15 -43.75 43.79
CA ALA C 568 -6.58 -42.41 44.18
C ALA C 568 -5.56 -41.39 43.70
N LEU C 569 -6.05 -40.29 43.12
CA LEU C 569 -5.21 -39.31 42.44
C LEU C 569 -5.57 -37.90 42.88
N SER C 570 -4.54 -37.10 43.18
CA SER C 570 -4.74 -35.68 43.46
C SER C 570 -3.48 -34.92 43.07
N GLY C 571 -3.62 -33.92 42.20
CA GLY C 571 -2.51 -33.12 41.74
C GLY C 571 -2.91 -31.67 41.54
N GLY C 572 -1.94 -30.87 41.10
CA GLY C 572 -2.14 -29.47 40.84
C GLY C 572 -1.44 -28.50 41.79
N GLN C 573 -0.61 -28.99 42.69
CA GLN C 573 0.03 -28.15 43.69
C GLN C 573 1.53 -28.37 43.69
N ASP C 574 2.27 -27.36 44.15
CA ASP C 574 3.72 -27.45 44.27
C ASP C 574 4.04 -27.77 45.73
N LEU C 575 4.02 -29.06 46.04
CA LEU C 575 4.42 -29.51 47.36
C LEU C 575 5.94 -29.52 47.51
N THR C 576 6.66 -29.76 46.41
CA THR C 576 8.12 -29.89 46.44
C THR C 576 8.84 -28.55 46.48
N GLN C 577 8.12 -27.44 46.24
CA GLN C 577 8.70 -26.09 46.26
C GLN C 577 9.76 -25.90 45.18
N ASP C 578 9.68 -26.65 44.09
CA ASP C 578 10.58 -26.43 42.97
C ASP C 578 9.96 -25.55 41.89
N GLY C 579 8.78 -24.98 42.16
CA GLY C 579 8.09 -24.13 41.22
C GLY C 579 7.14 -24.85 40.29
N LEU C 580 7.15 -26.17 40.27
CA LEU C 580 6.41 -26.93 39.28
C LEU C 580 5.34 -27.79 39.95
N VAL C 581 4.32 -28.14 39.15
CA VAL C 581 3.21 -28.94 39.63
C VAL C 581 3.69 -30.34 40.00
N ASP C 582 3.11 -30.89 41.07
CA ASP C 582 3.40 -32.23 41.55
C ASP C 582 2.14 -33.08 41.48
N LEU C 583 2.33 -34.41 41.53
CA LEU C 583 1.23 -35.35 41.45
C LEU C 583 1.32 -36.35 42.58
N ALA C 584 0.24 -36.46 43.36
CA ALA C 584 0.14 -37.44 44.44
C ALA C 584 -0.71 -38.62 43.98
N VAL C 585 -0.11 -39.80 43.95
CA VAL C 585 -0.79 -41.02 43.51
C VAL C 585 -0.79 -42.00 44.67
N GLY C 586 -1.97 -42.48 45.03
CA GLY C 586 -2.12 -43.44 46.12
C GLY C 586 -2.24 -44.86 45.61
N ALA C 587 -1.62 -45.78 46.35
CA ALA C 587 -1.73 -47.21 46.11
C ALA C 587 -2.11 -47.86 47.44
N ARG C 588 -1.89 -49.17 47.54
CA ARG C 588 -2.17 -49.87 48.79
C ARG C 588 -0.97 -49.76 49.71
N GLY C 589 -1.16 -49.09 50.85
CA GLY C 589 -0.12 -48.92 51.83
C GLY C 589 0.79 -47.73 51.61
N GLN C 590 0.82 -47.17 50.39
CA GLN C 590 1.78 -46.12 50.05
C GLN C 590 1.13 -45.07 49.16
N VAL C 591 1.61 -43.84 49.31
CA VAL C 591 1.29 -42.74 48.41
C VAL C 591 2.62 -42.19 47.89
N LEU C 592 2.70 -41.97 46.59
CA LEU C 592 3.89 -41.46 45.94
C LEU C 592 3.67 -40.02 45.50
N LEU C 593 4.76 -39.26 45.46
CA LEU C 593 4.74 -37.85 45.07
C LEU C 593 5.63 -37.70 43.85
N LEU C 594 5.02 -37.37 42.71
CA LEU C 594 5.72 -37.33 41.44
C LEU C 594 6.03 -35.90 41.02
N ARG C 595 7.01 -35.76 40.13
CA ARG C 595 7.50 -34.45 39.72
C ARG C 595 7.31 -34.23 38.23
N THR C 596 7.11 -32.97 37.87
CA THR C 596 7.14 -32.50 36.50
C THR C 596 8.51 -31.87 36.24
N ARG C 597 9.26 -32.42 35.25
CA ARG C 597 10.55 -31.79 34.96
C ARG C 597 10.36 -30.63 33.99
N PRO C 598 11.21 -29.61 34.06
CA PRO C 598 11.10 -28.50 33.12
C PRO C 598 11.30 -28.99 31.70
N VAL C 599 10.47 -28.48 30.79
CA VAL C 599 10.53 -28.81 29.37
C VAL C 599 11.07 -27.59 28.64
N LEU C 600 12.03 -27.82 27.74
CA LEU C 600 12.55 -26.79 26.85
C LEU C 600 12.38 -27.23 25.41
N TRP C 601 12.10 -26.25 24.54
CA TRP C 601 11.30 -26.39 23.33
C TRP C 601 11.97 -25.72 22.15
N VAL C 602 13.24 -26.05 21.94
CA VAL C 602 14.28 -25.18 21.39
C VAL C 602 14.15 -25.06 19.87
N GLY C 603 14.68 -23.95 19.36
CA GLY C 603 14.62 -23.60 17.95
C GLY C 603 16.00 -23.51 17.31
N VAL C 604 16.06 -23.92 16.04
CA VAL C 604 17.33 -24.14 15.33
C VAL C 604 17.36 -23.28 14.07
N SER C 605 18.53 -22.69 13.79
CA SER C 605 18.69 -21.74 12.68
C SER C 605 20.01 -22.06 11.98
N MET C 606 19.94 -22.56 10.73
CA MET C 606 21.12 -22.98 9.99
C MET C 606 21.18 -22.29 8.64
N GLN C 607 22.38 -21.86 8.26
CA GLN C 607 22.59 -21.08 7.05
C GLN C 607 24.04 -21.25 6.60
N PHE C 608 24.28 -20.93 5.33
CA PHE C 608 25.58 -21.09 4.68
C PHE C 608 26.02 -19.76 4.06
N ILE C 609 27.28 -19.42 4.28
CA ILE C 609 27.85 -18.17 3.77
C ILE C 609 29.21 -18.42 3.12
N PRO C 610 29.25 -18.41 1.77
CA PRO C 610 28.21 -18.13 0.79
C PRO C 610 27.16 -19.24 0.60
N ALA C 611 26.04 -18.86 -0.02
CA ALA C 611 24.90 -19.76 -0.14
C ALA C 611 25.24 -21.03 -0.90
N GLU C 612 26.00 -20.92 -1.98
CA GLU C 612 26.36 -22.07 -2.79
C GLU C 612 27.85 -22.07 -3.07
N ILE C 613 28.33 -23.20 -3.58
CA ILE C 613 29.74 -23.39 -3.88
C ILE C 613 29.97 -22.94 -5.33
N PRO C 614 30.71 -21.86 -5.56
CA PRO C 614 31.00 -21.46 -6.94
C PRO C 614 32.00 -22.43 -7.57
N ARG C 615 31.90 -22.58 -8.89
CA ARG C 615 32.78 -23.51 -9.57
C ARG C 615 34.24 -23.06 -9.51
N SER C 616 34.48 -21.78 -9.20
CA SER C 616 35.82 -21.26 -8.92
C SER C 616 36.65 -22.21 -8.07
N ALA C 617 35.99 -23.03 -7.23
CA ALA C 617 36.72 -23.80 -6.24
C ALA C 617 36.35 -25.28 -6.21
N PHE C 618 35.58 -25.81 -7.17
CA PHE C 618 35.49 -27.25 -7.27
C PHE C 618 35.98 -27.79 -8.61
N GLU C 619 36.39 -26.92 -9.53
CA GLU C 619 37.16 -27.36 -10.68
C GLU C 619 38.57 -27.72 -10.27
N CYS C 620 39.27 -28.41 -11.17
CA CYS C 620 40.66 -28.77 -10.95
C CYS C 620 41.55 -27.79 -11.73
N ARG C 621 42.78 -28.21 -12.03
CA ARG C 621 43.87 -27.30 -12.42
C ARG C 621 44.18 -26.36 -11.25
N GLU C 622 45.45 -26.17 -10.95
CA GLU C 622 45.83 -25.59 -9.67
C GLU C 622 46.32 -24.16 -9.80
N GLN C 623 45.80 -23.30 -8.93
CA GLN C 623 46.57 -22.20 -8.36
C GLN C 623 47.56 -22.86 -7.40
N VAL C 624 48.82 -22.97 -7.83
CA VAL C 624 49.82 -23.89 -7.27
C VAL C 624 49.60 -24.19 -5.79
N VAL C 625 48.92 -25.31 -5.53
CA VAL C 625 48.65 -25.85 -4.20
C VAL C 625 48.13 -24.76 -3.27
N SER C 626 47.16 -23.99 -3.72
CA SER C 626 46.61 -22.96 -2.85
C SER C 626 45.87 -23.61 -1.69
N GLU C 627 45.74 -22.85 -0.61
CA GLU C 627 44.98 -23.29 0.55
C GLU C 627 43.57 -23.67 0.11
N GLN C 628 43.00 -24.68 0.79
CA GLN C 628 41.61 -25.02 0.54
C GLN C 628 40.72 -23.79 0.73
N THR C 629 39.64 -23.72 -0.04
CA THR C 629 38.82 -22.53 -0.09
C THR C 629 37.80 -22.52 1.05
N LEU C 630 37.17 -21.37 1.26
CA LEU C 630 36.55 -21.05 2.55
C LEU C 630 35.08 -20.70 2.39
N VAL C 631 34.22 -21.45 3.09
CA VAL C 631 32.80 -21.18 3.20
C VAL C 631 32.46 -21.18 4.68
N GLN C 632 31.53 -20.31 5.08
CA GLN C 632 31.15 -20.19 6.48
C GLN C 632 29.79 -20.85 6.71
N SER C 633 29.71 -21.59 7.82
CA SER C 633 28.44 -22.06 8.34
C SER C 633 28.07 -21.21 9.55
N ASN C 634 26.85 -20.69 9.54
CA ASN C 634 26.34 -19.93 10.68
C ASN C 634 25.11 -20.65 11.21
N ILE C 635 25.14 -20.95 12.50
CA ILE C 635 24.03 -21.62 13.17
C ILE C 635 23.65 -20.80 14.40
N CYS C 636 22.35 -20.67 14.63
CA CYS C 636 21.85 -20.04 15.84
C CYS C 636 21.01 -21.04 16.63
N LEU C 637 21.16 -21.01 17.95
CA LEU C 637 20.32 -21.75 18.87
C LEU C 637 19.71 -20.77 19.85
N TYR C 638 18.39 -20.79 19.98
CA TYR C 638 17.69 -19.92 20.91
C TYR C 638 16.58 -20.69 21.61
N ILE C 639 16.27 -20.23 22.81
CA ILE C 639 15.29 -20.86 23.68
C ILE C 639 14.03 -20.01 23.64
N ASP C 640 12.99 -20.50 22.96
CA ASP C 640 11.70 -19.79 22.92
C ASP C 640 10.65 -20.59 22.17
N LYS C 641 9.77 -19.87 21.45
CA LYS C 641 8.50 -20.37 20.91
C LYS C 641 7.53 -20.55 22.08
N ARG C 642 7.97 -21.33 23.07
CA ARG C 642 7.37 -21.37 24.38
C ARG C 642 8.40 -20.87 25.40
N SER C 643 8.10 -21.07 26.68
CA SER C 643 8.85 -20.58 27.82
C SER C 643 7.89 -20.68 28.98
N LYS C 644 6.71 -20.09 28.79
CA LYS C 644 5.51 -20.17 29.63
C LYS C 644 5.72 -20.70 31.05
N ASN C 645 6.27 -21.91 31.20
CA ASN C 645 6.62 -22.42 32.53
C ASN C 645 8.05 -22.01 32.84
N LEU C 646 8.21 -21.17 33.87
CA LEU C 646 9.45 -20.62 34.41
C LEU C 646 9.68 -19.19 33.96
N LEU C 647 10.46 -18.45 34.75
CA LEU C 647 10.98 -17.14 34.43
C LEU C 647 12.28 -16.99 35.19
N GLY C 648 13.08 -15.98 34.82
CA GLY C 648 14.34 -15.84 35.54
C GLY C 648 15.34 -16.92 35.17
N SER C 649 16.19 -17.28 36.14
CA SER C 649 17.22 -18.30 35.91
C SER C 649 16.56 -19.64 35.59
N ARG C 650 17.41 -20.62 35.27
CA ARG C 650 16.98 -21.92 34.74
C ARG C 650 16.35 -21.76 33.36
N ASP C 651 15.27 -20.98 33.24
CA ASP C 651 14.81 -20.57 31.92
C ASP C 651 15.71 -19.46 31.38
N LEU C 652 17.00 -19.70 31.51
CA LEU C 652 18.06 -18.85 30.98
C LEU C 652 19.25 -19.76 30.73
N GLN C 653 20.30 -19.59 31.53
CA GLN C 653 21.51 -20.37 31.35
C GLN C 653 21.17 -21.84 31.24
N SER C 654 21.63 -22.43 30.15
CA SER C 654 21.43 -23.84 29.84
C SER C 654 22.51 -24.19 28.84
N SER C 655 23.72 -24.45 29.35
CA SER C 655 24.81 -24.81 28.45
C SER C 655 24.38 -26.03 27.63
N VAL C 656 24.95 -26.14 26.44
CA VAL C 656 24.51 -27.12 25.46
C VAL C 656 25.73 -27.67 24.75
N THR C 657 25.68 -28.95 24.40
CA THR C 657 26.69 -29.55 23.53
C THR C 657 26.11 -29.62 22.13
N LEU C 658 26.82 -29.04 21.17
CA LEU C 658 26.54 -29.22 19.76
C LEU C 658 27.57 -30.18 19.20
N ASP C 659 27.16 -31.01 18.24
CA ASP C 659 28.13 -31.59 17.32
C ASP C 659 27.71 -31.29 15.90
N LEU C 660 28.70 -31.16 15.03
CA LEU C 660 28.51 -30.82 13.63
C LEU C 660 29.16 -31.91 12.79
N ALA C 661 28.50 -32.29 11.70
CA ALA C 661 28.94 -33.42 10.90
C ALA C 661 28.74 -33.10 9.42
N LEU C 662 29.84 -33.05 8.68
CA LEU C 662 29.80 -32.76 7.24
C LEU C 662 29.67 -34.04 6.45
N ASP C 663 28.82 -34.00 5.41
CA ASP C 663 28.48 -35.15 4.57
C ASP C 663 28.30 -36.42 5.42
N PRO C 664 27.41 -36.41 6.40
CA PRO C 664 27.31 -37.54 7.32
C PRO C 664 26.80 -38.79 6.62
N GLY C 665 27.40 -39.93 6.97
CA GLY C 665 27.07 -41.18 6.34
C GLY C 665 27.80 -41.45 5.05
N ARG C 666 28.60 -40.51 4.55
CA ARG C 666 29.26 -40.63 3.27
C ARG C 666 30.70 -41.08 3.47
N LEU C 667 31.10 -42.11 2.73
CA LEU C 667 32.47 -42.63 2.83
C LEU C 667 33.50 -41.65 2.31
N SER C 668 33.08 -40.68 1.50
CA SER C 668 33.97 -39.74 0.83
C SER C 668 33.66 -38.32 1.30
N PRO C 669 34.15 -37.93 2.47
CA PRO C 669 33.81 -36.60 3.01
C PRO C 669 34.34 -35.48 2.13
N ARG C 670 33.46 -34.56 1.77
CA ARG C 670 33.76 -33.52 0.80
C ARG C 670 34.00 -32.16 1.44
N ALA C 671 34.31 -32.13 2.74
CA ALA C 671 34.68 -30.89 3.41
C ALA C 671 35.19 -31.25 4.79
N THR C 672 35.87 -30.29 5.42
CA THR C 672 36.35 -30.45 6.78
C THR C 672 36.15 -29.16 7.56
N PHE C 673 36.35 -29.24 8.86
CA PHE C 673 36.22 -28.08 9.72
C PHE C 673 37.58 -27.45 9.93
N GLN C 674 37.69 -26.16 9.62
CA GLN C 674 38.96 -25.45 9.78
C GLN C 674 39.54 -25.62 11.18
N GLU C 675 38.68 -25.72 12.19
CA GLU C 675 39.16 -25.83 13.57
C GLU C 675 39.73 -27.21 13.86
N THR C 676 39.04 -28.27 13.42
CA THR C 676 39.40 -29.61 13.86
C THR C 676 40.18 -30.42 12.83
N LYS C 677 40.21 -30.01 11.57
CA LYS C 677 40.82 -30.74 10.46
C LYS C 677 40.05 -32.02 10.14
N ASN C 678 39.03 -32.31 10.93
CA ASN C 678 38.11 -33.43 10.75
C ASN C 678 36.88 -33.00 9.97
N ARG C 679 36.10 -33.99 9.55
CA ARG C 679 34.76 -33.80 9.01
C ARG C 679 33.76 -33.28 10.05
N SER C 680 34.16 -33.12 11.31
CA SER C 680 33.21 -32.98 12.40
C SER C 680 33.79 -32.09 13.49
N LEU C 681 32.91 -31.38 14.18
CA LEU C 681 33.30 -30.38 15.16
C LEU C 681 32.26 -30.35 16.27
N SER C 682 32.71 -30.00 17.49
CA SER C 682 31.82 -29.92 18.64
C SER C 682 32.32 -28.88 19.63
N ARG C 683 31.37 -28.09 20.16
CA ARG C 683 31.64 -27.07 21.16
C ARG C 683 30.51 -27.08 22.19
N VAL C 684 30.74 -26.40 23.31
CA VAL C 684 29.70 -26.24 24.33
C VAL C 684 29.50 -24.76 24.61
N ARG C 685 28.26 -24.29 24.44
CA ARG C 685 27.94 -22.87 24.49
C ARG C 685 26.72 -22.65 25.37
N VAL C 686 26.44 -21.37 25.65
CA VAL C 686 25.41 -20.96 26.61
C VAL C 686 24.16 -20.60 25.83
N LEU C 687 23.12 -21.44 25.96
CA LEU C 687 21.83 -21.05 25.41
C LEU C 687 21.15 -20.06 26.33
N GLY C 688 20.10 -19.43 25.82
CA GLY C 688 19.42 -18.39 26.57
C GLY C 688 18.13 -17.98 25.90
N LEU C 689 17.51 -16.93 26.48
CA LEU C 689 16.22 -16.49 25.97
C LEU C 689 16.33 -16.06 24.51
N LYS C 690 17.35 -15.27 24.16
CA LYS C 690 17.64 -15.08 22.74
C LYS C 690 18.99 -15.69 22.37
N ALA C 691 19.22 -15.71 21.07
CA ALA C 691 20.01 -16.76 20.45
C ALA C 691 21.50 -16.56 20.62
N HIS C 692 22.22 -17.67 20.54
CA HIS C 692 23.65 -17.71 20.38
C HIS C 692 23.95 -18.17 18.96
N CYS C 693 24.70 -17.37 18.22
CA CYS C 693 24.97 -17.60 16.81
C CYS C 693 26.47 -17.70 16.58
N GLU C 694 26.91 -18.68 15.81
CA GLU C 694 28.34 -18.89 15.66
C GLU C 694 28.68 -19.25 14.21
N ASN C 695 29.78 -18.66 13.73
CA ASN C 695 30.31 -18.95 12.41
C ASN C 695 31.34 -20.07 12.49
N PHE C 696 31.21 -21.05 11.61
CA PHE C 696 32.16 -22.15 11.53
C PHE C 696 32.73 -22.20 10.12
N ASN C 697 34.05 -22.30 10.03
CA ASN C 697 34.73 -22.19 8.74
C ASN C 697 34.89 -23.58 8.15
N LEU C 698 34.32 -23.77 6.96
CA LEU C 698 34.44 -25.01 6.21
C LEU C 698 35.62 -24.91 5.26
N LEU C 699 36.44 -25.95 5.23
CA LEU C 699 37.53 -26.05 4.28
C LEU C 699 37.13 -27.02 3.17
N LEU C 700 37.35 -26.59 1.92
CA LEU C 700 36.77 -27.26 0.76
C LEU C 700 37.90 -27.60 -0.20
N PRO C 701 38.16 -28.87 -0.49
CA PRO C 701 39.22 -29.22 -1.43
C PRO C 701 39.01 -28.57 -2.78
N SER C 702 40.11 -28.20 -3.44
CA SER C 702 40.03 -27.46 -4.69
C SER C 702 39.44 -28.32 -5.80
N CYS C 703 39.78 -29.60 -5.83
CA CYS C 703 39.34 -30.55 -6.85
C CYS C 703 38.55 -31.64 -6.15
N VAL C 704 37.27 -31.78 -6.49
CA VAL C 704 36.39 -32.67 -5.73
C VAL C 704 35.76 -33.72 -6.63
N GLU C 705 35.35 -34.81 -5.98
CA GLU C 705 34.80 -35.97 -6.67
C GLU C 705 33.39 -35.72 -7.17
N ASP C 706 32.57 -35.06 -6.35
CA ASP C 706 31.14 -34.97 -6.59
C ASP C 706 30.69 -33.53 -6.37
N SER C 707 30.41 -32.83 -7.46
CA SER C 707 29.87 -31.47 -7.39
C SER C 707 28.38 -31.43 -7.67
N VAL C 708 27.67 -32.52 -7.38
CA VAL C 708 26.25 -32.63 -7.64
C VAL C 708 25.46 -32.72 -6.34
N THR C 709 25.71 -33.74 -5.53
CA THR C 709 25.13 -33.92 -4.20
C THR C 709 25.48 -32.72 -3.34
N PRO C 710 24.52 -31.89 -2.94
CA PRO C 710 24.84 -30.77 -2.07
C PRO C 710 25.46 -31.29 -0.79
N ILE C 711 26.38 -30.51 -0.23
CA ILE C 711 27.10 -30.93 0.96
C ILE C 711 26.18 -30.74 2.16
N THR C 712 26.12 -31.75 3.03
CA THR C 712 25.20 -31.78 4.15
C THR C 712 25.95 -31.51 5.45
N LEU C 713 25.36 -30.68 6.32
CA LEU C 713 25.91 -30.36 7.63
C LEU C 713 24.84 -30.66 8.68
N ARG C 714 25.21 -31.43 9.71
CA ARG C 714 24.23 -32.04 10.62
C ARG C 714 24.54 -31.71 12.07
N LEU C 715 23.50 -31.72 12.92
CA LEU C 715 23.51 -31.14 14.26
C LEU C 715 23.03 -32.12 15.34
N ASN C 716 23.98 -32.78 16.01
CA ASN C 716 23.85 -33.30 17.36
C ASN C 716 23.61 -32.13 18.31
N PHE C 717 22.64 -32.22 19.25
CA PHE C 717 22.75 -31.25 20.35
C PHE C 717 21.95 -31.68 21.58
N THR C 718 22.64 -31.72 22.73
CA THR C 718 22.14 -32.22 24.01
C THR C 718 22.19 -31.12 25.04
N LEU C 719 21.13 -31.01 25.84
CA LEU C 719 21.19 -30.16 27.01
C LEU C 719 22.18 -30.71 28.02
N VAL C 720 22.99 -29.83 28.60
CA VAL C 720 23.89 -30.21 29.68
C VAL C 720 23.72 -29.22 30.82
N GLY C 721 22.53 -28.60 30.90
CA GLY C 721 22.17 -27.64 31.92
C GLY C 721 22.07 -28.27 33.31
N LYS C 722 23.09 -29.03 33.70
CA LYS C 722 22.97 -29.79 34.94
C LYS C 722 23.17 -28.90 36.18
N PRO C 723 24.49 -28.08 36.35
CA PRO C 723 24.70 -27.22 37.54
C PRO C 723 24.12 -25.81 37.44
N LEU C 724 22.80 -25.72 37.64
CA LEU C 724 22.09 -24.46 37.53
C LEU C 724 22.01 -23.75 38.88
N LEU C 725 21.58 -22.49 38.83
CA LEU C 725 21.84 -21.55 39.93
C LEU C 725 21.12 -21.91 41.22
N ALA C 726 19.83 -22.26 41.16
CA ALA C 726 19.04 -22.22 42.40
C ALA C 726 17.99 -23.32 42.44
N PHE C 727 17.44 -23.51 43.66
CA PHE C 727 16.30 -24.37 43.97
C PHE C 727 16.63 -25.86 43.86
N ARG C 728 17.91 -26.21 43.94
CA ARG C 728 18.49 -27.41 43.32
C ARG C 728 17.44 -28.38 42.80
N ASN C 729 17.11 -28.14 41.54
CA ASN C 729 15.98 -28.67 40.82
C ASN C 729 16.21 -30.08 40.28
N LEU C 730 15.65 -30.35 39.11
CA LEU C 730 15.65 -31.69 38.53
C LEU C 730 16.38 -31.83 37.20
N ARG C 731 17.06 -30.78 36.71
CA ARG C 731 17.70 -30.77 35.39
C ARG C 731 16.66 -30.81 34.28
N PRO C 732 16.64 -29.82 33.38
CA PRO C 732 15.54 -29.70 32.42
C PRO C 732 15.68 -30.70 31.29
N MET C 733 14.58 -30.89 30.55
CA MET C 733 14.53 -31.90 29.50
C MET C 733 13.94 -31.31 28.24
N LEU C 734 14.55 -31.63 27.10
CA LEU C 734 14.03 -31.23 25.81
C LEU C 734 12.68 -31.89 25.55
N ALA C 735 11.88 -31.26 24.70
CA ALA C 735 10.60 -31.85 24.31
C ALA C 735 10.83 -33.17 23.58
N ALA C 736 10.12 -34.21 24.01
CA ALA C 736 10.34 -35.56 23.49
C ALA C 736 9.70 -35.80 22.13
N ASP C 737 8.90 -34.86 21.65
CA ASP C 737 8.39 -34.90 20.28
C ASP C 737 9.23 -34.04 19.35
N ALA C 738 10.35 -33.51 19.82
CA ALA C 738 11.16 -32.56 19.08
C ALA C 738 12.41 -33.23 18.53
N GLN C 739 12.73 -32.92 17.27
CA GLN C 739 13.91 -33.46 16.62
C GLN C 739 15.18 -32.96 17.31
N ARG C 740 16.21 -33.79 17.28
CA ARG C 740 17.55 -33.42 17.74
CA ARG C 740 17.53 -33.37 17.73
C ARG C 740 18.59 -33.53 16.64
N TYR C 741 18.19 -33.80 15.40
CA TYR C 741 19.11 -33.92 14.28
C TYR C 741 18.65 -33.00 13.16
N PHE C 742 19.41 -31.95 12.91
CA PHE C 742 19.07 -30.93 11.93
C PHE C 742 20.16 -30.87 10.87
N THR C 743 19.74 -30.68 9.61
CA THR C 743 20.68 -30.67 8.50
C THR C 743 20.42 -29.47 7.60
N ALA C 744 21.49 -29.01 6.96
CA ALA C 744 21.43 -27.93 5.98
C ALA C 744 22.19 -28.34 4.72
N SER C 745 21.77 -27.81 3.58
CA SER C 745 22.37 -28.15 2.30
C SER C 745 23.17 -26.98 1.76
N LEU C 746 24.45 -27.24 1.45
CA LEU C 746 25.33 -26.34 0.72
C LEU C 746 25.49 -26.89 -0.68
N PRO C 747 24.84 -26.31 -1.68
CA PRO C 747 24.88 -26.89 -3.03
C PRO C 747 26.04 -26.34 -3.84
N PHE C 748 26.38 -27.08 -4.89
CA PHE C 748 27.39 -26.66 -5.85
C PHE C 748 26.72 -25.91 -7.00
N GLU C 749 27.44 -24.95 -7.57
CA GLU C 749 27.05 -24.37 -8.84
C GLU C 749 27.00 -25.47 -9.91
N LYS C 750 26.08 -25.33 -10.86
CA LYS C 750 25.89 -26.34 -11.88
C LYS C 750 26.47 -25.89 -13.22
N ASN C 751 27.16 -26.81 -13.89
CA ASN C 751 27.78 -26.54 -15.19
C ASN C 751 26.80 -26.93 -16.29
N CYS C 752 26.23 -25.93 -16.95
CA CYS C 752 25.17 -26.11 -17.93
C CYS C 752 25.68 -26.09 -19.36
N GLY C 753 26.95 -25.79 -19.55
CA GLY C 753 27.62 -25.85 -20.82
C GLY C 753 28.98 -25.20 -20.70
N ALA C 754 29.91 -25.53 -21.59
CA ALA C 754 31.15 -24.78 -21.64
C ALA C 754 31.01 -23.50 -22.44
N ASP C 755 29.99 -23.41 -23.28
CA ASP C 755 29.65 -22.21 -24.03
C ASP C 755 28.44 -21.48 -23.45
N HIS C 756 27.96 -21.85 -22.27
CA HIS C 756 26.64 -21.42 -21.81
C HIS C 756 26.71 -20.70 -20.47
N ILE C 757 26.04 -19.53 -20.41
CA ILE C 757 25.70 -18.89 -19.15
C ILE C 757 24.52 -19.65 -18.56
N CYS C 758 24.70 -20.24 -17.38
CA CYS C 758 23.64 -21.08 -16.86
C CYS C 758 22.44 -20.24 -16.45
N GLN C 759 21.27 -20.63 -16.94
CA GLN C 759 20.04 -19.90 -16.70
C GLN C 759 18.94 -20.86 -16.26
N ASP C 760 18.71 -20.95 -14.95
CA ASP C 760 17.56 -21.66 -14.43
C ASP C 760 16.33 -20.79 -14.61
N ASN C 761 15.22 -21.41 -15.01
CA ASN C 761 13.97 -20.65 -15.16
C ASN C 761 12.80 -21.61 -15.01
N LEU C 762 11.91 -21.29 -14.06
CA LEU C 762 10.86 -22.20 -13.65
C LEU C 762 9.57 -21.41 -13.44
N GLY C 763 8.45 -22.09 -13.64
CA GLY C 763 7.15 -21.51 -13.37
C GLY C 763 6.23 -22.54 -12.76
N ILE C 764 5.31 -22.05 -11.91
CA ILE C 764 4.47 -22.92 -11.12
C ILE C 764 3.05 -22.38 -11.12
N SER C 765 2.08 -23.29 -11.14
CA SER C 765 0.66 -22.94 -11.15
C SER C 765 -0.18 -24.16 -10.84
N PHE C 766 -1.05 -24.04 -9.84
CA PHE C 766 -1.86 -25.14 -9.33
C PHE C 766 -3.34 -24.79 -9.48
N SER C 767 -4.19 -25.77 -9.16
CA SER C 767 -5.63 -25.56 -9.13
C SER C 767 -6.23 -26.35 -7.97
N PHE C 768 -7.53 -26.14 -7.78
CA PHE C 768 -8.36 -26.95 -6.89
C PHE C 768 -9.44 -27.55 -7.77
N PRO C 769 -9.36 -28.84 -8.09
CA PRO C 769 -10.03 -29.35 -9.31
C PRO C 769 -11.55 -29.30 -9.27
N GLY C 770 -12.17 -29.20 -8.11
CA GLY C 770 -13.61 -29.10 -8.04
C GLY C 770 -14.09 -28.77 -6.65
N LEU C 771 -13.16 -28.34 -5.81
CA LEU C 771 -13.44 -28.07 -4.39
C LEU C 771 -13.96 -26.65 -4.23
N LYS C 772 -15.15 -26.48 -4.81
CA LYS C 772 -15.91 -25.24 -5.00
C LYS C 772 -15.88 -24.24 -3.85
N SER C 773 -16.80 -24.42 -2.92
CA SER C 773 -17.06 -23.48 -1.84
C SER C 773 -16.46 -24.05 -0.57
N LEU C 774 -15.49 -23.32 0.00
CA LEU C 774 -14.79 -23.82 1.18
C LEU C 774 -15.73 -23.78 2.37
N LEU C 775 -16.05 -24.96 2.91
CA LEU C 775 -16.93 -25.09 4.07
C LEU C 775 -16.09 -25.70 5.20
N VAL C 776 -15.63 -24.85 6.12
CA VAL C 776 -14.72 -25.28 7.17
C VAL C 776 -15.43 -26.28 8.08
N GLY C 777 -14.76 -27.41 8.33
CA GLY C 777 -15.32 -28.47 9.14
C GLY C 777 -16.09 -29.50 8.35
N SER C 778 -16.68 -29.11 7.22
CA SER C 778 -17.22 -30.09 6.30
C SER C 778 -16.13 -30.68 5.43
N ASN C 779 -15.31 -29.83 4.82
CA ASN C 779 -14.13 -30.24 4.07
C ASN C 779 -12.98 -30.36 5.07
N LEU C 780 -12.57 -31.59 5.35
CA LEU C 780 -11.51 -31.87 6.31
C LEU C 780 -10.14 -31.87 5.67
N GLU C 781 -10.08 -32.02 4.35
CA GLU C 781 -8.84 -32.07 3.60
C GLU C 781 -9.04 -31.25 2.33
N LEU C 782 -7.96 -30.71 1.81
CA LEU C 782 -8.01 -29.86 0.63
C LEU C 782 -6.96 -30.34 -0.36
N ASN C 783 -7.35 -30.50 -1.62
CA ASN C 783 -6.55 -31.19 -2.62
C ASN C 783 -6.09 -30.25 -3.72
N ALA C 784 -4.81 -29.92 -3.71
CA ALA C 784 -4.21 -29.04 -4.71
C ALA C 784 -3.56 -29.84 -5.82
N GLU C 785 -3.92 -29.54 -7.06
CA GLU C 785 -3.32 -30.17 -8.23
C GLU C 785 -2.28 -29.20 -8.78
N VAL C 786 -1.03 -29.43 -8.43
CA VAL C 786 0.05 -28.49 -8.71
C VAL C 786 0.72 -28.90 -10.03
N MET C 787 0.77 -27.96 -10.96
CA MET C 787 1.59 -28.09 -12.16
C MET C 787 2.81 -27.19 -12.00
N VAL C 788 3.94 -27.66 -12.51
CA VAL C 788 5.20 -26.92 -12.45
C VAL C 788 5.96 -27.22 -13.74
N TRP C 789 6.58 -26.19 -14.32
CA TRP C 789 7.20 -26.33 -15.64
C TRP C 789 8.61 -25.73 -15.66
N ASN C 790 9.43 -26.27 -16.55
CA ASN C 790 10.84 -25.90 -16.68
C ASN C 790 11.06 -25.40 -18.10
N ASP C 791 11.34 -24.10 -18.24
CA ASP C 791 11.68 -23.54 -19.53
C ASP C 791 13.15 -23.17 -19.66
N GLY C 792 13.92 -23.27 -18.59
CA GLY C 792 15.34 -23.01 -18.65
C GLY C 792 16.19 -24.24 -18.41
N GLU C 793 17.28 -24.07 -17.66
CA GLU C 793 18.23 -25.15 -17.44
C GLU C 793 17.71 -26.15 -16.43
N ASP C 794 18.13 -27.41 -16.60
CA ASP C 794 17.89 -28.51 -15.67
C ASP C 794 17.94 -28.06 -14.23
N SER C 795 16.96 -28.48 -13.43
CA SER C 795 16.91 -28.13 -12.03
C SER C 795 17.12 -29.37 -11.17
N TYR C 796 17.96 -29.20 -10.14
CA TYR C 796 18.22 -30.21 -9.13
C TYR C 796 17.65 -29.68 -7.81
N GLY C 797 17.22 -30.59 -6.95
CA GLY C 797 16.59 -30.22 -5.70
C GLY C 797 15.39 -29.30 -5.86
N THR C 798 14.63 -29.54 -6.93
CA THR C 798 13.46 -28.76 -7.31
C THR C 798 12.53 -28.52 -6.13
N THR C 799 12.60 -27.34 -5.51
CA THR C 799 11.91 -27.08 -4.26
C THR C 799 10.71 -26.17 -4.45
N ILE C 800 9.54 -26.64 -4.00
CA ILE C 800 8.29 -25.89 -4.03
C ILE C 800 7.91 -25.53 -2.61
N THR C 801 7.69 -24.24 -2.34
CA THR C 801 7.32 -23.77 -1.02
C THR C 801 6.00 -23.05 -1.07
N PHE C 802 5.01 -23.57 -0.36
CA PHE C 802 3.70 -22.96 -0.21
C PHE C 802 3.66 -22.04 1.00
N SER C 803 2.73 -21.10 0.97
CA SER C 803 2.35 -20.34 2.14
C SER C 803 0.85 -20.48 2.37
N HIS C 804 0.47 -20.57 3.64
CA HIS C 804 -0.91 -20.84 4.02
C HIS C 804 -1.08 -20.44 5.49
N PRO C 805 -2.29 -20.04 5.90
CA PRO C 805 -2.49 -19.70 7.31
C PRO C 805 -2.50 -20.94 8.19
N ALA C 806 -2.25 -20.71 9.48
CA ALA C 806 -1.97 -21.82 10.40
C ALA C 806 -3.02 -22.93 10.33
N GLY C 807 -4.26 -22.59 10.03
CA GLY C 807 -5.37 -23.52 10.14
C GLY C 807 -5.25 -24.83 9.37
N LEU C 808 -4.34 -24.91 8.41
CA LEU C 808 -4.19 -26.11 7.60
C LEU C 808 -2.71 -26.40 7.41
N SER C 809 -2.40 -27.64 7.05
CA SER C 809 -1.00 -28.05 6.89
C SER C 809 -0.91 -29.27 6.00
N TYR C 810 0.30 -29.50 5.50
CA TYR C 810 0.54 -30.52 4.48
C TYR C 810 0.58 -31.92 5.08
N ARG C 811 -0.06 -32.87 4.41
CA ARG C 811 -0.06 -34.27 4.77
C ARG C 811 0.45 -35.11 3.60
N TYR C 812 1.42 -35.98 3.86
CA TYR C 812 2.08 -36.71 2.78
C TYR C 812 1.13 -37.71 2.14
N VAL C 813 1.25 -37.84 0.80
CA VAL C 813 0.40 -38.72 0.00
C VAL C 813 1.27 -39.36 -1.07
N ALA C 814 0.91 -40.58 -1.48
CA ALA C 814 1.58 -41.26 -2.58
C ALA C 814 0.63 -42.25 -3.22
N GLU C 815 0.69 -42.36 -4.54
CA GLU C 815 -0.23 -43.22 -5.26
C GLU C 815 0.17 -44.68 -5.16
N GLY C 816 -0.83 -45.56 -5.18
CA GLY C 816 -0.61 -46.99 -5.04
C GLY C 816 -0.85 -47.79 -6.31
N GLN C 817 -1.62 -48.88 -6.20
CA GLN C 817 -1.92 -49.77 -7.31
C GLN C 817 -2.35 -49.01 -8.55
N LYS C 818 -1.51 -49.04 -9.58
CA LYS C 818 -1.62 -48.29 -10.84
C LYS C 818 -2.96 -47.58 -11.04
N GLN C 819 -3.01 -46.30 -10.68
CA GLN C 819 -4.24 -45.53 -10.76
C GLN C 819 -3.90 -44.06 -10.87
N GLY C 820 -4.80 -43.31 -11.50
CA GLY C 820 -4.74 -41.87 -11.53
C GLY C 820 -3.76 -41.33 -12.56
N GLN C 821 -3.90 -40.04 -12.82
CA GLN C 821 -2.92 -39.24 -13.54
C GLN C 821 -2.27 -38.26 -12.57
N LEU C 822 -1.92 -38.76 -11.39
CA LEU C 822 -1.53 -37.94 -10.25
C LEU C 822 -0.12 -38.32 -9.81
N ARG C 823 0.29 -37.78 -8.66
CA ARG C 823 1.67 -37.85 -8.22
C ARG C 823 2.15 -39.29 -8.08
N SER C 824 3.33 -39.56 -8.64
CA SER C 824 4.12 -40.73 -8.31
C SER C 824 5.51 -40.29 -7.89
N LEU C 825 5.56 -39.27 -7.04
CA LEU C 825 6.72 -38.42 -6.87
C LEU C 825 7.22 -38.53 -5.43
N HIS C 826 8.38 -39.14 -5.24
CA HIS C 826 9.03 -39.12 -3.94
C HIS C 826 9.46 -37.69 -3.66
N LEU C 827 9.02 -37.14 -2.53
CA LEU C 827 9.41 -35.79 -2.18
C LEU C 827 9.34 -35.62 -0.68
N THR C 828 10.10 -34.65 -0.20
CA THR C 828 10.24 -34.34 1.21
C THR C 828 9.64 -32.96 1.45
N CYS C 829 8.82 -32.83 2.50
CA CYS C 829 8.22 -31.54 2.82
C CYS C 829 8.51 -31.17 4.27
N ASP C 830 8.07 -29.97 4.64
CA ASP C 830 8.53 -29.35 5.87
C ASP C 830 7.67 -28.12 6.16
N SER C 831 6.77 -28.22 7.13
CA SER C 831 5.93 -27.09 7.53
C SER C 831 6.59 -26.33 8.67
N ALA C 832 6.49 -24.99 8.62
CA ALA C 832 7.09 -24.16 9.66
C ALA C 832 6.44 -22.78 9.67
N PRO C 833 6.21 -22.18 10.83
CA PRO C 833 5.59 -20.86 10.87
C PRO C 833 6.56 -19.79 10.42
N VAL C 834 6.04 -18.80 9.70
CA VAL C 834 6.89 -17.74 9.16
C VAL C 834 6.28 -16.38 9.42
N GLY C 835 5.01 -16.21 9.07
CA GLY C 835 4.39 -14.90 9.18
C GLY C 835 4.47 -14.36 10.59
N SER C 836 4.69 -13.04 10.69
CA SER C 836 4.73 -12.38 11.99
C SER C 836 3.45 -12.59 12.77
N GLN C 837 2.36 -12.99 12.11
CA GLN C 837 1.10 -13.22 12.79
C GLN C 837 0.67 -14.68 12.68
N GLY C 838 -0.10 -15.03 11.64
CA GLY C 838 -0.71 -16.34 11.66
C GLY C 838 -0.60 -17.21 10.41
N THR C 839 0.47 -17.05 9.63
CA THR C 839 0.59 -17.78 8.38
C THR C 839 1.84 -18.65 8.37
N TRP C 840 1.82 -19.67 7.50
CA TRP C 840 2.72 -20.80 7.60
C TRP C 840 3.33 -21.15 6.25
N SER C 841 4.55 -21.68 6.28
CA SER C 841 5.28 -22.11 5.10
C SER C 841 5.43 -23.63 5.11
N THR C 842 5.16 -24.25 3.97
CA THR C 842 5.45 -25.66 3.75
C THR C 842 6.38 -25.77 2.55
N SER C 843 7.64 -26.10 2.81
CA SER C 843 8.63 -26.30 1.76
C SER C 843 8.59 -27.74 1.30
N CYS C 844 8.77 -27.96 0.00
CA CYS C 844 8.64 -29.30 -0.57
C CYS C 844 9.73 -29.52 -1.65
N ARG C 845 10.85 -30.06 -1.19
CA ARG C 845 12.01 -30.33 -2.04
C ARG C 845 11.77 -31.64 -2.81
N ILE C 846 11.54 -31.54 -4.11
CA ILE C 846 11.54 -32.74 -4.95
C ILE C 846 12.98 -33.24 -5.00
N ASN C 847 13.25 -34.35 -4.35
CA ASN C 847 14.57 -34.95 -4.33
CA ASN C 847 14.58 -34.92 -4.36
C ASN C 847 14.64 -36.10 -5.32
N HIS C 848 15.87 -36.59 -5.53
CA HIS C 848 16.19 -37.74 -6.37
C HIS C 848 15.91 -37.49 -7.85
N LEU C 849 15.33 -36.34 -8.20
CA LEU C 849 14.96 -36.06 -9.58
C LEU C 849 15.69 -34.85 -10.11
N ILE C 850 16.11 -34.95 -11.37
CA ILE C 850 16.61 -33.83 -12.14
C ILE C 850 15.46 -33.36 -13.03
N PHE C 851 14.88 -32.21 -12.70
CA PHE C 851 13.80 -31.63 -13.49
C PHE C 851 14.40 -31.13 -14.80
N ARG C 852 14.39 -31.97 -15.84
CA ARG C 852 15.17 -31.72 -17.05
C ARG C 852 14.39 -30.94 -18.09
N GLY C 853 15.07 -29.97 -18.69
CA GLY C 853 14.67 -29.45 -19.99
C GLY C 853 13.25 -28.95 -20.01
N GLY C 854 12.53 -29.35 -21.07
CA GLY C 854 11.18 -28.93 -21.36
C GLY C 854 10.11 -29.71 -20.66
N ALA C 855 10.47 -30.57 -19.71
CA ALA C 855 9.47 -31.33 -18.99
C ALA C 855 8.65 -30.44 -18.07
N GLN C 856 7.49 -30.96 -17.68
CA GLN C 856 6.62 -30.37 -16.68
C GLN C 856 6.18 -31.49 -15.74
N ILE C 857 5.76 -31.13 -14.54
CA ILE C 857 5.34 -32.11 -13.55
C ILE C 857 4.01 -31.68 -12.97
N THR C 858 3.05 -32.60 -12.91
CA THR C 858 1.79 -32.38 -12.22
C THR C 858 1.62 -33.46 -11.16
N PHE C 859 1.18 -33.05 -9.98
CA PHE C 859 1.22 -33.88 -8.79
C PHE C 859 0.33 -33.24 -7.73
N LEU C 860 -0.06 -34.03 -6.73
CA LEU C 860 -1.04 -33.59 -5.74
C LEU C 860 -0.39 -33.22 -4.42
N ALA C 861 -0.88 -32.13 -3.83
CA ALA C 861 -0.49 -31.72 -2.48
C ALA C 861 -1.77 -31.52 -1.67
N THR C 862 -1.88 -32.19 -0.53
CA THR C 862 -3.10 -32.19 0.27
C THR C 862 -2.84 -31.53 1.62
N PHE C 863 -3.68 -30.54 1.94
CA PHE C 863 -3.56 -29.78 3.18
C PHE C 863 -4.80 -30.04 4.04
N ASP C 864 -4.56 -30.40 5.30
CA ASP C 864 -5.64 -30.86 6.17
C ASP C 864 -6.33 -29.68 6.85
N VAL C 865 -7.65 -29.66 6.75
CA VAL C 865 -8.47 -28.54 7.25
C VAL C 865 -8.85 -28.84 8.70
N SER C 866 -8.36 -28.02 9.61
CA SER C 866 -8.89 -28.07 10.97
C SER C 866 -10.39 -27.77 10.90
N PRO C 867 -11.25 -28.66 11.38
CA PRO C 867 -12.68 -28.35 11.41
C PRO C 867 -13.00 -27.18 12.30
N LYS C 868 -12.09 -26.81 13.20
CA LYS C 868 -12.15 -25.59 13.97
C LYS C 868 -11.09 -24.59 13.53
N ALA C 869 -10.74 -24.61 12.24
CA ALA C 869 -9.76 -23.66 11.72
C ALA C 869 -10.32 -22.26 11.72
N VAL C 870 -9.49 -21.31 12.13
CA VAL C 870 -9.78 -19.89 11.97
C VAL C 870 -9.09 -19.44 10.70
N LEU C 871 -9.88 -19.07 9.69
CA LEU C 871 -9.35 -18.63 8.42
C LEU C 871 -9.65 -17.18 8.10
N GLY C 872 -10.69 -16.61 8.70
CA GLY C 872 -11.31 -15.44 8.15
C GLY C 872 -12.25 -15.86 7.03
N ASP C 873 -12.85 -14.86 6.38
CA ASP C 873 -13.78 -15.18 5.30
C ASP C 873 -13.07 -15.46 3.98
N ARG C 874 -11.74 -15.37 3.93
CA ARG C 874 -10.99 -15.61 2.70
C ARG C 874 -9.76 -16.44 3.00
N LEU C 875 -9.52 -17.47 2.18
CA LEU C 875 -8.33 -18.29 2.27
C LEU C 875 -7.39 -17.92 1.13
N LEU C 876 -6.15 -17.55 1.47
CA LEU C 876 -5.15 -17.22 0.47
C LEU C 876 -3.93 -18.12 0.67
N LEU C 877 -3.51 -18.78 -0.40
CA LEU C 877 -2.33 -19.64 -0.37
C LEU C 877 -1.53 -19.40 -1.65
N THR C 878 -0.21 -19.58 -1.53
CA THR C 878 0.72 -19.25 -2.61
C THR C 878 1.63 -20.44 -2.89
N ALA C 879 2.42 -20.29 -3.95
CA ALA C 879 3.41 -21.31 -4.31
C ALA C 879 4.62 -20.64 -4.93
N ASN C 880 5.81 -21.02 -4.49
CA ASN C 880 7.02 -20.54 -5.12
C ASN C 880 7.98 -21.70 -5.37
N VAL C 881 8.59 -21.71 -6.56
CA VAL C 881 9.42 -22.82 -7.04
C VAL C 881 10.79 -22.29 -7.45
N SER C 882 11.84 -23.07 -7.18
CA SER C 882 13.18 -22.68 -7.55
C SER C 882 14.08 -23.91 -7.54
N SER C 883 15.32 -23.70 -7.98
CA SER C 883 16.33 -24.73 -8.00
C SER C 883 17.15 -24.71 -6.71
N GLU C 884 18.07 -25.67 -6.60
CA GLU C 884 19.02 -25.66 -5.49
C GLU C 884 19.83 -24.38 -5.47
N ASN C 885 20.15 -23.83 -6.65
CA ASN C 885 21.39 -23.09 -6.85
C ASN C 885 21.26 -21.58 -6.72
N ASN C 886 20.07 -21.06 -6.38
CA ASN C 886 19.87 -19.66 -6.00
C ASN C 886 19.81 -18.70 -7.19
N THR C 887 18.59 -18.47 -7.70
CA THR C 887 18.33 -17.37 -8.61
C THR C 887 18.57 -16.04 -7.91
N PRO C 888 18.81 -14.95 -8.65
CA PRO C 888 18.84 -13.63 -8.02
C PRO C 888 17.46 -13.10 -7.67
N ARG C 889 16.41 -13.83 -8.08
CA ARG C 889 15.00 -13.48 -7.86
C ARG C 889 14.72 -12.25 -8.70
N THR C 890 14.37 -11.10 -8.14
CA THR C 890 13.76 -9.93 -8.78
C THR C 890 12.26 -10.18 -9.02
N SER C 891 11.91 -10.82 -10.13
CA SER C 891 10.53 -11.17 -10.40
C SER C 891 10.27 -12.59 -9.89
N LYS C 892 9.44 -12.70 -8.86
CA LYS C 892 9.24 -13.98 -8.21
C LYS C 892 8.29 -14.86 -9.01
N THR C 893 8.44 -16.17 -8.82
CA THR C 893 7.68 -17.18 -9.55
C THR C 893 6.30 -17.42 -8.95
N THR C 894 5.87 -16.57 -8.00
CA THR C 894 4.73 -16.87 -7.14
C THR C 894 3.42 -16.89 -7.92
N PHE C 895 2.66 -17.96 -7.73
CA PHE C 895 1.30 -18.12 -8.23
C PHE C 895 0.40 -18.30 -7.03
N GLN C 896 -0.67 -17.52 -6.95
CA GLN C 896 -1.45 -17.53 -5.73
C GLN C 896 -2.94 -17.43 -6.02
N LEU C 897 -3.72 -17.93 -5.06
CA LEU C 897 -5.14 -18.19 -5.19
C LEU C 897 -5.83 -17.76 -3.91
N GLU C 898 -7.03 -17.17 -4.04
CA GLU C 898 -7.78 -16.76 -2.87
C GLU C 898 -9.27 -17.01 -3.06
N LEU C 899 -9.92 -17.52 -2.02
CA LEU C 899 -11.27 -18.05 -2.04
C LEU C 899 -12.17 -17.40 -0.99
N PRO C 900 -13.48 -17.36 -1.24
CA PRO C 900 -14.42 -17.09 -0.15
C PRO C 900 -14.49 -18.30 0.76
N VAL C 901 -14.54 -18.06 2.07
CA VAL C 901 -14.52 -19.12 3.06
C VAL C 901 -15.80 -19.06 3.87
N LYS C 902 -16.43 -20.22 4.05
CA LYS C 902 -17.62 -20.35 4.87
C LYS C 902 -17.39 -21.41 5.95
N TYR C 903 -18.23 -21.37 6.97
CA TYR C 903 -18.07 -22.21 8.14
C TYR C 903 -19.33 -23.05 8.37
N ALA C 904 -19.14 -24.27 8.84
CA ALA C 904 -20.23 -25.22 8.97
C ALA C 904 -21.01 -25.02 10.26
N VAL C 905 -22.34 -25.12 10.16
CA VAL C 905 -23.25 -25.10 11.30
C VAL C 905 -24.27 -26.22 11.12
N TYR C 906 -25.10 -26.39 12.15
CA TYR C 906 -26.15 -27.41 12.14
C TYR C 906 -27.31 -26.86 12.96
N THR C 907 -28.39 -26.45 12.28
CA THR C 907 -29.57 -25.93 12.96
C THR C 907 -30.79 -26.73 12.51
N VAL C 908 -31.60 -27.18 13.47
CA VAL C 908 -32.77 -28.01 13.21
C VAL C 908 -33.98 -27.36 13.85
N VAL C 909 -35.11 -27.40 13.14
CA VAL C 909 -36.39 -26.92 13.68
C VAL C 909 -37.47 -27.93 13.31
N SER C 910 -38.37 -28.20 14.26
CA SER C 910 -39.46 -29.13 14.01
C SER C 910 -40.63 -28.78 14.92
N SER C 911 -41.80 -29.30 14.55
CA SER C 911 -43.02 -29.01 15.29
C SER C 911 -43.02 -29.71 16.65
N HIS C 912 -43.24 -28.94 17.70
CA HIS C 912 -43.39 -29.50 19.04
C HIS C 912 -44.78 -30.10 19.20
N GLU C 913 -44.87 -31.14 20.03
CA GLU C 913 -46.10 -31.90 20.15
C GLU C 913 -47.22 -31.17 20.88
N GLN C 914 -46.93 -30.03 21.51
CA GLN C 914 -47.92 -29.32 22.32
C GLN C 914 -48.67 -28.28 21.47
N PHE C 915 -49.58 -28.78 20.64
CA PHE C 915 -50.21 -27.91 19.66
C PHE C 915 -51.68 -28.26 19.47
N THR C 916 -52.46 -27.22 19.21
CA THR C 916 -53.86 -27.36 18.81
C THR C 916 -53.98 -28.21 17.56
N LYS C 917 -54.69 -29.33 17.66
CA LYS C 917 -55.09 -30.08 16.50
C LYS C 917 -56.50 -30.60 16.69
N TYR C 918 -57.32 -30.37 15.68
CA TYR C 918 -58.74 -30.65 15.73
C TYR C 918 -59.46 -29.96 16.88
N LEU C 919 -59.56 -28.64 16.82
CA LEU C 919 -60.44 -27.87 17.70
C LEU C 919 -61.89 -27.90 17.25
N ASN C 920 -62.16 -28.47 16.08
CA ASN C 920 -63.46 -28.84 15.48
C ASN C 920 -64.39 -27.63 15.48
N PHE C 921 -65.67 -27.83 15.80
CA PHE C 921 -66.86 -26.99 15.66
C PHE C 921 -67.71 -27.66 14.60
N SER C 922 -68.89 -28.11 14.98
CA SER C 922 -69.96 -28.29 14.03
C SER C 922 -70.60 -26.92 13.84
N GLU C 923 -71.61 -26.84 12.98
CA GLU C 923 -71.91 -25.62 12.22
C GLU C 923 -72.41 -24.44 13.06
N SER C 924 -73.09 -24.67 14.19
CA SER C 924 -73.94 -23.62 14.75
C SER C 924 -73.14 -22.41 15.23
N GLU C 925 -71.99 -22.61 15.89
CA GLU C 925 -71.26 -21.49 16.49
C GLU C 925 -70.16 -21.00 15.55
N GLU C 926 -70.59 -20.54 14.36
CA GLU C 926 -69.64 -20.11 13.34
C GLU C 926 -68.96 -18.80 13.71
N LYS C 927 -69.71 -17.88 14.33
CA LYS C 927 -69.18 -16.54 14.59
C LYS C 927 -68.02 -16.58 15.58
N GLU C 928 -68.10 -17.45 16.59
CA GLU C 928 -67.13 -17.43 17.68
C GLU C 928 -65.78 -17.96 17.22
N SER C 929 -64.73 -17.53 17.92
CA SER C 929 -63.36 -17.85 17.55
C SER C 929 -62.67 -18.61 18.67
N HIS C 930 -61.65 -19.36 18.28
CA HIS C 930 -61.00 -20.36 19.13
C HIS C 930 -59.50 -20.08 19.12
N VAL C 931 -58.95 -19.68 20.27
CA VAL C 931 -57.50 -19.53 20.39
C VAL C 931 -56.80 -20.80 19.93
N ALA C 932 -55.82 -20.65 19.06
CA ALA C 932 -54.99 -21.75 18.61
C ALA C 932 -53.53 -21.46 18.94
N MET C 933 -52.77 -22.51 19.20
CA MET C 933 -51.37 -22.40 19.57
C MET C 933 -50.56 -23.43 18.79
N HIS C 934 -49.69 -22.95 17.91
CA HIS C 934 -48.72 -23.79 17.21
C HIS C 934 -47.35 -23.58 17.81
N ARG C 935 -46.58 -24.66 17.94
CA ARG C 935 -45.31 -24.61 18.64
C ARG C 935 -44.20 -25.28 17.84
N TYR C 936 -43.01 -24.68 17.88
CA TYR C 936 -41.84 -25.17 17.18
C TYR C 936 -40.63 -25.12 18.11
N GLN C 937 -39.73 -26.08 17.94
CA GLN C 937 -38.52 -26.19 18.75
C GLN C 937 -37.31 -26.25 17.83
N VAL C 938 -36.33 -25.37 18.06
CA VAL C 938 -35.15 -25.23 17.21
C VAL C 938 -33.90 -25.43 18.06
N ASN C 939 -32.89 -26.08 17.48
CA ASN C 939 -31.70 -26.45 18.22
C ASN C 939 -30.43 -26.28 17.38
N ASN C 940 -29.37 -25.81 18.04
CA ASN C 940 -28.04 -25.69 17.43
C ASN C 940 -27.25 -26.94 17.82
N LEU C 941 -27.20 -27.90 16.90
CA LEU C 941 -26.44 -29.13 17.10
C LEU C 941 -25.03 -29.05 16.53
N GLY C 942 -24.71 -27.95 15.86
CA GLY C 942 -23.41 -27.79 15.24
C GLY C 942 -22.37 -27.37 16.25
N GLN C 943 -21.19 -27.06 15.74
CA GLN C 943 -20.06 -26.71 16.58
C GLN C 943 -19.94 -25.22 16.89
N ARG C 944 -20.74 -24.33 16.30
CA ARG C 944 -20.50 -22.90 16.31
CA ARG C 944 -20.49 -22.92 16.49
C ARG C 944 -21.76 -22.09 16.63
N ASP C 945 -21.64 -21.09 17.51
CA ASP C 945 -22.63 -20.05 17.66
C ASP C 945 -22.74 -19.27 16.35
N LEU C 946 -23.97 -19.02 15.92
CA LEU C 946 -24.15 -18.22 14.74
C LEU C 946 -25.41 -17.39 14.90
N PRO C 947 -25.39 -16.13 14.50
CA PRO C 947 -26.64 -15.37 14.42
C PRO C 947 -27.58 -16.01 13.41
N VAL C 948 -28.83 -16.17 13.80
CA VAL C 948 -29.83 -16.74 12.90
C VAL C 948 -31.06 -15.83 12.85
N SER C 949 -32.09 -16.32 12.19
CA SER C 949 -33.33 -15.59 12.01
C SER C 949 -34.41 -16.64 11.77
N ILE C 950 -35.53 -16.53 12.45
CA ILE C 950 -36.61 -17.50 12.31
C ILE C 950 -37.74 -16.87 11.51
N ASN C 951 -38.29 -17.62 10.58
CA ASN C 951 -39.34 -17.14 9.70
C ASN C 951 -40.56 -18.03 9.84
N PHE C 952 -41.72 -17.41 10.10
CA PHE C 952 -42.97 -18.12 10.30
C PHE C 952 -44.01 -17.67 9.26
N TRP C 953 -44.77 -18.62 8.73
CA TRP C 953 -45.85 -18.33 7.78
C TRP C 953 -47.18 -18.79 8.38
N VAL C 954 -48.11 -17.86 8.53
CA VAL C 954 -49.41 -18.14 9.15
C VAL C 954 -50.50 -17.78 8.16
N PRO C 955 -51.33 -18.73 7.72
CA PRO C 955 -52.49 -18.39 6.90
C PRO C 955 -53.49 -17.55 7.70
N VAL C 956 -53.91 -16.43 7.11
CA VAL C 956 -54.79 -15.51 7.82
C VAL C 956 -56.07 -15.24 7.04
N GLU C 957 -55.99 -14.46 5.97
CA GLU C 957 -57.19 -14.03 5.26
C GLU C 957 -57.39 -14.90 4.03
N LEU C 958 -58.52 -15.60 3.97
CA LEU C 958 -58.87 -16.41 2.81
C LEU C 958 -60.10 -15.78 2.16
N ASN C 959 -59.85 -14.83 1.26
CA ASN C 959 -60.88 -14.10 0.54
C ASN C 959 -61.73 -13.25 1.48
N GLN C 960 -61.10 -12.26 2.09
CA GLN C 960 -61.62 -11.34 3.10
C GLN C 960 -61.91 -12.01 4.46
N GLU C 961 -61.92 -13.34 4.55
CA GLU C 961 -62.37 -14.06 5.74
C GLU C 961 -61.16 -14.58 6.51
N ALA C 962 -60.87 -13.97 7.64
CA ALA C 962 -59.69 -14.33 8.43
C ALA C 962 -59.78 -15.78 8.91
N VAL C 963 -58.62 -16.44 8.95
CA VAL C 963 -58.51 -17.81 9.42
C VAL C 963 -58.04 -17.80 10.87
N TRP C 964 -56.77 -17.50 11.09
CA TRP C 964 -56.33 -16.99 12.38
C TRP C 964 -56.57 -15.49 12.42
N MET C 965 -56.55 -14.92 13.62
CA MET C 965 -56.78 -13.51 13.81
C MET C 965 -55.90 -13.00 14.94
N ASP C 966 -55.33 -11.82 14.75
CA ASP C 966 -54.48 -11.16 15.73
C ASP C 966 -53.44 -12.11 16.30
N VAL C 967 -52.73 -12.78 15.40
CA VAL C 967 -51.71 -13.74 15.78
C VAL C 967 -50.45 -12.99 16.19
N GLU C 968 -49.84 -13.45 17.28
CA GLU C 968 -48.58 -12.90 17.74
C GLU C 968 -47.62 -14.05 17.99
N VAL C 969 -46.33 -13.74 17.97
CA VAL C 969 -45.28 -14.72 18.20
C VAL C 969 -44.80 -14.58 19.65
N SER C 970 -44.68 -15.69 20.35
CA SER C 970 -44.21 -15.65 21.73
C SER C 970 -42.93 -16.46 21.85
N HIS C 971 -41.92 -15.85 22.47
CA HIS C 971 -40.71 -16.57 22.87
C HIS C 971 -40.24 -15.90 24.14
N PRO C 972 -40.84 -16.24 25.28
CA PRO C 972 -40.67 -15.41 26.47
C PRO C 972 -39.30 -15.53 27.12
N GLN C 973 -38.64 -16.68 27.00
CA GLN C 973 -37.23 -16.74 27.40
C GLN C 973 -36.42 -15.96 26.37
N ASN C 974 -35.49 -15.13 26.84
CA ASN C 974 -34.84 -14.15 25.99
C ASN C 974 -35.87 -13.31 25.21
N PRO C 975 -36.84 -12.64 25.94
CA PRO C 975 -37.91 -11.94 25.23
C PRO C 975 -37.42 -10.74 24.46
N SER C 976 -36.92 -10.97 23.24
CA SER C 976 -36.23 -9.94 22.48
C SER C 976 -37.17 -8.81 22.05
N LEU C 977 -38.45 -9.11 21.83
CA LEU C 977 -39.52 -8.22 21.38
C LEU C 977 -39.44 -7.93 19.89
N ARG C 978 -38.52 -8.53 19.14
CA ARG C 978 -38.25 -8.13 17.75
C ARG C 978 -38.72 -9.24 16.79
N CYS C 979 -40.00 -9.17 16.43
CA CYS C 979 -40.53 -9.94 15.33
C CYS C 979 -41.22 -9.01 14.34
N SER C 980 -40.99 -9.25 13.05
CA SER C 980 -41.55 -8.43 11.99
C SER C 980 -42.79 -9.09 11.40
N SER C 981 -43.65 -8.27 10.79
CA SER C 981 -44.88 -8.74 10.21
C SER C 981 -44.98 -8.28 8.76
N GLU C 982 -45.36 -9.20 7.88
CA GLU C 982 -45.52 -8.90 6.46
C GLU C 982 -46.65 -9.75 5.91
N LYS C 983 -47.71 -9.12 5.41
CA LYS C 983 -48.81 -9.85 4.81
C LYS C 983 -48.48 -10.16 3.35
N ILE C 984 -48.69 -11.42 2.95
CA ILE C 984 -48.27 -11.92 1.64
C ILE C 984 -49.51 -12.38 0.89
N ALA C 985 -49.83 -11.67 -0.18
CA ALA C 985 -50.93 -12.15 -1.01
C ALA C 985 -50.47 -13.36 -1.80
N PRO C 986 -51.28 -14.41 -1.88
CA PRO C 986 -50.91 -15.58 -2.68
C PRO C 986 -51.33 -15.42 -4.12
N PRO C 987 -50.79 -16.23 -5.04
CA PRO C 987 -51.35 -16.26 -6.39
C PRO C 987 -52.78 -16.75 -6.37
N ALA C 988 -53.63 -16.14 -7.20
CA ALA C 988 -55.03 -16.54 -7.25
C ALA C 988 -55.17 -17.90 -7.91
N SER C 989 -56.06 -18.72 -7.36
CA SER C 989 -56.26 -20.07 -7.85
C SER C 989 -57.62 -20.57 -7.37
N ASP C 990 -58.21 -21.48 -8.13
CA ASP C 990 -59.49 -22.05 -7.72
C ASP C 990 -59.33 -22.97 -6.54
N PHE C 991 -59.34 -22.39 -5.34
CA PHE C 991 -59.38 -23.05 -4.05
C PHE C 991 -60.26 -24.29 -4.00
N LEU C 992 -61.40 -24.29 -4.69
CA LEU C 992 -62.28 -25.45 -4.66
C LEU C 992 -61.55 -26.71 -5.12
N ALA C 993 -60.88 -26.62 -6.27
CA ALA C 993 -60.03 -27.73 -6.70
C ALA C 993 -58.77 -27.81 -5.85
N HIS C 994 -58.20 -26.65 -5.49
CA HIS C 994 -56.98 -26.65 -4.68
C HIS C 994 -57.22 -27.29 -3.32
N ILE C 995 -58.41 -27.15 -2.76
CA ILE C 995 -58.72 -27.74 -1.46
C ILE C 995 -59.24 -29.17 -1.61
N GLN C 996 -59.99 -29.45 -2.69
CA GLN C 996 -60.64 -30.75 -2.80
C GLN C 996 -59.62 -31.88 -2.87
N LYS C 997 -58.52 -31.68 -3.60
CA LYS C 997 -57.49 -32.72 -3.64
C LYS C 997 -56.73 -32.80 -2.33
N ASN C 998 -56.15 -31.69 -1.89
CA ASN C 998 -55.45 -31.61 -0.61
C ASN C 998 -56.20 -30.64 0.30
N PRO C 999 -56.93 -31.14 1.30
CA PRO C 999 -57.75 -30.26 2.16
C PRO C 999 -56.93 -29.25 2.95
N VAL C 1000 -55.64 -29.15 2.67
CA VAL C 1000 -54.72 -28.30 3.41
C VAL C 1000 -54.92 -26.85 3.02
N LEU C 1001 -54.88 -25.96 3.99
CA LEU C 1001 -54.81 -24.52 3.76
C LEU C 1001 -53.43 -24.03 4.15
N ASP C 1002 -52.55 -23.92 3.15
CA ASP C 1002 -51.23 -23.35 3.35
C ASP C 1002 -51.18 -21.98 2.69
N CYS C 1003 -49.99 -21.38 2.69
CA CYS C 1003 -49.84 -20.02 2.17
C CYS C 1003 -50.02 -19.91 0.67
N SER C 1004 -50.12 -21.03 -0.06
CA SER C 1004 -50.34 -20.94 -1.49
C SER C 1004 -51.70 -20.33 -1.84
N ILE C 1005 -52.64 -20.29 -0.89
CA ILE C 1005 -53.97 -19.77 -1.16
C ILE C 1005 -54.35 -18.68 -0.16
N ALA C 1006 -53.86 -18.78 1.07
CA ALA C 1006 -54.26 -17.84 2.11
C ALA C 1006 -53.32 -16.64 2.16
N GLY C 1007 -53.89 -15.44 2.17
CA GLY C 1007 -53.13 -14.26 2.49
C GLY C 1007 -52.45 -14.46 3.83
N CYS C 1008 -51.14 -14.67 3.80
CA CYS C 1008 -50.42 -15.12 4.99
C CYS C 1008 -49.77 -13.94 5.71
N LEU C 1009 -49.57 -14.11 7.01
CA LEU C 1009 -48.75 -13.21 7.79
C LEU C 1009 -47.40 -13.89 8.01
N ARG C 1010 -46.34 -13.30 7.45
CA ARG C 1010 -45.00 -13.83 7.60
C ARG C 1010 -44.28 -13.10 8.73
N PHE C 1011 -43.59 -13.86 9.57
CA PHE C 1011 -42.91 -13.31 10.73
C PHE C 1011 -41.41 -13.51 10.57
N ARG C 1012 -40.65 -12.44 10.71
CA ARG C 1012 -39.20 -12.53 10.81
C ARG C 1012 -38.80 -12.33 12.26
N CYS C 1013 -38.16 -13.35 12.83
CA CYS C 1013 -37.89 -13.42 14.27
C CYS C 1013 -36.37 -13.53 14.45
N ASP C 1014 -35.71 -12.38 14.55
CA ASP C 1014 -34.25 -12.34 14.52
C ASP C 1014 -33.66 -12.77 15.86
N VAL C 1015 -32.53 -13.48 15.78
CA VAL C 1015 -31.85 -14.05 16.95
C VAL C 1015 -30.38 -13.69 16.92
N PRO C 1016 -29.93 -12.74 17.75
CA PRO C 1016 -28.52 -12.31 17.72
C PRO C 1016 -27.49 -13.43 17.89
N SER C 1017 -27.72 -14.41 18.76
CA SER C 1017 -26.72 -15.47 18.94
C SER C 1017 -27.41 -16.77 19.32
N PHE C 1018 -27.51 -17.68 18.36
CA PHE C 1018 -27.97 -19.04 18.57
C PHE C 1018 -26.75 -19.87 18.99
N SER C 1019 -26.46 -19.86 20.29
CA SER C 1019 -25.28 -20.57 20.76
C SER C 1019 -25.51 -22.08 20.68
N VAL C 1020 -24.42 -22.83 20.83
CA VAL C 1020 -24.45 -24.28 20.70
C VAL C 1020 -25.10 -24.88 21.93
N GLN C 1021 -25.96 -25.87 21.71
CA GLN C 1021 -26.75 -26.51 22.76
C GLN C 1021 -27.60 -25.47 23.49
N GLU C 1022 -28.10 -24.50 22.74
CA GLU C 1022 -29.14 -23.60 23.20
C GLU C 1022 -30.45 -24.04 22.56
N GLU C 1023 -31.50 -24.17 23.37
CA GLU C 1023 -32.80 -24.59 22.88
C GLU C 1023 -33.75 -23.40 22.90
N LEU C 1024 -34.42 -23.16 21.78
CA LEU C 1024 -35.38 -22.07 21.65
C LEU C 1024 -36.74 -22.64 21.31
N ASP C 1025 -37.75 -22.23 22.06
CA ASP C 1025 -39.13 -22.66 21.85
C ASP C 1025 -39.92 -21.50 21.29
N PHE C 1026 -40.73 -21.75 20.26
CA PHE C 1026 -41.48 -20.69 19.62
C PHE C 1026 -42.94 -21.09 19.50
N THR C 1027 -43.82 -20.14 19.78
CA THR C 1027 -45.25 -20.38 19.86
C THR C 1027 -45.98 -19.32 19.05
N LEU C 1028 -46.96 -19.76 18.27
CA LEU C 1028 -47.79 -18.90 17.43
C LEU C 1028 -49.22 -18.97 17.95
N LYS C 1029 -49.75 -17.84 18.42
CA LYS C 1029 -51.04 -17.82 19.12
C LYS C 1029 -51.95 -16.71 18.59
N GLY C 1030 -53.14 -17.10 18.16
CA GLY C 1030 -54.20 -16.22 17.73
C GLY C 1030 -55.49 -17.00 17.67
N ASN C 1031 -56.62 -16.29 17.76
CA ASN C 1031 -57.92 -16.93 17.65
C ASN C 1031 -58.16 -17.44 16.24
N LEU C 1032 -58.76 -18.62 16.13
CA LEU C 1032 -59.06 -19.22 14.85
C LEU C 1032 -60.55 -19.04 14.55
N SER C 1033 -60.85 -18.54 13.36
CA SER C 1033 -62.22 -18.25 12.95
C SER C 1033 -62.88 -19.46 12.29
N PHE C 1034 -64.19 -19.56 12.45
CA PHE C 1034 -64.95 -20.67 11.88
C PHE C 1034 -65.75 -20.25 10.66
N GLY C 1035 -65.56 -19.01 10.20
CA GLY C 1035 -66.32 -18.49 9.08
C GLY C 1035 -65.95 -19.10 7.75
N TRP C 1036 -64.64 -19.10 7.42
CA TRP C 1036 -64.18 -19.48 6.08
C TRP C 1036 -64.39 -20.95 5.80
N VAL C 1037 -64.76 -21.73 6.81
CA VAL C 1037 -64.78 -23.18 6.68
C VAL C 1037 -65.83 -23.61 5.67
N ARG C 1038 -66.94 -22.87 5.58
CA ARG C 1038 -67.98 -23.25 4.64
C ARG C 1038 -67.75 -22.70 3.23
N GLN C 1039 -66.88 -21.71 3.08
CA GLN C 1039 -66.57 -21.15 1.77
C GLN C 1039 -65.80 -22.11 0.89
N ILE C 1040 -65.20 -23.17 1.45
CA ILE C 1040 -64.45 -24.15 0.68
C ILE C 1040 -65.28 -25.36 0.30
N LEU C 1041 -66.56 -25.38 0.68
CA LEU C 1041 -67.47 -26.48 0.37
C LEU C 1041 -66.91 -27.82 0.85
N GLN C 1042 -66.36 -27.81 2.07
CA GLN C 1042 -65.67 -28.96 2.60
C GLN C 1042 -65.75 -28.94 4.12
N LYS C 1043 -65.75 -30.15 4.71
CA LYS C 1043 -65.77 -30.30 6.15
C LYS C 1043 -64.47 -30.84 6.73
N LYS C 1044 -63.53 -31.29 5.91
CA LYS C 1044 -62.37 -32.05 6.37
C LYS C 1044 -61.07 -31.23 6.36
N VAL C 1045 -61.18 -29.90 6.36
CA VAL C 1045 -60.04 -29.02 6.12
C VAL C 1045 -58.98 -29.16 7.23
N SER C 1046 -57.72 -28.96 6.86
CA SER C 1046 -56.61 -28.84 7.80
C SER C 1046 -55.87 -27.54 7.50
N VAL C 1047 -55.19 -27.00 8.51
CA VAL C 1047 -54.60 -25.67 8.43
C VAL C 1047 -53.15 -25.73 8.90
N VAL C 1048 -52.23 -25.15 8.12
CA VAL C 1048 -50.81 -25.39 8.26
C VAL C 1048 -50.06 -24.07 8.38
N SER C 1049 -49.18 -23.98 9.37
CA SER C 1049 -48.17 -22.93 9.44
C SER C 1049 -46.80 -23.54 9.22
N VAL C 1050 -45.83 -22.70 8.82
CA VAL C 1050 -44.49 -23.17 8.47
C VAL C 1050 -43.46 -22.31 9.17
N ALA C 1051 -42.37 -22.94 9.62
CA ALA C 1051 -41.23 -22.25 10.20
C ALA C 1051 -39.97 -22.59 9.41
N GLU C 1052 -39.05 -21.61 9.32
CA GLU C 1052 -37.80 -21.81 8.59
C GLU C 1052 -36.68 -21.05 9.28
N ILE C 1053 -35.58 -21.75 9.55
CA ILE C 1053 -34.36 -21.13 10.05
C ILE C 1053 -33.63 -20.47 8.88
N THR C 1054 -33.15 -19.25 9.11
CA THR C 1054 -32.23 -18.63 8.17
C THR C 1054 -31.05 -18.05 8.92
N PHE C 1055 -29.95 -17.92 8.17
CA PHE C 1055 -28.73 -17.26 8.59
C PHE C 1055 -28.07 -16.74 7.32
N ASP C 1056 -27.03 -15.95 7.48
CA ASP C 1056 -26.32 -15.46 6.30
C ASP C 1056 -25.65 -16.65 5.61
N THR C 1057 -26.12 -16.98 4.40
CA THR C 1057 -25.57 -18.14 3.69
C THR C 1057 -24.14 -17.89 3.22
N SER C 1058 -23.77 -16.63 3.01
CA SER C 1058 -22.43 -16.32 2.53
C SER C 1058 -21.36 -16.55 3.59
N VAL C 1059 -21.74 -16.68 4.85
CA VAL C 1059 -20.80 -16.79 5.95
C VAL C 1059 -20.82 -18.21 6.54
N TYR C 1060 -22.00 -18.73 6.82
CA TYR C 1060 -22.17 -20.07 7.37
C TYR C 1060 -23.00 -20.92 6.42
N SER C 1061 -22.78 -22.23 6.50
CA SER C 1061 -23.52 -23.19 5.69
C SER C 1061 -23.86 -24.39 6.55
N GLN C 1062 -25.09 -24.88 6.46
CA GLN C 1062 -25.48 -26.05 7.24
C GLN C 1062 -25.03 -27.33 6.54
N LEU C 1063 -24.51 -28.27 7.34
CA LEU C 1063 -23.92 -29.55 6.96
C LEU C 1063 -24.62 -30.18 5.75
N PRO C 1064 -23.86 -30.81 4.86
CA PRO C 1064 -24.43 -31.28 3.60
C PRO C 1064 -25.44 -32.40 3.79
N GLY C 1065 -26.45 -32.39 2.93
CA GLY C 1065 -27.50 -33.39 2.98
C GLY C 1065 -28.48 -33.14 4.12
N GLN C 1066 -27.96 -33.06 5.35
CA GLN C 1066 -28.78 -32.86 6.54
C GLN C 1066 -29.15 -31.39 6.67
N GLU C 1067 -29.85 -30.89 5.66
CA GLU C 1067 -30.16 -29.47 5.55
C GLU C 1067 -31.62 -29.14 5.73
N ALA C 1068 -32.52 -30.07 5.40
CA ALA C 1068 -33.94 -29.79 5.40
C ALA C 1068 -34.51 -29.56 6.80
N PHE C 1069 -33.78 -29.93 7.83
CA PHE C 1069 -34.26 -29.77 9.20
C PHE C 1069 -34.45 -28.33 9.62
N MET C 1070 -34.09 -27.34 8.79
CA MET C 1070 -34.30 -25.94 9.12
C MET C 1070 -35.66 -25.43 8.67
N ARG C 1071 -36.53 -26.30 8.17
CA ARG C 1071 -37.86 -25.91 7.74
C ARG C 1071 -38.85 -26.96 8.25
N ALA C 1072 -39.97 -26.51 8.82
CA ALA C 1072 -40.91 -27.41 9.47
C ALA C 1072 -42.29 -26.79 9.48
N GLN C 1073 -43.27 -27.58 9.95
CA GLN C 1073 -44.66 -27.13 9.93
C GLN C 1073 -45.45 -27.80 11.04
N THR C 1074 -46.47 -27.09 11.52
CA THR C 1074 -47.45 -27.62 12.48
C THR C 1074 -48.84 -27.50 11.84
N THR C 1075 -49.62 -28.56 11.95
CA THR C 1075 -50.96 -28.60 11.37
C THR C 1075 -52.01 -28.72 12.46
N THR C 1076 -53.01 -27.85 12.41
CA THR C 1076 -54.23 -28.04 13.17
C THR C 1076 -55.30 -28.62 12.24
N VAL C 1077 -56.21 -29.38 12.84
CA VAL C 1077 -57.27 -30.03 12.09
C VAL C 1077 -58.58 -29.31 12.37
N LEU C 1078 -59.49 -29.33 11.41
CA LEU C 1078 -60.77 -28.64 11.53
C LEU C 1078 -61.84 -29.43 10.79
N GLU C 1079 -62.87 -29.86 11.51
CA GLU C 1079 -63.98 -30.56 10.88
C GLU C 1079 -65.29 -29.90 11.27
N LYS C 1080 -66.12 -29.65 10.27
CA LYS C 1080 -67.41 -29.02 10.42
C LYS C 1080 -68.32 -29.85 11.33
N GLN D 1 -3.85 -60.48 -8.49
CA GLN D 1 -4.83 -59.51 -8.96
C GLN D 1 -4.40 -58.09 -8.64
N GLU D 2 -3.77 -57.90 -7.49
CA GLU D 2 -3.26 -56.62 -7.05
C GLU D 2 -1.84 -56.78 -6.53
N CYS D 3 -0.95 -55.86 -6.89
CA CYS D 3 0.42 -55.93 -6.39
C CYS D 3 1.06 -54.55 -6.40
N THR D 4 1.49 -54.09 -5.22
CA THR D 4 2.23 -52.84 -5.08
C THR D 4 3.61 -53.17 -4.54
N LYS D 5 4.62 -52.45 -5.01
CA LYS D 5 5.99 -52.79 -4.70
C LYS D 5 6.46 -52.07 -3.44
N PHE D 6 6.83 -52.84 -2.45
CA PHE D 6 7.48 -52.46 -1.21
C PHE D 6 8.99 -52.53 -1.46
N LYS D 7 9.81 -52.53 -0.41
CA LYS D 7 11.17 -53.00 -0.51
C LYS D 7 11.18 -54.38 -1.18
N VAL D 8 11.89 -54.50 -2.29
CA VAL D 8 11.93 -55.75 -3.06
C VAL D 8 13.39 -56.12 -3.30
N SER D 9 13.87 -57.13 -2.56
CA SER D 9 15.15 -57.75 -2.83
C SER D 9 15.08 -59.27 -2.71
N SER D 10 13.88 -59.85 -2.57
CA SER D 10 13.77 -61.27 -2.23
C SER D 10 12.38 -61.77 -2.55
N CYS D 11 12.27 -63.10 -2.79
CA CYS D 11 10.95 -63.73 -2.96
C CYS D 11 10.09 -63.58 -1.71
N ARG D 12 10.70 -63.62 -0.52
CA ARG D 12 9.96 -63.37 0.71
C ARG D 12 9.33 -62.00 0.71
N GLU D 13 10.12 -60.97 0.38
CA GLU D 13 9.62 -59.61 0.36
C GLU D 13 8.53 -59.44 -0.68
N CYS D 14 8.57 -60.22 -1.76
CA CYS D 14 7.48 -60.23 -2.71
C CYS D 14 6.25 -60.90 -2.11
N ILE D 15 6.44 -62.06 -1.47
CA ILE D 15 5.34 -62.75 -0.80
C ILE D 15 4.75 -61.87 0.28
N GLU D 16 5.61 -61.16 1.02
CA GLU D 16 5.17 -60.24 2.07
C GLU D 16 4.65 -58.92 1.53
N SER D 17 4.58 -58.76 0.20
CA SER D 17 4.03 -57.54 -0.38
C SER D 17 2.51 -57.58 -0.48
N GLY D 18 1.90 -58.77 -0.38
CA GLY D 18 0.46 -58.89 -0.44
C GLY D 18 -0.02 -60.02 -1.31
N PRO D 19 -1.31 -60.35 -1.18
CA PRO D 19 -1.85 -61.55 -1.85
C PRO D 19 -1.55 -61.67 -3.34
N GLY D 20 -1.80 -60.63 -4.12
CA GLY D 20 -1.63 -60.75 -5.56
C GLY D 20 -0.21 -60.63 -6.08
N CYS D 21 0.76 -60.36 -5.21
CA CYS D 21 2.14 -60.30 -5.62
C CYS D 21 2.71 -61.71 -5.75
N THR D 22 3.35 -61.99 -6.87
CA THR D 22 4.01 -63.26 -7.13
C THR D 22 5.41 -63.00 -7.66
N TRP D 23 6.28 -63.99 -7.56
CA TRP D 23 7.71 -63.78 -7.81
C TRP D 23 8.20 -64.63 -8.98
N CYS D 24 8.93 -64.00 -9.89
CA CYS D 24 9.51 -64.67 -11.06
C CYS D 24 10.96 -65.04 -10.75
N GLN D 25 11.23 -66.34 -10.71
CA GLN D 25 12.57 -66.86 -10.45
C GLN D 25 13.40 -67.05 -11.72
N LYS D 26 12.81 -66.82 -12.90
CA LYS D 26 13.49 -67.11 -14.15
C LYS D 26 14.72 -66.23 -14.30
N LEU D 27 15.87 -66.87 -14.53
CA LEU D 27 17.13 -66.15 -14.60
C LEU D 27 17.19 -65.27 -15.85
N ASN D 28 17.93 -64.16 -15.74
CA ASN D 28 18.10 -63.12 -16.74
C ASN D 28 16.82 -62.34 -17.00
N PHE D 29 15.74 -62.63 -16.26
CA PHE D 29 14.51 -61.85 -16.38
C PHE D 29 14.76 -60.38 -16.04
N THR D 30 15.63 -60.13 -15.06
CA THR D 30 16.02 -58.77 -14.70
C THR D 30 16.99 -58.23 -15.74
N GLY D 31 16.61 -57.15 -16.41
CA GLY D 31 17.44 -56.59 -17.44
C GLY D 31 18.51 -55.67 -16.87
N PRO D 32 19.23 -55.02 -17.78
CA PRO D 32 20.32 -54.13 -17.32
C PRO D 32 19.80 -52.85 -16.69
N GLY D 33 18.72 -52.29 -17.23
CA GLY D 33 18.10 -51.14 -16.61
C GLY D 33 17.07 -51.57 -15.60
N ASP D 34 16.21 -52.51 -16.00
CA ASP D 34 15.15 -53.10 -15.19
C ASP D 34 15.64 -53.38 -13.78
N PRO D 35 15.09 -52.71 -12.77
CA PRO D 35 15.49 -53.01 -11.39
C PRO D 35 15.04 -54.41 -10.99
N ASP D 36 15.76 -55.00 -10.05
CA ASP D 36 15.42 -56.32 -9.54
C ASP D 36 13.96 -56.43 -9.10
N SER D 37 13.33 -55.29 -8.82
CA SER D 37 11.97 -55.29 -8.26
C SER D 37 10.94 -55.88 -9.21
N ILE D 38 11.19 -55.84 -10.52
CA ILE D 38 10.16 -56.24 -11.48
C ILE D 38 9.84 -57.73 -11.43
N ARG D 39 10.62 -58.53 -10.70
CA ARG D 39 10.27 -59.93 -10.52
C ARG D 39 9.06 -60.13 -9.63
N CYS D 40 8.62 -59.08 -8.93
CA CYS D 40 7.45 -59.15 -8.05
C CYS D 40 6.30 -58.41 -8.70
N ASP D 41 5.26 -59.15 -9.07
CA ASP D 41 4.11 -58.56 -9.74
C ASP D 41 2.95 -59.55 -9.64
N THR D 42 1.79 -59.14 -10.15
CA THR D 42 0.69 -60.08 -10.30
C THR D 42 1.06 -61.17 -11.30
N ARG D 43 0.54 -62.37 -11.06
CA ARG D 43 0.81 -63.47 -11.99
C ARG D 43 0.40 -63.15 -13.42
N PRO D 44 -0.79 -62.60 -13.69
CA PRO D 44 -1.11 -62.24 -15.08
C PRO D 44 -0.10 -61.28 -15.71
N GLN D 45 0.38 -60.30 -14.95
CA GLN D 45 1.38 -59.37 -15.50
C GLN D 45 2.70 -60.08 -15.76
N LEU D 46 3.10 -60.99 -14.86
CA LEU D 46 4.33 -61.75 -15.08
C LEU D 46 4.21 -62.64 -16.30
N LEU D 47 3.04 -63.24 -16.50
CA LEU D 47 2.81 -64.06 -17.69
C LEU D 47 2.86 -63.23 -18.96
N MET D 48 2.41 -61.96 -18.90
CA MET D 48 2.50 -61.10 -20.07
C MET D 48 3.94 -60.73 -20.38
N ARG D 49 4.77 -60.52 -19.35
CA ARG D 49 6.17 -60.20 -19.60
C ARG D 49 6.93 -61.39 -20.18
N GLY D 50 6.49 -62.61 -19.86
CA GLY D 50 7.11 -63.79 -20.45
C GLY D 50 7.75 -64.70 -19.43
N CYS D 51 7.46 -64.49 -18.14
CA CYS D 51 7.98 -65.38 -17.12
C CYS D 51 7.21 -66.69 -17.14
N ALA D 52 7.94 -67.80 -17.27
CA ALA D 52 7.30 -69.10 -17.35
C ALA D 52 6.46 -69.37 -16.11
N ALA D 53 5.32 -70.04 -16.30
CA ALA D 53 4.37 -70.25 -15.22
C ALA D 53 4.98 -71.07 -14.08
N ASP D 54 5.83 -72.04 -14.43
CA ASP D 54 6.52 -72.85 -13.44
C ASP D 54 7.55 -72.04 -12.66
N ASP D 55 7.98 -70.90 -13.18
CA ASP D 55 8.94 -70.04 -12.51
C ASP D 55 8.28 -68.97 -11.65
N ILE D 56 6.96 -69.00 -11.50
CA ILE D 56 6.22 -68.01 -10.73
C ILE D 56 5.90 -68.60 -9.36
N MET D 57 6.51 -68.04 -8.32
CA MET D 57 6.35 -68.56 -6.97
C MET D 57 5.08 -68.02 -6.34
N ASP D 58 4.29 -68.91 -5.74
CA ASP D 58 2.98 -68.51 -5.22
C ASP D 58 2.39 -69.56 -4.27
N PRO D 59 2.82 -69.58 -3.01
CA PRO D 59 2.13 -70.45 -2.03
C PRO D 59 0.79 -69.85 -1.61
N THR D 60 -0.26 -70.66 -1.71
CA THR D 60 -1.63 -70.24 -1.45
C THR D 60 -2.07 -70.67 -0.05
N SER D 61 -2.94 -69.86 0.55
CA SER D 61 -3.44 -70.13 1.89
C SER D 61 -4.56 -71.17 1.86
N LEU D 62 -4.60 -72.02 2.88
CA LEU D 62 -5.55 -73.12 2.89
C LEU D 62 -5.62 -73.75 4.28
N ALA D 63 -6.54 -74.72 4.41
CA ALA D 63 -6.83 -75.40 5.67
C ALA D 63 -6.91 -76.90 5.44
N GLU D 64 -6.17 -77.67 6.23
CA GLU D 64 -6.15 -79.12 6.13
C GLU D 64 -7.03 -79.71 7.24
N THR D 65 -8.07 -80.44 6.84
CA THR D 65 -9.03 -81.00 7.77
C THR D 65 -8.65 -82.42 8.15
N GLN D 66 -8.45 -82.66 9.44
CA GLN D 66 -8.06 -83.98 9.98
C GLN D 66 -9.03 -84.36 11.09
N GLU D 67 -10.18 -84.93 10.73
CA GLU D 67 -11.10 -85.43 11.74
C GLU D 67 -10.44 -86.55 12.54
N ASP D 68 -10.54 -86.49 13.86
CA ASP D 68 -9.74 -87.33 14.76
C ASP D 68 -10.39 -88.71 14.92
N HIS D 69 -10.08 -89.59 13.97
CA HIS D 69 -10.36 -91.03 14.06
C HIS D 69 -11.87 -91.25 14.16
N ASN D 70 -12.28 -92.37 14.75
CA ASN D 70 -13.69 -92.76 14.81
C ASN D 70 -14.29 -92.39 16.17
N GLY D 71 -15.57 -92.73 16.33
CA GLY D 71 -16.28 -92.37 17.53
C GLY D 71 -17.62 -91.75 17.20
N GLY D 72 -18.70 -92.31 17.74
CA GLY D 72 -20.01 -91.72 17.52
C GLY D 72 -20.13 -90.39 18.22
N GLN D 73 -21.06 -89.56 17.73
CA GLN D 73 -21.40 -88.18 18.11
C GLN D 73 -20.73 -87.19 17.14
N LYS D 74 -21.45 -86.85 16.08
CA LYS D 74 -20.96 -85.89 15.09
C LYS D 74 -21.56 -84.51 15.33
N GLN D 75 -21.74 -84.14 16.60
CA GLN D 75 -22.33 -82.85 16.93
C GLN D 75 -21.47 -81.70 16.43
N LEU D 76 -20.17 -81.75 16.69
CA LEU D 76 -19.25 -80.68 16.31
C LEU D 76 -18.08 -81.26 15.54
N SER D 77 -17.89 -80.79 14.32
CA SER D 77 -16.81 -81.27 13.47
C SER D 77 -16.44 -80.22 12.43
N PRO D 78 -15.19 -80.23 11.95
CA PRO D 78 -14.08 -81.12 12.34
C PRO D 78 -13.41 -80.71 13.65
N GLN D 79 -12.65 -81.64 14.24
CA GLN D 79 -11.97 -81.39 15.50
C GLN D 79 -10.52 -80.96 15.33
N LYS D 80 -9.99 -80.96 14.12
CA LYS D 80 -8.60 -80.55 13.89
C LYS D 80 -8.47 -79.90 12.52
N VAL D 81 -8.02 -78.65 12.52
CA VAL D 81 -7.77 -77.90 11.28
C VAL D 81 -6.37 -77.30 11.37
N THR D 82 -5.49 -77.69 10.46
CA THR D 82 -4.15 -77.13 10.37
C THR D 82 -4.14 -76.06 9.30
N LEU D 83 -3.78 -74.84 9.68
CA LEU D 83 -3.84 -73.68 8.79
C LEU D 83 -2.47 -73.37 8.21
N TYR D 84 -2.45 -73.18 6.89
CA TYR D 84 -1.29 -72.66 6.18
C TYR D 84 -1.67 -71.24 5.76
N LEU D 85 -1.22 -70.25 6.52
CA LEU D 85 -1.73 -68.89 6.43
C LEU D 85 -0.65 -67.95 5.90
N ARG D 86 -0.79 -67.55 4.64
CA ARG D 86 0.03 -66.46 4.11
C ARG D 86 -0.47 -65.14 4.67
N PRO D 87 0.41 -64.30 5.22
CA PRO D 87 -0.03 -63.01 5.77
C PRO D 87 -0.77 -62.20 4.72
N GLY D 88 -1.92 -61.66 5.11
CA GLY D 88 -2.78 -60.92 4.21
C GLY D 88 -3.69 -61.77 3.36
N GLN D 89 -3.51 -63.08 3.31
CA GLN D 89 -4.28 -63.97 2.46
C GLN D 89 -5.15 -64.87 3.34
N ALA D 90 -6.46 -64.63 3.31
CA ALA D 90 -7.38 -65.34 4.18
C ALA D 90 -7.41 -66.83 3.86
N ALA D 91 -7.56 -67.64 4.91
CA ALA D 91 -7.82 -69.07 4.83
C ALA D 91 -9.20 -69.36 5.41
N ALA D 92 -9.81 -70.46 4.96
CA ALA D 92 -11.21 -70.67 5.29
C ALA D 92 -11.57 -72.14 5.37
N PHE D 93 -12.57 -72.46 6.21
CA PHE D 93 -13.07 -73.81 6.39
C PHE D 93 -14.46 -73.76 7.01
N ASN D 94 -15.23 -74.83 6.79
CA ASN D 94 -16.61 -74.93 7.24
C ASN D 94 -16.71 -75.68 8.57
N VAL D 95 -17.55 -75.18 9.47
CA VAL D 95 -17.82 -75.82 10.75
C VAL D 95 -19.24 -76.37 10.71
N THR D 96 -19.39 -77.64 11.08
CA THR D 96 -20.67 -78.33 11.09
C THR D 96 -21.20 -78.41 12.52
N PHE D 97 -22.44 -78.00 12.73
CA PHE D 97 -23.04 -77.99 14.06
C PHE D 97 -24.34 -78.76 14.06
N ARG D 98 -24.45 -79.78 14.92
CA ARG D 98 -25.69 -80.54 15.02
C ARG D 98 -25.86 -81.01 16.46
N ARG D 99 -26.68 -80.29 17.23
CA ARG D 99 -27.10 -80.79 18.53
C ARG D 99 -28.32 -81.68 18.37
N ALA D 100 -28.39 -82.73 19.19
CA ALA D 100 -29.35 -83.80 18.98
C ALA D 100 -30.36 -83.88 20.13
N LYS D 101 -30.86 -82.72 20.56
CA LYS D 101 -31.62 -82.56 21.80
C LYS D 101 -30.70 -82.77 22.99
N GLY D 102 -31.06 -82.25 24.16
CA GLY D 102 -30.31 -82.44 25.37
C GLY D 102 -29.76 -83.81 25.70
N TYR D 103 -28.44 -83.90 25.68
CA TYR D 103 -27.76 -84.75 26.65
C TYR D 103 -27.86 -83.96 27.96
N PRO D 104 -28.41 -84.55 29.04
CA PRO D 104 -28.94 -83.80 30.21
C PRO D 104 -28.16 -82.67 30.87
N ILE D 105 -28.47 -82.50 32.16
CA ILE D 105 -28.39 -81.21 32.85
C ILE D 105 -28.08 -81.43 34.33
N ASP D 106 -27.49 -80.40 34.95
CA ASP D 106 -27.47 -80.20 36.39
C ASP D 106 -28.00 -78.80 36.69
N LEU D 107 -28.99 -78.70 37.59
CA LEU D 107 -29.68 -77.45 37.85
C LEU D 107 -29.44 -77.02 39.30
N TYR D 108 -28.89 -75.81 39.48
CA TYR D 108 -28.56 -75.23 40.79
C TYR D 108 -29.36 -73.93 40.91
N TYR D 109 -30.58 -74.05 41.44
CA TYR D 109 -31.48 -72.91 41.65
C TYR D 109 -30.90 -71.96 42.71
N LEU D 110 -31.02 -70.66 42.47
CA LEU D 110 -30.47 -69.63 43.36
C LEU D 110 -31.62 -68.81 43.95
N MET D 111 -31.88 -68.98 45.25
CA MET D 111 -33.10 -68.50 45.88
C MET D 111 -32.84 -67.27 46.73
N ASP D 112 -33.50 -66.16 46.38
CA ASP D 112 -33.64 -65.01 47.27
C ASP D 112 -34.45 -65.41 48.50
N LEU D 113 -33.88 -65.22 49.69
CA LEU D 113 -34.62 -65.51 50.92
C LEU D 113 -34.77 -64.28 51.79
N SER D 114 -35.12 -63.14 51.18
CA SER D 114 -35.48 -61.98 51.95
C SER D 114 -36.90 -62.14 52.51
N TYR D 115 -37.28 -61.19 53.38
CA TYR D 115 -38.60 -61.23 54.00
C TYR D 115 -39.72 -61.28 52.97
N SER D 116 -39.47 -60.76 51.77
CA SER D 116 -40.48 -60.67 50.72
C SER D 116 -40.77 -62.00 50.03
N MET D 117 -40.09 -63.08 50.43
CA MET D 117 -40.18 -64.35 49.71
C MET D 117 -40.96 -65.40 50.49
N LEU D 118 -41.74 -65.00 51.49
CA LEU D 118 -42.52 -65.97 52.25
C LEU D 118 -43.45 -66.76 51.36
N ASP D 119 -44.22 -66.06 50.52
CA ASP D 119 -45.15 -66.72 49.62
C ASP D 119 -44.45 -67.44 48.48
N ASP D 120 -43.13 -67.28 48.36
CA ASP D 120 -42.33 -68.03 47.40
C ASP D 120 -41.72 -69.27 48.02
N LEU D 121 -41.18 -69.14 49.23
CA LEU D 121 -40.48 -70.25 49.88
C LEU D 121 -41.44 -71.39 50.19
N ARG D 122 -42.61 -71.08 50.75
CA ARG D 122 -43.58 -72.11 51.07
C ARG D 122 -44.09 -72.87 49.84
N ASN D 123 -43.88 -72.34 48.63
CA ASN D 123 -44.22 -73.05 47.41
C ASN D 123 -43.06 -73.91 46.90
N VAL D 124 -41.88 -73.33 46.77
CA VAL D 124 -40.75 -74.03 46.16
C VAL D 124 -40.27 -75.20 47.02
N LYS D 125 -40.60 -75.21 48.31
CA LYS D 125 -40.11 -76.28 49.18
C LYS D 125 -40.65 -77.64 48.79
N LYS D 126 -41.70 -77.69 47.96
CA LYS D 126 -42.33 -78.95 47.57
C LYS D 126 -42.26 -79.20 46.07
N LEU D 127 -41.51 -78.41 45.32
CA LEU D 127 -41.51 -78.49 43.86
C LEU D 127 -40.45 -79.42 43.30
N GLY D 128 -39.70 -80.11 44.16
CA GLY D 128 -38.58 -80.92 43.68
C GLY D 128 -38.98 -81.97 42.68
N GLY D 129 -40.05 -82.71 42.97
CA GLY D 129 -40.52 -83.72 42.05
C GLY D 129 -40.88 -83.16 40.68
N ASP D 130 -41.71 -82.10 40.67
CA ASP D 130 -42.17 -81.54 39.40
C ASP D 130 -41.02 -80.96 38.58
N LEU D 131 -40.04 -80.35 39.24
CA LEU D 131 -38.88 -79.85 38.52
C LEU D 131 -38.09 -81.00 37.89
N LEU D 132 -37.93 -82.09 38.63
CA LEU D 132 -37.30 -83.28 38.08
C LEU D 132 -38.12 -83.86 36.93
N ARG D 133 -39.45 -83.85 37.08
CA ARG D 133 -40.33 -84.37 36.03
C ARG D 133 -40.19 -83.57 34.75
N ALA D 134 -40.22 -82.24 34.85
CA ALA D 134 -40.10 -81.40 33.67
C ALA D 134 -38.75 -81.59 32.98
N LEU D 135 -37.69 -81.86 33.74
CA LEU D 135 -36.35 -81.98 33.18
C LEU D 135 -36.15 -83.27 32.38
N ASN D 136 -36.83 -84.35 32.75
CA ASN D 136 -36.58 -85.65 32.14
C ASN D 136 -37.47 -85.92 30.93
N GLU D 137 -38.22 -84.93 30.47
CA GLU D 137 -38.84 -85.03 29.15
C GLU D 137 -37.76 -85.12 28.09
N ILE D 138 -36.65 -84.41 28.30
CA ILE D 138 -35.53 -84.37 27.36
C ILE D 138 -34.34 -85.19 27.86
N THR D 139 -34.22 -85.39 29.17
CA THR D 139 -33.00 -85.84 29.79
C THR D 139 -33.23 -87.14 30.57
N GLU D 140 -32.14 -87.88 30.81
CA GLU D 140 -32.19 -89.06 31.66
C GLU D 140 -31.44 -88.81 32.96
N SER D 141 -32.11 -89.07 34.08
CA SER D 141 -31.53 -88.90 35.42
C SER D 141 -31.02 -87.47 35.61
N GLY D 142 -31.90 -86.50 35.33
CA GLY D 142 -31.51 -85.11 35.51
C GLY D 142 -31.19 -84.82 36.96
N ARG D 143 -30.21 -83.94 37.17
CA ARG D 143 -29.66 -83.68 38.50
C ARG D 143 -29.98 -82.27 38.96
N ILE D 144 -29.99 -82.09 40.28
CA ILE D 144 -30.40 -80.82 40.88
C ILE D 144 -29.62 -80.61 42.18
N GLY D 145 -29.20 -79.37 42.40
CA GLY D 145 -28.55 -78.95 43.63
C GLY D 145 -29.17 -77.65 44.10
N PHE D 146 -28.56 -76.96 45.08
CA PHE D 146 -29.18 -75.74 45.55
C PHE D 146 -28.22 -74.85 46.35
N GLY D 147 -28.41 -73.55 46.20
CA GLY D 147 -27.73 -72.54 47.00
C GLY D 147 -28.67 -71.36 47.21
N SER D 148 -28.51 -70.68 48.35
CA SER D 148 -29.40 -69.59 48.74
C SER D 148 -28.60 -68.34 49.09
N PHE D 149 -29.25 -67.17 48.98
CA PHE D 149 -28.54 -65.91 49.12
C PHE D 149 -29.46 -64.84 49.71
N VAL D 150 -28.83 -63.85 50.37
CA VAL D 150 -29.50 -62.61 50.74
C VAL D 150 -28.64 -61.42 50.33
N ASP D 151 -27.59 -61.14 51.10
CA ASP D 151 -26.76 -59.95 50.87
C ASP D 151 -25.56 -60.06 51.81
N LYS D 152 -24.66 -59.09 51.69
CA LYS D 152 -23.56 -58.96 52.64
C LYS D 152 -24.11 -58.76 54.04
N THR D 153 -23.36 -59.25 55.02
CA THR D 153 -23.82 -59.33 56.40
C THR D 153 -23.33 -58.17 57.26
N VAL D 154 -23.19 -56.98 56.66
CA VAL D 154 -22.68 -55.81 57.36
C VAL D 154 -23.51 -54.60 56.96
N LEU D 155 -23.43 -53.56 57.78
CA LEU D 155 -24.08 -52.29 57.51
C LEU D 155 -23.35 -51.58 56.38
N PRO D 156 -24.08 -50.94 55.45
CA PRO D 156 -25.53 -50.79 55.27
C PRO D 156 -26.16 -51.72 54.22
N PHE D 157 -26.08 -53.03 54.43
CA PHE D 157 -26.79 -53.99 53.58
C PHE D 157 -27.80 -54.80 54.36
N VAL D 158 -27.45 -55.16 55.60
CA VAL D 158 -28.39 -55.65 56.60
C VAL D 158 -28.02 -54.96 57.91
N ASN D 159 -29.02 -54.55 58.68
CA ASN D 159 -28.70 -53.96 59.97
C ASN D 159 -28.23 -55.06 60.90
N THR D 160 -27.13 -54.79 61.61
CA THR D 160 -26.46 -55.80 62.42
C THR D 160 -26.81 -55.71 63.90
N HIS D 161 -27.84 -54.96 64.26
CA HIS D 161 -28.21 -54.88 65.67
C HIS D 161 -28.62 -56.27 66.15
N PRO D 162 -28.07 -56.75 67.27
CA PRO D 162 -28.28 -58.15 67.67
C PRO D 162 -29.72 -58.63 67.68
N ASP D 163 -30.70 -57.76 67.95
CA ASP D 163 -32.10 -58.18 67.85
C ASP D 163 -32.46 -58.51 66.41
N LYS D 164 -32.17 -57.59 65.49
CA LYS D 164 -32.43 -57.82 64.08
C LYS D 164 -31.35 -58.68 63.43
N LEU D 165 -30.18 -58.80 64.04
CA LEU D 165 -29.20 -59.77 63.56
C LEU D 165 -29.67 -61.19 63.84
N ARG D 166 -30.29 -61.43 65.00
CA ARG D 166 -30.85 -62.75 65.26
C ARG D 166 -32.14 -62.96 64.47
N ASN D 167 -32.91 -61.90 64.25
CA ASN D 167 -34.18 -61.99 63.51
C ASN D 167 -34.29 -60.78 62.60
N PRO D 168 -33.81 -60.89 61.36
CA PRO D 168 -33.89 -59.77 60.41
C PRO D 168 -35.28 -59.50 59.87
N CYS D 169 -36.27 -60.29 60.24
CA CYS D 169 -37.64 -60.10 59.79
C CYS D 169 -38.41 -59.20 60.75
N PRO D 170 -39.45 -58.50 60.27
CA PRO D 170 -40.24 -57.65 61.16
C PRO D 170 -40.71 -58.37 62.42
N ASN D 171 -40.83 -57.59 63.50
CA ASN D 171 -40.95 -58.07 64.88
C ASN D 171 -42.15 -58.96 65.16
N LYS D 172 -43.02 -59.17 64.18
CA LYS D 172 -44.22 -59.97 64.41
C LYS D 172 -43.99 -61.47 64.20
N GLU D 173 -42.88 -61.87 63.59
CA GLU D 173 -42.64 -63.27 63.28
C GLU D 173 -41.29 -63.72 63.82
N LYS D 174 -41.22 -65.01 64.14
CA LYS D 174 -40.00 -65.64 64.64
C LYS D 174 -39.45 -66.73 63.73
N GLU D 175 -40.06 -66.94 62.56
CA GLU D 175 -39.70 -67.98 61.58
C GLU D 175 -38.42 -67.68 60.83
N CYS D 176 -37.70 -66.62 61.25
CA CYS D 176 -36.66 -65.99 60.44
C CYS D 176 -35.28 -66.53 60.80
N GLN D 177 -34.39 -66.62 59.79
CA GLN D 177 -33.03 -66.99 60.19
C GLN D 177 -32.08 -65.81 60.01
N PRO D 178 -31.03 -65.72 60.82
CA PRO D 178 -30.14 -64.54 60.79
C PRO D 178 -29.58 -64.25 59.41
N PRO D 179 -29.19 -63.00 59.15
CA PRO D 179 -28.73 -62.64 57.80
C PRO D 179 -27.50 -63.42 57.36
N PHE D 180 -27.49 -63.79 56.07
CA PHE D 180 -26.39 -64.54 55.50
C PHE D 180 -26.20 -64.10 54.05
N ALA D 181 -25.01 -64.36 53.53
CA ALA D 181 -24.70 -64.05 52.14
C ALA D 181 -25.02 -65.22 51.23
N PHE D 182 -24.47 -66.40 51.53
CA PHE D 182 -24.60 -67.56 50.67
C PHE D 182 -24.58 -68.83 51.50
N ARG D 183 -25.51 -69.73 51.22
CA ARG D 183 -25.59 -71.01 51.90
C ARG D 183 -25.48 -72.11 50.85
N HIS D 184 -24.41 -72.92 50.92
CA HIS D 184 -24.51 -74.22 50.29
C HIS D 184 -25.70 -74.93 50.89
N VAL D 185 -26.44 -75.64 50.07
CA VAL D 185 -27.44 -76.51 50.68
C VAL D 185 -27.15 -77.95 50.30
N LEU D 186 -27.16 -78.26 49.00
CA LEU D 186 -26.99 -79.62 48.54
C LEU D 186 -25.95 -79.69 47.44
N LYS D 187 -25.33 -80.85 47.31
CA LYS D 187 -24.65 -81.21 46.08
C LYS D 187 -25.68 -81.64 45.04
N LEU D 188 -25.29 -81.58 43.77
CA LEU D 188 -26.16 -82.03 42.69
C LEU D 188 -26.53 -83.51 42.90
N THR D 189 -27.78 -83.86 42.60
CA THR D 189 -28.25 -85.20 42.97
C THR D 189 -29.39 -85.63 42.07
N ASN D 190 -29.79 -86.90 42.23
CA ASN D 190 -30.85 -87.54 41.47
C ASN D 190 -32.21 -87.51 42.15
N ASN D 191 -32.27 -87.35 43.47
CA ASN D 191 -33.46 -87.65 44.26
C ASN D 191 -34.19 -86.38 44.66
N SER D 192 -35.41 -86.23 44.15
CA SER D 192 -36.33 -85.22 44.66
C SER D 192 -36.78 -85.51 46.08
N ASN D 193 -36.54 -86.73 46.59
CA ASN D 193 -36.69 -87.00 48.01
C ASN D 193 -35.63 -86.27 48.82
N GLN D 194 -34.41 -86.22 48.30
CA GLN D 194 -33.35 -85.43 48.92
C GLN D 194 -33.54 -83.93 48.70
N PHE D 195 -34.15 -83.52 47.59
CA PHE D 195 -34.72 -82.19 47.53
C PHE D 195 -35.61 -81.94 48.74
N GLN D 196 -36.64 -82.76 48.91
CA GLN D 196 -37.53 -82.62 50.06
C GLN D 196 -36.77 -82.58 51.38
N THR D 197 -35.79 -83.48 51.52
CA THR D 197 -35.10 -83.66 52.80
C THR D 197 -34.46 -82.37 53.31
N GLU D 198 -33.73 -81.65 52.44
CA GLU D 198 -32.93 -80.53 52.89
C GLU D 198 -33.39 -79.17 52.37
N VAL D 199 -34.29 -79.12 51.39
CA VAL D 199 -34.86 -77.84 50.99
C VAL D 199 -35.76 -77.30 52.10
N GLY D 200 -36.59 -78.17 52.70
CA GLY D 200 -37.39 -77.74 53.82
C GLY D 200 -36.60 -77.34 55.04
N LYS D 201 -35.31 -77.71 55.10
CA LYS D 201 -34.56 -77.62 56.35
C LYS D 201 -34.32 -76.16 56.77
N GLN D 202 -33.83 -75.34 55.85
CA GLN D 202 -33.47 -73.98 56.24
C GLN D 202 -34.69 -73.07 56.23
N LEU D 203 -34.49 -71.84 56.68
CA LEU D 203 -35.57 -70.89 56.86
C LEU D 203 -35.34 -69.64 56.04
N ILE D 204 -36.41 -68.88 55.85
CA ILE D 204 -36.32 -67.58 55.21
C ILE D 204 -35.53 -66.62 56.10
N SER D 205 -34.88 -65.64 55.48
CA SER D 205 -34.14 -64.63 56.24
C SER D 205 -34.71 -63.24 55.94
N GLY D 206 -33.87 -62.21 55.99
CA GLY D 206 -34.30 -60.85 55.73
C GLY D 206 -33.12 -59.92 55.64
N ASN D 207 -33.38 -58.72 55.13
CA ASN D 207 -32.30 -57.78 54.88
C ASN D 207 -32.78 -56.35 55.07
N LEU D 208 -31.88 -55.41 54.79
CA LEU D 208 -32.14 -53.98 54.86
C LEU D 208 -32.25 -53.38 53.47
N ASP D 209 -31.22 -53.54 52.64
CA ASP D 209 -31.27 -53.07 51.26
C ASP D 209 -32.21 -53.91 50.43
N ALA D 210 -33.04 -53.25 49.63
CA ALA D 210 -33.92 -53.93 48.69
C ALA D 210 -33.11 -54.62 47.59
N PRO D 211 -32.08 -53.98 47.01
CA PRO D 211 -31.20 -54.73 46.11
C PRO D 211 -30.48 -55.84 46.86
N GLU D 212 -30.45 -57.02 46.25
CA GLU D 212 -29.87 -58.20 46.86
C GLU D 212 -28.40 -58.32 46.48
N GLY D 213 -27.63 -58.94 47.36
CA GLY D 213 -26.21 -59.12 47.11
C GLY D 213 -25.88 -60.47 46.49
N GLY D 214 -26.78 -60.97 45.65
CA GLY D 214 -26.64 -62.30 45.08
C GLY D 214 -25.37 -62.54 44.27
N LEU D 215 -24.66 -61.46 43.90
CA LEU D 215 -23.49 -61.62 43.04
C LEU D 215 -22.35 -62.35 43.75
N ASP D 216 -22.14 -62.06 45.05
CA ASP D 216 -21.20 -62.85 45.82
C ASP D 216 -21.53 -64.34 45.73
N ALA D 217 -22.81 -64.66 45.69
CA ALA D 217 -23.25 -66.05 45.58
C ALA D 217 -23.07 -66.57 44.16
N MET D 218 -23.52 -65.82 43.16
CA MET D 218 -23.34 -66.23 41.78
C MET D 218 -21.87 -66.39 41.41
N MET D 219 -20.96 -65.91 42.26
CA MET D 219 -19.52 -66.02 42.00
C MET D 219 -18.91 -67.21 42.70
N GLN D 220 -19.27 -67.43 43.96
CA GLN D 220 -18.78 -68.62 44.64
C GLN D 220 -19.30 -69.87 43.95
N VAL D 221 -20.54 -69.84 43.46
CA VAL D 221 -21.07 -71.00 42.75
C VAL D 221 -20.19 -71.36 41.56
N ALA D 222 -19.73 -70.36 40.81
CA ALA D 222 -19.01 -70.57 39.57
C ALA D 222 -17.50 -70.69 39.76
N ALA D 223 -17.03 -70.85 40.99
CA ALA D 223 -15.58 -70.87 41.21
C ALA D 223 -15.11 -71.90 42.23
N CYS D 224 -15.99 -72.68 42.86
CA CYS D 224 -15.60 -73.62 43.89
C CYS D 224 -15.91 -75.05 43.45
N PRO D 225 -15.09 -75.64 42.58
CA PRO D 225 -15.35 -77.02 42.17
C PRO D 225 -15.20 -78.03 43.30
N GLU D 226 -14.17 -77.87 44.15
CA GLU D 226 -14.01 -78.78 45.28
C GLU D 226 -15.26 -78.80 46.15
N GLU D 227 -16.00 -77.71 46.16
CA GLU D 227 -17.14 -77.55 47.06
C GLU D 227 -18.45 -78.08 46.47
N ILE D 228 -18.67 -77.90 45.16
CA ILE D 228 -19.96 -78.18 44.54
C ILE D 228 -19.85 -79.18 43.38
N GLY D 229 -18.81 -79.08 42.54
CA GLY D 229 -18.62 -80.05 41.47
C GLY D 229 -19.72 -80.14 40.42
N TRP D 230 -19.42 -79.66 39.21
CA TRP D 230 -20.37 -79.67 38.09
C TRP D 230 -20.19 -80.89 37.17
N ARG D 231 -19.36 -80.69 36.15
CA ARG D 231 -18.77 -81.66 35.23
C ARG D 231 -19.64 -81.99 34.01
N ASN D 232 -20.61 -82.92 34.11
CA ASN D 232 -21.19 -83.49 32.90
C ASN D 232 -22.12 -82.54 32.12
N VAL D 233 -21.69 -81.28 31.93
CA VAL D 233 -22.16 -80.31 30.94
C VAL D 233 -23.61 -79.87 31.14
N THR D 234 -24.04 -78.92 30.30
CA THR D 234 -25.37 -78.29 30.35
C THR D 234 -25.66 -77.73 31.73
N ARG D 235 -24.72 -76.92 32.21
CA ARG D 235 -24.80 -76.34 33.54
C ARG D 235 -25.73 -75.13 33.54
N LEU D 236 -26.65 -75.07 34.49
CA LEU D 236 -27.64 -73.99 34.54
C LEU D 236 -27.80 -73.46 35.96
N LEU D 237 -27.98 -72.15 36.08
CA LEU D 237 -28.21 -71.46 37.35
C LEU D 237 -29.41 -70.54 37.19
N VAL D 238 -30.28 -70.51 38.20
CA VAL D 238 -31.51 -69.71 38.15
C VAL D 238 -31.43 -68.64 39.22
N PHE D 239 -31.14 -67.40 38.82
CA PHE D 239 -31.20 -66.28 39.75
C PHE D 239 -32.67 -65.93 39.98
N ALA D 240 -33.19 -66.28 41.16
CA ALA D 240 -34.58 -66.05 41.50
C ALA D 240 -34.66 -64.94 42.54
N THR D 241 -35.37 -63.88 42.21
CA THR D 241 -35.55 -62.77 43.14
C THR D 241 -36.66 -61.86 42.65
N ASP D 242 -37.23 -61.11 43.59
CA ASP D 242 -38.23 -60.09 43.30
C ASP D 242 -37.62 -58.69 43.28
N ASP D 243 -36.31 -58.59 43.49
CA ASP D 243 -35.68 -57.29 43.65
C ASP D 243 -34.46 -57.13 42.73
N GLY D 244 -33.68 -56.07 42.94
CA GLY D 244 -32.50 -55.82 42.17
C GLY D 244 -31.26 -56.48 42.74
N PHE D 245 -30.11 -55.90 42.42
CA PHE D 245 -28.83 -56.54 42.74
C PHE D 245 -27.73 -55.49 42.81
N HIS D 246 -26.73 -55.77 43.66
CA HIS D 246 -25.55 -54.92 43.82
C HIS D 246 -24.46 -55.34 42.86
N PHE D 247 -23.48 -54.46 42.66
CA PHE D 247 -22.24 -54.84 41.98
C PHE D 247 -21.09 -53.99 42.52
N ALA D 248 -19.93 -54.14 41.89
CA ALA D 248 -18.69 -53.56 42.41
C ALA D 248 -18.79 -52.05 42.54
N GLY D 249 -17.99 -51.50 43.47
CA GLY D 249 -18.09 -50.11 43.83
C GLY D 249 -19.09 -49.83 44.93
N ASP D 250 -19.93 -50.80 45.28
CA ASP D 250 -20.83 -50.70 46.42
C ASP D 250 -20.17 -51.03 47.75
N GLY D 251 -19.10 -51.84 47.74
CA GLY D 251 -18.42 -52.12 48.99
C GLY D 251 -17.87 -50.89 49.66
N LYS D 252 -17.45 -49.90 48.86
CA LYS D 252 -16.91 -48.65 49.42
C LYS D 252 -17.91 -47.98 50.36
N LEU D 253 -19.21 -48.22 50.16
CA LEU D 253 -20.22 -47.63 51.01
C LEU D 253 -20.06 -48.02 52.48
N GLY D 254 -19.41 -49.15 52.76
CA GLY D 254 -19.08 -49.54 54.11
C GLY D 254 -17.60 -49.73 54.31
N ALA D 255 -16.79 -49.02 53.52
CA ALA D 255 -15.33 -49.02 53.59
C ALA D 255 -14.73 -50.36 53.19
N ILE D 256 -15.32 -51.05 52.23
CA ILE D 256 -14.79 -52.31 51.70
C ILE D 256 -14.30 -52.02 50.29
N LEU D 257 -12.98 -51.93 50.14
CA LEU D 257 -12.40 -51.54 48.86
C LEU D 257 -11.75 -52.69 48.11
N THR D 258 -11.18 -53.66 48.81
CA THR D 258 -10.54 -54.80 48.16
C THR D 258 -11.54 -55.50 47.24
N PRO D 259 -11.24 -55.62 45.95
CA PRO D 259 -12.20 -56.22 45.02
C PRO D 259 -12.22 -57.74 45.13
N ASN D 260 -13.21 -58.34 44.48
CA ASN D 260 -13.44 -59.78 44.58
C ASN D 260 -12.35 -60.57 43.85
N ASP D 261 -11.88 -61.63 44.49
CA ASP D 261 -10.76 -62.40 43.94
C ASP D 261 -11.16 -63.18 42.70
N GLY D 262 -12.38 -63.72 42.68
CA GLY D 262 -12.75 -64.68 41.67
C GLY D 262 -12.31 -66.10 41.97
N ARG D 263 -11.61 -66.30 43.08
CA ARG D 263 -11.25 -67.61 43.61
C ARG D 263 -12.04 -67.85 44.89
N CYS D 264 -12.21 -69.13 45.23
CA CYS D 264 -13.09 -69.47 46.34
C CYS D 264 -12.34 -69.51 47.66
N HIS D 265 -13.10 -69.28 48.73
CA HIS D 265 -12.61 -69.18 50.09
C HIS D 265 -13.76 -69.64 51.00
N LEU D 266 -14.03 -70.93 50.99
CA LEU D 266 -15.08 -71.50 51.84
C LEU D 266 -14.41 -72.21 53.00
N GLU D 267 -14.66 -71.71 54.20
CA GLU D 267 -13.96 -72.14 55.40
C GLU D 267 -14.90 -73.02 56.19
N ASP D 268 -14.64 -74.33 56.12
CA ASP D 268 -15.48 -75.35 56.75
C ASP D 268 -16.96 -75.06 56.50
N ASN D 269 -17.26 -74.78 55.22
CA ASN D 269 -18.60 -74.57 54.68
C ASN D 269 -19.20 -73.23 55.07
N LEU D 270 -18.60 -72.13 54.59
CA LEU D 270 -19.12 -70.78 54.78
C LEU D 270 -18.21 -69.80 54.06
N TYR D 271 -18.79 -68.83 53.34
CA TYR D 271 -17.98 -67.76 52.76
C TYR D 271 -17.83 -66.66 53.79
N LYS D 272 -16.89 -66.89 54.72
CA LYS D 272 -16.56 -65.87 55.73
C LYS D 272 -16.07 -64.59 55.07
N ARG D 273 -15.48 -64.69 53.89
CA ARG D 273 -14.85 -63.56 53.22
C ARG D 273 -15.82 -62.71 52.43
N SER D 274 -17.13 -62.95 52.55
CA SER D 274 -18.11 -62.14 51.83
C SER D 274 -18.06 -60.67 52.26
N ASN D 275 -17.55 -60.39 53.46
CA ASN D 275 -17.52 -59.04 53.99
C ASN D 275 -16.19 -58.34 53.83
N GLU D 276 -15.15 -59.06 53.39
CA GLU D 276 -13.85 -58.44 53.15
C GLU D 276 -13.58 -58.17 51.68
N PHE D 277 -14.46 -58.61 50.78
CA PHE D 277 -14.24 -58.46 49.35
C PHE D 277 -15.45 -57.82 48.71
N ASP D 278 -15.21 -56.84 47.84
CA ASP D 278 -16.28 -56.09 47.19
C ASP D 278 -17.11 -57.03 46.31
N TYR D 279 -18.28 -56.53 45.92
CA TYR D 279 -19.11 -57.28 44.97
C TYR D 279 -18.33 -57.45 43.66
N PRO D 280 -18.49 -58.59 42.98
CA PRO D 280 -17.89 -58.73 41.65
C PRO D 280 -18.40 -57.66 40.70
N SER D 281 -17.56 -57.30 39.74
CA SER D 281 -18.02 -56.38 38.71
C SER D 281 -18.92 -57.12 37.73
N VAL D 282 -19.78 -56.37 37.05
CA VAL D 282 -20.76 -56.96 36.15
C VAL D 282 -20.07 -57.84 35.11
N GLY D 283 -19.01 -57.32 34.50
CA GLY D 283 -18.26 -58.12 33.56
C GLY D 283 -17.48 -59.24 34.22
N GLN D 284 -17.00 -59.01 35.44
CA GLN D 284 -16.22 -60.02 36.16
C GLN D 284 -16.99 -61.33 36.25
N LEU D 285 -18.28 -61.26 36.54
CA LEU D 285 -19.09 -62.47 36.60
C LEU D 285 -19.41 -62.98 35.19
N ALA D 286 -19.72 -62.06 34.27
CA ALA D 286 -20.08 -62.46 32.92
C ALA D 286 -18.97 -63.28 32.27
N HIS D 287 -17.71 -62.91 32.51
CA HIS D 287 -16.60 -63.66 31.95
C HIS D 287 -16.38 -64.96 32.70
N LYS D 288 -16.41 -64.91 34.04
CA LYS D 288 -16.23 -66.10 34.86
C LYS D 288 -17.22 -67.18 34.48
N LEU D 289 -18.48 -66.80 34.27
CA LEU D 289 -19.51 -67.78 33.93
C LEU D 289 -19.32 -68.31 32.50
N ALA D 290 -18.88 -67.45 31.58
CA ALA D 290 -18.61 -67.92 30.23
C ALA D 290 -17.48 -68.94 30.22
N GLU D 291 -16.45 -68.73 31.05
CA GLU D 291 -15.33 -69.65 31.08
C GLU D 291 -15.68 -70.97 31.74
N ASN D 292 -16.65 -70.96 32.65
CA ASN D 292 -17.07 -72.18 33.34
C ASN D 292 -18.34 -72.79 32.75
N ASN D 293 -18.80 -72.28 31.61
CA ASN D 293 -19.90 -72.88 30.85
C ASN D 293 -21.19 -72.96 31.66
N ILE D 294 -21.57 -71.83 32.26
CA ILE D 294 -22.74 -71.76 33.13
C ILE D 294 -23.69 -70.70 32.58
N GLN D 295 -24.97 -71.06 32.44
CA GLN D 295 -25.97 -70.18 31.84
C GLN D 295 -27.02 -69.75 32.86
N PRO D 296 -27.07 -68.48 33.22
CA PRO D 296 -28.06 -68.03 34.21
C PRO D 296 -29.44 -67.77 33.62
N ILE D 297 -30.45 -67.98 34.45
CA ILE D 297 -31.84 -67.67 34.14
C ILE D 297 -32.36 -66.73 35.22
N PHE D 298 -32.99 -65.63 34.80
CA PHE D 298 -33.33 -64.53 35.71
C PHE D 298 -34.81 -64.63 36.10
N ALA D 299 -35.08 -65.47 37.09
CA ALA D 299 -36.45 -65.70 37.56
C ALA D 299 -36.88 -64.54 38.46
N VAL D 300 -37.37 -63.48 37.81
CA VAL D 300 -37.71 -62.25 38.51
C VAL D 300 -39.16 -61.87 38.19
N THR D 301 -39.63 -60.82 38.86
CA THR D 301 -40.99 -60.34 38.65
C THR D 301 -41.08 -59.47 37.40
N SER D 302 -42.31 -59.28 36.93
CA SER D 302 -42.54 -58.43 35.76
C SER D 302 -42.04 -57.01 36.00
N ARG D 303 -41.98 -56.59 37.26
CA ARG D 303 -41.44 -55.28 37.60
C ARG D 303 -39.97 -55.14 37.18
N MET D 304 -39.19 -56.21 37.28
CA MET D 304 -37.74 -56.17 37.10
C MET D 304 -37.28 -56.57 35.71
N VAL D 305 -38.20 -57.05 34.85
CA VAL D 305 -37.81 -57.82 33.67
C VAL D 305 -36.78 -57.06 32.84
N LYS D 306 -37.02 -55.77 32.61
CA LYS D 306 -36.15 -55.01 31.72
C LYS D 306 -34.76 -54.84 32.29
N THR D 307 -34.62 -54.81 33.61
CA THR D 307 -33.30 -54.72 34.22
C THR D 307 -32.48 -55.97 33.93
N TYR D 308 -33.10 -57.14 34.08
CA TYR D 308 -32.41 -58.40 33.80
C TYR D 308 -32.33 -58.69 32.32
N GLU D 309 -33.15 -58.01 31.51
CA GLU D 309 -33.08 -58.16 30.07
C GLU D 309 -31.73 -57.71 29.52
N LYS D 310 -31.27 -56.54 29.98
CA LYS D 310 -30.00 -55.99 29.53
C LYS D 310 -28.81 -56.83 29.98
N LEU D 311 -28.99 -57.75 30.92
CA LEU D 311 -27.93 -58.67 31.32
C LEU D 311 -27.76 -59.81 30.32
N THR D 312 -28.77 -60.09 29.49
CA THR D 312 -28.60 -61.04 28.40
C THR D 312 -27.92 -60.39 27.20
N GLU D 313 -28.10 -59.08 27.02
CA GLU D 313 -27.26 -58.36 26.07
C GLU D 313 -25.80 -58.38 26.50
N ILE D 314 -25.55 -58.48 27.80
CA ILE D 314 -24.18 -58.57 28.30
C ILE D 314 -23.62 -59.98 28.13
N ILE D 315 -24.35 -60.99 28.58
CA ILE D 315 -23.88 -62.37 28.43
C ILE D 315 -24.84 -63.13 27.51
N PRO D 316 -24.33 -63.68 26.40
CA PRO D 316 -25.21 -64.16 25.33
C PRO D 316 -26.10 -65.33 25.70
N LYS D 317 -25.65 -66.21 26.58
CA LYS D 317 -26.42 -67.41 26.93
C LYS D 317 -26.96 -67.24 28.34
N SER D 318 -28.03 -66.45 28.44
CA SER D 318 -28.75 -66.21 29.68
C SER D 318 -30.18 -65.87 29.31
N ALA D 319 -31.11 -66.16 30.22
CA ALA D 319 -32.53 -66.05 29.94
C ALA D 319 -33.20 -65.10 30.91
N VAL D 320 -34.18 -64.34 30.41
CA VAL D 320 -34.98 -63.42 31.21
C VAL D 320 -36.27 -64.12 31.60
N GLY D 321 -36.64 -64.00 32.88
CA GLY D 321 -37.84 -64.69 33.33
C GLY D 321 -38.85 -63.85 34.07
N GLU D 322 -40.13 -64.04 33.77
CA GLU D 322 -41.20 -63.42 34.53
C GLU D 322 -41.76 -64.45 35.50
N LEU D 323 -41.43 -64.29 36.77
CA LEU D 323 -42.11 -64.98 37.85
C LEU D 323 -43.34 -64.18 38.22
N SER D 324 -44.51 -64.81 38.18
CA SER D 324 -45.59 -64.35 39.04
C SER D 324 -45.04 -64.34 40.45
N GLU D 325 -45.49 -63.36 41.26
CA GLU D 325 -44.78 -63.14 42.52
C GLU D 325 -44.72 -64.41 43.35
N ASP D 326 -45.62 -65.36 43.12
CA ASP D 326 -45.66 -66.59 43.90
C ASP D 326 -44.77 -67.70 43.35
N SER D 327 -44.02 -67.45 42.26
CA SER D 327 -43.10 -68.41 41.64
C SER D 327 -43.82 -69.59 41.00
N SER D 328 -45.10 -69.44 40.66
CA SER D 328 -45.87 -70.56 40.12
C SER D 328 -45.44 -70.97 38.72
N ASN D 329 -44.61 -70.18 38.05
CA ASN D 329 -44.23 -70.45 36.67
C ASN D 329 -42.79 -70.92 36.53
N VAL D 330 -42.18 -71.39 37.62
CA VAL D 330 -40.80 -71.85 37.57
C VAL D 330 -40.62 -72.93 36.51
N VAL D 331 -41.56 -73.87 36.43
CA VAL D 331 -41.47 -74.94 35.45
C VAL D 331 -41.71 -74.39 34.03
N GLN D 332 -42.76 -73.59 33.86
CA GLN D 332 -43.04 -73.01 32.55
C GLN D 332 -41.91 -72.10 32.10
N LEU D 333 -41.29 -71.39 33.05
CA LEU D 333 -40.15 -70.54 32.71
C LEU D 333 -38.99 -71.37 32.19
N ILE D 334 -38.66 -72.46 32.88
CA ILE D 334 -37.56 -73.32 32.46
C ILE D 334 -37.84 -73.93 31.09
N LYS D 335 -39.09 -74.29 30.84
CA LYS D 335 -39.46 -74.81 29.52
C LYS D 335 -39.25 -73.77 28.43
N ASN D 336 -39.74 -72.55 28.66
CA ASN D 336 -39.46 -71.45 27.73
C ASN D 336 -37.96 -71.25 27.55
N ALA D 337 -37.22 -71.18 28.67
CA ALA D 337 -35.79 -70.97 28.60
C ALA D 337 -35.11 -72.03 27.75
N TYR D 338 -35.44 -73.32 27.98
CA TYR D 338 -34.74 -74.38 27.27
C TYR D 338 -35.03 -74.34 25.77
N ASN D 339 -36.29 -74.06 25.40
CA ASN D 339 -36.63 -73.98 23.99
C ASN D 339 -35.83 -72.89 23.28
N LYS D 340 -35.78 -71.69 23.87
CA LYS D 340 -35.13 -70.56 23.22
C LYS D 340 -33.63 -70.47 23.51
N LEU D 341 -33.14 -71.10 24.58
CA LEU D 341 -31.70 -71.12 24.81
C LEU D 341 -31.01 -72.23 24.02
N SER D 342 -31.64 -73.41 23.94
CA SER D 342 -31.11 -74.44 23.05
C SER D 342 -31.13 -73.94 21.61
N SER D 343 -31.94 -72.92 21.32
CA SER D 343 -31.96 -72.31 19.99
C SER D 343 -30.72 -71.49 19.72
N ARG D 344 -30.09 -70.95 20.77
CA ARG D 344 -28.99 -70.00 20.61
C ARG D 344 -27.66 -70.74 20.50
N VAL D 345 -27.23 -70.98 19.27
CA VAL D 345 -25.91 -71.54 19.02
C VAL D 345 -24.94 -70.41 18.73
N PHE D 346 -23.83 -70.38 19.46
CA PHE D 346 -22.83 -69.33 19.33
C PHE D 346 -21.46 -69.95 19.12
N LEU D 347 -20.69 -69.36 18.21
CA LEU D 347 -19.35 -69.83 17.90
C LEU D 347 -18.34 -68.71 18.17
N ASP D 348 -17.32 -69.01 18.97
CA ASP D 348 -16.29 -68.05 19.32
C ASP D 348 -14.96 -68.79 19.40
N HIS D 349 -13.98 -68.22 20.08
CA HIS D 349 -12.64 -68.78 20.12
C HIS D 349 -11.95 -68.33 21.41
N ASN D 350 -10.72 -68.78 21.61
CA ASN D 350 -9.96 -68.37 22.77
C ASN D 350 -9.39 -66.96 22.53
N ALA D 351 -8.68 -66.45 23.53
CA ALA D 351 -7.95 -65.21 23.34
C ALA D 351 -6.88 -65.38 22.28
N LEU D 352 -6.96 -64.58 21.21
CA LEU D 352 -6.03 -64.76 20.11
C LEU D 352 -4.82 -63.84 20.27
N PRO D 353 -3.66 -64.22 19.72
CA PRO D 353 -2.59 -63.25 19.52
C PRO D 353 -3.02 -62.21 18.49
N ASP D 354 -2.74 -60.94 18.80
CA ASP D 354 -3.30 -59.82 18.04
C ASP D 354 -2.97 -59.86 16.55
N THR D 355 -2.02 -60.68 16.11
CA THR D 355 -1.70 -60.78 14.70
C THR D 355 -2.81 -61.45 13.89
N LEU D 356 -3.79 -62.07 14.54
CA LEU D 356 -4.75 -62.93 13.86
C LEU D 356 -6.15 -62.33 13.92
N LYS D 357 -6.78 -62.20 12.76
CA LYS D 357 -8.13 -61.69 12.63
C LYS D 357 -9.03 -62.81 12.10
N VAL D 358 -10.03 -63.19 12.90
CA VAL D 358 -10.92 -64.29 12.56
C VAL D 358 -12.35 -63.77 12.52
N THR D 359 -13.03 -63.97 11.40
CA THR D 359 -14.44 -63.65 11.23
C THR D 359 -15.19 -64.90 10.79
N TYR D 360 -16.52 -64.87 10.95
CA TYR D 360 -17.35 -66.03 10.68
C TYR D 360 -18.53 -65.64 9.81
N ASP D 361 -18.89 -66.54 8.90
CA ASP D 361 -20.19 -66.50 8.23
C ASP D 361 -21.17 -67.38 9.00
N SER D 362 -22.45 -67.06 8.84
CA SER D 362 -23.50 -67.74 9.60
C SER D 362 -24.66 -68.12 8.67
N PHE D 363 -24.64 -69.37 8.19
CA PHE D 363 -25.72 -69.90 7.37
C PHE D 363 -26.68 -70.65 8.29
N CYS D 364 -27.81 -70.02 8.61
CA CYS D 364 -28.78 -70.65 9.49
C CYS D 364 -29.77 -71.47 8.66
N SER D 365 -30.22 -72.58 9.25
CA SER D 365 -31.04 -73.54 8.53
C SER D 365 -32.39 -72.96 8.13
N ASN D 366 -32.89 -71.97 8.87
CA ASN D 366 -34.19 -71.38 8.59
C ASN D 366 -34.15 -70.31 7.51
N GLY D 367 -33.01 -70.10 6.88
CA GLY D 367 -32.88 -69.13 5.80
C GLY D 367 -32.23 -67.82 6.16
N VAL D 368 -31.78 -67.65 7.41
CA VAL D 368 -31.14 -66.41 7.80
C VAL D 368 -29.76 -66.32 7.15
N THR D 369 -29.56 -65.29 6.34
CA THR D 369 -28.28 -65.02 5.68
C THR D 369 -27.56 -63.94 6.49
N HIS D 370 -26.47 -64.33 7.14
CA HIS D 370 -25.46 -63.41 7.66
C HIS D 370 -24.12 -63.78 7.06
N ARG D 371 -23.15 -62.86 7.20
CA ARG D 371 -21.78 -63.16 6.80
C ARG D 371 -20.82 -62.15 7.40
N ASN D 372 -19.57 -62.57 7.52
CA ASN D 372 -18.46 -61.70 7.93
C ASN D 372 -18.72 -61.05 9.28
N GLN D 373 -19.15 -61.88 10.23
CA GLN D 373 -19.31 -61.51 11.62
C GLN D 373 -18.35 -62.36 12.45
N PRO D 374 -17.49 -61.74 13.30
CA PRO D 374 -16.57 -62.50 14.15
C PRO D 374 -17.28 -63.22 15.29
N ARG D 375 -18.40 -63.86 14.98
CA ARG D 375 -19.25 -64.51 15.97
C ARG D 375 -20.27 -65.39 15.25
N GLY D 376 -20.47 -66.60 15.75
CA GLY D 376 -21.37 -67.53 15.09
C GLY D 376 -22.81 -67.41 15.54
N ASP D 377 -23.44 -66.28 15.27
CA ASP D 377 -24.82 -66.05 15.70
C ASP D 377 -25.79 -66.75 14.75
N CYS D 378 -26.61 -67.63 15.31
CA CYS D 378 -27.80 -68.17 14.68
C CYS D 378 -28.73 -68.58 15.82
N ASP D 379 -30.01 -68.22 15.73
CA ASP D 379 -31.00 -68.84 16.61
C ASP D 379 -32.10 -69.45 15.75
N GLY D 380 -33.05 -70.13 16.39
CA GLY D 380 -33.91 -71.07 15.70
C GLY D 380 -33.29 -72.43 15.48
N VAL D 381 -32.28 -72.77 16.26
CA VAL D 381 -31.49 -74.00 16.08
C VAL D 381 -31.78 -74.91 17.26
N GLN D 382 -32.39 -76.06 17.02
CA GLN D 382 -32.63 -76.96 18.13
C GLN D 382 -32.22 -78.39 17.83
N ILE D 383 -33.16 -79.17 17.32
CA ILE D 383 -33.08 -80.62 17.36
C ILE D 383 -32.62 -81.13 15.99
N ASN D 384 -31.37 -81.59 15.91
CA ASN D 384 -30.85 -82.26 14.72
C ASN D 384 -31.10 -81.44 13.45
N VAL D 385 -30.88 -80.13 13.54
CA VAL D 385 -31.00 -79.27 12.37
C VAL D 385 -29.67 -78.54 12.16
N PRO D 386 -28.76 -79.09 11.35
CA PRO D 386 -27.41 -78.53 11.26
C PRO D 386 -27.33 -77.14 10.65
N ILE D 387 -26.27 -76.43 11.02
CA ILE D 387 -25.96 -75.10 10.49
C ILE D 387 -24.48 -75.06 10.13
N THR D 388 -24.11 -74.07 9.32
CA THR D 388 -22.76 -73.96 8.78
C THR D 388 -22.14 -72.62 9.18
N PHE D 389 -20.90 -72.67 9.64
CA PHE D 389 -20.10 -71.49 9.97
C PHE D 389 -18.82 -71.51 9.15
N GLN D 390 -18.77 -70.71 8.08
CA GLN D 390 -17.50 -70.56 7.37
C GLN D 390 -16.56 -69.69 8.21
N VAL D 391 -15.38 -70.21 8.50
CA VAL D 391 -14.39 -69.53 9.34
C VAL D 391 -13.36 -68.89 8.42
N LYS D 392 -13.12 -67.59 8.57
CA LYS D 392 -12.15 -66.87 7.77
C LYS D 392 -11.03 -66.36 8.67
N VAL D 393 -9.78 -66.63 8.27
CA VAL D 393 -8.61 -66.46 9.12
C VAL D 393 -7.53 -65.73 8.33
N THR D 394 -7.05 -64.60 8.86
CA THR D 394 -6.07 -63.77 8.17
C THR D 394 -5.03 -63.22 9.15
N ALA D 395 -3.76 -63.26 8.73
CA ALA D 395 -2.65 -62.71 9.50
C ALA D 395 -2.10 -61.46 8.82
N THR D 396 -1.62 -60.53 9.64
CA THR D 396 -1.01 -59.30 9.13
C THR D 396 0.51 -59.37 9.17
N GLU D 397 1.09 -59.72 10.30
CA GLU D 397 2.51 -60.05 10.33
C GLU D 397 2.72 -61.45 9.76
N CYS D 398 3.98 -61.78 9.48
CA CYS D 398 4.35 -63.16 9.18
C CYS D 398 4.62 -63.85 10.51
N ILE D 399 3.73 -64.74 10.92
CA ILE D 399 3.52 -64.98 12.33
C ILE D 399 4.45 -66.08 12.84
N GLN D 400 4.56 -66.16 14.16
CA GLN D 400 5.16 -67.29 14.84
C GLN D 400 4.19 -68.47 14.83
N GLU D 401 4.73 -69.69 14.82
CA GLU D 401 3.79 -70.82 14.95
C GLU D 401 3.24 -70.82 16.36
N GLN D 402 1.98 -70.46 16.48
CA GLN D 402 1.20 -70.67 17.67
C GLN D 402 -0.02 -71.51 17.28
N SER D 403 -0.90 -71.73 18.24
CA SER D 403 -2.13 -72.45 17.96
C SER D 403 -3.22 -71.88 18.86
N PHE D 404 -4.43 -71.85 18.32
CA PHE D 404 -5.58 -71.36 19.07
C PHE D 404 -6.73 -72.34 18.90
N VAL D 405 -7.77 -72.15 19.70
CA VAL D 405 -8.91 -73.06 19.68
C VAL D 405 -10.18 -72.28 19.40
N ILE D 406 -11.12 -72.95 18.76
CA ILE D 406 -12.46 -72.45 18.50
C ILE D 406 -13.43 -73.27 19.33
N ARG D 407 -14.37 -72.59 19.99
CA ARG D 407 -15.23 -73.25 20.97
C ARG D 407 -16.63 -72.67 20.91
N ALA D 408 -17.60 -73.50 21.31
CA ALA D 408 -18.99 -73.08 21.38
C ALA D 408 -19.30 -72.54 22.78
N LEU D 409 -20.05 -71.46 22.82
CA LEU D 409 -20.40 -70.85 24.10
C LEU D 409 -21.26 -71.80 24.91
N GLY D 410 -20.87 -72.04 26.16
CA GLY D 410 -21.59 -72.92 27.04
C GLY D 410 -21.30 -74.40 26.87
N PHE D 411 -20.41 -74.78 25.96
CA PHE D 411 -20.06 -76.16 25.72
C PHE D 411 -18.63 -76.43 26.17
N THR D 412 -18.34 -77.70 26.43
CA THR D 412 -16.99 -78.14 26.70
C THR D 412 -16.25 -78.56 25.43
N ASP D 413 -16.90 -78.47 24.27
CA ASP D 413 -16.26 -78.82 23.02
C ASP D 413 -15.17 -77.81 22.67
N ILE D 414 -14.03 -78.32 22.21
CA ILE D 414 -12.87 -77.51 21.85
C ILE D 414 -12.29 -78.06 20.56
N VAL D 415 -11.99 -77.18 19.61
CA VAL D 415 -11.45 -77.55 18.31
C VAL D 415 -10.07 -76.94 18.16
N THR D 416 -9.10 -77.74 17.74
CA THR D 416 -7.71 -77.33 17.61
C THR D 416 -7.48 -76.69 16.25
N VAL D 417 -6.90 -75.49 16.24
CA VAL D 417 -6.50 -74.82 15.01
C VAL D 417 -5.02 -74.46 15.12
N GLN D 418 -4.19 -75.18 14.40
CA GLN D 418 -2.76 -74.90 14.31
C GLN D 418 -2.53 -73.88 13.21
N VAL D 419 -1.80 -72.81 13.52
CA VAL D 419 -1.57 -71.71 12.58
C VAL D 419 -0.11 -71.72 12.17
N LEU D 420 0.13 -71.91 10.87
CA LEU D 420 1.44 -71.91 10.24
C LEU D 420 1.57 -70.74 9.28
N PRO D 421 2.73 -70.11 9.20
CA PRO D 421 2.92 -69.03 8.22
C PRO D 421 3.31 -69.58 6.87
N GLN D 422 3.08 -68.76 5.84
CA GLN D 422 3.56 -69.01 4.49
C GLN D 422 4.47 -67.85 4.11
N CYS D 423 5.80 -68.07 4.14
CA CYS D 423 6.71 -66.97 3.82
C CYS D 423 7.92 -67.43 2.98
N GLU D 424 8.79 -68.27 3.53
CA GLU D 424 9.93 -68.74 2.75
C GLU D 424 9.45 -69.63 1.61
N CYS D 425 10.13 -69.53 0.47
CA CYS D 425 9.69 -70.19 -0.76
C CYS D 425 10.67 -71.30 -1.09
N ARG D 426 10.16 -72.55 -1.18
CA ARG D 426 10.96 -73.67 -1.69
C ARG D 426 11.50 -73.33 -3.07
N CYS D 427 12.81 -73.39 -3.22
CA CYS D 427 13.42 -73.08 -4.50
C CYS D 427 14.34 -74.20 -4.94
N ARG D 428 15.36 -73.83 -5.69
CA ARG D 428 16.52 -74.69 -5.91
C ARG D 428 17.68 -74.05 -5.16
N ASP D 429 18.41 -74.87 -4.40
CA ASP D 429 19.32 -74.33 -3.41
C ASP D 429 20.72 -74.16 -4.00
N GLN D 430 21.70 -73.94 -3.12
CA GLN D 430 23.07 -73.65 -3.50
C GLN D 430 23.83 -74.88 -3.98
N SER D 431 23.27 -76.09 -3.86
CA SER D 431 23.99 -77.30 -4.23
C SER D 431 24.19 -77.39 -5.74
N ARG D 432 23.28 -76.84 -6.53
CA ARG D 432 23.43 -76.78 -7.97
C ARG D 432 24.07 -75.45 -8.36
N ASP D 433 25.16 -75.54 -9.12
CA ASP D 433 25.86 -74.37 -9.64
C ASP D 433 26.36 -73.49 -8.49
N ARG D 434 27.07 -74.15 -7.58
CA ARG D 434 28.28 -73.55 -7.06
C ARG D 434 29.19 -73.28 -8.25
N SER D 435 30.10 -72.30 -8.09
CA SER D 435 31.06 -71.86 -9.10
C SER D 435 30.59 -70.66 -9.91
N LEU D 436 29.43 -70.75 -10.58
CA LEU D 436 28.88 -69.59 -11.24
C LEU D 436 28.08 -68.78 -10.22
N CYS D 437 27.40 -67.73 -10.68
CA CYS D 437 27.25 -66.51 -9.88
C CYS D 437 28.68 -65.99 -9.76
N HIS D 438 29.38 -65.80 -10.90
CA HIS D 438 30.81 -66.05 -10.92
C HIS D 438 31.56 -65.13 -9.94
N GLY D 439 32.22 -65.77 -8.98
CA GLY D 439 32.62 -65.14 -7.74
C GLY D 439 32.17 -65.92 -6.51
N LYS D 440 31.70 -65.20 -5.49
CA LYS D 440 31.54 -65.78 -4.16
C LYS D 440 30.11 -66.00 -3.73
N GLY D 441 29.18 -65.18 -4.22
CA GLY D 441 27.82 -65.17 -3.72
C GLY D 441 27.06 -66.49 -4.03
N PHE D 442 25.78 -66.47 -3.70
CA PHE D 442 24.94 -67.67 -3.67
C PHE D 442 23.56 -67.36 -4.23
N LEU D 443 22.79 -68.41 -4.48
CA LEU D 443 21.49 -68.31 -5.14
C LEU D 443 20.36 -68.64 -4.16
N GLU D 444 19.53 -67.65 -3.90
CA GLU D 444 18.18 -67.84 -3.44
C GLU D 444 17.26 -67.68 -4.65
N CYS D 445 15.95 -67.70 -4.43
CA CYS D 445 15.02 -67.71 -5.56
C CYS D 445 15.16 -66.52 -6.51
N GLY D 446 15.74 -66.76 -7.68
CA GLY D 446 15.70 -65.83 -8.80
C GLY D 446 16.91 -64.93 -8.95
N ILE D 447 17.69 -64.75 -7.90
CA ILE D 447 18.73 -63.73 -7.93
C ILE D 447 19.85 -64.16 -6.99
N CYS D 448 21.10 -63.96 -7.42
CA CYS D 448 22.21 -63.98 -6.50
C CYS D 448 21.89 -63.10 -5.29
N ARG D 449 22.33 -63.53 -4.12
CA ARG D 449 22.58 -62.61 -3.01
C ARG D 449 24.01 -62.84 -2.56
N CYS D 450 24.79 -61.77 -2.51
CA CYS D 450 26.20 -61.99 -2.28
C CYS D 450 26.51 -61.81 -0.80
N ASP D 451 27.64 -62.38 -0.39
CA ASP D 451 28.16 -62.14 0.95
C ASP D 451 28.47 -60.65 1.10
N THR D 452 28.74 -60.27 2.36
CA THR D 452 28.84 -58.86 2.74
C THR D 452 29.89 -58.08 1.95
N GLY D 453 30.83 -58.75 1.31
CA GLY D 453 31.89 -58.08 0.58
C GLY D 453 31.84 -58.15 -0.92
N TYR D 454 30.74 -58.62 -1.51
CA TYR D 454 30.67 -58.86 -2.94
C TYR D 454 29.32 -58.36 -3.44
N ILE D 455 29.25 -58.05 -4.73
CA ILE D 455 28.09 -57.35 -5.28
C ILE D 455 28.11 -57.47 -6.80
N GLY D 456 26.94 -57.29 -7.43
CA GLY D 456 26.82 -57.39 -8.86
C GLY D 456 25.75 -58.39 -9.26
N LYS D 457 25.23 -58.37 -10.49
CA LYS D 457 24.18 -59.30 -10.89
C LYS D 457 24.66 -60.75 -10.74
N ASN D 458 25.93 -61.02 -11.02
CA ASN D 458 26.52 -62.33 -10.74
C ASN D 458 27.58 -62.26 -9.65
N CYS D 459 27.49 -61.25 -8.78
CA CYS D 459 28.38 -61.02 -7.64
C CYS D 459 29.80 -60.57 -8.01
N GLU D 460 30.11 -60.53 -9.31
CA GLU D 460 31.45 -60.23 -9.85
C GLU D 460 32.24 -59.26 -9.00
N CYS D 461 31.59 -58.20 -8.53
CA CYS D 461 32.31 -57.02 -8.05
C CYS D 461 32.79 -57.18 -6.62
N GLN D 462 33.98 -56.68 -6.36
CA GLN D 462 34.66 -56.77 -5.08
C GLN D 462 34.53 -55.46 -4.33
N THR D 463 34.56 -55.53 -3.00
CA THR D 463 34.32 -54.35 -2.17
C THR D 463 35.20 -53.17 -2.58
N GLN D 464 36.44 -53.43 -2.97
CA GLN D 464 37.38 -52.38 -3.33
C GLN D 464 37.93 -52.65 -4.72
N GLY D 465 37.64 -51.74 -5.65
CA GLY D 465 38.14 -51.89 -7.00
C GLY D 465 37.40 -50.98 -7.95
N ARG D 466 37.68 -51.18 -9.24
CA ARG D 466 37.15 -50.31 -10.28
C ARG D 466 35.64 -50.49 -10.43
N SER D 467 34.93 -49.38 -10.30
CA SER D 467 33.54 -49.27 -10.73
C SER D 467 33.51 -48.43 -12.00
N SER D 468 32.90 -48.97 -13.04
CA SER D 468 33.12 -48.42 -14.37
C SER D 468 32.15 -47.28 -14.66
N GLN D 469 32.50 -46.53 -15.71
CA GLN D 469 31.52 -45.77 -16.47
C GLN D 469 30.46 -46.70 -17.02
N GLU D 470 29.37 -46.09 -17.47
CA GLU D 470 28.29 -46.80 -18.14
C GLU D 470 27.66 -47.86 -17.24
N LEU D 471 28.36 -48.23 -16.15
CA LEU D 471 27.72 -48.83 -15.00
C LEU D 471 27.08 -47.78 -14.11
N GLU D 472 27.46 -46.51 -14.29
CA GLU D 472 26.82 -45.39 -13.62
C GLU D 472 25.47 -45.05 -14.24
N GLY D 473 24.94 -45.90 -15.12
CA GLY D 473 23.63 -45.72 -15.70
C GLY D 473 22.65 -46.76 -15.18
N SER D 474 23.17 -47.93 -14.80
CA SER D 474 22.35 -48.91 -14.11
C SER D 474 22.16 -48.57 -12.64
N CYS D 475 22.98 -47.67 -12.10
CA CYS D 475 22.84 -47.19 -10.73
C CYS D 475 21.82 -46.07 -10.61
N ARG D 476 21.28 -45.58 -11.72
CA ARG D 476 20.21 -44.62 -11.71
C ARG D 476 18.95 -45.31 -12.21
N LYS D 477 17.82 -44.92 -11.62
CA LYS D 477 16.56 -45.55 -11.99
C LYS D 477 16.13 -45.20 -13.41
N ASP D 478 16.28 -43.94 -13.80
CA ASP D 478 15.89 -43.51 -15.13
C ASP D 478 16.76 -42.33 -15.57
N ASN D 479 16.60 -41.93 -16.83
CA ASN D 479 17.42 -40.88 -17.42
C ASN D 479 17.48 -39.62 -16.56
N ASN D 480 16.35 -39.21 -16.00
CA ASN D 480 16.24 -37.95 -15.28
C ASN D 480 16.46 -38.07 -13.78
N SER D 481 16.74 -39.27 -13.27
CA SER D 481 16.97 -39.46 -11.84
C SER D 481 18.45 -39.28 -11.52
N ILE D 482 18.73 -39.08 -10.24
CA ILE D 482 20.09 -38.97 -9.75
C ILE D 482 20.60 -40.35 -9.37
N ILE D 483 21.87 -40.60 -9.72
CA ILE D 483 22.55 -41.85 -9.42
C ILE D 483 22.49 -42.16 -7.93
N CYS D 484 21.95 -43.32 -7.59
CA CYS D 484 21.81 -43.82 -6.22
C CYS D 484 20.97 -42.92 -5.32
N SER D 485 20.19 -42.00 -5.91
CA SER D 485 19.35 -41.06 -5.17
C SER D 485 20.15 -40.14 -4.25
N GLY D 486 21.47 -40.08 -4.42
CA GLY D 486 22.28 -39.15 -3.66
C GLY D 486 22.49 -39.51 -2.20
N LEU D 487 22.27 -40.77 -1.84
CA LEU D 487 22.51 -41.26 -0.48
C LEU D 487 23.20 -42.61 -0.55
N GLY D 488 24.14 -42.75 -1.48
CA GLY D 488 24.79 -44.02 -1.69
C GLY D 488 25.86 -44.01 -2.77
N ASP D 489 26.93 -44.77 -2.55
CA ASP D 489 28.02 -44.85 -3.50
C ASP D 489 27.76 -45.99 -4.47
N CYS D 490 27.90 -45.71 -5.76
CA CYS D 490 27.67 -46.71 -6.80
C CYS D 490 28.96 -47.44 -7.12
N VAL D 491 28.92 -48.77 -7.08
CA VAL D 491 30.06 -49.60 -7.42
C VAL D 491 29.60 -50.75 -8.30
N CYS D 492 30.12 -50.81 -9.53
CA CYS D 492 29.85 -51.91 -10.46
C CYS D 492 28.36 -52.05 -10.78
N GLY D 493 27.66 -50.92 -10.89
CA GLY D 493 26.28 -50.93 -11.31
C GLY D 493 25.27 -51.11 -10.20
N GLN D 494 25.70 -51.36 -8.97
CA GLN D 494 24.80 -51.40 -7.82
C GLN D 494 25.18 -50.29 -6.86
N CYS D 495 24.21 -49.85 -6.08
CA CYS D 495 24.41 -48.80 -5.10
C CYS D 495 24.68 -49.40 -3.73
N LEU D 496 25.50 -48.70 -2.94
CA LEU D 496 25.67 -48.98 -1.52
C LEU D 496 25.27 -47.72 -0.75
N CYS D 497 24.18 -47.83 -0.01
CA CYS D 497 23.55 -46.66 0.59
C CYS D 497 24.33 -46.18 1.81
N HIS D 498 24.26 -44.87 2.05
CA HIS D 498 25.00 -44.24 3.14
C HIS D 498 24.45 -44.67 4.49
N THR D 499 25.26 -44.48 5.53
CA THR D 499 24.90 -44.87 6.89
C THR D 499 24.71 -43.60 7.73
N SER D 500 23.48 -43.14 7.82
CA SER D 500 23.13 -42.07 8.72
C SER D 500 23.07 -42.65 10.14
N ASP D 501 23.87 -42.11 11.06
CA ASP D 501 23.88 -42.63 12.44
C ASP D 501 22.81 -41.89 13.24
N VAL D 502 21.57 -42.37 13.05
CA VAL D 502 20.35 -41.73 13.58
C VAL D 502 19.42 -42.82 14.09
N PRO D 503 18.57 -42.50 15.07
CA PRO D 503 17.49 -43.43 15.45
C PRO D 503 16.54 -43.73 14.29
N GLY D 504 16.35 -45.02 14.02
CA GLY D 504 15.52 -45.43 12.88
C GLY D 504 16.17 -45.22 11.54
N LYS D 505 17.46 -45.55 11.42
CA LYS D 505 18.35 -44.94 10.43
C LYS D 505 18.29 -45.54 9.03
N LEU D 506 17.72 -46.74 8.87
CA LEU D 506 18.04 -47.54 7.69
C LEU D 506 17.70 -46.81 6.40
N ILE D 507 18.70 -46.71 5.51
CA ILE D 507 18.53 -46.28 4.13
C ILE D 507 18.70 -47.51 3.26
N TYR D 508 17.79 -47.72 2.31
CA TYR D 508 17.78 -48.98 1.58
C TYR D 508 17.10 -48.80 0.23
N GLY D 509 17.20 -49.86 -0.59
CA GLY D 509 16.64 -49.87 -1.92
C GLY D 509 17.73 -50.08 -2.96
N GLN D 510 17.36 -50.60 -4.13
CA GLN D 510 18.33 -50.77 -5.21
C GLN D 510 19.01 -49.44 -5.55
N TYR D 511 18.27 -48.34 -5.45
CA TYR D 511 18.80 -47.00 -5.71
C TYR D 511 18.80 -46.14 -4.45
N CYS D 512 18.81 -46.78 -3.28
CA CYS D 512 18.76 -46.08 -1.99
C CYS D 512 17.55 -45.15 -1.91
N GLU D 513 16.53 -45.43 -2.72
CA GLU D 513 15.40 -44.54 -2.87
C GLU D 513 14.48 -44.53 -1.66
N CYS D 514 14.59 -45.49 -0.76
CA CYS D 514 13.66 -45.63 0.35
C CYS D 514 14.34 -45.31 1.68
N ASP D 515 13.50 -44.99 2.66
CA ASP D 515 13.95 -44.73 4.02
C ASP D 515 12.86 -45.23 4.97
N THR D 516 13.08 -45.04 6.26
CA THR D 516 12.18 -45.51 7.30
C THR D 516 11.42 -44.38 7.97
N ILE D 517 11.38 -43.20 7.35
CA ILE D 517 10.79 -42.03 8.02
C ILE D 517 9.71 -41.38 7.16
N ASN D 518 10.05 -41.06 5.89
CA ASN D 518 9.15 -40.29 5.05
C ASN D 518 7.91 -41.12 4.71
N CYS D 519 7.02 -41.20 5.70
CA CYS D 519 5.66 -41.70 5.50
C CYS D 519 4.69 -40.71 6.11
N GLU D 520 3.41 -41.05 6.05
CA GLU D 520 2.36 -40.23 6.63
C GLU D 520 2.38 -40.33 8.15
N ARG D 521 2.02 -39.24 8.81
CA ARG D 521 2.04 -39.19 10.26
C ARG D 521 0.65 -39.31 10.85
N TYR D 522 0.61 -39.80 12.09
CA TYR D 522 -0.57 -39.93 12.91
C TYR D 522 -0.17 -39.49 14.31
N ASN D 523 -1.05 -38.78 14.99
CA ASN D 523 -0.67 -37.99 16.18
C ASN D 523 0.39 -37.01 15.67
N GLY D 524 1.63 -37.07 16.12
CA GLY D 524 2.70 -36.27 15.56
C GLY D 524 3.89 -37.13 15.18
N GLN D 525 3.69 -38.44 15.16
CA GLN D 525 4.75 -39.39 14.83
C GLN D 525 4.38 -40.18 13.59
N VAL D 526 5.38 -40.70 12.91
CA VAL D 526 5.15 -41.42 11.66
C VAL D 526 4.49 -42.77 11.96
N CYS D 527 3.38 -43.04 11.27
CA CYS D 527 2.64 -44.29 11.41
C CYS D 527 2.06 -44.44 12.82
N GLY D 528 1.87 -43.33 13.51
CA GLY D 528 1.34 -43.40 14.84
C GLY D 528 2.34 -43.82 15.89
N GLY D 529 3.63 -43.78 15.55
CA GLY D 529 4.65 -44.19 16.48
C GLY D 529 4.96 -45.66 16.39
N PRO D 530 5.93 -46.12 17.19
CA PRO D 530 6.37 -47.52 17.07
C PRO D 530 5.31 -48.52 17.48
N GLY D 531 4.37 -48.14 18.34
CA GLY D 531 3.32 -49.07 18.72
C GLY D 531 2.31 -49.31 17.62
N ARG D 532 2.12 -48.35 16.72
CA ARG D 532 1.06 -48.44 15.73
C ARG D 532 1.53 -48.88 14.35
N GLY D 533 2.74 -48.52 13.92
CA GLY D 533 3.19 -48.95 12.60
C GLY D 533 4.62 -48.52 12.33
N LEU D 534 5.12 -49.04 11.21
CA LEU D 534 6.49 -48.78 10.75
C LEU D 534 6.44 -48.22 9.34
N CYS D 535 7.41 -47.36 9.03
CA CYS D 535 7.45 -46.64 7.78
C CYS D 535 8.39 -47.31 6.79
N PHE D 536 7.94 -47.40 5.54
CA PHE D 536 8.66 -48.16 4.52
C PHE D 536 8.29 -47.59 3.14
N CYS D 537 9.23 -46.88 2.52
CA CYS D 537 9.06 -46.38 1.16
C CYS D 537 7.78 -45.57 0.98
N GLY D 538 7.37 -44.83 2.02
CA GLY D 538 6.18 -44.02 1.92
C GLY D 538 4.89 -44.68 2.41
N LYS D 539 4.89 -45.99 2.65
CA LYS D 539 3.71 -46.66 3.19
C LYS D 539 3.95 -47.03 4.65
N CYS D 540 2.95 -46.75 5.49
CA CYS D 540 2.96 -47.23 6.86
C CYS D 540 2.57 -48.70 6.90
N ARG D 541 3.44 -49.54 7.44
CA ARG D 541 3.15 -50.94 7.67
C ARG D 541 2.59 -51.07 9.08
N CYS D 542 1.26 -51.05 9.20
CA CYS D 542 0.63 -50.95 10.50
C CYS D 542 0.72 -52.27 11.25
N HIS D 543 1.03 -52.17 12.55
CA HIS D 543 1.05 -53.32 13.40
C HIS D 543 -0.35 -53.89 13.58
N PRO D 544 -0.46 -55.17 13.95
CA PRO D 544 -1.78 -55.72 14.26
C PRO D 544 -2.48 -54.92 15.35
N GLY D 545 -3.80 -54.86 15.26
CA GLY D 545 -4.60 -53.99 16.08
C GLY D 545 -4.87 -52.63 15.47
N PHE D 546 -4.13 -52.25 14.43
CA PHE D 546 -4.29 -50.96 13.78
C PHE D 546 -4.32 -51.16 12.27
N GLU D 547 -4.91 -50.19 11.58
CA GLU D 547 -5.03 -50.23 10.13
C GLU D 547 -5.12 -48.80 9.62
N GLY D 548 -5.02 -48.64 8.32
CA GLY D 548 -5.15 -47.35 7.67
C GLY D 548 -3.82 -46.82 7.17
N SER D 549 -3.93 -45.69 6.45
CA SER D 549 -2.79 -45.14 5.73
C SER D 549 -1.64 -44.79 6.65
N ALA D 550 -1.93 -44.23 7.82
CA ALA D 550 -0.93 -43.90 8.82
C ALA D 550 -1.21 -44.64 10.13
N CYS D 551 -1.86 -45.80 10.04
CA CYS D 551 -2.45 -46.48 11.19
C CYS D 551 -3.46 -45.55 11.87
N GLN D 552 -4.41 -45.06 11.06
CA GLN D 552 -5.41 -44.10 11.51
C GLN D 552 -6.57 -44.79 12.23
N CYS D 553 -6.98 -45.96 11.75
CA CYS D 553 -8.02 -46.74 12.40
C CYS D 553 -7.41 -47.84 13.25
N GLU D 554 -8.21 -48.37 14.16
CA GLU D 554 -7.93 -49.64 14.82
C GLU D 554 -8.71 -50.75 14.13
N ARG D 555 -8.23 -51.98 14.30
CA ARG D 555 -8.92 -53.11 13.68
C ARG D 555 -10.22 -53.45 14.40
N THR D 556 -10.61 -52.67 15.40
CA THR D 556 -11.77 -52.96 16.25
C THR D 556 -12.92 -52.03 15.87
N THR D 557 -14.08 -52.63 15.58
CA THR D 557 -15.29 -51.82 15.39
C THR D 557 -16.11 -51.68 16.66
N GLU D 558 -15.80 -52.44 17.72
CA GLU D 558 -16.44 -52.19 19.01
C GLU D 558 -16.04 -50.80 19.50
N GLY D 559 -17.03 -50.03 19.91
CA GLY D 559 -16.95 -48.58 19.95
C GLY D 559 -17.84 -47.93 18.92
N CYS D 560 -18.21 -48.69 17.88
CA CYS D 560 -19.37 -48.40 17.05
C CYS D 560 -20.56 -49.28 17.40
N LEU D 561 -20.34 -50.37 18.13
CA LEU D 561 -21.37 -51.32 18.49
C LEU D 561 -22.05 -50.92 19.79
N ASN D 562 -23.32 -51.31 19.90
CA ASN D 562 -24.12 -51.14 21.10
C ASN D 562 -24.15 -52.44 21.88
N PRO D 563 -24.69 -52.44 23.11
CA PRO D 563 -24.85 -53.71 23.83
C PRO D 563 -25.62 -54.76 23.05
N ARG D 564 -26.50 -54.35 22.15
CA ARG D 564 -27.21 -55.27 21.26
C ARG D 564 -26.28 -56.02 20.32
N ARG D 565 -25.00 -55.64 20.28
CA ARG D 565 -24.03 -56.15 19.31
C ARG D 565 -24.43 -55.76 17.89
N VAL D 566 -24.87 -54.51 17.74
CA VAL D 566 -25.27 -53.95 16.46
C VAL D 566 -24.36 -52.76 16.16
N GLU D 567 -23.75 -52.77 14.98
CA GLU D 567 -22.78 -51.74 14.62
C GLU D 567 -23.51 -50.47 14.15
N CYS D 568 -23.38 -49.40 14.94
CA CYS D 568 -23.91 -48.07 14.59
C CYS D 568 -25.42 -48.08 14.47
N SER D 569 -26.08 -48.75 15.41
CA SER D 569 -27.53 -48.98 15.37
C SER D 569 -27.87 -49.49 13.96
N GLY D 570 -29.02 -49.11 13.43
CA GLY D 570 -29.36 -49.50 12.08
C GLY D 570 -29.32 -48.31 11.14
N ARG D 571 -28.45 -47.35 11.45
CA ARG D 571 -28.38 -46.12 10.67
C ARG D 571 -26.97 -45.68 10.25
N GLY D 572 -25.90 -46.03 10.97
CA GLY D 572 -24.58 -45.60 10.60
C GLY D 572 -23.73 -46.75 10.06
N ARG D 573 -22.54 -46.39 9.58
CA ARG D 573 -21.49 -47.34 9.25
C ARG D 573 -20.24 -46.93 10.02
N CYS D 574 -19.47 -47.94 10.42
CA CYS D 574 -18.34 -47.71 11.32
C CYS D 574 -17.07 -47.45 10.51
N ARG D 575 -16.40 -46.34 10.82
CA ARG D 575 -15.18 -45.93 10.14
C ARG D 575 -14.23 -45.36 11.18
N CYS D 576 -13.14 -46.07 11.46
CA CYS D 576 -12.14 -45.64 12.44
C CYS D 576 -12.77 -45.47 13.83
N ASN D 577 -13.60 -46.43 14.24
CA ASN D 577 -14.26 -46.42 15.55
C ASN D 577 -15.25 -45.25 15.67
N VAL D 578 -15.83 -44.82 14.56
CA VAL D 578 -16.79 -43.73 14.55
C VAL D 578 -17.94 -44.09 13.63
N CYS D 579 -19.14 -43.71 14.01
CA CYS D 579 -20.32 -43.98 13.19
C CYS D 579 -20.61 -42.79 12.27
N GLU D 580 -20.86 -43.10 11.01
CA GLU D 580 -21.22 -42.09 10.01
C GLU D 580 -22.73 -42.20 9.83
N CYS D 581 -23.47 -41.53 10.71
CA CYS D 581 -24.92 -41.58 10.66
C CYS D 581 -25.40 -40.66 9.54
N HIS D 582 -25.88 -41.27 8.46
CA HIS D 582 -26.67 -40.54 7.48
C HIS D 582 -27.96 -40.03 8.12
N SER D 583 -28.77 -39.30 7.34
CA SER D 583 -29.94 -38.64 7.88
C SER D 583 -29.61 -37.84 9.14
N GLY D 584 -30.62 -37.49 9.92
CA GLY D 584 -30.34 -36.64 11.05
C GLY D 584 -29.85 -37.33 12.29
N TYR D 585 -29.67 -38.65 12.24
CA TYR D 585 -29.31 -39.38 13.45
C TYR D 585 -27.94 -38.94 13.95
N GLN D 586 -27.84 -38.77 15.25
CA GLN D 586 -26.71 -38.10 15.87
C GLN D 586 -25.78 -39.10 16.54
N LEU D 587 -24.57 -38.63 16.81
CA LEU D 587 -23.54 -39.44 17.44
C LEU D 587 -23.86 -39.63 18.91
N PRO D 588 -23.35 -40.71 19.53
CA PRO D 588 -22.50 -41.76 18.94
C PRO D 588 -23.20 -42.77 18.06
N LEU D 589 -23.98 -43.68 18.69
CA LEU D 589 -24.42 -44.91 18.05
C LEU D 589 -25.46 -44.74 16.93
N CYS D 590 -25.82 -43.50 16.56
CA CYS D 590 -26.90 -43.24 15.61
C CYS D 590 -28.26 -43.69 16.18
N GLN D 591 -28.46 -43.48 17.48
CA GLN D 591 -29.73 -43.84 18.10
C GLN D 591 -30.78 -42.76 17.86
N GLU D 592 -30.45 -41.51 18.18
CA GLU D 592 -31.41 -40.41 18.24
C GLU D 592 -31.32 -39.56 16.98
N CYS D 593 -32.47 -39.11 16.50
CA CYS D 593 -32.56 -38.09 15.45
C CYS D 593 -33.29 -36.88 16.00
N PRO D 594 -32.63 -36.07 16.81
CA PRO D 594 -33.33 -35.04 17.59
C PRO D 594 -34.00 -33.93 16.77
N GLY D 595 -34.11 -34.10 15.45
CA GLY D 595 -34.74 -33.09 14.62
C GLY D 595 -35.72 -33.67 13.64
N CYS D 596 -35.64 -34.99 13.42
CA CYS D 596 -36.54 -35.71 12.54
C CYS D 596 -38.00 -35.41 12.87
N PRO D 597 -38.88 -35.38 11.88
CA PRO D 597 -40.31 -35.27 12.18
C PRO D 597 -40.81 -36.54 12.84
N SER D 598 -41.76 -36.37 13.77
CA SER D 598 -42.26 -37.50 14.54
C SER D 598 -43.26 -38.31 13.73
N PRO D 599 -43.01 -39.61 13.51
CA PRO D 599 -43.86 -40.42 12.62
C PRO D 599 -45.15 -40.91 13.27
N CYS D 600 -45.92 -39.99 13.83
CA CYS D 600 -47.20 -40.36 14.42
C CYS D 600 -48.22 -40.66 13.32
N GLY D 601 -48.55 -39.65 12.52
CA GLY D 601 -49.68 -39.71 11.61
C GLY D 601 -49.58 -40.76 10.52
N LYS D 602 -48.40 -41.35 10.31
CA LYS D 602 -48.21 -42.34 9.26
C LYS D 602 -48.35 -43.77 9.76
N TYR D 603 -48.54 -43.99 11.05
CA TYR D 603 -48.74 -45.34 11.60
C TYR D 603 -50.12 -45.50 12.23
N ILE D 604 -51.09 -44.67 11.82
CA ILE D 604 -52.48 -44.89 12.21
C ILE D 604 -52.92 -46.28 11.76
N SER D 605 -52.72 -46.57 10.47
CA SER D 605 -53.17 -47.82 9.88
C SER D 605 -52.46 -49.01 10.49
N CYS D 606 -51.14 -48.94 10.66
CA CYS D 606 -50.40 -50.04 11.25
C CYS D 606 -50.80 -50.26 12.71
N ALA D 607 -51.10 -49.17 13.42
CA ALA D 607 -51.49 -49.29 14.82
C ALA D 607 -52.81 -50.04 14.97
N GLU D 608 -53.83 -49.62 14.21
CA GLU D 608 -55.10 -50.32 14.29
C GLU D 608 -55.10 -51.63 13.51
N CYS D 609 -54.15 -51.81 12.59
CA CYS D 609 -53.98 -53.11 11.95
C CYS D 609 -53.51 -54.13 12.96
N LEU D 610 -52.48 -53.79 13.74
CA LEU D 610 -51.87 -54.74 14.65
C LEU D 610 -52.69 -54.94 15.91
N LYS D 611 -53.20 -53.84 16.48
CA LYS D 611 -53.85 -53.93 17.79
C LYS D 611 -55.35 -54.13 17.67
N PHE D 612 -56.02 -53.34 16.84
CA PHE D 612 -57.47 -53.41 16.72
C PHE D 612 -57.90 -54.17 15.47
N GLU D 613 -56.94 -54.79 14.77
CA GLU D 613 -57.21 -55.79 13.73
C GLU D 613 -58.01 -55.25 12.57
N LYS D 614 -57.89 -53.96 12.24
CA LYS D 614 -58.66 -53.35 11.14
C LYS D 614 -57.76 -52.35 10.40
N GLY D 615 -58.38 -51.36 9.77
CA GLY D 615 -57.66 -50.36 9.01
C GLY D 615 -57.62 -50.69 7.55
N PRO D 616 -56.95 -49.86 6.74
CA PRO D 616 -56.80 -50.19 5.31
C PRO D 616 -56.01 -51.45 5.11
N PHE D 617 -55.28 -51.89 6.13
CA PHE D 617 -54.39 -53.02 6.04
C PHE D 617 -54.99 -54.29 6.61
N GLY D 618 -56.32 -54.33 6.75
CA GLY D 618 -57.00 -55.60 6.94
C GLY D 618 -56.74 -56.47 5.73
N LYS D 619 -56.10 -57.62 5.96
CA LYS D 619 -55.57 -58.53 4.94
C LYS D 619 -54.22 -58.06 4.41
N ASN D 620 -53.93 -56.75 4.50
CA ASN D 620 -52.58 -56.28 4.17
C ASN D 620 -51.58 -56.52 5.28
N CYS D 621 -52.06 -56.66 6.52
CA CYS D 621 -51.34 -56.23 7.73
C CYS D 621 -49.83 -56.46 7.66
N SER D 622 -49.39 -57.72 7.75
CA SER D 622 -47.97 -58.03 7.84
C SER D 622 -47.22 -57.87 6.51
N ALA D 623 -47.91 -57.58 5.42
CA ALA D 623 -47.26 -57.15 4.19
C ALA D 623 -47.17 -55.64 4.12
N ALA D 624 -48.07 -54.96 4.83
CA ALA D 624 -48.11 -53.50 4.83
C ALA D 624 -47.32 -52.90 5.98
N CYS D 625 -47.23 -53.61 7.10
CA CYS D 625 -46.54 -53.09 8.28
C CYS D 625 -45.54 -54.10 8.84
N PRO D 626 -44.72 -54.74 8.02
CA PRO D 626 -43.86 -55.83 8.52
C PRO D 626 -42.76 -55.38 9.46
N GLY D 627 -42.46 -54.08 9.51
CA GLY D 627 -41.40 -53.55 10.34
C GLY D 627 -41.75 -53.24 11.77
N LEU D 628 -42.99 -53.48 12.19
CA LEU D 628 -43.43 -53.19 13.55
C LEU D 628 -43.79 -54.48 14.27
N GLN D 629 -43.17 -54.69 15.43
CA GLN D 629 -43.53 -55.80 16.31
C GLN D 629 -44.44 -55.26 17.40
N LEU D 630 -45.66 -55.78 17.45
CA LEU D 630 -46.60 -55.38 18.49
C LEU D 630 -46.10 -55.86 19.84
N SER D 631 -45.97 -54.94 20.78
CA SER D 631 -45.53 -55.28 22.12
C SER D 631 -46.70 -55.76 22.96
N ASN D 632 -46.40 -56.63 23.91
CA ASN D 632 -47.37 -57.07 24.90
C ASN D 632 -47.27 -56.26 26.20
N ASN D 633 -46.35 -55.31 26.27
CA ASN D 633 -46.15 -54.46 27.43
C ASN D 633 -45.79 -53.07 26.96
N PRO D 634 -46.05 -52.04 27.77
CA PRO D 634 -45.66 -50.67 27.40
C PRO D 634 -44.17 -50.56 27.10
N VAL D 635 -43.82 -49.56 26.28
CA VAL D 635 -42.50 -49.45 25.69
C VAL D 635 -41.88 -48.09 26.02
N LYS D 636 -40.61 -47.94 25.64
CA LYS D 636 -39.77 -46.81 26.01
C LYS D 636 -39.88 -45.62 25.06
N GLY D 637 -40.67 -45.72 23.99
CA GLY D 637 -40.60 -44.76 22.91
C GLY D 637 -41.36 -43.45 23.09
N ARG D 638 -41.97 -42.99 21.99
CA ARG D 638 -42.63 -41.69 21.92
C ARG D 638 -44.14 -41.91 21.85
N THR D 639 -44.87 -41.28 22.77
CA THR D 639 -46.32 -41.46 22.82
C THR D 639 -47.00 -40.53 21.82
N CYS D 640 -47.79 -41.11 20.92
CA CYS D 640 -48.58 -40.37 19.96
C CYS D 640 -50.07 -40.49 20.33
N LYS D 641 -50.81 -39.39 20.16
CA LYS D 641 -52.25 -39.40 20.32
C LYS D 641 -52.86 -38.78 19.07
N GLU D 642 -53.86 -39.46 18.50
CA GLU D 642 -54.48 -39.03 17.25
C GLU D 642 -55.71 -39.90 17.00
N ARG D 643 -56.24 -39.93 15.77
CA ARG D 643 -57.47 -40.65 15.47
C ARG D 643 -57.23 -41.79 14.49
N ASP D 644 -58.18 -42.72 14.45
CA ASP D 644 -58.15 -43.88 13.57
C ASP D 644 -59.10 -43.67 12.39
N SER D 645 -59.30 -44.72 11.59
CA SER D 645 -60.17 -44.62 10.42
C SER D 645 -61.66 -44.63 10.78
N GLU D 646 -62.01 -44.76 12.07
CA GLU D 646 -63.36 -44.55 12.53
C GLU D 646 -63.58 -43.16 13.10
N GLY D 647 -62.50 -42.42 13.38
CA GLY D 647 -62.58 -41.13 14.03
C GLY D 647 -62.38 -41.16 15.53
N CYS D 648 -62.11 -42.33 16.11
CA CYS D 648 -61.85 -42.45 17.54
C CYS D 648 -60.36 -42.29 17.82
N TRP D 649 -60.05 -41.86 19.03
CA TRP D 649 -58.68 -41.49 19.37
C TRP D 649 -57.95 -42.68 19.97
N VAL D 650 -56.76 -42.96 19.42
CA VAL D 650 -55.89 -44.02 19.93
C VAL D 650 -54.70 -43.37 20.61
N ALA D 651 -54.32 -43.90 21.76
CA ALA D 651 -53.07 -43.53 22.41
C ALA D 651 -52.13 -44.72 22.37
N TYR D 652 -50.90 -44.49 21.92
CA TYR D 652 -49.89 -45.55 21.94
C TYR D 652 -48.49 -44.93 22.04
N THR D 653 -47.58 -45.75 22.55
CA THR D 653 -46.16 -45.41 22.59
C THR D 653 -45.44 -46.25 21.56
N LEU D 654 -44.68 -45.59 20.69
CA LEU D 654 -43.97 -46.23 19.59
C LEU D 654 -42.47 -46.14 19.86
N GLU D 655 -41.82 -47.28 19.97
CA GLU D 655 -40.39 -47.36 20.25
C GLU D 655 -39.67 -47.87 19.00
N GLN D 656 -38.85 -47.01 18.40
CA GLN D 656 -38.02 -47.44 17.30
C GLN D 656 -36.81 -48.20 17.84
N GLN D 657 -36.46 -49.28 17.16
CA GLN D 657 -35.38 -50.14 17.62
C GLN D 657 -34.09 -49.88 16.84
N ASP D 658 -33.31 -50.93 16.62
CA ASP D 658 -32.16 -50.87 15.75
C ASP D 658 -32.54 -51.36 14.36
N GLY D 659 -32.14 -50.61 13.33
CA GLY D 659 -32.56 -50.88 11.97
C GLY D 659 -33.19 -49.60 11.46
N MET D 660 -33.37 -49.41 10.16
CA MET D 660 -34.03 -48.18 9.68
C MET D 660 -35.53 -48.43 9.61
N ASP D 661 -36.29 -47.72 10.45
CA ASP D 661 -37.75 -47.77 10.50
C ASP D 661 -38.25 -49.14 10.99
N ARG D 662 -37.56 -49.68 11.99
CA ARG D 662 -37.98 -50.88 12.71
C ARG D 662 -38.42 -50.48 14.11
N TYR D 663 -39.54 -51.05 14.58
CA TYR D 663 -40.15 -50.55 15.80
C TYR D 663 -40.66 -51.68 16.68
N LEU D 664 -40.98 -51.28 17.91
CA LEU D 664 -41.70 -52.05 18.90
C LEU D 664 -42.75 -51.11 19.47
N ILE D 665 -44.02 -51.55 19.46
CA ILE D 665 -45.12 -50.63 19.75
C ILE D 665 -46.09 -51.29 20.73
N TYR D 666 -46.50 -50.54 21.75
CA TYR D 666 -47.58 -50.93 22.64
C TYR D 666 -48.73 -49.95 22.49
N VAL D 667 -49.92 -50.48 22.22
CA VAL D 667 -51.11 -49.66 22.02
C VAL D 667 -51.98 -49.76 23.27
N ASP D 668 -52.29 -48.61 23.87
CA ASP D 668 -53.22 -48.57 24.99
C ASP D 668 -54.56 -49.15 24.57
N GLU D 669 -55.05 -50.10 25.36
CA GLU D 669 -56.31 -50.76 25.02
C GLU D 669 -57.48 -49.77 25.07
N SER D 670 -57.40 -48.77 25.95
CA SER D 670 -58.41 -47.73 26.00
C SER D 670 -58.41 -46.88 24.73
N ARG D 671 -59.43 -47.04 23.90
CA ARG D 671 -59.72 -46.05 22.86
C ARG D 671 -60.51 -44.92 23.49
N GLU D 672 -60.97 -43.98 22.67
CA GLU D 672 -61.77 -42.88 23.17
C GLU D 672 -62.50 -42.25 21.99
N CYS D 673 -63.81 -42.10 22.14
CA CYS D 673 -64.63 -41.44 21.13
C CYS D 673 -65.47 -40.39 21.82
N VAL D 674 -66.19 -39.60 21.02
CA VAL D 674 -66.95 -38.47 21.57
C VAL D 674 -68.29 -38.93 22.13
N PHE E 1 -41.15 18.89 16.44
CA PHE E 1 -41.71 20.02 15.69
C PHE E 1 -42.70 19.53 14.67
N ASN E 2 -42.84 18.21 14.54
CA ASN E 2 -43.52 17.60 13.41
C ASN E 2 -44.75 16.81 13.82
N LEU E 3 -45.46 17.24 14.86
CA LEU E 3 -46.77 16.67 15.17
C LEU E 3 -47.81 17.41 14.33
N ASP E 4 -48.70 16.66 13.68
CA ASP E 4 -49.65 17.26 12.77
C ASP E 4 -50.84 17.84 13.53
N THR E 5 -51.19 19.08 13.21
CA THR E 5 -52.32 19.78 13.82
C THR E 5 -53.45 20.01 12.83
N GLU E 6 -53.58 19.15 11.82
CA GLU E 6 -54.56 19.39 10.78
C GLU E 6 -55.29 18.11 10.40
N GLU E 7 -54.71 17.32 9.50
CA GLU E 7 -55.34 16.04 9.25
C GLU E 7 -55.08 15.13 10.43
N LEU E 8 -55.95 15.22 11.43
CA LEU E 8 -55.92 14.42 12.64
C LEU E 8 -57.19 13.59 12.71
N THR E 9 -57.38 12.88 13.82
CA THR E 9 -58.56 12.08 14.04
C THR E 9 -59.11 12.36 15.42
N ALA E 10 -60.43 12.57 15.51
CA ALA E 10 -61.10 12.95 16.74
C ALA E 10 -62.03 11.84 17.22
N PHE E 11 -62.00 11.59 18.53
CA PHE E 11 -62.83 10.58 19.19
C PHE E 11 -63.62 11.28 20.29
N ARG E 12 -64.78 11.82 19.94
CA ARG E 12 -65.62 12.54 20.88
C ARG E 12 -66.79 11.65 21.30
N VAL E 13 -66.88 11.36 22.60
CA VAL E 13 -67.93 10.51 23.16
C VAL E 13 -68.34 11.11 24.50
N ASP E 14 -69.65 11.38 24.66
CA ASP E 14 -70.17 11.97 25.89
C ASP E 14 -70.59 10.85 26.83
N SER E 15 -69.65 10.41 27.65
CA SER E 15 -69.93 9.39 28.67
C SER E 15 -69.05 9.71 29.88
N ALA E 16 -69.55 10.59 30.75
CA ALA E 16 -68.93 10.90 32.04
C ALA E 16 -67.58 11.57 31.89
N GLY E 17 -66.55 10.99 32.50
CA GLY E 17 -65.20 11.51 32.40
C GLY E 17 -64.45 10.89 31.25
N PHE E 18 -65.18 10.65 30.15
CA PHE E 18 -64.60 10.00 28.97
C PHE E 18 -63.41 10.80 28.46
N GLY E 19 -62.23 10.18 28.46
CA GLY E 19 -61.02 10.85 28.04
C GLY E 19 -60.16 11.37 29.17
N ASP E 20 -60.59 11.22 30.43
CA ASP E 20 -59.74 11.56 31.55
C ASP E 20 -58.65 10.52 31.77
N SER E 21 -58.70 9.41 31.03
CA SER E 21 -57.60 8.46 30.97
C SER E 21 -57.63 7.80 29.59
N VAL E 22 -56.45 7.61 29.01
CA VAL E 22 -56.32 7.02 27.69
C VAL E 22 -54.94 6.41 27.57
N VAL E 23 -54.87 5.25 26.91
CA VAL E 23 -53.61 4.66 26.44
C VAL E 23 -53.85 4.03 25.09
N GLN E 24 -52.76 3.62 24.44
CA GLN E 24 -52.79 3.02 23.11
C GLN E 24 -52.64 1.51 23.22
N TYR E 25 -53.43 0.78 22.43
CA TYR E 25 -53.51 -0.67 22.56
C TYR E 25 -53.19 -1.35 21.23
N ALA E 26 -52.12 -2.16 21.23
CA ALA E 26 -51.83 -3.11 20.17
C ALA E 26 -51.76 -2.46 18.78
N ASN E 27 -51.25 -1.22 18.76
CA ASN E 27 -50.99 -0.50 17.50
C ASN E 27 -52.20 -0.46 16.58
N SER E 28 -53.39 -0.70 17.12
CA SER E 28 -54.62 -0.62 16.35
C SER E 28 -55.75 0.09 17.08
N TRP E 29 -55.78 0.04 18.41
CA TRP E 29 -56.88 0.58 19.18
C TRP E 29 -56.36 1.60 20.18
N VAL E 30 -57.16 2.63 20.40
CA VAL E 30 -56.98 3.51 21.55
C VAL E 30 -58.09 3.19 22.53
N VAL E 31 -57.73 2.90 23.77
CA VAL E 31 -58.68 2.50 24.80
C VAL E 31 -58.91 3.69 25.71
N VAL E 32 -60.15 4.14 25.78
CA VAL E 32 -60.52 5.36 26.50
C VAL E 32 -61.23 4.98 27.79
N GLY E 33 -60.73 5.51 28.90
CA GLY E 33 -61.41 5.36 30.18
C GLY E 33 -62.49 6.40 30.34
N ALA E 34 -63.66 5.95 30.78
CA ALA E 34 -64.74 6.81 31.26
C ALA E 34 -64.97 6.42 32.72
N PRO E 35 -64.15 6.95 33.64
CA PRO E 35 -64.16 6.42 35.00
C PRO E 35 -65.52 6.49 35.68
N GLN E 36 -66.37 7.43 35.30
CA GLN E 36 -67.61 7.65 36.04
C GLN E 36 -68.84 7.20 35.27
N LYS E 37 -68.67 6.40 34.21
CA LYS E 37 -69.80 5.97 33.42
C LYS E 37 -70.58 4.86 34.12
N ILE E 38 -71.89 4.89 33.97
CA ILE E 38 -72.81 3.96 34.62
C ILE E 38 -73.45 3.10 33.54
N THR E 39 -72.99 1.86 33.40
CA THR E 39 -73.65 0.90 32.53
C THR E 39 -74.44 -0.14 33.31
N ALA E 40 -74.43 -0.05 34.63
CA ALA E 40 -75.14 -1.01 35.47
C ALA E 40 -75.52 -0.33 36.78
N ALA E 41 -76.64 -0.77 37.35
CA ALA E 41 -77.07 -0.26 38.64
C ALA E 41 -75.97 -0.49 39.68
N ASN E 42 -75.66 0.56 40.44
CA ASN E 42 -74.62 0.52 41.48
C ASN E 42 -73.24 0.24 40.91
N GLN E 43 -72.94 0.70 39.69
CA GLN E 43 -71.64 0.46 39.07
C GLN E 43 -71.20 1.71 38.32
N THR E 44 -69.90 2.02 38.42
CA THR E 44 -69.32 3.14 37.71
C THR E 44 -68.07 2.68 36.97
N GLY E 45 -67.87 3.24 35.78
CA GLY E 45 -66.71 2.96 34.95
C GLY E 45 -67.13 2.39 33.61
N GLY E 46 -66.51 2.91 32.57
CA GLY E 46 -66.77 2.47 31.21
C GLY E 46 -65.50 2.49 30.38
N LEU E 47 -65.43 1.54 29.46
CA LEU E 47 -64.29 1.42 28.55
C LEU E 47 -64.76 1.48 27.10
N TYR E 48 -63.92 2.04 26.24
CA TYR E 48 -64.23 2.13 24.82
C TYR E 48 -63.03 1.75 23.99
N GLN E 49 -63.27 1.00 22.91
CA GLN E 49 -62.25 0.53 22.00
C GLN E 49 -62.46 1.24 20.66
N CYS E 50 -61.55 2.16 20.31
CA CYS E 50 -61.70 3.02 19.15
C CYS E 50 -60.59 2.76 18.13
N GLY E 51 -60.97 2.71 16.86
CA GLY E 51 -60.03 2.46 15.77
C GLY E 51 -59.99 3.62 14.80
N TYR E 52 -58.85 3.76 14.11
CA TYR E 52 -58.62 4.94 13.28
C TYR E 52 -59.44 4.89 11.99
N SER E 53 -59.38 3.78 11.27
CA SER E 53 -60.01 3.71 9.95
C SER E 53 -61.47 4.12 9.99
N THR E 54 -62.15 3.83 11.10
CA THR E 54 -63.60 3.94 11.22
C THR E 54 -64.03 5.30 11.75
N GLY E 55 -63.25 5.86 12.67
CA GLY E 55 -63.68 7.07 13.35
C GLY E 55 -64.84 6.85 14.29
N ALA E 56 -64.84 5.72 15.01
CA ALA E 56 -65.93 5.39 15.92
C ALA E 56 -65.35 4.58 17.08
N CYS E 57 -66.15 4.49 18.14
CA CYS E 57 -65.77 3.81 19.37
C CYS E 57 -66.83 2.78 19.73
N GLU E 58 -66.39 1.61 20.19
CA GLU E 58 -67.32 0.64 20.73
C GLU E 58 -66.97 0.35 22.19
N PRO E 59 -67.96 0.29 23.08
CA PRO E 59 -67.67 -0.05 24.46
C PRO E 59 -67.15 -1.46 24.57
N ILE E 60 -66.35 -1.70 25.60
CA ILE E 60 -65.71 -3.00 25.80
C ILE E 60 -66.65 -3.88 26.63
N GLY E 61 -67.19 -4.92 26.00
CA GLY E 61 -67.93 -5.92 26.76
C GLY E 61 -67.04 -6.51 27.84
N LEU E 62 -67.61 -6.69 29.02
CA LEU E 62 -66.79 -7.00 30.19
C LEU E 62 -67.66 -7.50 31.35
N GLN E 63 -67.49 -8.76 31.73
CA GLN E 63 -68.25 -9.37 32.83
C GLN E 63 -67.68 -8.86 34.15
N VAL E 64 -68.22 -7.74 34.61
CA VAL E 64 -67.78 -7.15 35.88
C VAL E 64 -68.40 -7.94 37.04
N PRO E 65 -67.58 -8.48 37.93
CA PRO E 65 -68.11 -9.24 39.06
C PRO E 65 -69.01 -8.37 39.94
N PRO E 66 -70.17 -8.90 40.36
CA PRO E 66 -71.04 -8.14 41.27
C PRO E 66 -70.35 -7.71 42.56
N GLU E 67 -69.30 -8.41 42.95
CA GLU E 67 -68.61 -8.09 44.21
C GLU E 67 -68.01 -6.69 44.21
N ALA E 68 -67.69 -6.15 43.03
CA ALA E 68 -67.18 -4.80 42.90
C ALA E 68 -68.33 -3.82 42.70
N VAL E 69 -68.31 -2.71 43.44
CA VAL E 69 -69.41 -1.75 43.45
C VAL E 69 -68.84 -0.36 43.27
N ASN E 70 -69.37 0.39 42.30
CA ASN E 70 -69.11 1.82 42.20
C ASN E 70 -67.62 2.10 42.00
N MET E 71 -66.98 1.26 41.20
CA MET E 71 -65.52 1.11 41.22
C MET E 71 -64.76 2.17 40.44
N SER E 72 -65.39 2.82 39.46
CA SER E 72 -64.74 3.83 38.61
C SER E 72 -63.67 3.19 37.72
N LEU E 73 -64.02 2.11 37.03
CA LEU E 73 -63.07 1.51 36.11
C LEU E 73 -62.80 2.46 34.96
N GLY E 74 -61.63 2.34 34.37
CA GLY E 74 -61.16 3.28 33.38
C GLY E 74 -60.30 4.39 33.94
N LEU E 75 -60.38 4.67 35.25
CA LEU E 75 -59.52 5.69 35.83
C LEU E 75 -58.05 5.32 35.72
N SER E 76 -57.73 4.03 35.73
CA SER E 76 -56.35 3.59 35.62
C SER E 76 -56.23 2.64 34.44
N LEU E 77 -55.34 2.96 33.51
CA LEU E 77 -55.15 2.18 32.29
C LEU E 77 -53.66 1.88 32.11
N ALA E 78 -53.38 0.77 31.42
CA ALA E 78 -52.02 0.34 31.14
C ALA E 78 -52.04 -0.62 29.97
N SER E 79 -50.95 -0.62 29.21
CA SER E 79 -50.87 -1.40 27.99
C SER E 79 -49.44 -1.88 27.81
N THR E 80 -49.27 -3.00 27.12
CA THR E 80 -47.93 -3.46 26.78
C THR E 80 -47.88 -3.99 25.35
N THR E 81 -46.65 -4.12 24.87
CA THR E 81 -46.33 -4.45 23.50
C THR E 81 -45.58 -5.77 23.38
N SER E 82 -45.42 -6.51 24.48
CA SER E 82 -44.70 -7.77 24.49
C SER E 82 -45.48 -8.76 23.61
N PRO E 83 -46.47 -9.52 24.12
CA PRO E 83 -47.68 -9.70 23.30
C PRO E 83 -48.70 -8.67 23.74
N SER E 84 -49.88 -8.66 23.14
CA SER E 84 -50.83 -7.60 23.44
C SER E 84 -51.56 -7.89 24.76
N GLN E 85 -51.32 -7.04 25.76
CA GLN E 85 -52.06 -7.07 27.02
C GLN E 85 -52.47 -5.65 27.38
N LEU E 86 -53.65 -5.49 27.97
CA LEU E 86 -54.02 -4.23 28.58
C LEU E 86 -54.49 -4.49 30.01
N LEU E 87 -54.60 -3.39 30.75
CA LEU E 87 -54.97 -3.45 32.16
C LEU E 87 -55.87 -2.26 32.46
N ALA E 88 -57.11 -2.53 32.86
CA ALA E 88 -58.08 -1.50 33.21
C ALA E 88 -58.49 -1.69 34.66
N CYS E 89 -58.55 -0.60 35.41
CA CYS E 89 -58.79 -0.68 36.84
C CYS E 89 -59.83 0.33 37.29
N GLY E 90 -60.69 -0.12 38.18
CA GLY E 90 -61.41 0.74 39.07
C GLY E 90 -60.84 0.55 40.46
N PRO E 91 -60.08 1.52 40.94
CA PRO E 91 -59.49 1.43 42.29
C PRO E 91 -60.33 2.06 43.41
N THR E 92 -61.59 2.41 43.16
CA THR E 92 -62.53 2.87 44.17
C THR E 92 -63.63 1.84 44.41
N VAL E 93 -63.24 0.56 44.43
CA VAL E 93 -64.21 -0.53 44.58
C VAL E 93 -64.75 -0.50 46.00
N HIS E 94 -66.06 -0.61 46.12
CA HIS E 94 -66.72 -0.54 47.42
C HIS E 94 -67.08 -1.95 47.89
N HIS E 95 -66.53 -2.33 49.03
CA HIS E 95 -66.84 -3.58 49.71
C HIS E 95 -67.36 -3.21 51.10
N GLU E 96 -68.62 -3.56 51.36
CA GLU E 96 -69.29 -3.18 52.61
C GLU E 96 -68.97 -4.22 53.70
N CYS E 97 -68.45 -3.74 54.83
CA CYS E 97 -68.00 -4.60 55.94
C CYS E 97 -68.77 -4.16 57.20
N GLY E 98 -70.09 -4.27 57.16
CA GLY E 98 -70.91 -3.97 58.31
C GLY E 98 -70.66 -2.60 58.92
N ARG E 99 -69.82 -2.54 59.96
CA ARG E 99 -69.55 -1.27 60.63
C ARG E 99 -69.15 -0.16 59.64
N ASN E 100 -68.42 -0.53 58.58
CA ASN E 100 -67.93 0.45 57.62
C ASN E 100 -67.85 -0.23 56.26
N MET E 101 -67.40 0.53 55.27
CA MET E 101 -67.10 -0.02 53.95
C MET E 101 -65.72 0.45 53.52
N TYR E 102 -65.05 -0.36 52.70
CA TYR E 102 -63.66 -0.12 52.34
C TYR E 102 -63.48 -0.01 50.83
N LEU E 103 -62.32 0.51 50.45
CA LEU E 103 -61.92 0.65 49.04
C LEU E 103 -60.72 -0.26 48.76
N THR E 104 -60.95 -1.38 48.08
CA THR E 104 -59.86 -2.15 47.51
C THR E 104 -59.96 -2.05 46.01
N GLY E 105 -58.89 -2.35 45.30
CA GLY E 105 -58.81 -2.12 43.87
C GLY E 105 -59.03 -3.38 43.06
N LEU E 106 -59.72 -3.23 41.92
CA LEU E 106 -59.95 -4.32 40.97
C LEU E 106 -59.42 -3.92 39.60
N CYS E 107 -58.69 -4.83 38.96
CA CYS E 107 -58.11 -4.58 37.65
C CYS E 107 -58.44 -5.74 36.71
N PHE E 108 -58.70 -5.40 35.45
CA PHE E 108 -58.98 -6.39 34.41
C PHE E 108 -57.80 -6.47 33.46
N LEU E 109 -57.35 -7.69 33.17
CA LEU E 109 -56.28 -7.92 32.21
C LEU E 109 -56.88 -8.57 30.98
N LEU E 110 -56.80 -7.88 29.84
CA LEU E 110 -57.37 -8.36 28.59
C LEU E 110 -56.28 -8.56 27.55
N GLY E 111 -56.40 -9.67 26.82
CA GLY E 111 -55.54 -9.93 25.69
C GLY E 111 -56.34 -10.57 24.57
N PRO E 112 -55.87 -10.43 23.34
CA PRO E 112 -56.56 -11.10 22.22
C PRO E 112 -56.28 -12.59 22.21
N THR E 113 -55.00 -12.95 22.40
CA THR E 113 -54.64 -14.33 22.71
C THR E 113 -55.30 -14.80 24.00
N GLN E 114 -55.56 -13.88 24.91
CA GLN E 114 -55.91 -14.24 26.27
C GLN E 114 -57.41 -14.39 26.47
N LEU E 115 -57.73 -14.93 27.64
CA LEU E 115 -59.05 -14.97 28.26
C LEU E 115 -59.12 -13.80 29.23
N THR E 116 -60.29 -13.19 29.38
CA THR E 116 -60.40 -12.07 30.32
C THR E 116 -60.04 -12.54 31.73
N GLN E 117 -59.24 -11.74 32.44
CA GLN E 117 -58.70 -12.13 33.74
C GLN E 117 -58.75 -10.96 34.70
N ARG E 118 -58.48 -11.26 35.98
CA ARG E 118 -58.73 -10.35 37.08
C ARG E 118 -57.51 -10.21 37.98
N LEU E 119 -57.39 -9.05 38.62
CA LEU E 119 -56.41 -8.81 39.67
C LEU E 119 -56.94 -7.80 40.70
N PRO E 120 -56.72 -8.07 42.00
CA PRO E 120 -56.11 -9.28 42.57
C PRO E 120 -57.03 -10.48 42.42
N VAL E 121 -56.46 -11.68 42.52
CA VAL E 121 -57.22 -12.89 42.19
C VAL E 121 -58.32 -13.13 43.21
N SER E 122 -58.04 -12.91 44.49
CA SER E 122 -58.96 -13.25 45.56
C SER E 122 -59.80 -12.05 45.97
N ARG E 123 -61.09 -12.28 46.17
CA ARG E 123 -62.01 -11.21 46.51
C ARG E 123 -61.70 -10.67 47.90
N GLN E 124 -61.64 -9.33 48.02
CA GLN E 124 -61.38 -8.71 49.31
C GLN E 124 -62.49 -9.06 50.30
N GLU E 125 -62.12 -9.20 51.57
CA GLU E 125 -63.03 -9.72 52.58
C GLU E 125 -62.86 -8.96 53.88
N CYS E 126 -63.74 -9.26 54.82
CA CYS E 126 -63.78 -8.74 56.18
C CYS E 126 -63.51 -9.88 57.17
N PRO E 127 -63.29 -9.57 58.46
CA PRO E 127 -62.79 -10.59 59.39
C PRO E 127 -63.85 -11.56 59.90
N ARG E 128 -63.37 -12.75 60.26
CA ARG E 128 -64.18 -13.84 60.80
C ARG E 128 -64.30 -13.74 62.31
N GLN E 129 -65.18 -14.57 62.87
CA GLN E 129 -65.37 -14.65 64.32
C GLN E 129 -64.06 -14.92 65.08
N SER E 326 -55.39 5.04 62.51
CA SER E 326 -54.76 5.06 61.20
C SER E 326 -54.04 3.73 60.92
N SER E 327 -54.04 2.82 61.89
CA SER E 327 -53.31 1.56 61.76
C SER E 327 -54.13 0.59 60.91
N PHE E 328 -54.08 0.80 59.58
CA PHE E 328 -54.68 -0.08 58.60
C PHE E 328 -53.61 -0.96 57.97
N GLU E 329 -54.04 -1.87 57.10
CA GLU E 329 -53.08 -2.62 56.30
C GLU E 329 -53.53 -2.58 54.84
N LEU E 330 -54.28 -3.57 54.36
CA LEU E 330 -54.65 -3.64 52.94
C LEU E 330 -56.15 -3.51 52.71
N GLU E 331 -56.87 -2.87 53.63
CA GLU E 331 -58.29 -2.66 53.43
C GLU E 331 -58.56 -1.59 52.38
N MET E 332 -57.82 -0.47 52.44
CA MET E 332 -58.03 0.66 51.56
C MET E 332 -56.86 0.88 50.60
N ALA E 333 -56.28 -0.22 50.11
CA ALA E 333 -55.13 -0.11 49.21
C ALA E 333 -55.45 0.70 47.96
N GLN E 334 -56.70 0.66 47.49
CA GLN E 334 -57.05 1.17 46.17
C GLN E 334 -56.11 0.59 45.12
N GLU E 335 -55.97 -0.73 45.15
CA GLU E 335 -54.98 -1.41 44.32
C GLU E 335 -55.23 -1.16 42.84
N GLY E 336 -54.15 -1.03 42.08
CA GLY E 336 -54.30 -0.71 40.67
C GLY E 336 -54.71 0.72 40.42
N PHE E 337 -54.57 1.60 41.41
CA PHE E 337 -54.82 3.02 41.19
C PHE E 337 -53.89 3.58 40.14
N SER E 338 -52.61 3.18 40.19
CA SER E 338 -51.64 3.43 39.14
C SER E 338 -51.11 2.08 38.67
N ALA E 339 -51.08 1.88 37.36
CA ALA E 339 -50.75 0.56 36.81
C ALA E 339 -49.69 0.69 35.73
N VAL E 340 -48.71 -0.22 35.79
CA VAL E 340 -47.64 -0.31 34.80
C VAL E 340 -47.25 -1.78 34.66
N PHE E 341 -47.17 -2.25 33.43
CA PHE E 341 -46.65 -3.59 33.21
C PHE E 341 -45.15 -3.64 33.50
N THR E 342 -44.66 -4.84 33.74
CA THR E 342 -43.23 -5.11 33.76
C THR E 342 -43.02 -6.55 33.32
N PRO E 343 -41.86 -6.88 32.76
CA PRO E 343 -41.61 -8.27 32.35
C PRO E 343 -41.93 -9.30 33.41
N ASP E 344 -41.79 -8.95 34.69
CA ASP E 344 -42.11 -9.88 35.76
C ASP E 344 -43.60 -9.95 36.06
N GLY E 345 -44.44 -9.24 35.30
CA GLY E 345 -45.87 -9.26 35.52
C GLY E 345 -46.40 -7.90 35.95
N PRO E 346 -47.69 -7.65 35.72
CA PRO E 346 -48.24 -6.31 35.97
C PRO E 346 -47.99 -5.84 37.41
N VAL E 347 -47.87 -4.54 37.58
CA VAL E 347 -47.60 -3.93 38.87
C VAL E 347 -48.74 -2.95 39.17
N LEU E 348 -49.54 -3.27 40.18
CA LEU E 348 -50.68 -2.46 40.57
C LEU E 348 -50.30 -1.59 41.75
N GLY E 349 -50.60 -0.29 41.65
CA GLY E 349 -50.28 0.63 42.71
C GLY E 349 -51.24 0.58 43.88
N ALA E 350 -50.73 0.33 45.07
CA ALA E 350 -51.47 0.49 46.31
C ALA E 350 -51.14 1.86 46.87
N VAL E 351 -52.16 2.62 47.22
CA VAL E 351 -52.00 4.01 47.66
C VAL E 351 -52.30 4.16 49.14
N GLY E 352 -53.52 3.82 49.54
CA GLY E 352 -53.92 3.94 50.93
C GLY E 352 -53.48 2.80 51.82
N SER E 353 -52.80 1.80 51.26
CA SER E 353 -52.30 0.70 52.06
C SER E 353 -51.35 1.23 53.13
N PHE E 354 -51.44 0.65 54.31
CA PHE E 354 -50.58 1.00 55.43
C PHE E 354 -50.63 2.51 55.69
N THR E 355 -51.80 2.97 56.13
CA THR E 355 -52.12 4.37 56.40
C THR E 355 -51.54 5.32 55.34
N TRP E 356 -51.94 5.07 54.10
CA TRP E 356 -51.60 5.94 52.97
C TRP E 356 -50.08 6.06 52.79
N SER E 357 -49.34 5.02 53.15
CA SER E 357 -47.93 4.92 52.78
C SER E 357 -47.71 4.05 51.55
N GLY E 358 -48.76 3.39 51.05
CA GLY E 358 -48.77 2.85 49.72
C GLY E 358 -47.86 1.65 49.52
N GLY E 359 -47.41 1.49 48.27
CA GLY E 359 -46.67 0.38 47.75
C GLY E 359 -47.24 -0.04 46.41
N ALA E 360 -46.91 -1.25 45.99
CA ALA E 360 -47.43 -1.76 44.73
C ALA E 360 -47.33 -3.28 44.69
N PHE E 361 -48.29 -3.91 44.01
CA PHE E 361 -48.41 -5.35 43.96
C PHE E 361 -47.88 -5.89 42.64
N LEU E 362 -46.85 -6.72 42.71
CA LEU E 362 -46.30 -7.41 41.55
C LEU E 362 -47.00 -8.75 41.38
N TYR E 363 -47.28 -9.13 40.12
CA TYR E 363 -48.06 -10.32 39.82
C TYR E 363 -47.31 -11.28 38.91
N PRO E 364 -46.36 -12.03 39.49
CA PRO E 364 -45.50 -12.90 38.68
C PRO E 364 -46.29 -13.99 37.97
N PRO E 365 -45.69 -14.62 36.94
CA PRO E 365 -46.43 -15.56 36.08
C PRO E 365 -46.95 -16.78 36.83
N ASN E 366 -48.24 -16.77 37.12
CA ASN E 366 -48.96 -17.77 37.92
C ASN E 366 -48.16 -18.33 39.08
N MET E 367 -47.49 -17.47 39.84
CA MET E 367 -46.97 -17.79 41.17
C MET E 367 -47.41 -16.68 42.11
N SER E 368 -47.05 -16.82 43.38
CA SER E 368 -47.64 -15.97 44.42
C SER E 368 -47.28 -14.51 44.20
N PRO E 369 -48.25 -13.60 44.22
CA PRO E 369 -47.96 -12.17 44.11
C PRO E 369 -47.16 -11.65 45.30
N THR E 370 -46.45 -10.55 45.05
CA THR E 370 -45.58 -9.93 46.04
C THR E 370 -45.91 -8.45 46.15
N PHE E 371 -45.37 -7.81 47.19
CA PHE E 371 -45.75 -6.46 47.56
C PHE E 371 -44.51 -5.64 47.87
N ILE E 372 -44.40 -4.48 47.22
CA ILE E 372 -43.22 -3.63 47.30
C ILE E 372 -43.63 -2.30 47.93
N ASN E 373 -43.05 -1.97 49.08
CA ASN E 373 -43.23 -0.67 49.70
C ASN E 373 -41.93 -0.31 50.42
N MET E 374 -41.88 0.93 50.91
CA MET E 374 -40.84 1.25 51.87
C MET E 374 -41.15 0.54 53.19
N SER E 375 -40.10 0.24 53.94
CA SER E 375 -40.24 -0.62 55.11
C SER E 375 -41.14 0.03 56.16
N GLN E 376 -41.78 -0.82 56.98
CA GLN E 376 -42.48 -0.35 58.18
C GLN E 376 -41.62 0.62 58.95
N GLU E 377 -40.32 0.32 59.00
CA GLU E 377 -39.36 1.12 59.73
C GLU E 377 -39.40 2.59 59.33
N ASN E 378 -39.51 2.87 58.03
CA ASN E 378 -39.34 4.24 57.55
C ASN E 378 -40.56 5.07 57.95
N VAL E 379 -40.44 5.65 59.15
CA VAL E 379 -41.44 6.49 59.81
C VAL E 379 -42.10 7.49 58.87
N ASP E 380 -41.30 8.10 57.97
CA ASP E 380 -41.73 9.32 57.29
C ASP E 380 -42.84 9.11 56.27
N MET E 381 -43.21 7.87 55.95
CA MET E 381 -43.94 7.61 54.72
C MET E 381 -45.46 7.58 54.88
N ARG E 382 -46.01 7.79 56.07
CA ARG E 382 -47.45 7.95 56.18
C ARG E 382 -47.92 9.18 55.43
N ASP E 383 -49.11 9.09 54.82
CA ASP E 383 -49.72 10.23 54.12
C ASP E 383 -48.79 10.76 53.03
N SER E 384 -48.36 9.87 52.15
CA SER E 384 -47.55 10.25 50.99
C SER E 384 -48.20 9.88 49.68
N TYR E 385 -48.89 8.73 49.64
CA TYR E 385 -49.55 8.16 48.47
C TYR E 385 -48.55 7.49 47.55
N LEU E 386 -47.44 7.01 48.14
CA LEU E 386 -46.42 6.27 47.40
C LEU E 386 -47.04 5.18 46.56
N GLY E 387 -46.97 5.33 45.25
CA GLY E 387 -47.71 4.49 44.34
C GLY E 387 -48.83 5.19 43.61
N TYR E 388 -49.16 6.43 43.98
CA TYR E 388 -49.97 7.27 43.11
C TYR E 388 -49.50 7.17 41.66
N SER E 389 -48.18 7.17 41.44
CA SER E 389 -47.60 7.10 40.11
C SER E 389 -46.60 5.96 40.12
N THR E 390 -46.78 5.00 39.21
CA THR E 390 -45.92 3.82 39.11
C THR E 390 -45.27 3.78 37.73
N GLU E 391 -44.02 3.35 37.66
CA GLU E 391 -43.31 3.38 36.39
C GLU E 391 -42.17 2.36 36.40
N LEU E 392 -41.93 1.76 35.24
CA LEU E 392 -40.86 0.80 35.03
C LEU E 392 -39.63 1.49 34.43
N ALA E 393 -38.48 1.31 35.09
CA ALA E 393 -37.20 1.78 34.60
C ALA E 393 -36.24 0.60 34.50
N LEU E 394 -35.18 0.77 33.72
CA LEU E 394 -34.23 -0.31 33.44
C LEU E 394 -32.81 0.23 33.51
N TRP E 395 -32.03 -0.23 34.50
CA TRP E 395 -30.68 0.30 34.66
C TRP E 395 -29.69 -0.38 33.71
N LYS E 396 -29.84 -1.67 33.44
CA LYS E 396 -29.05 -2.31 32.40
C LYS E 396 -29.63 -3.65 31.95
N GLY E 397 -30.12 -4.44 32.89
CA GLY E 397 -30.83 -5.68 32.60
C GLY E 397 -31.78 -5.92 33.75
N VAL E 398 -31.51 -5.22 34.83
CA VAL E 398 -32.33 -5.29 36.03
C VAL E 398 -33.60 -4.47 35.83
N GLN E 399 -34.74 -5.09 36.10
CA GLN E 399 -35.99 -4.34 36.18
C GLN E 399 -36.02 -3.53 37.47
N SER E 400 -36.57 -2.32 37.38
CA SER E 400 -36.64 -1.45 38.54
C SER E 400 -37.99 -0.74 38.53
N LEU E 401 -38.56 -0.53 39.71
CA LEU E 401 -39.85 0.10 39.84
C LEU E 401 -39.69 1.47 40.49
N VAL E 402 -40.43 2.43 39.96
CA VAL E 402 -40.44 3.80 40.48
C VAL E 402 -41.85 4.11 40.97
N LEU E 403 -41.95 4.64 42.18
CA LEU E 403 -43.23 4.96 42.78
C LEU E 403 -43.25 6.44 43.15
N GLY E 404 -44.34 7.12 42.80
CA GLY E 404 -44.49 8.53 43.07
C GLY E 404 -45.34 8.78 44.31
N ALA E 405 -44.82 9.62 45.20
CA ALA E 405 -45.44 9.94 46.49
C ALA E 405 -45.75 11.43 46.53
N PRO E 406 -46.81 11.86 45.86
CA PRO E 406 -47.13 13.29 45.74
C PRO E 406 -47.00 14.14 47.00
N ARG E 407 -47.55 13.66 48.12
CA ARG E 407 -47.71 14.48 49.31
C ARG E 407 -46.65 14.23 50.38
N TYR E 408 -45.76 13.24 50.18
CA TYR E 408 -44.73 12.93 51.17
C TYR E 408 -44.23 14.18 51.90
N GLN E 409 -44.58 14.31 53.17
CA GLN E 409 -44.21 15.47 54.00
C GLN E 409 -44.75 16.78 53.43
N HIS E 410 -45.83 16.69 52.64
CA HIS E 410 -46.54 17.81 52.01
C HIS E 410 -45.74 18.49 50.92
N THR E 411 -44.54 18.00 50.60
CA THR E 411 -43.83 18.43 49.40
C THR E 411 -44.02 17.40 48.29
N GLY E 412 -43.33 16.28 48.41
CA GLY E 412 -43.42 15.19 47.46
C GLY E 412 -42.15 14.37 47.45
N LYS E 413 -42.23 13.20 46.83
CA LYS E 413 -41.08 12.31 46.72
C LYS E 413 -41.36 11.28 45.64
N ALA E 414 -40.28 10.69 45.13
CA ALA E 414 -40.34 9.53 44.26
C ALA E 414 -39.24 8.57 44.68
N VAL E 415 -39.57 7.28 44.73
CA VAL E 415 -38.67 6.26 45.25
C VAL E 415 -38.54 5.15 44.22
N ILE E 416 -37.32 4.62 44.08
CA ILE E 416 -37.01 3.60 43.08
C ILE E 416 -36.46 2.38 43.78
N PHE E 417 -36.95 1.20 43.38
CA PHE E 417 -36.61 -0.07 44.02
C PHE E 417 -36.04 -1.03 42.99
N THR E 418 -35.07 -1.85 43.43
CA THR E 418 -34.56 -2.96 42.63
C THR E 418 -34.58 -4.23 43.47
N GLN E 419 -34.50 -5.37 42.78
CA GLN E 419 -34.50 -6.67 43.44
C GLN E 419 -33.08 -7.02 43.87
N VAL E 420 -32.85 -7.03 45.18
CA VAL E 420 -31.60 -7.52 45.75
C VAL E 420 -31.82 -8.98 46.12
N SER E 421 -31.12 -9.87 45.43
CA SER E 421 -31.36 -11.30 45.54
C SER E 421 -32.83 -11.60 45.24
N ARG E 422 -33.61 -11.91 46.28
CA ARG E 422 -35.03 -12.22 46.10
C ARG E 422 -35.95 -11.08 46.51
N GLN E 423 -35.45 -10.04 47.17
CA GLN E 423 -36.29 -9.02 47.78
C GLN E 423 -36.04 -7.66 47.17
N TRP E 424 -37.10 -6.86 47.08
CA TRP E 424 -37.01 -5.51 46.55
C TRP E 424 -36.61 -4.53 47.65
N ARG E 425 -35.65 -3.66 47.32
CA ARG E 425 -35.13 -2.67 48.24
C ARG E 425 -35.05 -1.33 47.54
N MET E 426 -35.27 -0.26 48.29
CA MET E 426 -35.03 1.07 47.72
C MET E 426 -33.55 1.18 47.36
N LYS E 427 -33.30 1.69 46.16
CA LYS E 427 -31.95 2.07 45.77
C LYS E 427 -31.72 3.57 45.91
N ALA E 428 -32.76 4.37 45.68
CA ALA E 428 -32.62 5.82 45.79
C ALA E 428 -34.00 6.44 45.83
N GLU E 429 -34.01 7.73 46.17
CA GLU E 429 -35.21 8.52 46.32
C GLU E 429 -34.86 9.96 46.02
N VAL E 430 -35.82 10.73 45.55
CA VAL E 430 -35.61 12.14 45.25
C VAL E 430 -36.66 12.96 45.98
N THR E 431 -36.20 14.03 46.62
CA THR E 431 -37.09 14.98 47.24
C THR E 431 -37.84 15.80 46.20
N GLY E 432 -38.97 16.39 46.64
CA GLY E 432 -39.49 17.59 46.03
C GLY E 432 -38.67 18.80 46.44
N THR E 433 -39.04 19.96 45.91
CA THR E 433 -38.33 21.16 46.31
C THR E 433 -39.22 22.18 46.98
N GLN E 434 -40.51 22.21 46.64
CA GLN E 434 -41.41 23.19 47.19
C GLN E 434 -42.64 22.51 47.78
N ILE E 435 -43.08 23.03 48.94
CA ILE E 435 -44.18 22.41 49.67
C ILE E 435 -45.48 22.62 48.89
N GLY E 436 -46.18 21.51 48.63
CA GLY E 436 -47.34 21.54 47.77
C GLY E 436 -47.03 21.47 46.29
N SER E 437 -45.75 21.37 45.91
CA SER E 437 -45.41 21.23 44.51
C SER E 437 -46.00 19.96 43.92
N TYR E 438 -46.04 18.88 44.70
CA TYR E 438 -46.68 17.62 44.35
C TYR E 438 -45.81 16.81 43.40
N PHE E 439 -44.50 17.01 43.51
CA PHE E 439 -43.51 16.20 42.79
C PHE E 439 -43.66 14.74 43.15
N GLY E 440 -43.90 13.91 42.13
CA GLY E 440 -44.23 12.51 42.33
C GLY E 440 -45.52 12.17 41.63
N ALA E 441 -46.22 13.21 41.19
CA ALA E 441 -47.52 13.03 40.54
C ALA E 441 -47.40 12.21 39.26
N SER E 442 -46.41 12.53 38.43
CA SER E 442 -46.23 11.91 37.13
C SER E 442 -44.86 11.25 37.05
N LEU E 443 -44.80 10.12 36.34
CA LEU E 443 -43.56 9.39 36.14
C LEU E 443 -43.47 8.91 34.69
N CYS E 444 -42.34 9.21 34.06
CA CYS E 444 -42.06 8.74 32.71
C CYS E 444 -40.55 8.54 32.61
N SER E 445 -40.13 7.28 32.49
CA SER E 445 -38.72 6.95 32.28
C SER E 445 -38.40 7.05 30.80
N VAL E 446 -37.20 7.55 30.50
CA VAL E 446 -36.83 7.90 29.13
C VAL E 446 -35.54 7.22 28.73
N ASP E 447 -35.59 6.53 27.60
CA ASP E 447 -34.45 5.87 26.96
C ASP E 447 -34.13 6.71 25.71
N VAL E 448 -33.10 7.55 25.81
CA VAL E 448 -32.82 8.58 24.81
C VAL E 448 -32.13 7.97 23.59
N ASP E 449 -30.90 7.48 23.75
CA ASP E 449 -30.34 6.59 22.75
C ASP E 449 -30.96 5.21 22.94
N SER E 450 -31.71 4.75 21.95
CA SER E 450 -32.63 3.64 22.16
C SER E 450 -31.89 2.28 22.23
N ASP E 451 -30.99 2.19 23.20
CA ASP E 451 -30.25 0.95 23.48
C ASP E 451 -31.07 -0.05 24.29
N GLY E 452 -32.34 0.24 24.57
CA GLY E 452 -33.18 -0.60 25.39
C GLY E 452 -33.08 -0.33 26.87
N SER E 453 -32.14 0.51 27.31
CA SER E 453 -31.90 0.79 28.70
C SER E 453 -32.26 2.24 29.01
N THR E 454 -33.02 2.44 30.09
CA THR E 454 -33.45 3.77 30.48
C THR E 454 -32.25 4.62 30.90
N ASP E 455 -32.25 5.88 30.46
CA ASP E 455 -31.20 6.81 30.82
C ASP E 455 -31.61 7.80 31.91
N LEU E 456 -32.88 8.21 31.94
CA LEU E 456 -33.35 9.17 32.93
C LEU E 456 -34.84 8.94 33.18
N VAL E 457 -35.37 9.63 34.19
CA VAL E 457 -36.79 9.59 34.53
C VAL E 457 -37.29 11.02 34.69
N LEU E 458 -38.48 11.30 34.15
CA LEU E 458 -39.13 12.58 34.29
C LEU E 458 -40.20 12.48 35.38
N ILE E 459 -40.23 13.48 36.26
CA ILE E 459 -41.10 13.46 37.43
C ILE E 459 -41.88 14.77 37.46
N GLY E 460 -43.19 14.70 37.17
CA GLY E 460 -44.02 15.89 37.10
C GLY E 460 -44.61 16.32 38.44
N ALA E 461 -44.81 17.64 38.57
CA ALA E 461 -45.35 18.30 39.76
C ALA E 461 -46.34 19.38 39.35
N PRO E 462 -47.50 18.97 38.85
CA PRO E 462 -48.41 19.91 38.17
C PRO E 462 -48.77 21.16 38.94
N HIS E 463 -48.88 21.11 40.26
CA HIS E 463 -49.33 22.28 41.02
C HIS E 463 -48.17 23.10 41.56
N TYR E 464 -46.97 22.87 41.05
CA TYR E 464 -45.85 23.77 41.34
C TYR E 464 -46.26 25.19 41.00
N TYR E 465 -46.21 26.06 42.00
CA TYR E 465 -46.65 27.43 41.84
C TYR E 465 -45.52 28.39 42.20
N GLU E 466 -44.86 28.92 41.18
CA GLU E 466 -44.28 30.24 41.26
C GLU E 466 -45.25 31.18 40.55
N GLN E 467 -45.20 32.47 40.94
CA GLN E 467 -46.19 33.45 40.49
C GLN E 467 -46.51 33.33 39.00
N THR E 468 -45.53 32.98 38.17
CA THR E 468 -45.70 33.04 36.73
C THR E 468 -46.24 31.75 36.11
N ARG E 469 -46.05 30.60 36.75
CA ARG E 469 -46.17 29.35 36.03
C ARG E 469 -46.76 28.24 36.90
N GLY E 470 -47.64 27.45 36.30
CA GLY E 470 -48.22 26.29 36.95
C GLY E 470 -47.71 24.98 36.37
N GLY E 471 -46.65 24.45 36.95
CA GLY E 471 -46.11 23.17 36.55
C GLY E 471 -44.61 23.11 36.72
N GLN E 472 -44.12 21.88 36.86
CA GLN E 472 -42.69 21.60 36.84
C GLN E 472 -42.52 20.13 36.48
N VAL E 473 -41.54 19.83 35.64
CA VAL E 473 -41.08 18.46 35.42
C VAL E 473 -39.60 18.40 35.76
N SER E 474 -39.22 17.45 36.59
CA SER E 474 -37.82 17.29 36.95
C SER E 474 -37.17 16.26 36.05
N VAL E 475 -36.06 16.65 35.42
CA VAL E 475 -35.26 15.73 34.62
C VAL E 475 -34.21 15.13 35.55
N CYS E 476 -34.38 13.86 35.89
CA CYS E 476 -33.57 13.20 36.91
C CYS E 476 -32.88 11.98 36.30
N PRO E 477 -31.60 12.06 35.98
CA PRO E 477 -30.93 10.91 35.35
C PRO E 477 -30.73 9.80 36.36
N LEU E 478 -30.72 8.57 35.85
CA LEU E 478 -30.55 7.41 36.72
C LEU E 478 -29.08 7.20 37.00
N PRO E 479 -28.64 7.35 38.25
CA PRO E 479 -27.23 7.62 38.53
C PRO E 479 -26.25 6.51 38.18
N ARG E 480 -25.03 6.94 37.87
CA ARG E 480 -23.90 6.07 37.60
C ARG E 480 -23.36 5.51 38.90
N GLY E 481 -23.32 4.19 38.99
CA GLY E 481 -22.68 3.57 40.13
C GLY E 481 -23.48 3.69 41.38
N TRP E 482 -22.84 4.16 42.44
CA TRP E 482 -23.52 4.37 43.70
C TRP E 482 -23.63 5.84 44.07
N ARG E 483 -23.58 6.71 43.07
CA ARG E 483 -23.97 8.09 43.24
C ARG E 483 -25.47 8.19 43.49
N ARG E 484 -25.87 9.22 44.23
CA ARG E 484 -27.27 9.38 44.61
C ARG E 484 -28.13 9.80 43.42
N TRP E 485 -29.37 9.31 43.40
CA TRP E 485 -30.33 9.77 42.41
C TRP E 485 -30.74 11.19 42.73
N TRP E 486 -30.81 12.02 41.69
CA TRP E 486 -31.04 13.45 41.85
C TRP E 486 -31.70 13.95 40.58
N CYS E 487 -32.31 15.12 40.68
CA CYS E 487 -32.92 15.75 39.52
C CYS E 487 -31.98 16.81 38.98
N ASP E 488 -31.57 16.62 37.73
CA ASP E 488 -30.46 17.33 37.11
C ASP E 488 -30.88 18.64 36.45
N ALA E 489 -32.12 18.70 35.96
CA ALA E 489 -32.61 19.87 35.25
C ALA E 489 -34.12 19.89 35.32
N VAL E 490 -34.69 21.09 35.17
CA VAL E 490 -36.12 21.30 35.30
C VAL E 490 -36.68 21.78 33.98
N LEU E 491 -37.90 21.34 33.67
CA LEU E 491 -38.65 21.82 32.52
C LEU E 491 -39.84 22.63 33.02
N TYR E 492 -40.10 23.74 32.35
CA TYR E 492 -41.34 24.48 32.54
C TYR E 492 -42.03 24.64 31.19
N GLY E 493 -43.27 25.11 31.25
CA GLY E 493 -44.00 25.49 30.06
C GLY E 493 -44.03 26.98 29.86
N GLU E 494 -44.93 27.40 28.98
CA GLU E 494 -45.13 28.81 28.69
C GLU E 494 -45.48 29.58 29.96
N GLN E 495 -44.71 30.61 30.28
CA GLN E 495 -45.10 31.51 31.35
C GLN E 495 -46.35 32.27 30.95
N GLY E 496 -47.19 32.58 31.94
CA GLY E 496 -48.50 33.13 31.70
C GLY E 496 -49.64 32.17 31.97
N HIS E 497 -49.36 31.00 32.55
CA HIS E 497 -50.37 30.04 32.96
C HIS E 497 -50.06 29.63 34.39
N PRO E 498 -50.44 30.47 35.37
CA PRO E 498 -50.12 30.16 36.76
C PRO E 498 -50.63 28.82 37.25
N TRP E 499 -51.63 28.22 36.56
CA TRP E 499 -52.17 26.91 36.95
C TRP E 499 -52.45 26.14 35.65
N GLY E 500 -51.38 25.82 34.93
CA GLY E 500 -51.51 25.05 33.71
C GLY E 500 -51.36 23.56 33.95
N ARG E 501 -50.77 23.20 35.08
CA ARG E 501 -50.48 21.80 35.42
C ARG E 501 -49.54 21.19 34.39
N PHE E 502 -48.43 21.88 34.14
CA PHE E 502 -47.35 21.34 33.32
C PHE E 502 -46.69 20.19 34.07
N GLY E 503 -46.81 18.98 33.51
CA GLY E 503 -46.43 17.77 34.21
C GLY E 503 -47.60 16.88 34.58
N ALA E 504 -48.82 17.26 34.19
CA ALA E 504 -49.98 16.43 34.48
C ALA E 504 -49.95 15.13 33.69
N ALA E 505 -49.31 15.12 32.53
CA ALA E 505 -49.19 13.91 31.73
C ALA E 505 -47.82 13.86 31.08
N LEU E 506 -47.30 12.65 30.96
CA LEU E 506 -46.02 12.40 30.31
C LEU E 506 -46.14 11.14 29.48
N THR E 507 -45.37 11.07 28.39
CA THR E 507 -45.28 9.85 27.60
C THR E 507 -44.05 9.91 26.73
N VAL E 508 -43.56 8.73 26.36
CA VAL E 508 -42.44 8.61 25.44
C VAL E 508 -42.99 8.47 24.03
N LEU E 509 -42.51 9.33 23.13
CA LEU E 509 -42.89 9.32 21.73
C LEU E 509 -41.88 8.61 20.85
N GLY E 510 -40.61 8.63 21.24
CA GLY E 510 -39.56 7.97 20.48
C GLY E 510 -38.74 8.97 19.69
N ASP E 511 -38.05 8.44 18.69
CA ASP E 511 -37.37 9.27 17.71
C ASP E 511 -38.35 9.56 16.59
N VAL E 512 -38.78 10.82 16.48
CA VAL E 512 -39.75 11.23 15.48
C VAL E 512 -39.20 12.26 14.51
N ASN E 513 -37.92 12.62 14.66
CA ASN E 513 -37.27 13.49 13.70
C ASN E 513 -36.06 12.86 13.04
N GLY E 514 -35.65 11.65 13.45
CA GLY E 514 -34.56 10.95 12.85
C GLY E 514 -33.20 11.16 13.49
N ASP E 515 -33.09 12.07 14.47
CA ASP E 515 -31.77 12.38 15.04
C ASP E 515 -31.22 11.26 15.92
N LYS E 516 -31.85 10.08 15.96
CA LYS E 516 -31.46 8.96 16.82
C LYS E 516 -31.68 9.23 18.30
N LEU E 517 -32.49 10.24 18.63
CA LEU E 517 -32.77 10.61 20.02
C LEU E 517 -34.26 10.53 20.28
N THR E 518 -34.61 10.14 21.51
CA THR E 518 -36.00 9.97 21.91
C THR E 518 -36.64 11.33 22.17
N ASP E 519 -37.94 11.42 21.90
CA ASP E 519 -38.72 12.62 22.09
C ASP E 519 -39.90 12.34 23.01
N VAL E 520 -40.24 13.32 23.84
CA VAL E 520 -41.23 13.14 24.90
C VAL E 520 -42.28 14.22 24.82
N VAL E 521 -43.49 13.86 25.26
CA VAL E 521 -44.64 14.75 25.26
C VAL E 521 -44.98 15.10 26.70
N ILE E 522 -45.30 16.37 26.96
CA ILE E 522 -45.74 16.82 28.26
C ILE E 522 -47.09 17.49 28.11
N GLY E 523 -48.01 17.19 29.03
CA GLY E 523 -49.34 17.75 29.01
C GLY E 523 -49.46 18.91 29.98
N ALA E 524 -50.34 19.85 29.67
CA ALA E 524 -50.65 20.97 30.56
C ALA E 524 -52.12 21.31 30.38
N PRO E 525 -53.02 20.49 30.94
CA PRO E 525 -54.45 20.63 30.68
C PRO E 525 -55.12 21.75 31.45
N GLY E 526 -54.38 22.46 32.29
CA GLY E 526 -54.90 23.65 32.92
C GLY E 526 -54.59 24.94 32.20
N GLU E 527 -53.75 24.88 31.18
CA GLU E 527 -53.37 26.07 30.44
C GLU E 527 -54.54 26.61 29.64
N GLU E 528 -54.52 27.93 29.42
CA GLU E 528 -55.61 28.64 28.74
C GLU E 528 -56.93 28.49 29.50
N GLU E 529 -56.89 28.75 30.81
CA GLU E 529 -58.09 28.66 31.65
C GLU E 529 -58.71 27.27 31.53
N ASN E 530 -57.89 26.24 31.76
CA ASN E 530 -58.26 24.83 31.74
C ASN E 530 -58.65 24.32 30.36
N ARG E 531 -58.41 25.10 29.29
CA ARG E 531 -58.64 24.58 27.94
C ARG E 531 -57.63 23.49 27.60
N GLY E 532 -56.37 23.70 27.95
CA GLY E 532 -55.38 22.64 27.85
C GLY E 532 -54.34 22.91 26.76
N ALA E 533 -53.19 22.28 26.93
CA ALA E 533 -52.10 22.36 25.95
C ALA E 533 -51.17 21.18 26.12
N VAL E 534 -50.43 20.90 25.06
CA VAL E 534 -49.49 19.78 25.00
C VAL E 534 -48.15 20.33 24.51
N TYR E 535 -47.06 19.74 25.00
CA TYR E 535 -45.72 20.15 24.65
C TYR E 535 -44.95 19.01 24.01
N LEU E 536 -44.06 19.34 23.09
CA LEU E 536 -43.12 18.38 22.51
C LEU E 536 -41.70 18.80 22.85
N PHE E 537 -40.96 17.89 23.47
CA PHE E 537 -39.58 18.10 23.88
C PHE E 537 -38.70 17.03 23.26
N HIS E 538 -37.42 17.34 23.10
CA HIS E 538 -36.45 16.41 22.54
C HIS E 538 -35.37 16.09 23.57
N GLY E 539 -34.99 14.82 23.64
CA GLY E 539 -33.88 14.42 24.48
C GLY E 539 -32.56 14.78 23.82
N VAL E 540 -31.71 15.48 24.57
CA VAL E 540 -30.37 15.83 24.12
C VAL E 540 -29.49 14.59 24.24
N LEU E 541 -28.32 14.62 23.61
CA LEU E 541 -27.37 13.53 23.80
C LEU E 541 -27.03 13.39 25.28
N GLY E 542 -27.05 12.16 25.77
CA GLY E 542 -26.74 11.87 27.15
C GLY E 542 -27.95 12.06 28.05
N PRO E 543 -27.70 12.12 29.36
CA PRO E 543 -28.79 12.20 30.34
C PRO E 543 -29.34 13.62 30.50
N SER E 544 -30.05 14.11 29.49
CA SER E 544 -30.71 15.40 29.60
C SER E 544 -31.79 15.53 28.52
N ILE E 545 -32.62 16.55 28.71
CA ILE E 545 -33.74 16.87 27.83
C ILE E 545 -33.68 18.38 27.59
N SER E 546 -34.12 18.80 26.41
CA SER E 546 -33.93 20.18 25.94
C SER E 546 -34.81 21.17 26.72
N PRO E 547 -34.22 22.22 27.29
CA PRO E 547 -35.04 23.20 28.02
C PRO E 547 -36.10 23.91 27.18
N SER E 548 -35.76 24.36 25.98
CA SER E 548 -36.83 24.87 25.12
C SER E 548 -37.49 23.70 24.38
N HIS E 549 -38.61 24.00 23.72
CA HIS E 549 -39.41 22.97 23.11
C HIS E 549 -39.54 23.24 21.61
N SER E 550 -39.91 22.19 20.88
CA SER E 550 -40.09 22.29 19.44
C SER E 550 -41.50 22.68 19.04
N GLN E 551 -42.49 22.32 19.85
CA GLN E 551 -43.87 22.50 19.48
C GLN E 551 -44.69 22.62 20.76
N ARG E 552 -45.63 23.56 20.77
CA ARG E 552 -46.63 23.65 21.83
C ARG E 552 -47.98 23.73 21.14
N ILE E 553 -48.64 22.57 21.00
CA ILE E 553 -49.99 22.52 20.45
C ILE E 553 -50.96 22.90 21.56
N ALA E 554 -51.50 24.11 21.49
CA ALA E 554 -52.52 24.50 22.45
C ALA E 554 -53.85 23.84 22.09
N GLY E 555 -54.62 23.46 23.10
CA GLY E 555 -55.94 22.93 22.84
C GLY E 555 -56.84 23.92 22.10
N SER E 556 -56.74 25.19 22.47
CA SER E 556 -57.53 26.22 21.80
C SER E 556 -57.17 26.31 20.32
N GLN E 557 -55.87 26.20 20.00
CA GLN E 557 -55.46 26.17 18.60
C GLN E 557 -56.18 25.07 17.84
N LEU E 558 -56.27 23.88 18.44
CA LEU E 558 -56.98 22.78 17.81
C LEU E 558 -58.49 23.00 17.84
N SER E 559 -59.04 23.42 18.99
CA SER E 559 -60.47 23.70 19.05
C SER E 559 -60.79 24.50 20.31
N SER E 560 -61.70 25.48 20.15
CA SER E 560 -62.14 26.29 21.29
C SER E 560 -63.00 25.48 22.25
N ARG E 561 -63.92 24.67 21.69
CA ARG E 561 -64.80 23.84 22.51
C ARG E 561 -64.03 22.84 23.35
N LEU E 562 -62.72 22.75 23.17
CA LEU E 562 -61.92 21.81 23.94
C LEU E 562 -61.61 22.35 25.31
N GLN E 563 -61.60 21.43 26.28
CA GLN E 563 -61.23 21.70 27.65
C GLN E 563 -60.44 20.50 28.15
N TYR E 564 -59.53 20.74 29.09
CA TYR E 564 -58.72 19.69 29.70
C TYR E 564 -57.91 18.92 28.65
N PHE E 565 -57.46 19.65 27.63
CA PHE E 565 -56.66 19.06 26.57
C PHE E 565 -55.27 18.70 27.10
N GLY E 566 -54.91 17.42 27.00
CA GLY E 566 -53.63 16.98 27.52
C GLY E 566 -53.69 16.57 28.97
N GLN E 567 -54.85 16.11 29.44
CA GLN E 567 -54.95 15.51 30.76
C GLN E 567 -54.32 14.13 30.81
N ALA E 568 -54.21 13.45 29.68
CA ALA E 568 -53.57 12.14 29.58
C ALA E 568 -52.81 12.06 28.26
N LEU E 569 -51.72 11.28 28.28
CA LEU E 569 -50.81 11.19 27.14
C LEU E 569 -50.26 9.78 27.04
N SER E 570 -50.28 9.23 25.84
CA SER E 570 -49.74 7.89 25.57
C SER E 570 -49.30 7.85 24.11
N GLY E 571 -48.02 7.55 23.89
CA GLY E 571 -47.43 7.66 22.58
C GLY E 571 -46.60 6.44 22.22
N GLY E 572 -46.01 6.50 21.03
CA GLY E 572 -45.05 5.51 20.58
C GLY E 572 -45.56 4.47 19.60
N GLN E 573 -46.84 4.49 19.26
CA GLN E 573 -47.45 3.41 18.51
C GLN E 573 -48.01 3.89 17.17
N ASP E 574 -48.10 2.96 16.23
CA ASP E 574 -48.62 3.24 14.89
C ASP E 574 -50.09 2.83 14.85
N LEU E 575 -50.94 3.72 15.37
CA LEU E 575 -52.37 3.44 15.37
C LEU E 575 -52.98 3.58 13.98
N THR E 576 -52.37 4.42 13.13
CA THR E 576 -52.88 4.70 11.80
C THR E 576 -52.28 3.81 10.72
N GLN E 577 -51.34 2.93 11.09
CA GLN E 577 -50.74 1.93 10.19
C GLN E 577 -49.85 2.54 9.12
N ASP E 578 -49.40 3.79 9.27
CA ASP E 578 -48.63 4.45 8.22
C ASP E 578 -47.13 4.41 8.47
N GLY E 579 -46.66 3.54 9.38
CA GLY E 579 -45.25 3.37 9.61
C GLY E 579 -44.63 4.33 10.60
N LEU E 580 -45.30 5.44 10.91
CA LEU E 580 -44.80 6.43 11.85
C LEU E 580 -45.61 6.37 13.15
N VAL E 581 -44.99 6.83 14.23
CA VAL E 581 -45.69 6.80 15.51
C VAL E 581 -46.80 7.85 15.53
N ASP E 582 -47.77 7.61 16.40
CA ASP E 582 -48.90 8.49 16.61
C ASP E 582 -48.98 8.86 18.09
N LEU E 583 -49.66 9.96 18.38
CA LEU E 583 -49.79 10.45 19.76
C LEU E 583 -51.25 10.45 20.18
N ALA E 584 -51.52 9.82 21.32
CA ALA E 584 -52.86 9.77 21.90
C ALA E 584 -52.99 10.86 22.95
N VAL E 585 -53.89 11.81 22.72
CA VAL E 585 -54.11 12.94 23.61
C VAL E 585 -55.53 12.83 24.17
N GLY E 586 -55.65 12.82 25.48
CA GLY E 586 -56.94 12.76 26.15
C GLY E 586 -57.39 14.14 26.63
N ALA E 587 -58.69 14.38 26.58
CA ALA E 587 -59.27 15.67 26.93
C ALA E 587 -60.69 15.47 27.45
N ARG E 588 -61.30 16.58 27.90
CA ARG E 588 -62.61 16.53 28.55
C ARG E 588 -63.70 16.14 27.56
N GLY E 589 -64.03 14.86 27.52
CA GLY E 589 -65.08 14.35 26.67
C GLY E 589 -64.61 13.75 25.36
N GLN E 590 -63.31 13.80 25.07
CA GLN E 590 -62.83 13.25 23.81
C GLN E 590 -61.34 12.96 23.88
N VAL E 591 -60.92 12.07 22.99
CA VAL E 591 -59.52 11.66 22.82
C VAL E 591 -59.10 11.99 21.40
N LEU E 592 -57.88 12.49 21.24
CA LEU E 592 -57.41 13.03 19.97
C LEU E 592 -56.20 12.25 19.47
N LEU E 593 -56.13 12.07 18.16
CA LEU E 593 -55.03 11.35 17.51
C LEU E 593 -54.20 12.33 16.69
N LEU E 594 -53.02 12.67 17.21
CA LEU E 594 -52.04 13.43 16.47
C LEU E 594 -51.06 12.47 15.80
N ARG E 595 -50.65 12.81 14.58
CA ARG E 595 -49.64 12.02 13.88
C ARG E 595 -48.37 12.84 13.74
N THR E 596 -47.24 12.13 13.75
CA THR E 596 -45.98 12.75 13.38
C THR E 596 -45.89 12.78 11.85
N ARG E 597 -45.32 13.86 11.33
CA ARG E 597 -45.17 13.92 9.89
C ARG E 597 -43.72 13.68 9.49
N PRO E 598 -43.47 13.21 8.26
CA PRO E 598 -42.12 12.76 7.91
C PRO E 598 -41.13 13.90 7.80
N VAL E 599 -39.92 13.67 8.30
CA VAL E 599 -38.84 14.65 8.25
C VAL E 599 -37.82 14.15 7.26
N LEU E 600 -37.83 14.74 6.06
CA LEU E 600 -36.83 14.43 5.06
C LEU E 600 -35.59 15.29 5.27
N TRP E 601 -34.42 14.67 5.12
CA TRP E 601 -33.14 15.35 5.20
C TRP E 601 -32.56 15.52 3.80
N VAL E 602 -32.19 16.75 3.46
CA VAL E 602 -31.65 17.08 2.14
C VAL E 602 -30.26 17.64 2.30
N GLY E 603 -29.33 17.15 1.48
CA GLY E 603 -27.98 17.68 1.44
C GLY E 603 -27.68 18.38 0.13
N VAL E 604 -26.63 19.21 0.10
CA VAL E 604 -26.38 20.13 -1.00
C VAL E 604 -24.95 19.97 -1.49
N SER E 605 -24.78 20.13 -2.81
CA SER E 605 -23.48 19.95 -3.45
C SER E 605 -23.35 20.96 -4.58
N MET E 606 -22.40 21.88 -4.46
CA MET E 606 -22.28 23.01 -5.39
C MET E 606 -20.84 23.20 -5.85
N GLN E 607 -20.66 23.50 -7.13
CA GLN E 607 -19.34 23.80 -7.68
C GLN E 607 -19.49 24.54 -9.01
N PHE E 608 -18.35 24.83 -9.63
CA PHE E 608 -18.31 25.72 -10.78
C PHE E 608 -17.42 25.16 -11.87
N ILE E 609 -17.84 25.40 -13.11
CA ILE E 609 -17.08 25.01 -14.30
C ILE E 609 -16.91 26.23 -15.21
N PRO E 610 -15.70 26.82 -15.25
CA PRO E 610 -14.44 26.56 -14.53
C PRO E 610 -14.48 27.00 -13.06
N ALA E 611 -13.47 26.58 -12.29
CA ALA E 611 -13.41 26.96 -10.88
C ALA E 611 -13.23 28.47 -10.70
N GLU E 612 -12.69 29.17 -11.69
CA GLU E 612 -12.60 30.62 -11.59
C GLU E 612 -12.76 31.24 -12.98
N ILE E 613 -12.83 32.56 -12.99
CA ILE E 613 -13.02 33.33 -14.22
C ILE E 613 -11.65 33.52 -14.86
N PRO E 614 -11.43 33.04 -16.08
CA PRO E 614 -10.18 33.36 -16.76
C PRO E 614 -10.15 34.84 -17.07
N ARG E 615 -8.94 35.40 -17.14
CA ARG E 615 -8.84 36.84 -17.41
C ARG E 615 -9.37 37.18 -18.79
N SER E 616 -9.49 36.18 -19.68
CA SER E 616 -10.10 36.38 -20.99
C SER E 616 -11.44 37.08 -20.88
N ALA E 617 -12.24 36.70 -19.87
CA ALA E 617 -13.63 37.13 -19.80
C ALA E 617 -13.76 38.55 -19.27
N PHE E 618 -12.93 38.94 -18.29
CA PHE E 618 -13.07 40.27 -17.74
C PHE E 618 -11.91 41.14 -18.19
N GLU E 619 -11.68 41.18 -19.49
CA GLU E 619 -10.82 42.18 -20.12
C GLU E 619 -11.71 43.21 -20.80
N CYS E 620 -11.74 44.43 -20.25
CA CYS E 620 -12.54 45.52 -20.81
C CYS E 620 -11.78 46.13 -21.98
N ARG E 621 -12.28 45.92 -23.20
CA ARG E 621 -11.75 46.60 -24.37
C ARG E 621 -12.62 46.35 -25.60
N GLU E 622 -13.11 47.44 -26.20
CA GLU E 622 -13.69 47.51 -27.54
C GLU E 622 -14.81 46.52 -27.80
N GLN E 623 -15.81 46.95 -28.57
CA GLN E 623 -17.11 46.28 -28.66
C GLN E 623 -17.80 46.36 -27.30
N VAL E 624 -19.10 46.58 -27.31
CA VAL E 624 -19.87 46.68 -26.08
C VAL E 624 -20.29 45.27 -25.68
N VAL E 625 -19.59 44.71 -24.69
CA VAL E 625 -19.91 43.39 -24.17
C VAL E 625 -19.98 42.39 -25.32
N SER E 626 -18.84 42.20 -26.00
CA SER E 626 -18.79 41.30 -27.14
C SER E 626 -18.94 39.86 -26.69
N GLU E 627 -17.85 39.25 -26.24
CA GLU E 627 -17.88 37.84 -25.82
C GLU E 627 -18.24 37.78 -24.35
N GLN E 628 -19.53 37.92 -24.06
CA GLN E 628 -20.06 37.44 -22.79
C GLN E 628 -19.65 35.99 -22.60
N THR E 629 -19.11 35.68 -21.43
CA THR E 629 -18.44 34.41 -21.25
C THR E 629 -19.33 33.40 -20.54
N LEU E 630 -19.33 32.18 -21.06
CA LEU E 630 -20.10 31.10 -20.48
C LEU E 630 -19.37 30.52 -19.27
N VAL E 631 -20.05 30.48 -18.13
CA VAL E 631 -19.57 29.76 -16.96
C VAL E 631 -20.65 28.75 -16.58
N GLN E 632 -20.23 27.68 -15.93
CA GLN E 632 -21.19 26.63 -15.62
C GLN E 632 -21.20 26.28 -14.14
N SER E 633 -22.41 26.24 -13.59
CA SER E 633 -22.67 25.85 -12.21
C SER E 633 -23.33 24.48 -12.22
N ASN E 634 -22.78 23.57 -11.42
CA ASN E 634 -23.34 22.24 -11.25
C ASN E 634 -23.75 22.08 -9.79
N ILE E 635 -25.04 21.91 -9.56
CA ILE E 635 -25.59 21.72 -8.22
C ILE E 635 -26.17 20.31 -8.15
N CYS E 636 -26.01 19.68 -7.00
CA CYS E 636 -26.64 18.40 -6.72
C CYS E 636 -27.47 18.51 -5.45
N LEU E 637 -28.74 18.16 -5.55
CA LEU E 637 -29.62 18.05 -4.39
C LEU E 637 -30.05 16.60 -4.25
N TYR E 638 -29.91 16.06 -3.05
CA TYR E 638 -30.21 14.66 -2.80
C TYR E 638 -30.82 14.51 -1.43
N ILE E 639 -31.95 13.80 -1.35
CA ILE E 639 -32.51 13.37 -0.08
C ILE E 639 -31.69 12.17 0.37
N ASP E 640 -30.73 12.39 1.25
CA ASP E 640 -29.80 11.35 1.64
C ASP E 640 -30.21 10.72 2.97
N LYS E 641 -30.04 9.40 3.05
CA LYS E 641 -29.53 8.77 4.25
C LYS E 641 -30.37 8.97 5.51
N ARG E 642 -29.87 9.80 6.42
CA ARG E 642 -30.47 9.92 7.75
C ARG E 642 -31.95 10.27 7.61
N SER E 643 -32.75 9.62 8.45
CA SER E 643 -34.19 9.42 8.36
C SER E 643 -34.39 7.91 8.29
N LYS E 644 -33.66 7.19 9.14
CA LYS E 644 -33.88 5.77 9.33
C LYS E 644 -35.35 5.45 9.60
N ASN E 645 -36.15 6.47 9.94
CA ASN E 645 -37.58 6.30 10.15
C ASN E 645 -38.31 5.75 8.93
N LEU E 646 -37.72 5.87 7.74
CA LEU E 646 -38.43 5.51 6.52
C LEU E 646 -37.57 4.63 5.62
N LEU E 647 -38.24 3.96 4.69
CA LEU E 647 -37.62 3.14 3.67
C LEU E 647 -38.53 3.15 2.43
N GLY E 648 -37.93 2.95 1.27
CA GLY E 648 -38.68 2.82 0.04
C GLY E 648 -39.51 4.06 -0.28
N SER E 649 -40.73 3.83 -0.75
CA SER E 649 -41.64 4.91 -1.09
C SER E 649 -41.73 5.95 0.02
N ARG E 650 -41.91 7.22 -0.38
CA ARG E 650 -42.28 8.35 0.45
C ARG E 650 -41.07 8.99 1.17
N ASP E 651 -39.90 8.35 1.17
CA ASP E 651 -38.65 9.12 1.24
C ASP E 651 -38.07 9.36 -0.13
N LEU E 652 -38.38 8.46 -1.07
CA LEU E 652 -38.27 8.68 -2.50
C LEU E 652 -38.90 9.99 -2.92
N GLN E 653 -40.06 9.85 -3.56
CA GLN E 653 -40.71 10.94 -4.27
C GLN E 653 -40.89 12.16 -3.40
N SER E 654 -40.31 13.26 -3.84
CA SER E 654 -40.59 14.58 -3.30
C SER E 654 -40.04 15.59 -4.29
N SER E 655 -40.91 16.28 -5.02
CA SER E 655 -40.43 17.39 -5.81
C SER E 655 -40.05 18.54 -4.88
N VAL E 656 -39.47 19.60 -5.45
CA VAL E 656 -38.95 20.70 -4.67
C VAL E 656 -38.86 21.91 -5.59
N THR E 657 -39.04 23.09 -5.01
CA THR E 657 -38.85 24.34 -5.72
C THR E 657 -37.45 24.87 -5.43
N LEU E 658 -36.70 25.17 -6.49
CA LEU E 658 -35.37 25.76 -6.40
C LEU E 658 -35.44 27.25 -6.69
N ASP E 659 -34.71 28.04 -5.91
CA ASP E 659 -34.41 29.42 -6.27
C ASP E 659 -32.91 29.61 -6.21
N LEU E 660 -32.34 30.07 -7.32
CA LEU E 660 -30.93 30.40 -7.42
C LEU E 660 -30.79 31.91 -7.45
N ALA E 661 -29.68 32.41 -6.90
CA ALA E 661 -29.52 33.85 -6.75
C ALA E 661 -28.05 34.19 -6.90
N LEU E 662 -27.70 34.86 -7.99
CA LEU E 662 -26.35 35.33 -8.23
C LEU E 662 -26.14 36.69 -7.56
N ASP E 663 -24.94 36.88 -6.98
CA ASP E 663 -24.54 38.02 -6.16
C ASP E 663 -25.75 38.54 -5.38
N PRO E 664 -26.25 37.77 -4.43
CA PRO E 664 -27.46 38.14 -3.71
C PRO E 664 -27.19 39.24 -2.68
N GLY E 665 -28.22 40.03 -2.45
CA GLY E 665 -28.06 41.14 -1.52
C GLY E 665 -27.02 42.15 -1.94
N ARG E 666 -26.81 42.29 -3.25
CA ARG E 666 -25.88 43.26 -3.79
C ARG E 666 -26.60 44.17 -4.78
N LEU E 667 -26.18 45.43 -4.83
CA LEU E 667 -26.85 46.39 -5.71
C LEU E 667 -26.58 46.07 -7.18
N SER E 668 -25.39 45.54 -7.49
CA SER E 668 -25.00 45.27 -8.87
C SER E 668 -24.82 43.77 -9.10
N PRO E 669 -25.77 43.10 -9.75
CA PRO E 669 -25.59 41.68 -10.05
C PRO E 669 -24.55 41.42 -11.12
N ARG E 670 -23.38 40.91 -10.72
CA ARG E 670 -22.26 40.74 -11.64
C ARG E 670 -22.36 39.42 -12.40
N ALA E 671 -23.56 39.11 -12.90
CA ALA E 671 -23.85 37.97 -13.79
C ALA E 671 -25.35 37.76 -13.87
N THR E 672 -25.80 37.07 -14.90
CA THR E 672 -27.18 36.62 -14.99
C THR E 672 -27.17 35.18 -15.51
N PHE E 673 -28.33 34.54 -15.45
CA PHE E 673 -28.46 33.22 -16.02
C PHE E 673 -28.87 33.32 -17.48
N GLN E 674 -28.14 32.61 -18.34
CA GLN E 674 -28.54 32.54 -19.75
C GLN E 674 -30.01 32.16 -19.90
N GLU E 675 -30.48 31.26 -19.03
CA GLU E 675 -31.84 30.74 -19.16
C GLU E 675 -32.87 31.84 -18.96
N THR E 676 -32.72 32.63 -17.90
CA THR E 676 -33.67 33.67 -17.57
C THR E 676 -33.27 35.04 -18.06
N LYS E 677 -31.98 35.25 -18.39
CA LYS E 677 -31.44 36.59 -18.60
C LYS E 677 -31.68 37.47 -17.38
N ASN E 678 -31.48 36.88 -16.21
CA ASN E 678 -31.86 37.52 -14.98
C ASN E 678 -30.88 37.09 -13.90
N ARG E 679 -30.83 37.85 -12.80
CA ARG E 679 -29.90 37.54 -11.73
C ARG E 679 -30.28 36.30 -10.95
N SER E 680 -31.52 35.83 -11.07
CA SER E 680 -32.00 34.69 -10.32
C SER E 680 -32.66 33.70 -11.27
N LEU E 681 -32.85 32.47 -10.78
CA LEU E 681 -33.42 31.38 -11.55
C LEU E 681 -34.20 30.49 -10.60
N SER E 682 -35.24 29.84 -11.13
CA SER E 682 -36.07 28.98 -10.29
C SER E 682 -36.60 27.80 -11.08
N ARG E 683 -36.52 26.61 -10.48
CA ARG E 683 -36.88 25.37 -11.16
C ARG E 683 -37.47 24.39 -10.15
N VAL E 684 -38.35 23.52 -10.64
CA VAL E 684 -38.97 22.47 -9.84
C VAL E 684 -38.54 21.13 -10.39
N ARG E 685 -37.76 20.38 -9.61
CA ARG E 685 -37.17 19.12 -10.03
C ARG E 685 -37.44 18.05 -8.97
N VAL E 686 -37.50 16.79 -9.43
CA VAL E 686 -37.85 15.67 -8.57
C VAL E 686 -36.63 15.24 -7.77
N LEU E 687 -36.75 15.29 -6.45
CA LEU E 687 -35.70 14.77 -5.58
C LEU E 687 -35.89 13.28 -5.36
N GLY E 688 -34.98 12.69 -4.61
CA GLY E 688 -35.03 11.26 -4.35
C GLY E 688 -33.82 10.83 -3.57
N LEU E 689 -33.76 9.52 -3.32
CA LEU E 689 -32.67 8.99 -2.50
C LEU E 689 -31.33 9.26 -3.15
N LYS E 690 -31.24 9.04 -4.46
CA LYS E 690 -30.06 9.35 -5.25
C LYS E 690 -30.22 10.71 -5.94
N ALA E 691 -29.11 11.42 -6.02
CA ALA E 691 -29.08 12.85 -6.30
C ALA E 691 -29.58 13.19 -7.70
N HIS E 692 -30.10 14.41 -7.80
CA HIS E 692 -30.42 15.08 -9.05
C HIS E 692 -29.48 16.27 -9.18
N CYS E 693 -28.73 16.32 -10.29
CA CYS E 693 -27.65 17.28 -10.48
C CYS E 693 -27.90 18.05 -11.78
N GLU E 694 -27.63 19.36 -11.76
CA GLU E 694 -27.99 20.19 -12.91
C GLU E 694 -26.93 21.24 -13.21
N ASN E 695 -26.72 21.46 -14.51
CA ASN E 695 -25.79 22.46 -15.03
C ASN E 695 -26.56 23.70 -15.46
N PHE E 696 -26.18 24.85 -14.93
CA PHE E 696 -26.83 26.12 -15.24
C PHE E 696 -25.81 27.04 -15.92
N ASN E 697 -26.27 27.74 -16.96
CA ASN E 697 -25.38 28.59 -17.75
C ASN E 697 -25.38 30.01 -17.19
N LEU E 698 -24.21 30.50 -16.84
CA LEU E 698 -24.04 31.86 -16.35
C LEU E 698 -23.43 32.72 -17.45
N LEU E 699 -24.08 33.84 -17.75
CA LEU E 699 -23.58 34.75 -18.79
C LEU E 699 -22.97 35.97 -18.09
N LEU E 700 -21.64 36.04 -18.14
CA LEU E 700 -20.89 37.07 -17.41
C LEU E 700 -20.45 38.15 -18.38
N PRO E 701 -20.95 39.37 -18.22
CA PRO E 701 -20.57 40.46 -19.15
C PRO E 701 -19.07 40.73 -19.14
N SER E 702 -18.58 41.19 -20.29
CA SER E 702 -17.15 41.30 -20.55
C SER E 702 -16.47 42.38 -19.71
N CYS E 703 -17.19 43.44 -19.36
CA CYS E 703 -16.62 44.59 -18.65
C CYS E 703 -17.21 44.63 -17.24
N VAL E 704 -16.35 44.50 -16.22
CA VAL E 704 -16.78 44.27 -14.85
C VAL E 704 -15.93 45.14 -13.92
N GLU E 705 -16.59 45.81 -12.97
CA GLU E 705 -15.88 46.68 -12.03
C GLU E 705 -15.20 45.89 -10.92
N ASP E 706 -15.99 45.27 -10.04
CA ASP E 706 -15.42 44.51 -8.93
C ASP E 706 -14.89 43.20 -9.49
N SER E 707 -13.59 43.17 -9.77
CA SER E 707 -12.89 41.96 -10.18
C SER E 707 -12.34 41.19 -8.99
N VAL E 708 -12.73 41.55 -7.78
CA VAL E 708 -12.12 41.01 -6.56
C VAL E 708 -13.07 40.12 -5.79
N THR E 709 -14.22 40.66 -5.38
CA THR E 709 -15.21 39.88 -4.64
C THR E 709 -15.67 38.71 -5.49
N PRO E 710 -15.35 37.47 -5.11
CA PRO E 710 -15.81 36.34 -5.90
C PRO E 710 -17.34 36.37 -6.02
N ILE E 711 -17.82 35.93 -7.16
CA ILE E 711 -19.26 35.92 -7.41
C ILE E 711 -19.90 34.82 -6.59
N THR E 712 -21.07 35.10 -6.03
CA THR E 712 -21.74 34.21 -5.10
C THR E 712 -23.06 33.75 -5.69
N LEU E 713 -23.29 32.43 -5.67
CA LEU E 713 -24.53 31.83 -6.14
C LEU E 713 -25.24 31.16 -4.98
N ARG E 714 -26.43 31.67 -4.64
CA ARG E 714 -27.16 31.26 -3.45
C ARG E 714 -28.33 30.35 -3.78
N LEU E 715 -28.65 29.45 -2.86
CA LEU E 715 -29.69 28.45 -3.03
C LEU E 715 -30.67 28.49 -1.87
N ASN E 716 -31.95 28.71 -2.17
CA ASN E 716 -32.97 28.25 -1.24
C ASN E 716 -33.98 27.37 -1.96
N PHE E 717 -34.69 26.61 -1.16
CA PHE E 717 -35.55 25.58 -1.69
C PHE E 717 -36.59 25.25 -0.64
N THR E 718 -37.78 24.93 -1.12
CA THR E 718 -38.91 24.62 -0.26
C THR E 718 -39.49 23.31 -0.73
N LEU E 719 -39.93 22.47 0.20
CA LEU E 719 -40.27 21.09 -0.14
C LEU E 719 -41.72 21.03 -0.61
N VAL E 720 -41.91 21.05 -1.92
CA VAL E 720 -43.24 20.97 -2.53
C VAL E 720 -43.49 19.50 -2.84
N GLY E 721 -43.70 18.72 -1.79
CA GLY E 721 -44.14 17.35 -1.97
C GLY E 721 -45.56 17.18 -1.52
N LYS E 722 -46.48 17.97 -2.10
CA LYS E 722 -47.89 17.87 -1.71
C LYS E 722 -48.46 16.50 -2.06
N PRO E 723 -48.41 16.02 -3.30
CA PRO E 723 -48.89 14.67 -3.58
C PRO E 723 -47.86 13.60 -3.22
N LEU E 724 -48.37 12.53 -2.61
CA LEU E 724 -47.71 11.25 -2.51
C LEU E 724 -48.75 10.18 -2.77
N LEU E 725 -48.32 9.07 -3.36
CA LEU E 725 -49.31 8.09 -3.80
C LEU E 725 -49.78 7.20 -2.65
N ALA E 726 -48.87 6.48 -2.01
CA ALA E 726 -49.25 5.43 -1.07
C ALA E 726 -49.56 6.00 0.31
N PHE E 727 -50.40 5.27 1.05
CA PHE E 727 -50.68 5.49 2.47
C PHE E 727 -51.58 6.70 2.78
N ARG E 728 -51.84 7.54 1.78
CA ARG E 728 -52.66 8.74 1.98
C ARG E 728 -52.05 9.67 3.03
N ASN E 729 -50.79 9.52 3.36
CA ASN E 729 -50.33 10.08 4.61
C ASN E 729 -49.73 11.47 4.43
N LEU E 730 -49.04 11.92 5.46
CA LEU E 730 -48.89 13.34 5.74
C LEU E 730 -47.81 14.03 4.92
N ARG E 731 -48.14 15.24 4.50
CA ARG E 731 -47.22 16.33 4.23
C ARG E 731 -45.84 16.08 4.83
N PRO E 732 -44.84 15.74 4.02
CA PRO E 732 -43.46 15.69 4.52
C PRO E 732 -42.94 17.10 4.74
N MET E 733 -42.00 17.22 5.67
CA MET E 733 -41.49 18.54 6.00
C MET E 733 -39.99 18.48 6.24
N LEU E 734 -39.35 19.61 5.97
CA LEU E 734 -37.91 19.74 6.16
C LEU E 734 -37.58 19.84 7.63
N ALA E 735 -36.49 19.18 8.02
CA ALA E 735 -35.98 19.34 9.38
C ALA E 735 -35.79 20.81 9.69
N ALA E 736 -36.51 21.29 10.70
CA ALA E 736 -36.57 22.72 10.97
C ALA E 736 -35.31 23.27 11.61
N ASP E 737 -34.31 22.43 11.87
CA ASP E 737 -33.01 22.89 12.36
C ASP E 737 -31.95 22.89 11.29
N ALA E 738 -32.29 22.47 10.07
CA ALA E 738 -31.33 22.44 8.98
C ALA E 738 -31.14 23.83 8.39
N GLN E 739 -29.96 24.04 7.82
CA GLN E 739 -29.74 25.20 6.98
C GLN E 739 -30.56 25.08 5.71
N ARG E 740 -31.04 26.22 5.21
CA ARG E 740 -31.79 26.23 3.96
C ARG E 740 -31.28 27.26 2.97
N TYR E 741 -30.18 27.95 3.27
CA TYR E 741 -29.58 28.95 2.38
C TYR E 741 -28.16 28.51 2.08
N PHE E 742 -27.89 28.18 0.82
CA PHE E 742 -26.63 27.56 0.44
C PHE E 742 -25.98 28.36 -0.67
N THR E 743 -24.73 28.76 -0.46
CA THR E 743 -24.01 29.60 -1.39
C THR E 743 -22.74 28.92 -1.87
N ALA E 744 -22.36 29.23 -3.11
CA ALA E 744 -21.06 28.91 -3.66
C ALA E 744 -20.38 30.22 -4.05
N SER E 745 -19.06 30.17 -4.13
CA SER E 745 -18.27 31.33 -4.52
C SER E 745 -17.48 31.01 -5.79
N LEU E 746 -17.35 32.01 -6.64
CA LEU E 746 -16.64 31.89 -7.92
C LEU E 746 -15.54 32.95 -7.97
N PRO E 747 -14.29 32.57 -7.79
CA PRO E 747 -13.21 33.56 -7.78
C PRO E 747 -12.98 34.16 -9.16
N PHE E 748 -12.39 35.35 -9.16
CA PHE E 748 -11.89 36.00 -10.35
C PHE E 748 -10.40 35.72 -10.47
N GLU E 749 -9.94 35.45 -11.69
CA GLU E 749 -8.50 35.20 -11.86
C GLU E 749 -7.72 36.43 -11.43
N LYS E 750 -6.63 36.19 -10.71
CA LYS E 750 -5.92 37.26 -10.03
C LYS E 750 -4.66 37.65 -10.79
N ASN E 751 -4.18 38.86 -10.46
CA ASN E 751 -3.41 39.70 -11.38
C ASN E 751 -2.12 40.14 -10.67
N CYS E 752 -1.01 39.49 -10.98
CA CYS E 752 0.26 39.84 -10.35
C CYS E 752 1.09 40.80 -11.18
N GLY E 753 0.65 41.12 -12.39
CA GLY E 753 1.38 42.04 -13.25
C GLY E 753 0.98 41.83 -14.69
N ALA E 754 1.41 42.77 -15.52
CA ALA E 754 1.17 42.65 -16.95
C ALA E 754 2.15 41.70 -17.62
N ASP E 755 3.33 41.51 -17.02
CA ASP E 755 4.39 40.67 -17.55
C ASP E 755 4.88 39.69 -16.48
N HIS E 756 4.02 39.38 -15.51
CA HIS E 756 4.34 38.47 -14.40
C HIS E 756 3.33 37.34 -14.35
N ILE E 757 3.76 36.21 -13.80
CA ILE E 757 3.09 34.93 -14.01
C ILE E 757 2.04 34.66 -12.94
N CYS E 758 2.32 35.12 -11.70
CA CYS E 758 1.47 35.02 -10.51
C CYS E 758 1.83 33.84 -9.61
N GLN E 759 2.61 34.12 -8.56
CA GLN E 759 3.06 33.10 -7.62
C GLN E 759 2.53 33.39 -6.20
N ASP E 760 1.48 32.65 -5.79
CA ASP E 760 1.05 32.66 -4.40
CA ASP E 760 1.02 32.64 -4.40
CA ASP E 760 1.05 32.66 -4.40
C ASP E 760 1.57 31.37 -3.76
N ASN E 761 2.59 31.50 -2.93
CA ASN E 761 3.17 30.33 -2.28
C ASN E 761 2.94 30.43 -0.78
N LEU E 762 2.05 29.59 -0.27
CA LEU E 762 1.61 29.63 1.10
C LEU E 762 2.08 28.39 1.85
N GLY E 763 2.48 28.57 3.11
CA GLY E 763 2.75 27.46 4.00
C GLY E 763 2.09 27.70 5.34
N ILE E 764 1.89 26.60 6.08
CA ILE E 764 1.15 26.64 7.33
C ILE E 764 1.77 25.66 8.32
N SER E 765 1.65 25.97 9.62
CA SER E 765 2.17 25.12 10.68
C SER E 765 1.66 25.60 12.04
N PHE E 766 0.99 24.71 12.78
CA PHE E 766 0.41 25.00 14.09
C PHE E 766 1.14 24.25 15.19
N SER E 767 0.79 24.61 16.42
CA SER E 767 1.26 23.91 17.61
C SER E 767 0.13 23.87 18.62
N PHE E 768 0.34 23.09 19.69
CA PHE E 768 -0.55 23.05 20.85
C PHE E 768 0.26 23.57 22.03
N PRO E 769 0.24 24.89 22.26
CA PRO E 769 1.29 25.55 23.07
C PRO E 769 1.73 24.83 24.34
N GLY E 770 0.79 24.51 25.23
CA GLY E 770 1.19 23.95 26.50
C GLY E 770 0.64 22.56 26.81
N LEU E 771 -0.12 22.00 25.88
CA LEU E 771 -0.90 20.79 26.17
C LEU E 771 0.03 19.59 26.32
N LYS E 772 0.29 19.21 27.56
CA LYS E 772 0.92 17.94 27.89
C LYS E 772 -0.05 16.81 27.55
N SER E 773 0.10 15.64 28.15
CA SER E 773 -0.71 14.51 27.72
C SER E 773 -2.20 14.83 27.86
N LEU E 774 -2.96 14.51 26.81
CA LEU E 774 -4.36 14.88 26.68
C LEU E 774 -5.24 13.73 27.12
N LEU E 775 -6.17 14.01 28.03
CA LEU E 775 -7.00 13.03 28.69
C LEU E 775 -8.44 13.21 28.23
N VAL E 776 -8.99 12.19 27.57
CA VAL E 776 -10.35 12.26 27.07
C VAL E 776 -11.30 12.34 28.26
N GLY E 777 -12.06 13.44 28.35
CA GLY E 777 -12.93 13.71 29.45
C GLY E 777 -12.38 14.72 30.44
N SER E 778 -11.06 14.85 30.49
CA SER E 778 -10.45 15.89 31.32
C SER E 778 -10.24 17.17 30.54
N ASN E 779 -9.72 17.07 29.33
CA ASN E 779 -9.55 18.22 28.44
C ASN E 779 -10.76 18.32 27.52
N LEU E 780 -11.50 19.42 27.64
CA LEU E 780 -12.62 19.71 26.76
C LEU E 780 -12.30 20.75 25.71
N GLU E 781 -11.45 21.71 26.04
CA GLU E 781 -10.87 22.59 25.04
C GLU E 781 -9.66 21.94 24.41
N LEU E 782 -9.43 22.27 23.14
CA LEU E 782 -8.17 21.99 22.47
C LEU E 782 -7.78 23.28 21.77
N ASN E 783 -6.63 23.82 22.14
CA ASN E 783 -6.24 25.15 21.68
C ASN E 783 -5.03 25.06 20.75
N ALA E 784 -5.28 25.30 19.47
CA ALA E 784 -4.28 25.25 18.41
C ALA E 784 -3.79 26.66 18.11
N GLU E 785 -2.47 26.85 18.14
CA GLU E 785 -1.84 28.10 17.75
C GLU E 785 -1.27 27.90 16.35
N VAL E 786 -1.96 28.44 15.36
CA VAL E 786 -1.60 28.25 13.96
C VAL E 786 -0.80 29.45 13.48
N MET E 787 0.37 29.19 12.89
CA MET E 787 1.04 30.20 12.09
C MET E 787 0.88 29.85 10.62
N VAL E 788 0.64 30.87 9.81
CA VAL E 788 0.50 30.74 8.36
C VAL E 788 1.32 31.86 7.73
N TRP E 789 1.87 31.60 6.55
CA TRP E 789 2.80 32.56 5.97
C TRP E 789 2.70 32.54 4.46
N ASN E 790 3.05 33.68 3.86
CA ASN E 790 3.08 33.85 2.42
C ASN E 790 4.52 34.00 1.96
N ASP E 791 5.00 33.07 1.13
CA ASP E 791 6.32 33.16 0.54
C ASP E 791 6.23 33.35 -0.97
N GLY E 792 5.05 33.73 -1.46
CA GLY E 792 4.80 34.12 -2.83
C GLY E 792 4.20 35.52 -2.86
N GLU E 793 3.45 35.78 -3.93
CA GLU E 793 2.73 37.04 -4.07
C GLU E 793 1.37 36.90 -3.38
N ASP E 794 0.46 37.83 -3.65
CA ASP E 794 -0.64 38.10 -2.73
C ASP E 794 -1.73 37.04 -2.79
N SER E 795 -2.19 36.65 -1.60
CA SER E 795 -3.25 35.66 -1.42
C SER E 795 -4.57 36.35 -1.04
N TYR E 796 -5.64 35.99 -1.74
CA TYR E 796 -6.98 36.47 -1.44
C TYR E 796 -7.84 35.30 -0.98
N GLY E 797 -8.86 35.61 -0.17
CA GLY E 797 -9.73 34.55 0.34
C GLY E 797 -8.97 33.42 1.00
N THR E 798 -7.90 33.75 1.71
CA THR E 798 -7.02 32.75 2.31
C THR E 798 -7.78 31.74 3.14
N THR E 799 -7.91 30.51 2.63
CA THR E 799 -8.76 29.50 3.24
C THR E 799 -7.90 28.45 3.92
N ILE E 800 -8.12 28.27 5.22
CA ILE E 800 -7.46 27.23 6.01
C ILE E 800 -8.48 26.13 6.29
N THR E 801 -8.05 24.89 6.15
CA THR E 801 -8.93 23.74 6.36
C THR E 801 -8.20 22.68 7.18
N PHE E 802 -8.85 22.23 8.24
CA PHE E 802 -8.33 21.18 9.12
C PHE E 802 -9.02 19.85 8.82
N SER E 803 -8.28 18.77 9.04
CA SER E 803 -8.87 17.45 9.17
C SER E 803 -8.66 16.97 10.60
N HIS E 804 -9.74 16.48 11.21
CA HIS E 804 -9.81 16.07 12.60
C HIS E 804 -10.91 15.03 12.66
N PRO E 805 -10.81 14.04 13.54
CA PRO E 805 -11.87 13.04 13.62
C PRO E 805 -13.11 13.61 14.28
N ALA E 806 -14.23 12.94 14.04
CA ALA E 806 -15.57 13.41 14.43
C ALA E 806 -15.63 13.92 15.86
N GLY E 807 -14.89 13.28 16.76
CA GLY E 807 -14.94 13.63 18.17
C GLY E 807 -14.60 15.06 18.51
N LEU E 808 -14.22 15.87 17.51
CA LEU E 808 -13.85 17.26 17.71
C LEU E 808 -14.66 18.13 16.77
N SER E 809 -14.87 19.38 17.17
CA SER E 809 -15.54 20.37 16.32
C SER E 809 -15.09 21.77 16.74
N TYR E 810 -15.28 22.72 15.83
CA TYR E 810 -14.74 24.06 15.99
C TYR E 810 -15.56 24.88 16.99
N ARG E 811 -14.87 25.57 17.89
CA ARG E 811 -15.49 26.45 18.89
CA ARG E 811 -15.51 26.46 18.86
C ARG E 811 -14.95 27.86 18.66
N TYR E 812 -15.82 28.77 18.23
CA TYR E 812 -15.39 30.15 18.02
C TYR E 812 -15.02 30.81 19.33
N VAL E 813 -14.01 31.68 19.30
CA VAL E 813 -13.51 32.38 20.47
C VAL E 813 -13.31 33.84 20.11
N ALA E 814 -13.68 34.73 21.03
CA ALA E 814 -13.51 36.17 20.86
C ALA E 814 -12.45 36.69 21.82
N GLU E 815 -11.57 37.55 21.30
CA GLU E 815 -10.56 38.22 22.10
C GLU E 815 -11.03 39.63 22.42
N GLY E 816 -11.06 39.96 23.71
CA GLY E 816 -11.68 41.19 24.17
C GLY E 816 -10.74 42.38 24.34
N GLN E 817 -10.61 42.85 25.58
CA GLN E 817 -9.77 44.01 25.86
C GLN E 817 -8.35 43.75 25.40
N LYS E 818 -7.84 44.65 24.54
CA LYS E 818 -6.50 44.67 23.96
C LYS E 818 -5.52 43.69 24.60
N GLN E 819 -5.31 42.53 23.99
CA GLN E 819 -4.52 41.48 24.61
C GLN E 819 -3.95 40.55 23.56
N GLY E 820 -2.66 40.23 23.71
CA GLY E 820 -2.00 39.26 22.87
C GLY E 820 -1.40 39.86 21.62
N GLN E 821 -0.54 39.06 20.98
CA GLN E 821 -0.12 39.28 19.61
C GLN E 821 -0.92 38.41 18.64
N LEU E 822 -2.15 38.10 19.01
CA LEU E 822 -2.98 37.08 18.39
C LEU E 822 -4.07 37.70 17.53
N ARG E 823 -5.02 36.86 17.14
CA ARG E 823 -6.03 37.25 16.16
C ARG E 823 -6.93 38.36 16.69
N SER E 824 -7.09 39.38 15.88
CA SER E 824 -8.23 40.30 15.94
C SER E 824 -8.97 40.19 14.61
N LEU E 825 -9.23 38.96 14.20
CA LEU E 825 -9.52 38.62 12.81
C LEU E 825 -10.92 38.03 12.70
N HIS E 826 -11.81 38.74 12.04
CA HIS E 826 -13.08 38.18 11.61
C HIS E 826 -12.81 37.08 10.59
N LEU E 827 -13.44 35.93 10.78
CA LEU E 827 -13.27 34.82 9.85
C LEU E 827 -14.45 33.88 9.96
N THR E 828 -14.77 33.23 8.85
CA THR E 828 -15.89 32.32 8.74
C THR E 828 -15.35 30.89 8.69
N CYS E 829 -15.67 30.11 9.71
CA CYS E 829 -15.45 28.68 9.69
C CYS E 829 -16.80 27.97 9.64
N ASP E 830 -16.78 26.76 9.13
CA ASP E 830 -17.95 25.88 9.20
C ASP E 830 -17.50 24.45 8.97
N SER E 831 -17.77 23.57 9.92
CA SER E 831 -17.39 22.17 9.85
C SER E 831 -18.43 21.37 9.10
N ALA E 832 -18.04 20.16 8.71
CA ALA E 832 -18.94 19.26 8.01
C ALA E 832 -18.34 17.86 8.03
N PRO E 833 -19.16 16.81 8.16
CA PRO E 833 -18.63 15.45 8.04
C PRO E 833 -18.21 15.15 6.61
N VAL E 834 -17.12 14.40 6.48
CA VAL E 834 -16.48 14.24 5.18
C VAL E 834 -16.28 12.77 4.81
N GLY E 835 -15.52 12.06 5.63
CA GLY E 835 -14.98 10.78 5.23
C GLY E 835 -16.04 9.71 5.06
N SER E 836 -15.62 8.58 4.49
CA SER E 836 -16.44 7.38 4.48
C SER E 836 -16.89 7.03 5.90
N GLN E 837 -15.94 6.87 6.82
CA GLN E 837 -16.24 6.53 8.20
C GLN E 837 -16.28 7.75 9.11
N GLY E 838 -15.15 8.11 9.72
CA GLY E 838 -15.25 9.03 10.84
C GLY E 838 -14.33 10.24 10.92
N THR E 839 -14.09 10.92 9.81
CA THR E 839 -13.32 12.17 9.86
C THR E 839 -14.16 13.33 9.33
N TRP E 840 -13.83 14.52 9.82
CA TRP E 840 -14.51 15.77 9.47
C TRP E 840 -13.48 16.80 9.05
N SER E 841 -13.91 17.74 8.21
CA SER E 841 -13.10 18.88 7.81
C SER E 841 -13.71 20.17 8.32
N THR E 842 -12.88 21.04 8.87
CA THR E 842 -13.30 22.38 9.27
C THR E 842 -12.52 23.39 8.44
N SER E 843 -13.21 23.99 7.46
CA SER E 843 -12.64 25.12 6.74
C SER E 843 -12.70 26.37 7.60
N CYS E 844 -11.73 27.26 7.41
CA CYS E 844 -11.70 28.53 8.12
C CYS E 844 -11.22 29.59 7.14
N ARG E 845 -12.16 30.29 6.52
CA ARG E 845 -11.86 31.22 5.45
C ARG E 845 -11.69 32.62 6.03
N ILE E 846 -10.43 33.09 6.06
CA ILE E 846 -10.17 34.49 6.34
C ILE E 846 -10.83 35.32 5.25
N ASN E 847 -11.35 36.47 5.62
CA ASN E 847 -11.52 37.51 4.62
C ASN E 847 -11.67 38.86 5.32
N HIS E 848 -11.89 39.88 4.49
CA HIS E 848 -11.64 41.30 4.71
C HIS E 848 -10.17 41.56 4.37
N LEU E 849 -9.27 40.80 4.97
CA LEU E 849 -7.85 41.06 4.81
C LEU E 849 -7.29 40.39 3.57
N ILE E 850 -6.32 41.06 2.95
CA ILE E 850 -5.51 40.49 1.89
C ILE E 850 -4.25 39.93 2.54
N PHE E 851 -4.12 38.61 2.58
CA PHE E 851 -2.90 38.01 3.09
C PHE E 851 -1.80 38.33 2.10
N ARG E 852 -1.01 39.35 2.41
CA ARG E 852 -0.14 40.00 1.45
C ARG E 852 1.24 39.35 1.45
N GLY E 853 1.89 39.43 0.29
CA GLY E 853 3.19 38.83 -0.01
C GLY E 853 4.13 38.49 1.13
N GLY E 854 4.82 39.49 1.67
CA GLY E 854 5.88 39.19 2.62
C GLY E 854 5.45 38.84 4.02
N ALA E 855 4.15 38.75 4.29
CA ALA E 855 3.63 38.71 5.66
C ALA E 855 3.32 37.30 6.13
N GLN E 856 3.05 37.20 7.42
CA GLN E 856 2.65 35.97 8.11
C GLN E 856 1.59 36.33 9.14
N ILE E 857 0.79 35.34 9.54
CA ILE E 857 -0.28 35.55 10.51
C ILE E 857 -0.25 34.42 11.54
N THR E 858 -0.35 34.79 12.82
CA THR E 858 -0.61 33.85 13.91
C THR E 858 -2.03 34.05 14.40
N PHE E 859 -2.71 32.94 14.68
CA PHE E 859 -4.10 32.99 15.12
C PHE E 859 -4.44 31.66 15.78
N LEU E 860 -5.46 31.68 16.63
CA LEU E 860 -5.80 30.53 17.46
C LEU E 860 -7.09 29.86 16.97
N ALA E 861 -7.08 28.53 16.99
CA ALA E 861 -8.26 27.72 16.71
C ALA E 861 -8.52 26.79 17.88
N THR E 862 -9.78 26.69 18.29
CA THR E 862 -10.15 25.93 19.48
C THR E 862 -11.14 24.84 19.10
N PHE E 863 -10.83 23.60 19.47
CA PHE E 863 -11.66 22.49 19.08
C PHE E 863 -12.40 21.89 20.26
N ASP E 864 -13.72 21.76 20.09
CA ASP E 864 -14.63 21.16 21.04
C ASP E 864 -14.33 19.67 21.16
N VAL E 865 -13.98 19.20 22.35
CA VAL E 865 -13.55 17.83 22.56
C VAL E 865 -14.61 17.11 23.40
N SER E 866 -15.31 16.17 22.80
CA SER E 866 -16.30 15.38 23.54
C SER E 866 -15.60 14.61 24.66
N PRO E 867 -16.14 14.64 25.88
CA PRO E 867 -15.59 13.80 26.95
C PRO E 867 -15.84 12.31 26.74
N LYS E 868 -16.73 11.95 25.82
CA LYS E 868 -16.94 10.58 25.37
C LYS E 868 -16.45 10.36 23.95
N ALA E 869 -15.44 11.12 23.53
CA ALA E 869 -14.99 11.09 22.13
C ALA E 869 -14.21 9.83 21.83
N VAL E 870 -14.59 9.15 20.75
CA VAL E 870 -13.93 7.92 20.31
C VAL E 870 -12.69 8.26 19.49
N LEU E 871 -11.57 8.48 20.16
CA LEU E 871 -10.38 8.96 19.44
C LEU E 871 -9.52 7.84 18.88
N GLY E 872 -9.56 6.64 19.45
CA GLY E 872 -8.47 5.70 19.30
C GLY E 872 -7.28 6.14 20.13
N ASP E 873 -6.26 5.30 20.17
CA ASP E 873 -5.16 5.64 21.07
C ASP E 873 -4.20 6.67 20.48
N ARG E 874 -4.43 7.13 19.25
CA ARG E 874 -3.61 8.18 18.64
C ARG E 874 -4.50 9.22 17.97
N LEU E 875 -4.20 10.50 18.21
CA LEU E 875 -4.98 11.62 17.70
C LEU E 875 -4.21 12.34 16.59
N LEU E 876 -4.82 12.48 15.43
CA LEU E 876 -4.18 13.09 14.27
C LEU E 876 -5.05 14.21 13.73
N LEU E 877 -4.46 15.39 13.54
CA LEU E 877 -5.15 16.48 12.86
C LEU E 877 -4.19 17.18 11.91
N THR E 878 -4.77 17.82 10.89
CA THR E 878 -4.01 18.33 9.74
C THR E 878 -4.47 19.75 9.42
N ALA E 879 -3.74 20.39 8.50
CA ALA E 879 -4.04 21.75 8.08
C ALA E 879 -3.56 21.94 6.65
N ASN E 880 -4.42 22.44 5.76
CA ASN E 880 -3.96 22.81 4.42
C ASN E 880 -4.46 24.20 4.02
N VAL E 881 -3.54 25.15 4.05
CA VAL E 881 -3.80 26.51 3.63
C VAL E 881 -3.79 26.59 2.11
N SER E 882 -4.53 27.56 1.59
CA SER E 882 -4.50 27.90 0.18
C SER E 882 -5.13 29.27 0.02
N SER E 883 -5.13 29.77 -1.21
CA SER E 883 -5.81 31.00 -1.54
C SER E 883 -7.11 30.71 -2.26
N GLU E 884 -7.84 31.80 -2.51
CA GLU E 884 -9.13 31.76 -3.18
C GLU E 884 -9.05 31.01 -4.50
N ASN E 885 -7.88 31.02 -5.13
CA ASN E 885 -7.69 30.36 -6.41
C ASN E 885 -7.14 28.96 -6.24
N ASN E 886 -7.14 28.45 -5.01
CA ASN E 886 -6.94 27.05 -4.69
C ASN E 886 -5.54 26.57 -5.05
N THR E 887 -5.37 25.25 -5.17
CA THR E 887 -4.07 24.65 -5.45
C THR E 887 -4.03 24.16 -6.88
N PRO E 888 -3.45 24.93 -7.80
CA PRO E 888 -3.30 24.45 -9.18
C PRO E 888 -2.10 23.54 -9.41
N ARG E 889 -1.43 23.09 -8.36
CA ARG E 889 -0.19 22.32 -8.53
C ARG E 889 -0.22 21.05 -7.68
N THR E 890 0.96 20.54 -7.35
CA THR E 890 1.12 19.15 -6.94
C THR E 890 1.35 19.03 -5.44
N SER E 891 2.61 19.11 -4.98
CA SER E 891 2.93 18.83 -3.58
C SER E 891 2.08 19.71 -2.65
N LYS E 892 1.38 19.06 -1.72
CA LYS E 892 0.34 19.72 -0.94
C LYS E 892 0.94 20.55 0.20
N THR E 893 0.21 21.59 0.59
CA THR E 893 0.66 22.45 1.66
C THR E 893 0.61 21.73 3.00
N THR E 894 -0.37 20.85 3.17
CA THR E 894 -0.68 20.05 4.35
C THR E 894 0.41 19.90 5.42
N PHE E 895 0.18 20.47 6.58
CA PHE E 895 1.00 20.25 7.78
C PHE E 895 0.19 19.39 8.74
N GLN E 896 0.84 18.44 9.40
CA GLN E 896 0.05 17.54 10.24
C GLN E 896 0.82 17.13 11.48
N LEU E 897 0.05 16.70 12.49
CA LEU E 897 0.51 16.50 13.86
C LEU E 897 -0.31 15.37 14.47
N GLU E 898 0.35 14.47 15.20
CA GLU E 898 -0.32 13.30 15.75
C GLU E 898 0.13 13.04 17.18
N LEU E 899 -0.84 12.77 18.06
CA LEU E 899 -0.66 12.70 19.50
C LEU E 899 -1.11 11.35 20.07
N PRO E 900 -0.52 10.93 21.20
CA PRO E 900 -1.06 9.77 21.93
C PRO E 900 -2.29 10.16 22.73
N VAL E 901 -3.24 9.24 22.80
CA VAL E 901 -4.53 9.51 23.44
C VAL E 901 -4.61 8.70 24.72
N LYS E 902 -5.05 9.35 25.80
CA LYS E 902 -5.38 8.70 27.06
C LYS E 902 -6.83 9.00 27.41
N TYR E 903 -7.46 8.07 28.12
CA TYR E 903 -8.88 8.17 28.45
C TYR E 903 -9.07 8.23 29.96
N ALA E 904 -10.03 9.05 30.38
CA ALA E 904 -10.24 9.27 31.80
C ALA E 904 -11.01 8.12 32.44
N VAL E 905 -10.57 7.73 33.63
CA VAL E 905 -11.31 6.83 34.50
C VAL E 905 -11.29 7.40 35.91
N TYR E 906 -12.10 6.82 36.78
CA TYR E 906 -12.20 7.21 38.17
C TYR E 906 -12.30 5.93 38.97
N THR E 907 -11.26 5.59 39.73
CA THR E 907 -11.27 4.40 40.56
C THR E 907 -10.83 4.73 41.97
N VAL E 908 -11.50 4.12 42.95
CA VAL E 908 -11.25 4.34 44.37
C VAL E 908 -11.17 2.99 45.07
N VAL E 909 -10.26 2.89 46.02
CA VAL E 909 -10.16 1.73 46.92
C VAL E 909 -10.18 2.26 48.35
N SER E 910 -10.82 1.52 49.25
CA SER E 910 -11.09 2.05 50.58
C SER E 910 -10.91 0.99 51.65
N SER E 911 -10.42 1.44 52.80
CA SER E 911 -10.27 0.59 53.98
C SER E 911 -11.63 0.36 54.62
N HIS E 912 -12.11 -0.87 54.57
CA HIS E 912 -13.39 -1.21 55.15
C HIS E 912 -13.31 -1.13 56.67
N GLU E 913 -14.37 -0.60 57.29
CA GLU E 913 -14.36 -0.44 58.75
C GLU E 913 -14.47 -1.77 59.49
N GLN E 914 -14.79 -2.87 58.80
CA GLN E 914 -14.96 -4.19 59.41
C GLN E 914 -13.59 -4.86 59.51
N PHE E 915 -12.83 -4.47 60.52
CA PHE E 915 -11.49 -5.01 60.63
C PHE E 915 -11.06 -5.16 62.07
N THR E 916 -10.15 -6.11 62.29
CA THR E 916 -9.56 -6.35 63.58
C THR E 916 -8.74 -5.15 64.03
N LYS E 917 -9.10 -4.59 65.17
CA LYS E 917 -8.40 -3.48 65.80
C LYS E 917 -8.14 -3.87 67.25
N TYR E 918 -6.88 -3.75 67.67
CA TYR E 918 -6.48 -4.14 69.02
C TYR E 918 -6.94 -5.58 69.30
N LEU E 919 -6.43 -6.51 68.49
CA LEU E 919 -6.73 -7.92 68.72
C LEU E 919 -6.28 -8.32 70.12
N ASN E 920 -4.99 -8.11 70.41
CA ASN E 920 -4.30 -8.15 71.70
C ASN E 920 -3.55 -9.44 71.97
N PHE E 921 -2.97 -9.48 73.16
CA PHE E 921 -2.35 -10.63 73.79
C PHE E 921 -2.05 -10.14 75.20
N SER E 922 -1.70 -11.07 76.08
CA SER E 922 -1.37 -10.68 77.42
C SER E 922 0.13 -10.86 77.65
N GLU E 923 0.54 -10.91 78.91
CA GLU E 923 1.96 -11.02 79.24
C GLU E 923 2.56 -12.33 78.73
N SER E 924 1.79 -13.42 78.77
CA SER E 924 2.37 -14.75 78.75
C SER E 924 2.25 -15.50 77.42
N GLU E 925 1.32 -15.18 76.53
CA GLU E 925 1.04 -16.07 75.40
C GLU E 925 1.57 -15.50 74.08
N GLU E 926 2.89 -15.58 73.90
CA GLU E 926 3.50 -14.93 72.74
C GLU E 926 3.67 -15.89 71.57
N LYS E 927 3.95 -17.16 71.84
CA LYS E 927 4.07 -18.10 70.72
C LYS E 927 2.73 -18.35 70.07
N GLU E 928 1.64 -18.02 70.76
CA GLU E 928 0.32 -18.13 70.16
C GLU E 928 0.16 -17.11 69.04
N SER E 929 -0.85 -17.34 68.22
CA SER E 929 -1.22 -16.36 67.21
C SER E 929 -2.73 -16.37 67.07
N HIS E 930 -3.29 -15.25 66.62
CA HIS E 930 -4.72 -15.08 66.48
C HIS E 930 -4.99 -14.36 65.17
N VAL E 931 -6.15 -14.64 64.58
CA VAL E 931 -6.38 -14.30 63.19
C VAL E 931 -6.89 -12.87 63.07
N ALA E 932 -6.24 -12.09 62.22
CA ALA E 932 -6.64 -10.73 61.91
C ALA E 932 -7.15 -10.66 60.47
N MET E 933 -8.07 -9.74 60.22
CA MET E 933 -8.67 -9.59 58.90
C MET E 933 -8.73 -8.10 58.54
N HIS E 934 -8.08 -7.75 57.43
CA HIS E 934 -8.19 -6.42 56.83
C HIS E 934 -9.03 -6.53 55.56
N ARG E 935 -10.01 -5.65 55.42
CA ARG E 935 -10.94 -5.70 54.29
C ARG E 935 -10.83 -4.42 53.47
N TYR E 936 -10.88 -4.56 52.15
CA TYR E 936 -10.72 -3.44 51.23
C TYR E 936 -11.84 -3.46 50.21
N GLN E 937 -12.48 -2.31 50.03
CA GLN E 937 -13.61 -2.15 49.11
C GLN E 937 -13.17 -1.23 47.97
N VAL E 938 -13.31 -1.72 46.74
CA VAL E 938 -12.89 -0.97 45.55
C VAL E 938 -14.06 -0.91 44.59
N ASN E 939 -14.24 0.25 43.94
CA ASN E 939 -15.31 0.36 42.96
C ASN E 939 -14.95 1.40 41.90
N ASN E 940 -15.71 1.36 40.80
CA ASN E 940 -15.44 2.11 39.58
C ASN E 940 -16.45 3.26 39.49
N LEU E 941 -16.07 4.42 40.04
CA LEU E 941 -16.94 5.59 40.02
C LEU E 941 -16.90 6.34 38.68
N GLY E 942 -16.11 5.88 37.72
CA GLY E 942 -15.98 6.56 36.45
C GLY E 942 -17.02 6.16 35.43
N GLN E 943 -16.60 6.03 34.17
CA GLN E 943 -17.54 5.72 33.08
C GLN E 943 -17.01 4.70 32.08
N ARG E 944 -15.95 3.95 32.39
CA ARG E 944 -15.30 3.12 31.39
C ARG E 944 -14.94 1.75 31.96
N ASP E 945 -15.17 0.70 31.15
CA ASP E 945 -14.90 -0.70 31.50
C ASP E 945 -13.42 -1.03 31.28
N LEU E 946 -12.61 -0.72 32.30
CA LEU E 946 -11.19 -0.90 32.06
C LEU E 946 -10.60 -1.97 32.97
N PRO E 947 -9.55 -2.66 32.50
CA PRO E 947 -8.78 -3.52 33.39
C PRO E 947 -8.00 -2.71 34.41
N VAL E 948 -7.90 -3.26 35.63
CA VAL E 948 -7.09 -2.70 36.71
C VAL E 948 -6.30 -3.84 37.35
N SER E 949 -5.54 -3.49 38.38
CA SER E 949 -4.80 -4.47 39.15
C SER E 949 -4.72 -3.95 40.57
N ILE E 950 -5.01 -4.82 41.54
CA ILE E 950 -5.03 -4.44 42.96
C ILE E 950 -3.78 -5.00 43.61
N ASN E 951 -3.10 -4.16 44.38
CA ASN E 951 -1.87 -4.56 45.06
C ASN E 951 -2.02 -4.33 46.56
N PHE E 952 -1.66 -5.34 47.34
CA PHE E 952 -1.74 -5.30 48.79
C PHE E 952 -0.36 -5.53 49.39
N TRP E 953 -0.08 -4.86 50.51
CA TRP E 953 1.23 -4.93 51.16
C TRP E 953 1.06 -5.44 52.59
N VAL E 954 1.63 -6.60 52.88
CA VAL E 954 1.35 -7.35 54.10
C VAL E 954 2.66 -7.58 54.85
N PRO E 955 2.83 -7.01 56.06
CA PRO E 955 4.00 -7.34 56.88
C PRO E 955 3.96 -8.80 57.32
N VAL E 956 4.96 -9.57 56.89
CA VAL E 956 5.00 -10.99 57.15
C VAL E 956 6.16 -11.39 58.06
N GLU E 957 7.26 -10.65 58.07
CA GLU E 957 8.41 -11.03 58.88
C GLU E 957 9.13 -9.79 59.40
N LEU E 958 9.86 -9.98 60.51
CA LEU E 958 10.78 -8.97 61.00
C LEU E 958 11.93 -9.67 61.70
N ASN E 959 13.14 -9.49 61.19
CA ASN E 959 14.34 -10.13 61.74
C ASN E 959 14.12 -11.63 61.94
N GLN E 960 13.50 -12.26 60.95
CA GLN E 960 13.28 -13.69 60.81
C GLN E 960 12.13 -14.21 61.69
N GLU E 961 11.51 -13.38 62.51
CA GLU E 961 10.34 -13.80 63.27
C GLU E 961 9.08 -13.50 62.46
N ALA E 962 8.28 -14.53 62.23
CA ALA E 962 7.04 -14.35 61.49
C ALA E 962 6.13 -13.36 62.20
N VAL E 963 5.46 -12.52 61.41
CA VAL E 963 4.46 -11.59 61.94
C VAL E 963 3.09 -12.18 61.66
N TRP E 964 2.52 -11.82 60.52
CA TRP E 964 1.38 -12.51 59.98
C TRP E 964 1.80 -13.91 59.53
N MET E 965 0.85 -14.84 59.50
CA MET E 965 1.15 -16.20 59.09
C MET E 965 0.08 -16.71 58.13
N ASP E 966 0.55 -17.32 57.04
CA ASP E 966 -0.33 -17.92 56.03
C ASP E 966 -1.40 -16.94 55.57
N VAL E 967 -0.96 -15.72 55.24
CA VAL E 967 -1.89 -14.70 54.75
C VAL E 967 -2.34 -15.08 53.36
N GLU E 968 -3.65 -15.06 53.15
CA GLU E 968 -4.23 -15.29 51.84
C GLU E 968 -5.19 -14.14 51.54
N VAL E 969 -5.56 -14.04 50.28
CA VAL E 969 -6.51 -13.03 49.82
C VAL E 969 -7.79 -13.72 49.43
N SER E 970 -8.90 -13.24 49.98
CA SER E 970 -10.22 -13.77 49.67
C SER E 970 -10.91 -12.87 48.66
N HIS E 971 -11.53 -13.49 47.68
CA HIS E 971 -12.24 -12.71 46.67
C HIS E 971 -13.43 -13.47 46.12
N PRO E 972 -14.43 -13.81 46.94
CA PRO E 972 -15.60 -14.53 46.43
C PRO E 972 -16.58 -13.66 45.68
N GLN E 973 -16.46 -12.34 45.77
CA GLN E 973 -17.26 -11.45 44.92
C GLN E 973 -16.55 -11.39 43.58
N ASN E 974 -17.01 -12.23 42.64
CA ASN E 974 -16.39 -12.50 41.35
C ASN E 974 -15.07 -13.25 41.57
N PRO E 975 -15.12 -14.47 42.09
CA PRO E 975 -13.89 -15.25 42.26
C PRO E 975 -13.36 -15.70 40.91
N SER E 976 -12.15 -15.28 40.58
CA SER E 976 -11.44 -15.79 39.42
C SER E 976 -10.20 -16.56 39.87
N LEU E 977 -10.18 -16.99 41.14
CA LEU E 977 -9.05 -17.65 41.79
C LEU E 977 -7.84 -16.74 41.91
N ARG E 978 -7.53 -16.00 40.86
CA ARG E 978 -6.20 -15.43 40.66
C ARG E 978 -5.87 -14.32 41.63
N CYS E 979 -4.66 -14.40 42.18
CA CYS E 979 -3.89 -13.34 42.81
C CYS E 979 -2.49 -13.93 42.99
N SER E 980 -1.51 -13.09 43.30
CA SER E 980 -0.14 -13.59 43.22
C SER E 980 0.74 -13.06 44.34
N SER E 981 1.73 -13.88 44.71
CA SER E 981 2.60 -13.64 45.86
C SER E 981 4.01 -13.32 45.41
N GLU E 982 4.60 -12.29 46.01
CA GLU E 982 6.03 -12.00 45.85
C GLU E 982 6.56 -11.51 47.18
N LYS E 983 7.52 -12.24 47.74
CA LYS E 983 8.17 -11.80 48.97
C LYS E 983 9.13 -10.66 48.67
N ILE E 984 9.10 -9.64 49.54
CA ILE E 984 9.80 -8.38 49.30
C ILE E 984 10.60 -8.05 50.56
N ALA E 985 11.89 -8.37 50.55
CA ALA E 985 12.75 -7.94 51.64
C ALA E 985 12.77 -6.41 51.69
N PRO E 986 12.74 -5.83 52.88
CA PRO E 986 12.71 -4.38 52.99
C PRO E 986 14.12 -3.82 52.98
N PRO E 987 14.28 -2.50 52.90
CA PRO E 987 15.61 -1.91 53.10
C PRO E 987 16.10 -2.18 54.52
N ALA E 988 17.42 -2.35 54.64
CA ALA E 988 18.03 -2.49 55.95
C ALA E 988 17.92 -1.18 56.72
N SER E 989 17.59 -1.28 58.00
CA SER E 989 17.46 -0.08 58.82
C SER E 989 17.53 -0.46 60.29
N ASP E 990 17.93 0.51 61.11
CA ASP E 990 17.94 0.40 62.57
C ASP E 990 16.49 0.36 63.04
N PHE E 991 15.86 -0.82 62.89
CA PHE E 991 14.44 -0.92 63.19
C PHE E 991 14.16 -0.76 64.68
N LEU E 992 15.19 -0.95 65.52
CA LEU E 992 15.01 -0.72 66.95
C LEU E 992 14.83 0.77 67.23
N ALA E 993 15.54 1.63 66.51
CA ALA E 993 15.37 3.07 66.68
C ALA E 993 14.16 3.59 65.91
N HIS E 994 13.92 3.08 64.70
CA HIS E 994 12.80 3.56 63.91
C HIS E 994 11.48 3.41 64.65
N ILE E 995 11.35 2.38 65.49
CA ILE E 995 10.04 1.98 65.98
C ILE E 995 9.58 2.82 67.16
N GLN E 996 10.50 3.42 67.92
CA GLN E 996 10.07 4.12 69.15
C GLN E 996 9.27 5.38 68.85
N LYS E 997 9.72 6.21 67.92
CA LYS E 997 8.83 7.19 67.32
C LYS E 997 8.13 6.46 66.19
N ASN E 998 6.79 6.54 66.13
CA ASN E 998 5.79 5.84 65.28
C ASN E 998 5.79 4.32 65.50
N PRO E 999 4.98 3.82 66.45
CA PRO E 999 4.98 2.38 66.76
C PRO E 999 4.56 1.47 65.61
N VAL E 1000 4.66 1.95 64.37
CA VAL E 1000 4.09 1.24 63.22
C VAL E 1000 5.06 0.18 62.71
N LEU E 1001 4.52 -1.00 62.42
CA LEU E 1001 5.20 -2.00 61.60
C LEU E 1001 4.55 -1.98 60.22
N ASP E 1002 5.26 -1.42 59.24
CA ASP E 1002 4.83 -1.44 57.86
C ASP E 1002 5.94 -2.07 57.02
N CYS E 1003 5.79 -1.96 55.70
CA CYS E 1003 6.68 -2.63 54.78
C CYS E 1003 8.07 -2.02 54.72
N SER E 1004 8.26 -0.81 55.27
CA SER E 1004 9.59 -0.21 55.27
C SER E 1004 10.57 -1.00 56.13
N ILE E 1005 10.06 -1.72 57.14
CA ILE E 1005 10.89 -2.51 58.02
C ILE E 1005 10.55 -4.00 57.94
N ALA E 1006 9.27 -4.32 57.82
CA ALA E 1006 8.86 -5.70 57.77
C ALA E 1006 9.16 -6.27 56.38
N GLY E 1007 9.77 -7.45 56.35
CA GLY E 1007 9.70 -8.26 55.16
C GLY E 1007 8.24 -8.44 54.78
N CYS E 1008 7.90 -8.18 53.53
CA CYS E 1008 6.49 -8.14 53.16
C CYS E 1008 6.16 -9.25 52.17
N LEU E 1009 4.86 -9.42 51.97
CA LEU E 1009 4.31 -10.25 50.91
C LEU E 1009 3.37 -9.34 50.13
N ARG E 1010 3.73 -9.07 48.88
CA ARG E 1010 2.89 -8.23 48.04
C ARG E 1010 1.91 -9.11 47.30
N PHE E 1011 0.64 -8.71 47.31
CA PHE E 1011 -0.42 -9.45 46.64
C PHE E 1011 -0.88 -8.63 45.45
N ARG E 1012 -0.45 -9.04 44.25
CA ARG E 1012 -0.98 -8.50 43.01
C ARG E 1012 -2.15 -9.37 42.57
N CYS E 1013 -3.33 -8.75 42.39
CA CYS E 1013 -4.53 -9.46 41.97
C CYS E 1013 -5.13 -8.72 40.78
N ASP E 1014 -5.23 -9.40 39.64
CA ASP E 1014 -5.55 -8.76 38.36
C ASP E 1014 -7.04 -8.82 38.07
N VAL E 1015 -7.57 -7.75 37.49
CA VAL E 1015 -8.99 -7.61 37.17
C VAL E 1015 -9.19 -7.37 35.68
N PRO E 1016 -9.74 -8.34 34.94
CA PRO E 1016 -9.86 -8.18 33.48
C PRO E 1016 -10.87 -7.12 33.03
N SER E 1017 -11.95 -6.86 33.77
CA SER E 1017 -12.93 -5.87 33.28
C SER E 1017 -13.66 -5.26 34.49
N PHE E 1018 -12.94 -4.39 35.19
CA PHE E 1018 -13.51 -3.61 36.28
C PHE E 1018 -14.62 -2.72 35.74
N SER E 1019 -15.73 -3.33 35.34
CA SER E 1019 -16.82 -2.60 34.70
C SER E 1019 -17.21 -1.38 35.52
N VAL E 1020 -17.72 -0.36 34.83
CA VAL E 1020 -18.24 0.80 35.52
C VAL E 1020 -19.15 0.33 36.65
N GLN E 1021 -19.05 1.03 37.78
CA GLN E 1021 -19.82 0.80 39.01
C GLN E 1021 -19.73 -0.59 39.60
N GLU E 1022 -19.02 -1.51 38.95
CA GLU E 1022 -18.73 -2.78 39.61
C GLU E 1022 -17.88 -2.52 40.83
N GLU E 1023 -18.30 -3.07 41.97
CA GLU E 1023 -17.51 -2.98 43.19
C GLU E 1023 -17.04 -4.37 43.58
N LEU E 1024 -15.82 -4.44 44.08
CA LEU E 1024 -15.20 -5.71 44.45
C LEU E 1024 -14.66 -5.59 45.86
N ASP E 1025 -14.81 -6.66 46.65
CA ASP E 1025 -14.33 -6.68 48.01
C ASP E 1025 -13.24 -7.74 48.15
N PHE E 1026 -12.10 -7.30 48.65
CA PHE E 1026 -10.96 -8.17 48.92
C PHE E 1026 -10.68 -8.13 50.42
N THR E 1027 -10.28 -9.27 50.98
CA THR E 1027 -9.98 -9.31 52.40
C THR E 1027 -8.75 -10.15 52.64
N LEU E 1028 -7.78 -9.57 53.35
CA LEU E 1028 -6.56 -10.25 53.74
C LEU E 1028 -6.77 -10.89 55.12
N LYS E 1029 -6.52 -12.19 55.20
CA LYS E 1029 -6.77 -12.94 56.43
C LYS E 1029 -5.55 -13.80 56.75
N GLY E 1030 -5.00 -13.62 57.95
CA GLY E 1030 -3.84 -14.40 58.36
C GLY E 1030 -3.66 -14.43 59.85
N ASN E 1031 -2.94 -15.47 60.29
CA ASN E 1031 -2.62 -15.66 61.69
C ASN E 1031 -1.52 -14.71 62.11
N LEU E 1032 -1.87 -13.72 62.92
CA LEU E 1032 -0.90 -12.75 63.42
C LEU E 1032 -0.16 -13.35 64.59
N SER E 1033 1.06 -13.83 64.34
CA SER E 1033 1.89 -14.35 65.42
C SER E 1033 2.26 -13.23 66.40
N PHE E 1034 2.35 -13.59 67.68
CA PHE E 1034 2.75 -12.64 68.71
C PHE E 1034 4.22 -12.75 69.08
N GLY E 1035 4.96 -13.69 68.49
CA GLY E 1035 6.32 -13.94 68.92
C GLY E 1035 7.24 -12.76 68.66
N TRP E 1036 7.03 -12.06 67.54
CA TRP E 1036 7.90 -10.94 67.17
C TRP E 1036 7.70 -9.72 68.04
N VAL E 1037 6.76 -9.74 68.99
CA VAL E 1037 6.48 -8.53 69.75
C VAL E 1037 7.64 -8.19 70.67
N ARG E 1038 8.23 -9.20 71.33
CA ARG E 1038 9.34 -8.93 72.23
C ARG E 1038 10.52 -8.32 71.49
N GLN E 1039 10.69 -8.67 70.21
CA GLN E 1039 11.78 -8.20 69.36
C GLN E 1039 11.99 -6.69 69.43
N ILE E 1040 10.93 -5.94 69.70
CA ILE E 1040 10.97 -4.48 69.58
C ILE E 1040 10.94 -3.77 70.93
N LEU E 1041 10.51 -4.42 72.00
CA LEU E 1041 10.53 -3.86 73.35
C LEU E 1041 9.73 -2.57 73.46
N GLN E 1042 8.66 -2.47 72.67
CA GLN E 1042 7.63 -1.46 72.84
C GLN E 1042 6.31 -2.16 73.11
N LYS E 1043 5.41 -1.48 73.83
CA LYS E 1043 4.17 -2.12 74.24
C LYS E 1043 2.99 -1.81 73.33
N LYS E 1044 3.01 -0.68 72.63
CA LYS E 1044 1.82 -0.16 71.92
C LYS E 1044 1.97 -0.22 70.40
N VAL E 1045 2.62 -1.27 69.89
CA VAL E 1045 2.90 -1.37 68.47
C VAL E 1045 1.61 -1.44 67.63
N SER E 1046 1.71 -1.03 66.36
CA SER E 1046 0.61 -1.12 65.40
C SER E 1046 1.12 -1.76 64.12
N VAL E 1047 0.18 -2.34 63.35
CA VAL E 1047 0.53 -3.15 62.18
C VAL E 1047 -0.35 -2.75 61.01
N VAL E 1048 0.27 -2.37 59.89
CA VAL E 1048 -0.40 -1.71 58.77
C VAL E 1048 -0.30 -2.57 57.51
N SER E 1049 -1.38 -2.62 56.74
CA SER E 1049 -1.34 -3.12 55.38
C SER E 1049 -1.78 -2.00 54.44
N VAL E 1050 -1.32 -2.06 53.19
CA VAL E 1050 -1.61 -1.02 52.20
C VAL E 1050 -2.24 -1.66 50.97
N ALA E 1051 -3.15 -0.92 50.34
CA ALA E 1051 -3.75 -1.34 49.08
C ALA E 1051 -3.60 -0.21 48.07
N GLU E 1052 -3.38 -0.58 46.80
CA GLU E 1052 -3.18 0.40 45.75
C GLU E 1052 -3.77 -0.14 44.46
N ILE E 1053 -4.59 0.67 43.80
CA ILE E 1053 -4.99 0.37 42.43
C ILE E 1053 -3.86 0.78 41.51
N THR E 1054 -3.57 -0.07 40.53
CA THR E 1054 -2.70 0.32 39.44
C THR E 1054 -3.25 -0.22 38.14
N PHE E 1055 -3.06 0.55 37.08
CA PHE E 1055 -3.58 0.22 35.76
C PHE E 1055 -2.65 0.88 34.75
N ASP E 1056 -2.89 0.60 33.48
CA ASP E 1056 -1.98 1.05 32.43
C ASP E 1056 -2.04 2.57 32.29
N THR E 1057 -0.96 3.25 32.71
CA THR E 1057 -0.89 4.71 32.65
C THR E 1057 -0.83 5.25 31.23
N SER E 1058 -0.48 4.42 30.24
CA SER E 1058 -0.36 4.86 28.86
C SER E 1058 -1.68 4.89 28.12
N VAL E 1059 -2.66 4.12 28.56
CA VAL E 1059 -3.97 4.10 27.94
C VAL E 1059 -4.97 4.97 28.71
N TYR E 1060 -4.93 4.93 30.03
CA TYR E 1060 -5.86 5.65 30.87
C TYR E 1060 -5.11 6.47 31.89
N SER E 1061 -5.80 7.46 32.43
CA SER E 1061 -5.32 8.23 33.57
C SER E 1061 -6.52 8.53 34.47
N GLN E 1062 -6.31 8.39 35.77
CA GLN E 1062 -7.35 8.71 36.73
C GLN E 1062 -7.42 10.21 36.93
N LEU E 1063 -8.66 10.72 37.01
CA LEU E 1063 -8.99 12.13 37.01
C LEU E 1063 -8.09 12.98 37.90
N PRO E 1064 -7.78 14.21 37.50
CA PRO E 1064 -6.97 15.08 38.35
C PRO E 1064 -7.70 15.46 39.63
N GLY E 1065 -6.92 15.76 40.66
CA GLY E 1065 -7.50 16.09 41.95
C GLY E 1065 -7.88 14.87 42.76
N GLN E 1066 -8.87 14.12 42.28
CA GLN E 1066 -9.35 12.92 42.97
C GLN E 1066 -8.40 11.77 42.65
N GLU E 1067 -7.19 11.87 43.21
CA GLU E 1067 -6.05 11.03 42.85
C GLU E 1067 -5.67 10.04 43.93
N ALA E 1068 -5.59 10.48 45.19
CA ALA E 1068 -5.10 9.63 46.27
C ALA E 1068 -6.03 8.46 46.56
N PHE E 1069 -7.27 8.52 46.09
CA PHE E 1069 -8.27 7.54 46.47
C PHE E 1069 -8.04 6.16 45.87
N MET E 1070 -7.02 5.98 45.03
CA MET E 1070 -6.65 4.65 44.58
C MET E 1070 -5.55 4.04 45.43
N ARG E 1071 -5.38 4.51 46.67
CA ARG E 1071 -4.39 3.98 47.60
CA ARG E 1071 -4.40 3.98 47.59
C ARG E 1071 -5.01 3.98 48.99
N ALA E 1072 -5.06 2.80 49.62
CA ALA E 1072 -5.76 2.64 50.89
C ALA E 1072 -4.84 2.00 51.94
N GLN E 1073 -5.40 1.78 53.13
CA GLN E 1073 -4.61 1.45 54.31
C GLN E 1073 -5.50 1.00 55.45
N THR E 1074 -5.28 -0.21 55.99
CA THR E 1074 -5.99 -0.74 57.14
C THR E 1074 -4.99 -1.17 58.20
N THR E 1075 -5.27 -0.85 59.47
CA THR E 1075 -4.30 -1.03 60.53
C THR E 1075 -4.90 -1.77 61.72
N THR E 1076 -4.37 -2.96 62.00
CA THR E 1076 -4.52 -3.58 63.31
C THR E 1076 -3.46 -3.00 64.25
N VAL E 1077 -3.85 -2.78 65.51
CA VAL E 1077 -2.93 -2.26 66.52
C VAL E 1077 -2.77 -3.32 67.60
N LEU E 1078 -1.59 -3.39 68.21
CA LEU E 1078 -1.29 -4.41 69.21
C LEU E 1078 -0.83 -3.76 70.52
N GLU E 1079 -1.30 -4.31 71.63
CA GLU E 1079 -0.92 -3.81 72.95
C GLU E 1079 -0.71 -4.99 73.89
N LYS E 1080 0.34 -4.89 74.71
CA LYS E 1080 0.69 -5.87 75.76
C LYS E 1080 0.23 -7.28 75.48
N GLN F 1 -17.53 56.03 28.67
CA GLN F 1 -17.51 54.86 29.56
C GLN F 1 -17.57 53.56 28.77
N GLU F 2 -18.77 53.13 28.39
CA GLU F 2 -18.93 51.88 27.65
C GLU F 2 -19.99 52.07 26.58
N CYS F 3 -19.57 52.17 25.33
CA CYS F 3 -20.47 52.30 24.19
C CYS F 3 -19.95 51.46 23.04
N THR F 4 -20.84 50.66 22.43
CA THR F 4 -20.53 49.89 21.24
C THR F 4 -21.63 50.07 20.22
N LYS F 5 -21.26 50.45 19.00
CA LYS F 5 -22.23 50.85 18.00
C LYS F 5 -22.98 49.65 17.44
N PHE F 6 -24.31 49.78 17.39
CA PHE F 6 -25.18 49.11 16.45
C PHE F 6 -25.46 50.13 15.34
N LYS F 7 -26.50 49.90 14.53
CA LYS F 7 -26.82 50.82 13.43
C LYS F 7 -26.89 52.28 13.92
N VAL F 8 -26.16 53.17 13.24
CA VAL F 8 -26.04 54.57 13.63
C VAL F 8 -26.54 55.50 12.53
N SER F 9 -27.85 55.55 12.32
CA SER F 9 -28.40 56.41 11.29
C SER F 9 -28.93 57.74 11.83
N SER F 10 -28.93 57.94 13.15
CA SER F 10 -29.51 59.15 13.73
C SER F 10 -29.02 59.29 15.16
N CYS F 11 -29.51 60.34 15.83
CA CYS F 11 -29.34 60.45 17.28
C CYS F 11 -29.94 59.25 17.98
N ARG F 12 -31.20 58.95 17.69
CA ARG F 12 -31.91 57.86 18.34
C ARG F 12 -31.20 56.53 18.17
N GLU F 13 -30.71 56.24 16.96
CA GLU F 13 -30.12 54.93 16.69
C GLU F 13 -28.77 54.78 17.38
N CYS F 14 -28.08 55.89 17.63
CA CYS F 14 -26.89 55.83 18.48
C CYS F 14 -27.28 55.44 19.90
N ILE F 15 -28.30 56.10 20.43
CA ILE F 15 -28.71 55.91 21.82
C ILE F 15 -29.18 54.48 22.06
N GLU F 16 -29.96 53.93 21.12
CA GLU F 16 -30.50 52.59 21.31
C GLU F 16 -29.43 51.49 21.28
N SER F 17 -28.19 51.83 20.96
CA SER F 17 -27.11 50.85 21.05
C SER F 17 -26.83 50.49 22.51
N GLY F 18 -26.93 51.46 23.40
CA GLY F 18 -26.69 51.24 24.81
C GLY F 18 -26.57 52.52 25.61
N PRO F 19 -26.74 52.38 26.93
CA PRO F 19 -26.73 53.57 27.82
C PRO F 19 -25.46 54.40 27.77
N GLY F 20 -24.31 53.82 27.51
CA GLY F 20 -23.10 54.60 27.46
C GLY F 20 -22.87 55.37 26.18
N CYS F 21 -23.81 55.31 25.24
CA CYS F 21 -23.64 55.90 23.91
C CYS F 21 -24.25 57.30 23.89
N THR F 22 -23.46 58.27 23.40
CA THR F 22 -23.84 59.67 23.37
C THR F 22 -23.70 60.19 21.94
N TRP F 23 -24.42 61.28 21.64
CA TRP F 23 -24.56 61.75 20.27
C TRP F 23 -24.22 63.23 20.16
N CYS F 24 -23.35 63.57 19.22
CA CYS F 24 -22.95 64.96 18.98
C CYS F 24 -23.72 65.52 17.78
N GLN F 25 -24.44 66.61 18.00
CA GLN F 25 -25.27 67.26 16.98
C GLN F 25 -24.54 68.35 16.22
N LYS F 26 -23.24 68.52 16.47
CA LYS F 26 -22.49 69.65 15.91
C LYS F 26 -22.23 69.43 14.43
N LEU F 27 -22.67 70.37 13.61
CA LEU F 27 -22.49 70.26 12.17
C LEU F 27 -21.04 70.53 11.79
N ASN F 28 -20.55 69.81 10.77
CA ASN F 28 -19.16 69.77 10.34
C ASN F 28 -18.25 69.09 11.34
N PHE F 29 -18.80 68.49 12.40
CA PHE F 29 -18.03 67.55 13.21
C PHE F 29 -17.62 66.35 12.36
N THR F 30 -18.53 65.85 11.53
CA THR F 30 -18.18 64.85 10.53
C THR F 30 -17.22 65.45 9.52
N GLY F 31 -16.17 64.71 9.20
CA GLY F 31 -15.16 65.19 8.29
C GLY F 31 -15.37 64.66 6.88
N PRO F 32 -14.32 64.74 6.05
CA PRO F 32 -14.39 64.12 4.72
C PRO F 32 -14.03 62.65 4.78
N GLY F 33 -13.22 62.28 5.77
CA GLY F 33 -12.86 60.89 6.01
C GLY F 33 -13.68 60.29 7.12
N ASP F 34 -13.51 60.81 8.34
CA ASP F 34 -14.24 60.32 9.49
C ASP F 34 -15.74 60.49 9.29
N PRO F 35 -16.51 59.41 9.27
CA PRO F 35 -17.89 59.51 8.78
C PRO F 35 -18.93 59.72 9.87
N ASP F 36 -20.19 59.64 9.43
CA ASP F 36 -21.37 59.85 10.25
CA ASP F 36 -21.41 59.77 10.22
C ASP F 36 -21.31 59.11 11.59
N SER F 37 -20.70 57.92 11.62
CA SER F 37 -20.67 57.14 12.85
C SER F 37 -19.89 57.79 13.97
N ILE F 38 -18.98 58.74 13.66
CA ILE F 38 -18.19 59.37 14.72
C ILE F 38 -19.02 60.27 15.62
N ARG F 39 -20.25 60.59 15.22
CA ARG F 39 -21.15 61.35 16.09
C ARG F 39 -21.68 60.51 17.25
N CYS F 40 -21.40 59.21 17.27
CA CYS F 40 -21.89 58.28 18.27
C CYS F 40 -20.70 57.70 19.01
N ASP F 41 -20.54 58.06 20.28
CA ASP F 41 -19.37 57.61 21.03
C ASP F 41 -19.69 57.76 22.52
N THR F 42 -18.66 57.62 23.35
CA THR F 42 -18.80 58.02 24.74
C THR F 42 -18.73 59.54 24.83
N ARG F 43 -19.40 60.08 25.85
CA ARG F 43 -19.31 61.52 26.11
C ARG F 43 -17.87 61.99 26.22
N PRO F 44 -16.95 61.29 26.91
CA PRO F 44 -15.54 61.73 26.88
C PRO F 44 -14.93 61.78 25.49
N GLN F 45 -15.20 60.78 24.64
CA GLN F 45 -14.57 60.77 23.32
C GLN F 45 -15.08 61.90 22.45
N LEU F 46 -16.40 62.15 22.45
CA LEU F 46 -16.94 63.25 21.66
C LEU F 46 -16.32 64.59 22.08
N LEU F 47 -16.17 64.81 23.38
CA LEU F 47 -15.58 66.05 23.87
C LEU F 47 -14.11 66.17 23.47
N MET F 48 -13.34 65.07 23.57
CA MET F 48 -11.99 65.05 23.05
C MET F 48 -11.95 65.55 21.61
N ARG F 49 -12.79 64.97 20.76
CA ARG F 49 -12.78 65.22 19.32
C ARG F 49 -13.27 66.61 18.96
N GLY F 50 -13.57 67.47 19.94
CA GLY F 50 -13.95 68.84 19.67
C GLY F 50 -15.43 69.13 19.73
N CYS F 51 -16.26 68.14 20.05
CA CYS F 51 -17.69 68.39 20.18
C CYS F 51 -17.96 69.23 21.42
N ALA F 52 -18.74 70.29 21.25
CA ALA F 52 -19.13 71.10 22.39
C ALA F 52 -20.05 70.31 23.32
N ALA F 53 -20.03 70.68 24.60
CA ALA F 53 -20.68 69.86 25.62
C ALA F 53 -22.18 69.74 25.38
N ASP F 54 -22.85 70.87 25.11
CA ASP F 54 -24.30 70.85 24.89
C ASP F 54 -24.68 70.37 23.50
N ASP F 55 -23.70 70.05 22.65
CA ASP F 55 -24.04 69.33 21.43
C ASP F 55 -24.20 67.84 21.66
N ILE F 56 -23.79 67.36 22.83
CA ILE F 56 -23.94 65.94 23.17
C ILE F 56 -25.37 65.69 23.65
N MET F 57 -26.01 64.69 23.05
CA MET F 57 -27.34 64.28 23.43
C MET F 57 -27.25 62.97 24.21
N ASP F 58 -27.78 62.98 25.43
CA ASP F 58 -27.71 61.82 26.32
C ASP F 58 -29.07 61.72 27.00
N PRO F 59 -30.03 61.04 26.36
CA PRO F 59 -31.28 60.72 27.05
C PRO F 59 -30.95 59.97 28.33
N THR F 60 -31.56 60.39 29.41
CA THR F 60 -31.20 59.84 30.71
C THR F 60 -32.45 59.38 31.42
N SER F 61 -32.40 58.19 32.00
CA SER F 61 -33.54 57.67 32.73
C SER F 61 -33.68 58.42 34.06
N LEU F 62 -34.90 58.84 34.36
CA LEU F 62 -35.15 59.54 35.62
C LEU F 62 -36.60 59.33 36.01
N ALA F 63 -36.84 59.42 37.32
CA ALA F 63 -38.17 59.23 37.89
C ALA F 63 -38.71 60.58 38.36
N GLU F 64 -40.01 60.78 38.14
CA GLU F 64 -40.71 61.99 38.58
C GLU F 64 -41.85 61.55 39.49
N THR F 65 -41.56 61.46 40.78
CA THR F 65 -42.58 61.12 41.76
C THR F 65 -43.44 62.34 42.09
N GLN F 66 -44.70 62.09 42.42
CA GLN F 66 -45.67 63.16 42.65
C GLN F 66 -46.51 62.81 43.87
N GLU F 67 -46.14 63.38 45.01
CA GLU F 67 -46.90 63.19 46.24
C GLU F 67 -48.30 63.78 46.09
N ASP F 68 -49.31 63.01 46.45
CA ASP F 68 -50.70 63.35 46.17
C ASP F 68 -51.25 64.24 47.28
N HIS F 69 -51.46 65.52 46.95
CA HIS F 69 -52.12 66.49 47.82
C HIS F 69 -51.42 66.53 49.17
N ASN F 70 -52.13 66.26 50.27
CA ASN F 70 -51.58 66.14 51.61
C ASN F 70 -52.64 65.42 52.45
N GLY F 71 -52.26 65.06 53.68
CA GLY F 71 -53.15 64.37 54.59
C GLY F 71 -53.13 62.86 54.37
N GLY F 72 -53.90 62.16 55.21
CA GLY F 72 -53.92 60.71 55.15
C GLY F 72 -52.72 60.05 55.78
N GLN F 73 -51.97 60.78 56.61
CA GLN F 73 -50.71 60.32 57.21
C GLN F 73 -49.62 60.15 56.16
N LYS F 74 -48.43 59.73 56.59
CA LYS F 74 -47.29 59.52 55.71
C LYS F 74 -46.87 58.05 55.71
N GLN F 75 -47.84 57.14 55.61
CA GLN F 75 -47.55 55.73 55.76
C GLN F 75 -46.79 55.17 54.56
N LEU F 76 -47.27 55.44 53.36
CA LEU F 76 -46.65 54.91 52.14
C LEU F 76 -46.53 56.01 51.11
N SER F 77 -45.30 56.31 50.70
CA SER F 77 -45.05 57.33 49.70
C SER F 77 -43.84 56.96 48.84
N PRO F 78 -43.83 57.40 47.57
CA PRO F 78 -44.84 58.19 46.85
C PRO F 78 -46.02 57.36 46.37
N GLN F 79 -47.18 57.97 46.18
CA GLN F 79 -48.36 57.28 45.67
C GLN F 79 -48.47 57.33 44.14
N LYS F 80 -47.68 58.17 43.48
CA LYS F 80 -47.72 58.33 42.03
C LYS F 80 -46.31 58.52 41.52
N VAL F 81 -45.88 57.65 40.62
CA VAL F 81 -44.54 57.69 40.04
C VAL F 81 -44.65 57.76 38.53
N THR F 82 -43.90 58.67 37.92
CA THR F 82 -43.79 58.77 36.47
C THR F 82 -42.34 58.49 36.08
N LEU F 83 -42.15 57.49 35.22
CA LEU F 83 -40.81 57.05 34.81
C LEU F 83 -40.52 57.48 33.38
N TYR F 84 -39.36 58.10 33.19
CA TYR F 84 -38.80 58.34 31.86
C TYR F 84 -37.59 57.42 31.74
N LEU F 85 -37.73 56.35 30.96
CA LEU F 85 -36.83 55.20 31.03
C LEU F 85 -36.09 55.03 29.72
N ARG F 86 -34.80 55.32 29.71
CA ARG F 86 -33.97 55.00 28.56
C ARG F 86 -33.57 53.53 28.60
N PRO F 87 -33.79 52.77 27.53
CA PRO F 87 -33.46 51.33 27.54
C PRO F 87 -32.03 51.06 27.99
N GLY F 88 -31.89 50.12 28.93
CA GLY F 88 -30.61 49.79 29.51
C GLY F 88 -30.16 50.68 30.65
N GLN F 89 -30.78 51.84 30.82
CA GLN F 89 -30.35 52.84 31.80
C GLN F 89 -31.34 52.84 32.96
N ALA F 90 -30.84 52.56 34.16
CA ALA F 90 -31.71 52.38 35.32
C ALA F 90 -32.39 53.69 35.71
N ALA F 91 -33.65 53.57 36.14
CA ALA F 91 -34.45 54.70 36.62
C ALA F 91 -34.92 54.35 38.04
N ALA F 92 -34.27 54.93 39.04
CA ALA F 92 -34.47 54.53 40.42
C ALA F 92 -35.12 55.65 41.24
N PHE F 93 -35.90 55.25 42.26
CA PHE F 93 -36.55 56.22 43.13
C PHE F 93 -36.73 55.61 44.53
N ASN F 94 -36.69 56.48 45.54
CA ASN F 94 -36.78 56.10 46.94
C ASN F 94 -38.25 56.05 47.37
N VAL F 95 -38.65 54.96 48.04
CA VAL F 95 -40.01 54.79 48.55
C VAL F 95 -39.94 54.64 50.06
N THR F 96 -40.71 55.45 50.77
CA THR F 96 -40.74 55.47 52.23
C THR F 96 -41.98 54.76 52.74
N PHE F 97 -41.80 53.81 53.67
CA PHE F 97 -42.93 53.20 54.36
C PHE F 97 -42.79 53.42 55.86
N ARG F 98 -43.90 53.83 56.49
CA ARG F 98 -43.93 54.05 57.92
C ARG F 98 -45.36 53.95 58.45
N ARG F 99 -45.82 52.72 58.68
CA ARG F 99 -47.12 52.54 59.31
C ARG F 99 -47.01 52.83 60.80
N ALA F 100 -47.95 53.60 61.33
CA ALA F 100 -47.94 53.99 62.73
C ALA F 100 -49.28 53.71 63.38
N LYS F 101 -50.31 54.42 62.90
CA LYS F 101 -51.65 54.26 63.43
C LYS F 101 -52.12 52.83 63.27
N GLY F 102 -52.56 52.22 64.37
CA GLY F 102 -53.23 50.95 64.28
C GLY F 102 -54.52 51.08 63.49
N TYR F 103 -54.88 50.01 62.81
CA TYR F 103 -56.06 50.00 61.95
C TYR F 103 -57.01 48.89 62.36
N PRO F 104 -58.31 49.04 62.06
CA PRO F 104 -59.29 48.03 62.47
C PRO F 104 -58.94 46.64 61.97
N ILE F 105 -59.53 45.63 62.61
CA ILE F 105 -59.07 44.25 62.45
C ILE F 105 -60.25 43.30 62.61
N ASP F 106 -60.31 42.30 61.73
CA ASP F 106 -61.25 41.20 61.85
C ASP F 106 -60.48 39.91 62.12
N LEU F 107 -61.09 39.01 62.90
CA LEU F 107 -60.52 37.69 63.13
C LEU F 107 -61.60 36.65 62.93
N TYR F 108 -61.40 35.76 61.95
CA TYR F 108 -62.29 34.66 61.65
C TYR F 108 -61.60 33.37 62.06
N TYR F 109 -62.20 32.64 63.01
CA TYR F 109 -61.59 31.46 63.61
C TYR F 109 -62.11 30.21 62.89
N LEU F 110 -61.19 29.46 62.27
CA LEU F 110 -61.53 28.24 61.57
C LEU F 110 -61.15 27.04 62.43
N MET F 111 -62.14 26.21 62.76
CA MET F 111 -61.99 25.14 63.73
C MET F 111 -62.00 23.80 63.02
N ASP F 112 -60.96 23.00 63.23
CA ASP F 112 -61.00 21.59 62.88
C ASP F 112 -61.88 20.86 63.88
N LEU F 113 -62.94 20.22 63.40
CA LEU F 113 -63.91 19.60 64.30
C LEU F 113 -63.89 18.09 64.18
N SER F 114 -62.78 17.46 64.56
CA SER F 114 -62.67 16.02 64.53
C SER F 114 -62.77 15.44 65.93
N TYR F 115 -62.70 14.11 66.00
CA TYR F 115 -62.71 13.40 67.27
C TYR F 115 -61.55 13.79 68.18
N SER F 116 -60.45 14.29 67.61
CA SER F 116 -59.28 14.68 68.39
C SER F 116 -59.34 16.13 68.86
N MET F 117 -60.42 16.84 68.55
CA MET F 117 -60.57 18.24 68.90
C MET F 117 -61.70 18.47 69.89
N LEU F 118 -62.10 17.44 70.64
CA LEU F 118 -63.20 17.57 71.58
C LEU F 118 -62.86 18.55 72.69
N ASP F 119 -61.79 18.26 73.45
CA ASP F 119 -61.39 19.15 74.54
C ASP F 119 -60.91 20.49 74.03
N ASP F 120 -60.52 20.59 72.76
CA ASP F 120 -60.20 21.89 72.19
C ASP F 120 -61.45 22.75 72.06
N LEU F 121 -62.56 22.17 71.57
CA LEU F 121 -63.80 22.91 71.47
C LEU F 121 -64.30 23.35 72.86
N ARG F 122 -64.11 22.50 73.87
CA ARG F 122 -64.55 22.84 75.22
C ARG F 122 -63.89 24.13 75.70
N ASN F 123 -62.63 24.35 75.35
CA ASN F 123 -61.94 25.56 75.78
C ASN F 123 -62.06 26.71 74.80
N VAL F 124 -62.40 26.44 73.53
CA VAL F 124 -62.61 27.53 72.59
C VAL F 124 -63.91 28.27 72.91
N LYS F 125 -64.97 27.53 73.23
CA LYS F 125 -66.28 28.12 73.44
C LYS F 125 -66.26 29.19 74.51
N LYS F 126 -65.37 29.08 75.49
CA LYS F 126 -65.37 29.98 76.64
C LYS F 126 -64.55 31.25 76.42
N LEU F 127 -63.89 31.40 75.27
CA LEU F 127 -62.88 32.44 75.11
C LEU F 127 -63.35 33.62 74.29
N GLY F 128 -64.65 33.78 74.08
CA GLY F 128 -65.13 34.91 73.30
C GLY F 128 -64.72 36.26 73.87
N GLY F 129 -64.84 36.41 75.20
CA GLY F 129 -64.43 37.65 75.83
C GLY F 129 -62.94 37.93 75.66
N ASP F 130 -62.12 36.88 75.76
CA ASP F 130 -60.67 37.07 75.67
C ASP F 130 -60.25 37.46 74.26
N LEU F 131 -60.92 36.90 73.24
CA LEU F 131 -60.56 37.22 71.85
C LEU F 131 -60.81 38.69 71.56
N LEU F 132 -62.03 39.17 71.84
CA LEU F 132 -62.34 40.57 71.60
C LEU F 132 -61.50 41.48 72.49
N ARG F 133 -61.28 41.08 73.74
CA ARG F 133 -60.47 41.86 74.67
C ARG F 133 -59.08 42.11 74.10
N ALA F 134 -58.45 41.07 73.56
CA ALA F 134 -57.13 41.23 72.96
C ALA F 134 -57.18 42.11 71.72
N LEU F 135 -58.23 41.94 70.90
CA LEU F 135 -58.40 42.80 69.73
C LEU F 135 -58.48 44.27 70.13
N ASN F 136 -59.07 44.56 71.27
CA ASN F 136 -59.24 45.94 71.72
C ASN F 136 -58.03 46.47 72.48
N GLU F 137 -57.05 45.63 72.81
CA GLU F 137 -55.78 46.18 73.27
C GLU F 137 -55.06 46.89 72.13
N ILE F 138 -55.03 46.26 70.96
CA ILE F 138 -54.27 46.80 69.83
C ILE F 138 -55.09 47.79 69.03
N THR F 139 -56.34 47.43 68.71
CA THR F 139 -57.19 48.22 67.82
C THR F 139 -58.42 48.69 68.59
N GLU F 140 -59.32 49.38 67.88
CA GLU F 140 -60.63 49.71 68.42
C GLU F 140 -61.68 48.87 67.73
N SER F 141 -62.46 48.14 68.53
CA SER F 141 -63.61 47.37 68.06
C SER F 141 -63.22 46.40 66.95
N GLY F 142 -62.26 45.54 67.26
CA GLY F 142 -62.05 44.37 66.42
C GLY F 142 -63.25 43.45 66.45
N ARG F 143 -63.42 42.67 65.39
CA ARG F 143 -64.62 41.84 65.28
C ARG F 143 -64.25 40.37 65.20
N ILE F 144 -65.26 39.52 65.27
CA ILE F 144 -65.07 38.10 65.54
C ILE F 144 -66.05 37.29 64.70
N GLY F 145 -65.53 36.26 64.02
CA GLY F 145 -66.35 35.33 63.28
C GLY F 145 -65.82 33.92 63.47
N PHE F 146 -66.52 32.96 62.87
CA PHE F 146 -66.18 31.57 63.12
C PHE F 146 -66.66 30.70 61.97
N GLY F 147 -65.81 29.75 61.55
CA GLY F 147 -66.23 28.70 60.66
C GLY F 147 -65.56 27.41 61.04
N SER F 148 -66.05 26.31 60.45
CA SER F 148 -65.50 25.02 60.83
C SER F 148 -65.51 24.07 59.64
N PHE F 149 -64.61 23.09 59.71
CA PHE F 149 -64.35 22.18 58.61
C PHE F 149 -63.99 20.81 59.17
N VAL F 150 -64.24 19.78 58.37
CA VAL F 150 -63.67 18.47 58.64
C VAL F 150 -62.96 17.98 57.40
N ASP F 151 -63.71 17.52 56.41
CA ASP F 151 -63.13 16.92 55.21
C ASP F 151 -64.23 16.70 54.19
N LYS F 152 -63.82 16.25 53.01
CA LYS F 152 -64.77 15.96 51.94
C LYS F 152 -65.62 14.75 52.35
N THR F 153 -66.92 14.83 52.05
CA THR F 153 -67.91 13.94 52.62
C THR F 153 -68.12 12.65 51.83
N VAL F 154 -67.17 12.26 50.98
CA VAL F 154 -67.19 10.93 50.41
C VAL F 154 -65.85 10.25 50.68
N LEU F 155 -65.85 8.94 50.51
CA LEU F 155 -64.65 8.12 50.66
C LEU F 155 -63.58 8.53 49.66
N PRO F 156 -62.30 8.21 49.96
CA PRO F 156 -61.81 7.61 51.22
C PRO F 156 -61.38 8.65 52.23
N PHE F 157 -62.17 9.73 52.38
CA PHE F 157 -61.87 10.78 53.32
C PHE F 157 -62.77 10.77 54.54
N VAL F 158 -63.94 10.13 54.45
CA VAL F 158 -64.76 9.76 55.58
C VAL F 158 -65.53 8.51 55.16
N ASN F 159 -65.80 7.64 56.12
CA ASN F 159 -66.53 6.42 55.77
C ASN F 159 -67.99 6.76 55.50
N THR F 160 -68.51 6.23 54.41
CA THR F 160 -69.86 6.53 53.97
C THR F 160 -70.86 5.47 54.38
N HIS F 161 -70.46 4.47 55.17
CA HIS F 161 -71.43 3.50 55.63
C HIS F 161 -72.35 4.16 56.65
N PRO F 162 -73.67 3.97 56.52
CA PRO F 162 -74.63 4.77 57.32
C PRO F 162 -74.41 4.77 58.83
N ASP F 163 -74.07 3.63 59.44
CA ASP F 163 -73.85 3.62 60.88
C ASP F 163 -72.68 4.53 61.26
N LYS F 164 -71.60 4.47 60.49
CA LYS F 164 -70.46 5.36 60.77
C LYS F 164 -70.72 6.77 60.28
N LEU F 165 -71.44 6.90 59.16
CA LEU F 165 -71.78 8.22 58.66
C LEU F 165 -72.75 8.94 59.60
N ARG F 166 -73.67 8.19 60.22
CA ARG F 166 -74.58 8.79 61.20
C ARG F 166 -73.81 9.27 62.42
N ASN F 167 -72.92 8.44 62.95
CA ASN F 167 -72.10 8.78 64.11
C ASN F 167 -70.63 8.75 63.70
N PRO F 168 -70.06 9.90 63.32
CA PRO F 168 -68.67 9.92 62.85
C PRO F 168 -67.63 9.85 63.96
N CYS F 169 -68.00 10.07 65.20
CA CYS F 169 -67.09 9.94 66.33
C CYS F 169 -66.96 8.46 66.70
N PRO F 170 -65.99 8.11 67.54
CA PRO F 170 -66.01 6.77 68.13
C PRO F 170 -67.36 6.54 68.79
N ASN F 171 -67.97 5.39 68.49
CA ASN F 171 -69.33 5.11 68.96
C ASN F 171 -69.46 5.23 70.48
N LYS F 172 -68.34 5.36 71.19
CA LYS F 172 -68.27 5.70 72.60
C LYS F 172 -69.23 6.82 72.99
N GLU F 173 -69.41 7.79 72.09
CA GLU F 173 -70.25 8.95 72.36
C GLU F 173 -71.22 9.17 71.20
N LYS F 174 -72.44 9.60 71.52
CA LYS F 174 -73.48 9.87 70.54
C LYS F 174 -73.78 11.36 70.43
N GLU F 175 -72.80 12.21 70.75
CA GLU F 175 -73.01 13.65 70.87
C GLU F 175 -72.33 14.43 69.75
N CYS F 176 -72.12 13.80 68.60
CA CYS F 176 -71.40 14.43 67.51
C CYS F 176 -72.33 14.74 66.36
N GLN F 177 -71.82 15.61 65.41
CA GLN F 177 -72.58 15.96 64.22
C GLN F 177 -72.04 15.23 63.00
N PRO F 178 -72.88 14.99 61.99
CA PRO F 178 -72.44 14.20 60.85
C PRO F 178 -71.25 14.83 60.14
N PRO F 179 -70.48 14.04 59.39
CA PRO F 179 -69.33 14.59 58.68
C PRO F 179 -69.75 15.65 57.68
N PHE F 180 -68.94 16.70 57.59
CA PHE F 180 -69.28 17.84 56.75
C PHE F 180 -67.99 18.45 56.21
N ALA F 181 -68.08 19.00 55.00
CA ALA F 181 -66.96 19.73 54.44
C ALA F 181 -66.73 21.03 55.20
N PHE F 182 -67.64 21.99 55.06
CA PHE F 182 -67.42 23.30 55.65
C PHE F 182 -68.73 23.93 56.10
N ARG F 183 -68.75 24.43 57.34
CA ARG F 183 -69.87 25.15 57.90
C ARG F 183 -69.48 26.60 58.18
N HIS F 184 -70.41 27.51 57.90
CA HIS F 184 -70.23 28.94 58.14
C HIS F 184 -71.09 29.34 59.34
N VAL F 185 -70.51 30.10 60.26
CA VAL F 185 -71.22 30.51 61.47
C VAL F 185 -71.42 32.02 61.48
N LEU F 186 -72.47 32.49 60.78
CA LEU F 186 -72.98 33.87 60.80
C LEU F 186 -71.88 34.82 60.34
N LYS F 187 -71.69 35.97 60.96
CA LYS F 187 -70.85 37.01 60.42
C LYS F 187 -69.88 37.53 61.47
N LEU F 188 -68.84 38.23 60.98
CA LEU F 188 -67.92 38.94 61.86
C LEU F 188 -68.67 40.05 62.60
N THR F 189 -68.52 40.11 63.92
CA THR F 189 -69.36 41.00 64.71
C THR F 189 -68.62 41.57 65.91
N ASN F 190 -69.19 42.66 66.42
CA ASN F 190 -68.79 43.21 67.72
C ASN F 190 -68.97 42.21 68.84
N ASN F 191 -70.03 41.40 68.75
CA ASN F 191 -70.62 40.71 69.89
C ASN F 191 -69.87 39.41 70.14
N SER F 192 -69.05 39.38 71.19
CA SER F 192 -68.26 38.21 71.55
C SER F 192 -69.00 37.23 72.46
N ASN F 193 -70.24 37.52 72.84
CA ASN F 193 -71.10 36.54 73.49
C ASN F 193 -71.98 35.80 72.51
N GLN F 194 -72.39 36.46 71.43
CA GLN F 194 -72.93 35.73 70.27
C GLN F 194 -71.92 34.73 69.74
N PHE F 195 -70.62 35.03 69.89
CA PHE F 195 -69.59 34.04 69.63
C PHE F 195 -69.85 32.75 70.41
N GLN F 196 -69.97 32.86 71.73
CA GLN F 196 -70.23 31.68 72.55
C GLN F 196 -71.56 31.03 72.20
N THR F 197 -72.59 31.85 71.98
CA THR F 197 -73.91 31.33 71.60
C THR F 197 -73.81 30.43 70.38
N GLU F 198 -73.12 30.92 69.34
CA GLU F 198 -73.11 30.24 68.05
C GLU F 198 -72.00 29.22 67.93
N VAL F 199 -70.89 29.37 68.65
CA VAL F 199 -69.83 28.37 68.60
C VAL F 199 -70.21 27.14 69.41
N GLY F 200 -70.69 27.35 70.64
CA GLY F 200 -71.19 26.24 71.43
C GLY F 200 -72.32 25.50 70.75
N LYS F 201 -73.06 26.18 69.88
CA LYS F 201 -74.20 25.58 69.19
C LYS F 201 -73.83 24.32 68.41
N GLN F 202 -72.60 24.23 67.91
CA GLN F 202 -72.22 23.16 67.02
C GLN F 202 -71.33 22.13 67.71
N LEU F 203 -71.50 20.88 67.30
CA LEU F 203 -70.80 19.73 67.87
C LEU F 203 -69.56 19.38 67.05
N ILE F 204 -68.70 18.54 67.62
CA ILE F 204 -67.55 18.03 66.86
C ILE F 204 -68.04 16.92 65.95
N SER F 205 -67.20 16.53 64.99
CA SER F 205 -67.55 15.50 64.01
C SER F 205 -66.39 14.52 63.85
N GLY F 206 -66.22 13.95 62.66
CA GLY F 206 -65.16 12.97 62.50
C GLY F 206 -64.79 12.70 61.05
N ASN F 207 -63.70 11.95 60.87
CA ASN F 207 -63.19 11.61 59.55
C ASN F 207 -62.47 10.27 59.60
N LEU F 208 -62.02 9.83 58.43
CA LEU F 208 -61.13 8.68 58.29
C LEU F 208 -59.72 9.12 57.91
N ASP F 209 -59.58 9.78 56.76
CA ASP F 209 -58.28 10.16 56.25
C ASP F 209 -57.66 11.23 57.14
N ALA F 210 -56.40 11.01 57.54
CA ALA F 210 -55.78 11.91 58.51
C ALA F 210 -55.73 13.37 58.08
N PRO F 211 -55.37 13.73 56.85
CA PRO F 211 -55.41 15.16 56.49
C PRO F 211 -56.85 15.67 56.50
N GLU F 212 -57.00 16.93 56.91
CA GLU F 212 -58.30 17.57 56.92
C GLU F 212 -58.47 18.39 55.65
N GLY F 213 -59.70 18.47 55.15
CA GLY F 213 -59.98 19.19 53.92
C GLY F 213 -60.03 20.70 54.09
N GLY F 214 -59.21 21.24 54.98
CA GLY F 214 -59.32 22.63 55.41
C GLY F 214 -59.05 23.69 54.35
N LEU F 215 -58.72 23.27 53.13
CA LEU F 215 -58.48 24.22 52.04
C LEU F 215 -59.72 24.52 51.21
N ASP F 216 -60.63 23.56 51.03
CA ASP F 216 -61.96 23.91 50.53
C ASP F 216 -62.57 25.01 51.38
N ALA F 217 -62.31 24.97 52.69
CA ALA F 217 -62.72 25.97 53.66
C ALA F 217 -62.14 27.33 53.33
N MET F 218 -60.82 27.48 53.53
CA MET F 218 -60.16 28.77 53.33
C MET F 218 -60.48 29.37 51.96
N MET F 219 -60.68 28.53 50.95
CA MET F 219 -61.08 29.02 49.64
C MET F 219 -62.46 29.66 49.70
N GLN F 220 -63.46 28.92 50.20
CA GLN F 220 -64.79 29.49 50.37
C GLN F 220 -64.81 30.63 51.37
N VAL F 221 -63.85 30.70 52.29
CA VAL F 221 -63.77 31.84 53.21
C VAL F 221 -63.42 33.10 52.44
N ALA F 222 -62.25 33.12 51.79
CA ALA F 222 -61.80 34.29 51.05
C ALA F 222 -62.78 34.70 49.96
N ALA F 223 -63.61 33.77 49.47
CA ALA F 223 -64.38 33.96 48.26
C ALA F 223 -65.78 34.51 48.49
N CYS F 224 -66.21 34.80 49.72
CA CYS F 224 -67.59 35.21 49.98
C CYS F 224 -67.68 36.36 50.99
N PRO F 225 -67.11 37.52 50.70
CA PRO F 225 -67.46 38.70 51.52
C PRO F 225 -68.95 39.06 51.50
N GLU F 226 -69.69 38.74 50.43
CA GLU F 226 -71.13 39.00 50.49
C GLU F 226 -71.80 38.12 51.53
N GLU F 227 -71.52 36.82 51.51
CA GLU F 227 -72.17 35.86 52.38
C GLU F 227 -71.47 35.71 53.73
N ILE F 228 -70.26 36.22 53.88
CA ILE F 228 -69.60 36.35 55.18
C ILE F 228 -69.71 37.77 55.72
N GLY F 229 -69.30 38.75 54.93
CA GLY F 229 -69.12 40.09 55.46
C GLY F 229 -67.72 40.23 56.03
N TRP F 230 -66.79 40.71 55.23
CA TRP F 230 -65.50 41.18 55.71
C TRP F 230 -65.51 42.69 55.73
N ARG F 231 -64.92 43.27 56.77
CA ARG F 231 -64.58 44.68 56.68
C ARG F 231 -63.34 44.84 55.81
N ASN F 232 -63.28 45.95 55.07
CA ASN F 232 -62.15 46.18 54.17
C ASN F 232 -60.93 46.69 54.93
N VAL F 233 -60.57 45.96 55.99
CA VAL F 233 -59.51 46.35 56.91
C VAL F 233 -58.50 45.21 57.00
N THR F 234 -57.81 45.09 58.14
CA THR F 234 -56.95 43.95 58.37
C THR F 234 -57.81 42.69 58.52
N ARG F 235 -57.56 41.69 57.68
CA ARG F 235 -58.37 40.48 57.62
C ARG F 235 -57.50 39.29 58.01
N LEU F 236 -57.84 38.65 59.12
CA LEU F 236 -57.08 37.52 59.63
C LEU F 236 -57.91 36.24 59.61
N LEU F 237 -57.22 35.12 59.40
CA LEU F 237 -57.77 33.80 59.64
C LEU F 237 -56.92 33.11 60.70
N VAL F 238 -57.56 32.35 61.57
CA VAL F 238 -56.85 31.52 62.55
C VAL F 238 -57.26 30.08 62.29
N PHE F 239 -56.36 29.32 61.66
CA PHE F 239 -56.58 27.95 61.23
C PHE F 239 -56.00 27.03 62.31
N ALA F 240 -56.82 26.13 62.85
CA ALA F 240 -56.45 25.37 64.04
C ALA F 240 -56.68 23.87 63.82
N THR F 241 -55.65 23.06 64.06
CA THR F 241 -55.82 21.61 63.94
C THR F 241 -54.63 20.88 64.58
N ASP F 242 -54.88 19.60 64.90
CA ASP F 242 -53.83 18.62 65.21
C ASP F 242 -53.29 17.93 63.97
N ASP F 243 -54.00 18.00 62.85
CA ASP F 243 -53.85 17.05 61.75
C ASP F 243 -53.18 17.70 60.54
N GLY F 244 -53.02 16.90 59.50
CA GLY F 244 -52.50 17.37 58.23
C GLY F 244 -53.59 18.03 57.42
N PHE F 245 -53.33 18.14 56.11
CA PHE F 245 -54.28 18.81 55.23
C PHE F 245 -54.12 18.27 53.82
N HIS F 246 -55.25 18.18 53.12
CA HIS F 246 -55.28 17.77 51.73
C HIS F 246 -54.95 18.95 50.82
N PHE F 247 -54.57 18.63 49.58
CA PHE F 247 -54.49 19.64 48.53
C PHE F 247 -54.80 18.98 47.19
N ALA F 248 -54.82 19.80 46.15
CA ALA F 248 -55.35 19.48 44.83
C ALA F 248 -54.77 18.21 44.23
N GLY F 249 -55.48 17.63 43.26
CA GLY F 249 -55.07 16.38 42.65
C GLY F 249 -55.09 15.18 43.57
N ASP F 250 -55.51 15.34 44.82
CA ASP F 250 -55.67 14.23 45.73
C ASP F 250 -57.09 13.68 45.74
N GLY F 251 -58.07 14.49 45.33
CA GLY F 251 -59.43 14.01 45.16
C GLY F 251 -59.55 12.89 44.15
N LYS F 252 -58.54 12.72 43.29
CA LYS F 252 -58.52 11.56 42.39
C LYS F 252 -58.62 10.25 43.15
N LEU F 253 -58.13 10.22 44.40
CA LEU F 253 -58.28 9.02 45.22
C LEU F 253 -59.74 8.62 45.39
N GLY F 254 -60.64 9.59 45.46
CA GLY F 254 -62.07 9.30 45.48
C GLY F 254 -62.74 9.62 44.15
N ALA F 255 -61.96 9.53 43.07
CA ALA F 255 -62.46 9.72 41.71
C ALA F 255 -63.00 11.12 41.48
N ILE F 256 -62.40 12.13 42.12
CA ILE F 256 -62.78 13.52 41.95
C ILE F 256 -61.65 14.20 41.18
N LEU F 257 -61.90 14.53 39.92
CA LEU F 257 -60.86 15.03 39.03
C LEU F 257 -60.95 16.52 38.75
N THR F 258 -62.15 17.08 38.61
CA THR F 258 -62.32 18.49 38.28
C THR F 258 -61.68 19.38 39.34
N PRO F 259 -60.76 20.25 38.99
CA PRO F 259 -60.00 21.02 39.98
C PRO F 259 -60.85 22.11 40.62
N ASN F 260 -60.26 22.80 41.60
CA ASN F 260 -60.99 23.78 42.39
C ASN F 260 -61.33 25.00 41.56
N ASP F 261 -62.58 25.45 41.69
CA ASP F 261 -63.16 26.48 40.85
C ASP F 261 -62.77 27.89 41.29
N GLY F 262 -62.46 28.07 42.58
CA GLY F 262 -62.26 29.41 43.09
C GLY F 262 -63.51 30.24 43.21
N ARG F 263 -64.69 29.64 43.03
CA ARG F 263 -65.95 30.36 43.09
C ARG F 263 -66.66 30.03 44.40
N CYS F 264 -67.28 31.06 44.99
CA CYS F 264 -68.04 30.89 46.21
C CYS F 264 -69.33 30.17 45.91
N HIS F 265 -69.44 28.92 46.33
CA HIS F 265 -70.66 28.16 46.11
C HIS F 265 -71.15 27.61 47.43
N LEU F 266 -72.30 28.10 47.85
CA LEU F 266 -72.92 27.77 49.13
C LEU F 266 -74.41 27.71 48.91
N GLU F 267 -75.01 26.56 49.23
CA GLU F 267 -76.46 26.53 49.43
C GLU F 267 -76.71 26.73 50.92
N ASP F 268 -76.77 28.00 51.32
CA ASP F 268 -77.18 28.43 52.66
C ASP F 268 -76.14 28.09 53.72
N ASN F 269 -74.95 28.71 53.65
CA ASN F 269 -73.86 28.50 54.59
C ASN F 269 -73.32 27.07 54.53
N LEU F 270 -73.52 26.38 53.41
CA LEU F 270 -73.24 24.97 53.27
C LEU F 270 -72.42 24.74 52.00
N TYR F 271 -71.99 23.48 51.79
CA TYR F 271 -70.92 23.15 50.87
C TYR F 271 -71.37 22.41 49.61
N LYS F 272 -72.62 21.91 49.56
CA LYS F 272 -73.08 20.79 48.73
C LYS F 272 -72.20 20.32 47.56
N ARG F 273 -71.47 21.20 46.88
CA ARG F 273 -70.70 20.80 45.71
C ARG F 273 -69.27 20.38 46.03
N SER F 274 -68.91 20.23 47.31
CA SER F 274 -67.52 19.91 47.65
C SER F 274 -67.10 18.54 47.12
N ASN F 275 -68.02 17.59 47.03
CA ASN F 275 -67.69 16.25 46.58
C ASN F 275 -67.49 16.15 45.07
N GLU F 276 -67.63 17.25 44.34
CA GLU F 276 -67.45 17.25 42.90
C GLU F 276 -66.30 18.14 42.44
N PHE F 277 -65.81 19.02 43.30
CA PHE F 277 -64.60 19.77 43.03
C PHE F 277 -63.46 19.22 43.86
N ASP F 278 -62.29 19.11 43.24
CA ASP F 278 -61.09 18.68 43.92
C ASP F 278 -60.67 19.75 44.93
N TYR F 279 -59.75 19.37 45.82
CA TYR F 279 -59.18 20.34 46.73
C TYR F 279 -58.43 21.40 45.93
N PRO F 280 -58.28 22.60 46.47
CA PRO F 280 -57.47 23.62 45.79
C PRO F 280 -55.99 23.36 46.00
N SER F 281 -55.19 23.98 45.14
CA SER F 281 -53.74 23.84 45.22
C SER F 281 -53.17 24.85 46.21
N VAL F 282 -51.93 24.60 46.62
CA VAL F 282 -51.29 25.44 47.64
C VAL F 282 -51.14 26.86 47.11
N GLY F 283 -50.67 27.01 45.88
CA GLY F 283 -50.50 28.34 45.31
C GLY F 283 -51.80 28.98 44.90
N GLN F 284 -52.80 28.16 44.54
CA GLN F 284 -54.11 28.68 44.15
C GLN F 284 -54.68 29.60 45.22
N LEU F 285 -54.50 29.23 46.49
CA LEU F 285 -54.97 30.03 47.61
C LEU F 285 -54.00 31.13 48.01
N ALA F 286 -52.69 30.89 47.90
CA ALA F 286 -51.72 31.96 48.13
C ALA F 286 -52.05 33.18 47.30
N HIS F 287 -52.45 32.95 46.05
CA HIS F 287 -52.97 34.03 45.21
C HIS F 287 -54.26 34.59 45.78
N LYS F 288 -55.20 33.71 46.13
CA LYS F 288 -56.50 34.13 46.63
C LYS F 288 -56.40 34.87 47.96
N LEU F 289 -55.47 34.47 48.82
CA LEU F 289 -55.32 35.12 50.12
C LEU F 289 -54.59 36.45 50.01
N ALA F 290 -53.55 36.52 49.18
CA ALA F 290 -52.90 37.80 48.93
C ALA F 290 -53.83 38.78 48.24
N GLU F 291 -54.75 38.28 47.42
CA GLU F 291 -55.70 39.13 46.72
C GLU F 291 -56.53 39.97 47.69
N ASN F 292 -57.09 39.32 48.71
CA ASN F 292 -58.00 39.98 49.65
C ASN F 292 -57.29 40.40 50.93
N ASN F 293 -55.97 40.40 50.96
CA ASN F 293 -55.18 40.84 52.11
C ASN F 293 -55.56 40.06 53.38
N ILE F 294 -55.62 38.74 53.24
CA ILE F 294 -55.96 37.85 54.33
C ILE F 294 -54.68 37.19 54.84
N GLN F 295 -54.42 37.30 56.14
CA GLN F 295 -53.25 36.67 56.75
C GLN F 295 -53.68 35.45 57.56
N PRO F 296 -53.45 34.24 57.07
CA PRO F 296 -53.79 33.06 57.87
C PRO F 296 -52.81 32.85 59.00
N ILE F 297 -53.34 32.59 60.19
CA ILE F 297 -52.55 32.34 61.39
C ILE F 297 -52.69 30.87 61.71
N PHE F 298 -51.56 30.15 61.70
CA PHE F 298 -51.59 28.70 61.80
C PHE F 298 -51.39 28.29 63.24
N ALA F 299 -52.44 27.73 63.84
CA ALA F 299 -52.45 27.24 65.21
C ALA F 299 -52.46 25.73 65.13
N VAL F 300 -51.30 25.11 65.34
CA VAL F 300 -51.15 23.68 65.12
C VAL F 300 -50.29 23.06 66.23
N THR F 301 -50.41 21.75 66.35
CA THR F 301 -49.57 20.98 67.25
C THR F 301 -48.13 20.97 66.76
N SER F 302 -47.22 20.60 67.65
CA SER F 302 -45.80 20.53 67.29
C SER F 302 -45.57 19.55 66.15
N ARG F 303 -46.45 18.55 66.03
CA ARG F 303 -46.31 17.58 64.94
C ARG F 303 -46.45 18.23 63.58
N MET F 304 -47.17 19.35 63.49
CA MET F 304 -47.44 20.02 62.23
C MET F 304 -46.67 21.33 62.06
N VAL F 305 -45.98 21.80 63.11
CA VAL F 305 -45.38 23.13 63.11
C VAL F 305 -44.45 23.32 61.91
N LYS F 306 -43.52 22.38 61.69
CA LYS F 306 -42.53 22.56 60.64
C LYS F 306 -43.16 22.60 59.25
N THR F 307 -44.20 21.80 59.02
CA THR F 307 -44.88 21.85 57.73
C THR F 307 -45.58 23.18 57.52
N TYR F 308 -46.16 23.76 58.56
CA TYR F 308 -46.85 25.04 58.43
C TYR F 308 -45.88 26.21 58.41
N GLU F 309 -44.71 26.06 59.02
CA GLU F 309 -43.63 27.03 58.82
C GLU F 309 -43.35 27.24 57.34
N LYS F 310 -43.26 26.14 56.59
CA LYS F 310 -42.88 26.16 55.20
C LYS F 310 -43.93 26.77 54.30
N LEU F 311 -45.08 27.16 54.84
CA LEU F 311 -46.10 27.85 54.05
C LEU F 311 -45.99 29.36 54.14
N THR F 312 -45.13 29.88 55.03
CA THR F 312 -44.85 31.30 55.07
C THR F 312 -43.96 31.74 53.93
N GLU F 313 -43.30 30.79 53.27
CA GLU F 313 -42.58 31.11 52.05
C GLU F 313 -43.53 31.42 50.91
N ILE F 314 -44.47 30.52 50.64
CA ILE F 314 -45.39 30.68 49.51
C ILE F 314 -46.34 31.86 49.73
N ILE F 315 -46.76 32.12 50.97
CA ILE F 315 -47.40 33.40 51.23
C ILE F 315 -46.76 34.07 52.44
N PRO F 316 -46.09 35.19 52.24
CA PRO F 316 -45.42 35.87 53.36
C PRO F 316 -46.37 36.33 54.43
N LYS F 317 -47.55 36.84 54.04
CA LYS F 317 -48.51 37.37 55.00
C LYS F 317 -49.30 36.21 55.58
N SER F 318 -48.62 35.47 56.45
CA SER F 318 -49.19 34.38 57.23
C SER F 318 -48.28 34.17 58.43
N ALA F 319 -48.80 33.48 59.43
CA ALA F 319 -48.04 33.20 60.64
C ALA F 319 -48.29 31.77 61.08
N VAL F 320 -47.41 31.27 61.94
CA VAL F 320 -47.45 29.88 62.37
C VAL F 320 -46.93 29.78 63.79
N GLY F 321 -47.61 28.96 64.61
CA GLY F 321 -47.24 28.83 66.00
C GLY F 321 -47.74 27.55 66.60
N GLU F 322 -46.99 27.04 67.58
CA GLU F 322 -47.33 25.81 68.29
C GLU F 322 -48.19 26.14 69.52
N LEU F 323 -49.25 25.38 69.72
CA LEU F 323 -50.13 25.60 70.87
C LEU F 323 -50.53 24.27 71.50
N SER F 324 -50.87 24.34 72.77
CA SER F 324 -51.32 23.17 73.51
C SER F 324 -52.65 22.66 72.96
N GLU F 325 -52.85 21.34 73.04
CA GLU F 325 -54.14 20.76 72.70
C GLU F 325 -55.23 21.11 73.68
N ASP F 326 -54.92 21.92 74.70
CA ASP F 326 -55.98 22.53 75.49
C ASP F 326 -56.69 23.63 74.72
N SER F 327 -56.06 24.14 73.65
CA SER F 327 -56.47 25.39 73.02
C SER F 327 -56.53 26.51 74.05
N SER F 328 -55.61 26.46 75.01
CA SER F 328 -55.44 27.52 76.00
C SER F 328 -54.45 28.58 75.54
N ASN F 329 -53.62 28.28 74.54
CA ASN F 329 -52.62 29.20 74.03
C ASN F 329 -53.06 29.89 72.74
N VAL F 330 -54.37 29.88 72.45
CA VAL F 330 -54.86 30.44 71.19
C VAL F 330 -54.52 31.92 71.09
N VAL F 331 -54.81 32.68 72.16
CA VAL F 331 -54.63 34.12 72.11
C VAL F 331 -53.14 34.48 72.12
N GLN F 332 -52.31 33.69 72.79
CA GLN F 332 -50.89 34.03 72.82
C GLN F 332 -50.20 33.68 71.51
N LEU F 333 -50.74 32.73 70.75
CA LEU F 333 -50.28 32.55 69.38
C LEU F 333 -50.63 33.77 68.55
N ILE F 334 -51.86 34.26 68.70
CA ILE F 334 -52.30 35.46 68.00
C ILE F 334 -51.53 36.68 68.49
N LYS F 335 -51.10 36.65 69.76
CA LYS F 335 -50.14 37.64 70.24
C LYS F 335 -48.85 37.58 69.43
N ASN F 336 -48.32 36.36 69.24
CA ASN F 336 -47.13 36.19 68.41
C ASN F 336 -47.40 36.50 66.95
N ALA F 337 -48.64 36.30 66.50
CA ALA F 337 -48.92 36.42 65.07
C ALA F 337 -48.88 37.87 64.61
N TYR F 338 -49.72 38.73 65.20
CA TYR F 338 -49.75 40.14 64.84
C TYR F 338 -48.37 40.77 64.97
N ASN F 339 -47.55 40.28 65.89
CA ASN F 339 -46.25 40.88 66.14
C ASN F 339 -45.35 40.77 64.92
N LYS F 340 -45.12 39.57 64.42
CA LYS F 340 -44.19 39.40 63.31
C LYS F 340 -44.82 39.67 61.96
N LEU F 341 -46.15 39.63 61.85
CA LEU F 341 -46.79 40.09 60.62
C LEU F 341 -46.67 41.61 60.47
N SER F 342 -46.65 42.33 61.58
CA SER F 342 -46.43 43.77 61.55
C SER F 342 -44.97 44.14 61.71
N SER F 343 -44.14 43.21 62.21
CA SER F 343 -42.70 43.41 62.15
C SER F 343 -42.21 43.36 60.70
N ARG F 344 -42.77 42.45 59.92
CA ARG F 344 -42.30 42.18 58.56
C ARG F 344 -42.93 43.13 57.55
N VAL F 345 -42.10 43.62 56.64
CA VAL F 345 -42.52 44.49 55.55
C VAL F 345 -42.16 43.79 54.25
N PHE F 346 -43.17 43.39 53.48
CA PHE F 346 -42.99 42.71 52.20
C PHE F 346 -43.39 43.67 51.08
N LEU F 347 -42.47 43.89 50.14
CA LEU F 347 -42.65 44.85 49.05
C LEU F 347 -42.51 44.13 47.72
N ASP F 348 -43.59 44.16 46.93
CA ASP F 348 -43.70 43.41 45.67
C ASP F 348 -44.45 44.27 44.67
N HIS F 349 -44.66 43.74 43.46
CA HIS F 349 -45.28 44.52 42.40
C HIS F 349 -46.11 43.62 41.49
N ASN F 350 -46.81 44.27 40.55
CA ASN F 350 -47.75 43.66 39.63
C ASN F 350 -47.05 42.69 38.68
N ALA F 351 -47.80 42.15 37.71
CA ALA F 351 -47.25 41.20 36.73
C ALA F 351 -46.60 41.97 35.59
N LEU F 352 -45.24 42.08 35.64
CA LEU F 352 -44.42 42.85 34.72
C LEU F 352 -44.11 42.05 33.46
N PRO F 353 -44.20 42.70 32.29
CA PRO F 353 -43.72 42.06 31.06
C PRO F 353 -42.19 41.91 31.05
N ASP F 354 -41.74 40.97 30.23
CA ASP F 354 -40.33 40.65 30.02
C ASP F 354 -39.49 41.90 29.82
N THR F 355 -40.07 42.89 29.15
CA THR F 355 -39.36 44.05 28.62
C THR F 355 -38.70 44.91 29.70
N LEU F 356 -39.06 44.73 30.97
CA LEU F 356 -38.46 45.58 32.01
C LEU F 356 -38.41 44.84 33.32
N LYS F 357 -37.34 45.07 34.08
CA LYS F 357 -37.09 44.42 35.35
C LYS F 357 -37.12 45.45 36.47
N VAL F 358 -37.48 45.01 37.68
CA VAL F 358 -37.56 45.88 38.84
C VAL F 358 -36.86 45.22 40.02
N THR F 359 -35.95 45.95 40.65
CA THR F 359 -35.27 45.49 41.86
C THR F 359 -35.50 46.50 42.98
N TYR F 360 -35.19 46.08 44.20
CA TYR F 360 -35.37 46.92 45.37
C TYR F 360 -34.14 46.88 46.26
N ASP F 361 -33.85 48.01 46.89
CA ASP F 361 -32.99 48.07 48.05
C ASP F 361 -33.86 48.30 49.28
N SER F 362 -33.32 48.02 50.46
CA SER F 362 -34.10 48.16 51.68
C SER F 362 -33.14 48.53 52.81
N PHE F 363 -33.20 49.77 53.26
CA PHE F 363 -32.55 50.12 54.52
C PHE F 363 -33.53 49.86 55.65
N CYS F 364 -33.18 48.94 56.52
CA CYS F 364 -33.96 48.64 57.71
C CYS F 364 -33.56 49.61 58.82
N SER F 365 -34.56 50.20 59.48
CA SER F 365 -34.32 51.21 60.50
C SER F 365 -33.44 50.71 61.63
N ASN F 366 -33.25 49.40 61.75
CA ASN F 366 -32.40 48.81 62.77
C ASN F 366 -30.94 48.74 62.34
N GLY F 367 -30.55 49.49 61.32
CA GLY F 367 -29.19 49.51 60.84
C GLY F 367 -28.82 48.40 59.88
N VAL F 368 -29.76 47.55 59.51
CA VAL F 368 -29.46 46.39 58.68
C VAL F 368 -29.29 46.83 57.23
N THR F 369 -28.14 46.50 56.66
CA THR F 369 -27.85 46.81 55.27
C THR F 369 -28.42 45.71 54.37
N HIS F 370 -29.25 46.10 53.41
CA HIS F 370 -29.93 45.15 52.54
C HIS F 370 -30.19 45.84 51.19
N ARG F 371 -30.03 45.09 50.10
CA ARG F 371 -30.07 45.71 48.78
C ARG F 371 -30.27 44.65 47.71
N ASN F 372 -30.77 45.11 46.56
CA ASN F 372 -30.79 44.35 45.30
C ASN F 372 -31.49 43.01 45.47
N GLN F 373 -32.83 43.10 45.55
CA GLN F 373 -33.67 41.93 45.70
C GLN F 373 -35.03 42.23 45.12
N PRO F 374 -35.67 41.26 44.45
CA PRO F 374 -37.04 41.50 43.96
C PRO F 374 -38.04 41.74 45.07
N ARG F 375 -37.65 41.50 46.32
CA ARG F 375 -38.45 41.82 47.49
C ARG F 375 -37.81 42.98 48.24
N GLY F 376 -38.65 43.91 48.70
CA GLY F 376 -38.21 44.92 49.64
C GLY F 376 -38.46 44.45 51.06
N ASP F 377 -37.78 43.39 51.45
CA ASP F 377 -38.09 42.65 52.67
C ASP F 377 -37.13 43.05 53.79
N CYS F 378 -37.69 43.65 54.85
CA CYS F 378 -36.98 43.87 56.10
C CYS F 378 -38.00 43.81 57.22
N ASP F 379 -37.54 43.57 58.44
CA ASP F 379 -38.49 43.44 59.56
C ASP F 379 -37.90 44.10 60.80
N GLY F 380 -38.49 43.77 61.95
CA GLY F 380 -38.15 44.47 63.18
C GLY F 380 -38.59 45.90 63.21
N VAL F 381 -39.47 46.30 62.29
CA VAL F 381 -39.92 47.67 62.12
C VAL F 381 -41.44 47.63 62.16
N GLN F 382 -42.04 48.18 63.22
CA GLN F 382 -43.47 48.02 63.43
C GLN F 382 -44.23 49.33 63.37
N ILE F 383 -44.17 50.12 64.42
CA ILE F 383 -45.07 51.26 64.62
C ILE F 383 -44.25 52.54 64.55
N ASN F 384 -44.50 53.33 63.50
CA ASN F 384 -44.04 54.72 63.37
C ASN F 384 -42.51 54.82 63.25
N VAL F 385 -41.92 53.87 62.53
CA VAL F 385 -40.50 53.90 62.21
C VAL F 385 -40.33 53.68 60.72
N PRO F 386 -39.75 54.64 59.98
CA PRO F 386 -39.71 54.52 58.52
C PRO F 386 -38.55 53.66 58.03
N ILE F 387 -38.73 53.13 56.82
CA ILE F 387 -37.74 52.34 56.12
C ILE F 387 -37.71 52.79 54.66
N THR F 388 -36.58 52.56 54.00
CA THR F 388 -36.28 53.19 52.72
C THR F 388 -36.11 52.13 51.64
N PHE F 389 -36.74 52.35 50.48
CA PHE F 389 -36.72 51.40 49.37
C PHE F 389 -36.31 52.11 48.07
N GLN F 390 -35.08 51.86 47.64
CA GLN F 390 -34.60 52.36 46.36
C GLN F 390 -35.09 51.42 45.26
N VAL F 391 -36.07 51.86 44.49
CA VAL F 391 -36.72 51.03 43.47
C VAL F 391 -36.03 51.28 42.13
N LYS F 392 -35.35 50.27 41.61
CA LYS F 392 -34.61 50.38 40.35
C LYS F 392 -35.41 49.75 39.22
N VAL F 393 -35.79 50.55 38.23
CA VAL F 393 -36.53 50.09 37.06
C VAL F 393 -35.62 50.17 35.84
N THR F 394 -35.51 49.08 35.11
CA THR F 394 -34.70 49.01 33.91
C THR F 394 -35.49 48.34 32.79
N ALA F 395 -35.55 48.98 31.63
CA ALA F 395 -36.15 48.38 30.45
C ALA F 395 -35.05 47.89 29.51
N THR F 396 -35.32 46.78 28.84
CA THR F 396 -34.40 46.29 27.79
C THR F 396 -34.76 46.96 26.46
N GLU F 397 -35.94 46.66 25.94
CA GLU F 397 -36.41 47.24 24.69
C GLU F 397 -36.57 48.76 24.81
N CYS F 398 -36.72 49.40 23.66
CA CYS F 398 -37.37 50.70 23.60
C CYS F 398 -38.87 50.44 23.69
N ILE F 399 -39.45 50.73 24.84
CA ILE F 399 -40.74 50.18 25.20
C ILE F 399 -41.86 51.10 24.73
N GLN F 400 -43.03 50.51 24.55
CA GLN F 400 -44.26 51.28 24.38
C GLN F 400 -44.80 51.68 25.77
N GLU F 401 -45.57 52.77 25.78
CA GLU F 401 -46.04 53.32 27.05
C GLU F 401 -46.99 52.35 27.75
N GLN F 402 -46.91 52.31 29.07
CA GLN F 402 -47.67 51.39 29.90
C GLN F 402 -47.59 51.87 31.34
N SER F 403 -48.13 51.07 32.26
CA SER F 403 -48.03 51.37 33.68
C SER F 403 -48.12 50.07 34.48
N PHE F 404 -47.58 50.11 35.70
CA PHE F 404 -47.62 48.98 36.62
C PHE F 404 -47.64 49.52 38.04
N VAL F 405 -48.10 48.67 38.97
CA VAL F 405 -48.24 49.07 40.36
C VAL F 405 -47.25 48.31 41.24
N ILE F 406 -46.76 49.01 42.26
CA ILE F 406 -45.96 48.43 43.34
C ILE F 406 -46.78 48.52 44.61
N ARG F 407 -46.84 47.43 45.37
CA ARG F 407 -47.76 47.35 46.50
C ARG F 407 -47.04 46.93 47.77
N ALA F 408 -47.50 47.46 48.90
CA ALA F 408 -47.19 46.91 50.21
C ALA F 408 -48.13 45.75 50.46
N LEU F 409 -47.56 44.56 50.71
CA LEU F 409 -48.36 43.35 50.77
C LEU F 409 -49.20 43.35 52.04
N GLY F 410 -50.52 43.22 51.89
CA GLY F 410 -51.44 43.39 52.99
C GLY F 410 -52.16 44.72 53.02
N PHE F 411 -51.80 45.64 52.12
CA PHE F 411 -52.32 46.99 52.11
C PHE F 411 -53.03 47.27 50.78
N THR F 412 -53.96 48.21 50.81
CA THR F 412 -54.57 48.74 49.60
C THR F 412 -54.04 50.13 49.23
N ASP F 413 -53.05 50.63 49.95
CA ASP F 413 -52.22 51.71 49.43
C ASP F 413 -51.51 51.21 48.17
N ILE F 414 -51.72 51.89 47.05
CA ILE F 414 -51.25 51.39 45.76
C ILE F 414 -50.52 52.52 45.02
N VAL F 415 -49.29 52.24 44.62
CA VAL F 415 -48.44 53.19 43.90
C VAL F 415 -48.50 52.83 42.42
N THR F 416 -49.02 53.75 41.60
CA THR F 416 -49.08 53.53 40.16
C THR F 416 -47.85 54.15 39.51
N VAL F 417 -47.09 53.33 38.80
CA VAL F 417 -45.85 53.76 38.15
C VAL F 417 -46.12 53.89 36.66
N GLN F 418 -45.91 55.10 36.13
CA GLN F 418 -46.10 55.39 34.71
C GLN F 418 -44.79 55.16 33.97
N VAL F 419 -44.81 54.28 32.97
CA VAL F 419 -43.60 53.88 32.26
C VAL F 419 -43.58 54.55 30.90
N LEU F 420 -42.56 55.39 30.67
CA LEU F 420 -42.36 56.10 29.42
C LEU F 420 -40.97 55.83 28.87
N PRO F 421 -40.81 55.76 27.55
CA PRO F 421 -39.50 55.51 26.96
C PRO F 421 -38.71 56.78 26.70
N GLN F 422 -37.38 56.64 26.75
CA GLN F 422 -36.43 57.70 26.42
C GLN F 422 -35.48 57.14 25.37
N CYS F 423 -35.93 57.15 24.11
CA CYS F 423 -35.09 56.71 23.00
C CYS F 423 -34.80 57.81 22.00
N GLU F 424 -35.82 58.58 21.59
CA GLU F 424 -35.61 59.67 20.65
C GLU F 424 -35.19 60.93 21.40
N CYS F 425 -34.04 61.47 21.02
CA CYS F 425 -33.60 62.77 21.48
C CYS F 425 -34.21 63.86 20.58
N ARG F 426 -34.10 65.11 21.03
CA ARG F 426 -34.76 66.21 20.34
C ARG F 426 -33.81 67.38 20.16
N CYS F 427 -33.81 67.96 18.95
CA CYS F 427 -32.98 69.12 18.64
C CYS F 427 -33.76 70.19 17.90
N ARG F 428 -33.76 70.12 16.57
CA ARG F 428 -34.45 71.09 15.73
C ARG F 428 -35.39 70.35 14.76
N ASP F 429 -35.65 70.92 13.60
CA ASP F 429 -36.55 70.29 12.64
C ASP F 429 -36.06 70.57 11.21
N GLN F 430 -36.73 69.96 10.24
CA GLN F 430 -36.37 70.04 8.83
C GLN F 430 -36.73 71.37 8.19
N SER F 431 -37.60 72.16 8.82
CA SER F 431 -37.90 73.49 8.31
C SER F 431 -36.65 74.35 8.22
N ARG F 432 -35.82 74.30 9.26
CA ARG F 432 -34.57 75.03 9.26
C ARG F 432 -33.61 74.46 8.23
N ASP F 433 -33.13 75.31 7.32
CA ASP F 433 -32.07 74.97 6.38
C ASP F 433 -32.35 73.66 5.66
N ARG F 434 -33.57 73.51 5.13
CA ARG F 434 -33.88 72.30 4.36
C ARG F 434 -32.91 72.16 3.19
N SER F 435 -32.27 73.26 2.80
CA SER F 435 -31.07 73.32 1.96
C SER F 435 -30.26 72.03 1.93
N LEU F 436 -29.45 71.83 2.95
CA LEU F 436 -28.60 70.64 3.03
C LEU F 436 -29.43 69.38 2.86
N CYS F 437 -28.77 68.32 2.41
CA CYS F 437 -29.36 67.07 1.90
C CYS F 437 -29.85 67.29 0.48
N HIS F 438 -29.59 68.47 -0.11
CA HIS F 438 -29.88 68.76 -1.51
C HIS F 438 -31.34 68.52 -1.87
N GLY F 439 -32.25 68.74 -0.92
CA GLY F 439 -33.66 68.54 -1.15
C GLY F 439 -34.09 67.10 -1.27
N LYS F 440 -33.23 66.15 -0.86
CA LYS F 440 -33.59 64.75 -0.95
C LYS F 440 -33.65 64.13 0.44
N GLY F 441 -34.32 64.81 1.35
CA GLY F 441 -34.45 64.35 2.72
C GLY F 441 -34.58 65.55 3.63
N PHE F 442 -33.87 65.50 4.74
CA PHE F 442 -33.92 66.54 5.77
C PHE F 442 -32.69 66.42 6.66
N LEU F 443 -32.74 67.05 7.84
CA LEU F 443 -31.63 67.03 8.78
C LEU F 443 -32.16 66.81 10.18
N GLU F 444 -31.42 66.03 10.98
CA GLU F 444 -31.77 65.72 12.36
C GLU F 444 -30.52 65.70 13.21
N CYS F 445 -30.46 66.62 14.18
CA CYS F 445 -29.44 66.62 15.24
C CYS F 445 -28.03 66.44 14.66
N GLY F 446 -27.72 67.22 13.63
CA GLY F 446 -26.38 67.26 13.10
C GLY F 446 -26.08 66.37 11.92
N ILE F 447 -27.07 65.67 11.37
CA ILE F 447 -26.82 64.80 10.22
C ILE F 447 -28.07 64.78 9.35
N CYS F 448 -27.85 64.80 8.04
CA CYS F 448 -28.97 64.66 7.11
C CYS F 448 -29.45 63.22 7.09
N ARG F 449 -30.76 63.03 7.05
CA ARG F 449 -31.35 61.72 6.83
C ARG F 449 -31.77 61.63 5.37
N CYS F 450 -31.18 60.68 4.64
CA CYS F 450 -31.42 60.54 3.22
C CYS F 450 -32.73 59.83 2.96
N ASP F 451 -33.37 60.17 1.84
CA ASP F 451 -34.54 59.45 1.38
C ASP F 451 -34.14 58.05 0.92
N THR F 452 -35.17 57.25 0.64
CA THR F 452 -34.98 55.83 0.31
C THR F 452 -33.82 55.57 -0.64
N GLY F 453 -33.79 56.28 -1.78
CA GLY F 453 -32.83 55.92 -2.81
C GLY F 453 -31.62 56.82 -2.89
N TYR F 454 -31.32 57.55 -1.81
CA TYR F 454 -30.18 58.46 -1.76
C TYR F 454 -29.29 58.10 -0.58
N ILE F 455 -28.09 58.70 -0.56
CA ILE F 455 -27.04 58.27 0.37
C ILE F 455 -26.01 59.39 0.50
N GLY F 456 -25.26 59.40 1.58
CA GLY F 456 -24.15 60.31 1.72
C GLY F 456 -24.38 61.32 2.84
N LYS F 457 -23.26 61.78 3.43
CA LYS F 457 -23.34 62.76 4.52
C LYS F 457 -24.25 63.94 4.17
N ASN F 458 -24.19 64.40 2.92
CA ASN F 458 -25.00 65.54 2.47
C ASN F 458 -26.09 65.11 1.49
N CYS F 459 -26.40 63.83 1.42
CA CYS F 459 -27.40 63.24 0.52
C CYS F 459 -27.11 63.50 -0.95
N GLU F 460 -25.91 64.00 -1.29
CA GLU F 460 -25.61 64.36 -2.67
C GLU F 460 -25.68 63.14 -3.59
N CYS F 461 -25.14 62.02 -3.14
CA CYS F 461 -25.10 60.81 -3.94
C CYS F 461 -26.47 60.14 -3.97
N GLN F 462 -26.56 59.03 -4.71
CA GLN F 462 -27.73 58.18 -4.65
C GLN F 462 -27.28 56.73 -4.59
N THR F 463 -28.18 55.88 -4.07
CA THR F 463 -27.82 54.49 -3.79
C THR F 463 -27.43 53.75 -5.07
N GLN F 464 -28.13 54.01 -6.17
CA GLN F 464 -27.86 53.34 -7.43
C GLN F 464 -26.55 53.81 -8.07
N GLY F 465 -25.52 53.99 -7.26
CA GLY F 465 -24.38 54.80 -7.66
C GLY F 465 -23.06 54.06 -7.67
N ARG F 466 -22.04 54.81 -8.10
CA ARG F 466 -20.70 54.30 -8.35
C ARG F 466 -19.83 54.53 -7.12
N SER F 467 -18.50 54.49 -7.30
CA SER F 467 -17.53 54.70 -6.23
C SER F 467 -16.43 55.64 -6.73
N SER F 468 -15.42 55.89 -5.89
CA SER F 468 -14.36 56.84 -6.23
C SER F 468 -13.02 56.42 -5.64
N GLN F 469 -12.06 56.12 -6.53
CA GLN F 469 -10.88 55.35 -6.14
C GLN F 469 -10.10 56.01 -5.00
N GLU F 470 -10.01 57.34 -5.01
CA GLU F 470 -9.19 58.01 -4.02
C GLU F 470 -9.95 58.28 -2.73
N LEU F 471 -11.27 58.50 -2.82
CA LEU F 471 -12.08 58.61 -1.62
C LEU F 471 -12.19 57.28 -0.89
N GLU F 472 -11.91 56.17 -1.59
CA GLU F 472 -12.03 54.84 -1.01
C GLU F 472 -10.92 54.53 0.00
N GLY F 473 -9.93 55.39 0.14
CA GLY F 473 -8.97 55.22 1.23
C GLY F 473 -9.61 55.27 2.60
N SER F 474 -10.76 55.92 2.71
CA SER F 474 -11.59 55.88 3.91
C SER F 474 -12.88 55.11 3.65
N CYS F 475 -12.83 54.18 2.68
CA CYS F 475 -13.90 53.20 2.48
C CYS F 475 -13.40 51.80 2.76
N ARG F 476 -12.16 51.67 3.24
CA ARG F 476 -11.59 50.41 3.70
C ARG F 476 -10.73 50.71 4.92
N LYS F 477 -10.54 49.70 5.77
CA LYS F 477 -9.83 49.92 7.02
C LYS F 477 -8.39 50.36 6.78
N ASP F 478 -7.66 49.64 5.92
CA ASP F 478 -6.24 49.88 5.77
C ASP F 478 -5.79 49.41 4.39
N ASN F 479 -4.49 49.59 4.12
CA ASN F 479 -3.91 49.18 2.84
C ASN F 479 -4.15 47.71 2.55
N ASN F 480 -4.10 46.85 3.57
CA ASN F 480 -4.12 45.41 3.39
C ASN F 480 -5.50 44.80 3.57
N SER F 481 -6.54 45.63 3.66
CA SER F 481 -7.91 45.12 3.78
C SER F 481 -8.70 45.42 2.51
N ILE F 482 -9.70 44.57 2.25
CA ILE F 482 -10.57 44.73 1.10
C ILE F 482 -11.63 45.79 1.40
N ILE F 483 -12.08 46.48 0.35
CA ILE F 483 -12.97 47.62 0.49
C ILE F 483 -14.35 47.14 0.90
N CYS F 484 -14.90 47.75 1.95
CA CYS F 484 -16.12 47.36 2.64
C CYS F 484 -16.01 45.98 3.27
N SER F 485 -14.80 45.43 3.37
CA SER F 485 -14.54 44.09 3.90
C SER F 485 -15.19 43.00 3.06
N GLY F 486 -15.21 43.16 1.73
CA GLY F 486 -16.22 42.45 0.96
C GLY F 486 -17.60 42.99 1.29
N LEU F 487 -18.61 42.11 1.21
CA LEU F 487 -19.87 42.30 1.94
C LEU F 487 -20.47 43.70 1.80
N GLY F 488 -20.00 44.50 0.85
CA GLY F 488 -20.51 45.86 0.82
C GLY F 488 -20.12 46.68 -0.39
N ASP F 489 -21.09 47.44 -0.90
CA ASP F 489 -20.82 48.40 -1.95
C ASP F 489 -20.31 49.70 -1.34
N CYS F 490 -19.40 50.36 -2.05
CA CYS F 490 -18.84 51.62 -1.59
C CYS F 490 -19.42 52.75 -2.42
N VAL F 491 -20.15 53.65 -1.76
CA VAL F 491 -20.71 54.83 -2.39
C VAL F 491 -20.38 56.02 -1.51
N CYS F 492 -19.61 56.96 -2.07
CA CYS F 492 -19.38 58.26 -1.43
C CYS F 492 -18.61 58.12 -0.12
N GLY F 493 -17.62 57.23 -0.12
CA GLY F 493 -16.74 57.10 1.02
C GLY F 493 -17.35 56.39 2.21
N GLN F 494 -18.55 55.85 2.07
CA GLN F 494 -19.18 55.06 3.12
C GLN F 494 -19.68 53.76 2.52
N CYS F 495 -19.58 52.69 3.31
CA CYS F 495 -19.93 51.35 2.85
C CYS F 495 -21.41 51.10 3.08
N LEU F 496 -22.11 50.71 2.02
CA LEU F 496 -23.48 50.23 2.11
C LEU F 496 -23.43 48.70 2.14
N CYS F 497 -23.50 48.15 3.34
CA CYS F 497 -23.35 46.71 3.55
C CYS F 497 -24.43 45.94 2.78
N HIS F 498 -24.15 44.66 2.59
CA HIS F 498 -24.94 43.84 1.68
C HIS F 498 -26.18 43.28 2.35
N THR F 499 -27.21 43.03 1.52
CA THR F 499 -28.58 42.75 1.97
C THR F 499 -28.75 41.24 2.11
N SER F 500 -28.25 40.72 3.23
CA SER F 500 -28.45 39.32 3.57
C SER F 500 -29.87 39.12 4.10
N ASP F 501 -30.55 38.09 3.60
CA ASP F 501 -31.88 37.74 4.08
C ASP F 501 -31.91 36.28 4.52
N VAL F 502 -30.94 35.89 5.32
CA VAL F 502 -31.08 34.70 6.16
C VAL F 502 -31.76 35.17 7.44
N PRO F 503 -32.50 34.32 8.13
CA PRO F 503 -32.96 34.69 9.48
C PRO F 503 -31.76 34.91 10.39
N GLY F 504 -31.76 36.05 11.07
CA GLY F 504 -30.59 36.47 11.81
C GLY F 504 -30.03 37.75 11.21
N LYS F 505 -29.72 37.70 9.92
CA LYS F 505 -29.56 38.88 9.07
C LYS F 505 -28.31 39.71 9.34
N LEU F 506 -28.24 40.83 8.61
CA LEU F 506 -27.57 42.09 8.96
C LEU F 506 -26.05 42.07 9.06
N ILE F 507 -25.45 42.94 8.25
CA ILE F 507 -24.03 43.25 8.24
C ILE F 507 -23.90 44.75 8.50
N TYR F 508 -22.88 45.16 9.26
CA TYR F 508 -22.86 46.56 9.67
C TYR F 508 -21.46 47.00 10.08
N GLY F 509 -21.29 48.32 10.13
CA GLY F 509 -20.02 48.95 10.44
C GLY F 509 -19.59 49.91 9.35
N GLN F 510 -18.64 50.77 9.71
CA GLN F 510 -18.00 51.65 8.73
C GLN F 510 -17.59 50.88 7.49
N TYR F 511 -17.00 49.71 7.68
CA TYR F 511 -16.53 48.86 6.60
C TYR F 511 -17.27 47.53 6.55
N CYS F 512 -18.51 47.49 7.07
CA CYS F 512 -19.31 46.27 7.08
C CYS F 512 -18.56 45.10 7.71
N GLU F 513 -17.66 45.42 8.65
CA GLU F 513 -16.80 44.40 9.23
C GLU F 513 -17.55 43.48 10.18
N CYS F 514 -18.75 43.84 10.59
CA CYS F 514 -19.48 43.14 11.64
C CYS F 514 -20.75 42.48 11.12
N ASP F 515 -21.28 41.56 11.91
CA ASP F 515 -22.53 40.89 11.61
C ASP F 515 -23.23 40.52 12.93
N THR F 516 -24.42 39.95 12.81
CA THR F 516 -25.24 39.56 13.96
C THR F 516 -25.11 38.09 14.33
N ILE F 517 -24.20 37.34 13.69
CA ILE F 517 -24.22 35.89 13.75
C ILE F 517 -22.90 35.33 14.26
N ASN F 518 -21.77 35.87 13.80
CA ASN F 518 -20.46 35.25 14.06
C ASN F 518 -20.01 35.47 15.50
N CYS F 519 -20.87 35.17 16.47
CA CYS F 519 -20.48 35.10 17.86
C CYS F 519 -20.44 33.65 18.31
N GLU F 520 -19.89 33.43 19.50
CA GLU F 520 -19.81 32.07 20.03
C GLU F 520 -21.22 31.53 20.28
N ARG F 521 -21.40 30.23 20.04
CA ARG F 521 -22.69 29.58 20.18
C ARG F 521 -22.72 28.70 21.42
N TYR F 522 -23.93 28.50 21.94
CA TYR F 522 -24.16 27.75 23.16
C TYR F 522 -25.40 26.89 22.99
N ASN F 523 -25.35 25.67 23.52
CA ASN F 523 -26.36 24.66 23.25
C ASN F 523 -26.51 24.53 21.73
N GLY F 524 -27.64 24.99 21.19
CA GLY F 524 -27.85 24.95 19.75
C GLY F 524 -27.94 26.28 19.04
N GLN F 525 -27.64 27.39 19.72
CA GLN F 525 -28.02 28.70 19.18
C GLN F 525 -26.90 29.72 19.36
N VAL F 526 -26.98 30.78 18.55
CA VAL F 526 -26.08 31.91 18.63
C VAL F 526 -26.29 32.63 19.96
N CYS F 527 -25.23 32.72 20.76
CA CYS F 527 -25.28 33.30 22.10
C CYS F 527 -26.26 32.56 23.01
N GLY F 528 -26.50 31.29 22.72
CA GLY F 528 -27.42 30.52 23.53
C GLY F 528 -28.89 30.73 23.22
N GLY F 529 -29.21 31.54 22.21
CA GLY F 529 -30.58 31.77 21.83
C GLY F 529 -31.07 33.17 22.17
N PRO F 530 -32.22 33.54 21.60
CA PRO F 530 -32.72 34.91 21.80
C PRO F 530 -33.04 35.23 23.24
N GLY F 531 -33.35 34.24 24.06
CA GLY F 531 -33.52 34.48 25.48
C GLY F 531 -32.19 34.79 26.12
N ARG F 532 -31.21 33.90 25.92
CA ARG F 532 -29.97 34.00 26.68
C ARG F 532 -29.14 35.22 26.29
N GLY F 533 -29.03 35.54 25.00
CA GLY F 533 -28.24 36.71 24.65
C GLY F 533 -28.29 37.03 23.17
N LEU F 534 -27.53 38.07 22.81
CA LEU F 534 -27.49 38.62 21.46
C LEU F 534 -26.05 38.77 20.99
N CYS F 535 -25.90 38.86 19.67
CA CYS F 535 -24.59 38.80 19.03
C CYS F 535 -24.27 40.13 18.35
N PHE F 536 -23.13 40.72 18.73
CA PHE F 536 -22.69 41.99 18.15
C PHE F 536 -21.20 41.91 17.88
N CYS F 537 -20.82 41.80 16.59
CA CYS F 537 -19.41 41.84 16.16
C CYS F 537 -18.58 40.72 16.77
N GLY F 538 -19.16 39.52 16.87
CA GLY F 538 -18.46 38.42 17.50
C GLY F 538 -18.51 38.40 19.00
N LYS F 539 -19.09 39.41 19.62
CA LYS F 539 -19.25 39.48 21.08
C LYS F 539 -20.70 39.20 21.42
N CYS F 540 -20.92 38.32 22.39
CA CYS F 540 -22.26 38.07 22.92
C CYS F 540 -22.57 39.09 24.01
N ARG F 541 -23.61 39.88 23.79
CA ARG F 541 -24.17 40.73 24.84
C ARG F 541 -25.28 39.94 25.50
N CYS F 542 -24.98 39.29 26.61
CA CYS F 542 -25.92 38.40 27.24
C CYS F 542 -27.04 39.19 27.92
N HIS F 543 -28.22 38.60 27.93
CA HIS F 543 -29.40 39.23 28.47
C HIS F 543 -29.31 39.26 30.00
N PRO F 544 -30.15 40.08 30.64
CA PRO F 544 -30.18 40.08 32.11
C PRO F 544 -30.34 38.69 32.68
N GLY F 545 -29.57 38.39 33.72
CA GLY F 545 -29.61 37.09 34.35
C GLY F 545 -28.71 36.05 33.71
N PHE F 546 -27.84 36.44 32.78
CA PHE F 546 -26.97 35.49 32.11
C PHE F 546 -25.56 36.05 32.01
N GLU F 547 -24.59 35.13 31.96
CA GLU F 547 -23.18 35.47 31.89
C GLU F 547 -22.49 34.42 31.04
N GLY F 548 -21.24 34.69 30.71
CA GLY F 548 -20.49 33.77 29.88
C GLY F 548 -20.38 34.29 28.45
N SER F 549 -19.28 33.90 27.78
CA SER F 549 -19.02 34.38 26.43
C SER F 549 -20.09 33.98 25.45
N ALA F 550 -20.90 32.97 25.77
CA ALA F 550 -22.03 32.57 24.92
C ALA F 550 -23.33 32.51 25.72
N CYS F 551 -23.42 33.31 26.79
CA CYS F 551 -24.58 33.28 27.70
C CYS F 551 -24.79 31.88 28.26
N GLN F 552 -23.67 31.23 28.56
CA GLN F 552 -23.69 29.83 28.92
C GLN F 552 -24.20 29.62 30.34
N CYS F 553 -24.09 30.65 31.19
CA CYS F 553 -24.42 30.54 32.59
C CYS F 553 -25.50 31.55 32.96
N GLU F 554 -26.07 31.33 34.15
CA GLU F 554 -27.02 32.25 34.77
C GLU F 554 -26.31 32.94 35.94
N ARG F 555 -26.77 34.14 36.28
CA ARG F 555 -26.12 34.89 37.36
C ARG F 555 -26.46 34.36 38.74
N THR F 556 -27.41 33.45 38.87
CA THR F 556 -27.82 32.96 40.18
C THR F 556 -26.77 32.02 40.76
N THR F 557 -26.98 31.66 42.03
CA THR F 557 -26.22 30.62 42.68
C THR F 557 -27.10 29.50 43.22
N GLU F 558 -28.41 29.65 43.20
CA GLU F 558 -29.25 28.51 43.56
C GLU F 558 -29.12 27.44 42.49
N GLY F 559 -28.88 26.21 42.93
CA GLY F 559 -28.42 25.18 42.02
C GLY F 559 -27.14 24.70 42.64
N CYS F 560 -26.43 25.65 43.24
CA CYS F 560 -25.32 25.32 44.12
C CYS F 560 -25.66 25.52 45.58
N LEU F 561 -26.70 26.30 45.88
CA LEU F 561 -27.18 26.45 47.24
C LEU F 561 -27.79 25.14 47.71
N ASN F 562 -27.46 24.77 48.94
CA ASN F 562 -28.08 23.64 49.60
C ASN F 562 -29.34 24.11 50.31
N PRO F 563 -30.15 23.18 50.82
CA PRO F 563 -31.32 23.60 51.62
C PRO F 563 -31.00 24.60 52.72
N ARG F 564 -29.77 24.60 53.24
CA ARG F 564 -29.35 25.55 54.25
C ARG F 564 -28.89 26.89 53.66
N ARG F 565 -29.02 27.06 52.34
CA ARG F 565 -28.61 28.28 51.64
C ARG F 565 -27.11 28.53 51.79
N VAL F 566 -26.33 27.48 51.54
CA VAL F 566 -24.88 27.57 51.52
C VAL F 566 -24.39 26.99 50.20
N GLU F 567 -23.38 27.63 49.61
CA GLU F 567 -22.87 27.24 48.30
C GLU F 567 -22.04 25.97 48.41
N CYS F 568 -22.53 24.89 47.81
CA CYS F 568 -21.76 23.66 47.57
C CYS F 568 -21.25 23.06 48.88
N SER F 569 -22.17 22.84 49.81
CA SER F 569 -21.83 22.37 51.16
C SER F 569 -20.68 23.23 51.66
N GLY F 570 -19.60 22.64 52.14
CA GLY F 570 -18.47 23.43 52.55
C GLY F 570 -17.22 23.09 51.75
N ARG F 571 -17.39 22.54 50.54
CA ARG F 571 -16.27 21.91 49.84
C ARG F 571 -16.09 22.28 48.36
N GLY F 572 -17.08 22.89 47.71
CA GLY F 572 -17.05 23.12 46.29
C GLY F 572 -16.93 24.58 45.91
N ARG F 573 -16.67 24.80 44.62
CA ARG F 573 -16.78 26.13 44.03
C ARG F 573 -18.08 26.24 43.26
N CYS F 574 -18.76 27.38 43.43
CA CYS F 574 -19.98 27.68 42.70
C CYS F 574 -19.62 28.42 41.42
N ARG F 575 -19.97 27.83 40.27
CA ARG F 575 -19.67 28.44 38.98
C ARG F 575 -20.67 27.87 37.98
N CYS F 576 -21.67 28.67 37.59
CA CYS F 576 -22.70 28.25 36.64
C CYS F 576 -23.60 27.15 37.23
N ASN F 577 -24.07 27.39 38.46
CA ASN F 577 -24.99 26.48 39.15
C ASN F 577 -24.59 25.02 38.99
N VAL F 578 -23.30 24.76 39.14
CA VAL F 578 -22.75 23.43 39.31
C VAL F 578 -21.59 23.57 40.28
N CYS F 579 -21.38 22.55 41.08
CA CYS F 579 -20.34 22.59 42.09
C CYS F 579 -19.06 21.95 41.55
N GLU F 580 -17.94 22.48 42.00
CA GLU F 580 -16.62 21.91 41.72
C GLU F 580 -16.06 21.55 43.08
N CYS F 581 -16.42 20.35 43.54
CA CYS F 581 -16.19 19.94 44.91
C CYS F 581 -14.74 19.52 45.11
N HIS F 582 -14.09 20.09 46.13
CA HIS F 582 -12.70 19.70 46.30
C HIS F 582 -12.61 18.40 47.12
N SER F 583 -11.40 17.87 47.19
CA SER F 583 -11.15 16.50 47.62
C SER F 583 -12.06 15.60 46.77
N GLY F 584 -12.49 14.48 47.33
CA GLY F 584 -13.34 13.56 46.59
C GLY F 584 -14.80 13.66 46.95
N TYR F 585 -15.18 14.80 47.52
CA TYR F 585 -16.59 15.09 47.67
C TYR F 585 -17.22 15.16 46.30
N GLN F 586 -18.36 14.50 46.15
CA GLN F 586 -18.96 14.28 44.86
C GLN F 586 -20.06 15.31 44.61
N LEU F 587 -20.69 15.19 43.46
CA LEU F 587 -21.79 16.06 43.09
C LEU F 587 -23.09 15.42 43.58
N PRO F 588 -24.19 16.19 43.62
CA PRO F 588 -24.32 17.64 43.36
C PRO F 588 -23.57 18.56 44.35
N LEU F 589 -24.02 18.63 45.59
CA LEU F 589 -23.67 19.77 46.44
C LEU F 589 -22.46 19.53 47.32
N CYS F 590 -21.57 18.62 46.95
CA CYS F 590 -20.32 18.38 47.68
C CYS F 590 -20.57 17.84 49.09
N GLN F 591 -21.71 17.19 49.30
CA GLN F 591 -22.06 16.72 50.63
C GLN F 591 -21.17 15.56 51.05
N GLU F 592 -21.12 14.51 50.24
CA GLU F 592 -20.47 13.25 50.62
C GLU F 592 -19.19 13.00 49.83
N CYS F 593 -18.28 12.23 50.46
CA CYS F 593 -16.98 11.82 49.89
C CYS F 593 -16.85 10.31 49.98
N PRO F 594 -17.60 9.57 49.18
CA PRO F 594 -17.60 8.10 49.29
C PRO F 594 -16.23 7.43 49.07
N GLY F 595 -15.26 7.76 49.91
CA GLY F 595 -13.94 7.19 49.75
C GLY F 595 -12.88 7.99 50.49
N CYS F 596 -13.30 9.07 51.15
CA CYS F 596 -12.46 9.63 52.19
C CYS F 596 -12.31 8.58 53.29
N PRO F 597 -11.19 8.57 54.02
CA PRO F 597 -11.07 7.61 55.12
C PRO F 597 -12.12 7.88 56.18
N SER F 598 -12.58 6.82 56.84
CA SER F 598 -13.64 6.96 57.84
C SER F 598 -13.18 7.89 58.96
N PRO F 599 -13.93 8.96 59.24
CA PRO F 599 -13.44 10.03 60.12
C PRO F 599 -13.35 9.63 61.59
N CYS F 600 -12.61 8.57 61.90
CA CYS F 600 -12.63 8.02 63.24
C CYS F 600 -11.43 8.43 64.09
N GLY F 601 -10.51 7.48 64.32
CA GLY F 601 -9.37 7.59 65.22
C GLY F 601 -8.88 8.97 65.63
N LYS F 602 -8.60 9.82 64.64
CA LYS F 602 -8.14 11.17 64.91
C LYS F 602 -9.09 11.97 65.80
N TYR F 603 -10.26 11.44 66.15
CA TYR F 603 -11.29 12.17 66.90
C TYR F 603 -11.66 11.52 68.24
N ILE F 604 -10.97 10.45 68.64
CA ILE F 604 -11.29 9.82 69.92
C ILE F 604 -11.01 10.78 71.07
N SER F 605 -9.78 11.31 71.11
CA SER F 605 -9.37 12.20 72.20
C SER F 605 -10.37 13.32 72.42
N CYS F 606 -10.91 13.87 71.32
CA CYS F 606 -11.91 14.93 71.45
C CYS F 606 -13.23 14.38 71.98
N ALA F 607 -13.63 13.20 71.51
CA ALA F 607 -14.82 12.57 72.06
C ALA F 607 -14.67 12.31 73.56
N GLU F 608 -13.44 12.02 74.00
CA GLU F 608 -13.20 11.85 75.43
C GLU F 608 -13.18 13.19 76.15
N CYS F 609 -12.50 14.19 75.56
CA CYS F 609 -12.41 15.48 76.20
C CYS F 609 -13.77 16.15 76.34
N LEU F 610 -14.74 15.72 75.56
CA LEU F 610 -16.10 16.26 75.68
C LEU F 610 -16.94 15.35 76.58
N LYS F 611 -17.22 14.13 76.10
CA LYS F 611 -18.21 13.31 76.78
C LYS F 611 -17.73 12.82 78.14
N PHE F 612 -16.47 12.42 78.25
CA PHE F 612 -15.92 11.97 79.52
C PHE F 612 -14.87 12.94 80.05
N GLU F 613 -14.84 14.16 79.51
CA GLU F 613 -14.14 15.32 80.09
C GLU F 613 -12.69 15.01 80.48
N LYS F 614 -11.96 14.36 79.57
CA LYS F 614 -10.67 13.83 79.95
C LYS F 614 -9.75 13.88 78.72
N GLY F 615 -8.74 13.00 78.69
CA GLY F 615 -7.87 12.89 77.54
C GLY F 615 -6.81 13.97 77.48
N PRO F 616 -6.08 14.01 76.37
CA PRO F 616 -4.98 14.97 76.21
C PRO F 616 -5.48 16.36 75.89
N PHE F 617 -6.78 16.61 76.12
CA PHE F 617 -7.37 17.92 75.83
C PHE F 617 -7.90 18.63 77.08
N GLY F 618 -7.57 18.14 78.27
CA GLY F 618 -7.55 19.02 79.43
C GLY F 618 -6.83 20.33 79.12
N LYS F 619 -7.45 21.43 79.53
CA LYS F 619 -6.90 22.76 79.31
C LYS F 619 -6.53 22.97 77.84
N ASN F 620 -7.19 22.25 76.94
CA ASN F 620 -6.88 22.30 75.51
C ASN F 620 -8.17 22.33 74.71
N CYS F 621 -9.18 21.62 75.21
CA CYS F 621 -10.32 21.14 74.42
C CYS F 621 -11.10 22.23 73.69
N SER F 622 -11.12 23.47 74.20
CA SER F 622 -11.78 24.53 73.45
C SER F 622 -11.07 24.81 72.14
N ALA F 623 -9.76 24.59 72.10
CA ALA F 623 -9.01 24.50 70.86
C ALA F 623 -8.86 23.04 70.46
N ALA F 624 -8.43 22.81 69.23
CA ALA F 624 -8.22 21.47 68.67
C ALA F 624 -9.51 20.66 68.58
N CYS F 625 -10.66 21.26 68.91
CA CYS F 625 -11.96 20.62 68.71
C CYS F 625 -13.02 21.58 68.18
N PRO F 626 -12.65 22.68 67.50
CA PRO F 626 -13.62 23.78 67.35
C PRO F 626 -14.85 23.42 66.52
N GLY F 627 -14.72 22.49 65.59
CA GLY F 627 -15.82 22.15 64.71
C GLY F 627 -16.68 20.98 65.14
N LEU F 628 -16.51 20.46 66.34
CA LEU F 628 -17.25 19.30 66.81
C LEU F 628 -18.28 19.72 67.83
N GLN F 629 -19.55 19.40 67.56
CA GLN F 629 -20.65 19.61 68.49
C GLN F 629 -21.23 18.26 68.89
N LEU F 630 -21.79 18.20 70.09
CA LEU F 630 -22.34 16.97 70.65
C LEU F 630 -23.86 17.05 70.67
N SER F 631 -24.51 16.04 70.09
CA SER F 631 -25.96 16.02 70.00
C SER F 631 -26.59 15.46 71.27
N ASN F 632 -27.80 15.93 71.57
CA ASN F 632 -28.56 15.45 72.70
C ASN F 632 -29.40 14.22 72.37
N ASN F 633 -29.49 13.85 71.09
CA ASN F 633 -30.21 12.66 70.64
C ASN F 633 -29.40 12.01 69.52
N PRO F 634 -29.68 10.76 69.16
CA PRO F 634 -28.89 10.10 68.11
C PRO F 634 -28.91 10.85 66.79
N VAL F 635 -27.82 10.68 66.03
CA VAL F 635 -27.62 11.38 64.77
C VAL F 635 -27.51 10.38 63.63
N LYS F 636 -27.78 10.85 62.43
CA LYS F 636 -27.50 10.08 61.23
C LYS F 636 -26.00 10.15 60.93
N GLY F 637 -25.35 9.00 60.77
CA GLY F 637 -23.95 9.10 60.44
C GLY F 637 -23.07 7.86 60.35
N ARG F 638 -21.79 8.06 60.63
CA ARG F 638 -20.74 7.14 60.23
C ARG F 638 -20.32 6.16 61.34
N THR F 639 -21.23 5.85 62.27
CA THR F 639 -21.12 4.71 63.20
C THR F 639 -19.71 4.38 63.66
N CYS F 640 -19.03 5.31 64.32
CA CYS F 640 -17.61 5.14 64.64
C CYS F 640 -17.47 4.38 65.97
N LYS F 641 -17.05 3.12 65.87
CA LYS F 641 -16.88 2.23 67.03
C LYS F 641 -15.39 2.01 67.27
N GLU F 642 -14.88 2.41 68.44
CA GLU F 642 -13.48 2.11 68.75
C GLU F 642 -13.15 2.45 70.21
N ARG F 643 -12.03 1.87 70.66
CA ARG F 643 -11.49 1.95 72.01
C ARG F 643 -10.86 3.31 72.28
N ASP F 644 -10.73 3.65 73.57
CA ASP F 644 -10.27 4.95 73.99
C ASP F 644 -8.91 4.86 74.69
N SER F 645 -8.59 5.89 75.49
CA SER F 645 -7.32 5.92 76.22
C SER F 645 -7.26 4.87 77.32
N GLU F 646 -8.40 4.36 77.77
CA GLU F 646 -8.45 3.30 78.77
C GLU F 646 -8.54 1.91 78.17
N GLY F 647 -8.69 1.81 76.86
CA GLY F 647 -9.05 0.55 76.25
C GLY F 647 -10.53 0.24 76.31
N CYS F 648 -11.36 1.20 76.69
CA CYS F 648 -12.81 1.03 76.75
C CYS F 648 -13.42 1.51 75.45
N TRP F 649 -14.34 0.72 74.90
CA TRP F 649 -14.86 0.95 73.55
C TRP F 649 -15.98 1.99 73.61
N VAL F 650 -15.64 3.21 73.22
CA VAL F 650 -16.58 4.33 73.21
C VAL F 650 -17.24 4.36 71.83
N ALA F 651 -18.46 3.86 71.75
CA ALA F 651 -19.22 4.00 70.51
C ALA F 651 -19.68 5.45 70.36
N TYR F 652 -19.55 5.98 69.14
CA TYR F 652 -20.14 7.27 68.84
C TYR F 652 -20.46 7.36 67.35
N THR F 653 -21.46 8.18 67.03
CA THR F 653 -21.95 8.34 65.67
C THR F 653 -21.59 9.73 65.17
N LEU F 654 -20.97 9.78 63.99
CA LEU F 654 -20.46 11.02 63.43
C LEU F 654 -21.36 11.49 62.29
N GLU F 655 -21.81 12.74 62.38
CA GLU F 655 -22.59 13.37 61.34
C GLU F 655 -21.83 14.59 60.84
N GLN F 656 -21.35 14.53 59.60
CA GLN F 656 -20.66 15.69 59.05
C GLN F 656 -21.66 16.78 58.69
N GLN F 657 -21.36 18.00 59.10
CA GLN F 657 -22.16 19.16 58.79
C GLN F 657 -21.35 20.11 57.92
N ASP F 658 -21.99 21.20 57.50
CA ASP F 658 -21.39 22.11 56.53
C ASP F 658 -20.09 22.71 57.07
N GLY F 659 -19.24 23.13 56.14
CA GLY F 659 -17.88 23.52 56.43
C GLY F 659 -16.92 22.38 56.15
N MET F 660 -15.63 22.67 56.31
CA MET F 660 -14.60 21.67 56.11
C MET F 660 -14.33 20.96 57.43
N ASP F 661 -14.72 19.68 57.52
CA ASP F 661 -14.46 18.84 58.68
C ASP F 661 -15.16 19.36 59.94
N ARG F 662 -16.39 19.85 59.77
CA ARG F 662 -17.27 20.18 60.89
C ARG F 662 -18.18 18.99 61.16
N TYR F 663 -18.39 18.68 62.43
CA TYR F 663 -19.06 17.44 62.76
C TYR F 663 -20.06 17.62 63.90
N LEU F 664 -21.02 16.70 63.91
CA LEU F 664 -21.97 16.51 65.00
C LEU F 664 -21.78 15.09 65.51
N ILE F 665 -21.63 14.94 66.82
CA ILE F 665 -21.32 13.64 67.40
C ILE F 665 -22.40 13.26 68.40
N TYR F 666 -22.66 11.97 68.49
CA TYR F 666 -23.53 11.41 69.52
C TYR F 666 -22.77 10.28 70.21
N VAL F 667 -22.50 10.43 71.49
CA VAL F 667 -21.60 9.53 72.22
C VAL F 667 -22.42 8.61 73.12
N ASP F 668 -22.09 7.32 73.07
CA ASP F 668 -22.68 6.30 73.93
C ASP F 668 -22.00 6.35 75.29
N GLU F 669 -22.79 6.61 76.34
CA GLU F 669 -22.22 6.63 77.69
C GLU F 669 -21.74 5.24 78.11
N SER F 670 -22.33 4.19 77.55
CA SER F 670 -21.85 2.82 77.78
C SER F 670 -20.52 2.62 77.05
N ARG F 671 -19.44 2.48 77.82
CA ARG F 671 -18.12 2.21 77.25
C ARG F 671 -17.63 0.87 77.78
N GLU F 672 -17.50 -0.09 76.87
CA GLU F 672 -17.27 -1.49 77.23
C GLU F 672 -15.82 -1.73 77.60
N CYS F 673 -15.58 -2.33 78.76
CA CYS F 673 -14.25 -2.64 79.24
C CYS F 673 -14.22 -4.08 79.73
N VAL F 674 -13.05 -4.54 80.17
CA VAL F 674 -12.90 -5.91 80.65
C VAL F 674 -11.59 -6.09 81.41
N PHE G 1 44.78 4.93 4.96
CA PHE G 1 45.42 4.48 6.19
C PHE G 1 45.90 3.04 6.07
N ASN G 2 45.66 2.43 4.91
CA ASN G 2 45.80 0.98 4.76
C ASN G 2 46.80 0.60 3.68
N LEU G 3 47.90 1.35 3.56
CA LEU G 3 49.00 0.96 2.69
C LEU G 3 49.98 0.12 3.50
N ASP G 4 50.21 -1.11 3.06
CA ASP G 4 50.97 -2.07 3.85
C ASP G 4 52.46 -1.72 3.83
N THR G 5 53.02 -1.46 5.01
CA THR G 5 54.45 -1.25 5.19
C THR G 5 55.14 -2.49 5.75
N GLU G 6 54.57 -3.66 5.50
CA GLU G 6 55.09 -4.92 6.02
C GLU G 6 55.51 -5.85 4.88
N GLU G 7 54.57 -6.37 4.10
CA GLU G 7 54.85 -7.41 3.11
C GLU G 7 54.65 -6.79 1.72
N LEU G 8 55.73 -6.29 1.15
CA LEU G 8 55.74 -5.64 -0.15
C LEU G 8 56.71 -6.35 -1.07
N THR G 9 56.74 -5.91 -2.33
CA THR G 9 57.63 -6.48 -3.34
C THR G 9 58.66 -5.44 -3.75
N ALA G 10 59.93 -5.83 -3.72
CA ALA G 10 61.05 -4.95 -4.03
C ALA G 10 61.74 -5.40 -5.30
N PHE G 11 62.04 -4.45 -6.17
CA PHE G 11 62.79 -4.70 -7.40
C PHE G 11 64.04 -3.83 -7.37
N ARG G 12 65.18 -4.40 -6.98
CA ARG G 12 66.44 -3.67 -7.02
C ARG G 12 67.19 -4.01 -8.30
N VAL G 13 67.40 -3.00 -9.14
CA VAL G 13 68.13 -3.11 -10.40
C VAL G 13 68.95 -1.84 -10.57
N ASP G 14 70.25 -1.89 -10.28
CA ASP G 14 71.09 -0.70 -10.45
C ASP G 14 71.53 -0.65 -11.91
N SER G 15 70.76 0.05 -12.73
CA SER G 15 71.09 0.30 -14.13
C SER G 15 71.04 1.77 -14.44
N ALA G 16 71.61 2.59 -13.54
CA ALA G 16 71.86 4.01 -13.77
C ALA G 16 70.61 4.77 -14.20
N GLY G 17 69.91 5.37 -13.24
CA GLY G 17 68.67 6.05 -13.52
C GLY G 17 67.45 5.16 -13.50
N PHE G 18 67.65 3.85 -13.39
CA PHE G 18 66.53 2.93 -13.20
C PHE G 18 65.68 3.39 -12.03
N GLY G 19 64.37 3.41 -12.23
CA GLY G 19 63.48 3.82 -11.19
C GLY G 19 63.24 5.30 -11.10
N ASP G 20 63.90 6.11 -11.93
CA ASP G 20 63.62 7.53 -11.92
C ASP G 20 62.26 7.85 -12.51
N SER G 21 61.57 6.86 -13.09
CA SER G 21 60.17 6.97 -13.49
C SER G 21 59.63 5.58 -13.78
N VAL G 22 58.34 5.38 -13.49
CA VAL G 22 57.73 4.05 -13.50
C VAL G 22 56.22 4.21 -13.69
N VAL G 23 55.61 3.19 -14.30
CA VAL G 23 54.17 3.11 -14.55
C VAL G 23 53.78 1.62 -14.48
N GLN G 24 52.48 1.35 -14.33
CA GLN G 24 51.89 0.02 -14.36
C GLN G 24 51.33 -0.29 -15.75
N TYR G 25 51.39 -1.57 -16.13
CA TYR G 25 51.07 -1.99 -17.49
C TYR G 25 50.36 -3.33 -17.49
N ALA G 26 49.21 -3.38 -18.15
CA ALA G 26 48.46 -4.62 -18.43
C ALA G 26 48.08 -5.38 -17.16
N ASN G 27 47.95 -4.68 -16.04
CA ASN G 27 47.59 -5.30 -14.76
C ASN G 27 48.52 -6.45 -14.41
N SER G 28 49.73 -6.42 -14.98
CA SER G 28 50.73 -7.44 -14.76
C SER G 28 52.14 -6.89 -14.61
N TRP G 29 52.43 -5.67 -15.04
CA TRP G 29 53.80 -5.25 -15.28
C TRP G 29 54.12 -3.93 -14.61
N VAL G 30 55.31 -3.89 -14.00
CA VAL G 30 55.88 -2.66 -13.46
C VAL G 30 56.93 -2.24 -14.48
N VAL G 31 56.54 -1.38 -15.41
CA VAL G 31 57.44 -0.89 -16.44
C VAL G 31 58.29 0.24 -15.86
N VAL G 32 59.60 0.05 -15.83
CA VAL G 32 60.51 0.97 -15.17
C VAL G 32 61.51 1.48 -16.21
N GLY G 33 61.58 2.81 -16.34
CA GLY G 33 62.57 3.43 -17.21
C GLY G 33 63.89 3.66 -16.49
N ALA G 34 64.97 3.60 -17.26
CA ALA G 34 66.30 3.78 -16.68
C ALA G 34 67.13 4.83 -17.43
N PRO G 35 66.53 6.00 -17.76
CA PRO G 35 67.11 6.93 -18.76
C PRO G 35 68.61 6.85 -19.02
N GLN G 36 69.41 6.72 -17.97
CA GLN G 36 70.85 6.86 -18.08
C GLN G 36 71.57 5.55 -18.41
N LYS G 37 70.87 4.42 -18.47
CA LYS G 37 71.51 3.18 -18.90
C LYS G 37 72.00 3.33 -20.34
N ILE G 38 73.15 2.71 -20.62
CA ILE G 38 73.75 2.77 -21.94
C ILE G 38 73.62 1.40 -22.58
N THR G 39 72.70 1.29 -23.54
CA THR G 39 72.42 0.03 -24.23
C THR G 39 73.28 -0.16 -25.46
N ALA G 40 73.74 0.93 -26.08
CA ALA G 40 74.59 0.85 -27.25
C ALA G 40 75.53 2.04 -27.24
N ALA G 41 76.59 1.95 -28.04
CA ALA G 41 77.43 3.11 -28.26
C ALA G 41 76.58 4.27 -28.80
N ASN G 42 76.86 5.49 -28.32
CA ASN G 42 75.97 6.65 -28.37
C ASN G 42 74.48 6.25 -28.30
N GLN G 43 74.04 5.69 -27.16
CA GLN G 43 72.63 5.40 -26.85
C GLN G 43 72.41 5.31 -25.33
N THR G 44 71.73 6.31 -24.75
CA THR G 44 71.23 6.24 -23.39
C THR G 44 69.73 5.95 -23.38
N GLY G 45 69.30 5.21 -22.36
CA GLY G 45 67.92 4.77 -22.22
C GLY G 45 67.88 3.30 -21.85
N GLY G 46 66.79 2.91 -21.19
CA GLY G 46 66.64 1.52 -20.78
C GLY G 46 65.32 1.16 -20.12
N LEU G 47 64.50 0.38 -20.81
CA LEU G 47 63.21 -0.04 -20.28
C LEU G 47 63.31 -1.43 -19.68
N TYR G 48 62.61 -1.64 -18.57
CA TYR G 48 62.46 -2.95 -17.98
C TYR G 48 60.99 -3.22 -17.74
N GLN G 49 60.60 -4.48 -17.81
CA GLN G 49 59.28 -4.89 -17.38
C GLN G 49 59.43 -5.89 -16.23
N CYS G 50 58.74 -5.60 -15.13
CA CYS G 50 58.86 -6.35 -13.89
C CYS G 50 57.52 -6.97 -13.53
N GLY G 51 57.58 -8.14 -12.91
CA GLY G 51 56.38 -8.87 -12.54
C GLY G 51 56.39 -9.28 -11.09
N TYR G 52 55.22 -9.17 -10.44
CA TYR G 52 55.10 -9.58 -9.05
C TYR G 52 55.28 -11.07 -8.90
N SER G 53 54.97 -11.83 -9.95
CA SER G 53 54.95 -13.29 -9.85
C SER G 53 56.29 -13.85 -9.41
N THR G 54 57.38 -13.33 -9.97
CA THR G 54 58.72 -13.79 -9.63
C THR G 54 59.54 -12.75 -8.86
N GLY G 55 59.17 -11.48 -8.93
CA GLY G 55 59.93 -10.46 -8.25
C GLY G 55 61.21 -10.06 -8.95
N ALA G 56 61.32 -10.33 -10.25
CA ALA G 56 62.51 -10.00 -11.02
C ALA G 56 62.10 -9.21 -12.24
N CYS G 57 63.10 -8.57 -12.86
CA CYS G 57 62.86 -7.65 -13.96
C CYS G 57 63.71 -8.05 -15.16
N GLU G 58 63.11 -8.01 -16.34
CA GLU G 58 63.85 -8.22 -17.58
C GLU G 58 63.70 -7.00 -18.49
N PRO G 59 64.76 -6.65 -19.23
CA PRO G 59 64.70 -5.44 -20.05
C PRO G 59 63.79 -5.62 -21.26
N ILE G 60 63.16 -4.52 -21.67
CA ILE G 60 62.21 -4.54 -22.77
C ILE G 60 62.97 -4.44 -24.08
N GLY G 61 62.85 -5.47 -24.92
CA GLY G 61 63.52 -5.44 -26.21
C GLY G 61 62.91 -4.38 -27.12
N LEU G 62 63.79 -3.66 -27.83
CA LEU G 62 63.35 -2.57 -28.69
C LEU G 62 64.15 -2.56 -29.98
N GLN G 63 63.47 -2.16 -31.06
CA GLN G 63 64.09 -1.90 -32.35
C GLN G 63 64.29 -0.39 -32.43
N VAL G 64 65.39 0.08 -31.85
CA VAL G 64 65.63 1.51 -31.64
C VAL G 64 66.26 2.07 -32.91
N PRO G 65 65.67 3.08 -33.53
CA PRO G 65 66.31 3.73 -34.67
C PRO G 65 67.64 4.33 -34.29
N PRO G 66 68.72 3.97 -35.00
CA PRO G 66 70.01 4.65 -34.80
C PRO G 66 69.94 6.15 -35.01
N GLU G 67 68.95 6.63 -35.77
CA GLU G 67 68.78 8.05 -36.01
C GLU G 67 68.58 8.83 -34.72
N ALA G 68 68.00 8.19 -33.70
CA ALA G 68 67.71 8.83 -32.41
C ALA G 68 68.85 8.55 -31.45
N VAL G 69 69.60 9.59 -31.09
CA VAL G 69 70.87 9.46 -30.39
C VAL G 69 70.72 10.05 -28.99
N ASN G 70 71.02 9.22 -27.98
CA ASN G 70 71.08 9.66 -26.59
C ASN G 70 69.74 10.18 -26.11
N MET G 71 68.67 9.46 -26.51
CA MET G 71 67.32 9.90 -26.19
C MET G 71 67.06 9.82 -24.69
N SER G 72 67.78 8.95 -23.99
CA SER G 72 67.57 8.69 -22.56
C SER G 72 66.15 8.19 -22.32
N LEU G 73 65.73 7.19 -23.09
CA LEU G 73 64.36 6.72 -22.98
C LEU G 73 64.13 6.08 -21.62
N GLY G 74 62.85 6.03 -21.24
CA GLY G 74 62.47 5.79 -19.88
C GLY G 74 62.23 7.07 -19.09
N LEU G 75 62.84 8.17 -19.51
CA LEU G 75 62.62 9.45 -18.83
C LEU G 75 61.16 9.87 -18.89
N SER G 76 60.41 9.34 -19.83
CA SER G 76 58.99 9.65 -19.94
C SER G 76 58.23 8.36 -20.15
N LEU G 77 57.19 8.13 -19.34
CA LEU G 77 56.43 6.90 -19.39
C LEU G 77 54.94 7.20 -19.28
N ALA G 78 54.14 6.25 -19.76
CA ALA G 78 52.68 6.34 -19.76
C ALA G 78 52.06 5.05 -20.29
N SER G 79 50.87 4.69 -19.80
CA SER G 79 50.17 3.52 -20.32
C SER G 79 48.68 3.78 -20.27
N THR G 80 47.92 2.92 -20.94
CA THR G 80 46.47 2.93 -20.86
C THR G 80 45.98 1.48 -20.76
N THR G 81 44.68 1.33 -20.53
CA THR G 81 44.11 0.07 -20.11
C THR G 81 43.06 -0.50 -21.05
N SER G 82 42.37 0.34 -21.83
CA SER G 82 41.21 -0.06 -22.62
C SER G 82 41.57 -1.25 -23.52
N PRO G 83 42.26 -1.07 -24.66
CA PRO G 83 43.29 -2.06 -25.00
C PRO G 83 44.61 -1.62 -24.38
N SER G 84 45.34 -2.60 -23.84
CA SER G 84 46.53 -2.30 -23.05
C SER G 84 47.65 -1.77 -23.94
N GLN G 85 48.10 -0.56 -23.68
CA GLN G 85 49.12 0.09 -24.48
C GLN G 85 50.17 0.73 -23.58
N LEU G 86 51.40 0.81 -24.09
CA LEU G 86 52.52 1.40 -23.38
C LEU G 86 53.25 2.38 -24.28
N LEU G 87 53.61 3.53 -23.71
CA LEU G 87 54.21 4.63 -24.45
C LEU G 87 55.48 5.05 -23.71
N ALA G 88 56.63 4.83 -24.34
CA ALA G 88 57.91 5.11 -23.72
C ALA G 88 58.70 6.08 -24.59
N CYS G 89 59.21 7.13 -23.96
CA CYS G 89 59.85 8.21 -24.69
C CYS G 89 61.25 8.49 -24.16
N GLY G 90 62.12 8.88 -25.07
CA GLY G 90 63.37 9.51 -24.76
C GLY G 90 63.40 10.87 -25.42
N PRO G 91 63.10 11.91 -24.65
CA PRO G 91 62.92 13.25 -25.26
C PRO G 91 64.21 14.06 -25.33
N THR G 92 65.35 13.46 -25.03
CA THR G 92 66.64 14.08 -25.30
C THR G 92 67.29 13.51 -26.56
N VAL G 93 66.47 13.14 -27.55
CA VAL G 93 66.98 12.66 -28.83
C VAL G 93 67.84 13.73 -29.47
N HIS G 94 69.10 13.41 -29.73
CA HIS G 94 69.98 14.30 -30.46
C HIS G 94 69.91 13.99 -31.94
N HIS G 95 69.86 15.04 -32.76
CA HIS G 95 69.97 14.90 -34.21
C HIS G 95 70.80 16.06 -34.72
N GLU G 96 71.90 15.76 -35.40
CA GLU G 96 72.81 16.78 -35.91
C GLU G 96 72.43 17.18 -37.32
N CYS G 97 72.28 18.49 -37.56
CA CYS G 97 72.08 19.03 -38.89
C CYS G 97 73.36 19.56 -39.51
N GLY G 98 74.43 19.61 -38.75
CA GLY G 98 75.68 20.13 -39.23
C GLY G 98 76.19 21.26 -38.36
N ARG G 99 75.68 22.47 -38.61
CA ARG G 99 76.02 23.63 -37.78
C ARG G 99 75.64 23.40 -36.33
N ASN G 100 74.44 22.89 -36.10
CA ASN G 100 73.95 22.69 -34.73
C ASN G 100 73.09 21.43 -34.71
N MET G 101 73.05 20.78 -33.55
CA MET G 101 72.09 19.72 -33.35
C MET G 101 70.81 20.29 -32.76
N TYR G 102 69.78 19.46 -32.69
CA TYR G 102 68.50 19.86 -32.14
C TYR G 102 67.87 18.66 -31.45
N LEU G 103 66.96 18.94 -30.52
CA LEU G 103 66.37 17.91 -29.66
C LEU G 103 64.92 17.65 -30.07
N THR G 104 64.72 16.66 -30.93
CA THR G 104 63.41 16.04 -31.06
C THR G 104 63.26 15.01 -29.96
N GLY G 105 62.10 14.39 -29.88
CA GLY G 105 61.88 13.27 -28.99
C GLY G 105 61.26 12.13 -29.75
N LEU G 106 61.62 10.91 -29.34
CA LEU G 106 61.12 9.70 -29.97
C LEU G 106 60.39 8.87 -28.93
N CYS G 107 59.19 8.41 -29.26
CA CYS G 107 58.40 7.58 -28.37
C CYS G 107 58.08 6.24 -29.04
N PHE G 108 58.03 5.19 -28.23
CA PHE G 108 57.68 3.84 -28.67
C PHE G 108 56.33 3.46 -28.10
N LEU G 109 55.42 3.03 -28.97
CA LEU G 109 54.06 2.67 -28.57
C LEU G 109 53.91 1.16 -28.68
N LEU G 110 54.01 0.48 -27.56
CA LEU G 110 53.98 -0.98 -27.52
C LEU G 110 52.58 -1.48 -27.16
N GLY G 111 52.34 -2.75 -27.49
CA GLY G 111 51.11 -3.41 -27.14
C GLY G 111 51.30 -4.92 -27.19
N PRO G 112 50.46 -5.67 -26.48
CA PRO G 112 50.55 -7.14 -26.56
C PRO G 112 49.80 -7.67 -27.77
N THR G 113 48.72 -6.98 -28.15
CA THR G 113 48.09 -7.21 -29.44
C THR G 113 48.80 -6.45 -30.54
N GLN G 114 49.16 -5.20 -30.26
CA GLN G 114 49.72 -4.30 -31.26
C GLN G 114 51.19 -4.61 -31.51
N LEU G 115 51.63 -4.30 -32.72
CA LEU G 115 53.03 -4.28 -33.08
C LEU G 115 53.61 -2.91 -32.74
N THR G 116 54.88 -2.91 -32.34
CA THR G 116 55.51 -1.70 -31.83
C THR G 116 55.49 -0.59 -32.88
N GLN G 117 55.12 0.62 -32.44
CA GLN G 117 55.02 1.79 -33.29
C GLN G 117 55.90 2.90 -32.73
N ARG G 118 55.99 4.01 -33.47
CA ARG G 118 56.93 5.07 -33.12
C ARG G 118 56.27 6.43 -33.33
N LEU G 119 56.51 7.35 -32.39
CA LEU G 119 55.96 8.71 -32.46
C LEU G 119 57.04 9.79 -32.35
N PRO G 120 57.02 10.78 -33.26
CA PRO G 120 56.16 10.78 -34.46
C PRO G 120 56.61 9.71 -35.44
N VAL G 121 55.71 9.22 -36.28
CA VAL G 121 55.99 8.08 -37.13
C VAL G 121 57.29 8.29 -37.90
N SER G 122 57.43 9.46 -38.53
CA SER G 122 58.59 9.78 -39.34
C SER G 122 59.46 10.81 -38.62
N ARG G 123 60.76 10.56 -38.63
CA ARG G 123 61.73 11.40 -37.93
C ARG G 123 61.77 12.80 -38.53
N GLN G 124 62.05 13.78 -37.68
CA GLN G 124 62.12 15.18 -38.09
C GLN G 124 63.41 15.46 -38.85
N GLU G 125 63.29 16.19 -39.94
CA GLU G 125 64.42 16.43 -40.84
C GLU G 125 65.11 17.77 -40.56
N CYS G 126 66.35 17.86 -41.06
CA CYS G 126 67.25 19.00 -40.96
C CYS G 126 66.84 20.10 -41.92
N PRO G 127 66.39 21.24 -41.39
CA PRO G 127 65.94 22.32 -42.26
C PRO G 127 67.06 22.83 -43.16
N ARG G 128 66.68 23.26 -44.36
CA ARG G 128 67.59 23.82 -45.33
C ARG G 128 67.03 25.10 -45.94
N SER G 326 66.79 35.59 -31.49
CA SER G 326 67.13 34.22 -31.09
C SER G 326 65.88 33.40 -30.80
N SER G 327 64.87 33.55 -31.67
CA SER G 327 63.59 32.88 -31.52
C SER G 327 63.57 31.57 -32.30
N PHE G 328 62.75 30.62 -31.83
CA PHE G 328 62.72 29.25 -32.35
C PHE G 328 61.30 28.88 -32.75
N GLU G 329 61.15 27.64 -33.27
CA GLU G 329 59.85 27.07 -33.59
C GLU G 329 59.75 25.62 -33.12
N LEU G 330 60.62 24.73 -33.62
CA LEU G 330 60.63 23.31 -33.20
C LEU G 330 62.04 22.78 -33.48
N GLU G 331 62.96 23.12 -32.58
CA GLU G 331 64.32 22.63 -32.68
C GLU G 331 64.70 21.81 -31.46
N MET G 332 64.73 22.39 -30.26
CA MET G 332 64.85 21.62 -29.04
C MET G 332 63.52 21.68 -28.28
N ALA G 333 62.50 21.10 -28.91
CA ALA G 333 61.16 21.04 -28.34
C ALA G 333 60.97 19.85 -27.42
N GLN G 334 61.67 18.74 -27.68
CA GLN G 334 61.67 17.55 -26.83
C GLN G 334 60.25 16.97 -26.69
N GLU G 335 59.66 16.65 -27.84
CA GLU G 335 58.33 16.06 -27.87
C GLU G 335 58.33 14.71 -27.15
N GLY G 336 57.25 14.44 -26.43
CA GLY G 336 57.16 13.24 -25.61
C GLY G 336 57.78 13.37 -24.24
N PHE G 337 58.34 14.54 -23.92
CA PHE G 337 58.92 14.81 -22.60
C PHE G 337 57.98 14.40 -21.47
N SER G 338 56.70 14.74 -21.59
CA SER G 338 55.65 14.20 -20.74
C SER G 338 54.48 13.81 -21.64
N ALA G 339 53.90 12.64 -21.40
CA ALA G 339 52.87 12.12 -22.30
C ALA G 339 51.76 11.46 -21.51
N VAL G 340 50.55 11.50 -22.08
CA VAL G 340 49.35 10.97 -21.44
C VAL G 340 48.40 10.48 -22.52
N PHE G 341 47.81 9.32 -22.30
CA PHE G 341 46.83 8.79 -23.25
C PHE G 341 45.53 9.59 -23.18
N THR G 342 44.80 9.62 -24.30
CA THR G 342 43.45 10.19 -24.33
C THR G 342 42.50 9.28 -25.11
N PRO G 343 41.17 9.50 -25.05
CA PRO G 343 40.26 8.71 -25.91
C PRO G 343 40.62 8.73 -27.39
N ASP G 344 41.30 9.78 -27.87
CA ASP G 344 41.56 9.91 -29.29
C ASP G 344 42.92 9.36 -29.69
N GLY G 345 43.90 9.44 -28.79
CA GLY G 345 45.25 9.03 -29.08
C GLY G 345 46.22 9.74 -28.16
N PRO G 346 47.45 9.25 -28.09
CA PRO G 346 48.42 9.83 -27.14
C PRO G 346 48.59 11.33 -27.36
N VAL G 347 48.88 12.03 -26.27
CA VAL G 347 49.21 13.45 -26.32
C VAL G 347 50.62 13.59 -25.75
N LEU G 348 51.56 13.93 -26.61
CA LEU G 348 52.96 14.11 -26.23
C LEU G 348 53.21 15.59 -26.02
N GLY G 349 53.74 15.94 -24.85
CA GLY G 349 54.04 17.33 -24.55
C GLY G 349 55.38 17.70 -25.17
N ALA G 350 55.41 18.86 -25.83
CA ALA G 350 56.64 19.42 -26.35
C ALA G 350 56.87 20.76 -25.66
N VAL G 351 58.04 20.92 -25.05
CA VAL G 351 58.25 21.99 -24.09
C VAL G 351 59.01 23.16 -24.70
N GLY G 352 60.00 22.88 -25.53
CA GLY G 352 60.71 23.93 -26.21
C GLY G 352 59.98 24.50 -27.39
N SER G 353 58.82 23.92 -27.72
CA SER G 353 58.03 24.35 -28.87
C SER G 353 57.78 25.84 -28.84
N PHE G 354 58.09 26.49 -29.96
CA PHE G 354 57.84 27.92 -30.14
C PHE G 354 58.44 28.73 -28.99
N THR G 355 59.77 28.68 -28.90
CA THR G 355 60.56 29.46 -27.91
C THR G 355 60.14 29.11 -26.49
N TRP G 356 60.14 27.81 -26.18
CA TRP G 356 59.79 27.30 -24.86
C TRP G 356 58.45 27.85 -24.36
N SER G 357 57.53 28.08 -25.29
CA SER G 357 56.13 28.34 -24.95
C SER G 357 55.28 27.07 -25.04
N GLY G 358 55.85 26.00 -25.56
CA GLY G 358 55.28 24.69 -25.42
C GLY G 358 54.07 24.41 -26.28
N GLY G 359 53.28 23.47 -25.79
CA GLY G 359 52.19 22.84 -26.48
C GLY G 359 52.30 21.34 -26.41
N ALA G 360 51.39 20.66 -27.09
CA ALA G 360 51.37 19.21 -27.04
C ALA G 360 50.78 18.66 -28.33
N PHE G 361 51.24 17.46 -28.70
CA PHE G 361 50.92 16.86 -29.98
C PHE G 361 50.01 15.66 -29.78
N LEU G 362 48.87 15.67 -30.47
CA LEU G 362 47.83 14.67 -30.37
C LEU G 362 47.87 13.79 -31.61
N TYR G 363 47.82 12.47 -31.42
CA TYR G 363 48.07 11.49 -32.48
C TYR G 363 46.86 10.60 -32.71
N PRO G 364 45.90 11.07 -33.50
CA PRO G 364 44.66 10.33 -33.75
C PRO G 364 44.91 9.00 -34.45
N PRO G 365 43.88 8.13 -34.55
CA PRO G 365 44.10 6.76 -35.03
C PRO G 365 44.36 6.66 -36.53
N ASN G 366 45.63 6.48 -36.89
CA ASN G 366 46.04 6.18 -38.28
C ASN G 366 45.82 7.39 -39.19
N MET G 367 46.30 8.55 -38.76
CA MET G 367 46.15 9.78 -39.54
C MET G 367 47.04 10.87 -38.96
N SER G 368 46.86 12.09 -39.48
CA SER G 368 47.78 13.18 -39.19
C SER G 368 47.53 13.77 -37.80
N PRO G 369 48.57 14.20 -37.11
CA PRO G 369 48.39 14.78 -35.77
C PRO G 369 47.92 16.24 -35.81
N THR G 370 47.61 16.75 -34.62
CA THR G 370 47.27 18.15 -34.42
C THR G 370 48.03 18.68 -33.21
N PHE G 371 48.09 20.01 -33.10
CA PHE G 371 48.97 20.68 -32.15
C PHE G 371 48.18 21.68 -31.32
N ILE G 372 48.42 21.68 -30.01
CA ILE G 372 47.60 22.39 -29.04
C ILE G 372 48.49 23.32 -28.23
N ASN G 373 48.34 24.63 -28.44
CA ASN G 373 49.06 25.62 -27.65
C ASN G 373 48.17 26.86 -27.51
N MET G 374 48.60 27.77 -26.66
CA MET G 374 47.98 29.09 -26.64
C MET G 374 48.42 29.88 -27.88
N SER G 375 47.62 30.88 -28.24
CA SER G 375 47.81 31.57 -29.52
C SER G 375 49.17 32.26 -29.61
N GLN G 376 49.53 32.60 -30.85
CA GLN G 376 50.79 33.30 -31.12
C GLN G 376 50.85 34.57 -30.30
N GLU G 377 49.70 35.20 -30.15
CA GLU G 377 49.60 36.52 -29.58
C GLU G 377 49.99 36.50 -28.11
N ASN G 378 49.96 35.34 -27.48
CA ASN G 378 50.20 35.26 -26.04
C ASN G 378 51.69 35.40 -25.76
N VAL G 379 52.12 36.66 -25.71
CA VAL G 379 53.53 37.02 -25.55
C VAL G 379 54.11 36.35 -24.30
N ASP G 380 53.37 36.43 -23.19
CA ASP G 380 53.86 36.01 -21.89
C ASP G 380 54.17 34.51 -21.82
N MET G 381 53.73 33.73 -22.80
CA MET G 381 53.98 32.28 -22.76
C MET G 381 55.42 31.93 -23.09
N ARG G 382 56.23 32.89 -23.54
CA ARG G 382 57.64 32.63 -23.77
C ARG G 382 58.30 32.09 -22.52
N ASP G 383 59.07 31.01 -22.68
CA ASP G 383 59.83 30.39 -21.60
C ASP G 383 58.91 29.96 -20.45
N SER G 384 57.84 29.25 -20.79
CA SER G 384 56.99 28.66 -19.76
C SER G 384 57.19 27.16 -19.64
N TYR G 385 57.59 26.50 -20.74
CA TYR G 385 57.63 25.05 -20.87
C TYR G 385 56.23 24.42 -20.83
N LEU G 386 55.24 25.12 -21.36
CA LEU G 386 53.86 24.62 -21.34
C LEU G 386 53.75 23.25 -21.98
N GLY G 387 53.33 22.26 -21.22
CA GLY G 387 53.35 20.88 -21.64
C GLY G 387 54.42 20.08 -20.95
N TYR G 388 55.30 20.75 -20.19
CA TYR G 388 56.23 20.12 -19.27
C TYR G 388 55.60 18.92 -18.60
N SER G 389 54.37 19.14 -18.15
CA SER G 389 53.54 18.17 -17.47
C SER G 389 52.21 18.12 -18.18
N THR G 390 51.67 16.92 -18.38
CA THR G 390 50.42 16.80 -19.13
C THR G 390 49.54 15.72 -18.52
N GLU G 391 48.23 16.01 -18.47
CA GLU G 391 47.26 15.13 -17.85
C GLU G 391 45.93 15.25 -18.59
N LEU G 392 45.14 14.17 -18.54
CA LEU G 392 43.83 14.12 -19.16
C LEU G 392 42.75 14.42 -18.12
N ALA G 393 41.99 15.47 -18.36
CA ALA G 393 40.78 15.74 -17.61
C ALA G 393 39.59 15.27 -18.43
N LEU G 394 38.59 14.72 -17.76
CA LEU G 394 37.44 14.16 -18.45
C LEU G 394 36.18 14.79 -17.87
N TRP G 395 35.62 15.78 -18.57
N TRP G 395 35.58 15.71 -18.62
CA TRP G 395 34.26 16.22 -18.27
CA TRP G 395 34.26 16.24 -18.28
C TRP G 395 33.30 15.46 -19.16
C TRP G 395 33.23 15.55 -19.16
N LYS G 396 32.32 14.80 -18.53
CA LYS G 396 31.26 14.01 -19.14
C LYS G 396 31.16 13.98 -20.67
N GLY G 397 31.16 15.15 -21.30
CA GLY G 397 31.01 15.19 -22.74
C GLY G 397 32.31 15.39 -23.51
N VAL G 398 33.23 16.16 -22.95
CA VAL G 398 34.40 16.64 -23.69
C VAL G 398 35.65 16.25 -22.93
N GLN G 399 36.44 15.34 -23.51
CA GLN G 399 37.78 15.09 -23.01
C GLN G 399 38.63 16.35 -23.14
N SER G 400 39.53 16.54 -22.19
CA SER G 400 40.22 17.82 -22.08
C SER G 400 41.65 17.61 -21.61
N LEU G 401 42.52 18.55 -21.98
CA LEU G 401 43.94 18.44 -21.68
C LEU G 401 44.37 19.50 -20.66
N VAL G 402 45.17 19.07 -19.70
CA VAL G 402 45.80 19.96 -18.73
C VAL G 402 47.29 19.93 -18.99
N LEU G 403 47.88 21.10 -19.20
CA LEU G 403 49.30 21.23 -19.50
C LEU G 403 49.95 22.15 -18.48
N GLY G 404 51.06 21.70 -17.89
CA GLY G 404 51.73 22.44 -16.83
C GLY G 404 52.92 23.24 -17.34
N ALA G 405 53.03 24.46 -16.85
CA ALA G 405 54.05 25.43 -17.28
C ALA G 405 54.82 25.94 -16.06
N PRO G 406 55.78 25.17 -15.56
CA PRO G 406 56.56 25.56 -14.38
C PRO G 406 57.08 26.99 -14.39
N ARG G 407 57.44 27.50 -15.57
CA ARG G 407 58.26 28.69 -15.68
C ARG G 407 57.50 29.91 -16.16
N TYR G 408 56.17 29.83 -16.32
CA TYR G 408 55.42 31.00 -16.76
C TYR G 408 55.69 32.17 -15.83
N GLN G 409 56.31 33.24 -16.34
CA GLN G 409 56.70 34.40 -15.54
C GLN G 409 57.57 34.03 -14.36
N HIS G 410 58.27 32.90 -14.45
CA HIS G 410 59.16 32.35 -13.42
C HIS G 410 58.42 31.84 -12.20
N THR G 411 57.09 31.85 -12.18
CA THR G 411 56.32 31.32 -11.06
C THR G 411 55.62 30.02 -11.39
N GLY G 412 54.81 29.98 -12.44
CA GLY G 412 54.13 28.78 -12.88
C GLY G 412 52.71 29.01 -13.35
N LYS G 413 52.22 28.13 -14.21
CA LYS G 413 50.87 28.21 -14.72
C LYS G 413 50.45 26.83 -15.22
N ALA G 414 49.15 26.56 -15.14
CA ALA G 414 48.54 25.39 -15.73
C ALA G 414 47.37 25.83 -16.59
N VAL G 415 47.17 25.16 -17.72
CA VAL G 415 46.15 25.57 -18.69
C VAL G 415 45.34 24.36 -19.13
N ILE G 416 44.03 24.55 -19.22
CA ILE G 416 43.09 23.51 -19.65
C ILE G 416 42.67 23.83 -21.08
N PHE G 417 42.71 22.81 -21.95
CA PHE G 417 42.33 22.94 -23.35
C PHE G 417 41.20 21.98 -23.67
N THR G 418 40.25 22.44 -24.49
CA THR G 418 39.16 21.62 -24.97
C THR G 418 38.98 21.86 -26.46
N GLN G 419 38.45 20.85 -27.16
CA GLN G 419 38.19 21.01 -28.59
C GLN G 419 36.87 21.73 -28.76
N VAL G 420 36.92 22.95 -29.28
CA VAL G 420 35.74 23.72 -29.64
C VAL G 420 35.47 23.47 -31.11
N SER G 421 34.33 22.84 -31.41
CA SER G 421 34.03 22.36 -32.76
C SER G 421 35.16 21.47 -33.25
N ARG G 422 36.02 21.99 -34.12
CA ARG G 422 37.14 21.22 -34.66
C ARG G 422 38.51 21.78 -34.28
N GLN G 423 38.56 22.75 -33.37
CA GLN G 423 39.82 23.41 -33.03
C GLN G 423 40.08 23.29 -31.54
N TRP G 424 41.36 23.26 -31.18
CA TRP G 424 41.77 23.20 -29.78
C TRP G 424 42.02 24.62 -29.26
N ARG G 425 41.30 24.99 -28.20
CA ARG G 425 41.28 26.35 -27.68
C ARG G 425 41.35 26.32 -26.17
N MET G 426 41.86 27.41 -25.58
CA MET G 426 41.99 27.48 -24.14
C MET G 426 40.62 27.55 -23.46
N LYS G 427 40.43 26.71 -22.46
CA LYS G 427 39.21 26.75 -21.64
C LYS G 427 39.41 27.61 -20.39
N ALA G 428 40.46 27.34 -19.62
CA ALA G 428 40.72 28.06 -18.39
C ALA G 428 42.17 27.88 -17.99
N GLU G 429 42.62 28.67 -17.02
CA GLU G 429 44.02 28.64 -16.60
C GLU G 429 44.16 29.13 -15.17
N VAL G 430 45.26 28.70 -14.53
CA VAL G 430 45.58 29.03 -13.16
C VAL G 430 47.07 29.32 -13.06
N THR G 431 47.44 30.31 -12.25
CA THR G 431 48.83 30.65 -12.03
C THR G 431 49.32 30.07 -10.70
N GLY G 432 50.64 30.14 -10.52
CA GLY G 432 51.24 29.95 -9.22
C GLY G 432 51.13 31.20 -8.38
N THR G 433 51.90 31.24 -7.31
CA THR G 433 51.89 32.41 -6.44
C THR G 433 53.32 32.81 -6.06
N GLN G 434 54.04 31.84 -5.50
CA GLN G 434 55.43 32.06 -5.13
C GLN G 434 56.33 31.89 -6.35
N ILE G 435 57.29 32.80 -6.50
CA ILE G 435 58.22 32.71 -7.63
C ILE G 435 59.11 31.49 -7.44
N GLY G 436 59.34 30.75 -8.52
CA GLY G 436 60.14 29.55 -8.46
C GLY G 436 59.45 28.44 -7.70
N SER G 437 58.15 28.62 -7.42
CA SER G 437 57.37 27.54 -6.87
C SER G 437 57.32 26.36 -7.82
N TYR G 438 57.58 26.59 -9.11
CA TYR G 438 57.52 25.56 -10.14
C TYR G 438 56.09 25.04 -10.30
N PHE G 439 55.13 25.96 -10.28
CA PHE G 439 53.73 25.57 -10.37
C PHE G 439 53.42 25.00 -11.75
N GLY G 440 52.68 23.90 -11.77
CA GLY G 440 52.43 23.17 -13.00
C GLY G 440 53.34 21.98 -13.21
N ALA G 441 54.26 21.73 -12.29
CA ALA G 441 55.21 20.63 -12.46
C ALA G 441 54.52 19.29 -12.54
N SER G 442 53.45 19.10 -11.78
CA SER G 442 52.74 17.82 -11.71
C SER G 442 51.26 18.06 -11.97
N LEU G 443 50.59 17.02 -12.45
CA LEU G 443 49.16 17.09 -12.70
C LEU G 443 48.53 15.73 -12.44
N CYS G 444 47.33 15.75 -11.86
CA CYS G 444 46.64 14.51 -11.51
C CYS G 444 45.15 14.80 -11.49
N SER G 445 44.41 14.27 -12.46
CA SER G 445 42.96 14.41 -12.50
C SER G 445 42.33 13.36 -11.57
N VAL G 446 41.37 13.81 -10.75
CA VAL G 446 40.80 12.97 -9.71
C VAL G 446 39.28 13.00 -9.85
N ASP G 447 38.68 11.81 -9.91
CA ASP G 447 37.23 11.63 -9.83
C ASP G 447 36.94 11.08 -8.43
N VAL G 448 36.41 11.95 -7.55
CA VAL G 448 36.23 11.56 -6.15
C VAL G 448 35.11 10.53 -6.02
N ASP G 449 34.08 10.60 -6.86
CA ASP G 449 32.87 9.81 -6.67
C ASP G 449 32.68 8.71 -7.70
N SER G 450 33.63 8.52 -8.62
CA SER G 450 33.59 7.44 -9.61
C SER G 450 32.36 7.51 -10.51
N ASP G 451 31.88 8.70 -10.82
CA ASP G 451 30.84 8.87 -11.83
C ASP G 451 31.42 9.00 -13.24
N GLY G 452 32.73 8.83 -13.38
CA GLY G 452 33.39 8.91 -14.66
C GLY G 452 33.78 10.30 -15.09
N SER G 453 33.45 11.33 -14.32
CA SER G 453 33.78 12.71 -14.65
C SER G 453 34.75 13.26 -13.61
N THR G 454 35.88 13.77 -14.08
CA THR G 454 36.87 14.37 -13.20
C THR G 454 36.24 15.50 -12.39
N ASP G 455 36.41 15.43 -11.07
CA ASP G 455 35.91 16.46 -10.18
C ASP G 455 36.93 17.57 -9.94
N LEU G 456 38.21 17.22 -9.90
CA LEU G 456 39.26 18.21 -9.66
C LEU G 456 40.55 17.68 -10.24
N VAL G 457 41.48 18.59 -10.49
CA VAL G 457 42.83 18.26 -10.89
C VAL G 457 43.78 18.80 -9.85
N LEU G 458 44.73 17.97 -9.43
CA LEU G 458 45.78 18.39 -8.51
C LEU G 458 46.97 18.88 -9.31
N ILE G 459 47.61 19.94 -8.81
CA ILE G 459 48.72 20.59 -9.49
C ILE G 459 49.88 20.71 -8.52
N GLY G 460 51.01 20.09 -8.86
CA GLY G 460 52.16 20.13 -7.99
C GLY G 460 53.00 21.39 -8.15
N ALA G 461 53.82 21.64 -7.14
CA ALA G 461 54.78 22.74 -7.10
C ALA G 461 55.89 22.35 -6.14
N PRO G 462 56.73 21.37 -6.52
CA PRO G 462 57.56 20.66 -5.53
C PRO G 462 58.64 21.49 -4.88
N HIS G 463 58.92 22.71 -5.34
CA HIS G 463 59.88 23.55 -4.65
C HIS G 463 59.22 24.80 -4.10
N TYR G 464 57.93 24.72 -3.78
CA TYR G 464 57.34 25.70 -2.90
C TYR G 464 58.11 25.71 -1.60
N TYR G 465 58.54 26.90 -1.18
CA TYR G 465 59.53 27.00 -0.10
C TYR G 465 58.95 27.76 1.08
N GLU G 466 58.75 27.05 2.17
CA GLU G 466 58.60 27.63 3.50
C GLU G 466 59.80 27.18 4.34
N GLN G 467 60.21 28.05 5.27
CA GLN G 467 61.35 27.77 6.14
C GLN G 467 61.20 26.38 6.76
N THR G 468 59.96 26.00 7.05
CA THR G 468 59.65 24.73 7.68
C THR G 468 59.46 23.59 6.69
N ARG G 469 58.87 23.84 5.53
CA ARG G 469 58.36 22.74 4.71
C ARG G 469 58.47 23.08 3.22
N GLY G 470 58.87 22.09 2.42
CA GLY G 470 59.08 22.29 1.00
C GLY G 470 58.32 21.34 0.09
N GLY G 471 57.53 21.93 -0.81
CA GLY G 471 56.59 21.19 -1.62
C GLY G 471 55.16 21.59 -1.28
N GLN G 472 54.26 21.30 -2.23
CA GLN G 472 52.83 21.52 -2.03
C GLN G 472 52.08 21.02 -3.26
N VAL G 473 50.77 20.86 -3.10
CA VAL G 473 49.88 20.48 -4.19
C VAL G 473 48.62 21.34 -4.08
N SER G 474 48.19 21.91 -5.20
CA SER G 474 46.97 22.69 -5.23
C SER G 474 45.78 21.80 -5.57
N VAL G 475 44.72 21.91 -4.78
CA VAL G 475 43.44 21.29 -5.10
C VAL G 475 42.65 22.30 -5.91
N CYS G 476 42.46 22.03 -7.20
CA CYS G 476 41.87 22.99 -8.12
C CYS G 476 40.67 22.33 -8.81
N PRO G 477 39.49 22.49 -8.25
CA PRO G 477 38.33 21.73 -8.72
C PRO G 477 37.72 22.31 -9.99
N LEU G 478 37.02 21.44 -10.71
CA LEU G 478 36.35 21.83 -11.94
C LEU G 478 35.49 23.06 -11.70
N PRO G 479 35.53 24.06 -12.58
CA PRO G 479 34.45 25.04 -12.61
C PRO G 479 33.30 24.45 -13.40
N ARG G 480 32.09 24.70 -12.91
CA ARG G 480 30.87 24.27 -13.58
C ARG G 480 30.16 25.51 -14.11
N GLY G 481 30.13 25.64 -15.43
CA GLY G 481 29.32 26.66 -16.06
C GLY G 481 29.87 28.08 -16.04
N TRP G 482 29.97 28.67 -14.84
CA TRP G 482 30.23 30.10 -14.69
C TRP G 482 31.53 30.53 -15.39
N ARG G 483 32.65 30.53 -14.69
CA ARG G 483 33.84 31.10 -15.32
C ARG G 483 35.18 30.58 -14.81
N ARG G 484 35.64 31.10 -13.67
CA ARG G 484 37.05 31.01 -13.31
C ARG G 484 37.37 29.68 -12.65
N TRP G 485 38.29 28.93 -13.27
CA TRP G 485 38.94 27.82 -12.60
C TRP G 485 39.92 28.35 -11.56
N TRP G 486 39.84 27.83 -10.35
CA TRP G 486 40.67 28.32 -9.27
C TRP G 486 41.09 27.14 -8.39
N CYS G 487 42.10 27.39 -7.56
CA CYS G 487 42.68 26.36 -6.71
C CYS G 487 42.10 26.53 -5.31
N ASP G 488 41.26 25.57 -4.94
CA ASP G 488 40.36 25.63 -3.79
C ASP G 488 41.11 25.46 -2.47
N ALA G 489 41.97 24.44 -2.38
CA ALA G 489 42.69 24.14 -1.15
C ALA G 489 44.12 23.74 -1.51
N VAL G 490 44.95 23.62 -0.48
CA VAL G 490 46.34 23.25 -0.64
C VAL G 490 46.66 22.07 0.25
N LEU G 491 47.55 21.21 -0.22
CA LEU G 491 48.06 20.09 0.55
C LEU G 491 49.55 20.28 0.79
N TYR G 492 50.00 19.97 1.99
CA TYR G 492 51.42 19.95 2.33
C TYR G 492 51.78 18.58 2.87
N GLY G 493 53.08 18.40 3.13
CA GLY G 493 53.58 17.28 3.88
C GLY G 493 53.97 17.66 5.28
N GLU G 494 54.81 16.83 5.89
CA GLU G 494 55.23 17.07 7.27
C GLU G 494 56.09 18.32 7.36
N GLN G 495 55.89 19.07 8.44
CA GLN G 495 56.84 20.11 8.80
C GLN G 495 58.19 19.46 9.11
N GLY G 496 59.25 20.11 8.65
CA GLY G 496 60.61 19.63 8.88
C GLY G 496 61.39 19.27 7.65
N HIS G 497 60.82 19.38 6.45
CA HIS G 497 61.53 19.09 5.20
C HIS G 497 61.38 20.28 4.29
N PRO G 498 62.27 21.26 4.41
CA PRO G 498 62.20 22.46 3.55
C PRO G 498 62.36 22.15 2.08
N TRP G 499 62.87 20.97 1.73
CA TRP G 499 63.00 20.55 0.34
C TRP G 499 62.67 19.06 0.24
N GLY G 500 61.45 18.72 0.66
CA GLY G 500 61.00 17.35 0.55
C GLY G 500 60.50 16.98 -0.83
N ARG G 501 60.16 17.99 -1.64
CA ARG G 501 59.59 17.79 -2.96
C ARG G 501 58.24 17.09 -2.86
N PHE G 502 57.45 17.52 -1.87
CA PHE G 502 56.06 17.10 -1.75
C PHE G 502 55.28 17.66 -2.94
N GLY G 503 54.78 16.77 -3.79
CA GLY G 503 54.15 17.17 -5.04
C GLY G 503 54.98 16.83 -6.26
N ALA G 504 56.09 16.11 -6.08
CA ALA G 504 56.90 15.70 -7.21
C ALA G 504 56.11 14.82 -8.17
N ALA G 505 55.38 13.83 -7.64
CA ALA G 505 54.66 12.91 -8.49
C ALA G 505 53.35 12.52 -7.82
N LEU G 506 52.32 12.34 -8.65
CA LEU G 506 50.97 12.11 -8.19
C LEU G 506 50.35 10.98 -9.00
N THR G 507 49.59 10.11 -8.34
CA THR G 507 48.74 9.14 -9.01
C THR G 507 47.46 8.99 -8.21
N VAL G 508 46.42 8.58 -8.91
CA VAL G 508 45.15 8.23 -8.28
C VAL G 508 45.20 6.76 -7.91
N LEU G 509 44.83 6.45 -6.66
CA LEU G 509 44.66 5.07 -6.23
C LEU G 509 43.25 4.56 -6.44
N GLY G 510 42.27 5.44 -6.43
CA GLY G 510 40.88 5.05 -6.35
C GLY G 510 40.44 4.98 -4.91
N ASP G 511 39.29 4.33 -4.71
CA ASP G 511 38.81 4.07 -3.35
C ASP G 511 39.54 2.83 -2.85
N VAL G 512 40.37 2.99 -1.81
CA VAL G 512 41.16 1.88 -1.29
C VAL G 512 40.64 1.37 0.04
N ASN G 513 39.71 2.07 0.69
CA ASN G 513 39.25 1.68 2.02
C ASN G 513 37.76 1.36 2.08
N GLY G 514 37.01 1.55 0.99
CA GLY G 514 35.63 1.15 0.94
C GLY G 514 34.61 2.25 1.15
N ASP G 515 35.03 3.50 1.40
CA ASP G 515 34.10 4.58 1.69
C ASP G 515 33.60 5.29 0.42
N LYS G 516 33.73 4.64 -0.75
CA LYS G 516 33.21 5.13 -2.03
C LYS G 516 33.84 6.45 -2.47
N LEU G 517 34.77 6.99 -1.69
CA LEU G 517 35.47 8.21 -2.06
C LEU G 517 36.90 7.88 -2.47
N THR G 518 37.37 8.55 -3.52
CA THR G 518 38.64 8.22 -4.13
C THR G 518 39.79 8.65 -3.23
N ASP G 519 40.85 7.84 -3.24
CA ASP G 519 42.06 8.11 -2.48
C ASP G 519 43.23 8.32 -3.43
N VAL G 520 44.05 9.32 -3.12
CA VAL G 520 45.18 9.71 -3.95
C VAL G 520 46.42 9.69 -3.09
N VAL G 521 47.57 9.54 -3.75
CA VAL G 521 48.83 9.37 -3.06
C VAL G 521 49.86 10.30 -3.69
N ILE G 522 50.77 10.81 -2.86
CA ILE G 522 51.67 11.89 -3.22
C ILE G 522 53.07 11.58 -2.70
N GLY G 523 54.05 11.61 -3.59
CA GLY G 523 55.43 11.40 -3.22
C GLY G 523 56.13 12.67 -2.76
N ALA G 524 57.13 12.47 -1.91
CA ALA G 524 58.02 13.54 -1.44
C ALA G 524 59.42 12.97 -1.34
N PRO G 525 60.11 12.84 -2.47
CA PRO G 525 61.36 12.07 -2.51
C PRO G 525 62.56 12.79 -1.94
N GLY G 526 62.43 14.05 -1.54
CA GLY G 526 63.53 14.75 -0.92
C GLY G 526 63.55 14.72 0.59
N GLU G 527 62.55 14.11 1.22
CA GLU G 527 62.44 14.16 2.67
C GLU G 527 63.47 13.26 3.34
N GLU G 528 63.90 13.68 4.53
CA GLU G 528 64.87 12.95 5.36
C GLU G 528 66.17 12.69 4.59
N GLU G 529 66.84 13.79 4.22
CA GLU G 529 68.09 13.73 3.47
C GLU G 529 67.92 12.97 2.16
N ASN G 530 66.88 13.34 1.40
CA ASN G 530 66.58 12.75 0.10
C ASN G 530 66.34 11.24 0.18
N ARG G 531 65.98 10.72 1.36
CA ARG G 531 65.59 9.31 1.42
C ARG G 531 64.21 9.10 0.82
N GLY G 532 63.31 10.07 1.00
CA GLY G 532 62.00 10.03 0.37
C GLY G 532 60.89 9.77 1.38
N ALA G 533 59.67 9.99 0.90
CA ALA G 533 58.46 9.81 1.69
C ALA G 533 57.27 9.82 0.76
N VAL G 534 56.22 9.10 1.16
CA VAL G 534 55.01 8.95 0.36
C VAL G 534 53.81 9.15 1.26
N TYR G 535 52.84 9.94 0.79
CA TYR G 535 51.69 10.35 1.58
C TYR G 535 50.40 9.82 0.98
N LEU G 536 49.46 9.42 1.83
CA LEU G 536 48.12 9.03 1.40
C LEU G 536 47.11 10.05 1.88
N PHE G 537 46.37 10.60 0.93
CA PHE G 537 45.31 11.57 1.19
C PHE G 537 43.98 10.97 0.74
N HIS G 538 42.88 11.50 1.29
CA HIS G 538 41.57 10.94 1.03
C HIS G 538 40.65 12.01 0.44
N GLY G 539 39.89 11.61 -0.57
CA GLY G 539 38.99 12.55 -1.22
C GLY G 539 37.84 12.89 -0.29
N VAL G 540 37.53 14.17 -0.17
CA VAL G 540 36.34 14.64 0.52
C VAL G 540 35.22 14.76 -0.49
N LEU G 541 34.01 14.41 -0.08
CA LEU G 541 32.86 14.51 -0.97
C LEU G 541 32.76 15.92 -1.54
N GLY G 542 32.44 16.01 -2.83
CA GLY G 542 32.41 17.27 -3.51
C GLY G 542 33.79 17.74 -3.91
N PRO G 543 33.93 19.00 -4.12
CA PRO G 543 35.19 19.54 -4.68
C PRO G 543 36.28 19.78 -3.64
N SER G 544 36.90 18.72 -3.12
CA SER G 544 38.03 18.91 -2.20
C SER G 544 38.74 17.59 -1.94
N ILE G 545 39.88 17.71 -1.24
CA ILE G 545 40.71 16.61 -0.77
C ILE G 545 41.04 16.87 0.69
N SER G 546 41.04 15.79 1.51
CA SER G 546 41.32 15.87 2.95
C SER G 546 42.64 16.59 3.23
N PRO G 547 42.59 17.74 3.90
CA PRO G 547 43.84 18.47 4.20
C PRO G 547 44.85 17.67 4.99
N SER G 548 44.41 16.76 5.85
CA SER G 548 45.33 15.90 6.58
C SER G 548 45.52 14.60 5.84
N HIS G 549 46.76 14.12 5.83
CA HIS G 549 47.01 12.77 5.34
C HIS G 549 46.62 11.74 6.39
N SER G 550 46.66 10.48 5.99
CA SER G 550 46.48 9.35 6.92
C SER G 550 47.76 8.52 6.98
N GLN G 551 48.08 7.74 5.95
CA GLN G 551 49.40 7.15 5.83
C GLN G 551 50.44 8.21 5.51
N ARG G 552 51.64 8.04 6.06
CA ARG G 552 52.84 8.67 5.50
C ARG G 552 53.99 7.70 5.71
N ILE G 553 54.55 7.21 4.61
CA ILE G 553 55.56 6.17 4.66
C ILE G 553 56.89 6.82 4.27
N ALA G 554 57.71 7.13 5.27
CA ALA G 554 59.07 7.54 4.99
C ALA G 554 59.85 6.35 4.45
N GLY G 555 60.63 6.58 3.39
CA GLY G 555 61.46 5.51 2.86
C GLY G 555 62.39 4.93 3.91
N SER G 556 62.90 5.79 4.80
CA SER G 556 63.80 5.36 5.86
C SER G 556 63.18 4.28 6.75
N GLN G 557 61.86 4.31 6.94
CA GLN G 557 61.21 3.29 7.75
C GLN G 557 61.25 1.92 7.08
N LEU G 558 61.13 1.88 5.75
CA LEU G 558 61.23 0.62 5.02
C LEU G 558 62.68 0.14 4.93
N SER G 559 63.60 1.05 4.61
CA SER G 559 65.01 0.72 4.53
C SER G 559 65.79 2.02 4.48
N SER G 560 66.84 2.11 5.30
CA SER G 560 67.73 3.25 5.27
C SER G 560 68.39 3.44 3.92
N ARG G 561 68.38 2.40 3.08
CA ARG G 561 69.04 2.45 1.78
C ARG G 561 68.28 3.26 0.74
N LEU G 562 66.96 3.40 0.90
CA LEU G 562 66.17 4.10 -0.12
C LEU G 562 66.57 5.58 -0.19
N GLN G 563 66.74 6.06 -1.41
CA GLN G 563 66.92 7.48 -1.69
C GLN G 563 65.99 7.86 -2.84
N TYR G 564 65.46 9.08 -2.77
CA TYR G 564 64.54 9.60 -3.81
C TYR G 564 63.27 8.75 -3.89
N PHE G 565 62.81 8.30 -2.74
CA PHE G 565 61.63 7.45 -2.66
C PHE G 565 60.38 8.29 -2.87
N GLY G 566 59.55 7.89 -3.83
CA GLY G 566 58.49 8.74 -4.31
C GLY G 566 58.89 9.62 -5.47
N GLN G 567 59.93 9.26 -6.20
CA GLN G 567 60.29 10.00 -7.41
C GLN G 567 59.17 9.94 -8.43
N ALA G 568 58.54 8.76 -8.57
CA ALA G 568 57.40 8.58 -9.45
C ALA G 568 56.43 7.60 -8.82
N LEU G 569 55.15 7.78 -9.15
CA LEU G 569 54.07 6.96 -8.61
C LEU G 569 53.13 6.58 -9.73
N SER G 570 52.69 5.32 -9.73
CA SER G 570 51.61 4.89 -10.62
C SER G 570 50.84 3.80 -9.90
N GLY G 571 49.57 4.07 -9.61
CA GLY G 571 48.74 3.15 -8.83
C GLY G 571 47.43 2.86 -9.52
N GLY G 572 46.60 2.09 -8.82
CA GLY G 572 45.28 1.75 -9.28
C GLY G 572 45.11 0.39 -9.92
N GLN G 573 46.07 -0.50 -9.78
CA GLN G 573 46.03 -1.74 -10.54
C GLN G 573 46.45 -2.93 -9.70
N ASP G 574 45.84 -4.07 -10.02
CA ASP G 574 46.08 -5.33 -9.31
C ASP G 574 47.23 -6.04 -10.01
N LEU G 575 48.44 -5.55 -9.75
CA LEU G 575 49.63 -6.25 -10.22
C LEU G 575 49.88 -7.50 -9.39
N THR G 576 49.48 -7.48 -8.11
CA THR G 576 49.64 -8.61 -7.20
C THR G 576 48.60 -9.70 -7.41
N GLN G 577 47.59 -9.47 -8.25
CA GLN G 577 46.58 -10.47 -8.59
C GLN G 577 45.86 -10.98 -7.35
N ASP G 578 45.41 -10.04 -6.51
CA ASP G 578 44.63 -10.41 -5.32
C ASP G 578 43.40 -9.53 -5.17
N GLY G 579 42.87 -9.02 -6.28
CA GLY G 579 41.63 -8.26 -6.25
C GLY G 579 41.75 -6.81 -5.89
N LEU G 580 42.68 -6.47 -5.00
CA LEU G 580 42.83 -5.10 -4.52
C LEU G 580 43.84 -4.33 -5.37
N VAL G 581 43.67 -3.00 -5.41
CA VAL G 581 44.59 -2.17 -6.15
C VAL G 581 45.96 -2.18 -5.47
N ASP G 582 47.00 -1.94 -6.26
CA ASP G 582 48.37 -1.83 -5.78
C ASP G 582 48.94 -0.49 -6.17
N LEU G 583 49.96 -0.06 -5.44
CA LEU G 583 50.70 1.15 -5.75
C LEU G 583 52.13 0.77 -6.11
N ALA G 584 52.52 1.05 -7.35
CA ALA G 584 53.91 0.93 -7.76
C ALA G 584 54.58 2.29 -7.58
N VAL G 585 55.71 2.30 -6.89
CA VAL G 585 56.39 3.55 -6.57
C VAL G 585 57.90 3.33 -6.67
N GLY G 586 58.59 4.23 -7.36
CA GLY G 586 60.00 4.03 -7.63
C GLY G 586 60.95 4.93 -6.87
N ALA G 587 62.20 4.51 -6.78
CA ALA G 587 63.26 5.28 -6.15
C ALA G 587 64.56 5.04 -6.90
N ARG G 588 65.59 5.79 -6.53
CA ARG G 588 66.90 5.66 -7.16
C ARG G 588 67.51 4.30 -6.81
N GLY G 589 67.56 3.41 -7.79
CA GLY G 589 68.15 2.11 -7.63
C GLY G 589 67.17 0.97 -7.52
N GLN G 590 65.94 1.23 -7.11
CA GLN G 590 64.94 0.18 -7.00
C GLN G 590 63.55 0.77 -7.02
N VAL G 591 62.59 -0.06 -7.42
CA VAL G 591 61.19 0.33 -7.52
C VAL G 591 60.37 -0.62 -6.65
N LEU G 592 59.46 -0.06 -5.87
CA LEU G 592 58.74 -0.80 -4.86
C LEU G 592 57.28 -0.99 -5.23
N LEU G 593 56.73 -2.14 -4.84
CA LEU G 593 55.37 -2.52 -5.17
C LEU G 593 54.59 -2.65 -3.86
N LEU G 594 53.59 -1.79 -3.67
CA LEU G 594 52.85 -1.67 -2.41
C LEU G 594 51.44 -2.20 -2.55
N ARG G 595 50.91 -2.71 -1.44
CA ARG G 595 49.62 -3.38 -1.45
C ARG G 595 48.61 -2.66 -0.54
N THR G 596 47.39 -2.55 -1.06
CA THR G 596 46.27 -2.03 -0.30
C THR G 596 45.73 -3.13 0.62
N ARG G 597 45.54 -2.79 1.92
CA ARG G 597 45.00 -3.78 2.82
C ARG G 597 43.46 -3.74 2.80
N PRO G 598 42.82 -4.91 2.96
CA PRO G 598 41.36 -4.94 2.94
C PRO G 598 40.78 -4.33 4.21
N VAL G 599 39.87 -3.38 4.04
CA VAL G 599 39.30 -2.62 5.15
C VAL G 599 37.90 -3.13 5.42
N LEU G 600 37.72 -3.69 6.62
CA LEU G 600 36.48 -4.28 7.07
C LEU G 600 35.77 -3.37 8.06
N TRP G 601 34.46 -3.37 8.03
CA TRP G 601 33.63 -2.66 9.01
C TRP G 601 32.83 -3.68 9.82
N VAL G 602 32.86 -3.54 11.13
CA VAL G 602 32.15 -4.43 12.04
C VAL G 602 31.02 -3.64 12.70
N GLY G 603 29.84 -4.25 12.77
CA GLY G 603 28.71 -3.68 13.46
C GLY G 603 28.48 -4.43 14.76
N VAL G 604 28.00 -3.71 15.78
CA VAL G 604 27.95 -4.21 17.14
C VAL G 604 26.51 -4.18 17.64
N SER G 605 26.11 -5.22 18.37
CA SER G 605 24.73 -5.43 18.81
C SER G 605 24.76 -6.01 20.22
N MET G 606 24.48 -5.17 21.23
CA MET G 606 24.61 -5.56 22.63
C MET G 606 23.26 -5.52 23.34
N GLN G 607 23.01 -6.53 24.18
CA GLN G 607 21.70 -6.68 24.82
C GLN G 607 21.86 -7.39 26.16
N PHE G 608 20.83 -7.27 26.99
CA PHE G 608 20.85 -7.73 28.38
C PHE G 608 19.63 -8.58 28.67
N ILE G 609 19.81 -9.60 29.51
CA ILE G 609 18.70 -10.45 29.98
C ILE G 609 18.72 -10.69 31.50
N PRO G 610 17.76 -10.12 32.23
CA PRO G 610 16.65 -9.28 31.76
C PRO G 610 17.09 -7.82 31.55
N ALA G 611 16.16 -7.00 31.05
CA ALA G 611 16.49 -5.61 30.75
C ALA G 611 17.03 -4.87 31.96
N GLU G 612 16.47 -5.12 33.14
CA GLU G 612 16.91 -4.44 34.35
C GLU G 612 17.14 -5.45 35.46
N ILE G 613 17.80 -4.97 36.51
CA ILE G 613 18.06 -5.77 37.69
C ILE G 613 16.82 -5.69 38.58
N PRO G 614 16.04 -6.76 38.68
CA PRO G 614 14.92 -6.75 39.62
C PRO G 614 15.47 -6.63 41.03
N ARG G 615 14.75 -5.91 41.88
CA ARG G 615 15.21 -5.82 43.26
C ARG G 615 15.22 -7.18 43.94
N SER G 616 14.48 -8.14 43.39
CA SER G 616 14.44 -9.52 43.86
C SER G 616 15.82 -10.11 44.16
N ALA G 617 16.83 -9.73 43.38
CA ALA G 617 18.18 -10.19 43.65
C ALA G 617 18.96 -9.18 44.49
N PHE G 618 18.85 -7.90 44.13
CA PHE G 618 19.66 -6.85 44.73
C PHE G 618 19.42 -6.65 46.22
N GLU G 619 18.25 -7.03 46.74
CA GLU G 619 17.91 -6.73 48.14
C GLU G 619 18.62 -7.68 49.10
N CYS G 620 19.23 -7.12 50.14
CA CYS G 620 19.91 -7.91 51.15
C CYS G 620 18.93 -8.80 51.90
N ARG G 621 19.39 -10.01 52.23
CA ARG G 621 18.59 -10.99 52.96
C ARG G 621 19.30 -11.49 54.21
N GLU G 622 20.24 -10.69 54.76
CA GLU G 622 21.36 -11.20 55.55
C GLU G 622 22.23 -12.04 54.64
N GLN G 623 23.30 -12.63 55.18
CA GLN G 623 24.03 -13.71 54.50
C GLN G 623 24.53 -13.27 53.12
N VAL G 624 25.50 -12.37 53.13
CA VAL G 624 26.02 -11.84 51.86
C VAL G 624 26.59 -12.98 51.02
N VAL G 625 26.38 -12.92 49.70
CA VAL G 625 26.84 -13.88 48.71
C VAL G 625 25.94 -15.12 48.71
N SER G 626 24.87 -15.10 49.52
CA SER G 626 23.95 -16.24 49.60
C SER G 626 23.49 -16.74 48.23
N GLU G 627 23.05 -15.82 47.37
CA GLU G 627 22.76 -16.18 45.98
C GLU G 627 23.05 -14.97 45.11
N GLN G 628 24.13 -15.03 44.36
CA GLN G 628 24.31 -14.17 43.21
C GLN G 628 23.43 -14.69 42.09
N THR G 629 22.91 -13.79 41.27
CA THR G 629 21.91 -14.20 40.29
C THR G 629 22.41 -14.06 38.86
N LEU G 630 21.70 -14.73 37.95
CA LEU G 630 22.12 -14.87 36.56
C LEU G 630 21.49 -13.78 35.71
N VAL G 631 22.33 -12.91 35.16
CA VAL G 631 21.94 -12.00 34.09
C VAL G 631 22.74 -12.38 32.85
N GLN G 632 22.04 -12.66 31.76
CA GLN G 632 22.70 -12.97 30.51
C GLN G 632 23.00 -11.69 29.76
N SER G 633 24.21 -11.60 29.21
CA SER G 633 24.52 -10.61 28.19
C SER G 633 24.58 -11.34 26.85
N ASN G 634 23.91 -10.79 25.86
CA ASN G 634 23.92 -11.34 24.51
C ASN G 634 24.51 -10.29 23.59
N ILE G 635 25.73 -10.52 23.12
CA ILE G 635 26.40 -9.62 22.19
C ILE G 635 26.45 -10.29 20.83
N CYS G 636 26.20 -9.51 19.79
CA CYS G 636 26.38 -9.98 18.43
C CYS G 636 27.40 -9.08 17.74
N LEU G 637 28.30 -9.70 16.97
CA LEU G 637 29.17 -8.96 16.09
C LEU G 637 29.09 -9.57 14.70
N TYR G 638 29.19 -8.71 13.70
CA TYR G 638 29.09 -9.14 12.32
C TYR G 638 29.82 -8.13 11.46
N ILE G 639 30.17 -8.57 10.26
CA ILE G 639 30.82 -7.70 9.30
C ILE G 639 29.72 -6.95 8.54
N ASP G 640 29.77 -5.63 8.63
CA ASP G 640 28.82 -4.67 8.08
C ASP G 640 28.54 -4.97 6.61
N LYS G 641 27.69 -4.15 5.98
CA LYS G 641 27.84 -4.01 4.55
C LYS G 641 29.17 -3.31 4.32
N ARG G 642 29.36 -2.64 3.19
CA ARG G 642 30.69 -2.19 2.81
C ARG G 642 31.64 -3.39 2.77
N SER G 643 31.16 -4.43 2.08
CA SER G 643 31.96 -5.34 1.27
C SER G 643 32.03 -4.80 -0.15
N LYS G 644 32.07 -3.48 -0.28
CA LYS G 644 32.08 -2.80 -1.56
C LYS G 644 33.35 -3.07 -2.34
N ASN G 645 34.42 -3.47 -1.67
CA ASN G 645 35.66 -3.87 -2.32
C ASN G 645 35.80 -5.37 -2.49
N LEU G 646 35.07 -6.17 -1.71
CA LEU G 646 35.44 -7.56 -1.52
C LEU G 646 34.23 -8.47 -1.58
N LEU G 647 34.50 -9.74 -1.93
CA LEU G 647 33.54 -10.83 -1.81
C LEU G 647 34.18 -12.01 -1.09
N GLY G 648 33.52 -13.17 -1.12
CA GLY G 648 34.04 -14.42 -0.61
C GLY G 648 35.13 -14.37 0.44
N SER G 649 36.31 -14.89 0.10
CA SER G 649 37.40 -15.01 1.05
C SER G 649 37.85 -13.63 1.53
N ARG G 650 38.50 -13.63 2.71
CA ARG G 650 39.09 -12.44 3.31
C ARG G 650 38.03 -11.42 3.73
N ASP G 651 37.01 -11.20 2.89
CA ASP G 651 35.84 -10.47 3.34
C ASP G 651 35.12 -11.22 4.45
N LEU G 652 34.93 -12.52 4.25
CA LEU G 652 34.38 -13.37 5.30
C LEU G 652 35.39 -13.55 6.41
N GLN G 653 36.14 -14.66 6.39
CA GLN G 653 36.87 -15.10 7.57
C GLN G 653 37.68 -13.97 8.18
N SER G 654 37.60 -13.86 9.49
CA SER G 654 38.45 -12.99 10.27
C SER G 654 38.25 -13.33 11.74
N SER G 655 39.20 -14.03 12.33
CA SER G 655 39.16 -14.19 13.77
C SER G 655 39.37 -12.84 14.44
N VAL G 656 38.72 -12.66 15.58
CA VAL G 656 38.69 -11.39 16.28
C VAL G 656 38.79 -11.67 17.77
N THR G 657 39.52 -10.83 18.48
CA THR G 657 39.68 -10.95 19.92
C THR G 657 38.73 -9.97 20.61
N LEU G 658 37.89 -10.51 21.50
CA LEU G 658 36.95 -9.75 22.29
C LEU G 658 37.53 -9.47 23.67
N ASP G 659 37.35 -8.25 24.14
CA ASP G 659 37.58 -7.92 25.54
C ASP G 659 36.31 -7.28 26.09
N LEU G 660 35.85 -7.78 27.23
CA LEU G 660 34.66 -7.28 27.89
C LEU G 660 35.05 -6.82 29.29
N ALA G 661 34.37 -5.79 29.78
CA ALA G 661 34.71 -5.24 31.09
C ALA G 661 33.45 -4.69 31.74
N LEU G 662 33.18 -5.16 32.96
CA LEU G 662 32.01 -4.77 33.71
C LEU G 662 32.32 -3.60 34.63
N ASP G 663 31.34 -2.67 34.74
CA ASP G 663 31.48 -1.39 35.42
C ASP G 663 32.90 -0.85 35.27
N PRO G 664 33.41 -0.74 34.05
CA PRO G 664 34.82 -0.39 33.88
C PRO G 664 35.07 1.04 34.32
N GLY G 665 36.26 1.28 34.86
CA GLY G 665 36.65 2.61 35.25
C GLY G 665 36.23 3.04 36.64
N ARG G 666 35.45 2.23 37.34
CA ARG G 666 35.11 2.49 38.73
C ARG G 666 35.82 1.47 39.63
N LEU G 667 35.82 1.77 40.93
CA LEU G 667 36.49 0.92 41.91
C LEU G 667 35.63 -0.25 42.38
N SER G 668 34.32 -0.25 42.07
CA SER G 668 33.37 -1.19 42.64
C SER G 668 32.68 -1.97 41.52
N PRO G 669 33.33 -3.01 41.00
CA PRO G 669 32.65 -3.88 40.01
C PRO G 669 31.41 -4.53 40.60
N ARG G 670 30.23 -4.12 40.14
CA ARG G 670 29.00 -4.65 40.71
C ARG G 670 28.57 -5.97 40.11
N ALA G 671 29.36 -6.55 39.21
CA ALA G 671 29.07 -7.88 38.71
C ALA G 671 30.36 -8.50 38.21
N THR G 672 30.34 -9.83 38.11
CA THR G 672 31.49 -10.59 37.64
C THR G 672 31.04 -11.49 36.51
N PHE G 673 31.99 -11.97 35.72
CA PHE G 673 31.71 -12.99 34.73
C PHE G 673 31.77 -14.35 35.40
N GLN G 674 30.76 -15.18 35.14
CA GLN G 674 30.75 -16.53 35.68
C GLN G 674 31.99 -17.30 35.23
N GLU G 675 32.42 -17.08 33.98
CA GLU G 675 33.50 -17.87 33.40
C GLU G 675 34.87 -17.44 33.91
N THR G 676 35.11 -16.13 34.06
CA THR G 676 36.41 -15.64 34.50
C THR G 676 36.45 -15.25 35.96
N LYS G 677 35.30 -15.15 36.62
CA LYS G 677 35.18 -14.69 38.01
C LYS G 677 35.73 -13.29 38.18
N ASN G 678 35.71 -12.49 37.12
CA ASN G 678 36.30 -11.18 37.11
C ASN G 678 35.33 -10.19 36.48
N ARG G 679 35.63 -8.90 36.65
CA ARG G 679 34.90 -7.87 35.94
C ARG G 679 35.11 -7.96 34.43
N SER G 680 36.12 -8.70 33.97
CA SER G 680 36.54 -8.71 32.57
C SER G 680 36.59 -10.14 32.04
N LEU G 681 36.38 -10.27 30.72
CA LEU G 681 36.40 -11.55 30.06
C LEU G 681 36.91 -11.40 28.63
N SER G 682 37.53 -12.45 28.11
CA SER G 682 37.97 -12.50 26.72
C SER G 682 37.84 -13.92 26.17
N ARG G 683 37.22 -14.03 25.00
CA ARG G 683 37.27 -15.21 24.15
C ARG G 683 37.41 -14.72 22.72
N VAL G 684 37.79 -15.62 21.80
CA VAL G 684 38.13 -15.26 20.42
C VAL G 684 37.26 -16.05 19.47
N ARG G 685 36.70 -15.38 18.45
CA ARG G 685 35.62 -15.96 17.66
C ARG G 685 35.75 -15.55 16.19
N VAL G 686 34.90 -16.17 15.36
CA VAL G 686 34.95 -16.08 13.91
C VAL G 686 33.90 -15.08 13.43
N LEU G 687 34.33 -13.96 12.86
CA LEU G 687 33.37 -13.06 12.26
C LEU G 687 33.01 -13.51 10.84
N GLY G 688 32.04 -12.83 10.26
CA GLY G 688 31.59 -13.14 8.92
C GLY G 688 30.56 -12.13 8.49
N LEU G 689 29.99 -12.37 7.32
CA LEU G 689 28.92 -11.50 6.84
C LEU G 689 27.70 -11.63 7.72
N LYS G 690 27.40 -12.84 8.17
CA LYS G 690 26.34 -13.12 9.12
C LYS G 690 26.87 -13.12 10.55
N ALA G 691 26.04 -12.65 11.47
CA ALA G 691 26.48 -12.29 12.80
C ALA G 691 26.83 -13.51 13.65
N HIS G 692 27.67 -13.26 14.65
CA HIS G 692 28.04 -14.23 15.68
C HIS G 692 27.55 -13.69 17.01
N CYS G 693 26.69 -14.46 17.68
CA CYS G 693 26.02 -14.00 18.89
C CYS G 693 26.35 -14.92 20.04
N GLU G 694 26.75 -14.35 21.17
CA GLU G 694 27.17 -15.19 22.29
C GLU G 694 26.59 -14.68 23.58
N ASN G 695 26.24 -15.62 24.46
CA ASN G 695 25.68 -15.32 25.76
C ASN G 695 26.77 -15.37 26.83
N PHE G 696 26.80 -14.35 27.69
CA PHE G 696 27.76 -14.26 28.76
C PHE G 696 27.00 -14.06 30.06
N ASN G 697 27.40 -14.78 31.10
CA ASN G 697 26.61 -14.88 32.30
C ASN G 697 27.23 -14.05 33.41
N LEU G 698 26.41 -13.19 34.00
CA LEU G 698 26.84 -12.25 35.01
C LEU G 698 26.41 -12.76 36.37
N LEU G 699 27.37 -12.86 37.29
CA LEU G 699 27.11 -13.25 38.67
C LEU G 699 26.97 -11.96 39.48
N LEU G 700 25.74 -11.64 39.85
CA LEU G 700 25.39 -10.36 40.42
C LEU G 700 25.36 -10.51 41.94
N PRO G 701 26.36 -10.01 42.66
CA PRO G 701 26.37 -10.16 44.12
C PRO G 701 25.09 -9.62 44.74
N SER G 702 24.65 -10.27 45.82
CA SER G 702 23.36 -9.97 46.42
C SER G 702 23.27 -8.50 46.84
N CYS G 703 24.09 -8.11 47.81
CA CYS G 703 24.11 -6.73 48.30
C CYS G 703 25.13 -5.92 47.50
N VAL G 704 24.68 -4.82 46.91
CA VAL G 704 25.58 -3.81 46.36
C VAL G 704 25.12 -2.44 46.83
N GLU G 705 26.08 -1.51 46.92
CA GLU G 705 25.77 -0.18 47.42
C GLU G 705 24.92 0.60 46.43
N ASP G 706 25.23 0.51 45.15
CA ASP G 706 24.68 1.41 44.13
C ASP G 706 23.72 0.63 43.24
N SER G 707 22.42 0.74 43.53
CA SER G 707 21.38 0.31 42.61
C SER G 707 20.86 1.47 41.78
N VAL G 708 21.51 2.63 41.85
CA VAL G 708 21.02 3.82 41.16
C VAL G 708 21.62 3.93 39.77
N THR G 709 22.95 3.89 39.67
CA THR G 709 23.55 3.91 38.35
C THR G 709 23.49 2.51 37.72
N PRO G 710 23.17 2.43 36.43
CA PRO G 710 23.12 1.11 35.78
C PRO G 710 24.50 0.48 35.71
N ILE G 711 24.51 -0.84 35.56
CA ILE G 711 25.75 -1.58 35.43
C ILE G 711 26.12 -1.63 33.94
N THR G 712 27.40 -1.43 33.64
CA THR G 712 27.84 -1.25 32.27
C THR G 712 28.78 -2.37 31.84
N LEU G 713 28.59 -2.82 30.60
CA LEU G 713 29.44 -3.81 29.95
C LEU G 713 30.10 -3.14 28.75
N ARG G 714 31.43 -3.12 28.74
CA ARG G 714 32.17 -2.39 27.72
C ARG G 714 32.97 -3.33 26.85
N LEU G 715 32.81 -3.18 25.53
CA LEU G 715 33.39 -4.06 24.53
C LEU G 715 34.48 -3.31 23.77
N ASN G 716 35.74 -3.75 23.92
CA ASN G 716 36.74 -3.43 22.92
C ASN G 716 37.25 -4.72 22.27
N PHE G 717 37.85 -4.55 21.10
CA PHE G 717 38.20 -5.68 20.25
C PHE G 717 39.17 -5.20 19.17
N THR G 718 40.13 -6.07 18.85
CA THR G 718 41.04 -5.88 17.73
C THR G 718 40.89 -7.07 16.79
N LEU G 719 41.33 -6.88 15.55
CA LEU G 719 41.15 -7.89 14.51
C LEU G 719 42.41 -8.74 14.44
N VAL G 720 42.28 -10.03 14.79
CA VAL G 720 43.42 -10.93 14.91
C VAL G 720 43.23 -12.09 13.94
N GLY G 721 43.12 -11.78 12.66
CA GLY G 721 42.99 -12.82 11.66
C GLY G 721 44.23 -12.97 10.82
N LYS G 722 45.35 -13.31 11.44
CA LYS G 722 46.61 -13.42 10.70
C LYS G 722 46.56 -14.50 9.62
N PRO G 723 46.11 -15.72 9.89
CA PRO G 723 46.09 -16.73 8.83
C PRO G 723 44.81 -16.65 8.00
N LEU G 724 44.95 -16.33 6.72
CA LEU G 724 43.81 -16.12 5.82
C LEU G 724 44.08 -16.65 4.41
N LEU G 725 44.42 -17.94 4.31
CA LEU G 725 44.27 -18.73 3.09
C LEU G 725 45.20 -18.31 1.95
N ALA G 726 44.65 -18.28 0.74
CA ALA G 726 45.37 -18.12 -0.51
C ALA G 726 45.74 -16.66 -0.74
N PHE G 727 46.42 -16.41 -1.87
CA PHE G 727 46.99 -15.11 -2.22
C PHE G 727 48.13 -14.72 -1.27
N ARG G 728 48.22 -15.37 -0.10
CA ARG G 728 49.23 -15.08 0.92
C ARG G 728 49.32 -13.57 1.17
N ASN G 729 48.28 -13.06 1.85
CA ASN G 729 48.01 -11.64 1.79
C ASN G 729 47.54 -11.11 3.13
N LEU G 730 47.18 -9.82 3.09
CA LEU G 730 47.36 -8.92 4.21
C LEU G 730 46.46 -9.29 5.37
N ARG G 731 46.86 -8.89 6.55
CA ARG G 731 45.99 -8.83 7.73
C ARG G 731 44.95 -7.74 7.48
N PRO G 732 43.68 -8.07 7.35
CA PRO G 732 42.67 -7.04 7.16
C PRO G 732 42.65 -6.11 8.36
N MET G 733 42.03 -4.95 8.18
CA MET G 733 42.06 -3.98 9.25
C MET G 733 40.73 -3.26 9.36
N LEU G 734 40.51 -2.70 10.54
CA LEU G 734 39.35 -1.89 10.81
C LEU G 734 39.70 -0.44 10.52
N ALA G 735 38.73 0.28 9.96
CA ALA G 735 38.95 1.68 9.62
C ALA G 735 39.47 2.45 10.82
N ALA G 736 40.53 3.23 10.59
CA ALA G 736 41.17 3.98 11.68
C ALA G 736 40.17 4.89 12.38
N ASP G 737 39.20 5.41 11.64
CA ASP G 737 38.19 6.31 12.16
C ASP G 737 36.94 5.60 12.66
N ALA G 738 36.94 4.27 12.65
CA ALA G 738 35.79 3.52 13.14
C ALA G 738 35.83 3.40 14.65
N GLN G 739 34.64 3.21 15.23
CA GLN G 739 34.51 3.05 16.67
C GLN G 739 34.93 1.65 17.07
N ARG G 740 35.58 1.54 18.24
CA ARG G 740 35.99 0.25 18.78
C ARG G 740 35.65 0.09 20.26
N TYR G 741 34.80 0.96 20.81
CA TYR G 741 34.43 0.91 22.22
C TYR G 741 32.91 0.92 22.30
N PHE G 742 32.34 -0.19 22.78
CA PHE G 742 30.91 -0.41 22.72
C PHE G 742 30.41 -0.84 24.08
N THR G 743 29.38 -0.15 24.57
CA THR G 743 28.84 -0.36 25.90
C THR G 743 27.33 -0.54 25.86
N ALA G 744 26.80 -1.09 26.94
CA ALA G 744 25.37 -1.18 27.15
C ALA G 744 25.10 -0.99 28.63
N SER G 745 23.96 -0.36 28.94
CA SER G 745 23.59 -0.08 30.32
C SER G 745 22.61 -1.12 30.82
N LEU G 746 22.90 -1.68 31.99
CA LEU G 746 22.00 -2.59 32.71
C LEU G 746 21.46 -1.85 33.92
N PRO G 747 20.25 -1.30 33.86
CA PRO G 747 19.74 -0.54 34.99
C PRO G 747 19.18 -1.46 36.06
N PHE G 748 19.00 -0.88 37.24
CA PHE G 748 18.31 -1.56 38.31
C PHE G 748 16.85 -1.15 38.30
N GLU G 749 15.99 -2.05 38.77
CA GLU G 749 14.69 -1.60 39.26
C GLU G 749 14.93 -0.63 40.40
N LYS G 750 14.36 0.56 40.32
CA LYS G 750 14.57 1.56 41.34
C LYS G 750 13.37 1.61 42.28
N ASN G 751 13.64 1.81 43.56
CA ASN G 751 12.60 1.86 44.57
C ASN G 751 11.81 3.16 44.47
N CYS G 752 10.50 3.04 44.28
CA CYS G 752 9.58 4.17 44.32
C CYS G 752 8.89 4.30 45.68
N GLY G 753 9.11 3.36 46.57
CA GLY G 753 8.46 3.35 47.88
C GLY G 753 8.16 1.91 48.28
N ALA G 754 8.24 1.67 49.60
CA ALA G 754 8.09 0.30 50.09
C ALA G 754 6.67 -0.24 49.87
N ASP G 755 5.68 0.63 49.90
CA ASP G 755 4.30 0.22 49.64
C ASP G 755 3.77 0.75 48.31
N HIS G 756 4.66 1.11 47.38
CA HIS G 756 4.28 1.74 46.12
C HIS G 756 4.75 0.90 44.93
N ILE G 757 4.01 1.01 43.84
CA ILE G 757 4.09 0.05 42.74
C ILE G 757 5.14 0.40 41.68
N CYS G 758 5.51 1.69 41.54
CA CYS G 758 6.39 2.23 40.50
C CYS G 758 5.70 2.40 39.15
N GLN G 759 5.09 3.57 38.92
CA GLN G 759 4.35 3.88 37.69
C GLN G 759 5.17 4.89 36.86
N ASP G 760 5.84 4.40 35.82
CA ASP G 760 6.52 5.31 34.89
C ASP G 760 5.51 5.85 33.90
N ASN G 761 5.35 7.18 33.89
CA ASN G 761 4.41 7.86 33.00
C ASN G 761 5.05 9.17 32.54
N LEU G 762 5.54 9.19 31.31
CA LEU G 762 6.21 10.33 30.71
C LEU G 762 5.52 10.71 29.41
N GLY G 763 5.51 12.00 29.10
CA GLY G 763 4.98 12.48 27.84
C GLY G 763 5.95 13.44 27.20
N ILE G 764 5.85 13.55 25.87
CA ILE G 764 6.77 14.41 25.12
C ILE G 764 6.02 15.12 24.01
N SER G 765 6.44 16.36 23.75
CA SER G 765 5.91 17.15 22.66
C SER G 765 7.02 18.12 22.25
N PHE G 766 7.44 18.03 21.00
CA PHE G 766 8.43 18.92 20.43
C PHE G 766 7.80 19.72 19.30
N SER G 767 8.49 20.77 18.87
CA SER G 767 8.01 21.56 17.75
C SER G 767 9.20 22.21 17.06
N PHE G 768 8.90 22.97 16.01
CA PHE G 768 9.89 23.68 15.20
C PHE G 768 9.59 25.17 15.28
N PRO G 769 10.21 25.87 16.26
CA PRO G 769 9.86 27.27 16.58
C PRO G 769 9.49 28.19 15.42
N GLY G 770 10.47 28.78 14.76
CA GLY G 770 10.15 29.82 13.80
C GLY G 770 10.20 29.42 12.35
N LEU G 771 10.35 28.14 12.05
CA LEU G 771 10.55 27.70 10.67
C LEU G 771 9.28 27.86 9.85
N LYS G 772 9.36 28.65 8.78
CA LYS G 772 8.33 28.60 7.76
C LYS G 772 8.55 27.35 6.92
N SER G 773 8.42 27.45 5.60
CA SER G 773 8.48 26.24 4.78
C SER G 773 9.90 25.70 4.68
N LEU G 774 10.00 24.38 4.63
CA LEU G 774 11.28 23.69 4.60
C LEU G 774 11.89 23.72 3.20
N LEU G 775 13.19 23.97 3.13
CA LEU G 775 13.88 24.09 1.85
C LEU G 775 15.21 23.36 1.93
N VAL G 776 15.24 22.11 1.43
CA VAL G 776 16.46 21.31 1.48
C VAL G 776 17.57 22.02 0.72
N GLY G 777 18.71 22.22 1.37
CA GLY G 777 19.76 23.01 0.79
C GLY G 777 19.82 24.38 1.43
N SER G 778 18.76 25.17 1.26
CA SER G 778 18.68 26.47 1.92
C SER G 778 18.78 26.31 3.43
N ASN G 779 17.98 25.40 4.00
CA ASN G 779 17.99 25.14 5.43
C ASN G 779 18.90 23.95 5.71
N LEU G 780 19.93 24.18 6.51
CA LEU G 780 20.83 23.11 6.97
C LEU G 780 20.53 22.72 8.40
N GLU G 781 20.52 23.69 9.30
CA GLU G 781 20.09 23.44 10.66
C GLU G 781 18.58 23.24 10.70
N LEU G 782 18.15 22.19 11.38
CA LEU G 782 16.75 21.97 11.72
C LEU G 782 16.67 21.99 13.23
N ASN G 783 16.04 23.01 13.80
CA ASN G 783 16.12 23.24 15.23
C ASN G 783 14.80 22.89 15.91
N ALA G 784 14.84 21.87 16.75
CA ALA G 784 13.68 21.32 17.44
C ALA G 784 13.69 21.75 18.90
N GLU G 785 12.52 22.09 19.41
CA GLU G 785 12.34 22.47 20.81
C GLU G 785 11.52 21.38 21.50
N VAL G 786 12.18 20.61 22.36
CA VAL G 786 11.54 19.47 23.02
C VAL G 786 11.03 19.91 24.39
N MET G 787 9.73 19.76 24.60
CA MET G 787 9.14 19.81 25.92
C MET G 787 8.81 18.39 26.35
N VAL G 788 9.25 18.02 27.55
CA VAL G 788 9.01 16.68 28.08
C VAL G 788 8.54 16.83 29.52
N TRP G 789 7.57 16.02 29.92
CA TRP G 789 6.91 16.19 31.20
C TRP G 789 6.72 14.83 31.87
N ASN G 790 6.82 14.83 33.20
CA ASN G 790 6.68 13.63 34.00
C ASN G 790 5.37 13.69 34.77
N ASP G 791 4.50 12.71 34.55
CA ASP G 791 3.26 12.59 35.29
C ASP G 791 3.21 11.34 36.17
N GLY G 792 4.31 10.59 36.23
CA GLY G 792 4.43 9.40 37.04
C GLY G 792 5.65 9.47 37.94
N GLU G 793 6.23 8.30 38.18
CA GLU G 793 7.30 8.18 39.15
C GLU G 793 8.59 8.79 38.63
N ASP G 794 9.55 8.94 39.54
CA ASP G 794 10.84 9.51 39.20
C ASP G 794 11.49 8.73 38.08
N SER G 795 12.09 9.46 37.15
CA SER G 795 12.72 8.91 35.96
C SER G 795 14.22 9.15 36.02
N TYR G 796 14.99 8.08 35.96
CA TYR G 796 16.42 8.14 35.75
C TYR G 796 16.71 7.82 34.30
N GLY G 797 17.89 8.26 33.83
CA GLY G 797 18.31 8.08 32.46
C GLY G 797 17.20 8.34 31.45
N THR G 798 16.53 9.48 31.60
CA THR G 798 15.44 9.84 30.69
C THR G 798 15.92 9.82 29.25
N THR G 799 15.25 9.02 28.42
CA THR G 799 15.74 8.68 27.09
C THR G 799 14.73 9.10 26.04
N ILE G 800 15.14 9.99 25.15
CA ILE G 800 14.34 10.38 24.00
C ILE G 800 14.99 9.82 22.74
N THR G 801 14.22 9.03 22.00
CA THR G 801 14.65 8.49 20.73
C THR G 801 13.83 9.14 19.63
N PHE G 802 14.50 9.65 18.62
CA PHE G 802 13.85 10.25 17.45
C PHE G 802 13.85 9.25 16.30
N SER G 803 12.87 9.40 15.40
CA SER G 803 12.81 8.61 14.17
C SER G 803 12.76 9.58 13.00
N HIS G 804 13.75 9.48 12.12
CA HIS G 804 13.88 10.43 11.02
C HIS G 804 14.57 9.76 9.86
N PRO G 805 14.45 10.31 8.66
CA PRO G 805 15.22 9.78 7.52
C PRO G 805 16.70 10.10 7.61
N ALA G 806 17.49 9.33 6.87
CA ALA G 806 18.94 9.42 6.97
C ALA G 806 19.44 10.84 6.69
N GLY G 807 18.67 11.64 5.95
CA GLY G 807 19.14 12.93 5.47
C GLY G 807 19.49 13.94 6.56
N LEU G 808 19.24 13.62 7.83
CA LEU G 808 19.54 14.54 8.91
C LEU G 808 20.05 13.77 10.11
N SER G 809 20.82 14.45 10.95
CA SER G 809 21.45 13.81 12.10
C SER G 809 21.68 14.82 13.20
N TYR G 810 21.83 14.32 14.43
CA TYR G 810 22.01 15.18 15.59
C TYR G 810 23.33 15.91 15.50
N ARG G 811 23.28 17.23 15.69
CA ARG G 811 24.47 18.05 15.81
C ARG G 811 24.49 18.64 17.21
N TYR G 812 25.55 18.35 17.96
CA TYR G 812 25.70 18.95 19.27
C TYR G 812 25.78 20.46 19.13
N VAL G 813 24.93 21.16 19.87
CA VAL G 813 24.91 22.60 19.92
C VAL G 813 25.18 23.02 21.35
N ALA G 814 26.03 24.03 21.50
CA ALA G 814 26.31 24.63 22.79
C ALA G 814 25.78 26.05 22.81
N GLU G 815 25.15 26.42 23.93
CA GLU G 815 24.69 27.78 24.15
C GLU G 815 25.37 28.35 25.39
N GLY G 816 25.56 29.66 25.43
CA GLY G 816 26.29 30.23 26.55
C GLY G 816 26.10 31.72 26.68
N GLN G 817 26.84 32.28 27.66
CA GLN G 817 26.93 33.72 27.92
C GLN G 817 25.67 34.24 28.62
N LYS G 818 25.17 33.47 29.58
CA LYS G 818 24.06 33.79 30.48
C LYS G 818 22.70 33.78 29.78
N GLN G 819 22.63 33.48 28.49
CA GLN G 819 21.45 33.80 27.69
C GLN G 819 20.38 32.73 27.84
N GLY G 820 19.18 33.15 28.26
CA GLY G 820 17.98 32.34 28.09
C GLY G 820 17.63 31.46 29.28
N GLN G 821 16.36 31.03 29.29
CA GLN G 821 15.90 29.90 30.10
C GLN G 821 16.03 28.58 29.34
N LEU G 822 16.98 28.51 28.42
CA LEU G 822 16.96 27.54 27.33
C LEU G 822 17.75 26.29 27.71
N ARG G 823 18.14 25.51 26.70
CA ARG G 823 18.88 24.28 26.93
C ARG G 823 20.31 24.56 27.36
N SER G 824 20.53 24.59 28.68
CA SER G 824 21.85 24.55 29.27
C SER G 824 22.24 23.13 29.66
N LEU G 825 21.45 22.15 29.22
CA LEU G 825 21.52 20.79 29.75
C LEU G 825 22.57 19.96 29.04
N HIS G 826 23.13 19.00 29.76
CA HIS G 826 24.10 18.05 29.24
C HIS G 826 23.42 16.72 28.92
N LEU G 827 23.81 16.08 27.82
CA LEU G 827 23.18 14.84 27.42
C LEU G 827 24.03 14.11 26.38
N THR G 828 23.64 12.87 26.11
CA THR G 828 24.34 11.98 25.19
C THR G 828 23.35 11.48 24.14
N CYS G 829 23.68 11.68 22.87
CA CYS G 829 22.86 11.21 21.76
C CYS G 829 23.66 10.28 20.87
N ASP G 830 23.00 9.24 20.34
CA ASP G 830 23.62 8.32 19.41
C ASP G 830 22.74 8.17 18.18
N SER G 831 23.30 8.53 17.02
CA SER G 831 22.65 8.25 15.74
C SER G 831 22.95 6.81 15.33
N ALA G 832 21.96 6.14 14.73
CA ALA G 832 22.13 4.75 14.34
C ALA G 832 21.03 4.36 13.37
N PRO G 833 21.31 3.49 12.42
CA PRO G 833 20.28 3.08 11.45
C PRO G 833 19.26 2.14 12.06
N VAL G 834 18.10 2.03 11.39
CA VAL G 834 16.98 1.30 11.97
C VAL G 834 16.32 0.31 11.00
N GLY G 835 15.62 0.81 10.00
CA GLY G 835 14.57 -0.01 9.41
C GLY G 835 14.52 -0.29 7.92
N SER G 836 13.35 -0.72 7.46
CA SER G 836 13.10 -1.19 6.11
C SER G 836 12.97 0.00 5.17
N GLN G 837 14.14 0.45 4.68
CA GLN G 837 14.40 1.50 3.70
C GLN G 837 15.59 2.32 4.19
N GLY G 838 15.34 3.53 4.67
CA GLY G 838 16.43 4.38 5.10
C GLY G 838 16.08 5.22 6.32
N THR G 839 15.35 4.64 7.26
CA THR G 839 14.98 5.32 8.49
C THR G 839 16.09 5.20 9.52
N TRP G 840 16.29 6.26 10.29
CA TRP G 840 17.41 6.38 11.21
C TRP G 840 16.92 6.95 12.54
N SER G 841 17.48 6.45 13.64
CA SER G 841 17.10 6.91 14.97
C SER G 841 18.24 7.65 15.65
N THR G 842 17.87 8.50 16.61
CA THR G 842 18.85 9.17 17.46
C THR G 842 18.31 9.10 18.89
N SER G 843 19.00 8.37 19.76
CA SER G 843 18.57 8.16 21.15
C SER G 843 19.33 9.11 22.06
N CYS G 844 18.64 10.14 22.56
CA CYS G 844 19.23 11.17 23.40
C CYS G 844 18.83 10.92 24.85
N ARG G 845 19.77 10.44 25.65
CA ARG G 845 19.53 10.16 27.06
C ARG G 845 19.99 11.35 27.89
N ILE G 846 19.07 11.98 28.60
CA ILE G 846 19.46 13.03 29.54
C ILE G 846 20.30 12.40 30.63
N ASN G 847 21.46 12.99 30.90
CA ASN G 847 22.32 12.39 31.89
C ASN G 847 22.28 13.22 33.16
N HIS G 848 23.26 13.01 34.02
CA HIS G 848 23.16 13.16 35.47
C HIS G 848 22.23 14.26 36.00
N LEU G 849 20.92 14.07 35.81
CA LEU G 849 19.92 14.63 36.69
C LEU G 849 18.74 13.67 36.69
N ILE G 850 17.86 13.83 37.66
CA ILE G 850 16.71 12.95 37.82
C ILE G 850 15.45 13.70 37.43
N PHE G 851 14.74 13.19 36.43
CA PHE G 851 13.50 13.79 35.97
C PHE G 851 12.39 13.41 36.95
N ARG G 852 11.90 14.40 37.68
CA ARG G 852 11.18 14.18 38.93
C ARG G 852 9.69 14.43 38.82
N GLY G 853 8.95 13.73 39.69
CA GLY G 853 7.55 13.95 39.98
C GLY G 853 6.74 14.58 38.87
N GLY G 854 6.30 15.81 39.09
CA GLY G 854 5.50 16.53 38.12
C GLY G 854 6.23 17.61 37.36
N ALA G 855 7.56 17.66 37.42
CA ALA G 855 8.30 18.70 36.73
C ALA G 855 8.33 18.44 35.23
N GLN G 856 8.70 19.49 34.49
CA GLN G 856 8.84 19.43 33.05
C GLN G 856 10.25 19.90 32.67
N ILE G 857 10.77 19.36 31.57
CA ILE G 857 12.03 19.79 31.00
C ILE G 857 11.75 20.32 29.59
N THR G 858 12.37 21.43 29.26
CA THR G 858 12.34 21.93 27.89
C THR G 858 13.75 22.20 27.42
N PHE G 859 14.14 21.59 26.30
CA PHE G 859 15.50 21.70 25.78
C PHE G 859 15.44 21.74 24.27
N LEU G 860 16.57 22.10 23.67
CA LEU G 860 16.69 22.23 22.22
C LEU G 860 17.48 21.06 21.63
N ALA G 861 17.00 20.56 20.50
CA ALA G 861 17.68 19.52 19.73
C ALA G 861 17.84 20.00 18.29
N THR G 862 18.99 19.71 17.68
CA THR G 862 19.36 20.25 16.38
C THR G 862 19.69 19.13 15.42
N PHE G 863 18.95 19.05 14.32
CA PHE G 863 19.21 18.04 13.32
C PHE G 863 19.82 18.66 12.08
N ASP G 864 20.97 18.12 11.68
CA ASP G 864 21.80 18.68 10.64
C ASP G 864 21.35 18.12 9.30
N VAL G 865 20.70 18.95 8.50
CA VAL G 865 20.09 18.51 7.24
C VAL G 865 21.14 18.61 6.14
N SER G 866 21.41 17.48 5.50
CA SER G 866 22.27 17.49 4.33
C SER G 866 21.63 18.34 3.24
N PRO G 867 22.40 19.22 2.58
CA PRO G 867 21.85 19.95 1.44
C PRO G 867 21.54 19.05 0.26
N LYS G 868 22.19 17.89 0.18
CA LYS G 868 21.76 16.80 -0.68
C LYS G 868 21.19 15.72 0.24
N ALA G 869 19.87 15.63 0.30
CA ALA G 869 19.21 14.71 1.22
C ALA G 869 17.90 14.28 0.62
N VAL G 870 17.75 12.98 0.37
CA VAL G 870 16.49 12.43 -0.11
C VAL G 870 15.50 12.45 1.06
N LEU G 871 14.54 13.35 1.01
CA LEU G 871 13.48 13.36 2.00
C LEU G 871 12.18 12.78 1.47
N GLY G 872 11.93 12.92 0.18
CA GLY G 872 10.58 12.84 -0.34
C GLY G 872 9.86 14.17 -0.19
N ASP G 873 8.64 14.22 -0.71
CA ASP G 873 7.96 15.51 -0.62
C ASP G 873 7.46 15.81 0.78
N ARG G 874 7.66 14.91 1.76
CA ARG G 874 7.24 15.12 3.13
C ARG G 874 8.27 14.52 4.08
N LEU G 875 8.67 15.30 5.09
CA LEU G 875 9.60 14.89 6.13
C LEU G 875 8.82 14.71 7.42
N LEU G 876 8.91 13.53 8.03
CA LEU G 876 8.19 13.20 9.25
C LEU G 876 9.18 12.67 10.28
N LEU G 877 9.10 13.18 11.50
CA LEU G 877 9.95 12.66 12.56
C LEU G 877 9.16 12.53 13.85
N THR G 878 9.56 11.56 14.67
CA THR G 878 8.82 11.13 15.83
C THR G 878 9.73 11.14 17.05
N ALA G 879 9.10 11.07 18.22
CA ALA G 879 9.81 10.98 19.49
C ALA G 879 9.12 9.96 20.36
N ASN G 880 9.88 9.06 20.98
CA ASN G 880 9.36 8.34 22.13
C ASN G 880 10.27 8.57 23.32
N VAL G 881 9.78 9.37 24.27
CA VAL G 881 10.39 9.51 25.59
C VAL G 881 10.18 8.23 26.38
N SER G 882 11.14 7.93 27.25
CA SER G 882 11.09 6.77 28.08
C SER G 882 11.98 7.06 29.28
N SER G 883 12.25 6.04 30.08
CA SER G 883 13.17 6.17 31.20
C SER G 883 14.15 5.01 31.16
N GLU G 884 15.21 5.13 31.96
CA GLU G 884 16.21 4.11 32.15
C GLU G 884 15.58 2.74 32.36
N ASN G 885 14.34 2.71 32.84
CA ASN G 885 13.63 1.48 33.14
C ASN G 885 12.60 1.12 32.08
N ASN G 886 12.87 1.52 30.84
CA ASN G 886 12.38 0.90 29.60
C ASN G 886 10.90 0.54 29.61
N THR G 887 10.07 1.60 29.51
CA THR G 887 8.63 1.58 29.24
C THR G 887 8.09 0.18 29.02
N PRO G 888 7.77 -0.56 30.08
CA PRO G 888 7.31 -1.94 29.91
C PRO G 888 5.92 -2.06 29.28
N ARG G 889 5.20 -0.95 29.10
CA ARG G 889 3.75 -1.03 28.93
C ARG G 889 3.31 -0.73 27.49
N THR G 890 1.99 -0.77 27.30
CA THR G 890 1.32 -1.02 26.02
C THR G 890 1.41 0.13 25.01
N SER G 891 0.72 1.22 25.28
CA SER G 891 0.61 2.30 24.29
C SER G 891 1.87 3.15 24.32
N LYS G 892 2.45 3.38 23.16
CA LYS G 892 3.69 4.16 23.11
C LYS G 892 3.40 5.64 23.31
N THR G 893 4.46 6.35 23.72
CA THR G 893 4.36 7.78 23.98
C THR G 893 4.40 8.59 22.70
N THR G 894 5.11 8.09 21.68
CA THR G 894 5.19 8.58 20.30
C THR G 894 4.47 9.89 19.99
N PHE G 895 5.24 10.96 19.88
CA PHE G 895 4.77 12.26 19.38
C PHE G 895 5.39 12.49 18.02
N GLN G 896 4.58 12.81 17.02
CA GLN G 896 5.12 12.91 15.68
C GLN G 896 4.52 14.09 14.91
N LEU G 897 5.37 14.68 14.08
CA LEU G 897 5.11 15.91 13.35
C LEU G 897 5.57 15.68 11.91
N GLU G 898 4.70 15.97 10.94
CA GLU G 898 5.05 15.76 9.54
C GLU G 898 4.87 17.06 8.76
N LEU G 899 5.79 17.29 7.83
CA LEU G 899 6.12 18.59 7.28
C LEU G 899 6.27 18.49 5.78
N PRO G 900 5.84 19.49 5.02
CA PRO G 900 6.01 19.44 3.56
C PRO G 900 7.41 19.91 3.17
N VAL G 901 8.00 19.20 2.20
CA VAL G 901 9.40 19.38 1.86
C VAL G 901 9.51 20.08 0.51
N LYS G 902 10.41 21.06 0.44
CA LYS G 902 10.77 21.72 -0.81
C LYS G 902 12.28 21.60 -1.02
N TYR G 903 12.70 21.69 -2.28
CA TYR G 903 14.09 21.48 -2.65
C TYR G 903 14.66 22.72 -3.31
N ALA G 904 15.86 23.09 -2.90
CA ALA G 904 16.47 24.34 -3.36
C ALA G 904 17.06 24.19 -4.74
N VAL G 905 16.88 25.22 -5.56
CA VAL G 905 17.37 25.23 -6.93
C VAL G 905 17.87 26.61 -7.30
N TYR G 906 18.38 26.74 -8.53
CA TYR G 906 19.04 27.98 -8.95
C TYR G 906 18.95 28.02 -10.48
N THR G 907 17.95 28.73 -10.98
CA THR G 907 17.83 28.97 -12.42
C THR G 907 17.97 30.46 -12.67
N VAL G 908 18.62 30.81 -13.77
CA VAL G 908 18.81 32.19 -14.18
C VAL G 908 18.49 32.29 -15.66
N VAL G 909 17.78 33.35 -16.05
CA VAL G 909 17.56 33.69 -17.45
C VAL G 909 18.15 35.07 -17.67
N SER G 910 18.71 35.28 -18.86
CA SER G 910 19.40 36.52 -19.16
C SER G 910 19.03 36.96 -20.56
N SER G 911 19.18 38.26 -20.79
CA SER G 911 19.06 38.81 -22.14
C SER G 911 20.34 38.56 -22.91
N HIS G 912 20.21 38.00 -24.10
CA HIS G 912 21.38 37.69 -24.90
C HIS G 912 21.90 38.93 -25.61
N GLU G 913 23.20 38.92 -25.89
CA GLU G 913 23.88 40.07 -26.47
C GLU G 913 23.63 40.22 -27.97
N GLN G 914 23.14 39.17 -28.63
CA GLN G 914 22.89 39.21 -30.08
C GLN G 914 21.45 39.65 -30.34
N PHE G 915 21.20 40.94 -30.20
CA PHE G 915 19.85 41.46 -30.43
C PHE G 915 19.89 42.79 -31.16
N THR G 916 18.80 43.08 -31.86
CA THR G 916 18.65 44.25 -32.72
C THR G 916 18.00 45.38 -31.94
N LYS G 917 18.84 46.24 -31.35
CA LYS G 917 18.37 47.48 -30.74
C LYS G 917 18.63 48.62 -31.70
N TYR G 918 17.64 49.51 -31.84
CA TYR G 918 17.62 50.59 -32.83
C TYR G 918 17.48 50.05 -34.24
N LEU G 919 16.26 50.15 -34.79
CA LEU G 919 15.97 49.65 -36.11
C LEU G 919 15.98 50.75 -37.16
N ASN G 920 15.58 51.97 -36.76
CA ASN G 920 15.46 53.16 -37.59
C ASN G 920 14.11 53.25 -38.30
N PHE G 921 13.96 54.29 -39.09
CA PHE G 921 13.08 54.41 -40.25
C PHE G 921 13.14 55.87 -40.66
N SER G 922 12.04 56.38 -41.18
CA SER G 922 11.86 57.77 -41.61
C SER G 922 10.48 57.72 -42.23
N GLU G 923 10.06 58.71 -42.99
CA GLU G 923 8.78 58.43 -43.60
C GLU G 923 8.98 57.60 -44.86
N SER G 924 7.83 57.23 -45.45
CA SER G 924 7.63 56.50 -46.70
C SER G 924 7.84 55.00 -46.55
N GLU G 925 8.34 54.49 -45.43
CA GLU G 925 8.29 53.05 -45.18
C GLU G 925 7.64 52.77 -43.83
N GLU G 926 6.51 53.42 -43.58
CA GLU G 926 5.69 53.06 -42.42
C GLU G 926 4.99 51.73 -42.62
N LYS G 927 4.50 51.46 -43.84
CA LYS G 927 3.84 50.18 -44.10
C LYS G 927 4.82 49.02 -44.09
N GLU G 928 6.07 49.24 -44.52
CA GLU G 928 7.04 48.17 -44.57
C GLU G 928 7.31 47.63 -43.17
N SER G 929 7.77 46.38 -43.10
CA SER G 929 8.04 45.72 -41.85
C SER G 929 9.44 45.14 -41.88
N HIS G 930 10.13 45.23 -40.74
CA HIS G 930 11.53 44.81 -40.65
C HIS G 930 11.70 43.78 -39.55
N VAL G 931 12.45 42.72 -39.86
CA VAL G 931 12.65 41.64 -38.89
C VAL G 931 13.43 42.15 -37.70
N ALA G 932 12.89 41.89 -36.51
CA ALA G 932 13.56 42.18 -35.25
C ALA G 932 13.68 40.90 -34.45
N MET G 933 14.67 40.84 -33.55
CA MET G 933 14.92 39.60 -32.83
C MET G 933 15.47 39.92 -31.44
N HIS G 934 14.76 39.45 -30.41
CA HIS G 934 15.26 39.40 -29.05
C HIS G 934 15.60 37.96 -28.71
N ARG G 935 16.71 37.77 -28.00
CA ARG G 935 17.21 36.43 -27.71
C ARG G 935 17.47 36.31 -26.22
N TYR G 936 17.09 35.16 -25.67
CA TYR G 936 17.20 34.91 -24.24
C TYR G 936 17.98 33.63 -24.00
N GLN G 937 18.85 33.67 -23.00
CA GLN G 937 19.71 32.56 -22.62
C GLN G 937 19.44 32.22 -21.15
N VAL G 938 19.06 30.98 -20.90
CA VAL G 938 18.71 30.51 -19.57
C VAL G 938 19.57 29.28 -19.27
N ASN G 939 20.08 29.18 -18.05
CA ASN G 939 20.93 28.05 -17.71
C ASN G 939 20.78 27.68 -16.25
N ASN G 940 20.97 26.39 -15.98
CA ASN G 940 20.68 25.75 -14.69
C ASN G 940 21.96 25.72 -13.87
N LEU G 941 22.03 26.58 -12.86
CA LEU G 941 23.18 26.65 -11.97
C LEU G 941 22.90 26.02 -10.62
N GLY G 942 21.72 25.42 -10.44
CA GLY G 942 21.41 24.67 -9.24
C GLY G 942 22.11 23.33 -9.25
N GLN G 943 21.78 22.53 -8.24
CA GLN G 943 22.34 21.19 -8.10
C GLN G 943 21.30 20.10 -8.40
N ARG G 944 20.20 20.47 -9.07
CA ARG G 944 19.07 19.57 -9.29
C ARG G 944 18.50 19.75 -10.69
N ASP G 945 18.29 18.63 -11.40
CA ASP G 945 17.32 18.61 -12.49
C ASP G 945 15.99 19.16 -11.97
N LEU G 946 15.34 19.98 -12.80
CA LEU G 946 14.17 20.76 -12.38
C LEU G 946 13.33 21.10 -13.61
N PRO G 947 12.34 20.26 -13.94
CA PRO G 947 11.36 20.60 -14.99
C PRO G 947 10.78 22.00 -14.85
N VAL G 948 10.92 22.84 -15.88
CA VAL G 948 10.47 24.22 -15.79
C VAL G 948 9.51 24.57 -16.92
N SER G 949 9.24 25.87 -17.04
CA SER G 949 8.40 26.45 -18.07
C SER G 949 8.89 27.87 -18.26
N ILE G 950 9.07 28.30 -19.51
CA ILE G 950 9.66 29.59 -19.82
C ILE G 950 8.59 30.50 -20.40
N ASN G 951 8.50 31.72 -19.88
CA ASN G 951 7.42 32.64 -20.21
C ASN G 951 7.98 33.93 -20.79
N PHE G 952 7.41 34.38 -21.91
CA PHE G 952 7.84 35.57 -22.62
C PHE G 952 6.66 36.51 -22.84
N TRP G 953 6.92 37.82 -22.82
CA TRP G 953 5.87 38.83 -22.99
C TRP G 953 6.26 39.79 -24.11
N VAL G 954 5.48 39.81 -25.18
CA VAL G 954 5.83 40.49 -26.43
C VAL G 954 4.75 41.48 -26.85
N PRO G 955 5.05 42.78 -26.90
CA PRO G 955 4.06 43.75 -27.40
C PRO G 955 3.73 43.51 -28.86
N VAL G 956 2.44 43.43 -29.17
CA VAL G 956 2.00 43.09 -30.51
C VAL G 956 0.94 44.04 -31.05
N GLU G 957 0.18 44.74 -30.20
CA GLU G 957 -0.88 45.62 -30.68
C GLU G 957 -0.99 46.85 -29.79
N LEU G 958 -1.00 48.02 -30.42
CA LEU G 958 -1.22 49.28 -29.71
C LEU G 958 -2.30 50.07 -30.45
N ASN G 959 -3.48 50.16 -29.82
CA ASN G 959 -4.65 50.84 -30.38
C ASN G 959 -4.94 50.34 -31.80
N GLN G 960 -5.06 49.01 -31.92
CA GLN G 960 -5.39 48.29 -33.15
C GLN G 960 -4.17 48.10 -34.06
N GLU G 961 -3.21 49.01 -33.99
CA GLU G 961 -2.03 48.91 -34.83
C GLU G 961 -1.15 47.74 -34.38
N ALA G 962 -0.73 46.92 -35.33
CA ALA G 962 0.22 45.86 -35.00
C ALA G 962 1.58 46.47 -34.67
N VAL G 963 2.25 45.90 -33.66
CA VAL G 963 3.58 46.32 -33.28
C VAL G 963 4.56 45.30 -33.85
N TRP G 964 4.95 44.31 -33.05
CA TRP G 964 5.56 43.15 -33.69
C TRP G 964 4.49 42.43 -34.50
N MET G 965 4.93 41.63 -35.46
CA MET G 965 4.03 40.81 -36.25
C MET G 965 4.59 39.42 -36.37
N ASP G 966 3.70 38.44 -36.47
CA ASP G 966 4.05 37.08 -36.84
C ASP G 966 5.21 36.56 -36.00
N VAL G 967 5.21 36.91 -34.72
CA VAL G 967 6.28 36.48 -33.83
C VAL G 967 6.17 34.99 -33.58
N GLU G 968 7.30 34.31 -33.63
CA GLU G 968 7.40 32.92 -33.28
C GLU G 968 8.62 32.75 -32.38
N VAL G 969 8.70 31.60 -31.72
CA VAL G 969 9.78 31.32 -30.78
C VAL G 969 10.55 30.12 -31.30
N SER G 970 11.87 30.26 -31.37
CA SER G 970 12.71 29.15 -31.81
C SER G 970 13.69 28.76 -30.72
N HIS G 971 13.83 27.46 -30.55
CA HIS G 971 14.74 26.81 -29.63
C HIS G 971 15.56 25.86 -30.48
N PRO G 972 16.45 26.39 -31.33
CA PRO G 972 17.08 25.55 -32.37
C PRO G 972 17.70 24.29 -31.81
N GLN G 973 18.31 24.40 -30.63
CA GLN G 973 18.89 23.27 -29.93
C GLN G 973 17.89 22.79 -28.89
N ASN G 974 17.53 21.50 -28.97
CA ASN G 974 16.42 20.86 -28.25
C ASN G 974 15.11 21.40 -28.78
N PRO G 975 14.78 21.16 -30.12
CA PRO G 975 13.65 21.84 -30.78
C PRO G 975 12.30 21.19 -30.45
N SER G 976 11.93 21.24 -29.18
CA SER G 976 10.59 20.80 -28.80
C SER G 976 9.56 21.78 -29.33
N LEU G 977 8.49 21.25 -29.95
CA LEU G 977 7.41 22.10 -30.43
C LEU G 977 6.62 22.75 -29.30
N ARG G 978 6.81 22.31 -28.06
CA ARG G 978 5.98 22.74 -26.93
C ARG G 978 6.32 24.19 -26.60
N CYS G 979 5.74 25.10 -27.36
CA CYS G 979 5.63 26.51 -27.01
C CYS G 979 4.19 26.93 -27.26
N SER G 980 3.63 27.66 -26.31
CA SER G 980 2.22 28.03 -26.32
C SER G 980 2.09 29.54 -26.25
N SER G 981 1.02 30.09 -26.83
CA SER G 981 0.81 31.52 -26.89
C SER G 981 -0.62 31.87 -26.51
N GLU G 982 -0.81 33.08 -25.99
CA GLU G 982 -2.13 33.55 -25.61
C GLU G 982 -2.14 35.07 -25.63
N LYS G 983 -3.20 35.65 -26.20
CA LYS G 983 -3.28 37.09 -26.40
C LYS G 983 -3.85 37.78 -25.16
N ILE G 984 -3.20 38.87 -24.73
CA ILE G 984 -3.49 39.53 -23.46
C ILE G 984 -3.79 41.00 -23.73
N ALA G 985 -5.05 41.39 -23.56
CA ALA G 985 -5.36 42.80 -23.48
C ALA G 985 -4.72 43.38 -22.22
N PRO G 986 -4.21 44.60 -22.26
CA PRO G 986 -3.49 45.15 -21.12
C PRO G 986 -4.42 45.94 -20.22
N PRO G 987 -3.94 46.40 -19.07
CA PRO G 987 -4.71 47.40 -18.30
C PRO G 987 -5.09 48.57 -19.19
N ALA G 988 -6.38 48.79 -19.41
CA ALA G 988 -6.82 49.93 -20.19
C ALA G 988 -6.27 51.20 -19.56
N SER G 989 -5.51 51.97 -20.35
CA SER G 989 -4.80 53.12 -19.82
C SER G 989 -4.52 54.08 -20.97
N ASP G 990 -4.36 55.35 -20.62
CA ASP G 990 -4.06 56.38 -21.62
C ASP G 990 -2.62 56.18 -22.09
N PHE G 991 -2.46 55.53 -23.24
CA PHE G 991 -1.13 55.15 -23.71
C PHE G 991 -0.30 56.36 -24.12
N LEU G 992 -0.93 57.46 -24.51
CA LEU G 992 -0.16 58.67 -24.78
C LEU G 992 0.48 59.21 -23.51
N ALA G 993 -0.27 59.20 -22.41
CA ALA G 993 0.28 59.67 -21.15
C ALA G 993 1.42 58.78 -20.68
N HIS G 994 1.31 57.47 -20.87
CA HIS G 994 2.38 56.61 -20.38
C HIS G 994 3.61 56.64 -21.29
N ILE G 995 3.42 56.67 -22.60
CA ILE G 995 4.60 56.59 -23.48
C ILE G 995 5.37 57.91 -23.47
N GLN G 996 4.67 59.03 -23.23
CA GLN G 996 5.34 60.33 -23.32
C GLN G 996 6.47 60.44 -22.30
N LYS G 997 6.27 59.92 -21.09
CA LYS G 997 7.38 59.73 -20.16
C LYS G 997 7.56 58.25 -19.94
N ASN G 998 8.78 57.76 -20.20
CA ASN G 998 9.13 56.36 -20.38
C ASN G 998 8.62 55.93 -21.76
N PRO G 999 9.39 56.24 -22.81
CA PRO G 999 8.96 55.88 -24.18
C PRO G 999 8.84 54.39 -24.40
N VAL G 1000 9.16 53.59 -23.38
CA VAL G 1000 9.16 52.14 -23.52
C VAL G 1000 7.75 51.65 -23.80
N LEU G 1001 7.59 50.85 -24.84
CA LEU G 1001 6.35 50.14 -25.10
C LEU G 1001 6.48 48.75 -24.50
N ASP G 1002 5.91 48.58 -23.31
CA ASP G 1002 5.89 47.29 -22.63
C ASP G 1002 4.46 46.76 -22.56
N CYS G 1003 4.32 45.62 -21.88
CA CYS G 1003 3.05 44.92 -21.86
C CYS G 1003 1.99 45.65 -21.05
N SER G 1004 2.38 46.61 -20.22
CA SER G 1004 1.38 47.38 -19.50
C SER G 1004 0.48 48.18 -20.43
N ILE G 1005 0.91 48.45 -21.66
CA ILE G 1005 0.20 49.38 -22.54
C ILE G 1005 -0.21 48.66 -23.81
N ALA G 1006 0.62 47.73 -24.26
CA ALA G 1006 0.40 47.04 -25.52
C ALA G 1006 -0.36 45.74 -25.29
N GLY G 1007 -1.33 45.48 -26.16
CA GLY G 1007 -1.93 44.16 -26.23
C GLY G 1007 -0.84 43.14 -26.49
N CYS G 1008 -0.59 42.26 -25.54
CA CYS G 1008 0.63 41.47 -25.57
C CYS G 1008 0.38 40.06 -26.06
N LEU G 1009 1.49 39.38 -26.31
CA LEU G 1009 1.52 37.97 -26.63
C LEU G 1009 2.36 37.31 -25.54
N ARG G 1010 1.77 36.36 -24.82
CA ARG G 1010 2.45 35.67 -23.74
C ARG G 1010 2.78 34.26 -24.21
N PHE G 1011 4.07 33.95 -24.24
CA PHE G 1011 4.55 32.64 -24.68
C PHE G 1011 4.93 31.81 -23.46
N ARG G 1012 4.49 30.55 -23.46
CA ARG G 1012 4.87 29.58 -22.44
C ARG G 1012 5.52 28.40 -23.14
N CYS G 1013 6.79 28.15 -22.84
CA CYS G 1013 7.54 27.03 -23.43
C CYS G 1013 7.96 26.08 -22.32
N ASP G 1014 7.36 24.89 -22.31
CA ASP G 1014 7.52 23.92 -21.23
C ASP G 1014 8.73 23.02 -21.49
N VAL G 1015 9.57 22.86 -20.47
CA VAL G 1015 10.84 22.15 -20.57
C VAL G 1015 10.74 20.91 -19.68
N PRO G 1016 10.62 19.72 -20.27
CA PRO G 1016 10.54 18.48 -19.46
C PRO G 1016 11.66 18.25 -18.46
N SER G 1017 12.93 18.52 -18.76
CA SER G 1017 13.97 18.19 -17.78
C SER G 1017 15.18 19.11 -17.98
N PHE G 1018 15.17 20.24 -17.28
CA PHE G 1018 16.23 21.25 -17.38
C PHE G 1018 17.42 20.82 -16.50
N SER G 1019 18.12 19.79 -16.99
CA SER G 1019 19.21 19.18 -16.23
C SER G 1019 20.33 20.19 -15.93
N VAL G 1020 21.26 19.78 -15.06
CA VAL G 1020 22.27 20.70 -14.56
C VAL G 1020 23.18 21.18 -15.68
N GLN G 1021 23.54 22.46 -15.63
CA GLN G 1021 24.54 23.09 -16.50
C GLN G 1021 24.06 23.22 -17.95
N GLU G 1022 22.91 22.64 -18.27
CA GLU G 1022 22.32 22.82 -19.59
C GLU G 1022 22.00 24.30 -19.81
N GLU G 1023 22.35 24.80 -20.98
CA GLU G 1023 21.85 26.07 -21.46
C GLU G 1023 20.65 25.83 -22.36
N LEU G 1024 19.75 26.81 -22.40
CA LEU G 1024 18.69 26.83 -23.40
C LEU G 1024 18.69 28.20 -24.05
N ASP G 1025 18.52 28.23 -25.37
CA ASP G 1025 18.53 29.47 -26.12
C ASP G 1025 17.16 29.65 -26.76
N PHE G 1026 16.60 30.84 -26.59
CA PHE G 1026 15.31 31.17 -27.17
C PHE G 1026 15.44 32.46 -27.95
N THR G 1027 14.78 32.51 -29.10
CA THR G 1027 14.78 33.70 -29.95
C THR G 1027 13.34 34.11 -30.24
N LEU G 1028 13.08 35.41 -30.10
CA LEU G 1028 11.77 35.98 -30.44
C LEU G 1028 11.95 36.73 -31.75
N LYS G 1029 11.34 36.21 -32.82
CA LYS G 1029 11.58 36.71 -34.18
C LYS G 1029 10.27 37.22 -34.79
N GLY G 1030 10.26 38.49 -35.19
CA GLY G 1030 9.08 39.06 -35.81
C GLY G 1030 9.38 40.34 -36.56
N ASN G 1031 8.63 40.57 -37.62
CA ASN G 1031 8.73 41.83 -38.36
C ASN G 1031 8.04 42.93 -37.55
N LEU G 1032 8.83 43.89 -37.08
CA LEU G 1032 8.30 44.99 -36.28
C LEU G 1032 7.77 46.07 -37.21
N SER G 1033 6.45 46.32 -37.16
CA SER G 1033 5.85 47.35 -37.98
C SER G 1033 6.19 48.74 -37.44
N PHE G 1034 6.24 49.72 -38.35
CA PHE G 1034 6.53 51.10 -37.99
C PHE G 1034 5.30 52.00 -37.98
N GLY G 1035 4.16 51.50 -38.45
CA GLY G 1035 3.00 52.35 -38.64
C GLY G 1035 2.56 53.07 -37.38
N TRP G 1036 2.57 52.37 -36.24
CA TRP G 1036 2.07 52.91 -34.99
C TRP G 1036 2.96 53.99 -34.37
N VAL G 1037 4.20 54.16 -34.85
CA VAL G 1037 5.07 55.17 -34.24
C VAL G 1037 4.51 56.57 -34.48
N ARG G 1038 3.75 56.76 -35.55
CA ARG G 1038 3.08 58.04 -35.73
C ARG G 1038 2.03 58.26 -34.66
N GLN G 1039 1.41 57.18 -34.18
CA GLN G 1039 0.32 57.28 -33.21
C GLN G 1039 0.78 57.99 -31.95
N ILE G 1040 2.04 57.80 -31.56
CA ILE G 1040 2.49 58.24 -30.25
C ILE G 1040 3.08 59.64 -30.23
N LEU G 1041 3.25 60.27 -31.40
CA LEU G 1041 3.70 61.66 -31.49
C LEU G 1041 5.06 61.84 -30.80
N GLN G 1042 5.93 60.84 -30.96
CA GLN G 1042 7.29 60.87 -30.46
C GLN G 1042 8.20 60.31 -31.53
N LYS G 1043 9.51 60.47 -31.34
CA LYS G 1043 10.47 59.94 -32.31
C LYS G 1043 11.22 58.72 -31.79
N LYS G 1044 11.67 58.73 -30.54
CA LYS G 1044 12.58 57.71 -30.02
C LYS G 1044 11.86 56.66 -29.17
N VAL G 1045 10.77 56.06 -29.65
CA VAL G 1045 10.12 55.01 -28.87
C VAL G 1045 11.00 53.76 -28.86
N SER G 1046 11.03 53.08 -27.72
CA SER G 1046 11.67 51.78 -27.62
C SER G 1046 10.62 50.73 -27.29
N VAL G 1047 10.95 49.46 -27.54
CA VAL G 1047 10.00 48.35 -27.46
C VAL G 1047 10.69 47.18 -26.79
N VAL G 1048 10.02 46.57 -25.79
CA VAL G 1048 10.66 45.67 -24.84
C VAL G 1048 9.91 44.36 -24.73
N SER G 1049 10.65 43.25 -24.68
CA SER G 1049 10.11 41.94 -24.33
C SER G 1049 10.59 41.54 -22.93
N VAL G 1050 9.86 40.60 -22.32
CA VAL G 1050 10.10 40.16 -20.96
C VAL G 1050 10.26 38.65 -20.95
N ALA G 1051 11.19 38.14 -20.13
CA ALA G 1051 11.37 36.71 -19.95
C ALA G 1051 11.40 36.39 -18.47
N GLU G 1052 10.68 35.34 -18.07
CA GLU G 1052 10.61 34.92 -16.68
C GLU G 1052 10.58 33.40 -16.61
N ILE G 1053 11.51 32.82 -15.84
CA ILE G 1053 11.47 31.39 -15.55
C ILE G 1053 10.43 31.14 -14.47
N THR G 1054 9.58 30.16 -14.69
CA THR G 1054 8.67 29.68 -13.66
C THR G 1054 8.79 28.17 -13.54
N PHE G 1055 8.45 27.68 -12.34
CA PHE G 1055 8.45 26.26 -12.05
C PHE G 1055 7.34 25.98 -11.04
N ASP G 1056 7.22 24.72 -10.64
CA ASP G 1056 6.26 24.33 -9.61
C ASP G 1056 6.82 24.77 -8.26
N THR G 1057 6.29 25.87 -7.73
CA THR G 1057 6.78 26.44 -6.48
C THR G 1057 6.43 25.58 -5.26
N SER G 1058 5.65 24.52 -5.43
CA SER G 1058 5.33 23.64 -4.31
C SER G 1058 6.45 22.64 -4.03
N VAL G 1059 7.10 22.16 -5.09
CA VAL G 1059 8.16 21.16 -4.95
C VAL G 1059 9.53 21.80 -4.82
N TYR G 1060 9.82 22.78 -5.66
CA TYR G 1060 11.13 23.41 -5.72
C TYR G 1060 11.00 24.88 -5.38
N SER G 1061 12.07 25.43 -4.81
CA SER G 1061 12.13 26.83 -4.42
C SER G 1061 13.51 27.34 -4.81
N GLN G 1062 13.56 28.46 -5.53
CA GLN G 1062 14.86 29.00 -5.93
C GLN G 1062 15.52 29.67 -4.74
N LEU G 1063 16.79 29.33 -4.51
CA LEU G 1063 17.68 29.81 -3.47
C LEU G 1063 17.44 31.28 -3.13
N PRO G 1064 17.48 31.65 -1.85
CA PRO G 1064 17.17 33.03 -1.48
C PRO G 1064 18.21 34.02 -2.00
N GLY G 1065 17.78 35.27 -2.11
CA GLY G 1065 18.65 36.35 -2.56
C GLY G 1065 18.64 36.50 -4.06
N GLN G 1066 19.56 35.82 -4.74
CA GLN G 1066 19.55 35.86 -6.20
C GLN G 1066 18.33 35.11 -6.73
N GLU G 1067 17.17 35.76 -6.61
CA GLU G 1067 15.90 35.25 -7.11
C GLU G 1067 15.45 35.98 -8.36
N ALA G 1068 15.71 37.28 -8.43
CA ALA G 1068 15.31 38.09 -9.58
C ALA G 1068 16.04 37.70 -10.86
N PHE G 1069 17.11 36.92 -10.75
CA PHE G 1069 17.89 36.47 -11.90
C PHE G 1069 17.11 35.55 -12.80
N MET G 1070 15.91 35.08 -12.43
CA MET G 1070 15.10 34.28 -13.33
C MET G 1070 14.03 35.12 -14.04
N ARG G 1071 14.25 36.43 -14.13
CA ARG G 1071 13.36 37.34 -14.84
C ARG G 1071 14.23 38.34 -15.59
N ALA G 1072 14.10 38.39 -16.92
CA ALA G 1072 15.00 39.15 -17.78
C ALA G 1072 14.20 40.02 -18.76
N GLN G 1073 14.93 40.76 -19.60
CA GLN G 1073 14.35 41.88 -20.34
C GLN G 1073 15.27 42.27 -21.49
N THR G 1074 14.69 42.55 -22.66
CA THR G 1074 15.45 42.96 -23.84
C THR G 1074 14.71 44.10 -24.53
N THR G 1075 15.47 45.07 -25.04
CA THR G 1075 14.90 46.29 -25.63
C THR G 1075 15.41 46.49 -27.05
N THR G 1076 14.49 46.54 -28.01
CA THR G 1076 14.78 47.11 -29.31
C THR G 1076 14.40 48.59 -29.31
N VAL G 1077 14.99 49.34 -30.24
CA VAL G 1077 14.77 50.79 -30.29
C VAL G 1077 14.25 51.18 -31.67
N LEU G 1078 13.43 52.22 -31.71
CA LEU G 1078 12.96 52.79 -32.97
C LEU G 1078 13.18 54.29 -32.95
N GLU G 1079 13.35 54.87 -34.14
CA GLU G 1079 13.67 56.30 -34.21
C GLU G 1079 13.19 56.86 -35.54
N LYS G 1080 12.37 57.91 -35.47
CA LYS G 1080 11.69 58.46 -36.64
C LYS G 1080 12.60 59.22 -37.60
N GLN H 1 40.97 36.41 34.95
CA GLN H 1 39.91 36.76 34.00
C GLN H 1 39.27 35.51 33.39
N GLU H 2 39.91 34.91 32.39
CA GLU H 2 39.41 33.67 31.80
C GLU H 2 39.93 32.49 32.59
N CYS H 3 39.05 31.82 33.35
CA CYS H 3 39.44 30.64 34.10
C CYS H 3 38.35 29.59 34.00
N THR H 4 38.68 28.47 33.37
CA THR H 4 37.92 27.23 33.45
C THR H 4 38.80 26.20 34.14
N LYS H 5 38.25 25.53 35.15
CA LYS H 5 39.02 24.55 35.90
C LYS H 5 39.19 23.27 35.08
N PHE H 6 40.43 22.87 34.84
CA PHE H 6 40.70 21.56 34.29
C PHE H 6 40.88 20.68 35.53
N LYS H 7 41.67 19.60 35.44
CA LYS H 7 41.88 18.78 36.63
C LYS H 7 42.68 19.58 37.67
N VAL H 8 42.15 19.68 38.89
CA VAL H 8 42.73 20.55 39.93
C VAL H 8 42.96 19.67 41.17
N SER H 9 44.13 19.02 41.20
CA SER H 9 44.56 18.29 42.38
C SER H 9 45.78 18.93 43.05
N SER H 10 46.10 20.17 42.70
CA SER H 10 47.22 20.89 43.32
C SER H 10 47.20 22.34 42.86
N CYS H 11 48.07 23.14 43.48
CA CYS H 11 48.30 24.51 43.05
C CYS H 11 48.84 24.55 41.63
N ARG H 12 49.83 23.70 41.34
CA ARG H 12 50.41 23.62 40.01
C ARG H 12 49.34 23.33 38.97
N GLU H 13 48.47 22.35 39.24
CA GLU H 13 47.44 21.99 38.27
C GLU H 13 46.44 23.11 38.06
N CYS H 14 46.20 23.94 39.08
CA CYS H 14 45.37 25.12 38.88
C CYS H 14 46.01 26.06 37.87
N ILE H 15 47.32 26.26 37.98
CA ILE H 15 48.02 27.18 37.07
C ILE H 15 47.93 26.68 35.64
N GLU H 16 48.01 25.37 35.44
CA GLU H 16 47.92 24.80 34.11
C GLU H 16 46.52 24.84 33.52
N SER H 17 45.55 25.43 34.22
CA SER H 17 44.22 25.63 33.67
C SER H 17 44.11 26.91 32.84
N GLY H 18 45.16 27.72 32.80
CA GLY H 18 45.16 28.93 32.01
C GLY H 18 45.53 30.16 32.81
N PRO H 19 45.97 31.21 32.10
CA PRO H 19 46.46 32.42 32.78
C PRO H 19 45.46 33.07 33.71
N GLY H 20 44.16 32.92 33.47
CA GLY H 20 43.19 33.57 34.32
C GLY H 20 42.90 32.90 35.64
N CYS H 21 43.50 31.74 35.90
CA CYS H 21 43.24 30.98 37.11
C CYS H 21 44.28 31.29 38.18
N THR H 22 43.83 31.33 39.44
CA THR H 22 44.69 31.62 40.57
C THR H 22 44.41 30.61 41.67
N TRP H 23 45.37 30.46 42.59
CA TRP H 23 45.30 29.43 43.62
C TRP H 23 45.42 30.04 45.01
N CYS H 24 44.41 29.78 45.85
CA CYS H 24 44.42 30.22 47.23
C CYS H 24 45.09 29.17 48.11
N GLN H 25 46.07 29.61 48.91
CA GLN H 25 46.80 28.74 49.81
C GLN H 25 46.31 28.83 51.25
N LYS H 26 45.32 29.68 51.52
CA LYS H 26 44.90 29.94 52.89
C LYS H 26 44.44 28.66 53.59
N LEU H 27 44.91 28.45 54.81
CA LEU H 27 44.46 27.31 55.59
C LEU H 27 43.03 27.50 56.04
N ASN H 28 42.27 26.40 56.01
CA ASN H 28 40.86 26.40 56.40
C ASN H 28 40.02 27.32 55.51
N PHE H 29 40.44 27.46 54.26
CA PHE H 29 39.57 28.05 53.24
C PHE H 29 38.62 27.00 52.67
N THR H 30 39.14 25.79 52.43
CA THR H 30 38.31 24.66 52.07
C THR H 30 37.38 24.31 53.23
N GLY H 31 36.09 24.56 53.05
CA GLY H 31 35.12 24.22 54.05
C GLY H 31 34.94 22.72 54.16
N PRO H 32 34.40 22.27 55.30
CA PRO H 32 34.20 20.82 55.48
C PRO H 32 33.35 20.18 54.38
N GLY H 33 32.38 20.90 53.83
CA GLY H 33 31.61 20.36 52.73
C GLY H 33 32.28 20.55 51.39
N ASP H 34 33.03 21.64 51.24
CA ASP H 34 33.62 22.00 49.96
C ASP H 34 34.83 21.10 49.65
N PRO H 35 35.01 20.71 48.39
CA PRO H 35 36.22 19.99 47.99
C PRO H 35 37.39 20.94 47.72
N ASP H 36 38.56 20.34 47.49
CA ASP H 36 39.79 21.11 47.36
C ASP H 36 39.74 22.07 46.16
N SER H 37 38.94 21.75 45.14
CA SER H 37 38.98 22.50 43.89
C SER H 37 38.41 23.90 44.00
N ILE H 38 37.76 24.27 45.12
CA ILE H 38 37.28 25.63 45.27
C ILE H 38 38.41 26.63 45.40
N ARG H 39 39.65 26.16 45.56
CA ARG H 39 40.81 27.03 45.68
C ARG H 39 41.34 27.51 44.32
N CYS H 40 40.75 27.05 43.21
CA CYS H 40 41.22 27.40 41.88
C CYS H 40 40.13 28.22 41.18
N ASP H 41 40.35 29.52 41.06
CA ASP H 41 39.35 30.41 40.49
C ASP H 41 40.05 31.70 40.06
N THR H 42 39.26 32.63 39.52
CA THR H 42 39.79 33.96 39.25
C THR H 42 40.16 34.64 40.55
N ARG H 43 41.18 35.50 40.49
CA ARG H 43 41.57 36.29 41.66
C ARG H 43 40.42 37.05 42.29
N PRO H 44 39.53 37.72 41.54
CA PRO H 44 38.38 38.35 42.20
C PRO H 44 37.51 37.40 42.99
N GLN H 45 37.27 36.19 42.47
CA GLN H 45 36.41 35.24 43.18
C GLN H 45 37.07 34.76 44.46
N LEU H 46 38.40 34.56 44.45
CA LEU H 46 39.09 34.16 45.67
C LEU H 46 39.03 35.27 46.71
N LEU H 47 39.21 36.51 46.29
CA LEU H 47 39.11 37.63 47.23
C LEU H 47 37.68 37.78 47.76
N MET H 48 36.69 37.58 46.89
CA MET H 48 35.30 37.63 47.32
C MET H 48 35.02 36.65 48.46
N ARG H 49 35.51 35.42 48.34
CA ARG H 49 35.26 34.36 49.30
C ARG H 49 36.12 34.46 50.56
N GLY H 50 36.87 35.55 50.75
CA GLY H 50 37.64 35.69 51.96
C GLY H 50 39.05 35.14 51.90
N CYS H 51 39.55 34.77 50.72
CA CYS H 51 40.96 34.40 50.62
C CYS H 51 41.80 35.67 50.68
N ALA H 52 42.73 35.71 51.61
CA ALA H 52 43.63 36.85 51.72
C ALA H 52 44.44 36.99 50.45
N ALA H 53 44.66 38.25 50.04
CA ALA H 53 45.41 38.50 48.81
C ALA H 53 46.80 37.88 48.86
N ASP H 54 47.43 37.89 50.04
CA ASP H 54 48.76 37.32 50.20
C ASP H 54 48.78 35.81 50.08
N ASP H 55 47.62 35.15 50.01
CA ASP H 55 47.54 33.71 49.89
C ASP H 55 47.33 33.25 48.45
N ILE H 56 47.34 34.16 47.49
CA ILE H 56 47.00 33.85 46.10
C ILE H 56 48.30 33.60 45.34
N MET H 57 48.56 32.34 45.00
CA MET H 57 49.69 31.98 44.15
C MET H 57 49.32 32.25 42.68
N ASP H 58 50.14 33.04 41.99
CA ASP H 58 49.80 33.52 40.65
C ASP H 58 51.08 33.85 39.89
N PRO H 59 51.70 32.84 39.28
CA PRO H 59 52.81 33.12 38.37
C PRO H 59 52.36 34.00 37.21
N THR H 60 53.20 34.96 36.86
CA THR H 60 53.01 35.79 35.68
C THR H 60 54.28 35.72 34.84
N SER H 61 54.10 35.69 33.52
CA SER H 61 55.24 35.52 32.63
C SER H 61 56.08 36.80 32.58
N LEU H 62 57.38 36.64 32.38
CA LEU H 62 58.29 37.78 32.46
C LEU H 62 59.64 37.41 31.84
N ALA H 63 60.50 38.43 31.71
CA ALA H 63 61.79 38.32 31.05
C ALA H 63 62.90 38.81 31.97
N GLU H 64 64.05 38.13 31.92
CA GLU H 64 65.23 38.46 32.70
C GLU H 64 66.29 39.00 31.76
N THR H 65 66.75 40.22 32.01
CA THR H 65 67.75 40.87 31.16
C THR H 65 69.12 40.77 31.82
N GLN H 66 70.01 40.02 31.18
CA GLN H 66 71.43 39.98 31.56
C GLN H 66 72.22 40.56 30.39
N GLU H 67 72.35 41.88 30.37
CA GLU H 67 73.19 42.51 29.34
C GLU H 67 74.61 42.00 29.49
N ASP H 68 75.22 41.63 28.36
CA ASP H 68 76.44 40.84 28.34
C ASP H 68 77.64 41.73 28.63
N HIS H 69 78.01 41.79 29.92
CA HIS H 69 79.25 42.44 30.40
C HIS H 69 79.31 43.85 29.82
N ASN H 70 80.42 44.23 29.20
CA ASN H 70 80.60 45.53 28.58
C ASN H 70 81.33 45.34 27.26
N GLY H 71 81.73 46.44 26.64
CA GLY H 71 82.50 46.38 25.41
C GLY H 71 82.49 47.65 24.61
N GLY H 72 82.40 47.54 23.29
CA GLY H 72 82.38 48.72 22.45
C GLY H 72 81.04 49.05 21.83
N GLN H 73 80.31 50.00 22.45
CA GLN H 73 79.23 50.76 21.86
C GLN H 73 77.90 50.02 21.75
N LYS H 74 76.82 50.81 21.61
CA LYS H 74 75.44 50.33 21.67
C LYS H 74 74.96 49.93 20.27
N GLN H 75 75.12 48.65 19.93
CA GLN H 75 74.57 48.15 18.67
C GLN H 75 73.37 47.24 18.92
N LEU H 76 73.58 46.03 19.44
CA LEU H 76 72.48 45.09 19.69
C LEU H 76 72.45 44.71 21.16
N SER H 77 71.32 44.95 21.81
CA SER H 77 71.10 44.60 23.21
C SER H 77 69.59 44.49 23.40
N PRO H 78 69.13 43.65 24.34
CA PRO H 78 69.84 42.77 25.27
C PRO H 78 70.47 41.58 24.56
N GLN H 79 71.59 41.09 25.08
CA GLN H 79 72.30 39.98 24.45
C GLN H 79 72.09 38.66 25.18
N LYS H 80 71.31 38.65 26.26
CA LYS H 80 70.89 37.43 26.92
C LYS H 80 69.57 37.70 27.61
N VAL H 81 68.52 37.00 27.18
CA VAL H 81 67.20 37.09 27.78
C VAL H 81 66.79 35.70 28.24
N THR H 82 66.45 35.58 29.52
CA THR H 82 65.91 34.33 30.06
C THR H 82 64.43 34.54 30.38
N LEU H 83 63.58 33.69 29.82
CA LEU H 83 62.15 33.80 30.01
C LEU H 83 61.66 32.81 31.05
N TYR H 84 60.75 33.29 31.90
CA TYR H 84 59.98 32.43 32.80
C TYR H 84 58.53 32.56 32.34
N LEU H 85 58.00 31.49 31.78
CA LEU H 85 56.82 31.54 30.94
C LEU H 85 55.73 30.67 31.53
N ARG H 86 54.64 31.29 31.93
CA ARG H 86 53.46 30.53 32.35
C ARG H 86 52.64 30.14 31.12
N PRO H 87 52.16 28.89 31.06
CA PRO H 87 51.38 28.44 29.90
C PRO H 87 50.21 29.36 29.58
N GLY H 88 50.25 29.92 28.37
CA GLY H 88 49.18 30.78 27.89
C GLY H 88 49.38 32.25 28.13
N GLN H 89 50.29 32.64 29.01
CA GLN H 89 50.44 34.03 29.42
C GLN H 89 51.61 34.66 28.69
N ALA H 90 51.32 35.72 27.93
CA ALA H 90 52.33 36.37 27.10
C ALA H 90 53.38 37.05 27.96
N ALA H 91 54.65 36.83 27.64
CA ALA H 91 55.78 37.56 28.19
C ALA H 91 56.30 38.53 27.13
N ALA H 92 56.97 39.60 27.58
CA ALA H 92 57.35 40.65 26.65
C ALA H 92 58.64 41.34 27.11
N PHE H 93 59.49 41.68 26.15
CA PHE H 93 60.72 42.42 26.42
C PHE H 93 61.13 43.20 25.18
N ASN H 94 61.92 44.24 25.40
CA ASN H 94 62.33 45.17 24.36
C ASN H 94 63.74 44.88 23.87
N VAL H 95 63.92 44.91 22.56
CA VAL H 95 65.22 44.69 21.93
C VAL H 95 65.69 46.02 21.35
N THR H 96 66.88 46.44 21.77
CA THR H 96 67.48 47.68 21.31
C THR H 96 68.32 47.38 20.08
N PHE H 97 68.08 48.12 18.98
CA PHE H 97 69.06 48.11 17.90
C PHE H 97 69.37 49.50 17.41
N ARG H 98 70.64 49.72 17.17
CA ARG H 98 71.20 51.01 16.79
C ARG H 98 72.40 50.73 15.89
N ARG H 99 72.41 51.30 14.69
CA ARG H 99 73.43 51.01 13.68
C ARG H 99 74.59 52.00 13.79
N ALA H 100 75.80 51.48 13.58
CA ALA H 100 77.04 52.20 13.90
C ALA H 100 77.67 52.89 12.69
N LYS H 101 76.88 53.15 11.63
CA LYS H 101 77.35 53.70 10.35
C LYS H 101 78.02 52.59 9.55
N GLY H 102 78.68 52.93 8.45
CA GLY H 102 79.27 51.94 7.57
C GLY H 102 80.25 50.99 8.23
N TYR H 103 80.28 49.76 7.75
CA TYR H 103 81.18 48.70 8.20
C TYR H 103 82.03 48.26 7.01
N PRO H 104 83.11 47.51 7.22
CA PRO H 104 83.90 47.04 6.07
C PRO H 104 83.07 46.16 5.15
N ILE H 105 83.35 46.26 3.84
CA ILE H 105 82.53 45.59 2.83
C ILE H 105 83.44 44.82 1.88
N ASP H 106 83.11 43.54 1.67
CA ASP H 106 83.65 42.75 0.57
C ASP H 106 82.61 42.71 -0.54
N LEU H 107 82.97 43.21 -1.72
CA LEU H 107 82.06 43.23 -2.86
C LEU H 107 82.54 42.22 -3.91
N TYR H 108 81.65 41.32 -4.30
CA TYR H 108 81.91 40.30 -5.30
C TYR H 108 80.88 40.44 -6.42
N TYR H 109 81.35 40.60 -7.64
CA TYR H 109 80.54 40.97 -8.78
C TYR H 109 80.32 39.76 -9.68
N LEU H 110 79.06 39.45 -9.99
CA LEU H 110 78.71 38.33 -10.86
C LEU H 110 78.26 38.86 -12.21
N MET H 111 79.03 38.57 -13.25
CA MET H 111 78.78 39.10 -14.58
C MET H 111 78.20 38.02 -15.48
N ASP H 112 77.02 38.27 -16.03
CA ASP H 112 76.47 37.43 -17.10
C ASP H 112 77.34 37.57 -18.33
N LEU H 113 78.10 36.53 -18.65
CA LEU H 113 78.96 36.54 -19.83
C LEU H 113 78.22 35.87 -20.98
N SER H 114 77.38 36.67 -21.64
CA SER H 114 76.71 36.28 -22.86
C SER H 114 76.97 37.36 -23.91
N TYR H 115 76.71 37.01 -25.17
CA TYR H 115 76.99 37.95 -26.25
C TYR H 115 76.14 39.22 -26.15
N SER H 116 74.97 39.13 -25.51
CA SER H 116 74.13 40.32 -25.31
C SER H 116 74.69 41.24 -24.22
N MET H 117 75.71 40.81 -23.49
CA MET H 117 76.39 41.63 -22.50
C MET H 117 77.72 42.17 -23.01
N LEU H 118 77.99 42.02 -24.31
CA LEU H 118 79.24 42.49 -24.88
C LEU H 118 79.40 43.99 -24.70
N ASP H 119 78.34 44.76 -24.92
CA ASP H 119 78.40 46.21 -24.72
C ASP H 119 78.47 46.59 -23.23
N ASP H 120 78.05 45.70 -22.33
CA ASP H 120 78.25 45.93 -20.90
C ASP H 120 79.69 45.61 -20.50
N LEU H 121 80.26 44.56 -21.10
CA LEU H 121 81.58 44.10 -20.72
C LEU H 121 82.66 45.12 -21.08
N ARG H 122 82.54 45.73 -22.27
CA ARG H 122 83.52 46.73 -22.68
C ARG H 122 83.54 47.91 -21.72
N ASN H 123 82.39 48.27 -21.15
CA ASN H 123 82.35 49.39 -20.20
C ASN H 123 82.87 48.98 -18.83
N VAL H 124 82.56 47.76 -18.39
CA VAL H 124 82.82 47.37 -17.01
C VAL H 124 84.29 47.03 -16.81
N LYS H 125 84.94 46.43 -17.81
CA LYS H 125 86.29 45.89 -17.65
C LYS H 125 87.32 46.96 -17.25
N LYS H 126 87.01 48.24 -17.44
CA LYS H 126 87.97 49.31 -17.22
C LYS H 126 87.61 50.21 -16.04
N LEU H 127 86.77 49.74 -15.12
CA LEU H 127 86.22 50.60 -14.08
C LEU H 127 86.71 50.27 -12.68
N GLY H 128 87.84 49.55 -12.57
CA GLY H 128 88.30 49.13 -11.25
C GLY H 128 88.78 50.29 -10.39
N GLY H 129 89.53 51.22 -10.99
CA GLY H 129 90.03 52.35 -10.22
C GLY H 129 88.91 53.26 -9.74
N ASP H 130 87.85 53.39 -10.52
CA ASP H 130 86.71 54.19 -10.10
C ASP H 130 85.75 53.40 -9.21
N LEU H 131 85.72 52.07 -9.37
CA LEU H 131 84.91 51.24 -8.48
C LEU H 131 85.46 51.29 -7.06
N LEU H 132 86.76 51.08 -6.91
CA LEU H 132 87.38 51.17 -5.59
C LEU H 132 87.23 52.58 -5.01
N ARG H 133 87.38 53.60 -5.87
CA ARG H 133 87.19 54.98 -5.43
C ARG H 133 85.79 55.18 -4.86
N ALA H 134 84.77 54.61 -5.51
CA ALA H 134 83.40 54.76 -5.02
C ALA H 134 83.19 53.98 -3.73
N LEU H 135 83.83 52.81 -3.61
CA LEU H 135 83.68 51.98 -2.41
C LEU H 135 84.03 52.75 -1.14
N ASN H 136 85.11 53.53 -1.20
CA ASN H 136 85.65 54.20 -0.02
C ASN H 136 85.04 55.57 0.21
N GLU H 137 83.93 55.89 -0.48
CA GLU H 137 83.18 57.08 -0.11
C GLU H 137 82.62 56.94 1.31
N ILE H 138 82.13 55.76 1.66
CA ILE H 138 81.46 55.56 2.95
C ILE H 138 82.20 54.49 3.72
N THR H 139 82.73 53.49 3.03
CA THR H 139 83.34 52.33 3.67
C THR H 139 84.86 52.42 3.60
N GLU H 140 85.51 52.45 4.75
CA GLU H 140 86.97 52.39 4.77
C GLU H 140 87.44 51.00 4.37
N SER H 141 88.34 50.95 3.40
CA SER H 141 89.05 49.73 3.01
C SER H 141 88.09 48.65 2.47
N GLY H 142 87.32 49.02 1.46
CA GLY H 142 86.49 48.04 0.78
C GLY H 142 87.29 47.15 -0.13
N ARG H 143 86.77 45.95 -0.37
CA ARG H 143 87.46 44.95 -1.18
C ARG H 143 86.64 44.59 -2.41
N ILE H 144 87.34 44.07 -3.42
CA ILE H 144 86.74 43.74 -4.71
C ILE H 144 87.16 42.33 -5.11
N GLY H 145 86.17 41.49 -5.40
CA GLY H 145 86.40 40.20 -6.03
C GLY H 145 85.48 40.03 -7.24
N PHE H 146 85.64 38.89 -7.90
CA PHE H 146 84.92 38.73 -9.16
C PHE H 146 84.77 37.27 -9.56
N GLY H 147 83.62 36.97 -10.16
CA GLY H 147 83.35 35.70 -10.81
C GLY H 147 82.39 35.91 -11.95
N SER H 148 82.25 34.88 -12.79
CA SER H 148 81.38 34.98 -13.95
C SER H 148 80.66 33.66 -14.20
N PHE H 149 79.60 33.75 -14.99
CA PHE H 149 78.74 32.60 -15.24
C PHE H 149 78.14 32.71 -16.64
N VAL H 150 77.71 31.57 -17.18
CA VAL H 150 76.96 31.54 -18.42
C VAL H 150 75.67 30.75 -18.21
N ASP H 151 75.78 29.43 -18.21
CA ASP H 151 74.63 28.53 -18.14
C ASP H 151 75.17 27.13 -17.92
N LYS H 152 74.27 26.18 -17.68
CA LYS H 152 74.66 24.78 -17.77
C LYS H 152 75.19 24.49 -19.15
N THR H 153 76.29 23.72 -19.22
CA THR H 153 77.02 23.54 -20.46
C THR H 153 76.62 22.25 -21.17
N VAL H 154 75.36 21.85 -21.03
CA VAL H 154 74.77 20.77 -21.81
C VAL H 154 73.47 21.29 -22.40
N LEU H 155 73.18 20.85 -23.62
CA LEU H 155 71.90 21.15 -24.25
C LEU H 155 70.76 20.70 -23.35
N PRO H 156 69.58 21.34 -23.49
CA PRO H 156 69.21 22.41 -24.41
C PRO H 156 69.50 23.83 -23.89
N PHE H 157 70.48 23.99 -23.01
CA PHE H 157 70.80 25.30 -22.47
C PHE H 157 71.91 25.99 -23.22
N VAL H 158 72.83 25.21 -23.78
CA VAL H 158 73.84 25.68 -24.71
C VAL H 158 73.76 24.77 -25.93
N ASN H 159 74.21 25.27 -27.07
CA ASN H 159 74.42 24.37 -28.19
C ASN H 159 75.79 23.73 -28.04
N THR H 160 75.81 22.40 -28.03
CA THR H 160 77.01 21.65 -27.71
C THR H 160 77.75 21.16 -28.94
N HIS H 161 77.40 21.64 -30.12
CA HIS H 161 78.14 21.22 -31.31
C HIS H 161 79.55 21.79 -31.22
N PRO H 162 80.58 20.97 -31.42
CA PRO H 162 81.95 21.41 -31.18
C PRO H 162 82.34 22.72 -31.87
N ASP H 163 81.76 23.03 -33.03
CA ASP H 163 82.06 24.29 -33.70
C ASP H 163 81.51 25.47 -32.91
N LYS H 164 80.25 25.40 -32.52
CA LYS H 164 79.66 26.41 -31.66
C LYS H 164 80.05 26.24 -30.21
N LEU H 165 80.64 25.10 -29.84
CA LEU H 165 81.23 24.95 -28.51
C LEU H 165 82.52 25.76 -28.41
N ARG H 166 83.37 25.72 -29.43
CA ARG H 166 84.60 26.51 -29.42
C ARG H 166 84.32 27.99 -29.66
N ASN H 167 83.25 28.32 -30.38
CA ASN H 167 82.79 29.70 -30.55
C ASN H 167 81.31 29.78 -30.23
N PRO H 168 80.97 30.03 -28.97
CA PRO H 168 79.55 30.26 -28.62
C PRO H 168 79.06 31.65 -29.00
N CYS H 169 79.93 32.55 -29.42
CA CYS H 169 79.48 33.80 -30.01
C CYS H 169 79.17 33.61 -31.48
N PRO H 170 78.36 34.49 -32.07
CA PRO H 170 78.24 34.49 -33.54
C PRO H 170 79.61 34.70 -34.18
N ASN H 171 79.76 34.18 -35.39
CA ASN H 171 81.05 34.22 -36.07
C ASN H 171 81.42 35.65 -36.44
N LYS H 172 80.57 36.60 -36.04
CA LYS H 172 80.93 38.00 -36.16
C LYS H 172 82.12 38.35 -35.29
N GLU H 173 82.38 37.56 -34.25
CA GLU H 173 83.54 37.72 -33.39
C GLU H 173 84.38 36.45 -33.43
N LYS H 174 85.69 36.62 -33.32
CA LYS H 174 86.60 35.54 -33.02
C LYS H 174 87.20 35.67 -31.61
N GLU H 175 86.82 36.73 -30.90
CA GLU H 175 87.13 36.90 -29.47
C GLU H 175 86.00 36.29 -28.68
N CYS H 176 86.08 34.98 -28.43
CA CYS H 176 85.00 34.30 -27.73
C CYS H 176 85.53 33.02 -27.10
N GLN H 177 85.21 32.84 -25.81
CA GLN H 177 85.56 31.77 -24.89
C GLN H 177 84.50 30.68 -24.89
N PRO H 178 84.91 29.42 -24.94
CA PRO H 178 83.95 28.33 -24.91
C PRO H 178 83.11 28.37 -23.64
N PRO H 179 81.90 27.83 -23.68
CA PRO H 179 80.97 28.00 -22.55
C PRO H 179 81.43 27.30 -21.28
N PHE H 180 80.97 27.85 -20.17
CA PHE H 180 81.26 27.35 -18.82
C PHE H 180 80.06 27.70 -17.95
N ALA H 181 79.95 27.02 -16.81
CA ALA H 181 78.87 27.35 -15.88
C ALA H 181 79.28 28.46 -14.93
N PHE H 182 80.34 28.24 -14.15
CA PHE H 182 80.84 29.22 -13.21
C PHE H 182 82.36 29.25 -13.29
N ARG H 183 82.91 30.41 -13.66
CA ARG H 183 84.35 30.62 -13.69
C ARG H 183 84.75 31.49 -12.53
N HIS H 184 85.79 31.06 -11.81
CA HIS H 184 86.25 31.74 -10.60
C HIS H 184 87.49 32.56 -10.92
N VAL H 185 87.40 33.88 -10.70
CA VAL H 185 88.56 34.76 -10.75
C VAL H 185 89.14 34.85 -9.34
N LEU H 186 90.47 34.78 -9.25
CA LEU H 186 91.23 34.44 -8.04
C LEU H 186 90.55 34.70 -6.68
N LYS H 187 90.29 35.94 -6.29
CA LYS H 187 89.76 36.09 -4.93
C LYS H 187 89.25 37.51 -4.81
N LEU H 188 88.98 37.94 -3.56
CA LEU H 188 88.76 39.33 -3.18
C LEU H 188 90.08 40.00 -2.87
N THR H 189 90.26 41.24 -3.29
CA THR H 189 91.56 41.86 -3.11
C THR H 189 91.46 43.33 -2.70
N ASN H 190 92.65 43.90 -2.64
CA ASN H 190 93.04 45.19 -2.09
C ASN H 190 93.30 46.23 -3.16
N ASN H 191 93.75 45.80 -4.33
CA ASN H 191 94.27 46.66 -5.38
C ASN H 191 93.30 46.67 -6.55
N SER H 192 92.87 47.86 -6.95
CA SER H 192 92.16 48.00 -8.20
C SER H 192 93.07 47.75 -9.40
N ASN H 193 94.39 47.81 -9.20
CA ASN H 193 95.32 47.43 -10.25
C ASN H 193 95.32 45.92 -10.46
N GLN H 194 95.23 45.15 -9.37
CA GLN H 194 95.05 43.70 -9.50
C GLN H 194 93.71 43.37 -10.12
N PHE H 195 92.68 44.15 -9.79
CA PHE H 195 91.37 44.01 -10.44
C PHE H 195 91.52 44.02 -11.96
N GLN H 196 92.09 45.10 -12.50
CA GLN H 196 92.20 45.26 -13.94
C GLN H 196 93.02 44.16 -14.59
N THR H 197 94.07 43.67 -13.89
CA THR H 197 94.92 42.64 -14.46
C THR H 197 94.13 41.38 -14.82
N GLU H 198 93.29 40.92 -13.89
CA GLU H 198 92.57 39.66 -14.07
C GLU H 198 91.15 39.83 -14.61
N VAL H 199 90.55 41.02 -14.49
CA VAL H 199 89.18 41.20 -14.96
C VAL H 199 89.15 41.36 -16.48
N GLY H 200 90.03 42.20 -17.02
CA GLY H 200 90.11 42.33 -18.47
C GLY H 200 90.56 41.06 -19.16
N LYS H 201 91.07 40.10 -18.39
CA LYS H 201 91.81 38.97 -18.93
C LYS H 201 90.92 37.97 -19.68
N GLN H 202 89.68 37.80 -19.26
CA GLN H 202 88.85 36.71 -19.77
C GLN H 202 87.96 37.15 -20.92
N LEU H 203 87.70 36.21 -21.83
CA LEU H 203 86.89 36.47 -23.02
C LEU H 203 85.43 36.15 -22.78
N ILE H 204 84.57 36.82 -23.56
CA ILE H 204 83.13 36.65 -23.47
C ILE H 204 82.73 35.28 -24.00
N SER H 205 81.60 34.76 -23.51
CA SER H 205 81.09 33.46 -23.95
C SER H 205 79.62 33.64 -24.34
N GLY H 206 78.87 32.54 -24.38
CA GLY H 206 77.48 32.61 -24.79
C GLY H 206 76.76 31.29 -24.59
N ASN H 207 75.45 31.33 -24.85
CA ASN H 207 74.58 30.19 -24.58
C ASN H 207 73.48 30.13 -25.65
N LEU H 208 72.51 29.24 -25.43
CA LEU H 208 71.43 28.94 -26.38
C LEU H 208 70.05 29.24 -25.81
N ASP H 209 69.75 28.76 -24.60
CA ASP H 209 68.47 29.01 -23.96
C ASP H 209 68.51 30.34 -23.23
N ALA H 210 67.41 31.11 -23.37
CA ALA H 210 67.40 32.51 -22.96
C ALA H 210 67.72 32.72 -21.49
N PRO H 211 67.09 32.03 -20.52
CA PRO H 211 67.46 32.23 -19.13
C PRO H 211 68.86 31.68 -18.84
N GLU H 212 69.53 32.32 -17.90
CA GLU H 212 70.90 31.98 -17.57
C GLU H 212 70.96 31.04 -16.37
N GLY H 213 72.04 30.28 -16.28
CA GLY H 213 72.20 29.31 -15.22
C GLY H 213 72.93 29.85 -14.01
N GLY H 214 72.74 31.14 -13.70
CA GLY H 214 73.50 31.82 -12.67
C GLY H 214 73.26 31.33 -11.25
N LEU H 215 72.32 30.40 -11.10
CA LEU H 215 72.11 29.79 -9.79
C LEU H 215 73.21 28.82 -9.44
N ASP H 216 73.67 28.04 -10.43
CA ASP H 216 74.87 27.23 -10.24
C ASP H 216 76.02 28.10 -9.75
N ALA H 217 76.18 29.28 -10.32
CA ALA H 217 77.19 30.23 -9.88
C ALA H 217 76.92 30.71 -8.46
N MET H 218 75.70 31.19 -8.22
CA MET H 218 75.37 31.78 -6.92
C MET H 218 75.57 30.79 -5.78
N MET H 219 75.19 29.54 -6.00
CA MET H 219 75.42 28.51 -4.98
C MET H 219 76.91 28.32 -4.73
N GLN H 220 77.71 28.26 -5.79
CA GLN H 220 79.13 28.01 -5.61
C GLN H 220 79.87 29.22 -5.06
N VAL H 221 79.34 30.43 -5.28
CA VAL H 221 79.86 31.59 -4.57
C VAL H 221 79.75 31.37 -3.07
N ALA H 222 78.52 31.16 -2.59
CA ALA H 222 78.25 30.95 -1.17
C ALA H 222 78.99 29.73 -0.63
N ALA H 223 79.31 28.79 -1.50
CA ALA H 223 79.72 27.45 -1.08
C ALA H 223 81.17 27.33 -0.64
N CYS H 224 82.06 28.26 -1.02
CA CYS H 224 83.50 28.00 -0.90
C CYS H 224 84.29 29.22 -0.47
N PRO H 225 84.29 29.58 0.82
CA PRO H 225 85.29 30.56 1.27
C PRO H 225 86.71 30.02 1.24
N GLU H 226 86.87 28.68 1.29
CA GLU H 226 88.21 28.10 1.33
C GLU H 226 88.98 28.36 0.04
N GLU H 227 88.29 28.51 -1.08
CA GLU H 227 88.91 28.81 -2.35
C GLU H 227 88.61 30.21 -2.88
N ILE H 228 87.43 30.76 -2.57
CA ILE H 228 87.12 32.12 -2.96
C ILE H 228 87.71 33.12 -1.98
N GLY H 229 87.39 32.97 -0.70
CA GLY H 229 87.86 33.87 0.33
C GLY H 229 86.82 34.92 0.71
N TRP H 230 86.51 35.00 2.00
CA TRP H 230 85.56 35.97 2.52
C TRP H 230 85.96 36.33 3.94
N ARG H 231 85.68 37.56 4.34
CA ARG H 231 86.09 38.07 5.64
C ARG H 231 84.87 38.21 6.55
N ASN H 232 85.15 38.36 7.86
CA ASN H 232 84.18 38.37 8.94
C ASN H 232 82.90 39.17 8.65
N VAL H 233 83.03 40.28 7.92
CA VAL H 233 82.12 41.41 8.03
C VAL H 233 80.89 41.29 7.13
N THR H 234 80.96 41.87 5.93
CA THR H 234 79.80 41.94 5.05
C THR H 234 80.16 41.39 3.67
N ARG H 235 79.26 40.58 3.12
CA ARG H 235 79.49 39.86 1.86
C ARG H 235 78.39 40.25 0.88
N LEU H 236 78.71 41.15 -0.05
CA LEU H 236 77.75 41.67 -1.00
C LEU H 236 77.99 41.06 -2.38
N LEU H 237 76.91 40.61 -3.01
CA LEU H 237 76.93 40.05 -4.36
C LEU H 237 76.05 40.88 -5.28
N VAL H 238 76.44 40.97 -6.54
CA VAL H 238 75.68 41.72 -7.54
C VAL H 238 75.46 40.84 -8.75
N PHE H 239 74.19 40.58 -9.08
CA PHE H 239 73.81 39.94 -10.34
C PHE H 239 73.69 41.01 -11.42
N ALA H 240 74.42 40.84 -12.52
CA ALA H 240 74.33 41.73 -13.67
C ALA H 240 73.89 40.92 -14.88
N THR H 241 72.75 41.28 -15.47
CA THR H 241 72.29 40.53 -16.65
C THR H 241 71.19 41.28 -17.37
N ASP H 242 70.93 40.84 -18.61
CA ASP H 242 69.79 41.23 -19.42
C ASP H 242 68.63 40.25 -19.34
N ASP H 243 68.85 39.04 -18.84
CA ASP H 243 67.92 37.93 -18.99
C ASP H 243 67.44 37.45 -17.62
N GLY H 244 66.62 36.39 -17.65
CA GLY H 244 66.18 35.72 -16.45
C GLY H 244 67.12 34.58 -16.07
N PHE H 245 66.64 33.71 -15.17
CA PHE H 245 67.44 32.60 -14.69
C PHE H 245 66.61 31.33 -14.59
N HIS H 246 67.30 30.21 -14.80
CA HIS H 246 66.72 28.89 -14.62
C HIS H 246 66.71 28.54 -13.13
N PHE H 247 65.67 27.84 -12.71
CA PHE H 247 65.67 27.25 -11.38
C PHE H 247 65.43 25.75 -11.46
N ALA H 248 65.30 25.11 -10.30
CA ALA H 248 65.35 23.66 -10.20
C ALA H 248 64.18 22.99 -10.90
N GLY H 249 64.40 21.75 -11.34
CA GLY H 249 63.45 21.04 -12.16
C GLY H 249 63.62 21.30 -13.64
N ASP H 250 64.46 22.25 -14.02
CA ASP H 250 64.80 22.45 -15.42
C ASP H 250 65.90 21.49 -15.87
N GLY H 251 66.76 21.06 -14.95
CA GLY H 251 67.78 20.09 -15.30
C GLY H 251 67.21 18.81 -15.90
N LYS H 252 65.94 18.51 -15.58
CA LYS H 252 65.24 17.38 -16.19
C LYS H 252 65.25 17.45 -17.71
N LEU H 253 65.38 18.65 -18.28
CA LEU H 253 65.39 18.78 -19.74
C LEU H 253 66.59 18.08 -20.37
N GLY H 254 67.74 18.09 -19.69
CA GLY H 254 68.90 17.37 -20.18
C GLY H 254 69.05 16.02 -19.48
N ALA H 255 67.96 15.52 -18.93
CA ALA H 255 67.93 14.27 -18.18
C ALA H 255 68.83 14.33 -16.94
N ILE H 256 68.93 15.50 -16.32
CA ILE H 256 69.70 15.68 -15.10
C ILE H 256 68.70 15.80 -13.96
N LEU H 257 68.54 14.72 -13.20
CA LEU H 257 67.53 14.65 -12.15
C LEU H 257 68.11 14.82 -10.76
N THR H 258 69.30 14.28 -10.50
CA THR H 258 69.94 14.40 -9.19
C THR H 258 70.00 15.87 -8.77
N PRO H 259 69.37 16.24 -7.66
CA PRO H 259 69.22 17.66 -7.31
C PRO H 259 70.52 18.25 -6.79
N ASN H 260 70.50 19.57 -6.61
CA ASN H 260 71.71 20.33 -6.30
C ASN H 260 72.27 19.91 -4.94
N ASP H 261 73.57 19.61 -4.93
CA ASP H 261 74.23 19.15 -3.72
C ASP H 261 74.24 20.23 -2.63
N GLY H 262 74.47 21.48 -3.03
CA GLY H 262 74.58 22.56 -2.08
C GLY H 262 75.97 22.81 -1.54
N ARG H 263 76.86 21.83 -1.63
CA ARG H 263 78.25 22.02 -1.27
C ARG H 263 79.06 22.48 -2.49
N CYS H 264 80.37 22.55 -2.30
CA CYS H 264 81.33 23.11 -3.26
C CYS H 264 82.21 22.00 -3.80
N HIS H 265 82.17 21.80 -5.13
CA HIS H 265 83.11 20.93 -5.81
C HIS H 265 83.51 21.60 -7.11
N LEU H 266 84.38 22.59 -6.98
CA LEU H 266 85.02 23.26 -8.11
C LEU H 266 86.38 22.63 -8.34
N GLU H 267 86.70 22.37 -9.60
CA GLU H 267 87.97 21.77 -10.00
C GLU H 267 88.70 22.77 -10.87
N ASP H 268 89.83 23.29 -10.36
CA ASP H 268 90.66 24.26 -11.09
C ASP H 268 89.89 25.54 -11.37
N ASN H 269 89.19 26.05 -10.35
CA ASN H 269 88.43 27.30 -10.43
C ASN H 269 87.30 27.21 -11.44
N LEU H 270 86.75 26.02 -11.64
CA LEU H 270 85.70 25.80 -12.62
C LEU H 270 84.66 24.85 -12.06
N TYR H 271 83.38 25.18 -12.29
CA TYR H 271 82.27 24.38 -11.78
C TYR H 271 82.01 23.22 -12.74
N LYS H 272 82.86 22.18 -12.64
CA LYS H 272 82.72 21.02 -13.51
C LYS H 272 81.54 20.13 -13.13
N ARG H 273 81.04 20.22 -11.90
CA ARG H 273 79.88 19.45 -11.49
C ARG H 273 78.57 19.97 -12.08
N SER H 274 78.62 21.06 -12.85
CA SER H 274 77.39 21.77 -13.24
C SER H 274 76.47 20.91 -14.09
N ASN H 275 77.02 20.01 -14.90
CA ASN H 275 76.19 19.17 -15.75
C ASN H 275 75.79 17.88 -15.08
N GLU H 276 76.28 17.63 -13.87
CA GLU H 276 75.84 16.47 -13.09
C GLU H 276 74.70 16.79 -12.13
N PHE H 277 74.41 18.07 -11.89
CA PHE H 277 73.46 18.45 -10.87
C PHE H 277 72.56 19.57 -11.34
N ASP H 278 71.31 19.53 -10.86
CA ASP H 278 70.27 20.46 -11.24
C ASP H 278 70.56 21.85 -10.67
N TYR H 279 69.76 22.83 -11.12
CA TYR H 279 69.83 24.16 -10.54
C TYR H 279 69.32 24.12 -9.10
N PRO H 280 69.90 24.92 -8.21
CA PRO H 280 69.32 25.07 -6.87
C PRO H 280 67.92 25.65 -6.98
N SER H 281 67.09 25.35 -5.97
CA SER H 281 65.77 25.94 -5.94
C SER H 281 65.86 27.36 -5.39
N VAL H 282 64.78 28.12 -5.58
CA VAL H 282 64.72 29.48 -5.05
C VAL H 282 65.05 29.49 -3.57
N GLY H 283 64.35 28.66 -2.80
CA GLY H 283 64.61 28.61 -1.37
C GLY H 283 65.95 28.00 -1.02
N GLN H 284 66.43 27.06 -1.83
CA GLN H 284 67.71 26.42 -1.55
C GLN H 284 68.83 27.45 -1.48
N LEU H 285 68.81 28.45 -2.36
CA LEU H 285 69.79 29.52 -2.30
C LEU H 285 69.43 30.56 -1.26
N ALA H 286 68.13 30.84 -1.10
CA ALA H 286 67.70 31.76 -0.05
C ALA H 286 68.25 31.36 1.32
N HIS H 287 68.36 30.06 1.56
CA HIS H 287 68.93 29.61 2.83
C HIS H 287 70.45 29.62 2.79
N LYS H 288 71.05 29.09 1.73
CA LYS H 288 72.51 29.04 1.65
C LYS H 288 73.12 30.45 1.66
N LEU H 289 72.39 31.44 1.14
CA LEU H 289 72.86 32.81 1.21
C LEU H 289 72.60 33.42 2.58
N ALA H 290 71.48 33.07 3.22
CA ALA H 290 71.23 33.55 4.57
C ALA H 290 72.20 32.92 5.56
N GLU H 291 72.51 31.63 5.39
CA GLU H 291 73.46 30.96 6.28
C GLU H 291 74.82 31.62 6.21
N ASN H 292 75.31 31.92 5.01
CA ASN H 292 76.59 32.60 4.84
C ASN H 292 76.46 34.12 4.82
N ASN H 293 75.26 34.64 5.09
CA ASN H 293 75.02 36.05 5.32
C ASN H 293 75.46 36.91 4.13
N ILE H 294 74.97 36.55 2.95
CA ILE H 294 75.26 37.27 1.71
C ILE H 294 74.00 38.01 1.27
N GLN H 295 74.14 39.30 0.97
CA GLN H 295 73.00 40.04 0.43
C GLN H 295 73.13 40.14 -1.09
N PRO H 296 72.13 39.72 -1.85
CA PRO H 296 72.17 39.88 -3.30
C PRO H 296 71.63 41.21 -3.78
N ILE H 297 72.34 41.80 -4.74
CA ILE H 297 71.97 43.07 -5.37
C ILE H 297 71.71 42.79 -6.84
N PHE H 298 70.56 43.24 -7.34
CA PHE H 298 70.11 42.89 -8.69
C PHE H 298 70.26 44.09 -9.61
N ALA H 299 71.29 44.03 -10.45
CA ALA H 299 71.56 45.06 -11.46
C ALA H 299 71.11 44.50 -12.81
N VAL H 300 69.85 44.75 -13.16
CA VAL H 300 69.22 44.11 -14.30
C VAL H 300 68.48 45.14 -15.14
N THR H 301 68.14 44.74 -16.36
CA THR H 301 67.48 45.63 -17.31
C THR H 301 66.02 45.87 -16.91
N SER H 302 65.47 46.97 -17.42
CA SER H 302 64.13 47.42 -17.07
C SER H 302 63.06 46.39 -17.45
N ARG H 303 63.36 45.51 -18.40
CA ARG H 303 62.41 44.47 -18.79
C ARG H 303 62.29 43.37 -17.73
N MET H 304 63.32 43.20 -16.88
CA MET H 304 63.35 42.13 -15.90
C MET H 304 63.14 42.60 -14.47
N VAL H 305 63.12 43.91 -14.22
CA VAL H 305 63.15 44.44 -12.86
C VAL H 305 61.97 43.93 -12.04
N LYS H 306 60.80 43.79 -12.66
CA LYS H 306 59.62 43.33 -11.91
C LYS H 306 59.83 41.91 -11.39
N THR H 307 60.48 41.04 -12.17
CA THR H 307 60.78 39.71 -11.68
C THR H 307 61.69 39.77 -10.47
N TYR H 308 62.70 40.64 -10.49
CA TYR H 308 63.65 40.74 -9.40
C TYR H 308 63.10 41.54 -8.22
N GLU H 309 62.14 42.43 -8.43
CA GLU H 309 61.48 43.05 -7.28
C GLU H 309 60.75 42.00 -6.45
N LYS H 310 60.14 41.02 -7.12
CA LYS H 310 59.45 39.92 -6.44
C LYS H 310 60.40 39.00 -5.70
N LEU H 311 61.70 39.30 -5.71
CA LEU H 311 62.67 38.55 -4.92
C LEU H 311 63.07 39.25 -3.63
N THR H 312 62.85 40.57 -3.54
CA THR H 312 62.99 41.27 -2.28
C THR H 312 61.84 40.97 -1.33
N GLU H 313 60.73 40.44 -1.85
CA GLU H 313 59.64 39.93 -1.05
C GLU H 313 59.85 38.47 -0.63
N ILE H 314 60.89 37.81 -1.15
CA ILE H 314 61.23 36.45 -0.77
C ILE H 314 62.54 36.41 0.02
N ILE H 315 63.51 37.20 -0.38
CA ILE H 315 64.77 37.36 0.33
C ILE H 315 64.86 38.80 0.83
N PRO H 316 64.50 39.06 2.08
CA PRO H 316 64.33 40.45 2.53
C PRO H 316 65.59 41.30 2.45
N LYS H 317 66.75 40.76 2.82
CA LYS H 317 67.99 41.53 2.74
C LYS H 317 68.57 41.40 1.33
N SER H 318 67.84 41.99 0.39
CA SER H 318 68.25 42.09 -1.00
C SER H 318 67.63 43.37 -1.57
N ALA H 319 68.12 43.79 -2.72
CA ALA H 319 67.62 45.01 -3.35
C ALA H 319 67.74 44.89 -4.86
N VAL H 320 66.78 45.49 -5.56
CA VAL H 320 66.71 45.43 -7.01
C VAL H 320 66.85 46.83 -7.58
N GLY H 321 67.54 46.93 -8.71
CA GLY H 321 67.73 48.22 -9.36
C GLY H 321 67.64 48.09 -10.87
N GLU H 322 67.11 49.12 -11.50
CA GLU H 322 67.01 49.17 -12.95
C GLU H 322 68.33 49.63 -13.57
N LEU H 323 68.74 48.94 -14.64
CA LEU H 323 70.05 49.12 -15.22
C LEU H 323 69.94 49.23 -16.73
N SER H 324 70.73 50.14 -17.31
CA SER H 324 70.68 50.40 -18.74
C SER H 324 71.44 49.32 -19.51
N GLU H 325 71.17 49.28 -20.81
CA GLU H 325 71.82 48.33 -21.71
C GLU H 325 73.35 48.39 -21.63
N ASP H 326 73.91 49.49 -21.13
CA ASP H 326 75.34 49.70 -21.13
C ASP H 326 76.02 49.25 -19.83
N SER H 327 75.25 48.86 -18.82
CA SER H 327 75.74 48.79 -17.44
C SER H 327 76.29 50.15 -17.00
N SER H 328 75.66 51.22 -17.49
CA SER H 328 76.07 52.59 -17.15
C SER H 328 75.50 53.06 -15.83
N ASN H 329 74.55 52.34 -15.25
CA ASN H 329 73.91 52.72 -14.01
C ASN H 329 74.39 51.93 -12.81
N VAL H 330 75.36 51.03 -12.98
CA VAL H 330 75.79 50.12 -11.92
C VAL H 330 76.09 50.89 -10.64
N VAL H 331 76.78 52.02 -10.76
CA VAL H 331 77.31 52.70 -9.58
C VAL H 331 76.21 53.45 -8.83
N GLN H 332 75.40 54.23 -9.54
CA GLN H 332 74.27 54.87 -8.88
C GLN H 332 73.26 53.83 -8.43
N LEU H 333 73.18 52.70 -9.13
CA LEU H 333 72.29 51.61 -8.73
C LEU H 333 72.69 51.02 -7.38
N ILE H 334 73.95 50.60 -7.26
CA ILE H 334 74.43 50.02 -6.00
C ILE H 334 74.38 51.07 -4.90
N LYS H 335 74.67 52.33 -5.23
CA LYS H 335 74.58 53.41 -4.26
C LYS H 335 73.17 53.51 -3.70
N ASN H 336 72.16 53.46 -4.57
CA ASN H 336 70.78 53.46 -4.11
C ASN H 336 70.43 52.16 -3.40
N ALA H 337 71.01 51.04 -3.84
CA ALA H 337 70.73 49.76 -3.22
C ALA H 337 71.15 49.76 -1.75
N TYR H 338 72.38 50.20 -1.47
CA TYR H 338 72.85 50.24 -0.10
C TYR H 338 72.01 51.17 0.77
N ASN H 339 71.65 52.34 0.23
CA ASN H 339 70.88 53.30 1.01
C ASN H 339 69.50 52.76 1.36
N LYS H 340 68.95 51.88 0.53
CA LYS H 340 67.68 51.24 0.82
C LYS H 340 67.83 49.82 1.35
N LEU H 341 69.04 49.26 1.32
CA LEU H 341 69.28 47.95 1.95
C LEU H 341 69.52 48.11 3.44
N SER H 342 70.50 48.95 3.82
CA SER H 342 70.70 49.29 5.23
C SER H 342 69.49 49.99 5.83
N SER H 343 68.57 50.49 4.99
CA SER H 343 67.31 51.05 5.48
C SER H 343 66.43 49.98 6.12
N ARG H 344 66.47 48.75 5.63
CA ARG H 344 65.56 47.70 6.09
C ARG H 344 66.10 47.04 7.35
N VAL H 345 65.31 47.08 8.42
CA VAL H 345 65.60 46.35 9.65
C VAL H 345 64.63 45.18 9.74
N PHE H 346 65.17 43.96 9.80
CA PHE H 346 64.36 42.77 10.01
C PHE H 346 64.84 42.04 11.25
N LEU H 347 63.89 41.58 12.05
CA LEU H 347 64.17 40.73 13.21
C LEU H 347 63.39 39.43 13.04
N ASP H 348 64.12 38.32 12.93
CA ASP H 348 63.56 37.00 12.77
C ASP H 348 64.17 36.06 13.82
N HIS H 349 63.75 34.81 13.79
CA HIS H 349 64.11 33.87 14.85
C HIS H 349 64.21 32.48 14.25
N ASN H 350 64.96 31.62 14.93
CA ASN H 350 65.03 30.23 14.53
C ASN H 350 63.65 29.58 14.61
N ALA H 351 63.49 28.50 13.83
CA ALA H 351 62.25 27.75 13.82
C ALA H 351 61.86 27.35 15.24
N LEU H 352 60.72 27.76 15.64
CA LEU H 352 60.29 27.46 17.00
C LEU H 352 59.60 26.10 17.04
N PRO H 353 59.69 25.42 18.18
CA PRO H 353 58.77 24.32 18.43
C PRO H 353 57.33 24.81 18.33
N ASP H 354 56.45 23.95 17.80
CA ASP H 354 55.04 24.31 17.70
C ASP H 354 54.50 24.85 19.01
N THR H 355 55.12 24.45 20.13
CA THR H 355 54.59 24.74 21.46
C THR H 355 54.58 26.23 21.79
N LEU H 356 55.33 27.06 21.07
CA LEU H 356 55.43 28.47 21.43
C LEU H 356 55.42 29.33 20.18
N LYS H 357 55.02 30.59 20.37
CA LYS H 357 54.89 31.56 19.29
C LYS H 357 55.55 32.86 19.71
N VAL H 358 56.11 33.57 18.74
CA VAL H 358 56.84 34.81 18.97
C VAL H 358 56.33 35.87 17.99
N THR H 359 55.68 36.90 18.52
CA THR H 359 55.23 38.04 17.74
C THR H 359 56.05 39.27 18.11
N TYR H 360 55.98 40.29 17.26
CA TYR H 360 56.81 41.47 17.41
C TYR H 360 55.99 42.73 17.28
N ASP H 361 56.19 43.66 18.20
CA ASP H 361 55.72 45.03 18.06
C ASP H 361 56.86 45.87 17.51
N SER H 362 56.58 46.67 16.49
CA SER H 362 57.63 47.33 15.71
C SER H 362 57.43 48.84 15.79
N PHE H 363 58.15 49.50 16.69
CA PHE H 363 58.14 50.95 16.77
C PHE H 363 59.37 51.50 16.07
N CYS H 364 59.13 52.29 15.03
CA CYS H 364 60.12 52.60 14.02
C CYS H 364 60.34 54.10 13.95
N SER H 365 61.60 54.50 13.76
CA SER H 365 62.01 55.87 14.01
C SER H 365 61.23 56.90 13.21
N ASN H 366 60.51 56.48 12.17
CA ASN H 366 59.79 57.42 11.31
C ASN H 366 58.33 57.55 11.70
N GLY H 367 57.98 57.25 12.94
CA GLY H 367 56.60 57.34 13.40
C GLY H 367 55.70 56.29 12.81
N VAL H 368 56.17 55.05 12.74
CA VAL H 368 55.45 53.98 12.05
C VAL H 368 54.76 53.09 13.08
N THR H 369 53.44 53.05 13.03
CA THR H 369 52.67 52.11 13.84
C THR H 369 52.59 50.78 13.10
N HIS H 370 52.94 49.70 13.80
CA HIS H 370 53.19 48.40 13.19
C HIS H 370 53.36 47.41 14.33
N ARG H 371 52.34 46.61 14.63
CA ARG H 371 52.27 45.93 15.92
C ARG H 371 51.72 44.52 15.78
N ASN H 372 52.17 43.66 16.71
CA ASN H 372 51.73 42.26 16.80
C ASN H 372 52.03 41.50 15.51
N GLN H 373 53.21 41.73 14.96
CA GLN H 373 53.62 41.12 13.70
C GLN H 373 54.67 40.02 13.93
N PRO H 374 54.76 39.04 13.04
CA PRO H 374 55.67 37.91 13.27
C PRO H 374 57.14 38.19 12.96
N ARG H 375 57.49 39.45 12.69
CA ARG H 375 58.89 39.83 12.47
C ARG H 375 59.05 41.30 12.81
N GLY H 376 60.30 41.70 13.04
CA GLY H 376 60.62 43.07 13.37
C GLY H 376 60.97 43.90 12.15
N ASP H 377 59.96 44.19 11.32
CA ASP H 377 60.15 44.69 9.95
C ASP H 377 59.85 46.19 9.91
N CYS H 378 60.87 46.99 9.61
CA CYS H 378 60.63 48.39 9.27
C CYS H 378 61.83 49.00 8.56
N ASP H 379 61.55 49.87 7.59
CA ASP H 379 62.57 50.54 6.79
C ASP H 379 62.82 51.96 7.30
N GLY H 380 63.62 52.71 6.54
CA GLY H 380 63.87 54.09 6.87
C GLY H 380 64.66 54.34 8.12
N VAL H 381 65.22 53.30 8.74
CA VAL H 381 66.07 53.41 9.91
C VAL H 381 67.51 53.21 9.45
N GLN H 382 68.34 54.23 9.63
CA GLN H 382 69.66 54.14 9.04
C GLN H 382 70.76 54.15 10.09
N ILE H 383 71.22 55.31 10.55
CA ILE H 383 72.42 55.38 11.37
C ILE H 383 72.09 56.03 12.71
N ASN H 384 72.30 55.28 13.79
CA ASN H 384 72.23 55.78 15.17
C ASN H 384 70.91 56.49 15.46
N VAL H 385 69.83 55.95 14.89
CA VAL H 385 68.48 56.30 15.31
C VAL H 385 67.85 55.02 15.85
N PRO H 386 68.04 54.71 17.14
CA PRO H 386 67.66 53.39 17.66
C PRO H 386 66.17 53.15 17.51
N ILE H 387 65.80 51.88 17.36
CA ILE H 387 64.39 51.51 17.20
C ILE H 387 64.06 50.35 18.14
N THR H 388 62.76 50.09 18.23
CA THR H 388 62.17 49.34 19.34
C THR H 388 61.46 48.10 18.80
N PHE H 389 61.80 46.94 19.32
CA PHE H 389 61.11 45.70 18.98
C PHE H 389 60.75 44.97 20.24
N GLN H 390 59.45 44.86 20.52
CA GLN H 390 58.97 44.14 21.69
C GLN H 390 58.65 42.71 21.29
N VAL H 391 59.33 41.75 21.91
CA VAL H 391 59.14 40.34 21.62
C VAL H 391 58.08 39.80 22.56
N LYS H 392 56.97 39.33 22.00
CA LYS H 392 55.90 38.71 22.78
C LYS H 392 55.97 37.20 22.61
N VAL H 393 56.15 36.49 23.72
CA VAL H 393 56.31 35.04 23.70
C VAL H 393 55.14 34.39 24.41
N THR H 394 54.46 33.49 23.72
CA THR H 394 53.30 32.77 24.26
C THR H 394 53.45 31.30 23.93
N ALA H 395 53.40 30.45 24.94
CA ALA H 395 53.49 29.01 24.76
C ALA H 395 52.21 28.34 25.25
N THR H 396 51.84 27.26 24.59
CA THR H 396 50.57 26.59 24.86
C THR H 396 50.70 25.42 25.84
N GLU H 397 51.92 25.00 26.16
CA GLU H 397 52.14 23.89 27.09
C GLU H 397 53.06 24.33 28.21
N CYS H 398 53.13 23.51 29.28
CA CYS H 398 54.28 23.56 30.17
C CYS H 398 55.47 23.03 29.39
N ILE H 399 56.50 23.84 29.22
CA ILE H 399 57.51 23.62 28.20
C ILE H 399 58.72 22.94 28.80
N GLN H 400 59.37 22.10 28.00
CA GLN H 400 60.69 21.61 28.33
C GLN H 400 61.66 22.78 28.40
N GLU H 401 62.57 22.72 29.37
CA GLU H 401 63.57 23.78 29.54
C GLU H 401 64.50 23.79 28.33
N GLN H 402 64.27 24.70 27.39
CA GLN H 402 64.97 24.69 26.11
C GLN H 402 65.24 26.11 25.65
N SER H 403 66.18 26.25 24.71
CA SER H 403 66.63 27.54 24.23
C SER H 403 66.56 27.62 22.71
N PHE H 404 66.43 28.85 22.23
CA PHE H 404 66.46 29.18 20.80
C PHE H 404 67.08 30.57 20.68
N VAL H 405 67.32 31.01 19.45
CA VAL H 405 67.95 32.31 19.25
C VAL H 405 67.13 33.18 18.31
N ILE H 406 67.21 34.49 18.54
CA ILE H 406 66.62 35.52 17.69
C ILE H 406 67.76 36.31 17.07
N ARG H 407 67.66 36.58 15.77
CA ARG H 407 68.78 37.16 15.04
C ARG H 407 68.33 38.29 14.14
N ALA H 408 69.23 39.25 13.93
CA ALA H 408 69.01 40.33 12.98
C ALA H 408 69.32 39.80 11.58
N LEU H 409 68.34 39.89 10.68
CA LEU H 409 68.50 39.33 9.35
C LEU H 409 69.53 40.15 8.56
N GLY H 410 70.46 39.45 7.94
CA GLY H 410 71.58 40.09 7.28
C GLY H 410 72.79 40.31 8.16
N PHE H 411 72.78 39.80 9.39
CA PHE H 411 73.83 40.08 10.34
C PHE H 411 74.17 38.82 11.14
N THR H 412 75.32 38.87 11.79
CA THR H 412 75.80 37.79 12.65
C THR H 412 75.56 38.08 14.13
N ASP H 413 74.79 39.12 14.45
CA ASP H 413 74.49 39.46 15.84
C ASP H 413 73.40 38.54 16.37
N ILE H 414 73.57 38.06 17.60
CA ILE H 414 72.73 37.00 18.16
C ILE H 414 72.28 37.39 19.55
N VAL H 415 70.98 37.21 19.80
CA VAL H 415 70.42 37.22 21.16
C VAL H 415 69.91 35.83 21.46
N THR H 416 70.48 35.20 22.48
CA THR H 416 70.04 33.86 22.89
C THR H 416 68.92 33.98 23.92
N VAL H 417 67.81 33.29 23.67
CA VAL H 417 66.63 33.35 24.54
C VAL H 417 66.41 31.97 25.14
N GLN H 418 66.32 31.92 26.47
CA GLN H 418 66.10 30.70 27.22
C GLN H 418 64.69 30.73 27.79
N VAL H 419 63.90 29.71 27.49
CA VAL H 419 62.54 29.60 28.02
C VAL H 419 62.54 28.54 29.11
N LEU H 420 62.08 28.93 30.30
CA LEU H 420 61.87 28.08 31.44
C LEU H 420 60.41 28.19 31.90
N PRO H 421 59.80 27.11 32.35
CA PRO H 421 58.36 27.14 32.61
C PRO H 421 58.02 27.69 33.99
N GLN H 422 56.84 28.32 34.06
CA GLN H 422 56.20 28.72 35.30
C GLN H 422 54.90 27.91 35.42
N CYS H 423 54.98 26.77 36.10
CA CYS H 423 53.80 25.94 36.33
C CYS H 423 53.72 25.65 37.82
N GLU H 424 54.84 25.22 38.39
CA GLU H 424 54.92 24.90 39.82
C GLU H 424 54.96 26.17 40.65
N CYS H 425 54.53 26.07 41.91
CA CYS H 425 54.40 27.23 42.78
C CYS H 425 55.13 26.99 44.10
N ARG H 426 55.63 28.07 44.69
CA ARG H 426 56.58 27.98 45.81
C ARG H 426 55.86 27.98 47.16
N CYS H 427 56.20 27.00 47.99
CA CYS H 427 55.63 26.79 49.32
C CYS H 427 56.59 25.88 50.09
N ARG H 428 56.20 25.53 51.32
CA ARG H 428 56.97 24.58 52.12
C ARG H 428 56.83 23.16 51.57
N ASP H 429 57.86 22.35 51.78
CA ASP H 429 57.85 20.98 51.28
C ASP H 429 57.37 20.02 52.36
N GLN H 430 57.58 18.72 52.13
CA GLN H 430 57.05 17.65 52.97
C GLN H 430 57.61 17.63 54.38
N SER H 431 58.54 18.52 54.75
CA SER H 431 59.02 18.60 56.12
C SER H 431 58.12 19.41 57.03
N ARG H 432 57.22 20.21 56.46
CA ARG H 432 56.30 21.04 57.24
C ARG H 432 54.93 20.37 57.27
N ASP H 433 54.39 20.20 58.48
CA ASP H 433 53.02 19.75 58.70
C ASP H 433 52.82 18.30 58.26
N ARG H 434 53.54 17.37 58.89
CA ARG H 434 53.30 15.95 58.64
C ARG H 434 52.18 15.39 59.51
N SER H 435 51.61 16.19 60.43
CA SER H 435 50.58 15.74 61.34
C SER H 435 49.26 15.53 60.62
N LEU H 436 48.62 16.63 60.22
CA LEU H 436 47.52 16.52 59.28
C LEU H 436 48.02 15.86 58.01
N CYS H 437 47.13 15.07 57.38
CA CYS H 437 47.38 14.03 56.36
C CYS H 437 47.68 12.69 57.03
N HIS H 438 48.07 12.72 58.31
CA HIS H 438 48.24 11.51 59.14
C HIS H 438 49.43 10.67 58.67
N GLY H 439 50.55 11.33 58.37
CA GLY H 439 51.75 10.61 58.04
C GLY H 439 51.71 9.86 56.74
N LYS H 440 50.67 10.03 55.94
CA LYS H 440 50.65 9.44 54.61
C LYS H 440 51.23 10.44 53.61
N GLY H 441 50.39 11.29 53.04
CA GLY H 441 50.84 12.15 51.97
C GLY H 441 51.36 13.51 52.45
N PHE H 442 51.91 14.25 51.50
CA PHE H 442 52.56 15.53 51.73
C PHE H 442 51.55 16.66 51.56
N LEU H 443 52.01 17.90 51.75
CA LEU H 443 51.13 19.07 51.70
C LEU H 443 51.71 20.15 50.81
N GLU H 444 50.87 20.70 49.92
CA GLU H 444 51.26 21.74 48.97
C GLU H 444 50.33 22.93 49.08
N CYS H 445 50.89 24.08 49.45
CA CYS H 445 50.19 25.37 49.46
C CYS H 445 48.75 25.24 49.98
N GLY H 446 48.61 24.59 51.14
CA GLY H 446 47.33 24.55 51.83
C GLY H 446 46.58 23.24 51.81
N ILE H 447 46.92 22.27 50.96
CA ILE H 447 46.11 21.07 50.80
C ILE H 447 46.99 19.83 50.94
N CYS H 448 46.50 18.86 51.72
CA CYS H 448 47.09 17.54 51.84
C CYS H 448 47.00 16.78 50.53
N ARG H 449 48.13 16.47 49.90
CA ARG H 449 48.15 15.54 48.77
C ARG H 449 48.40 14.14 49.32
N CYS H 450 47.50 13.21 49.03
CA CYS H 450 47.49 11.92 49.70
C CYS H 450 48.24 10.85 48.91
N ASP H 451 48.99 10.03 49.63
CA ASP H 451 49.66 8.90 49.03
C ASP H 451 48.65 7.96 48.37
N THR H 452 49.05 7.43 47.21
CA THR H 452 48.38 6.37 46.45
C THR H 452 46.97 6.05 46.93
N GLY H 453 46.84 5.11 47.86
CA GLY H 453 45.55 4.59 48.26
C GLY H 453 44.84 5.28 49.41
N TYR H 454 45.17 6.54 49.67
CA TYR H 454 44.55 7.36 50.70
C TYR H 454 44.08 8.64 50.03
N ILE H 455 43.07 9.30 50.62
CA ILE H 455 42.33 10.32 49.88
C ILE H 455 41.49 11.10 50.88
N GLY H 456 41.29 12.38 50.58
CA GLY H 456 40.48 13.28 51.37
C GLY H 456 41.23 14.57 51.66
N LYS H 457 40.46 15.57 52.13
CA LYS H 457 41.04 16.87 52.46
C LYS H 457 42.24 16.76 53.40
N ASN H 458 42.23 15.80 54.32
CA ASN H 458 43.35 15.56 55.22
C ASN H 458 43.74 14.09 55.21
N CYS H 459 43.73 13.48 54.02
CA CYS H 459 43.98 12.05 53.84
C CYS H 459 43.18 11.24 54.86
N GLU H 460 41.87 11.53 54.91
CA GLU H 460 41.03 11.01 55.97
C GLU H 460 40.56 9.59 55.68
N CYS H 461 40.44 9.21 54.41
CA CYS H 461 39.88 7.92 54.03
C CYS H 461 40.86 7.18 53.13
N GLN H 462 40.50 5.93 52.80
CA GLN H 462 41.26 5.09 51.89
C GLN H 462 40.38 4.64 50.74
N THR H 463 41.00 4.00 49.75
CA THR H 463 40.35 3.72 48.48
C THR H 463 39.42 2.50 48.50
N GLN H 464 39.37 1.76 49.61
CA GLN H 464 38.48 0.60 49.70
C GLN H 464 37.47 0.82 50.82
N GLY H 465 36.33 1.46 50.49
CA GLY H 465 35.17 1.52 51.36
C GLY H 465 35.01 2.83 52.15
N ARG H 466 33.84 2.95 52.78
CA ARG H 466 33.55 3.86 53.89
C ARG H 466 33.16 5.26 53.43
N SER H 467 32.34 5.37 52.40
CA SER H 467 31.63 6.64 52.23
C SER H 467 30.52 6.72 53.27
N SER H 468 30.21 7.93 53.71
CA SER H 468 29.25 8.12 54.81
C SER H 468 28.00 8.85 54.32
N GLN H 469 26.97 8.82 55.16
CA GLN H 469 25.64 9.24 54.75
C GLN H 469 25.58 10.75 54.49
N GLU H 470 25.92 11.56 55.49
CA GLU H 470 25.83 13.00 55.29
C GLU H 470 26.96 13.54 54.41
N LEU H 471 27.98 12.72 54.13
CA LEU H 471 29.03 13.15 53.21
C LEU H 471 28.55 13.27 51.79
N GLU H 472 27.45 12.60 51.43
CA GLU H 472 26.90 12.70 50.08
C GLU H 472 26.22 14.04 49.83
N GLY H 473 26.09 14.89 50.85
CA GLY H 473 25.52 16.22 50.65
C GLY H 473 26.36 17.14 49.81
N SER H 474 27.63 16.80 49.57
CA SER H 474 28.48 17.54 48.64
C SER H 474 29.06 16.63 47.57
N CYS H 475 28.52 15.42 47.42
CA CYS H 475 28.82 14.55 46.29
C CYS H 475 27.73 14.61 45.24
N ARG H 476 26.75 15.49 45.41
CA ARG H 476 25.70 15.75 44.44
C ARG H 476 25.60 17.26 44.26
N LYS H 477 25.36 17.70 43.03
CA LYS H 477 25.24 19.14 42.77
C LYS H 477 24.04 19.73 43.47
N ASP H 478 22.90 19.05 43.41
CA ASP H 478 21.67 19.57 44.01
C ASP H 478 20.75 18.40 44.34
N ASN H 479 19.55 18.74 44.80
CA ASN H 479 18.60 17.73 45.25
C ASN H 479 18.04 16.91 44.10
N ASN H 480 18.04 17.45 42.88
CA ASN H 480 17.52 16.72 41.73
C ASN H 480 18.57 15.93 40.98
N SER H 481 19.85 16.07 41.34
CA SER H 481 20.95 15.45 40.60
C SER H 481 21.16 14.00 41.01
N ILE H 482 22.36 13.49 40.72
CA ILE H 482 22.79 12.13 41.04
C ILE H 482 24.16 12.21 41.69
N ILE H 483 24.45 11.26 42.58
CA ILE H 483 25.75 11.20 43.26
C ILE H 483 26.85 11.09 42.23
N CYS H 484 27.76 12.07 42.23
CA CYS H 484 28.90 12.11 41.32
C CYS H 484 28.48 12.05 39.88
N SER H 485 27.18 12.05 39.61
CA SER H 485 26.66 12.23 38.27
C SER H 485 26.78 10.92 37.48
N GLY H 486 26.78 9.80 38.20
CA GLY H 486 27.31 8.60 37.60
C GLY H 486 28.82 8.76 37.66
N LEU H 487 29.52 8.25 36.65
CA LEU H 487 30.86 8.71 36.29
C LEU H 487 31.82 8.96 37.45
N GLY H 488 31.52 8.45 38.65
CA GLY H 488 32.36 8.74 39.78
C GLY H 488 31.89 8.07 41.05
N ASP H 489 32.80 7.42 41.75
CA ASP H 489 32.53 7.00 43.11
C ASP H 489 32.70 8.18 44.04
N CYS H 490 31.75 8.34 44.95
CA CYS H 490 31.88 9.30 46.03
C CYS H 490 32.64 8.65 47.17
N VAL H 491 33.71 9.32 47.61
CA VAL H 491 34.54 8.83 48.70
C VAL H 491 34.84 10.01 49.62
N CYS H 492 34.59 9.86 50.91
CA CYS H 492 35.08 10.78 51.92
C CYS H 492 34.59 12.20 51.70
N GLY H 493 33.37 12.36 51.17
CA GLY H 493 32.80 13.66 50.88
C GLY H 493 33.17 14.26 49.54
N GLN H 494 33.81 13.49 48.66
CA GLN H 494 34.25 13.99 47.37
C GLN H 494 33.88 12.99 46.28
N CYS H 495 33.80 13.49 45.05
CA CYS H 495 33.64 12.62 43.89
C CYS H 495 35.00 12.27 43.31
N LEU H 496 35.17 11.00 42.97
CA LEU H 496 36.40 10.50 42.36
C LEU H 496 36.00 9.97 40.98
N CYS H 497 36.21 10.79 39.96
CA CYS H 497 35.65 10.51 38.65
C CYS H 497 36.34 9.30 38.01
N HIS H 498 35.66 8.71 37.04
CA HIS H 498 35.99 7.38 36.54
C HIS H 498 37.04 7.43 35.44
N THR H 499 37.59 6.25 35.14
CA THR H 499 38.61 6.08 34.11
C THR H 499 37.96 5.60 32.82
N SER H 500 38.22 6.30 31.72
CA SER H 500 37.85 5.81 30.41
C SER H 500 39.10 5.39 29.65
N ASP H 501 38.92 4.44 28.73
CA ASP H 501 40.03 3.90 27.95
C ASP H 501 39.95 4.35 26.49
N VAL H 502 39.53 5.58 26.27
CA VAL H 502 39.37 6.11 24.91
C VAL H 502 40.27 7.34 24.78
N PRO H 503 40.60 7.74 23.55
CA PRO H 503 41.50 8.87 23.37
C PRO H 503 40.95 10.15 24.00
N GLY H 504 41.79 10.79 24.81
CA GLY H 504 41.54 12.13 25.30
C GLY H 504 40.30 12.32 26.14
N LYS H 505 39.66 11.25 26.59
CA LYS H 505 38.49 11.37 27.46
C LYS H 505 38.95 11.36 28.90
N LEU H 506 38.61 12.43 29.61
CA LEU H 506 38.79 12.53 31.05
C LEU H 506 37.49 13.09 31.60
N ILE H 507 36.99 12.48 32.65
CA ILE H 507 35.82 12.99 33.36
C ILE H 507 36.31 13.79 34.56
N TYR H 508 35.73 14.97 34.78
CA TYR H 508 36.25 15.86 35.81
C TYR H 508 35.16 16.83 36.27
N GLY H 509 35.40 17.41 37.44
CA GLY H 509 34.46 18.30 38.08
C GLY H 509 34.12 17.84 39.47
N GLN H 510 33.65 18.78 40.31
CA GLN H 510 33.18 18.44 41.64
C GLN H 510 32.29 17.22 41.63
N TYR H 511 31.35 17.20 40.69
CA TYR H 511 30.37 16.14 40.57
C TYR H 511 30.56 15.39 39.26
N CYS H 512 31.80 15.37 38.75
CA CYS H 512 32.13 14.72 37.47
C CYS H 512 31.20 15.18 36.35
N GLU H 513 30.71 16.40 36.45
CA GLU H 513 29.73 16.90 35.50
C GLU H 513 30.31 17.22 34.13
N CYS H 514 31.64 17.24 34.00
CA CYS H 514 32.28 17.63 32.75
C CYS H 514 33.12 16.48 32.21
N ASP H 515 33.50 16.61 30.95
CA ASP H 515 34.44 15.69 30.30
C ASP H 515 35.24 16.48 29.28
N THR H 516 35.97 15.78 28.42
CA THR H 516 36.84 16.39 27.44
C THR H 516 36.48 15.98 25.99
N ILE H 517 35.23 15.60 25.73
CA ILE H 517 34.89 15.10 24.40
C ILE H 517 33.50 15.53 23.95
N ASN H 518 32.56 15.71 24.88
CA ASN H 518 31.22 15.99 24.40
C ASN H 518 31.04 17.47 24.08
N CYS H 519 31.94 18.00 23.25
CA CYS H 519 31.88 19.36 22.72
C CYS H 519 31.35 19.31 21.29
N GLU H 520 31.25 20.49 20.67
CA GLU H 520 30.78 20.60 19.29
C GLU H 520 31.89 20.19 18.33
N ARG H 521 31.50 19.57 17.21
CA ARG H 521 32.45 19.02 16.27
C ARG H 521 32.54 19.89 15.01
N TYR H 522 33.76 19.97 14.47
CA TYR H 522 34.05 20.61 13.20
C TYR H 522 34.79 19.61 12.33
N ASN H 523 34.48 19.60 11.03
CA ASN H 523 34.86 18.51 10.14
C ASN H 523 34.39 17.19 10.74
N GLY H 524 35.32 16.30 11.04
CA GLY H 524 34.97 15.08 11.75
C GLY H 524 35.63 15.00 13.10
N GLN H 525 35.87 16.16 13.71
CA GLN H 525 36.74 16.25 14.87
C GLN H 525 36.08 17.06 15.98
N VAL H 526 36.19 16.54 17.20
CA VAL H 526 35.76 17.26 18.39
C VAL H 526 36.60 18.53 18.53
N CYS H 527 35.95 19.68 18.47
CA CYS H 527 36.59 20.99 18.55
C CYS H 527 37.54 21.25 17.39
N GLY H 528 37.37 20.56 16.27
CA GLY H 528 38.23 20.74 15.13
C GLY H 528 39.49 19.89 15.15
N GLY H 529 39.67 19.06 16.17
CA GLY H 529 40.83 18.20 16.25
C GLY H 529 41.95 18.81 17.06
N PRO H 530 43.01 18.04 17.29
CA PRO H 530 44.11 18.54 18.13
C PRO H 530 44.78 19.77 17.56
N GLY H 531 44.72 19.98 16.25
CA GLY H 531 45.32 21.12 15.60
C GLY H 531 44.45 22.35 15.49
N ARG H 532 43.26 22.32 16.07
CA ARG H 532 42.41 23.51 16.01
C ARG H 532 41.88 23.94 17.37
N GLY H 533 41.48 23.00 18.22
CA GLY H 533 40.98 23.38 19.54
C GLY H 533 40.91 22.18 20.46
N LEU H 534 40.49 22.44 21.70
CA LEU H 534 40.40 21.43 22.74
C LEU H 534 39.05 21.52 23.44
N CYS H 535 38.61 20.40 24.01
CA CYS H 535 37.23 20.25 24.49
C CYS H 535 37.18 20.36 26.01
N PHE H 536 36.31 21.24 26.52
CA PHE H 536 36.20 21.47 27.96
C PHE H 536 34.73 21.64 28.34
N CYS H 537 34.14 20.57 28.89
CA CYS H 537 32.82 20.58 29.50
C CYS H 537 31.71 20.97 28.51
N GLY H 538 31.95 20.70 27.23
CA GLY H 538 31.01 21.01 26.19
C GLY H 538 31.44 22.17 25.33
N LYS H 539 32.28 23.06 25.87
CA LYS H 539 32.82 24.19 25.14
C LYS H 539 34.19 23.86 24.58
N CYS H 540 34.47 24.36 23.38
CA CYS H 540 35.78 24.24 22.76
C CYS H 540 36.66 25.41 23.18
N ARG H 541 37.91 25.11 23.51
CA ARG H 541 38.92 26.12 23.80
C ARG H 541 39.80 26.21 22.57
N CYS H 542 39.42 27.06 21.64
CA CYS H 542 40.10 27.12 20.36
C CYS H 542 41.52 27.67 20.53
N HIS H 543 42.41 27.20 19.67
CA HIS H 543 43.79 27.63 19.68
C HIS H 543 43.93 28.99 19.02
N PRO H 544 45.02 29.71 19.30
CA PRO H 544 45.21 31.00 18.64
C PRO H 544 45.20 30.85 17.13
N GLY H 545 44.60 31.81 16.45
CA GLY H 545 44.40 31.68 15.03
C GLY H 545 43.14 30.95 14.62
N PHE H 546 42.34 30.49 15.58
CA PHE H 546 41.07 29.82 15.31
C PHE H 546 39.99 30.42 16.19
N GLU H 547 38.74 30.22 15.76
CA GLU H 547 37.59 30.64 16.54
C GLU H 547 36.38 29.88 16.02
N GLY H 548 35.29 30.00 16.78
CA GLY H 548 34.05 29.32 16.43
C GLY H 548 33.57 28.38 17.51
N SER H 549 32.29 27.99 17.43
CA SER H 549 31.71 27.11 18.42
C SER H 549 32.46 25.78 18.49
N ALA H 550 33.00 25.33 17.37
CA ALA H 550 33.82 24.13 17.30
C ALA H 550 35.17 24.43 16.66
N CYS H 551 35.67 25.66 16.83
CA CYS H 551 36.82 26.16 16.07
C CYS H 551 36.52 26.07 14.58
N GLN H 552 35.35 26.58 14.20
CA GLN H 552 34.88 26.45 12.83
C GLN H 552 35.63 27.39 11.90
N CYS H 553 36.21 28.45 12.44
CA CYS H 553 36.60 29.63 11.70
C CYS H 553 38.08 29.92 11.99
N GLU H 554 38.77 30.44 10.98
CA GLU H 554 40.13 30.93 11.17
C GLU H 554 40.13 32.44 11.38
N ARG H 555 41.10 32.92 12.15
CA ARG H 555 41.13 34.33 12.53
C ARG H 555 41.46 35.24 11.37
N THR H 556 41.99 34.70 10.26
CA THR H 556 42.49 35.54 9.18
C THR H 556 41.37 35.92 8.21
N THR H 557 41.70 36.85 7.32
CA THR H 557 40.86 37.22 6.19
C THR H 557 41.51 36.93 4.85
N GLU H 558 42.76 36.46 4.84
CA GLU H 558 43.46 36.16 3.61
C GLU H 558 42.97 34.82 3.08
N GLY H 559 42.08 34.90 2.09
CA GLY H 559 41.24 33.81 1.64
C GLY H 559 39.95 34.46 1.20
N CYS H 560 39.63 35.58 1.84
CA CYS H 560 38.65 36.53 1.36
C CYS H 560 39.30 37.71 0.64
N LEU H 561 40.60 37.91 0.82
CA LEU H 561 41.30 39.00 0.16
C LEU H 561 41.69 38.60 -1.24
N ASN H 562 41.50 39.52 -2.18
CA ASN H 562 41.99 39.35 -3.54
C ASN H 562 43.41 39.88 -3.63
N PRO H 563 44.12 39.58 -4.72
CA PRO H 563 45.50 40.09 -4.86
C PRO H 563 45.64 41.59 -4.67
N ARG H 564 44.58 42.36 -4.96
CA ARG H 564 44.61 43.79 -4.64
C ARG H 564 44.44 44.07 -3.15
N ARG H 565 44.32 43.02 -2.33
CA ARG H 565 44.11 43.11 -0.88
C ARG H 565 42.82 43.87 -0.55
N VAL H 566 41.72 43.34 -1.10
CA VAL H 566 40.39 43.85 -0.82
C VAL H 566 39.50 42.67 -0.44
N GLU H 567 38.77 42.83 0.67
CA GLU H 567 37.84 41.79 1.12
C GLU H 567 36.75 41.53 0.10
N CYS H 568 36.82 40.38 -0.60
CA CYS H 568 35.72 39.91 -1.43
C CYS H 568 35.38 40.93 -2.51
N SER H 569 36.41 41.49 -3.12
CA SER H 569 36.27 42.60 -4.07
C SER H 569 35.45 43.68 -3.35
N GLY H 570 34.61 44.41 -4.07
CA GLY H 570 33.70 45.31 -3.41
C GLY H 570 32.33 44.71 -3.14
N ARG H 571 32.17 43.40 -3.32
CA ARG H 571 30.85 42.81 -3.49
C ARG H 571 30.55 41.69 -2.50
N GLY H 572 31.19 41.69 -1.34
CA GLY H 572 30.87 40.67 -0.37
C GLY H 572 31.52 40.98 0.95
N ARG H 573 31.25 40.15 1.95
CA ARG H 573 31.88 40.32 3.25
C ARG H 573 32.47 38.99 3.72
N CYS H 574 33.59 39.09 4.41
CA CYS H 574 34.40 37.95 4.80
C CYS H 574 33.93 37.39 6.13
N ARG H 575 33.61 36.11 6.15
CA ARG H 575 33.31 35.39 7.38
C ARG H 575 33.98 34.02 7.28
N CYS H 576 35.14 33.88 7.94
CA CYS H 576 35.87 32.62 8.08
C CYS H 576 36.75 32.30 6.87
N ASN H 577 37.43 33.30 6.33
CA ASN H 577 38.25 33.17 5.13
C ASN H 577 37.44 32.70 3.93
N VAL H 578 36.14 32.96 3.93
CA VAL H 578 35.28 32.72 2.78
C VAL H 578 34.36 33.93 2.64
N CYS H 579 33.98 34.23 1.40
CA CYS H 579 33.20 35.41 1.08
C CYS H 579 31.73 35.07 0.96
N GLU H 580 30.89 36.00 1.39
CA GLU H 580 29.45 35.97 1.13
C GLU H 580 29.19 37.04 0.08
N CYS H 581 29.20 36.63 -1.19
CA CYS H 581 29.10 37.58 -2.29
C CYS H 581 27.65 37.97 -2.51
N HIS H 582 27.37 39.26 -2.45
CA HIS H 582 26.00 39.68 -2.64
C HIS H 582 25.66 39.71 -4.14
N SER H 583 24.36 39.74 -4.42
CA SER H 583 23.84 39.57 -5.77
C SER H 583 24.37 38.29 -6.39
N GLY H 584 24.66 38.31 -7.68
CA GLY H 584 25.16 37.13 -8.35
C GLY H 584 26.65 37.00 -8.41
N TYR H 585 27.37 37.78 -7.61
CA TYR H 585 28.82 37.72 -7.63
C TYR H 585 29.27 36.42 -6.98
N GLN H 586 30.37 35.89 -7.48
CA GLN H 586 30.68 34.48 -7.30
C GLN H 586 31.97 34.28 -6.51
N LEU H 587 32.03 33.14 -5.84
CA LEU H 587 33.23 32.69 -5.17
C LEU H 587 34.32 32.50 -6.21
N PRO H 588 35.59 32.64 -5.81
CA PRO H 588 36.06 32.88 -4.44
C PRO H 588 36.06 34.32 -3.95
N LEU H 589 36.07 35.31 -4.84
CA LEU H 589 36.35 36.67 -4.39
C LEU H 589 35.30 37.69 -4.84
N CYS H 590 34.09 37.24 -5.16
CA CYS H 590 33.02 38.15 -5.57
C CYS H 590 33.44 39.01 -6.76
N GLN H 591 34.23 38.41 -7.66
CA GLN H 591 34.69 39.13 -8.84
C GLN H 591 33.59 39.15 -9.90
N GLU H 592 33.27 37.99 -10.46
CA GLU H 592 32.36 37.85 -11.58
C GLU H 592 30.91 37.74 -11.15
N CYS H 593 30.01 38.07 -12.09
CA CYS H 593 28.56 37.91 -11.92
C CYS H 593 27.96 37.46 -13.24
N PRO H 594 28.13 36.18 -13.60
CA PRO H 594 27.63 35.68 -14.89
C PRO H 594 26.24 36.15 -15.30
N GLY H 595 25.30 36.19 -14.35
CA GLY H 595 23.92 36.46 -14.68
C GLY H 595 23.51 37.92 -14.69
N CYS H 596 24.29 38.78 -14.04
CA CYS H 596 24.01 40.21 -14.03
C CYS H 596 23.72 40.70 -15.45
N PRO H 597 22.73 41.56 -15.63
CA PRO H 597 22.45 42.10 -16.97
C PRO H 597 23.58 43.02 -17.42
N SER H 598 23.69 43.17 -18.73
CA SER H 598 24.86 43.83 -19.32
C SER H 598 24.83 45.33 -19.07
N PRO H 599 25.92 45.91 -18.56
CA PRO H 599 25.93 47.36 -18.27
C PRO H 599 26.15 48.26 -19.47
N CYS H 600 26.51 47.67 -20.61
CA CYS H 600 26.60 48.33 -21.92
C CYS H 600 25.76 49.59 -22.06
N GLY H 601 24.44 49.40 -22.17
CA GLY H 601 23.55 50.46 -22.61
C GLY H 601 23.55 51.72 -21.76
N LYS H 602 24.01 51.63 -20.51
CA LYS H 602 24.06 52.82 -19.67
C LYS H 602 25.36 53.60 -19.83
N TYR H 603 26.35 53.06 -20.55
CA TYR H 603 27.66 53.68 -20.66
C TYR H 603 27.97 54.08 -22.10
N ILE H 604 26.95 54.52 -22.82
CA ILE H 604 27.14 55.00 -24.18
C ILE H 604 27.69 56.42 -24.15
N SER H 605 26.89 57.37 -23.68
CA SER H 605 27.35 58.76 -23.61
C SER H 605 28.59 58.89 -22.76
N CYS H 606 28.86 57.92 -21.88
CA CYS H 606 30.11 57.90 -21.14
C CYS H 606 31.28 57.54 -22.05
N ALA H 607 31.12 56.52 -22.88
CA ALA H 607 32.20 56.13 -23.78
C ALA H 607 32.52 57.24 -24.78
N GLU H 608 31.48 57.88 -25.35
CA GLU H 608 31.74 58.98 -26.26
C GLU H 608 32.19 60.24 -25.51
N CYS H 609 31.74 60.43 -24.27
CA CYS H 609 32.33 61.40 -23.36
C CYS H 609 33.83 61.24 -23.29
N LEU H 610 34.27 60.05 -22.92
CA LEU H 610 35.63 59.83 -22.48
C LEU H 610 36.60 59.76 -23.65
N LYS H 611 36.18 59.27 -24.81
CA LYS H 611 37.07 59.09 -25.94
C LYS H 611 36.85 60.10 -27.06
N PHE H 612 35.59 60.36 -27.40
CA PHE H 612 35.28 61.25 -28.51
C PHE H 612 34.81 62.62 -28.03
N GLU H 613 35.02 62.93 -26.75
CA GLU H 613 34.89 64.28 -26.19
C GLU H 613 33.65 65.00 -26.69
N LYS H 614 32.53 64.29 -26.68
CA LYS H 614 31.30 64.81 -27.27
C LYS H 614 30.10 64.19 -26.58
N GLY H 615 28.93 64.30 -27.21
CA GLY H 615 27.71 63.75 -26.69
C GLY H 615 26.99 64.70 -25.76
N PRO H 616 25.96 64.21 -25.07
CA PRO H 616 25.28 65.04 -24.08
C PRO H 616 26.16 65.38 -22.89
N PHE H 617 27.27 64.66 -22.71
CA PHE H 617 28.17 64.90 -21.60
C PHE H 617 29.35 65.78 -21.98
N GLY H 618 29.24 66.53 -23.07
CA GLY H 618 30.22 67.56 -23.37
C GLY H 618 30.03 68.69 -22.38
N LYS H 619 30.98 68.81 -21.44
CA LYS H 619 30.92 69.50 -20.14
C LYS H 619 30.71 68.43 -19.06
N ASN H 620 29.43 68.15 -18.71
CA ASN H 620 28.98 67.10 -17.80
C ASN H 620 30.02 66.05 -17.43
N CYS H 621 30.89 65.67 -18.39
CA CYS H 621 31.87 64.58 -18.34
C CYS H 621 32.63 64.43 -17.04
N SER H 622 33.08 63.19 -16.76
CA SER H 622 33.85 62.81 -15.57
C SER H 622 33.02 62.92 -14.30
N ALA H 623 32.35 64.05 -14.10
CA ALA H 623 31.28 64.08 -13.11
C ALA H 623 30.12 63.21 -13.56
N ALA H 624 29.78 63.26 -14.85
CA ALA H 624 28.66 62.48 -15.37
C ALA H 624 28.99 61.00 -15.46
N CYS H 625 30.27 60.64 -15.58
CA CYS H 625 30.73 59.26 -15.70
C CYS H 625 31.78 58.99 -14.64
N PRO H 626 31.38 58.91 -13.37
CA PRO H 626 32.33 59.06 -12.25
C PRO H 626 32.97 57.75 -11.80
N GLY H 627 32.30 56.63 -12.03
CA GLY H 627 32.91 55.37 -11.68
C GLY H 627 33.89 54.85 -12.70
N LEU H 628 34.14 55.62 -13.75
CA LEU H 628 34.90 55.18 -14.91
C LEU H 628 36.23 55.91 -14.95
N GLN H 629 37.32 55.14 -14.92
CA GLN H 629 38.63 55.59 -15.36
C GLN H 629 38.90 54.97 -16.73
N LEU H 630 39.59 55.73 -17.59
CA LEU H 630 39.79 55.29 -18.96
C LEU H 630 41.18 54.68 -19.12
N SER H 631 41.22 53.49 -19.73
CA SER H 631 42.47 52.85 -20.11
C SER H 631 42.81 53.18 -21.56
N ASN H 632 44.10 53.42 -21.81
CA ASN H 632 44.58 53.67 -23.16
C ASN H 632 45.15 52.42 -23.81
N ASN H 633 44.97 51.26 -23.18
CA ASN H 633 45.29 49.96 -23.75
C ASN H 633 44.12 49.02 -23.49
N PRO H 634 43.78 48.18 -24.46
CA PRO H 634 42.56 47.35 -24.33
C PRO H 634 42.55 46.52 -23.06
N VAL H 635 41.34 46.21 -22.59
CA VAL H 635 41.15 45.59 -21.28
C VAL H 635 40.41 44.25 -21.38
N LYS H 636 40.23 43.59 -20.23
CA LYS H 636 39.86 42.18 -20.19
C LYS H 636 38.35 41.90 -20.21
N GLY H 637 37.51 42.90 -19.89
CA GLY H 637 36.13 42.64 -19.54
C GLY H 637 35.14 42.41 -20.67
N ARG H 638 33.97 43.03 -20.54
CA ARG H 638 32.82 42.72 -21.37
C ARG H 638 32.97 43.29 -22.78
N THR H 639 32.73 42.45 -23.78
CA THR H 639 32.67 42.90 -25.17
C THR H 639 31.39 43.71 -25.36
N CYS H 640 31.52 45.02 -25.56
CA CYS H 640 30.38 45.92 -25.54
C CYS H 640 30.43 46.85 -26.74
N LYS H 641 29.53 46.63 -27.71
CA LYS H 641 29.47 47.43 -28.93
C LYS H 641 28.06 47.98 -29.11
N GLU H 642 27.88 49.29 -28.91
CA GLU H 642 26.56 49.91 -29.02
C GLU H 642 26.67 51.33 -29.53
N ARG H 643 25.54 51.86 -30.03
CA ARG H 643 25.49 53.10 -30.80
C ARG H 643 25.64 54.36 -29.93
N ASP H 644 25.96 55.47 -30.59
CA ASP H 644 26.25 56.76 -29.93
C ASP H 644 25.16 57.80 -30.18
N SER H 645 25.52 59.08 -29.96
CA SER H 645 24.57 60.19 -29.98
C SER H 645 24.32 60.73 -31.38
N GLU H 646 25.06 60.28 -32.39
CA GLU H 646 24.88 60.73 -33.76
C GLU H 646 24.42 59.62 -34.70
N GLY H 647 24.77 58.37 -34.41
CA GLY H 647 24.34 57.25 -35.21
C GLY H 647 25.44 56.24 -35.41
N CYS H 648 26.58 56.47 -34.78
CA CYS H 648 27.81 55.75 -35.09
C CYS H 648 28.14 54.73 -34.00
N TRP H 649 28.33 53.49 -34.43
CA TRP H 649 28.55 52.35 -33.55
C TRP H 649 29.87 52.48 -32.83
N VAL H 650 29.85 52.92 -31.58
CA VAL H 650 31.05 52.99 -30.76
C VAL H 650 31.27 51.65 -30.08
N ALA H 651 32.50 51.16 -30.16
CA ALA H 651 32.89 49.93 -29.48
C ALA H 651 33.78 50.29 -28.30
N TYR H 652 33.50 49.67 -27.16
CA TYR H 652 34.29 49.89 -25.96
C TYR H 652 34.25 48.61 -25.14
N THR H 653 35.17 48.49 -24.19
CA THR H 653 35.27 47.27 -23.40
C THR H 653 35.22 47.64 -21.93
N LEU H 654 34.33 46.97 -21.19
CA LEU H 654 34.06 47.26 -19.78
C LEU H 654 34.72 46.18 -18.93
N GLU H 655 35.82 46.53 -18.28
CA GLU H 655 36.45 45.67 -17.28
C GLU H 655 36.05 46.16 -15.90
N GLN H 656 35.35 45.31 -15.15
CA GLN H 656 34.87 45.66 -13.83
C GLN H 656 36.00 45.52 -12.82
N GLN H 657 36.25 46.57 -12.05
CA GLN H 657 37.26 46.54 -11.01
C GLN H 657 36.60 46.59 -9.64
N ASP H 658 37.41 46.52 -8.59
CA ASP H 658 36.91 46.40 -7.24
C ASP H 658 36.04 47.59 -6.85
N GLY H 659 34.98 47.31 -6.10
CA GLY H 659 33.93 48.25 -5.80
C GLY H 659 32.66 47.88 -6.53
N MET H 660 31.63 48.69 -6.37
CA MET H 660 30.39 48.50 -7.10
C MET H 660 30.11 49.75 -7.93
N ASP H 661 29.88 49.55 -9.23
CA ASP H 661 29.84 50.63 -10.22
C ASP H 661 31.20 51.32 -10.37
N ARG H 662 32.27 50.51 -10.40
CA ARG H 662 33.62 51.00 -10.65
C ARG H 662 34.18 50.24 -11.84
N TYR H 663 34.56 50.98 -12.87
CA TYR H 663 34.89 50.37 -14.15
C TYR H 663 36.16 50.94 -14.73
N LEU H 664 36.88 50.09 -15.45
CA LEU H 664 38.00 50.45 -16.29
C LEU H 664 37.53 50.29 -17.73
N ILE H 665 37.58 51.36 -18.51
CA ILE H 665 37.00 51.37 -19.84
C ILE H 665 38.07 51.71 -20.88
N TYR H 666 38.14 50.88 -21.91
CA TYR H 666 38.87 51.19 -23.13
C TYR H 666 37.86 51.43 -24.24
N VAL H 667 38.03 52.51 -24.98
CA VAL H 667 37.19 52.80 -26.15
C VAL H 667 38.04 52.72 -27.40
N ASP H 668 37.57 51.94 -28.37
CA ASP H 668 38.21 51.91 -29.68
C ASP H 668 38.21 53.31 -30.27
N GLU H 669 39.38 53.76 -30.74
CA GLU H 669 39.49 55.06 -31.38
C GLU H 669 38.58 55.19 -32.60
N SER H 670 38.01 54.09 -33.08
CA SER H 670 37.19 54.09 -34.27
C SER H 670 35.71 54.31 -33.93
N ARG H 671 35.00 54.91 -34.88
CA ARG H 671 33.55 54.84 -34.98
C ARG H 671 33.19 54.01 -36.21
N GLU H 672 31.90 53.76 -36.38
CA GLU H 672 31.39 53.09 -37.58
C GLU H 672 30.04 53.67 -37.89
N CYS H 673 29.90 54.29 -39.06
CA CYS H 673 28.68 55.02 -39.37
C CYS H 673 28.16 54.60 -40.74
N VAL H 674 26.87 54.89 -40.96
CA VAL H 674 26.16 54.62 -42.20
C VAL H 674 24.72 55.11 -42.00
C1 NAG I . 8.42 29.32 -72.76
C2 NAG I . 8.48 28.34 -73.94
C3 NAG I . 8.12 29.07 -75.25
C4 NAG I . 6.82 29.86 -75.11
C5 NAG I . 6.90 30.76 -73.89
C6 NAG I . 5.62 31.53 -73.62
C7 NAG I . 10.22 26.94 -75.01
C8 NAG I . 11.64 26.47 -74.91
N2 NAG I . 9.81 27.77 -74.04
O3 NAG I . 7.93 28.07 -76.24
O4 NAG I . 6.58 30.66 -76.25
O5 NAG I . 7.16 29.96 -72.74
O6 NAG I . 5.56 32.72 -74.39
O7 NAG I . 9.47 26.57 -75.91
C1 NAG I . 5.73 29.94 -77.14
C2 NAG I . 5.05 30.87 -78.11
C3 NAG I . 4.32 30.06 -79.17
C4 NAG I . 5.38 29.26 -79.93
C5 NAG I . 6.05 28.34 -78.92
C6 NAG I . 7.17 27.54 -79.50
C7 NAG I . 4.54 33.06 -77.09
C8 NAG I . 3.42 33.97 -76.63
N2 NAG I . 4.16 31.85 -77.52
O3 NAG I . 3.52 30.94 -79.94
O4 NAG I . 4.91 28.42 -80.97
O5 NAG I . 6.61 29.09 -77.82
O6 NAG I . 7.43 26.42 -78.66
O7 NAG I . 5.72 33.41 -77.06
C1 BMA I . 4.41 28.99 -82.20
C2 BMA I . 4.60 30.43 -82.63
C3 BMA I . 3.16 30.78 -82.98
C4 BMA I . 2.51 29.73 -83.99
C5 BMA I . 2.94 28.24 -83.65
C6 BMA I . 2.68 27.28 -84.77
O2 BMA I . 5.37 30.60 -83.82
O3 BMA I . 2.94 32.13 -83.39
O4 BMA I . 1.12 29.82 -83.92
O5 BMA I . 4.30 28.18 -83.28
O6 BMA I . 3.64 26.21 -84.76
C1 MAN I . 3.52 25.76 -86.12
C2 MAN I . 4.02 24.32 -86.35
C3 MAN I . 5.50 24.26 -86.74
C4 MAN I . 5.86 25.34 -87.76
C5 MAN I . 5.43 26.71 -87.25
C6 MAN I . 5.62 27.80 -88.27
O2 MAN I . 3.35 23.77 -87.47
O3 MAN I . 5.84 22.98 -87.28
O4 MAN I . 7.27 25.34 -87.95
O5 MAN I . 4.02 26.70 -87.02
O6 MAN I . 6.93 27.70 -88.86
C1 MAN I . 6.92 27.38 -90.27
C2 MAN I . 8.33 27.60 -90.76
C3 MAN I . 8.61 29.10 -90.74
C4 MAN I . 7.54 29.89 -91.54
C5 MAN I . 6.13 29.53 -91.05
C6 MAN I . 5.01 30.13 -91.90
O2 MAN I . 8.51 27.16 -92.10
O3 MAN I . 9.91 29.39 -91.24
O4 MAN I . 7.73 31.28 -91.33
O5 MAN I . 5.96 28.09 -91.03
O6 MAN I . 5.01 31.53 -91.66
C1 NAG J . 25.23 9.17 -57.21
C2 NAG J . 25.29 8.55 -58.62
C3 NAG J . 26.74 8.19 -59.01
C4 NAG J . 27.73 9.29 -58.67
C5 NAG J . 27.50 9.81 -57.26
C6 NAG J . 28.39 10.97 -56.90
C7 NAG J . 23.91 6.88 -59.78
C8 NAG J . 23.13 5.60 -59.64
N2 NAG J . 24.46 7.35 -58.67
O3 NAG J . 26.84 7.89 -60.40
O4 NAG J . 29.03 8.70 -58.76
O5 NAG J . 26.14 10.26 -57.14
O6 NAG J . 27.74 12.22 -57.11
O7 NAG J . 24.00 7.45 -60.85
C1 NAG J . 29.84 9.49 -59.67
C2 NAG J . 31.32 9.41 -59.34
C3 NAG J . 32.06 10.46 -60.13
C4 NAG J . 31.74 10.32 -61.62
C5 NAG J . 30.25 10.05 -61.91
C6 NAG J . 30.01 9.45 -63.27
C7 NAG J . 32.29 8.60 -57.24
C8 NAG J . 32.47 8.86 -55.77
N2 NAG J . 31.59 9.52 -57.92
O3 NAG J . 33.46 10.30 -59.91
O4 NAG J . 32.04 11.52 -62.35
O5 NAG J . 29.65 9.14 -60.97
O6 NAG J . 30.07 10.43 -64.30
O7 NAG J . 32.78 7.62 -57.79
C1 BMA J . 33.04 11.21 -63.32
C2 BMA J . 33.01 12.05 -64.63
C3 BMA J . 34.30 11.73 -65.43
C4 BMA J . 35.54 11.90 -64.58
C5 BMA J . 35.41 11.05 -63.33
C6 BMA J . 36.33 11.45 -62.28
O2 BMA J . 33.00 13.46 -64.39
O3 BMA J . 34.45 12.56 -66.62
O4 BMA J . 36.64 11.43 -65.35
O5 BMA J . 34.21 11.31 -62.66
O6 BMA J . 35.52 11.39 -61.09
C1 MAN J . 33.79 11.97 -67.75
C2 MAN J . 34.59 12.33 -69.05
C3 MAN J . 34.22 13.76 -69.58
C4 MAN J . 32.73 14.03 -69.45
C5 MAN J . 32.31 13.76 -68.03
C6 MAN J . 30.83 14.08 -67.74
O2 MAN J . 34.25 11.39 -70.06
O3 MAN J . 34.66 14.04 -70.91
O4 MAN J . 32.45 15.38 -69.77
O5 MAN J . 32.44 12.38 -67.84
O6 MAN J . 30.56 13.75 -66.38
C1 MAN J . 35.26 11.18 -71.07
C2 MAN J . 34.53 10.68 -72.32
C3 MAN J . 33.99 9.29 -72.00
C4 MAN J . 35.14 8.35 -71.60
C5 MAN J . 35.91 8.93 -70.42
C6 MAN J . 37.18 8.14 -70.12
O2 MAN J . 35.42 10.52 -73.43
O3 MAN J . 33.26 8.73 -73.06
O4 MAN J . 34.60 7.10 -71.22
O5 MAN J . 36.29 10.30 -70.69
O6 MAN J . 38.02 8.90 -69.23
C1 MAN J . 39.41 8.92 -69.66
C2 MAN J . 39.59 9.12 -71.21
C3 MAN J . 40.07 7.84 -71.94
C4 MAN J . 41.14 7.12 -71.13
C5 MAN J . 40.56 6.72 -69.78
C6 MAN J . 41.53 5.91 -68.95
O2 MAN J . 40.59 10.09 -71.47
O3 MAN J . 40.55 8.12 -73.25
O4 MAN J . 41.57 5.95 -71.82
O5 MAN J . 40.23 7.92 -69.04
O6 MAN J . 40.96 5.70 -67.66
C1 MAN J . 35.59 12.50 -60.13
C2 MAN J . 35.86 13.98 -60.60
C3 MAN J . 37.36 14.37 -60.56
C4 MAN J . 38.21 13.60 -59.47
C5 MAN J . 37.79 12.14 -59.41
C6 MAN J . 38.45 11.30 -58.34
O2 MAN J . 35.26 14.88 -59.65
O3 MAN J . 37.47 15.78 -60.36
O4 MAN J . 39.58 13.67 -59.79
O5 MAN J . 36.40 12.11 -59.10
O6 MAN J . 37.38 10.53 -57.71
C1 MAN J . 37.79 9.18 -57.53
C2 MAN J . 36.67 8.34 -56.87
C3 MAN J . 36.55 8.67 -55.36
C4 MAN J . 37.94 8.67 -54.68
C5 MAN J . 38.89 9.59 -55.45
C6 MAN J . 40.30 9.63 -54.90
O2 MAN J . 36.95 6.92 -56.90
O3 MAN J . 35.69 7.76 -54.69
O4 MAN J . 37.81 9.15 -53.36
O5 MAN J . 38.98 9.13 -56.82
O6 MAN J . 41.03 10.62 -55.63
C1 MAN J . 36.87 6.40 -58.24
C2 MAN J . 35.39 6.16 -58.59
C3 MAN J . 34.86 5.04 -57.69
C4 MAN J . 35.72 3.78 -57.85
C5 MAN J . 37.21 4.12 -57.58
C6 MAN J . 38.14 2.95 -57.88
O2 MAN J . 35.23 5.68 -59.93
O3 MAN J . 33.48 4.75 -57.98
O4 MAN J . 35.28 2.79 -56.93
O5 MAN J . 37.62 5.24 -58.40
O6 MAN J . 38.95 3.31 -59.00
C1 MAN J . 37.98 16.55 -61.47
C2 MAN J . 37.39 18.03 -61.48
C3 MAN J . 36.37 18.28 -62.60
C4 MAN J . 36.84 17.68 -63.91
C5 MAN J . 36.96 16.19 -63.71
C6 MAN J . 37.40 15.49 -64.97
O2 MAN J . 38.43 18.97 -61.72
O3 MAN J . 36.12 19.68 -62.79
O4 MAN J . 35.88 17.92 -64.92
O5 MAN J . 38.00 15.88 -62.75
O6 MAN J . 36.51 15.82 -66.04
C1 NAG K . -34.95 7.85 -31.48
C2 NAG K . -35.41 9.21 -32.02
C3 NAG K . -36.67 9.02 -32.86
C4 NAG K . -36.42 7.94 -33.92
C5 NAG K . -35.77 6.69 -33.33
C6 NAG K . -35.35 5.67 -34.37
C7 NAG K . -34.62 10.84 -30.34
C8 NAG K . -35.01 11.88 -29.35
N2 NAG K . -35.63 10.20 -30.97
O3 NAG K . -37.04 10.25 -33.45
O4 NAG K . -37.66 7.52 -34.51
O5 NAG K . -34.60 7.03 -32.57
O6 NAG K . -36.41 5.36 -35.25
O7 NAG K . -33.44 10.53 -30.53
C1 NAG K . -38.05 8.34 -35.62
C2 NAG K . -37.56 7.76 -36.95
C3 NAG K . -38.06 8.62 -38.12
C4 NAG K . -39.57 8.82 -38.02
C5 NAG K . -39.92 9.41 -36.67
C6 NAG K . -41.41 9.57 -36.49
C7 NAG K . -35.36 7.22 -37.97
C8 NAG K . -33.87 7.22 -37.74
N2 NAG K . -36.10 7.68 -36.95
O3 NAG K . -37.75 7.98 -39.36
O4 NAG K . -40.11 9.63 -39.05
O5 NAG K . -39.47 8.50 -35.65
O6 NAG K . -41.70 10.41 -35.38
O7 NAG K . -35.86 6.80 -39.02
C1 BMA K . -39.47 10.82 -39.57
C2 BMA K . -40.15 12.15 -39.37
C3 BMA K . -40.33 12.58 -40.83
C4 BMA K . -38.96 12.51 -41.62
C5 BMA K . -38.17 11.19 -41.30
C6 BMA K . -36.78 11.19 -41.85
O2 BMA K . -39.30 13.13 -38.78
O3 BMA K . -40.95 13.86 -40.96
O4 BMA K . -39.22 12.53 -43.00
O5 BMA K . -38.14 10.95 -39.89
O6 BMA K . -36.91 11.45 -43.26
C1 MAN K . -35.70 11.77 -43.99
C2 MAN K . -35.08 10.49 -44.63
C3 MAN K . -33.96 9.91 -43.77
C4 MAN K . -32.97 10.98 -43.30
C5 MAN K . -33.69 12.09 -42.54
C6 MAN K . -32.81 13.24 -42.12
O2 MAN K . -34.46 10.80 -45.88
O3 MAN K . -33.26 8.86 -44.46
O4 MAN K . -32.02 10.38 -42.40
O5 MAN K . -34.76 12.65 -43.36
O6 MAN K . -33.59 14.11 -41.30
C1 NAG L . -18.41 -7.43 -7.65
C2 NAG L . -17.96 -6.02 -8.02
C3 NAG L . -18.72 -5.02 -7.16
C4 NAG L . -20.23 -5.31 -7.20
C5 NAG L . -20.53 -6.81 -7.03
C6 NAG L . -21.98 -7.16 -7.24
C7 NAG L . -15.83 -4.72 -7.93
C8 NAG L . -14.35 -4.83 -7.72
N2 NAG L . -16.51 -5.87 -7.84
O3 NAG L . -18.47 -3.69 -7.59
O4 NAG L . -20.85 -4.60 -6.14
O5 NAG L . -19.76 -7.59 -7.96
O6 NAG L . -22.52 -6.55 -8.39
O7 NAG L . -16.38 -3.64 -8.15
C1 NAG L . -21.34 -3.33 -6.58
C2 NAG L . -22.37 -2.87 -5.56
C3 NAG L . -22.86 -1.45 -5.88
C4 NAG L . -21.68 -0.51 -6.09
C5 NAG L . -20.74 -1.10 -7.13
C6 NAG L . -19.50 -0.27 -7.37
C7 NAG L . -23.55 -4.88 -4.76
C8 NAG L . -24.78 -5.74 -4.90
N2 NAG L . -23.50 -3.80 -5.53
O3 NAG L . -23.69 -0.96 -4.85
O4 NAG L . -22.12 0.78 -6.51
O5 NAG L . -20.30 -2.39 -6.67
O6 NAG L . -18.76 -0.77 -8.48
O7 NAG L . -22.65 -5.17 -3.96
C1 BMA L . -21.98 1.67 -5.39
C2 BMA L . -20.99 2.81 -5.73
C3 BMA L . -20.89 3.76 -4.54
C4 BMA L . -22.28 4.18 -4.01
C5 BMA L . -23.13 2.93 -3.71
C6 BMA L . -24.54 3.26 -3.27
O2 BMA L . -21.46 3.59 -6.82
O3 BMA L . -20.12 4.92 -4.86
O4 BMA L . -22.13 4.95 -2.82
O5 BMA L . -23.21 2.13 -4.91
O6 BMA L . -24.45 4.24 -2.23
C1 NAG M . -19.19 -30.78 -67.31
C2 NAG M . -20.46 -31.33 -66.58
C3 NAG M . -20.36 -32.79 -66.06
C4 NAG M . -19.26 -33.63 -66.72
C5 NAG M . -18.07 -32.79 -67.08
C6 NAG M . -16.95 -33.55 -67.75
C7 NAG M . -22.38 -30.25 -65.65
C8 NAG M . -23.00 -29.25 -64.68
N2 NAG M . -21.06 -30.42 -65.61
O3 NAG M . -21.66 -33.40 -66.14
O4 NAG M . -18.85 -34.53 -65.69
O5 NAG M . -18.54 -31.83 -68.02
O6 NAG M . -17.39 -33.99 -69.02
O7 NAG M . -23.03 -30.92 -66.39
C1 NAG M . -19.93 -35.45 -65.39
C2 NAG M . -19.48 -36.90 -65.44
C3 NAG M . -20.67 -37.84 -65.23
C4 NAG M . -21.43 -37.48 -63.95
C5 NAG M . -21.81 -36.00 -63.98
C6 NAG M . -22.48 -35.52 -62.71
C7 NAG M . -17.55 -36.85 -66.96
C8 NAG M . -17.05 -37.21 -68.33
N2 NAG M . -18.83 -37.18 -66.70
O3 NAG M . -20.20 -39.18 -65.14
O4 NAG M . -22.61 -38.25 -63.85
O5 NAG M . -20.62 -35.21 -64.14
O6 NAG M . -23.21 -34.33 -62.93
O7 NAG M . -16.85 -36.29 -66.13
C1 NAG N . -15.90 -51.67 65.13
C2 NAG N . -14.86 -51.76 66.27
C3 NAG N . -14.39 -53.19 66.49
C4 NAG N . -15.50 -54.22 66.41
C5 NAG N . -16.32 -53.92 65.19
C6 NAG N . -17.44 -54.88 65.00
C7 NAG N . -12.77 -50.60 66.83
C8 NAG N . -11.57 -49.94 66.25
N2 NAG N . -13.71 -50.95 65.95
O3 NAG N . -13.80 -53.21 67.79
O4 NAG N . -14.91 -55.52 66.37
O5 NAG N . -16.88 -52.62 65.33
O6 NAG N . -16.88 -56.07 64.45
O7 NAG N . -12.89 -50.80 68.05
C1 NAG N . -14.94 -56.27 67.60
C2 NAG N . -15.39 -57.59 66.99
C3 NAG N . -15.37 -58.72 68.01
C4 NAG N . -14.11 -58.77 68.86
C5 NAG N . -13.61 -57.37 69.23
C6 NAG N . -12.19 -57.39 69.70
C7 NAG N . -17.87 -57.99 66.74
C8 NAG N . -19.04 -57.83 65.79
N2 NAG N . -16.68 -57.52 66.31
O3 NAG N . -15.45 -59.89 67.22
O4 NAG N . -14.50 -59.41 70.07
O5 NAG N . -13.67 -56.43 68.13
O6 NAG N . -11.30 -57.70 68.64
O7 NAG N . -18.02 -58.51 67.84
C1 BMA N . -14.75 -60.81 70.07
C2 BMA N . -16.09 -61.58 69.58
C3 BMA N . -16.02 -63.04 70.10
C4 BMA N . -14.57 -63.66 70.03
C5 BMA N . -13.46 -62.59 70.28
C6 BMA N . -12.01 -63.08 70.11
O2 BMA N . -16.13 -61.74 68.14
O3 BMA N . -16.93 -63.92 69.40
O4 BMA N . -14.47 -64.63 71.04
O5 BMA N . -13.70 -61.43 69.54
O6 BMA N . -11.62 -63.43 71.46
C1 MAN N . -18.08 -64.25 70.21
C2 MAN N . -18.03 -65.73 70.71
C3 MAN N . -18.42 -66.70 69.58
C4 MAN N . -19.69 -66.25 68.84
C5 MAN N . -19.56 -64.79 68.41
C6 MAN N . -20.82 -64.25 67.75
O2 MAN N . -19.02 -65.94 71.72
O3 MAN N . -18.59 -68.03 70.09
O4 MAN N . -19.90 -67.08 67.69
O5 MAN N . -19.28 -63.97 69.55
O6 MAN N . -21.19 -65.14 66.70
C1 NAG O . -35.34 -34.75 47.54
C2 NAG O . -36.13 -36.06 47.52
C3 NAG O . -37.60 -35.81 47.86
C4 NAG O . -37.77 -34.89 49.05
C5 NAG O . -36.82 -33.68 48.97
C6 NAG O . -36.80 -32.82 50.21
C7 NAG O . -36.54 -37.87 45.88
C8 NAG O . -36.35 -38.30 44.45
N2 NAG O . -36.03 -36.68 46.21
O3 NAG O . -38.23 -37.05 48.12
O4 NAG O . -39.15 -34.50 49.14
O5 NAG O . -35.48 -34.14 48.77
O6 NAG O . -36.31 -33.57 51.31
O7 NAG O . -37.13 -38.57 46.70
C1 NAG O . -39.64 -34.82 50.47
C2 NAG O . -40.66 -33.86 51.00
C3 NAG O . -40.76 -34.08 52.50
C4 NAG O . -41.39 -35.46 52.69
C5 NAG O . -40.44 -36.47 52.02
C6 NAG O . -40.97 -37.87 51.97
C7 NAG O . -40.11 -31.85 49.57
C8 NAG O . -40.04 -30.34 49.60
N2 NAG O . -40.44 -32.44 50.72
O3 NAG O . -41.41 -32.98 53.13
O4 NAG O . -41.58 -35.82 54.07
O5 NAG O . -40.12 -36.13 50.66
O6 NAG O . -41.37 -38.34 53.25
O7 NAG O . -39.85 -32.50 48.54
C1 BMA O . -42.48 -35.01 54.88
C2 BMA O . -43.70 -34.15 54.25
C3 BMA O . -44.14 -33.14 55.35
C4 BMA O . -44.53 -34.02 56.55
C5 BMA O . -43.28 -34.82 57.02
C6 BMA O . -43.51 -35.63 58.26
O2 BMA O . -44.81 -34.97 53.91
O3 BMA O . -45.15 -32.08 55.00
O4 BMA O . -44.98 -33.29 57.64
O5 BMA O . -42.90 -35.71 56.00
O6 BMA O . -44.39 -36.69 57.92
C1 MAN O . -44.59 -37.46 59.12
C2 MAN O . -43.47 -38.50 59.24
C3 MAN O . -43.71 -39.63 58.24
C4 MAN O . -45.16 -40.15 58.31
C5 MAN O . -46.16 -39.00 58.19
C6 MAN O . -47.56 -39.46 58.42
O2 MAN O . -43.48 -39.12 60.53
O3 MAN O . -42.80 -40.71 58.44
O4 MAN O . -45.38 -41.07 57.25
O5 MAN O . -45.87 -38.01 59.19
O6 MAN O . -47.68 -40.84 58.00
C1 MAN O . -48.59 -41.57 58.87
C2 MAN O . -48.76 -43.05 58.37
C3 MAN O . -49.71 -43.03 57.12
C4 MAN O . -50.99 -42.13 57.29
C5 MAN O . -50.62 -40.75 57.82
C6 MAN O . -51.81 -39.85 58.17
O2 MAN O . -49.29 -44.02 59.41
O3 MAN O . -50.08 -44.32 56.67
O4 MAN O . -51.68 -41.97 56.05
O5 MAN O . -49.82 -40.89 59.02
O6 MAN O . -52.57 -39.64 56.99
C1 MAN O . -48.38 -45.02 59.89
C2 MAN O . -48.92 -46.47 59.75
C3 MAN O . -49.91 -46.80 60.87
C4 MAN O . -49.28 -46.57 62.26
C5 MAN O . -48.74 -45.14 62.36
C6 MAN O . -47.94 -44.91 63.65
O2 MAN O . -47.87 -47.44 59.92
O3 MAN O . -50.38 -48.13 60.78
O4 MAN O . -50.27 -46.77 63.26
O5 MAN O . -47.88 -44.77 61.21
O6 MAN O . -48.84 -45.11 64.75
C1 MAN O . -44.77 -30.76 55.37
C2 MAN O . -44.85 -30.43 56.91
C3 MAN O . -46.25 -29.98 57.35
C4 MAN O . -46.79 -28.87 56.46
C5 MAN O . -46.76 -29.32 54.99
C6 MAN O . -47.23 -28.23 54.03
O2 MAN O . -43.94 -29.41 57.32
O3 MAN O . -46.23 -29.54 58.70
O4 MAN O . -48.15 -28.59 56.82
O5 MAN O . -45.40 -29.73 54.58
O6 MAN O . -46.17 -27.31 53.80
C1 NAG P . 25.06 -37.39 18.59
C2 NAG P . 25.35 -37.82 20.07
C3 NAG P . 26.30 -39.03 20.11
C4 NAG P . 25.82 -40.14 19.19
C5 NAG P . 25.62 -39.56 17.79
C6 NAG P . 25.18 -40.58 16.76
C7 NAG P . 25.29 -35.59 21.18
C8 NAG P . 26.06 -34.64 22.03
N2 NAG P . 25.91 -36.73 20.87
O3 NAG P . 26.38 -39.49 21.46
O4 NAG P . 26.65 -41.29 19.22
O5 NAG P . 24.61 -38.53 17.85
O6 NAG P . 23.79 -40.83 16.89
O7 NAG P . 24.17 -35.33 20.74
C1 NAG P . 28.02 -40.99 18.92
C2 NAG P . 28.94 -41.82 19.82
C3 NAG P . 30.40 -41.55 19.46
C4 NAG P . 30.62 -41.85 17.99
C5 NAG P . 29.66 -41.05 17.14
C6 NAG P . 29.73 -41.42 15.68
C7 NAG P . 29.49 -41.37 22.27
C8 NAG P . 28.86 -41.30 23.63
N2 NAG P . 28.65 -41.66 21.25
O3 NAG P . 31.23 -42.41 20.24
O4 NAG P . 31.97 -41.57 17.62
O5 NAG P . 28.30 -41.27 17.55
O6 NAG P . 29.40 -42.78 15.50
O7 NAG P . 30.68 -41.14 22.10
C1 BMA P . 32.63 -42.82 17.32
C2 BMA P . 33.82 -42.52 16.39
C3 BMA P . 34.54 -43.82 16.06
C4 BMA P . 34.87 -44.63 17.34
C5 BMA P . 33.63 -44.81 18.24
C6 BMA P . 33.99 -45.36 19.61
O2 BMA P . 34.78 -41.70 17.05
O3 BMA P . 35.74 -43.58 15.32
O4 BMA P . 35.38 -45.91 16.99
O5 BMA P . 33.00 -43.53 18.46
O6 BMA P . 34.86 -44.41 20.25
C1 MAN P . 35.78 -45.12 21.11
C2 MAN P . 35.01 -45.80 22.22
C3 MAN P . 34.53 -44.70 23.20
C4 MAN P . 35.72 -43.90 23.77
C5 MAN P . 36.51 -43.29 22.60
C6 MAN P . 37.82 -42.62 23.04
O2 MAN P . 35.88 -46.64 22.95
O3 MAN P . 33.51 -45.11 24.22
O4 MAN P . 35.23 -42.85 24.61
O5 MAN P . 36.85 -44.31 21.61
O6 MAN P . 38.45 -42.09 21.88
C1 MAN P . 33.85 -46.15 25.16
C2 MAN P . 33.44 -47.57 24.63
C3 MAN P . 31.91 -47.67 24.47
C4 MAN P . 31.21 -47.24 25.78
C5 MAN P . 31.74 -45.89 26.31
C6 MAN P . 31.17 -45.53 27.71
O2 MAN P . 33.81 -48.63 25.57
O3 MAN P . 31.51 -48.99 24.16
O4 MAN P . 29.77 -47.16 25.60
O5 MAN P . 33.21 -45.89 26.40
O6 MAN P . 31.58 -44.21 28.00
C1 NAG Q . 9.16 -18.31 -0.85
C2 NAG Q . 9.37 -16.86 -1.29
C3 NAG Q . 10.32 -16.11 -0.35
C4 NAG Q . 9.89 -16.28 1.10
C5 NAG Q . 9.68 -17.76 1.41
C6 NAG Q . 9.22 -18.00 2.83
C7 NAG Q . 10.86 -17.29 -3.31
C8 NAG Q . 11.84 -18.05 -2.45
N2 NAG Q . 9.77 -16.75 -2.70
O3 NAG Q . 10.32 -14.72 -0.68
O4 NAG Q . 10.88 -15.71 1.96
O5 NAG Q . 8.70 -18.33 0.54
O6 NAG Q . 10.25 -17.65 3.77
O7 NAG Q . 11.04 -17.13 -4.51
C1 NAG Q . 10.35 -14.65 2.80
C2 NAG Q . 11.46 -13.94 3.59
C3 NAG Q . 10.85 -12.85 4.49
C4 NAG Q . 9.94 -11.93 3.69
C5 NAG Q . 8.92 -12.77 2.92
C6 NAG Q . 8.00 -11.98 2.02
C7 NAG Q . 13.24 -15.61 3.92
C8 NAG Q . 13.90 -16.53 4.89
N2 NAG Q . 12.21 -14.89 4.39
O3 NAG Q . 11.90 -12.10 5.10
O4 NAG Q . 9.29 -11.04 4.61
O5 NAG Q . 9.60 -13.70 2.08
O6 NAG Q . 8.73 -11.21 1.07
O7 NAG Q . 13.62 -15.51 2.76
C1 BMA Q . 9.14 -9.72 4.07
C2 BMA Q . 7.98 -8.99 4.77
C3 BMA Q . 7.71 -7.64 4.12
C4 BMA Q . 9.06 -6.86 3.80
C5 BMA Q . 10.10 -7.78 3.12
C6 BMA Q . 11.50 -7.17 2.81
O2 BMA Q . 8.29 -8.70 6.13
O3 BMA Q . 6.87 -6.86 4.98
O4 BMA Q . 8.82 -5.74 2.99
O5 BMA Q . 10.29 -8.92 3.97
O6 BMA Q . 11.37 -5.83 2.29
C1 MAN Q . 5.44 -7.04 4.85
C2 MAN Q . 4.74 -6.16 5.96
C3 MAN Q . 4.30 -6.97 7.20
C4 MAN Q . 3.50 -8.21 6.79
C5 MAN Q . 4.36 -9.12 5.93
C6 MAN Q . 3.54 -10.35 5.43
O2 MAN Q . 3.54 -5.56 5.45
O3 MAN Q . 3.50 -6.20 8.11
O4 MAN Q . 3.09 -8.95 7.96
O5 MAN Q . 4.92 -8.42 4.73
O6 MAN Q . 4.36 -11.11 4.56
C1 MAN Q . 11.63 -5.69 0.88
C2 MAN Q . 10.40 -5.07 0.22
C3 MAN Q . 10.16 -5.62 -1.17
C4 MAN Q . 11.45 -5.93 -1.88
C5 MAN Q . 12.14 -7.07 -1.17
C6 MAN Q . 13.58 -7.28 -1.70
O2 MAN Q . 10.66 -3.67 0.09
O3 MAN Q . 9.40 -4.71 -1.94
O4 MAN Q . 11.15 -6.35 -3.20
O5 MAN Q . 12.22 -6.86 0.26
O6 MAN Q . 14.28 -8.29 -0.95
C1 NAG R . -72.90 4.33 44.08
C2 NAG R . -74.13 4.20 43.16
C3 NAG R . -75.26 5.14 43.61
C4 NAG R . -75.51 4.97 45.10
C5 NAG R . -74.21 5.15 45.85
C6 NAG R . -74.35 5.01 47.34
C7 NAG R . -74.59 4.46 40.74
C8 NAG R . -74.00 4.83 39.43
N2 NAG R . -73.75 4.49 41.79
O3 NAG R . -76.45 4.83 42.89
O4 NAG R . -76.43 5.88 45.68
O5 NAG R . -73.30 4.15 45.41
O6 NAG R . -73.89 6.18 48.00
O7 NAG R . -75.77 4.13 40.87
C1 NAG R . -77.37 6.82 45.09
C2 NAG R . -77.24 7.87 46.13
C3 NAG R . -78.44 8.76 46.10
C4 NAG R . -78.64 9.36 44.72
C5 NAG R . -78.41 8.32 43.58
C6 NAG R . -78.11 8.95 42.24
C7 NAG R . -76.28 7.92 48.36
C8 NAG R . -76.21 7.28 49.71
N2 NAG R . -77.06 7.32 47.45
O3 NAG R . -78.17 9.75 47.08
O4 NAG R . -79.98 9.84 44.64
O5 NAG R . -77.31 7.41 43.83
O6 NAG R . -79.25 9.17 41.43
O7 NAG R . -75.65 8.94 48.10
C1 BMA R . -80.42 11.12 45.19
C2 BMA R . -80.26 11.53 46.70
C3 BMA R . -81.38 12.57 47.05
C4 BMA R . -81.56 13.58 45.92
C5 BMA R . -81.24 13.05 44.47
C6 BMA R . -80.83 14.12 43.65
O2 BMA R . -79.02 12.18 46.89
O3 BMA R . -81.25 13.37 48.28
O4 BMA R . -82.88 14.02 45.93
O5 BMA R . -80.15 12.22 44.44
O6 BMA R . -81.09 13.76 42.31
C1 MAN R . -79.96 13.91 41.49
C2 MAN R . -78.63 14.62 42.10
C3 MAN R . -78.76 16.20 42.17
C4 MAN R . -79.45 16.79 40.90
C5 MAN R . -80.70 15.96 40.52
C6 MAN R . -81.38 16.44 39.26
O2 MAN R . -77.42 14.41 41.23
O3 MAN R . -77.51 16.88 42.39
O4 MAN R . -79.89 18.16 41.14
O5 MAN R . -80.36 14.53 40.33
O6 MAN R . -82.49 15.56 39.08
C1 MAN R . -83.71 16.29 39.26
C2 MAN R . -84.83 15.32 39.60
C3 MAN R . -85.19 14.49 38.35
C4 MAN R . -85.37 15.38 37.09
C5 MAN R . -84.16 16.32 36.90
C6 MAN R . -84.33 17.32 35.74
O2 MAN R . -86.01 16.06 39.91
O3 MAN R . -86.37 13.71 38.55
O4 MAN R . -85.52 14.55 35.93
O5 MAN R . -83.98 17.08 38.12
O6 MAN R . -83.10 18.03 35.63
C1 MAN R . -80.50 12.92 49.42
C2 MAN R . -81.50 12.68 50.54
C3 MAN R . -82.13 14.00 50.97
C4 MAN R . -81.06 15.06 51.31
C5 MAN R . -80.09 15.22 50.12
C6 MAN R . -78.92 16.15 50.43
O2 MAN R . -80.83 12.19 51.70
O3 MAN R . -83.01 13.82 52.06
O4 MAN R . -81.69 16.30 51.59
O5 MAN R . -79.54 13.91 49.76
O6 MAN R . -79.32 17.48 50.11
C1 NAG S . -44.77 -2.07 54.20
C2 NAG S . -45.21 -1.31 55.46
C3 NAG S . -45.11 -2.21 56.70
C4 NAG S . -45.66 -3.61 56.47
C5 NAG S . -45.10 -4.19 55.18
C6 NAG S . -45.68 -5.54 54.83
C7 NAG S . -44.78 1.05 56.13
C8 NAG S . -46.19 1.13 56.59
N2 NAG S . -44.38 -0.12 55.62
O3 NAG S . -45.81 -1.62 57.80
O4 NAG S . -45.28 -4.45 57.57
O5 NAG S . -45.44 -3.30 54.11
O6 NAG S . -44.90 -6.20 53.83
O7 NAG S . -44.00 2.00 56.24
C1 NAG S . -46.39 -4.81 58.41
C2 NAG S . -45.86 -5.89 59.37
C3 NAG S . -46.97 -6.31 60.34
C4 NAG S . -47.62 -5.09 61.01
C5 NAG S . -48.04 -4.08 59.96
C6 NAG S . -48.58 -2.80 60.55
C7 NAG S . -44.21 -7.05 57.97
C8 NAG S . -43.86 -8.35 57.29
N2 NAG S . -45.36 -7.04 58.66
O3 NAG S . -46.42 -7.16 61.34
O4 NAG S . -48.78 -5.50 61.71
O5 NAG S . -46.92 -3.73 59.13
O6 NAG S . -47.57 -2.10 61.26
O7 NAG S . -43.49 -6.06 57.90
C1 BMA S . -48.53 -5.72 63.11
C2 BMA S . -49.90 -5.92 63.71
C3 BMA S . -49.83 -6.37 65.18
C4 BMA S . -48.86 -7.56 65.32
C5 BMA S . -47.49 -7.19 64.71
C6 BMA S . -46.50 -8.34 64.69
O2 BMA S . -50.60 -6.96 63.02
O3 BMA S . -51.16 -6.65 65.72
O4 BMA S . -48.66 -7.90 66.69
O5 BMA S . -47.68 -6.81 63.33
O6 BMA S . -46.86 -9.23 63.64
C1 MAN S . -52.07 -5.58 65.35
C2 MAN S . -52.92 -5.05 66.53
C3 MAN S . -54.32 -5.69 66.58
C4 MAN S . -54.96 -5.81 65.19
C5 MAN S . -54.02 -6.57 64.26
C6 MAN S . -54.58 -6.69 62.87
O2 MAN S . -53.16 -3.66 66.37
O3 MAN S . -55.19 -4.95 67.43
O4 MAN S . -56.18 -6.52 65.28
O5 MAN S . -52.81 -5.83 64.15
O6 MAN S . -55.05 -5.40 62.47
C1 NAG T . -36.49 31.94 -1.02
C2 NAG T . -37.98 31.69 -1.13
C3 NAG T . -38.68 33.00 -1.51
C4 NAG T . -38.30 34.13 -0.55
C5 NAG T . -36.79 34.17 -0.29
C6 NAG T . -36.43 35.01 0.92
C7 NAG T . -38.02 29.35 -1.92
C8 NAG T . -38.47 28.43 -3.02
N2 NAG T . -38.30 30.65 -2.09
O3 NAG T . -40.08 32.78 -1.53
O4 NAG T . -38.62 35.38 -1.15
O5 NAG T . -36.26 32.87 -0.01
O6 NAG T . -37.17 36.22 0.96
O7 NAG T . -37.40 28.94 -0.95
C1 NAG T . -39.79 35.98 -0.58
C2 NAG T . -40.93 35.80 -1.55
C3 NAG T . -42.18 36.52 -1.06
C4 NAG T . -42.46 36.26 0.42
C5 NAG T . -41.19 36.31 1.26
C6 NAG T . -41.38 35.81 2.68
C7 NAG T . -41.36 36.30 -3.94
C8 NAG T . -40.75 36.85 -5.20
N2 NAG T . -40.55 36.28 -2.87
O3 NAG T . -43.26 36.04 -1.84
O4 NAG T . -43.32 37.27 0.95
O5 NAG T . -40.16 35.50 0.68
O6 NAG T . -42.61 36.28 3.22
O7 NAG T . -42.51 35.88 -3.91
C1 BMA T . -44.58 37.57 0.28
C2 BMA T . -44.51 39.00 -0.35
C3 BMA T . -45.74 39.28 -1.18
C4 BMA T . -46.10 38.12 -2.10
C5 BMA T . -46.28 36.82 -1.32
C6 BMA T . -46.53 35.63 -2.25
O2 BMA T . -43.43 39.17 -1.27
O3 BMA T . -45.56 40.45 -1.97
O4 BMA T . -47.30 38.46 -2.69
O5 BMA T . -45.08 36.53 -0.57
O6 BMA T . -47.89 35.68 -2.69
C1 MAN T . -48.02 35.29 -4.08
C2 MAN T . -48.02 36.55 -4.95
C3 MAN T . -49.29 37.38 -4.67
C4 MAN T . -50.57 36.52 -4.74
C5 MAN T . -50.41 35.27 -3.87
C6 MAN T . -51.57 34.30 -4.00
O2 MAN T . -48.07 36.23 -6.34
O3 MAN T . -49.39 38.52 -5.52
O4 MAN T . -51.67 37.28 -4.26
O5 MAN T . -49.20 34.56 -4.26
O6 MAN T . -51.40 33.27 -3.05
C1 NAG U . -7.48 20.03 2.26
C2 NAG U . -7.46 20.00 0.76
C3 NAG U . -8.86 19.79 0.20
C4 NAG U . -9.44 18.51 0.76
C5 NAG U . -9.29 18.49 2.31
C6 NAG U . -9.56 17.14 2.92
C7 NAG U . -6.99 22.36 -0.18
C8 NAG U . -8.37 22.86 0.16
N2 NAG U . -6.69 21.07 0.12
O3 NAG U . -8.81 19.75 -1.23
O4 NAG U . -10.80 18.53 0.38
O5 NAG U . -7.94 18.83 2.72
O6 NAG U . -8.74 16.18 2.26
O7 NAG U . -6.17 23.08 -0.72
C1 NAG U . -11.30 17.22 0.11
C2 NAG U . -12.82 17.24 -0.04
C3 NAG U . -13.34 15.81 -0.12
C4 NAG U . -12.52 14.92 -1.05
C5 NAG U . -11.02 15.13 -0.87
C6 NAG U . -10.20 14.43 -1.92
C7 NAG U . -14.54 18.62 1.15
C8 NAG U . -15.21 18.85 -0.17
N2 NAG U . -13.40 17.90 1.13
O3 NAG U . -14.71 15.85 -0.53
O4 NAG U . -12.84 13.57 -0.74
O5 NAG U . -10.73 16.53 -0.96
O6 NAG U . -10.66 14.75 -3.23
O7 NAG U . -14.98 19.09 2.20
C1 BMA U . -13.47 12.89 -1.84
C2 BMA U . -15.01 13.21 -1.95
C3 BMA U . -15.68 12.41 -3.04
C4 BMA U . -14.80 12.41 -4.35
C5 BMA U . -13.34 11.93 -4.03
C6 BMA U . -12.44 11.56 -5.31
O2 BMA U . -15.29 14.58 -2.31
O3 BMA U . -16.99 12.91 -3.31
O4 BMA U . -15.37 11.57 -5.31
O5 BMA U . -12.76 12.90 -3.10
O6 BMA U . -10.94 11.85 -5.24
C1 MAN U . -18.01 12.27 -2.50
C2 MAN U . -19.38 12.34 -3.24
C3 MAN U . -19.97 13.74 -3.15
C4 MAN U . -20.01 14.25 -1.69
C5 MAN U . -18.61 14.14 -1.05
C6 MAN U . -18.62 14.49 0.44
O2 MAN U . -20.33 11.48 -2.62
O3 MAN U . -21.27 13.81 -3.73
O4 MAN U . -20.43 15.61 -1.65
O5 MAN U . -18.11 12.78 -1.18
O6 MAN U . -19.70 13.82 1.08
C1 MAN U . -10.00 11.09 -4.46
C2 MAN U . -8.71 11.96 -4.59
C3 MAN U . -8.01 11.64 -5.92
C4 MAN U . -7.46 10.22 -5.87
C5 MAN U . -8.59 9.22 -5.70
C6 MAN U . -8.01 7.82 -5.31
O2 MAN U . -7.75 11.68 -3.57
O3 MAN U . -6.94 12.54 -6.18
O4 MAN U . -6.75 9.91 -7.10
O5 MAN U . -9.71 9.64 -4.71
O6 MAN U . -9.07 6.87 -5.36
C1 NAG V . 75.85 10.17 -26.10
C2 NAG V . 77.11 10.73 -26.79
C3 NAG V . 78.31 9.85 -26.48
C4 NAG V . 78.47 9.81 -24.96
C5 NAG V . 77.21 9.15 -24.40
C6 NAG V . 77.22 8.99 -22.90
C7 NAG V . 77.84 11.16 -29.13
C8 NAG V . 77.39 11.22 -30.54
N2 NAG V . 76.89 10.84 -28.23
O3 NAG V . 79.51 10.31 -27.09
O4 NAG V . 79.67 9.14 -24.61
O5 NAG V . 76.10 10.00 -24.70
O6 NAG V . 77.05 7.64 -22.48
O7 NAG V . 79.00 11.41 -28.80
C1 NAG V . 80.71 10.09 -24.27
C2 NAG V . 81.99 9.34 -24.41
C3 NAG V . 83.09 10.09 -23.68
C4 NAG V . 83.21 11.51 -24.24
C5 NAG V . 81.84 12.22 -24.35
C6 NAG V . 81.89 13.44 -25.24
C7 NAG V . 82.83 7.06 -23.87
C8 NAG V . 82.42 5.71 -23.36
N2 NAG V . 81.85 7.98 -23.92
O3 NAG V . 84.32 9.38 -23.92
O4 NAG V . 84.03 12.32 -23.39
O5 NAG V . 80.83 11.36 -24.92
O6 NAG V . 80.86 14.38 -24.98
O7 NAG V . 83.98 7.32 -24.20
C1 BMA V . 85.42 11.99 -23.49
C2 BMA V . 86.32 13.19 -23.87
C3 BMA V . 87.78 12.71 -24.02
C4 BMA V . 88.18 12.00 -22.71
C5 BMA V . 87.25 10.77 -22.54
C6 BMA V . 87.61 9.82 -21.39
O2 BMA V . 86.35 14.18 -22.84
O3 BMA V . 88.67 13.79 -24.32
O4 BMA V . 89.54 11.62 -22.74
O5 BMA V . 85.92 11.26 -22.36
O6 BMA V . 89.01 9.48 -21.47
C1 MAN V . 89.52 13.67 -25.51
C2 MAN V . 89.02 14.59 -26.68
C3 MAN V . 88.41 13.82 -27.84
C4 MAN V . 89.31 12.67 -28.25
C5 MAN V . 89.50 11.69 -27.11
C6 MAN V . 90.57 10.67 -27.49
O2 MAN V . 90.12 15.30 -27.24
O3 MAN V . 88.19 14.65 -28.97
O4 MAN V . 88.70 11.95 -29.34
O5 MAN V . 89.97 12.34 -25.88
O6 MAN V . 89.97 9.73 -28.40
C1 MAN V . 89.38 8.30 -22.27
C2 MAN V . 89.76 8.73 -23.72
C3 MAN V . 88.64 8.42 -24.71
C4 MAN V . 88.16 7.00 -24.58
C5 MAN V . 87.57 6.80 -23.19
C6 MAN V . 87.15 5.35 -22.97
O2 MAN V . 90.92 8.03 -24.19
O3 MAN V . 89.04 8.61 -26.03
O4 MAN V . 87.13 6.78 -25.53
O5 MAN V . 88.54 7.13 -22.15
O6 MAN V . 86.26 4.98 -24.02
C1 NAG W . 51.40 28.65 -30.82
C2 NAG W . 52.60 29.60 -30.85
C3 NAG W . 52.68 30.38 -32.16
C4 NAG W . 52.28 29.56 -33.39
C5 NAG W . 51.07 28.72 -33.05
C6 NAG W . 50.63 27.81 -34.17
C7 NAG W . 53.59 30.98 -29.08
C8 NAG W . 53.29 31.95 -27.95
N2 NAG W . 52.52 30.51 -29.73
O3 NAG W . 54.04 30.76 -32.29
O4 NAG W . 52.00 30.42 -34.49
O5 NAG W . 51.39 27.90 -31.93
O6 NAG W . 51.65 27.02 -34.72
O7 NAG W . 54.73 30.68 -29.41
C1 NAG W . 53.24 30.62 -35.18
C2 NAG W . 52.96 30.55 -36.65
C3 NAG W . 54.27 30.49 -37.39
C4 NAG W . 55.01 31.79 -37.13
C5 NAG W . 55.22 31.94 -35.62
C6 NAG W . 55.86 33.25 -35.23
C7 NAG W . 50.77 29.51 -37.09
C8 NAG W . 50.06 28.28 -37.56
N2 NAG W . 52.10 29.44 -37.02
O3 NAG W . 53.92 30.20 -38.74
O4 NAG W . 56.28 31.88 -37.78
O5 NAG W . 53.98 31.84 -34.89
O6 NAG W . 57.14 33.40 -35.83
O7 NAG W . 50.17 30.54 -36.75
C1 BMA W . 56.22 31.75 -39.23
C2 BMA W . 55.06 32.51 -39.98
C3 BMA W . 54.90 31.83 -41.32
C4 BMA W . 56.33 31.83 -41.98
C5 BMA W . 57.33 31.12 -41.13
C6 BMA W . 58.66 30.98 -41.87
O2 BMA W . 55.38 33.87 -40.28
O3 BMA W . 53.88 32.54 -42.05
O4 BMA W . 56.41 31.12 -43.15
O5 BMA W . 57.45 31.83 -39.91
O6 BMA W . 59.73 31.31 -41.03
C1 MAN W . 52.92 31.95 -43.00
C2 MAN W . 52.81 30.40 -43.32
C3 MAN W . 54.02 29.96 -44.20
C4 MAN W . 54.18 30.89 -45.43
C5 MAN W . 54.29 32.32 -44.89
C6 MAN W . 54.64 33.36 -45.94
O2 MAN W . 51.58 30.18 -44.10
O3 MAN W . 54.16 28.56 -44.55
O4 MAN W . 55.40 30.57 -46.07
O5 MAN W . 53.05 32.68 -44.20
O6 MAN W . 55.90 32.96 -46.49
C1 MAN W . 51.29 28.79 -44.40
C2 MAN W . 51.21 28.56 -45.93
C3 MAN W . 49.81 28.83 -46.47
C4 MAN W . 48.76 28.12 -45.62
C5 MAN W . 48.91 28.53 -44.13
C6 MAN W . 47.96 27.76 -43.24
O2 MAN W . 51.50 27.18 -46.28
O3 MAN W . 49.69 28.42 -47.82
O4 MAN W . 47.48 28.50 -46.05
O5 MAN W . 50.22 28.24 -43.67
O6 MAN W . 48.31 26.38 -43.36
C1 MAN W . 60.65 31.98 -41.88
C2 MAN W . 61.78 31.07 -42.32
C3 MAN W . 62.71 30.83 -41.14
C4 MAN W . 63.16 32.16 -40.50
C5 MAN W . 61.96 32.99 -40.12
C6 MAN W . 62.37 34.39 -39.65
O2 MAN W . 62.56 31.71 -43.32
O3 MAN W . 63.84 30.09 -41.54
O4 MAN W . 63.89 31.89 -39.32
O5 MAN W . 61.10 33.15 -41.28
O6 MAN W . 62.58 35.25 -40.82
C1 MAN W . 61.59 36.28 -41.10
C2 MAN W . 61.55 37.46 -40.09
C3 MAN W . 60.57 37.18 -38.94
C4 MAN W . 59.20 36.72 -39.46
C5 MAN W . 59.37 35.55 -40.44
C6 MAN W . 58.09 35.10 -41.06
O2 MAN W . 61.02 38.63 -40.71
O3 MAN W . 60.42 38.30 -38.09
O4 MAN W . 58.44 36.24 -38.35
O5 MAN W . 60.29 35.85 -41.50
O6 MAN W . 57.38 34.51 -40.02
C1 NAG X . 41.34 -3.33 25.23
C2 NAG X . 42.53 -4.08 24.60
C3 NAG X . 43.61 -4.35 25.65
C4 NAG X . 44.09 -3.03 26.26
C5 NAG X . 42.88 -2.25 26.81
C6 NAG X . 43.23 -0.85 27.25
C7 NAG X . 41.30 -5.35 22.87
C8 NAG X . 41.08 -6.69 22.23
N2 NAG X . 42.16 -5.30 23.88
O3 NAG X . 44.71 -5.05 25.07
O4 NAG X . 45.02 -3.31 27.30
O5 NAG X . 41.83 -2.12 25.84
O6 NAG X . 43.94 -0.83 28.49
O7 NAG X . 40.68 -4.34 22.49
C1 NAG X . 46.18 -2.45 27.25
C2 NAG X . 47.06 -2.40 28.51
C3 NAG X . 48.08 -1.29 28.36
C4 NAG X . 48.87 -1.46 27.07
C5 NAG X . 47.90 -1.57 25.89
C6 NAG X . 48.60 -1.90 24.61
C7 NAG X . 46.48 -2.41 30.96
C8 NAG X . 47.62 -3.35 31.24
N2 NAG X . 46.24 -2.11 29.67
O3 NAG X . 48.91 -1.26 29.50
O4 NAG X . 49.85 -0.43 26.92
O5 NAG X . 46.99 -2.64 26.13
O6 NAG X . 49.51 -0.83 24.34
O7 NAG X . 45.76 -1.99 31.86
C1 BMA X . 51.20 -0.98 26.96
C2 BMA X . 51.69 -1.31 28.41
C3 BMA X . 53.11 -1.76 28.38
C4 BMA X . 53.34 -2.83 27.33
C5 BMA X . 52.81 -2.38 25.95
C6 BMA X . 52.88 -3.47 24.90
O2 BMA X . 51.02 -2.42 28.96
O3 BMA X . 53.48 -2.30 29.65
O4 BMA X . 54.70 -3.02 27.25
O5 BMA X . 51.44 -2.03 26.07
O6 BMA X . 54.24 -3.62 24.56
C1 MAN X . 54.55 -5.01 24.36
C2 MAN X . 55.06 -5.63 25.68
C3 MAN X . 56.43 -5.04 26.03
C4 MAN X . 57.40 -5.07 24.84
C5 MAN X . 56.74 -4.47 23.60
C6 MAN X . 57.59 -4.60 22.36
O2 MAN X . 55.25 -7.03 25.56
O3 MAN X . 57.00 -5.66 27.18
O4 MAN X . 58.56 -4.31 25.17
O5 MAN X . 55.48 -5.14 23.35
O6 MAN X . 58.86 -4.03 22.64
C1 NAG Y . 10.74 3.85 20.22
C2 NAG Y . 10.29 2.44 20.53
C3 NAG Y . 11.46 1.47 20.39
C4 NAG Y . 12.20 1.67 19.05
C5 NAG Y . 12.27 3.15 18.60
C6 NAG Y . 12.48 3.27 17.11
C7 NAG Y . 8.61 2.96 22.33
C8 NAG Y . 8.18 2.60 23.72
N2 NAG Y . 9.69 2.31 21.86
O3 NAG Y . 10.97 0.15 20.49
O4 NAG Y . 13.52 1.12 19.21
O5 NAG Y . 11.09 3.91 18.90
O6 NAG Y . 11.29 2.89 16.43
O7 NAG Y . 8.02 3.82 21.68
C1 NAG Y . 13.86 -0.02 18.36
C2 NAG Y . 14.26 -1.27 19.15
C3 NAG Y . 14.58 -2.44 18.23
C4 NAG Y . 13.36 -2.70 17.33
C5 NAG Y . 12.95 -1.39 16.64
C6 NAG Y . 11.66 -1.50 15.86
C7 NAG Y . 16.59 -1.19 20.28
C8 NAG Y . 17.33 -1.44 19.00
N2 NAG Y . 15.23 -1.09 20.23
O3 NAG Y . 14.92 -3.61 18.97
O4 NAG Y . 13.71 -3.70 16.40
O5 NAG Y . 12.74 -0.32 17.56
O6 NAG Y . 11.82 -2.29 14.70
O7 NAG Y . 17.18 -1.05 21.35
C1 BMA Y . 12.87 -4.83 16.71
C2 BMA Y . 12.14 -5.36 15.47
C3 BMA Y . 11.02 -6.30 15.94
C4 BMA Y . 11.55 -7.32 17.00
C5 BMA Y . 12.48 -6.67 18.07
C6 BMA Y . 13.21 -7.70 18.92
O2 BMA Y . 12.99 -6.17 14.65
O3 BMA Y . 10.45 -7.05 14.85
O4 BMA Y . 10.47 -7.97 17.66
O5 BMA Y . 13.46 -5.83 17.44
O6 BMA Y . 12.63 -7.70 20.22
C1 MAN Y . 9.35 -6.50 14.09
C2 MAN Y . 9.77 -6.59 12.63
C3 MAN Y . 10.58 -5.35 12.26
C4 MAN Y . 9.73 -4.09 12.44
C5 MAN Y . 9.29 -3.97 13.91
C6 MAN Y . 8.24 -2.88 14.15
O2 MAN Y . 8.64 -6.64 11.74
O3 MAN Y . 11.11 -5.41 10.93
O4 MAN Y . 10.54 -2.96 12.12
O5 MAN Y . 8.75 -5.24 14.47
O6 MAN Y . 7.25 -2.95 13.12
C1 MAN Y . 8.68 -7.75 10.78
C2 MAN Y . 8.39 -9.17 11.44
C3 MAN Y . 9.69 -9.98 11.71
C4 MAN Y . 10.64 -9.93 10.50
C5 MAN Y . 10.95 -8.49 10.08
C6 MAN Y . 11.85 -8.39 8.85
O2 MAN Y . 7.62 -10.01 10.54
O3 MAN Y . 9.40 -11.35 12.06
O4 MAN Y . 11.85 -10.59 10.84
O5 MAN Y . 9.74 -7.76 9.79
O6 MAN Y . 12.01 -6.99 8.59
CA CA Z . 4.99 7.50 -33.00
CA CA AA . -8.00 10.61 -34.21
CA CA BA . -9.78 25.51 -38.31
MG MG CA . 55.22 15.29 -99.26
C1 NAG DA . 51.87 -9.84 -31.26
C2 NAG DA . 53.38 -9.93 -31.17
C3 NAG DA . 54.02 -8.75 -31.91
C4 NAG DA . 53.49 -8.68 -33.34
C5 NAG DA . 51.97 -8.66 -33.34
C6 NAG DA . 51.37 -8.74 -34.73
C7 NAG DA . 54.12 -11.09 -29.14
C8 NAG DA . 54.56 -10.94 -27.72
N2 NAG DA . 53.82 -9.96 -29.78
O3 NAG DA . 55.43 -8.94 -31.93
O4 NAG DA . 53.98 -7.50 -33.97
O5 NAG DA . 51.47 -9.79 -32.62
O6 NAG DA . 50.66 -9.96 -34.91
O7 NAG DA . 54.02 -12.18 -29.68
C1 NAG EA . 11.77 34.00 -75.04
C2 NAG EA . 13.06 33.21 -75.28
C3 NAG EA . 13.47 33.30 -76.74
C4 NAG EA . 12.35 32.78 -77.62
C5 NAG EA . 11.06 33.56 -77.33
C6 NAG EA . 9.88 33.05 -78.11
C7 NAG EA . 15.37 34.02 -74.57
C8 NAG EA . 16.23 34.18 -73.34
N2 NAG EA . 14.13 33.52 -74.34
O3 NAG EA . 14.62 32.51 -76.94
O4 NAG EA . 12.72 32.94 -78.97
O5 NAG EA . 10.71 33.49 -75.93
O6 NAG EA . 8.81 33.99 -78.07
O7 NAG EA . 15.76 34.34 -75.68
C1 NAG FA . -48.05 8.67 -25.92
C2 NAG FA . -47.46 9.68 -26.89
C3 NAG FA . -48.21 9.65 -28.22
C4 NAG FA . -48.38 8.24 -28.74
C5 NAG FA . -48.98 7.36 -27.66
C6 NAG FA . -49.11 5.90 -28.04
C7 NAG FA . -46.47 11.55 -25.63
C8 NAG FA . -46.70 12.92 -25.09
N2 NAG FA . -47.49 11.01 -26.31
O3 NAG FA . -47.44 10.40 -29.16
O4 NAG FA . -49.25 8.23 -29.88
O5 NAG FA . -48.13 7.41 -26.52
O6 NAG FA . -48.93 5.07 -26.90
O7 NAG FA . -45.42 10.94 -25.44
C1 NAG GA . 50.69 -17.06 -44.34
C2 NAG GA . 50.44 -18.27 -45.27
C3 NAG GA . 50.17 -17.81 -46.70
C4 NAG GA . 49.17 -16.66 -46.76
C5 NAG GA . 49.60 -15.55 -45.82
C6 NAG GA . 48.64 -14.39 -45.77
C7 NAG GA . 51.65 -20.29 -45.99
C8 NAG GA . 52.93 -21.07 -45.88
N2 NAG GA . 51.58 -19.17 -45.26
O3 NAG GA . 49.68 -18.90 -47.48
O4 NAG GA . 49.13 -16.14 -48.09
O5 NAG GA . 49.66 -16.10 -44.50
O6 NAG GA . 49.09 -13.37 -44.90
O7 NAG GA . 50.73 -20.68 -46.71
CA CA HA . 19.86 -1.29 -83.89
C1 NAG IA . -15.14 -4.54 -87.32
C2 NAG IA . -16.59 -4.48 -87.73
C3 NAG IA . -17.01 -3.01 -87.76
C4 NAG IA . -16.56 -2.30 -86.49
C5 NAG IA . -15.15 -2.73 -86.01
C6 NAG IA . -14.78 -2.24 -84.62
C7 NAG IA . -17.85 -5.29 -89.75
C8 NAG IA . -17.69 -6.02 -91.07
N2 NAG IA . -16.72 -5.10 -89.04
O3 NAG IA . -18.41 -2.84 -87.94
O4 NAG IA . -16.52 -0.90 -86.80
O5 NAG IA . -15.01 -4.15 -86.00
O6 NAG IA . -13.38 -2.07 -84.46
O7 NAG IA . -18.95 -4.90 -89.36
C1 NAG JA . 34.28 -36.05 -51.69
C2 NAG JA . 35.61 -36.05 -50.98
C3 NAG JA . 35.56 -36.98 -49.77
C4 NAG JA . 34.37 -36.65 -48.88
C5 NAG JA . 33.09 -36.54 -49.69
C6 NAG JA . 31.92 -36.01 -48.90
C7 NAG JA . 37.76 -35.67 -52.09
C8 NAG JA . 38.76 -36.21 -53.07
N2 NAG JA . 36.68 -36.43 -51.89
O3 NAG JA . 36.77 -36.86 -49.05
O4 NAG JA . 34.22 -37.67 -47.90
O5 NAG JA . 33.26 -35.65 -50.79
O6 NAG JA . 30.97 -35.41 -49.78
O7 NAG JA . 37.92 -34.60 -51.52
CA CA KA . -12.16 -22.24 29.77
CA CA LA . -0.26 -28.90 28.34
CA CA MA . 6.86 -29.07 42.33
C1 NAG NA . -60.82 -15.74 21.42
C2 NAG NA . -62.14 -15.03 21.71
C3 NAG NA . -62.40 -15.01 23.22
C4 NAG NA . -62.33 -16.41 23.80
C5 NAG NA . -61.01 -17.08 23.41
C6 NAG NA . -60.96 -18.54 23.82
C7 NAG NA . -62.80 -13.37 20.04
C8 NAG NA . -62.72 -11.93 19.61
N2 NAG NA . -62.16 -13.68 21.17
O3 NAG NA . -63.68 -14.44 23.47
O4 NAG NA . -62.41 -16.36 25.22
O5 NAG NA . -60.83 -17.05 21.99
O6 NAG NA . -60.99 -19.39 22.69
O7 NAG NA . -63.40 -14.21 19.37
C1 NAG OA . -18.35 -50.15 71.90
C2 NAG OA . -19.48 -51.06 71.32
C3 NAG OA . -20.04 -51.98 72.43
C4 NAG OA . -18.91 -52.73 73.14
C5 NAG OA . -17.89 -51.74 73.67
C6 NAG OA . -16.75 -52.40 74.40
C7 NAG OA . -21.63 -50.82 70.14
C8 NAG OA . -22.65 -49.85 69.61
N2 NAG OA . -20.56 -50.27 70.75
O3 NAG OA . -20.95 -52.93 71.89
O4 NAG OA . -19.45 -53.50 74.22
O5 NAG OA . -17.34 -50.99 72.59
O6 NAG OA . -15.61 -51.55 74.43
O7 NAG OA . -21.75 -52.03 70.00
C1 NAG PA . 39.38 -35.98 14.77
C2 NAG PA . 39.20 -35.62 16.28
C3 NAG PA . 39.10 -36.87 17.16
C4 NAG PA . 38.15 -37.92 16.58
C5 NAG PA . 38.64 -38.24 15.19
C6 NAG PA . 37.77 -39.26 14.49
C7 NAG PA . 40.37 -33.87 17.61
C8 NAG PA . 39.05 -33.51 18.24
N2 NAG PA . 40.36 -34.84 16.70
O3 NAG PA . 38.68 -36.50 18.46
O4 NAG PA . 38.20 -39.10 17.40
O5 NAG PA . 38.53 -37.04 14.43
O6 NAG PA . 38.33 -39.59 13.23
O7 NAG PA . 41.41 -33.29 17.92
C1 NAG QA . -65.27 -32.40 18.17
C2 NAG QA . -66.45 -32.16 17.19
C3 NAG QA . -67.06 -33.46 16.67
C4 NAG QA . -65.97 -34.41 16.20
C5 NAG QA . -65.04 -34.66 17.36
C6 NAG QA . -63.98 -35.70 17.05
C7 NAG QA . -68.45 -30.70 17.24
C8 NAG QA . -69.39 -29.94 18.12
N2 NAG QA . -67.47 -31.35 17.86
O3 NAG QA . -67.89 -33.14 15.57
O4 NAG QA . -66.51 -35.61 15.67
O5 NAG QA . -64.37 -33.41 17.65
O6 NAG QA . -62.87 -35.65 17.95
O7 NAG QA . -68.59 -30.74 16.02
C1 NAG RA . -23.88 -87.06 33.65
C2 NAG RA . -24.04 -87.07 32.10
C3 NAG RA . -24.29 -88.49 31.57
C4 NAG RA . -23.37 -89.52 32.20
C5 NAG RA . -23.43 -89.34 33.72
C6 NAG RA . -22.62 -90.35 34.51
C7 NAG RA . -25.01 -85.39 30.62
C8 NAG RA . -23.68 -85.39 29.92
N2 NAG RA . -25.11 -86.19 31.68
O3 NAG RA . -24.02 -88.44 30.18
O4 NAG RA . -23.76 -90.84 31.84
O5 NAG RA . -22.93 -88.04 34.05
O6 NAG RA . -23.02 -90.26 35.88
O7 NAG RA . -25.95 -84.67 30.25
C1 NAG SA . -53.68 -53.69 0.67
C2 NAG SA . -52.96 -52.50 0.05
C3 NAG SA . -53.98 -51.47 -0.40
C4 NAG SA . -54.99 -52.11 -1.33
C5 NAG SA . -55.57 -53.39 -0.71
C6 NAG SA . -56.46 -54.14 -1.67
C7 NAG SA . -50.72 -52.03 0.93
C8 NAG SA . -49.93 -51.34 2.01
N2 NAG SA . -52.05 -51.91 1.01
O3 NAG SA . -53.32 -50.39 -1.03
O4 NAG SA . -56.05 -51.20 -1.60
O5 NAG SA . -54.52 -54.28 -0.30
O6 NAG SA . -57.53 -53.33 -2.10
O7 NAG SA . -50.18 -52.65 0.01
CA CA TA . -42.99 -62.98 47.37
CA CA UA . -29.96 4.20 27.08
CA CA VA . -35.75 12.47 17.78
CA CA WA . -49.06 6.14 12.45
C1 NAG XA . -4.33 -18.81 64.40
C2 NAG XA . -3.78 -20.01 65.14
C3 NAG XA . -4.90 -21.00 65.42
C4 NAG XA . -6.06 -20.31 66.14
C5 NAG XA . -6.47 -19.01 65.42
C6 NAG XA . -7.45 -18.19 66.21
C7 NAG XA . -1.43 -20.61 64.77
C8 NAG XA . -0.45 -21.29 63.85
N2 NAG XA . -2.71 -20.64 64.37
O3 NAG XA . -4.39 -22.06 66.22
O4 NAG XA . -7.19 -21.17 66.15
O5 NAG XA . -5.32 -18.18 65.20
O6 NAG XA . -6.79 -17.39 67.19
O7 NAG XA . -1.07 -20.06 65.80
C1 NAG YA . -76.83 -0.93 45.80
C2 NAG YA . -77.35 -2.37 45.65
C3 NAG YA . -77.93 -2.91 46.95
C4 NAG YA . -76.93 -2.74 48.08
C5 NAG YA . -76.57 -1.26 48.20
C6 NAG YA . -75.59 -0.98 49.30
C7 NAG YA . -78.33 -3.35 43.61
C8 NAG YA . -77.22 -4.35 43.66
N2 NAG YA . -78.35 -2.43 44.59
O3 NAG YA . -78.23 -4.29 46.79
O4 NAG YA . -77.48 -3.20 49.31
O5 NAG YA . -75.97 -0.84 46.96
O6 NAG YA . -75.98 -1.61 50.52
O7 NAG YA . -79.19 -3.38 42.73
C1 NAG ZA . -36.39 38.98 -13.88
C2 NAG ZA . -37.26 37.89 -13.24
C3 NAG ZA . -38.09 38.45 -12.09
C4 NAG ZA . -37.22 39.22 -11.11
C5 NAG ZA . -36.49 40.32 -11.85
C6 NAG ZA . -35.50 41.06 -10.97
C7 NAG ZA . -38.17 35.93 -14.41
C8 NAG ZA . -37.31 35.11 -13.50
N2 NAG ZA . -38.11 37.26 -14.23
O3 NAG ZA . -38.66 37.34 -11.41
O4 NAG ZA . -38.03 39.80 -10.09
O5 NAG ZA . -35.71 39.73 -12.90
O6 NAG ZA . -34.29 41.30 -11.67
O7 NAG ZA . -38.90 35.43 -15.25
C1 NAG AB . -7.73 -9.62 75.18
C2 NAG AB . -7.00 -9.98 76.49
C3 NAG AB . -7.79 -9.52 77.72
C4 NAG AB . -7.95 -8.02 77.69
C5 NAG AB . -8.85 -7.69 76.52
C6 NAG AB . -8.85 -6.23 76.20
C7 NAG AB . -6.38 -12.47 75.96
C8 NAG AB . -6.92 -12.50 74.57
N2 NAG AB . -6.53 -11.35 76.71
O3 NAG AB . -7.06 -9.88 78.87
O4 NAG AB . -8.54 -7.55 78.90
O5 NAG AB . -8.41 -8.33 75.31
O6 NAG AB . -9.67 -6.00 75.05
O7 NAG AB . -5.86 -13.47 76.46
CA CA BB . -57.01 17.72 71.22
C1 NAG CB . -32.28 57.72 48.27
C2 NAG CB . -31.44 58.87 47.69
C3 NAG CB . -29.95 58.49 47.72
C4 NAG CB . -29.53 57.99 49.10
C5 NAG CB . -30.49 56.92 49.63
C6 NAG CB . -30.21 56.54 51.07
C7 NAG CB . -31.29 60.12 45.55
C8 NAG CB . -31.89 60.27 44.19
N2 NAG CB . -31.85 59.20 46.34
O3 NAG CB . -29.14 59.62 47.39
O4 NAG CB . -28.23 57.42 49.00
O5 NAG CB . -31.84 57.41 49.59
O6 NAG CB . -30.47 55.16 51.29
O7 NAG CB . -30.33 60.80 45.92
C1 NAG DB . -70.58 47.71 66.54
C2 NAG DB . -72.05 47.96 66.26
C3 NAG DB . -72.34 49.47 66.21
C4 NAG DB . -71.83 50.16 67.47
C5 NAG DB . -70.36 49.84 67.68
C6 NAG DB . -69.83 50.35 69.00
C7 NAG DB . -73.65 46.74 64.84
C8 NAG DB . -73.89 46.15 63.49
N2 NAG DB . -72.46 47.34 65.01
O3 NAG DB . -73.75 49.66 66.11
O4 NAG DB . -71.97 51.57 67.33
O5 NAG DB . -70.18 48.42 67.70
O6 NAG DB . -68.80 49.49 69.50
O7 NAG DB . -74.48 46.68 65.73
C1 NAG EB . -2.43 20.36 74.89
C2 NAG EB . -1.57 19.63 75.91
C3 NAG EB . -0.09 19.99 75.69
C4 NAG EB . 0.31 19.81 74.23
C5 NAG EB . -0.69 20.49 73.31
C6 NAG EB . -0.44 20.18 71.84
C7 NAG EB . -2.85 19.24 77.99
C8 NAG EB . -3.04 19.70 79.40
N2 NAG EB . -1.96 19.94 77.27
O3 NAG EB . 0.72 19.18 76.54
O4 NAG EB . 1.59 20.38 74.04
O5 NAG EB . -2.01 20.02 73.59
O6 NAG EB . -1.54 19.54 71.22
O7 NAG EB . -3.44 18.28 77.53
CA CA FB . 33.06 12.91 -10.34
CA CA GB . 38.21 5.68 0.10
CA CA HB . 46.56 -5.99 -4.50
C1 NAG IB . 9.56 41.33 -43.17
C2 NAG IB . 8.86 41.69 -44.46
C3 NAG IB . 9.63 41.11 -45.63
C4 NAG IB . 11.08 41.60 -45.59
C5 NAG IB . 11.72 41.40 -44.20
C6 NAG IB . 13.03 42.12 -44.05
C7 NAG IB . 6.46 41.97 -44.87
C8 NAG IB . 5.11 41.34 -44.80
N2 NAG IB . 7.49 41.21 -44.47
O3 NAG IB . 9.01 41.50 -46.85
O4 NAG IB . 11.86 40.87 -46.54
O5 NAG IB . 10.86 41.91 -43.17
O6 NAG IB . 12.99 43.07 -43.00
O7 NAG IB . 6.62 43.12 -45.27
C1 NAG JB . 78.38 8.07 -32.40
C2 NAG JB . 78.29 9.44 -33.14
C3 NAG JB . 79.57 9.68 -33.94
C4 NAG JB . 80.79 9.53 -33.04
C5 NAG JB . 80.77 8.18 -32.33
C6 NAG JB . 81.91 7.99 -31.36
C7 NAG JB . 76.59 10.76 -34.32
C8 NAG JB . 75.39 10.71 -35.22
N2 NAG JB . 77.12 9.57 -33.98
O3 NAG JB . 79.56 10.97 -34.53
O4 NAG JB . 81.98 9.62 -33.83
O5 NAG JB . 79.56 8.03 -31.57
O6 NAG JB . 82.14 6.62 -31.09
O7 NAG JB . 77.05 11.82 -33.89
C1 NAG KB . 41.16 -11.70 37.12
C2 NAG KB . 41.95 -11.80 35.83
C3 NAG KB . 43.44 -11.49 36.06
C4 NAG KB . 43.60 -10.20 36.85
C5 NAG KB . 42.75 -10.25 38.11
C6 NAG KB . 42.75 -8.96 38.90
C7 NAG KB . 41.74 -13.35 33.92
C8 NAG KB . 41.58 -14.79 33.51
N2 NAG KB . 41.79 -13.12 35.24
O3 NAG KB . 44.04 -11.33 34.78
O4 NAG KB . 44.96 -10.03 37.22
O5 NAG KB . 41.39 -10.48 37.74
O6 NAG KB . 41.77 -8.96 39.92
O7 NAG KB . 41.84 -12.45 33.10
C1 NAG LB . 18.63 53.22 -40.93
C2 NAG LB . 19.25 54.50 -40.37
C3 NAG LB . 20.74 54.54 -40.69
C4 NAG LB . 21.42 53.21 -40.33
C5 NAG LB . 20.61 51.99 -40.80
C6 NAG LB . 21.11 50.68 -40.25
C7 NAG LB . 17.82 56.48 -40.12
C8 NAG LB . 17.23 57.69 -40.81
N2 NAG LB . 18.59 55.70 -40.88
O3 NAG LB . 21.37 55.60 -39.98
O4 NAG LB . 22.69 53.16 -40.98
O5 NAG LB . 19.25 52.12 -40.35
O6 NAG LB . 22.30 50.23 -40.90
O7 NAG LB . 17.59 56.23 -38.93
CA CA MB . 74.06 44.64 -23.37
C1 NAG NB . 59.25 48.49 25.67
C2 NAG NB . 58.55 48.77 26.99
C3 NAG NB . 57.19 49.43 26.73
C4 NAG NB . 57.34 50.63 25.80
C5 NAG NB . 58.13 50.25 24.56
C6 NAG NB . 58.45 51.42 23.66
C7 NAG NB . 59.33 47.01 28.52
C8 NAG NB . 58.97 45.74 29.23
N2 NAG NB . 58.38 47.55 27.75
O3 NAG NB . 56.64 49.83 27.97
O4 NAG NB . 56.06 51.12 25.41
O5 NAG NB . 59.38 49.68 24.94
O6 NAG NB . 57.34 52.29 23.54
O7 NAG NB . 60.44 47.52 28.62
C1 NAG OB . 95.04 45.08 2.33
C2 NAG OB . 96.16 44.46 3.13
C3 NAG OB . 96.14 45.02 4.56
C4 NAG OB . 96.05 46.54 4.58
C5 NAG OB . 95.03 47.09 3.57
C6 NAG OB . 95.24 48.55 3.27
C7 NAG OB . 96.89 42.19 2.51
C8 NAG OB . 96.62 40.73 2.69
N2 NAG OB . 96.06 43.02 3.16
O3 NAG OB . 97.35 44.62 5.20
O4 NAG OB . 95.66 46.96 5.88
O5 NAG OB . 95.19 46.43 2.31
O6 NAG OB . 95.02 48.82 1.89
O7 NAG OB . 97.82 42.60 1.81
C1 NAG PB . 86.19 38.98 13.57
C2 NAG PB . 86.57 40.47 13.51
C3 NAG PB . 87.39 40.86 14.74
C4 NAG PB . 86.60 40.59 16.01
C5 NAG PB . 86.04 39.15 16.06
C6 NAG PB . 84.99 38.98 17.13
C7 NAG PB . 88.34 41.16 11.75
C8 NAG PB . 89.51 40.61 12.53
N2 NAG PB . 87.09 40.99 12.23
O3 NAG PB . 87.79 42.23 14.70
O4 NAG PB . 87.48 40.72 17.12
O5 NAG PB . 85.45 38.72 14.81
O6 NAG PB . 84.75 37.61 17.42
O7 NAG PB . 88.52 41.70 10.65
C1 NAG QB . 23.87 66.42 -17.71
C2 NAG QB . 22.82 66.58 -18.80
C3 NAG QB . 21.44 66.81 -18.16
C4 NAG QB . 21.11 65.66 -17.23
C5 NAG QB . 22.22 65.49 -16.18
C6 NAG QB . 22.01 64.24 -15.35
C7 NAG QB . 23.24 67.46 -21.06
C8 NAG QB . 23.56 68.68 -21.89
N2 NAG QB . 23.14 67.65 -19.74
O3 NAG QB . 20.42 66.94 -19.16
O4 NAG QB . 19.88 65.92 -16.56
O5 NAG QB . 23.49 65.34 -16.82
O6 NAG QB . 23.24 63.67 -14.92
O7 NAG QB . 23.09 66.35 -21.56
#